data_9VVR
#
_entry.id   9VVR
#
_cell.length_a   1.00
_cell.length_b   1.00
_cell.length_c   1.00
_cell.angle_alpha   90.00
_cell.angle_beta   90.00
_cell.angle_gamma   90.00
#
_symmetry.space_group_name_H-M   'P 1'
#
loop_
_entity.id
_entity.type
_entity.pdbx_description
1 polymer 'Tail spike protein'
2 polymer 'Nozzle protein'
3 polymer 'Adaptor protein'
#
loop_
_entity_poly.entity_id
_entity_poly.type
_entity_poly.pdbx_seq_one_letter_code
_entity_poly.pdbx_strand_id
1 'polypeptide(L)'
;MSTITQFPSGNTQYRIEFDYLARTFVVVTLVNSSNPTLNRVLEVGRDYRFLNPTMIEMLVDQSGFDIVRIHRQTGTDLVV
DFRNGSVLTASDLTNSELQAIHIAEEGRDQTVDLAKEYADAAGSSAGNAKDSEDEARRIAESIREAGLIGYITRRSFEKG
YNVTTWSEVLLWEEDGDYYRWDGTLPKNVPAGSTPETSGGIGLGAWVSVGDAALRSQISNPEGAILYPELQMARWRDEGD
VRGWGAKGDGVTDSTENIAASLNSQKAVVASEGVFSSSGINSNYCNLDGRGSGVLSHRSSTGNYLVFNNPRTGRLSNITV
ESNKATDTTQGQQVSLAGGSDVTVSDVNFSNVKGTGFSLIAYPNDVPPDGLMIKGIRGSYSGYATNKAAGCVLADSSVNS
LIDNVIAKNYPQFGAVELKGTASYNIVSNVIGTDCQHVTYNGTKGSIAPSNNLIKGVVANNPKYAAVVAGKGSTNLISDV
LVDYSTSDARQAHGVTVEGSDNVINNVLMTGCDGTNSLGQAQTATITRFIDTANNNYASVFPSYSATGVITFESGSTRNF
VEVKHPGRRNDLLSATGTISGADTIDGTDNSNVVHAPALGQYIGSMSGRFEWRIKSMSLPSGVLTSADKYRMLADGAVSL
AVGGGTSSQVRLFTSDGTYRNISLTSGNVRLPTSSTGYLQLGSNAMTPDSTNTYALGSASRAWSGGFTQSAFTVVSDARD
KTEPLNISDALLDAWSEVDFVQFQYLGRIEEKGADSARWHFGIIAQRAKEAFERHGIDAHRYGFLCFDSWDDVYEEDANG
SRKLITPAGSRYGIRYEEVLILEAALMRRTIKRMQEALAVMSK
;
A,B,C,D,E,F,G,H,I,J,K,L,M,N,O,P,Q,R
2 'polypeptide(L)'
;MPLITQSIKNLKGGISQQPDILRFSDQGESQVNCWSSESDGLQKRPPTVFKRRLNIDVESNPKFHLINRDEHEQYYIVFN
GSNIQVVDLSGNQYSVSGAVEYVTSSNPRDDIRVVTVADYTFVVNRKVVVKGGSEKSHPGYNRKARALINLRGGQYGRTL
KVGINGGVKVSHKLPAGNDAENDPPKVDAQAIGAAMRDLLVQAYPDFTFDLGSGFLLITAPSGTDINSVETEDGYANQLI
SPVLDTVQTISKLPLAAPNGYIIKIQGETNSSADEYYVMYDSNTKTWKETVEPGVITGFDVTTMPHALIRQSDGSFEFKT
LDWSKRGSGNDDTNPMPSFVDATINDVFFYRNRLGFLSGENVIMSRSASYFAFFPKSVATLSDADPIDVAVSHPRISILK
YAVPFSEQLLLWSDEVQFVMTSSGVLTSKSIQLDVGSEFALGDTARPFAVGRSVFFSAPRGSFTSIKRYFAVADVSDVKD
ADDTTGHVLSYIPNGVFDIQGTGTENYICVNSTGAYNRIYIYKFLFKDGVQLQASWSHWEFPKDDKILASASIGSTMFIV
RQHQGGVDIEHLKFIKEATDFPSEPYRLHIDSKVSMVIPIGSYNADTYKTTVDIGAAYGGNAPSPGRYYLIDSQGAYVDL
GDLTSISTVITLNGDWSGRTVFIGRPYLMSYKFSRFLIKIEDDSGTQSEDTGRLQLRRAWVNYKDTGALRLIVRNGEREF
VNTFNGYTLGQQTIGTTNIGDGQYRFAMNGNALTTSLTLESNYPTPVSIVGCGWEASYAKKARSV
;
S,V,X,Z,b,d
3 'polypeptide(L)'
;MAQYIPLNANDDLDAINDMLAAIGEPAVLQLDEGNADVSNAQRILHRVNRQVQAKGWNFNINEAAVLTPDVQDNRIRFLP
SYLRVMTAGATSYYSNMGGYLYDLSTQSTTFTDPITVELVEMKPFSEMPVVFRDYIVTKASREFNAKFFGSPESELYLRE
QEAELYQQVMEYEMDTGRYNMMSDIGRD
;
T,U,W,Y,a,c,e,f,g,h,i,j
#
# COMPACT_ATOMS: atom_id res chain seq x y z
N SER A 2 -69.21 -56.02 -23.29
CA SER A 2 -68.17 -56.47 -24.21
C SER A 2 -67.71 -55.34 -25.12
N THR A 3 -67.58 -55.63 -26.40
CA THR A 3 -67.20 -54.60 -27.36
C THR A 3 -68.07 -54.62 -28.61
N ILE A 4 -68.76 -55.73 -28.91
CA ILE A 4 -69.67 -55.82 -30.04
C ILE A 4 -71.05 -56.16 -29.51
N THR A 5 -72.08 -55.47 -30.01
CA THR A 5 -73.44 -55.65 -29.54
C THR A 5 -74.37 -55.80 -30.73
N GLN A 6 -75.37 -56.67 -30.58
CA GLN A 6 -76.37 -56.92 -31.60
C GLN A 6 -77.76 -56.68 -31.04
N PHE A 7 -78.56 -55.92 -31.77
CA PHE A 7 -79.93 -55.59 -31.38
C PHE A 7 -80.86 -55.80 -32.56
N PRO A 8 -82.10 -56.18 -32.30
CA PRO A 8 -83.09 -56.25 -33.39
C PRO A 8 -83.50 -54.87 -33.85
N SER A 9 -83.93 -54.79 -35.10
CA SER A 9 -84.40 -53.52 -35.67
C SER A 9 -85.86 -53.30 -35.27
N GLY A 10 -86.47 -52.25 -35.82
CA GLY A 10 -87.85 -51.92 -35.53
C GLY A 10 -88.09 -51.54 -34.09
N ASN A 11 -87.12 -50.85 -33.48
CA ASN A 11 -87.26 -50.35 -32.12
C ASN A 11 -86.84 -48.89 -32.07
N THR A 12 -87.51 -48.13 -31.21
CA THR A 12 -87.30 -46.69 -31.16
C THR A 12 -86.02 -46.31 -30.40
N GLN A 13 -85.70 -47.02 -29.33
CA GLN A 13 -84.60 -46.65 -28.45
C GLN A 13 -83.60 -47.79 -28.32
N TYR A 14 -82.32 -47.43 -28.28
CA TYR A 14 -81.23 -48.37 -28.05
C TYR A 14 -80.24 -47.75 -27.08
N ARG A 15 -79.47 -48.61 -26.42
CA ARG A 15 -78.51 -48.19 -25.41
C ARG A 15 -77.14 -48.78 -25.70
N ILE A 16 -76.11 -48.09 -25.24
CA ILE A 16 -74.73 -48.57 -25.31
C ILE A 16 -74.30 -49.01 -23.93
N GLU A 17 -73.49 -50.07 -23.88
CA GLU A 17 -73.14 -50.71 -22.60
C GLU A 17 -71.64 -50.77 -22.37
N PHE A 18 -70.86 -49.90 -23.01
CA PHE A 18 -69.42 -49.87 -22.81
C PHE A 18 -68.93 -48.43 -22.73
N ASP A 19 -67.82 -48.25 -22.02
CA ASP A 19 -67.25 -46.92 -21.86
C ASP A 19 -66.57 -46.47 -23.15
N TYR A 20 -66.29 -45.17 -23.23
CA TYR A 20 -65.62 -44.60 -24.39
C TYR A 20 -64.90 -43.34 -23.98
N LEU A 21 -64.01 -42.87 -24.85
CA LEU A 21 -63.20 -41.68 -24.59
C LEU A 21 -63.65 -40.48 -25.42
N ALA A 22 -64.44 -40.69 -26.45
CA ALA A 22 -64.93 -39.60 -27.30
C ALA A 22 -66.17 -40.11 -28.03
N ARG A 23 -66.98 -39.18 -28.55
CA ARG A 23 -68.19 -39.53 -29.25
C ARG A 23 -67.97 -39.96 -30.69
N THR A 24 -66.75 -39.83 -31.21
CA THR A 24 -66.43 -40.23 -32.57
C THR A 24 -65.92 -41.66 -32.66
N PHE A 25 -65.79 -42.36 -31.52
CA PHE A 25 -65.30 -43.74 -31.53
C PHE A 25 -66.41 -44.75 -31.76
N VAL A 26 -67.62 -44.47 -31.29
CA VAL A 26 -68.73 -45.39 -31.49
C VAL A 26 -69.11 -45.42 -32.97
N VAL A 27 -69.45 -46.62 -33.45
CA VAL A 27 -69.80 -46.84 -34.85
C VAL A 27 -71.18 -47.49 -34.91
N VAL A 28 -72.05 -46.96 -35.77
CA VAL A 28 -73.41 -47.43 -35.93
C VAL A 28 -73.61 -47.90 -37.37
N THR A 29 -74.17 -49.10 -37.52
CA THR A 29 -74.44 -49.63 -38.85
C THR A 29 -75.66 -50.54 -38.80
N LEU A 30 -76.29 -50.73 -39.96
CA LEU A 30 -77.46 -51.66 -40.05
C LEU A 30 -76.94 -53.00 -40.59
N VAL A 31 -77.78 -54.04 -40.61
CA VAL A 31 -77.31 -55.38 -41.06
C VAL A 31 -78.46 -56.15 -41.70
N ASN A 32 -78.21 -56.82 -42.83
CA ASN A 32 -79.24 -57.70 -43.45
C ASN A 32 -78.69 -59.12 -43.39
N SER A 33 -79.34 -60.00 -42.62
CA SER A 33 -78.79 -61.37 -42.43
C SER A 33 -78.70 -62.12 -43.77
N SER A 34 -79.80 -62.19 -44.51
CA SER A 34 -79.80 -62.98 -45.77
C SER A 34 -78.66 -62.52 -46.69
N ASN A 35 -78.57 -61.21 -46.91
CA ASN A 35 -77.52 -60.67 -47.83
C ASN A 35 -76.36 -60.16 -46.99
N PRO A 36 -75.26 -60.93 -46.83
CA PRO A 36 -74.15 -60.52 -45.99
C PRO A 36 -73.64 -59.18 -46.54
N THR A 37 -73.65 -59.04 -47.86
CA THR A 37 -73.16 -57.78 -48.49
C THR A 37 -74.05 -56.62 -48.03
N LEU A 38 -75.32 -56.90 -47.73
CA LEU A 38 -76.24 -55.80 -47.36
C LEU A 38 -76.10 -55.49 -45.87
N ASN A 39 -75.61 -54.29 -45.55
CA ASN A 39 -75.47 -53.87 -44.14
C ASN A 39 -75.54 -52.33 -44.09
N ARG A 40 -74.72 -51.64 -44.89
CA ARG A 40 -74.74 -50.16 -44.97
C ARG A 40 -74.32 -49.52 -43.64
N VAL A 41 -73.37 -48.58 -43.67
CA VAL A 41 -73.03 -47.94 -42.41
C VAL A 41 -73.59 -46.53 -42.41
N LEU A 42 -74.23 -46.15 -41.30
CA LEU A 42 -74.81 -44.81 -41.14
C LEU A 42 -73.74 -43.85 -40.64
N GLU A 43 -74.14 -42.62 -40.33
CA GLU A 43 -73.22 -41.61 -39.83
C GLU A 43 -74.02 -40.54 -39.10
N VAL A 44 -73.30 -39.70 -38.36
CA VAL A 44 -73.93 -38.79 -37.40
C VAL A 44 -74.76 -37.73 -38.10
N GLY A 45 -75.57 -37.02 -37.33
CA GLY A 45 -76.27 -35.86 -37.84
C GLY A 45 -77.56 -36.15 -38.57
N ARG A 46 -77.44 -36.67 -39.80
CA ARG A 46 -78.62 -36.85 -40.64
C ARG A 46 -79.36 -38.14 -40.33
N ASP A 47 -78.82 -38.99 -39.45
CA ASP A 47 -79.40 -40.29 -39.17
C ASP A 47 -79.64 -40.57 -37.70
N TYR A 48 -78.81 -40.04 -36.81
CA TYR A 48 -79.00 -40.28 -35.38
C TYR A 48 -78.38 -39.14 -34.59
N ARG A 49 -78.84 -39.00 -33.34
CA ARG A 49 -78.39 -37.94 -32.47
C ARG A 49 -78.16 -38.48 -31.06
N PHE A 50 -77.27 -37.82 -30.33
CA PHE A 50 -76.99 -38.18 -28.95
C PHE A 50 -77.84 -37.34 -28.01
N LEU A 51 -78.91 -37.94 -27.49
CA LEU A 51 -79.73 -37.27 -26.50
C LEU A 51 -79.06 -37.36 -25.13
N ASN A 52 -78.88 -38.58 -24.65
CA ASN A 52 -78.13 -38.78 -23.42
C ASN A 52 -76.83 -39.50 -23.75
N PRO A 53 -75.76 -39.32 -22.97
CA PRO A 53 -74.53 -40.06 -23.21
C PRO A 53 -74.73 -41.57 -23.32
N THR A 54 -75.80 -42.08 -22.72
CA THR A 54 -76.12 -43.51 -22.81
C THR A 54 -77.36 -43.78 -23.65
N MET A 55 -77.82 -42.80 -24.43
CA MET A 55 -79.02 -42.93 -25.24
C MET A 55 -78.72 -42.58 -26.68
N ILE A 56 -79.21 -43.40 -27.61
CA ILE A 56 -79.08 -43.15 -29.04
C ILE A 56 -80.48 -43.20 -29.66
N GLU A 57 -80.77 -42.23 -30.52
CA GLU A 57 -82.06 -42.12 -31.20
C GLU A 57 -81.82 -41.97 -32.69
N MET A 58 -82.51 -42.79 -33.49
CA MET A 58 -82.34 -42.74 -34.93
C MET A 58 -83.14 -41.59 -35.52
N LEU A 59 -83.01 -41.39 -36.81
CA LEU A 59 -83.86 -40.46 -37.54
C LEU A 59 -84.66 -41.14 -38.66
N VAL A 60 -84.04 -42.03 -39.42
CA VAL A 60 -84.70 -42.76 -40.49
C VAL A 60 -84.44 -44.24 -40.32
N ASP A 61 -85.46 -45.05 -40.61
CA ASP A 61 -85.34 -46.50 -40.50
C ASP A 61 -85.98 -47.15 -41.72
N GLN A 62 -85.33 -48.19 -42.25
CA GLN A 62 -85.81 -48.96 -43.38
C GLN A 62 -86.45 -50.25 -42.86
N SER A 63 -86.85 -51.13 -43.77
CA SER A 63 -87.41 -52.42 -43.39
C SER A 63 -86.67 -53.62 -43.97
N GLY A 64 -85.90 -53.46 -45.04
CA GLY A 64 -85.15 -54.58 -45.58
C GLY A 64 -84.03 -55.04 -44.66
N PHE A 65 -83.61 -54.16 -43.76
CA PHE A 65 -82.56 -54.49 -42.80
C PHE A 65 -83.22 -54.96 -41.51
N ASP A 66 -82.87 -56.17 -41.07
CA ASP A 66 -83.59 -56.80 -39.97
C ASP A 66 -82.97 -56.55 -38.60
N ILE A 67 -81.66 -56.28 -38.52
CA ILE A 67 -80.99 -56.11 -37.24
C ILE A 67 -79.95 -55.00 -37.36
N VAL A 68 -79.41 -54.60 -36.22
CA VAL A 68 -78.44 -53.51 -36.14
C VAL A 68 -77.21 -54.00 -35.38
N ARG A 69 -76.10 -53.29 -35.57
CA ARG A 69 -74.84 -53.61 -34.92
C ARG A 69 -74.19 -52.36 -34.37
N ILE A 70 -73.69 -52.46 -33.14
CA ILE A 70 -72.98 -51.38 -32.48
C ILE A 70 -71.68 -51.93 -31.91
N HIS A 71 -70.57 -51.24 -32.17
CA HIS A 71 -69.27 -51.66 -31.67
C HIS A 71 -68.35 -50.45 -31.55
N ARG A 72 -67.26 -50.63 -30.81
CA ARG A 72 -66.34 -49.55 -30.51
C ARG A 72 -65.14 -49.58 -31.46
N GLN A 73 -64.58 -48.39 -31.72
CA GLN A 73 -63.44 -48.25 -32.62
C GLN A 73 -62.50 -47.16 -32.10
N THR A 74 -61.48 -47.56 -31.34
CA THR A 74 -60.58 -46.58 -30.75
C THR A 74 -59.45 -46.23 -31.70
N GLY A 75 -59.12 -44.94 -31.74
CA GLY A 75 -58.06 -44.46 -32.61
C GLY A 75 -56.68 -44.65 -32.01
N THR A 76 -55.66 -44.40 -32.84
CA THR A 76 -54.27 -44.60 -32.47
C THR A 76 -53.50 -43.28 -32.44
N ASP A 77 -54.14 -42.23 -31.93
CA ASP A 77 -53.51 -40.92 -31.81
C ASP A 77 -53.55 -40.48 -30.35
N LEU A 78 -52.50 -39.78 -29.92
CA LEU A 78 -52.43 -39.31 -28.55
C LEU A 78 -53.54 -38.31 -28.26
N VAL A 79 -54.49 -38.72 -27.41
CA VAL A 79 -55.57 -37.82 -27.03
C VAL A 79 -55.02 -36.65 -26.21
N VAL A 80 -54.14 -36.94 -25.25
CA VAL A 80 -53.56 -35.89 -24.43
C VAL A 80 -52.28 -35.38 -25.07
N ASP A 81 -51.98 -34.10 -24.85
CA ASP A 81 -50.77 -33.47 -25.37
C ASP A 81 -50.01 -32.85 -24.21
N PHE A 82 -48.71 -33.10 -24.16
CA PHE A 82 -47.84 -32.57 -23.13
C PHE A 82 -46.93 -31.49 -23.72
N ARG A 83 -46.87 -30.34 -23.07
CA ARG A 83 -46.05 -29.23 -23.54
C ARG A 83 -45.32 -28.61 -22.37
N ASN A 84 -44.18 -27.99 -22.67
CA ASN A 84 -43.41 -27.30 -21.65
C ASN A 84 -44.10 -26.00 -21.24
N GLY A 85 -44.16 -25.75 -19.93
CA GLY A 85 -44.80 -24.56 -19.44
C GLY A 85 -46.30 -24.67 -19.34
N SER A 86 -46.78 -25.75 -18.74
CA SER A 86 -48.21 -25.97 -18.56
C SER A 86 -48.41 -26.65 -17.21
N VAL A 87 -49.61 -27.18 -16.99
CA VAL A 87 -49.97 -27.81 -15.73
C VAL A 87 -50.25 -29.29 -15.99
N LEU A 88 -50.12 -30.09 -14.94
CA LEU A 88 -50.38 -31.52 -15.00
C LEU A 88 -51.62 -31.83 -14.16
N THR A 89 -52.56 -32.57 -14.75
CA THR A 89 -53.80 -32.93 -14.09
C THR A 89 -53.96 -34.45 -14.06
N ALA A 90 -54.72 -34.94 -13.09
CA ALA A 90 -54.91 -36.38 -12.94
C ALA A 90 -55.64 -36.99 -14.13
N SER A 91 -56.54 -36.22 -14.74
CA SER A 91 -57.35 -36.75 -15.84
C SER A 91 -56.47 -37.14 -17.02
N ASP A 92 -55.46 -36.32 -17.32
CA ASP A 92 -54.54 -36.61 -18.41
C ASP A 92 -53.84 -37.95 -18.19
N LEU A 93 -53.27 -38.12 -17.00
CA LEU A 93 -52.54 -39.34 -16.68
C LEU A 93 -53.46 -40.56 -16.73
N THR A 94 -54.69 -40.39 -16.27
CA THR A 94 -55.65 -41.50 -16.30
C THR A 94 -55.98 -41.89 -17.74
N ASN A 95 -56.35 -40.91 -18.57
CA ASN A 95 -56.78 -41.21 -19.93
C ASN A 95 -55.66 -41.82 -20.76
N SER A 96 -54.44 -41.31 -20.59
CA SER A 96 -53.30 -41.84 -21.32
C SER A 96 -53.12 -43.33 -21.05
N GLU A 97 -53.39 -43.75 -19.81
CA GLU A 97 -53.32 -45.17 -19.49
C GLU A 97 -54.50 -45.94 -20.06
N LEU A 98 -55.72 -45.39 -19.93
CA LEU A 98 -56.90 -46.14 -20.37
C LEU A 98 -56.92 -46.40 -21.86
N GLN A 99 -56.24 -45.57 -22.67
CA GLN A 99 -56.33 -45.74 -24.12
C GLN A 99 -55.84 -47.12 -24.57
N ALA A 100 -54.61 -47.48 -24.19
CA ALA A 100 -54.03 -48.74 -24.63
C ALA A 100 -54.80 -49.92 -24.07
N ILE A 101 -55.24 -49.82 -22.81
CA ILE A 101 -56.05 -50.86 -22.22
C ILE A 101 -57.29 -51.12 -23.06
N HIS A 102 -58.00 -50.07 -23.47
CA HIS A 102 -59.19 -50.27 -24.29
C HIS A 102 -58.84 -50.95 -25.62
N ILE A 103 -57.75 -50.49 -26.25
CA ILE A 103 -57.34 -51.08 -27.52
C ILE A 103 -57.10 -52.58 -27.39
N ALA A 104 -56.55 -53.00 -26.25
CA ALA A 104 -56.23 -54.41 -26.06
C ALA A 104 -57.45 -55.31 -26.24
N GLU A 105 -58.47 -55.15 -25.39
CA GLU A 105 -59.64 -56.01 -25.49
C GLU A 105 -60.45 -55.72 -26.74
N GLU A 106 -60.28 -54.55 -27.36
CA GLU A 106 -60.91 -54.35 -28.65
C GLU A 106 -60.34 -55.31 -29.70
N GLY A 107 -59.02 -55.27 -29.90
CA GLY A 107 -58.41 -56.18 -30.86
C GLY A 107 -58.68 -57.64 -30.52
N ARG A 108 -58.52 -57.99 -29.25
CA ARG A 108 -58.74 -59.36 -28.79
C ARG A 108 -60.10 -59.91 -29.20
N ASP A 109 -61.03 -59.03 -29.59
CA ASP A 109 -62.34 -59.45 -30.04
C ASP A 109 -62.44 -59.43 -31.57
N GLN A 110 -62.16 -58.31 -32.24
CA GLN A 110 -62.49 -58.28 -33.66
C GLN A 110 -61.48 -59.02 -34.56
N THR A 111 -60.26 -59.26 -34.08
CA THR A 111 -59.25 -59.81 -34.98
C THR A 111 -59.67 -61.16 -35.57
N VAL A 112 -60.08 -62.09 -34.71
CA VAL A 112 -60.35 -63.45 -35.16
C VAL A 112 -61.53 -63.48 -36.11
N ASP A 113 -62.55 -62.66 -35.85
CA ASP A 113 -63.72 -62.62 -36.72
C ASP A 113 -63.38 -62.09 -38.10
N LEU A 114 -62.55 -61.04 -38.16
CA LEU A 114 -62.18 -60.52 -39.48
C LEU A 114 -61.31 -61.51 -40.26
N ALA A 115 -60.44 -62.25 -39.55
CA ALA A 115 -59.50 -63.13 -40.23
C ALA A 115 -60.21 -64.19 -41.06
N LYS A 116 -61.22 -64.84 -40.49
CA LYS A 116 -61.92 -65.92 -41.19
C LYS A 116 -62.65 -65.40 -42.43
N GLU A 117 -63.28 -64.23 -42.32
CA GLU A 117 -63.99 -63.67 -43.45
C GLU A 117 -63.03 -63.38 -44.59
N TYR A 118 -61.89 -62.77 -44.30
CA TYR A 118 -60.92 -62.51 -45.37
C TYR A 118 -60.38 -63.82 -45.94
N ALA A 119 -60.13 -64.81 -45.09
CA ALA A 119 -59.57 -66.08 -45.55
C ALA A 119 -60.52 -66.78 -46.53
N ASP A 120 -61.80 -66.92 -46.15
CA ASP A 120 -62.70 -67.67 -47.02
C ASP A 120 -63.12 -66.83 -48.23
N ALA A 121 -63.04 -65.50 -48.14
CA ALA A 121 -63.19 -64.70 -49.34
C ALA A 121 -62.08 -64.99 -50.34
N ALA A 122 -60.84 -65.06 -49.85
CA ALA A 122 -59.72 -65.43 -50.72
C ALA A 122 -59.91 -66.84 -51.27
N GLY A 123 -60.42 -67.75 -50.45
CA GLY A 123 -60.69 -69.09 -50.93
C GLY A 123 -61.72 -69.15 -52.04
N SER A 124 -62.80 -68.38 -51.90
CA SER A 124 -63.80 -68.31 -52.96
C SER A 124 -63.23 -67.72 -54.24
N SER A 125 -62.39 -66.68 -54.09
CA SER A 125 -61.72 -66.12 -55.26
C SER A 125 -60.85 -67.18 -55.94
N ALA A 126 -60.10 -67.95 -55.15
CA ALA A 126 -59.30 -69.04 -55.71
C ALA A 126 -60.18 -70.04 -56.45
N GLY A 127 -61.31 -70.40 -55.85
CA GLY A 127 -62.20 -71.38 -56.43
C GLY A 127 -62.79 -70.97 -57.77
N ASN A 128 -63.33 -69.75 -57.87
CA ASN A 128 -63.93 -69.37 -59.15
C ASN A 128 -62.84 -69.04 -60.18
N ALA A 129 -61.68 -68.59 -59.72
CA ALA A 129 -60.55 -68.42 -60.63
C ALA A 129 -60.14 -69.75 -61.24
N LYS A 130 -60.12 -70.81 -60.43
CA LYS A 130 -59.74 -72.12 -60.93
C LYS A 130 -60.79 -72.70 -61.87
N ASP A 131 -62.07 -72.67 -61.46
CA ASP A 131 -63.09 -73.35 -62.26
C ASP A 131 -63.41 -72.58 -63.54
N SER A 132 -63.29 -71.25 -63.51
CA SER A 132 -63.54 -70.46 -64.71
C SER A 132 -62.49 -69.37 -64.87
N SER B 2 -44.38 -66.24 -24.81
CA SER B 2 -43.53 -66.48 -23.65
C SER B 2 -44.35 -66.55 -22.38
N THR B 3 -45.52 -65.93 -22.40
CA THR B 3 -46.40 -65.93 -21.22
C THR B 3 -47.15 -67.23 -21.03
N ILE B 4 -47.04 -68.17 -21.95
CA ILE B 4 -47.69 -69.48 -21.82
C ILE B 4 -46.61 -70.56 -21.89
N THR B 5 -46.61 -71.45 -20.91
CA THR B 5 -45.61 -72.51 -20.84
C THR B 5 -46.30 -73.82 -20.48
N GLN B 6 -45.78 -74.92 -21.02
CA GLN B 6 -46.32 -76.25 -20.76
C GLN B 6 -45.16 -77.21 -20.49
N PHE B 7 -45.34 -78.10 -19.52
CA PHE B 7 -44.34 -79.07 -19.12
C PHE B 7 -44.98 -80.44 -18.98
N PRO B 8 -44.20 -81.51 -19.12
CA PRO B 8 -44.73 -82.85 -18.86
C PRO B 8 -45.09 -83.04 -17.40
N SER B 9 -46.05 -83.92 -17.15
CA SER B 9 -46.56 -84.17 -15.82
C SER B 9 -45.81 -85.33 -15.17
N GLY B 10 -45.74 -85.30 -13.84
CA GLY B 10 -45.13 -86.38 -13.09
C GLY B 10 -44.17 -85.93 -12.01
N ASN B 11 -43.55 -84.78 -12.19
CA ASN B 11 -42.56 -84.28 -11.24
C ASN B 11 -43.26 -83.67 -10.04
N THR B 12 -42.48 -83.12 -9.10
CA THR B 12 -43.00 -82.45 -7.93
C THR B 12 -42.60 -80.99 -7.83
N GLN B 13 -41.69 -80.53 -8.68
CA GLN B 13 -41.14 -79.18 -8.60
C GLN B 13 -41.15 -78.55 -10.00
N TYR B 14 -41.47 -77.26 -10.05
CA TYR B 14 -41.65 -76.58 -11.33
C TYR B 14 -41.13 -75.15 -11.22
N ARG B 15 -40.83 -74.56 -12.37
CA ARG B 15 -40.22 -73.23 -12.44
C ARG B 15 -41.15 -72.24 -13.12
N ILE B 16 -40.96 -70.97 -12.78
CA ILE B 16 -41.71 -69.86 -13.38
C ILE B 16 -40.76 -69.03 -14.22
N GLU B 17 -41.18 -68.70 -15.45
CA GLU B 17 -40.29 -68.09 -16.42
C GLU B 17 -40.87 -66.79 -16.98
N PHE B 18 -41.43 -65.95 -16.11
CA PHE B 18 -41.85 -64.62 -16.53
C PHE B 18 -41.96 -63.72 -15.31
N ASP B 19 -41.99 -62.42 -15.55
CA ASP B 19 -42.14 -61.45 -14.48
C ASP B 19 -43.61 -61.22 -14.15
N TYR B 20 -43.87 -60.75 -12.94
CA TYR B 20 -45.23 -60.52 -12.48
C TYR B 20 -45.22 -59.44 -11.39
N LEU B 21 -46.38 -58.81 -11.22
CA LEU B 21 -46.53 -57.72 -10.25
C LEU B 21 -47.13 -58.18 -8.92
N ALA B 22 -47.84 -59.30 -8.90
CA ALA B 22 -48.42 -59.80 -7.67
C ALA B 22 -48.57 -61.31 -7.79
N ARG B 23 -48.67 -61.97 -6.64
CA ARG B 23 -48.74 -63.42 -6.57
C ARG B 23 -50.12 -63.97 -6.89
N THR B 24 -51.11 -63.10 -7.07
CA THR B 24 -52.44 -63.52 -7.46
C THR B 24 -52.64 -63.51 -8.97
N PHE B 25 -51.60 -63.21 -9.74
CA PHE B 25 -51.67 -63.15 -11.20
C PHE B 25 -51.09 -64.39 -11.86
N VAL B 26 -50.95 -65.48 -11.11
CA VAL B 26 -50.36 -66.73 -11.61
C VAL B 26 -51.40 -67.83 -11.48
N VAL B 27 -51.62 -68.57 -12.56
CA VAL B 27 -52.65 -69.60 -12.62
C VAL B 27 -52.00 -70.92 -13.02
N VAL B 28 -52.37 -71.99 -12.34
CA VAL B 28 -51.86 -73.34 -12.61
C VAL B 28 -53.03 -74.25 -12.95
N THR B 29 -52.89 -75.01 -14.03
CA THR B 29 -54.00 -75.82 -14.54
C THR B 29 -53.49 -77.18 -14.98
N LEU B 30 -54.28 -78.21 -14.70
CA LEU B 30 -54.02 -79.54 -15.23
C LEU B 30 -54.76 -79.74 -16.53
N VAL B 31 -54.12 -80.44 -17.47
CA VAL B 31 -54.62 -80.56 -18.83
C VAL B 31 -54.68 -82.04 -19.22
N ASN B 32 -55.80 -82.41 -19.85
CA ASN B 32 -55.96 -83.72 -20.46
C ASN B 32 -56.12 -83.51 -21.96
N SER B 33 -55.12 -83.92 -22.74
CA SER B 33 -55.10 -83.61 -24.16
C SER B 33 -56.24 -84.31 -24.90
N SER B 34 -56.50 -85.58 -24.56
CA SER B 34 -57.50 -86.36 -25.26
C SER B 34 -58.89 -85.77 -25.11
N ASN B 35 -59.31 -85.51 -23.87
CA ASN B 35 -60.62 -84.93 -23.60
C ASN B 35 -60.43 -83.58 -22.93
N PRO B 36 -60.54 -82.46 -23.66
CA PRO B 36 -60.32 -81.15 -23.05
C PRO B 36 -61.43 -80.70 -22.11
N THR B 37 -62.46 -81.50 -21.91
CA THR B 37 -63.57 -81.14 -21.04
C THR B 37 -63.36 -81.58 -19.60
N LEU B 38 -62.16 -82.05 -19.24
CA LEU B 38 -61.88 -82.52 -17.90
C LEU B 38 -60.80 -81.72 -17.20
N ASN B 39 -60.45 -80.55 -17.71
CA ASN B 39 -59.43 -79.73 -17.07
C ASN B 39 -59.90 -79.22 -15.72
N ARG B 40 -58.96 -79.03 -14.80
CA ARG B 40 -59.25 -78.54 -13.47
C ARG B 40 -58.24 -77.46 -13.09
N VAL B 41 -58.69 -76.53 -12.26
CA VAL B 41 -57.85 -75.42 -11.81
C VAL B 41 -57.49 -75.65 -10.34
N LEU B 42 -56.27 -75.27 -9.99
CA LEU B 42 -55.76 -75.44 -8.64
C LEU B 42 -55.77 -74.11 -7.90
N GLU B 43 -55.72 -74.19 -6.57
CA GLU B 43 -55.80 -73.02 -5.70
C GLU B 43 -54.65 -73.03 -4.71
N VAL B 44 -54.12 -71.84 -4.43
CA VAL B 44 -52.97 -71.72 -3.53
C VAL B 44 -53.40 -72.02 -2.11
N GLY B 45 -52.48 -72.57 -1.32
CA GLY B 45 -52.70 -72.84 0.08
C GLY B 45 -53.18 -74.25 0.38
N ARG B 46 -53.72 -74.94 -0.62
CA ARG B 46 -54.20 -76.31 -0.43
C ARG B 46 -53.73 -77.26 -1.51
N ASP B 47 -53.33 -76.78 -2.68
CA ASP B 47 -52.86 -77.63 -3.77
C ASP B 47 -51.39 -77.42 -4.07
N TYR B 48 -50.88 -76.20 -3.90
CA TYR B 48 -49.47 -75.91 -4.12
C TYR B 48 -49.04 -74.77 -3.22
N ARG B 49 -47.73 -74.69 -2.97
CA ARG B 49 -47.15 -73.66 -2.12
C ARG B 49 -45.93 -73.07 -2.79
N PHE B 50 -45.68 -71.79 -2.51
CA PHE B 50 -44.48 -71.14 -3.00
C PHE B 50 -43.28 -71.52 -2.13
N LEU B 51 -42.10 -71.49 -2.75
CA LEU B 51 -40.86 -71.72 -2.01
C LEU B 51 -39.97 -70.47 -2.08
N ASN B 52 -39.70 -70.02 -3.30
CA ASN B 52 -38.96 -68.80 -3.58
C ASN B 52 -39.67 -68.10 -4.72
N PRO B 53 -39.39 -66.80 -4.94
CA PRO B 53 -40.15 -66.04 -5.93
C PRO B 53 -40.22 -66.65 -7.33
N THR B 54 -39.46 -67.70 -7.63
CA THR B 54 -39.43 -68.22 -9.00
C THR B 54 -39.60 -69.73 -9.08
N MET B 55 -40.23 -70.36 -8.09
CA MET B 55 -40.33 -71.82 -8.13
C MET B 55 -41.34 -72.30 -7.10
N ILE B 56 -42.15 -73.29 -7.49
CA ILE B 56 -43.25 -73.79 -6.67
C ILE B 56 -43.12 -75.30 -6.51
N GLU B 57 -43.98 -75.87 -5.65
CA GLU B 57 -44.03 -77.30 -5.41
C GLU B 57 -45.47 -77.76 -5.43
N MET B 58 -45.69 -78.99 -5.90
CA MET B 58 -47.04 -79.55 -5.97
C MET B 58 -47.34 -80.40 -4.73
N LEU B 59 -48.62 -80.40 -4.33
CA LEU B 59 -49.07 -81.14 -3.15
C LEU B 59 -50.24 -82.08 -3.43
N VAL B 60 -50.62 -82.28 -4.69
CA VAL B 60 -51.79 -83.09 -4.99
C VAL B 60 -51.39 -84.30 -5.83
N ASP B 61 -52.39 -85.12 -6.19
CA ASP B 61 -52.18 -86.34 -6.96
C ASP B 61 -52.37 -86.03 -8.44
N GLN B 62 -51.36 -86.35 -9.25
CA GLN B 62 -51.42 -86.13 -10.70
C GLN B 62 -51.68 -87.47 -11.39
N SER B 63 -52.96 -87.82 -11.46
CA SER B 63 -53.39 -89.06 -12.11
C SER B 63 -54.39 -88.73 -13.21
N GLY B 64 -54.20 -89.37 -14.37
CA GLY B 64 -55.07 -89.12 -15.49
C GLY B 64 -54.84 -87.79 -16.19
N PHE B 65 -53.64 -87.22 -16.04
CA PHE B 65 -53.30 -85.95 -16.65
C PHE B 65 -51.92 -86.06 -17.27
N ASP B 66 -51.62 -85.18 -18.23
CA ASP B 66 -50.39 -85.34 -18.99
C ASP B 66 -49.56 -84.06 -19.06
N ILE B 67 -50.21 -82.89 -18.97
CA ILE B 67 -49.54 -81.61 -19.11
C ILE B 67 -49.94 -80.70 -17.96
N VAL B 68 -48.97 -79.93 -17.48
CA VAL B 68 -49.19 -78.89 -16.49
C VAL B 68 -48.89 -77.54 -17.15
N ARG B 69 -49.84 -76.62 -17.05
CA ARG B 69 -49.75 -75.34 -17.76
C ARG B 69 -49.72 -74.19 -16.76
N ILE B 70 -48.86 -73.21 -17.02
CA ILE B 70 -48.70 -72.02 -16.20
C ILE B 70 -48.72 -70.81 -17.12
N HIS B 71 -49.57 -69.83 -16.81
CA HIS B 71 -49.66 -68.61 -17.60
C HIS B 71 -50.06 -67.44 -16.71
N ARG B 72 -49.85 -66.24 -17.23
CA ARG B 72 -50.07 -65.00 -16.49
C ARG B 72 -51.37 -64.35 -16.94
N GLN B 73 -52.09 -63.75 -15.99
CA GLN B 73 -53.36 -63.07 -16.26
C GLN B 73 -53.43 -61.84 -15.36
N THR B 74 -53.12 -60.67 -15.94
CA THR B 74 -53.14 -59.43 -15.18
C THR B 74 -54.54 -58.86 -15.08
N GLY B 75 -54.82 -58.19 -13.96
CA GLY B 75 -56.10 -57.57 -13.75
C GLY B 75 -56.26 -56.28 -14.52
N THR B 76 -57.46 -55.70 -14.43
CA THR B 76 -57.80 -54.50 -15.18
C THR B 76 -57.96 -53.26 -14.32
N ASP B 77 -58.20 -53.41 -13.02
CA ASP B 77 -58.36 -52.25 -12.15
C ASP B 77 -57.04 -51.50 -12.02
N LEU B 78 -57.15 -50.19 -11.80
CA LEU B 78 -55.96 -49.36 -11.65
C LEU B 78 -55.26 -49.66 -10.33
N VAL B 79 -53.98 -49.31 -10.28
CA VAL B 79 -53.15 -49.56 -9.11
C VAL B 79 -52.84 -48.28 -8.36
N VAL B 80 -52.53 -47.20 -9.07
CA VAL B 80 -52.16 -45.92 -8.47
C VAL B 80 -53.24 -44.90 -8.79
N ASP B 81 -53.65 -44.15 -7.77
CA ASP B 81 -54.67 -43.12 -7.90
C ASP B 81 -54.01 -41.76 -7.74
N PHE B 82 -54.18 -40.90 -8.74
CA PHE B 82 -53.63 -39.56 -8.68
C PHE B 82 -54.67 -38.58 -8.13
N ARG B 83 -54.22 -37.70 -7.24
CA ARG B 83 -55.09 -36.73 -6.60
C ARG B 83 -54.41 -35.37 -6.61
N ASN B 84 -55.19 -34.31 -6.81
CA ASN B 84 -54.64 -32.96 -6.81
C ASN B 84 -54.12 -32.60 -5.43
N GLY B 85 -52.98 -31.90 -5.40
CA GLY B 85 -52.38 -31.50 -4.16
C GLY B 85 -51.61 -32.62 -3.47
N SER B 86 -50.58 -33.12 -4.14
CA SER B 86 -49.74 -34.18 -3.59
C SER B 86 -48.41 -34.18 -4.32
N VAL B 87 -47.43 -34.84 -3.74
CA VAL B 87 -46.07 -34.89 -4.26
C VAL B 87 -45.97 -36.01 -5.30
N LEU B 88 -45.24 -35.74 -6.38
CA LEU B 88 -45.09 -36.70 -7.47
C LEU B 88 -43.81 -37.51 -7.27
N THR B 89 -43.91 -38.83 -7.37
CA THR B 89 -42.80 -39.73 -7.15
C THR B 89 -42.65 -40.69 -8.33
N ALA B 90 -41.49 -41.33 -8.40
CA ALA B 90 -41.16 -42.16 -9.55
C ALA B 90 -41.88 -43.50 -9.52
N SER B 91 -42.11 -44.05 -8.33
CA SER B 91 -42.64 -45.41 -8.22
C SER B 91 -44.03 -45.51 -8.84
N ASP B 92 -44.85 -44.48 -8.64
CA ASP B 92 -46.19 -44.47 -9.21
C ASP B 92 -46.13 -44.55 -10.73
N LEU B 93 -45.28 -43.72 -11.33
CA LEU B 93 -45.12 -43.74 -12.78
C LEU B 93 -44.64 -45.10 -13.27
N THR B 94 -43.68 -45.68 -12.55
CA THR B 94 -43.14 -46.98 -12.95
C THR B 94 -44.22 -48.05 -12.95
N ASN B 95 -44.99 -48.14 -11.86
CA ASN B 95 -46.05 -49.14 -11.79
C ASN B 95 -47.11 -48.92 -12.86
N SER B 96 -47.49 -47.66 -13.07
CA SER B 96 -48.51 -47.36 -14.08
C SER B 96 -48.06 -47.78 -15.47
N GLU B 97 -46.80 -47.52 -15.80
CA GLU B 97 -46.28 -47.92 -17.11
C GLU B 97 -46.22 -49.44 -17.24
N LEU B 98 -45.74 -50.11 -16.19
CA LEU B 98 -45.54 -51.56 -16.26
C LEU B 98 -46.87 -52.29 -16.46
N GLN B 99 -47.93 -51.83 -15.79
CA GLN B 99 -49.21 -52.51 -15.94
C GLN B 99 -49.67 -52.55 -17.40
N ALA B 100 -49.63 -51.39 -18.06
CA ALA B 100 -50.07 -51.32 -19.45
C ALA B 100 -49.18 -52.15 -20.36
N ILE B 101 -47.85 -52.08 -20.15
CA ILE B 101 -46.96 -52.87 -21.00
C ILE B 101 -47.28 -54.35 -20.87
N HIS B 102 -47.46 -54.83 -19.64
CA HIS B 102 -47.79 -56.23 -19.43
C HIS B 102 -49.07 -56.60 -20.18
N ILE B 103 -50.15 -55.83 -19.95
CA ILE B 103 -51.44 -56.18 -20.53
C ILE B 103 -51.34 -56.27 -22.06
N ALA B 104 -50.62 -55.32 -22.67
CA ALA B 104 -50.41 -55.38 -24.11
C ALA B 104 -49.69 -56.66 -24.50
N GLU B 105 -48.71 -57.08 -23.69
CA GLU B 105 -48.00 -58.32 -23.98
C GLU B 105 -48.95 -59.51 -24.04
N GLU B 106 -49.78 -59.69 -23.01
CA GLU B 106 -50.70 -60.84 -23.06
C GLU B 106 -51.66 -60.72 -24.24
N GLY B 107 -52.13 -59.51 -24.53
CA GLY B 107 -53.07 -59.36 -25.65
C GLY B 107 -52.47 -59.83 -26.97
N ARG B 108 -51.27 -59.36 -27.28
CA ARG B 108 -50.64 -59.76 -28.53
C ARG B 108 -50.36 -61.26 -28.55
N ASP B 109 -49.84 -61.81 -27.44
CA ASP B 109 -49.49 -63.21 -27.41
C ASP B 109 -50.73 -64.08 -27.61
N GLN B 110 -51.85 -63.66 -27.05
CA GLN B 110 -53.09 -64.41 -27.22
C GLN B 110 -53.57 -64.35 -28.67
N THR B 111 -53.61 -63.14 -29.26
CA THR B 111 -54.27 -63.00 -30.55
C THR B 111 -53.48 -63.66 -31.68
N VAL B 112 -52.14 -63.62 -31.60
CA VAL B 112 -51.33 -64.14 -32.71
C VAL B 112 -51.61 -65.62 -32.93
N ASP B 113 -51.86 -66.37 -31.85
CA ASP B 113 -52.08 -67.81 -31.90
C ASP B 113 -53.23 -68.14 -32.83
N LEU B 114 -54.37 -67.49 -32.64
CA LEU B 114 -55.53 -67.75 -33.49
C LEU B 114 -55.35 -67.13 -34.87
N ALA B 115 -54.51 -66.09 -34.97
CA ALA B 115 -54.37 -65.41 -36.26
C ALA B 115 -53.60 -66.26 -37.28
N LYS B 116 -52.48 -66.87 -36.87
CA LYS B 116 -51.49 -67.30 -37.86
C LYS B 116 -52.03 -68.34 -38.84
N GLU B 117 -52.79 -69.32 -38.35
CA GLU B 117 -53.19 -70.44 -39.21
C GLU B 117 -54.10 -69.99 -40.34
N TYR B 118 -55.12 -69.19 -40.01
CA TYR B 118 -55.94 -68.62 -41.07
C TYR B 118 -55.09 -67.79 -42.02
N ALA B 119 -54.16 -66.99 -41.47
CA ALA B 119 -53.34 -66.14 -42.32
C ALA B 119 -52.58 -66.96 -43.38
N ASP B 120 -51.80 -67.95 -42.94
CA ASP B 120 -50.92 -68.61 -43.89
C ASP B 120 -51.70 -69.58 -44.77
N ALA B 121 -52.80 -70.15 -44.26
CA ALA B 121 -53.64 -70.99 -45.11
C ALA B 121 -54.20 -70.17 -46.27
N ALA B 122 -54.75 -69.00 -45.96
CA ALA B 122 -55.28 -68.13 -47.01
C ALA B 122 -54.18 -67.74 -47.99
N GLY B 123 -53.01 -67.38 -47.48
CA GLY B 123 -51.92 -66.98 -48.36
C GLY B 123 -51.48 -68.08 -49.29
N SER B 124 -51.28 -69.28 -48.76
CA SER B 124 -50.82 -70.40 -49.58
C SER B 124 -51.86 -70.77 -50.64
N SER B 125 -53.12 -70.85 -50.24
CA SER B 125 -54.17 -71.17 -51.22
C SER B 125 -54.23 -70.11 -52.31
N ALA B 126 -54.13 -68.84 -51.91
CA ALA B 126 -54.16 -67.74 -52.87
C ALA B 126 -53.03 -67.86 -53.88
N GLY B 127 -51.81 -68.07 -53.39
CA GLY B 127 -50.67 -68.16 -54.29
C GLY B 127 -50.76 -69.35 -55.23
N ASN B 128 -51.15 -70.51 -54.70
CA ASN B 128 -51.26 -71.71 -55.51
C ASN B 128 -52.30 -71.51 -56.62
N ALA B 129 -53.48 -71.00 -56.26
CA ALA B 129 -54.47 -70.72 -57.28
C ALA B 129 -53.92 -69.74 -58.31
N LYS B 130 -53.34 -68.64 -57.84
CA LYS B 130 -52.80 -67.60 -58.71
C LYS B 130 -51.93 -68.21 -59.80
N ASP B 131 -50.83 -68.86 -59.40
CA ASP B 131 -49.88 -69.29 -60.43
C ASP B 131 -50.45 -70.45 -61.25
N SER B 132 -51.04 -71.45 -60.58
CA SER B 132 -51.51 -72.64 -61.29
C SER B 132 -52.58 -72.29 -62.32
N GLU B 133 -53.31 -71.19 -62.11
CA GLU B 133 -54.28 -70.78 -63.13
C GLU B 133 -53.63 -69.91 -64.19
N ASP B 134 -52.90 -68.85 -63.79
CA ASP B 134 -52.54 -67.83 -64.77
C ASP B 134 -51.44 -68.34 -65.72
N GLU B 135 -50.40 -69.00 -65.19
CA GLU B 135 -49.38 -69.49 -66.14
C GLU B 135 -49.95 -70.58 -67.03
N ALA B 136 -50.80 -71.45 -66.49
CA ALA B 136 -51.40 -72.49 -67.31
C ALA B 136 -52.22 -71.90 -68.45
N ARG B 137 -53.06 -70.89 -68.14
CA ARG B 137 -53.87 -70.27 -69.18
C ARG B 137 -53.00 -69.53 -70.20
N ARG B 138 -51.95 -68.84 -69.74
CA ARG B 138 -51.08 -68.12 -70.66
C ARG B 138 -50.36 -69.07 -71.61
N ILE B 139 -49.89 -70.22 -71.10
CA ILE B 139 -49.26 -71.21 -71.96
C ILE B 139 -50.29 -71.81 -72.92
N ALA B 140 -51.53 -72.01 -72.44
CA ALA B 140 -52.58 -72.53 -73.31
C ALA B 140 -52.85 -71.58 -74.48
N GLU B 141 -52.90 -70.28 -74.21
CA GLU B 141 -53.11 -69.30 -75.27
C GLU B 141 -51.79 -68.97 -75.97
N SER C 2 -49.02 -47.98 -42.80
CA SER C 2 -49.36 -48.80 -41.65
C SER C 2 -48.12 -49.43 -41.04
N THR C 3 -48.19 -50.74 -40.77
CA THR C 3 -47.07 -51.46 -40.17
C THR C 3 -46.55 -52.58 -41.06
N ILE C 4 -46.85 -52.53 -42.37
CA ILE C 4 -46.35 -53.53 -43.31
C ILE C 4 -46.33 -52.90 -44.69
N THR C 5 -45.36 -53.29 -45.51
CA THR C 5 -45.16 -52.68 -46.81
C THR C 5 -44.51 -53.69 -47.74
N GLN C 6 -44.86 -53.60 -49.03
CA GLN C 6 -44.29 -54.47 -50.06
C GLN C 6 -43.80 -53.61 -51.21
N PHE C 7 -42.65 -53.97 -51.76
CA PHE C 7 -42.02 -53.26 -52.86
C PHE C 7 -41.52 -54.24 -53.91
N PRO C 8 -41.42 -53.81 -55.17
CA PRO C 8 -40.81 -54.66 -56.19
C PRO C 8 -39.32 -54.81 -55.98
N SER C 9 -38.79 -55.92 -56.49
CA SER C 9 -37.37 -56.23 -56.36
C SER C 9 -36.57 -55.50 -57.43
N GLY C 10 -35.27 -55.78 -57.50
CA GLY C 10 -34.40 -55.17 -58.49
C GLY C 10 -34.15 -53.70 -58.29
N ASN C 11 -33.83 -53.30 -57.05
CA ASN C 11 -33.46 -51.93 -56.77
C ASN C 11 -32.22 -51.93 -55.88
N THR C 12 -31.74 -50.73 -55.56
CA THR C 12 -30.58 -50.56 -54.70
C THR C 12 -30.93 -49.90 -53.37
N GLN C 13 -31.96 -49.06 -53.34
CA GLN C 13 -32.32 -48.32 -52.15
C GLN C 13 -33.81 -48.49 -51.85
N TYR C 14 -34.16 -48.26 -50.59
CA TYR C 14 -35.54 -48.39 -50.13
C TYR C 14 -35.77 -47.39 -49.01
N ARG C 15 -37.06 -47.11 -48.75
CA ARG C 15 -37.45 -46.09 -47.79
C ARG C 15 -38.36 -46.68 -46.73
N ILE C 16 -38.29 -46.12 -45.52
CA ILE C 16 -39.13 -46.52 -44.40
C ILE C 16 -40.10 -45.37 -44.11
N GLU C 17 -41.38 -45.68 -44.05
CA GLU C 17 -42.42 -44.65 -43.89
C GLU C 17 -43.01 -44.61 -42.49
N PHE C 18 -43.13 -45.75 -41.82
CA PHE C 18 -43.72 -45.76 -40.49
C PHE C 18 -42.73 -45.23 -39.45
N ASP C 19 -43.17 -45.23 -38.20
CA ASP C 19 -42.38 -44.69 -37.10
C ASP C 19 -41.88 -45.81 -36.19
N TYR C 20 -40.75 -45.55 -35.54
CA TYR C 20 -40.16 -46.50 -34.61
C TYR C 20 -39.45 -45.73 -33.50
N LEU C 21 -39.25 -46.40 -32.37
CA LEU C 21 -38.56 -45.83 -31.23
C LEU C 21 -37.10 -46.23 -31.12
N ALA C 22 -36.71 -47.34 -31.75
CA ALA C 22 -35.32 -47.77 -31.76
C ALA C 22 -35.00 -48.35 -33.12
N ARG C 23 -33.71 -48.33 -33.47
CA ARG C 23 -33.28 -48.71 -34.80
C ARG C 23 -33.16 -50.22 -34.96
N THR C 24 -33.36 -51.00 -33.90
CA THR C 24 -33.31 -52.44 -33.96
C THR C 24 -34.70 -53.07 -34.06
N PHE C 25 -35.72 -52.27 -34.33
CA PHE C 25 -37.09 -52.76 -34.42
C PHE C 25 -37.56 -52.93 -35.87
N VAL C 26 -36.64 -52.90 -36.82
CA VAL C 26 -36.97 -52.98 -38.25
C VAL C 26 -36.55 -54.36 -38.76
N VAL C 27 -37.46 -55.02 -39.48
CA VAL C 27 -37.23 -56.37 -40.00
C VAL C 27 -37.40 -56.34 -41.51
N VAL C 28 -36.45 -56.95 -42.22
CA VAL C 28 -36.48 -57.05 -43.68
C VAL C 28 -36.55 -58.50 -44.09
N THR C 29 -37.29 -58.78 -45.16
CA THR C 29 -37.54 -60.14 -45.60
C THR C 29 -37.80 -60.16 -47.09
N LEU C 30 -37.20 -61.15 -47.77
CA LEU C 30 -37.42 -61.37 -49.20
C LEU C 30 -38.58 -62.34 -49.39
N VAL C 31 -39.37 -62.09 -50.42
CA VAL C 31 -40.62 -62.81 -50.65
C VAL C 31 -40.60 -63.47 -52.02
N ASN C 32 -40.98 -64.74 -52.06
CA ASN C 32 -41.20 -65.47 -53.31
C ASN C 32 -42.70 -65.68 -53.48
N SER C 33 -43.25 -65.17 -54.59
CA SER C 33 -44.69 -65.24 -54.80
C SER C 33 -45.16 -66.68 -55.00
N SER C 34 -44.41 -67.46 -55.77
CA SER C 34 -44.87 -68.80 -56.15
C SER C 34 -44.92 -69.72 -54.93
N ASN C 35 -43.84 -69.78 -54.16
CA ASN C 35 -43.77 -70.71 -53.04
C ASN C 35 -43.47 -69.94 -51.76
N PRO C 36 -44.38 -69.93 -50.79
CA PRO C 36 -44.09 -69.24 -49.51
C PRO C 36 -42.93 -69.85 -48.75
N THR C 37 -42.63 -71.14 -48.95
CA THR C 37 -41.60 -71.82 -48.18
C THR C 37 -40.19 -71.34 -48.53
N LEU C 38 -40.02 -70.59 -49.60
CA LEU C 38 -38.70 -70.07 -49.97
C LEU C 38 -38.39 -68.73 -49.32
N ASN C 39 -39.27 -68.25 -48.44
CA ASN C 39 -39.03 -66.98 -47.77
C ASN C 39 -37.81 -67.07 -46.86
N ARG C 40 -37.01 -66.00 -46.86
CA ARG C 40 -35.82 -65.93 -46.03
C ARG C 40 -35.72 -64.55 -45.39
N VAL C 41 -35.13 -64.50 -44.21
CA VAL C 41 -35.01 -63.27 -43.44
C VAL C 41 -33.56 -62.82 -43.47
N LEU C 42 -33.34 -61.56 -43.84
CA LEU C 42 -32.00 -61.00 -43.92
C LEU C 42 -31.50 -60.68 -42.51
N GLU C 43 -30.33 -60.05 -42.41
CA GLU C 43 -29.75 -59.72 -41.12
C GLU C 43 -28.86 -58.49 -41.29
N VAL C 44 -28.88 -57.61 -40.29
CA VAL C 44 -28.25 -56.30 -40.42
C VAL C 44 -26.73 -56.43 -40.43
N GLY C 45 -26.08 -55.52 -41.13
CA GLY C 45 -24.62 -55.54 -41.25
C GLY C 45 -24.08 -56.40 -42.36
N ARG C 46 -24.48 -57.66 -42.41
CA ARG C 46 -24.06 -58.54 -43.49
C ARG C 46 -24.80 -58.28 -44.80
N ASP C 47 -26.05 -57.87 -44.74
CA ASP C 47 -26.90 -57.73 -45.92
C ASP C 47 -27.29 -56.29 -46.22
N TYR C 48 -27.56 -55.49 -45.20
CA TYR C 48 -27.98 -54.12 -45.41
C TYR C 48 -27.39 -53.21 -44.34
N ARG C 49 -27.40 -51.91 -44.62
CA ARG C 49 -26.84 -50.91 -43.73
C ARG C 49 -27.64 -49.63 -43.83
N PHE C 50 -27.45 -48.77 -42.84
CA PHE C 50 -28.23 -47.53 -42.71
C PHE C 50 -27.41 -46.35 -43.21
N LEU C 51 -27.98 -45.58 -44.13
CA LEU C 51 -27.39 -44.32 -44.57
C LEU C 51 -27.93 -43.15 -43.75
N ASN C 52 -29.24 -42.99 -43.72
CA ASN C 52 -29.94 -41.95 -42.99
C ASN C 52 -31.07 -42.59 -42.20
N PRO C 53 -31.65 -41.88 -41.24
CA PRO C 53 -32.70 -42.49 -40.40
C PRO C 53 -33.93 -42.95 -41.16
N THR C 54 -33.94 -42.84 -42.49
CA THR C 54 -35.13 -43.22 -43.26
C THR C 54 -34.87 -44.18 -44.41
N MET C 55 -33.63 -44.37 -44.87
CA MET C 55 -33.36 -45.18 -46.05
C MET C 55 -32.26 -46.18 -45.77
N ILE C 56 -32.36 -47.36 -46.39
CA ILE C 56 -31.38 -48.43 -46.23
C ILE C 56 -30.75 -48.75 -47.58
N GLU C 57 -29.67 -49.52 -47.55
CA GLU C 57 -28.96 -49.96 -48.74
C GLU C 57 -28.82 -51.47 -48.72
N MET C 58 -29.18 -52.11 -49.84
CA MET C 58 -29.06 -53.55 -49.97
C MET C 58 -27.68 -53.91 -50.50
N LEU C 59 -27.09 -54.97 -49.93
CA LEU C 59 -25.77 -55.42 -50.33
C LEU C 59 -25.78 -56.88 -50.80
N VAL C 60 -26.96 -57.42 -51.14
CA VAL C 60 -27.08 -58.78 -51.61
C VAL C 60 -27.75 -58.72 -52.99
N ASP C 61 -27.67 -59.80 -53.76
CA ASP C 61 -28.25 -59.85 -55.09
C ASP C 61 -29.65 -60.45 -55.04
N GLN C 62 -30.59 -59.78 -55.70
CA GLN C 62 -31.96 -60.28 -55.82
C GLN C 62 -32.04 -61.17 -57.05
N SER C 63 -31.83 -62.48 -56.86
CA SER C 63 -31.75 -63.41 -57.98
C SER C 63 -33.10 -64.03 -58.29
N GLY C 64 -33.69 -64.73 -57.33
CA GLY C 64 -34.94 -65.43 -57.58
C GLY C 64 -36.09 -64.95 -56.72
N PHE C 65 -36.20 -63.64 -56.54
CA PHE C 65 -37.25 -63.08 -55.70
C PHE C 65 -37.79 -61.81 -56.37
N ASP C 66 -39.03 -61.46 -56.02
CA ASP C 66 -39.73 -60.37 -56.66
C ASP C 66 -40.26 -59.31 -55.71
N ILE C 67 -40.48 -59.64 -54.44
CA ILE C 67 -41.12 -58.73 -53.49
C ILE C 67 -40.24 -58.57 -52.27
N VAL C 68 -40.08 -57.32 -51.82
CA VAL C 68 -39.35 -57.00 -50.60
C VAL C 68 -40.36 -56.51 -49.57
N ARG C 69 -40.33 -57.09 -48.38
CA ARG C 69 -41.31 -56.81 -47.33
C ARG C 69 -40.60 -56.25 -46.10
N ILE C 70 -41.13 -55.15 -45.59
CA ILE C 70 -40.61 -54.50 -44.38
C ILE C 70 -41.78 -54.32 -43.41
N HIS C 71 -41.57 -54.75 -42.17
CA HIS C 71 -42.56 -54.57 -41.11
C HIS C 71 -41.85 -54.21 -39.81
N ARG C 72 -42.65 -53.87 -38.81
CA ARG C 72 -42.14 -53.41 -37.53
C ARG C 72 -42.54 -54.39 -36.43
N GLN C 73 -41.63 -54.60 -35.47
CA GLN C 73 -41.91 -55.44 -34.31
C GLN C 73 -41.27 -54.78 -33.10
N THR C 74 -42.09 -54.17 -32.25
CA THR C 74 -41.60 -53.43 -31.10
C THR C 74 -41.16 -54.39 -30.00
N GLY C 75 -40.07 -54.06 -29.34
CA GLY C 75 -39.53 -54.87 -28.26
C GLY C 75 -40.37 -54.74 -27.00
N THR C 76 -39.86 -55.36 -25.93
CA THR C 76 -40.59 -55.42 -24.67
C THR C 76 -39.80 -54.82 -23.50
N ASP C 77 -38.62 -54.29 -23.75
CA ASP C 77 -37.81 -53.70 -22.69
C ASP C 77 -38.15 -52.23 -22.50
N LEU C 78 -37.87 -51.72 -21.31
CA LEU C 78 -38.16 -50.33 -21.01
C LEU C 78 -37.28 -49.40 -21.82
N VAL C 79 -37.87 -48.31 -22.29
CA VAL C 79 -37.15 -47.30 -23.06
C VAL C 79 -36.83 -46.13 -22.14
N VAL C 80 -37.74 -45.84 -21.20
CA VAL C 80 -37.58 -44.74 -20.26
C VAL C 80 -37.76 -45.28 -18.85
N ASP C 81 -36.80 -44.98 -17.98
CA ASP C 81 -36.89 -45.30 -16.56
C ASP C 81 -37.07 -43.99 -15.81
N PHE C 82 -37.45 -44.08 -14.53
CA PHE C 82 -37.66 -42.90 -13.70
C PHE C 82 -36.89 -43.02 -12.40
N ARG C 83 -36.16 -41.97 -12.04
CA ARG C 83 -35.41 -41.91 -10.80
C ARG C 83 -35.53 -40.52 -10.20
N ASN C 84 -35.54 -40.45 -8.87
CA ASN C 84 -35.67 -39.17 -8.20
C ASN C 84 -34.40 -38.35 -8.37
N GLY C 85 -34.57 -37.03 -8.53
CA GLY C 85 -33.46 -36.11 -8.63
C GLY C 85 -33.07 -35.72 -10.04
N SER C 86 -33.74 -36.25 -11.06
CA SER C 86 -33.41 -35.96 -12.44
C SER C 86 -34.30 -34.84 -12.98
N VAL C 87 -34.21 -34.58 -14.27
CA VAL C 87 -34.94 -33.51 -14.94
C VAL C 87 -36.04 -34.14 -15.79
N LEU C 88 -37.26 -33.64 -15.65
CA LEU C 88 -38.42 -34.19 -16.33
C LEU C 88 -38.87 -33.26 -17.44
N THR C 89 -39.15 -33.83 -18.63
CA THR C 89 -39.64 -33.08 -19.76
C THR C 89 -40.78 -33.85 -20.42
N ALA C 90 -41.34 -33.26 -21.49
CA ALA C 90 -42.53 -33.82 -22.11
C ALA C 90 -42.21 -35.06 -22.94
N SER C 91 -41.05 -35.06 -23.61
CA SER C 91 -40.72 -36.15 -24.51
C SER C 91 -40.67 -37.49 -23.79
N ASP C 92 -40.26 -37.49 -22.52
CA ASP C 92 -40.22 -38.72 -21.74
C ASP C 92 -41.61 -39.33 -21.62
N LEU C 93 -42.58 -38.52 -21.21
CA LEU C 93 -43.96 -39.02 -21.08
C LEU C 93 -44.50 -39.45 -22.44
N THR C 94 -44.19 -38.68 -23.48
CA THR C 94 -44.67 -39.01 -24.82
C THR C 94 -44.18 -40.40 -25.24
N ASN C 95 -42.88 -40.66 -25.09
CA ASN C 95 -42.34 -41.97 -25.47
C ASN C 95 -42.90 -43.08 -24.59
N SER C 96 -43.04 -42.82 -23.29
CA SER C 96 -43.56 -43.84 -22.39
C SER C 96 -44.97 -44.27 -22.79
N GLU C 97 -45.78 -43.31 -23.27
CA GLU C 97 -47.10 -43.68 -23.76
C GLU C 97 -47.02 -44.38 -25.11
N LEU C 98 -46.14 -43.89 -25.99
CA LEU C 98 -46.10 -44.38 -27.37
C LEU C 98 -45.69 -45.83 -27.44
N GLN C 99 -44.80 -46.28 -26.56
CA GLN C 99 -44.39 -47.69 -26.59
C GLN C 99 -45.58 -48.62 -26.39
N ALA C 100 -46.33 -48.40 -25.32
CA ALA C 100 -47.48 -49.25 -25.02
C ALA C 100 -48.57 -49.11 -26.07
N ILE C 101 -48.69 -47.94 -26.70
CA ILE C 101 -49.67 -47.81 -27.79
C ILE C 101 -49.22 -48.65 -28.99
N HIS C 102 -47.93 -48.57 -29.34
CA HIS C 102 -47.41 -49.25 -30.53
C HIS C 102 -47.58 -50.74 -30.43
N ILE C 103 -47.29 -51.32 -29.26
CA ILE C 103 -47.36 -52.77 -29.12
C ILE C 103 -48.77 -53.26 -29.47
N ALA C 104 -49.78 -52.66 -28.86
CA ALA C 104 -51.16 -53.09 -29.08
C ALA C 104 -51.59 -52.84 -30.52
N GLU C 105 -51.22 -51.69 -31.07
CA GLU C 105 -51.61 -51.38 -32.45
C GLU C 105 -51.07 -52.43 -33.42
N GLU C 106 -49.79 -52.76 -33.30
CA GLU C 106 -49.21 -53.78 -34.16
C GLU C 106 -49.92 -55.11 -33.98
N GLY C 107 -50.06 -55.55 -32.71
CA GLY C 107 -50.66 -56.85 -32.44
C GLY C 107 -52.10 -56.97 -32.88
N ARG C 108 -52.80 -55.85 -33.05
CA ARG C 108 -54.16 -55.88 -33.58
C ARG C 108 -54.18 -55.83 -35.11
N ASP C 109 -53.26 -55.09 -35.73
CA ASP C 109 -53.44 -54.77 -37.15
C ASP C 109 -52.73 -55.76 -38.07
N GLN C 110 -51.50 -56.16 -37.73
CA GLN C 110 -50.61 -56.75 -38.73
C GLN C 110 -51.21 -57.93 -39.50
N THR C 111 -51.76 -58.91 -38.80
CA THR C 111 -52.22 -60.13 -39.45
C THR C 111 -53.39 -59.85 -40.39
N VAL C 112 -54.33 -59.01 -39.94
CA VAL C 112 -55.48 -58.67 -40.77
C VAL C 112 -55.01 -57.93 -42.01
N ASP C 113 -54.06 -57.02 -41.86
CA ASP C 113 -53.54 -56.30 -43.02
C ASP C 113 -52.90 -57.25 -44.02
N LEU C 114 -52.11 -58.21 -43.53
CA LEU C 114 -51.48 -59.18 -44.42
C LEU C 114 -52.51 -60.03 -45.14
N ALA C 115 -53.54 -60.47 -44.43
CA ALA C 115 -54.58 -61.28 -45.05
C ALA C 115 -55.32 -60.49 -46.14
N LYS C 116 -55.61 -59.22 -45.86
CA LYS C 116 -56.21 -58.36 -46.87
C LYS C 116 -55.32 -58.26 -48.10
N GLU C 117 -54.03 -58.05 -47.90
CA GLU C 117 -53.11 -57.92 -49.02
C GLU C 117 -53.11 -59.18 -49.87
N TYR C 118 -53.00 -60.35 -49.22
CA TYR C 118 -52.95 -61.61 -49.97
C TYR C 118 -54.26 -61.86 -50.73
N ALA C 119 -55.40 -61.59 -50.09
CA ALA C 119 -56.67 -61.83 -50.75
C ALA C 119 -56.85 -60.92 -51.97
N ASP C 120 -56.55 -59.63 -51.81
CA ASP C 120 -56.74 -58.70 -52.91
C ASP C 120 -55.69 -58.89 -54.00
N ALA C 121 -54.55 -59.50 -53.67
CA ALA C 121 -53.59 -59.87 -54.70
C ALA C 121 -54.07 -61.11 -55.45
N ALA C 122 -54.68 -62.06 -54.75
CA ALA C 122 -55.18 -63.27 -55.39
C ALA C 122 -56.31 -62.95 -56.35
N SER D 2 87.51 15.72 24.44
CA SER D 2 87.17 14.69 25.42
C SER D 2 85.95 15.09 26.23
N THR D 3 86.03 14.91 27.55
CA THR D 3 84.95 15.30 28.44
C THR D 3 85.51 16.07 29.63
N ILE D 4 86.80 15.85 29.93
CA ILE D 4 87.48 16.53 31.02
C ILE D 4 88.61 17.35 30.42
N THR D 5 88.79 18.56 30.92
CA THR D 5 89.80 19.49 30.41
C THR D 5 90.63 20.03 31.56
N GLN D 6 91.91 20.27 31.30
CA GLN D 6 92.84 20.79 32.30
C GLN D 6 93.33 22.15 31.84
N PHE D 7 93.39 23.11 32.77
CA PHE D 7 93.82 24.45 32.42
C PHE D 7 94.62 25.08 33.55
N PRO D 8 95.79 25.64 33.26
CA PRO D 8 96.57 26.33 34.30
C PRO D 8 95.87 27.61 34.74
N SER D 9 96.11 28.00 35.99
CA SER D 9 95.54 29.22 36.53
C SER D 9 96.35 30.43 36.08
N GLY D 10 96.04 31.58 36.67
CA GLY D 10 96.73 32.82 36.35
C GLY D 10 96.52 33.27 34.92
N ASN D 11 95.29 33.13 34.43
CA ASN D 11 94.94 33.54 33.08
C ASN D 11 93.56 34.20 33.12
N THR D 12 93.25 34.97 32.07
CA THR D 12 92.02 35.74 32.01
C THR D 12 90.92 35.02 31.24
N GLN D 13 91.24 34.46 30.08
CA GLN D 13 90.25 33.86 29.20
C GLN D 13 90.59 32.41 28.90
N TYR D 14 89.55 31.61 28.70
CA TYR D 14 89.67 30.22 28.30
C TYR D 14 88.56 29.89 27.30
N ARG D 15 88.57 28.66 26.80
CA ARG D 15 87.62 28.22 25.80
C ARG D 15 86.99 26.88 26.20
N ILE D 16 86.06 26.43 25.36
CA ILE D 16 85.34 25.18 25.58
C ILE D 16 85.62 24.26 24.39
N GLU D 17 85.86 22.99 24.69
CA GLU D 17 86.31 22.03 23.68
C GLU D 17 85.35 20.84 23.52
N PHE D 18 84.06 21.06 23.78
CA PHE D 18 83.08 19.99 23.57
C PHE D 18 81.70 20.60 23.41
N ASP D 19 80.82 19.85 22.76
CA ASP D 19 79.45 20.28 22.56
C ASP D 19 78.64 20.07 23.85
N TYR D 20 77.48 20.72 23.90
CA TYR D 20 76.58 20.60 25.04
C TYR D 20 75.16 20.95 24.60
N LEU D 21 74.20 20.67 25.49
CA LEU D 21 72.80 20.91 25.21
C LEU D 21 72.23 22.08 26.00
N ALA D 22 72.86 22.48 27.10
CA ALA D 22 72.38 23.60 27.89
C ALA D 22 73.54 24.20 28.67
N ARG D 23 73.43 25.49 28.97
CA ARG D 23 74.50 26.17 29.70
C ARG D 23 74.64 25.68 31.14
N THR D 24 73.60 25.06 31.69
CA THR D 24 73.67 24.57 33.07
C THR D 24 74.47 23.28 33.17
N PHE D 25 74.67 22.57 32.06
CA PHE D 25 75.37 21.30 32.10
C PHE D 25 76.85 21.48 32.37
N VAL D 26 77.46 22.52 31.78
CA VAL D 26 78.89 22.74 31.97
C VAL D 26 79.17 23.10 33.42
N VAL D 27 80.20 22.47 33.99
CA VAL D 27 80.57 22.67 35.39
C VAL D 27 82.04 23.06 35.44
N VAL D 28 82.34 24.13 36.19
CA VAL D 28 83.69 24.65 36.31
C VAL D 28 84.06 24.73 37.79
N THR D 29 85.27 24.26 38.12
CA THR D 29 85.75 24.33 39.49
C THR D 29 87.24 24.57 39.48
N LEU D 30 87.73 25.17 40.56
CA LEU D 30 89.16 25.41 40.73
C LEU D 30 89.82 24.22 41.42
N VAL D 31 91.07 23.97 41.06
CA VAL D 31 91.81 22.81 41.56
C VAL D 31 93.12 23.27 42.16
N ASN D 32 93.44 22.76 43.35
CA ASN D 32 94.73 22.96 44.00
C ASN D 32 95.35 21.58 44.21
N SER D 33 96.41 21.28 43.45
CA SER D 33 97.01 19.96 43.48
C SER D 33 97.59 19.65 44.86
N SER D 34 98.19 20.65 45.50
CA SER D 34 98.82 20.43 46.80
C SER D 34 97.80 19.98 47.85
N ASN D 35 96.60 20.57 47.84
CA ASN D 35 95.56 20.22 48.80
C ASN D 35 94.36 19.67 48.03
N PRO D 36 94.25 18.36 47.88
CA PRO D 36 93.08 17.80 47.19
C PRO D 36 91.77 18.02 47.93
N THR D 37 91.83 18.30 49.23
CA THR D 37 90.64 18.33 50.06
C THR D 37 89.77 19.57 49.84
N LEU D 38 90.34 20.72 49.49
CA LEU D 38 89.55 21.94 49.46
C LEU D 38 88.76 22.02 48.15
N ASN D 39 89.48 22.15 47.04
CA ASN D 39 88.94 22.06 45.68
C ASN D 39 87.59 22.77 45.54
N ARG D 40 87.63 24.08 45.78
CA ARG D 40 86.42 24.90 45.76
C ARG D 40 85.78 24.89 44.38
N VAL D 41 84.44 24.90 44.37
CA VAL D 41 83.64 24.87 43.16
C VAL D 41 82.90 26.19 43.03
N LEU D 42 82.95 26.79 41.85
CA LEU D 42 82.33 28.09 41.60
C LEU D 42 80.87 27.90 41.18
N GLU D 43 80.22 29.00 40.81
CA GLU D 43 78.84 28.96 40.37
C GLU D 43 78.56 30.22 39.54
N VAL D 44 77.45 30.20 38.81
CA VAL D 44 77.22 31.20 37.76
C VAL D 44 76.97 32.58 38.36
N GLY D 45 77.02 33.59 37.50
CA GLY D 45 76.62 34.93 37.87
C GLY D 45 77.71 35.79 38.49
N ARG D 46 78.03 35.52 39.75
CA ARG D 46 78.98 36.37 40.47
C ARG D 46 80.42 35.90 40.28
N ASP D 47 80.62 34.76 39.64
CA ASP D 47 81.95 34.20 39.45
C ASP D 47 82.37 34.06 37.99
N TYR D 48 81.45 33.65 37.11
CA TYR D 48 81.74 33.55 35.69
C TYR D 48 80.47 33.82 34.91
N ARG D 49 80.64 34.25 33.66
CA ARG D 49 79.56 34.75 32.84
C ARG D 49 79.86 34.43 31.38
N PHE D 50 78.80 34.17 30.61
CA PHE D 50 78.91 33.73 29.22
C PHE D 50 78.66 34.90 28.28
N LEU D 51 79.66 35.23 27.45
CA LEU D 51 79.42 36.10 26.30
C LEU D 51 79.33 35.30 25.02
N ASN D 52 80.39 34.57 24.70
CA ASN D 52 80.41 33.77 23.48
C ASN D 52 80.18 32.30 23.86
N PRO D 53 79.22 31.62 23.23
CA PRO D 53 78.92 30.23 23.60
C PRO D 53 80.13 29.31 23.68
N THR D 54 81.22 29.65 22.98
CA THR D 54 82.44 28.86 22.99
C THR D 54 83.51 29.46 23.89
N MET D 55 83.23 30.60 24.50
CA MET D 55 84.20 31.31 25.33
C MET D 55 83.70 31.38 26.76
N ILE D 56 84.63 31.39 27.71
CA ILE D 56 84.31 31.64 29.11
C ILE D 56 85.05 32.89 29.57
N GLU D 57 84.32 33.80 30.20
CA GLU D 57 84.85 35.06 30.72
C GLU D 57 84.50 35.15 32.21
N MET D 58 85.55 35.23 33.02
CA MET D 58 85.44 35.12 34.48
C MET D 58 85.19 36.48 35.10
N LEU D 59 84.73 36.48 36.36
CA LEU D 59 84.59 37.73 37.10
C LEU D 59 85.66 37.86 38.18
N VAL D 60 85.88 36.79 38.95
CA VAL D 60 86.74 36.85 40.13
C VAL D 60 87.84 35.79 39.99
N ASP D 61 89.00 36.09 40.59
CA ASP D 61 90.14 35.19 40.60
C ASP D 61 90.83 35.22 41.96
N GLN D 62 91.44 34.09 42.33
CA GLN D 62 92.26 33.97 43.52
C GLN D 62 93.70 33.64 43.10
N SER D 63 94.59 33.55 44.08
CA SER D 63 96.01 33.34 43.80
C SER D 63 96.61 32.24 44.66
N GLY D 64 95.77 31.36 45.20
CA GLY D 64 96.26 30.23 45.97
C GLY D 64 96.15 28.93 45.21
N PHE D 65 95.62 28.99 43.99
CA PHE D 65 95.31 27.82 43.20
C PHE D 65 96.16 27.82 41.94
N ASP D 66 96.44 26.63 41.43
CA ASP D 66 97.37 26.47 40.32
C ASP D 66 96.71 26.07 39.00
N ILE D 67 95.64 25.29 39.03
CA ILE D 67 95.01 24.78 37.81
C ILE D 67 93.50 24.87 37.95
N VAL D 68 92.79 24.74 36.83
CA VAL D 68 91.34 24.89 36.76
C VAL D 68 90.77 23.67 36.06
N ARG D 69 89.59 23.24 36.51
CA ARG D 69 88.91 22.08 35.95
C ARG D 69 87.61 22.49 35.28
N ILE D 70 87.39 21.99 34.07
CA ILE D 70 86.14 22.16 33.35
C ILE D 70 85.77 20.80 32.76
N HIS D 71 84.52 20.36 33.01
CA HIS D 71 84.04 19.08 32.50
C HIS D 71 82.54 19.14 32.32
N ARG D 72 82.03 18.21 31.53
CA ARG D 72 80.60 18.13 31.22
C ARG D 72 79.90 17.14 32.15
N GLN D 73 78.62 17.42 32.41
CA GLN D 73 77.80 16.53 33.21
C GLN D 73 76.33 16.64 32.80
N THR D 74 75.87 15.72 31.96
CA THR D 74 74.49 15.77 31.48
C THR D 74 73.53 15.25 32.55
N GLY D 75 72.30 15.78 32.54
CA GLY D 75 71.28 15.38 33.47
C GLY D 75 70.36 14.32 32.89
N THR D 76 69.82 13.49 33.78
CA THR D 76 68.99 12.37 33.38
C THR D 76 67.51 12.76 33.40
N ASP D 77 67.15 13.67 32.51
CA ASP D 77 65.77 14.12 32.38
C ASP D 77 65.47 14.39 30.91
N LEU D 78 64.23 14.12 30.51
CA LEU D 78 63.82 14.37 29.13
C LEU D 78 63.79 15.86 28.84
N VAL D 79 64.71 16.30 27.98
CA VAL D 79 64.73 17.70 27.57
C VAL D 79 63.50 18.02 26.74
N VAL D 80 63.18 17.17 25.78
CA VAL D 80 62.03 17.39 24.91
C VAL D 80 60.80 16.75 25.53
N ASP D 81 59.64 17.36 25.30
CA ASP D 81 58.37 16.88 25.83
C ASP D 81 57.45 16.62 24.65
N PHE D 82 56.66 15.55 24.74
CA PHE D 82 55.73 15.17 23.70
C PHE D 82 54.31 15.22 24.27
N ARG D 83 53.37 15.76 23.50
CA ARG D 83 52.02 15.94 23.98
C ARG D 83 51.05 15.92 22.80
N ASN D 84 49.84 15.42 23.06
CA ASN D 84 48.83 15.36 22.03
C ASN D 84 48.37 16.75 21.63
N GLY D 85 48.18 16.96 20.33
CA GLY D 85 47.70 18.22 19.80
C GLY D 85 48.80 19.15 19.34
N SER D 86 50.05 18.91 19.73
CA SER D 86 51.16 19.76 19.35
C SER D 86 51.65 19.35 17.95
N VAL D 87 52.80 19.88 17.55
CA VAL D 87 53.36 19.63 16.24
C VAL D 87 54.74 19.01 16.41
N LEU D 88 55.07 18.04 15.56
CA LEU D 88 56.36 17.37 15.59
C LEU D 88 57.28 18.02 14.57
N THR D 89 58.35 18.65 15.05
CA THR D 89 59.36 19.25 14.18
C THR D 89 60.48 18.24 13.94
N ALA D 90 61.56 18.70 13.32
CA ALA D 90 62.74 17.87 13.15
C ALA D 90 63.82 18.14 14.20
N SER D 91 63.89 19.37 14.70
CA SER D 91 64.90 19.71 15.70
C SER D 91 64.71 18.90 16.97
N ASP D 92 63.47 18.76 17.43
CA ASP D 92 63.21 17.98 18.63
C ASP D 92 63.52 16.50 18.42
N LEU D 93 63.15 15.96 17.26
CA LEU D 93 63.43 14.56 16.96
C LEU D 93 64.93 14.31 16.95
N THR D 94 65.70 15.24 16.38
CA THR D 94 67.15 15.10 16.39
C THR D 94 67.70 15.20 17.81
N ASN D 95 67.29 16.23 18.55
CA ASN D 95 67.87 16.49 19.86
C ASN D 95 67.51 15.41 20.88
N SER D 96 66.50 14.63 20.55
CA SER D 96 66.04 13.58 21.49
C SER D 96 67.13 12.52 21.69
N GLU D 97 67.53 11.82 20.62
CA GLU D 97 68.50 10.70 20.77
C GLU D 97 69.87 11.20 21.23
N LEU D 98 70.29 12.39 20.80
CA LEU D 98 71.65 12.85 21.14
C LEU D 98 71.88 12.74 22.64
N GLN D 99 70.84 12.92 23.45
CA GLN D 99 71.03 12.92 24.92
C GLN D 99 71.73 11.62 25.31
N ALA D 100 71.23 10.48 24.85
CA ALA D 100 71.79 9.17 25.27
C ALA D 100 73.21 9.00 24.73
N ILE D 101 73.45 9.38 23.48
CA ILE D 101 74.79 9.13 22.87
C ILE D 101 75.87 9.80 23.71
N HIS D 102 75.50 10.78 24.54
CA HIS D 102 76.50 11.52 25.36
C HIS D 102 76.79 10.78 26.67
N ILE D 103 75.79 10.68 27.56
CA ILE D 103 75.92 10.00 28.84
C ILE D 103 76.88 8.83 28.74
N ALA D 104 76.90 8.17 27.58
CA ALA D 104 77.80 7.03 27.40
C ALA D 104 79.25 7.43 27.64
N GLU D 105 79.75 8.46 26.95
CA GLU D 105 81.13 8.88 27.16
C GLU D 105 81.34 9.40 28.57
N GLU D 106 80.38 10.16 29.10
CA GLU D 106 80.54 10.65 30.47
C GLU D 106 80.83 9.50 31.44
N GLY D 107 80.03 8.45 31.38
CA GLY D 107 80.35 7.28 32.17
C GLY D 107 81.73 6.75 31.84
N ARG D 108 82.00 6.54 30.54
CA ARG D 108 83.23 5.91 30.09
C ARG D 108 84.48 6.57 30.67
N ASP D 109 84.44 7.89 30.87
CA ASP D 109 85.62 8.58 31.40
C ASP D 109 85.61 8.61 32.93
N GLN D 110 84.61 9.24 33.55
CA GLN D 110 84.78 9.53 34.98
C GLN D 110 84.41 8.36 35.90
N THR D 111 83.74 7.32 35.41
CA THR D 111 83.42 6.22 36.32
C THR D 111 84.68 5.63 36.96
N VAL D 112 85.67 5.30 36.13
CA VAL D 112 86.84 4.56 36.60
C VAL D 112 87.64 5.40 37.59
N ASP D 113 87.82 6.69 37.30
CA ASP D 113 88.72 7.49 38.13
C ASP D 113 88.00 8.04 39.37
N LEU D 114 86.67 7.96 39.39
CA LEU D 114 85.96 8.15 40.66
C LEU D 114 86.08 6.90 41.53
N ALA D 115 86.09 5.72 40.89
CA ALA D 115 86.24 4.48 41.66
C ALA D 115 87.53 4.48 42.47
N LYS D 116 88.64 4.93 41.88
CA LYS D 116 89.91 5.00 42.59
C LYS D 116 89.81 5.85 43.84
N GLU D 117 89.27 7.05 43.71
CA GLU D 117 89.22 7.97 44.84
C GLU D 117 88.38 7.38 45.96
N TYR D 118 87.21 6.85 45.63
CA TYR D 118 86.35 6.35 46.70
C TYR D 118 86.98 5.11 47.35
N ALA D 119 87.63 4.26 46.55
CA ALA D 119 88.24 3.05 47.06
C ALA D 119 89.37 3.36 48.04
N ASP D 120 90.30 4.23 47.65
CA ASP D 120 91.44 4.44 48.56
C ASP D 120 91.02 5.31 49.73
N ALA D 121 89.97 6.13 49.58
CA ALA D 121 89.41 6.80 50.73
C ALA D 121 88.87 5.80 51.75
N ALA D 122 88.14 4.80 51.28
CA ALA D 122 87.63 3.77 52.17
C ALA D 122 88.77 2.98 52.81
N GLY D 123 89.81 2.67 52.03
CA GLY D 123 90.94 1.93 52.58
C GLY D 123 91.68 2.71 53.66
N SER D 124 91.91 4.01 53.41
CA SER D 124 92.56 4.84 54.41
C SER D 124 91.70 4.98 55.66
N SER D 125 90.38 5.08 55.48
CA SER D 125 89.48 5.12 56.63
C SER D 125 89.60 3.85 57.45
N ALA D 126 89.62 2.69 56.79
CA ALA D 126 89.79 1.43 57.50
C ALA D 126 91.12 1.39 58.24
N GLY D 127 92.19 1.81 57.57
CA GLY D 127 93.52 1.79 58.17
C GLY D 127 93.65 2.67 59.39
N ASN D 128 93.22 3.93 59.30
CA ASN D 128 93.34 4.81 60.45
C ASN D 128 92.34 4.47 61.53
N ALA D 129 91.21 3.85 61.15
CA ALA D 129 90.28 3.31 62.13
C ALA D 129 90.92 2.20 62.96
N LYS D 130 91.59 1.26 62.33
CA LYS D 130 92.31 0.22 63.04
C LYS D 130 93.48 0.77 63.86
N ASP D 131 94.23 1.72 63.30
CA ASP D 131 95.38 2.26 64.03
C ASP D 131 94.96 3.04 65.26
N SER D 132 94.04 3.98 65.11
CA SER D 132 93.63 4.83 66.21
C SER D 132 92.55 4.17 67.07
N SER E 2 78.53 -9.37 26.90
CA SER E 2 78.21 -10.35 25.86
C SER E 2 78.69 -9.88 24.50
N THR E 3 79.22 -8.66 24.45
CA THR E 3 79.75 -8.09 23.22
C THR E 3 81.24 -8.32 23.05
N ILE E 4 81.89 -9.00 24.00
CA ILE E 4 83.30 -9.35 23.89
C ILE E 4 83.44 -10.84 24.15
N THR E 5 84.11 -11.55 23.25
CA THR E 5 84.28 -12.98 23.37
C THR E 5 85.68 -13.37 22.91
N GLN E 6 86.17 -14.49 23.45
CA GLN E 6 87.51 -14.99 23.14
C GLN E 6 87.42 -16.48 22.89
N PHE E 7 88.21 -16.97 21.94
CA PHE E 7 88.27 -18.38 21.59
C PHE E 7 89.72 -18.83 21.46
N PRO E 8 90.00 -20.11 21.66
CA PRO E 8 91.36 -20.61 21.44
C PRO E 8 91.76 -20.54 19.98
N SER E 9 93.06 -20.37 19.76
CA SER E 9 93.61 -20.20 18.43
C SER E 9 93.99 -21.55 17.82
N GLY E 10 93.88 -21.63 16.50
CA GLY E 10 94.27 -22.83 15.78
C GLY E 10 93.28 -23.31 14.75
N ASN E 11 92.01 -22.95 14.92
CA ASN E 11 90.96 -23.43 14.04
C ASN E 11 90.97 -22.64 12.73
N THR E 12 90.00 -22.92 11.86
CA THR E 12 89.85 -22.21 10.60
C THR E 12 88.53 -21.47 10.46
N GLN E 13 87.54 -21.76 11.30
CA GLN E 13 86.26 -21.08 11.26
C GLN E 13 85.89 -20.60 12.66
N TYR E 14 85.18 -19.48 12.71
CA TYR E 14 84.71 -18.91 13.97
C TYR E 14 83.30 -18.34 13.76
N ARG E 15 82.57 -18.23 14.86
CA ARG E 15 81.16 -17.86 14.82
C ARG E 15 80.95 -16.46 15.37
N ILE E 16 79.96 -15.78 14.81
CA ILE E 16 79.53 -14.46 15.26
C ILE E 16 78.25 -14.61 16.05
N GLU E 17 78.21 -13.97 17.22
CA GLU E 17 77.18 -14.25 18.21
C GLU E 17 76.55 -12.97 18.75
N PHE E 18 76.50 -11.91 17.94
CA PHE E 18 75.79 -10.71 18.32
C PHE E 18 75.29 -10.00 17.07
N ASP E 19 74.24 -9.20 17.23
CA ASP E 19 73.67 -8.47 16.12
C ASP E 19 74.52 -7.25 15.76
N TYR E 20 74.36 -6.77 14.53
CA TYR E 20 75.06 -5.58 14.08
C TYR E 20 74.23 -4.87 13.01
N LEU E 21 74.56 -3.60 12.80
CA LEU E 21 73.88 -2.81 11.79
C LEU E 21 74.61 -2.77 10.45
N ALA E 22 75.93 -2.94 10.46
CA ALA E 22 76.71 -2.96 9.23
C ALA E 22 77.92 -3.85 9.42
N ARG E 23 78.47 -4.32 8.30
CA ARG E 23 79.60 -5.25 8.34
C ARG E 23 80.90 -4.57 8.74
N THR E 24 80.94 -3.24 8.81
CA THR E 24 82.15 -2.52 9.21
C THR E 24 82.23 -2.29 10.71
N PHE E 25 81.27 -2.80 11.48
CA PHE E 25 81.23 -2.62 12.92
C PHE E 25 81.79 -3.84 13.66
N VAL E 26 82.48 -4.73 12.96
CA VAL E 26 83.03 -5.96 13.54
C VAL E 26 84.55 -5.89 13.45
N VAL E 27 85.22 -6.16 14.57
CA VAL E 27 86.67 -6.07 14.66
C VAL E 27 87.23 -7.42 15.09
N VAL E 28 88.31 -7.83 14.41
CA VAL E 28 88.98 -9.09 14.70
C VAL E 28 90.45 -8.79 14.96
N THR E 29 90.98 -9.35 16.04
CA THR E 29 92.37 -9.10 16.42
C THR E 29 92.98 -10.36 17.01
N LEU E 30 94.31 -10.43 16.96
CA LEU E 30 95.07 -11.55 17.50
C LEU E 30 95.71 -11.12 18.81
N VAL E 31 95.63 -11.97 19.82
CA VAL E 31 96.01 -11.63 21.18
C VAL E 31 97.17 -12.53 21.63
N ASN E 32 98.19 -11.91 22.22
CA ASN E 32 99.28 -12.62 22.87
C ASN E 32 99.13 -12.41 24.37
N SER E 33 98.96 -13.51 25.11
CA SER E 33 98.65 -13.40 26.53
C SER E 33 99.85 -12.89 27.33
N SER E 34 101.04 -13.45 27.09
CA SER E 34 102.22 -13.10 27.87
C SER E 34 102.59 -11.64 27.69
N ASN E 35 102.94 -11.24 26.48
CA ASN E 35 103.31 -9.86 26.21
C ASN E 35 102.23 -9.18 25.38
N PRO E 36 101.45 -8.24 25.93
CA PRO E 36 100.37 -7.61 25.17
C PRO E 36 100.83 -6.47 24.25
N THR E 37 102.12 -6.33 24.00
CA THR E 37 102.65 -5.28 23.14
C THR E 37 102.85 -5.77 21.71
N LEU E 38 102.41 -6.98 21.39
CA LEU E 38 102.57 -7.54 20.05
C LEU E 38 101.25 -7.83 19.37
N ASN E 39 100.16 -7.25 19.86
CA ASN E 39 98.85 -7.46 19.25
C ASN E 39 98.80 -6.84 17.86
N ARG E 40 97.98 -7.44 16.99
CA ARG E 40 97.81 -6.97 15.62
C ARG E 40 96.33 -6.97 15.26
N VAL E 41 96.00 -6.18 14.26
CA VAL E 41 94.63 -6.07 13.77
C VAL E 41 94.60 -6.51 12.32
N LEU E 42 93.55 -7.26 11.98
CA LEU E 42 93.38 -7.83 10.65
C LEU E 42 92.40 -7.01 9.83
N GLU E 43 92.61 -6.99 8.52
CA GLU E 43 91.80 -6.20 7.60
C GLU E 43 91.02 -7.14 6.67
N VAL E 44 89.74 -6.81 6.46
CA VAL E 44 88.90 -7.63 5.61
C VAL E 44 89.40 -7.62 4.18
N GLY E 45 89.31 -8.76 3.51
CA GLY E 45 89.71 -8.88 2.13
C GLY E 45 91.01 -9.62 1.93
N ARG E 46 91.98 -9.36 2.82
CA ARG E 46 93.28 -10.01 2.75
C ARG E 46 93.52 -11.00 3.87
N ASP E 47 92.70 -11.01 4.91
CA ASP E 47 92.89 -11.87 6.06
C ASP E 47 91.71 -12.78 6.35
N TYR E 48 90.48 -12.32 6.11
CA TYR E 48 89.31 -13.11 6.39
C TYR E 48 88.17 -12.72 5.45
N ARG E 49 87.20 -13.63 5.31
CA ARG E 49 86.08 -13.44 4.41
C ARG E 49 84.80 -13.95 5.08
N PHE E 50 83.68 -13.59 4.49
CA PHE E 50 82.36 -13.96 5.01
C PHE E 50 81.75 -15.07 4.15
N LEU E 51 81.14 -16.05 4.80
CA LEU E 51 80.30 -17.03 4.11
C LEU E 51 78.83 -16.66 4.27
N ASN E 52 78.39 -16.60 5.51
CA ASN E 52 77.05 -16.21 5.91
C ASN E 52 77.13 -15.13 6.98
N PRO E 53 76.00 -14.48 7.30
CA PRO E 53 76.06 -13.40 8.30
C PRO E 53 76.55 -13.82 9.68
N THR E 54 76.86 -15.10 9.89
CA THR E 54 77.22 -15.58 11.22
C THR E 54 78.46 -16.48 11.22
N MET E 55 79.35 -16.34 10.23
CA MET E 55 80.56 -17.16 10.23
C MET E 55 81.58 -16.56 9.29
N ILE E 56 82.86 -16.72 9.64
CA ILE E 56 83.98 -16.24 8.84
C ILE E 56 85.04 -17.35 8.76
N GLU E 57 86.05 -17.12 7.91
CA GLU E 57 87.20 -18.01 7.82
C GLU E 57 88.47 -17.20 7.87
N MET E 58 89.52 -17.76 8.46
CA MET E 58 90.81 -17.08 8.50
C MET E 58 91.66 -17.50 7.30
N LEU E 59 92.56 -16.60 6.90
CA LEU E 59 93.43 -16.84 5.77
C LEU E 59 94.90 -16.57 6.05
N VAL E 60 95.28 -16.19 7.27
CA VAL E 60 96.67 -15.87 7.57
C VAL E 60 97.24 -16.92 8.52
N ASP E 61 98.53 -16.81 8.82
CA ASP E 61 99.23 -17.77 9.66
C ASP E 61 99.05 -17.38 11.11
N GLN E 62 98.62 -18.35 11.93
CA GLN E 62 98.46 -18.14 13.37
C GLN E 62 99.68 -18.73 14.08
N SER E 63 100.76 -17.96 14.06
CA SER E 63 102.00 -18.36 14.70
C SER E 63 102.35 -17.36 15.79
N GLY E 64 102.69 -17.88 16.98
CA GLY E 64 103.00 -17.03 18.11
C GLY E 64 101.80 -16.41 18.79
N PHE E 65 100.59 -16.87 18.48
CA PHE E 65 99.37 -16.31 19.05
C PHE E 65 98.50 -17.45 19.56
N ASP E 66 97.72 -17.15 20.61
CA ASP E 66 96.92 -18.18 21.26
C ASP E 66 95.49 -17.80 21.62
N ILE E 67 95.10 -16.52 21.55
CA ILE E 67 93.69 -16.13 21.65
C ILE E 67 93.31 -15.38 20.39
N VAL E 68 92.01 -15.46 20.06
CA VAL E 68 91.40 -14.67 18.99
C VAL E 68 90.18 -13.97 19.58
N ARG E 69 90.09 -12.66 19.39
CA ARG E 69 89.06 -11.83 20.02
C ARG E 69 88.19 -11.18 18.95
N ILE E 70 86.88 -11.16 19.20
CA ILE E 70 85.91 -10.52 18.34
C ILE E 70 85.00 -9.64 19.19
N HIS E 71 84.85 -8.37 18.82
CA HIS E 71 83.99 -7.45 19.55
C HIS E 71 83.36 -6.46 18.58
N ARG E 72 82.30 -5.81 19.06
CA ARG E 72 81.51 -4.88 18.26
C ARG E 72 81.84 -3.44 18.66
N GLN E 73 81.92 -2.56 17.66
CA GLN E 73 82.25 -1.15 17.87
C GLN E 73 81.38 -0.31 16.95
N THR E 74 80.34 0.30 17.50
CA THR E 74 79.42 1.12 16.72
C THR E 74 79.94 2.56 16.64
N GLY E 75 79.73 3.16 15.47
CA GLY E 75 80.13 4.54 15.24
C GLY E 75 79.18 5.53 15.87
N THR E 76 79.56 6.81 15.79
CA THR E 76 78.79 7.88 16.41
C THR E 76 78.06 8.78 15.43
N ASP E 77 78.41 8.74 14.14
CA ASP E 77 77.72 9.56 13.16
C ASP E 77 76.28 9.09 12.98
N LEU E 78 75.40 10.05 12.69
CA LEU E 78 73.99 9.75 12.56
C LEU E 78 73.72 8.92 11.30
N VAL E 79 72.59 8.22 11.31
CA VAL E 79 72.19 7.38 10.19
C VAL E 79 71.04 7.99 9.40
N VAL E 80 70.02 8.50 10.09
CA VAL E 80 68.86 9.09 9.46
C VAL E 80 68.88 10.60 9.70
N ASP E 81 68.49 11.35 8.68
CA ASP E 81 68.46 12.83 8.75
C ASP E 81 67.03 13.29 8.47
N PHE E 82 66.33 13.67 9.51
CA PHE E 82 64.97 14.19 9.36
C PHE E 82 65.00 15.58 8.74
N ARG E 83 64.05 15.84 7.85
CA ARG E 83 63.91 17.14 7.23
C ARG E 83 62.43 17.52 7.13
N ASN E 84 62.16 18.81 7.20
CA ASN E 84 60.80 19.29 7.16
C ASN E 84 60.16 19.04 5.79
N GLY E 85 58.84 18.85 5.81
CA GLY E 85 58.10 18.60 4.59
C GLY E 85 58.43 17.27 3.94
N SER E 86 58.20 16.17 4.65
CA SER E 86 58.45 14.84 4.11
C SER E 86 57.62 13.83 4.88
N VAL E 87 57.46 12.66 4.28
CA VAL E 87 56.62 11.62 4.85
C VAL E 87 57.39 10.88 5.94
N LEU E 88 56.68 10.49 7.00
CA LEU E 88 57.29 9.79 8.13
C LEU E 88 57.08 8.29 7.97
N THR E 89 58.16 7.53 8.14
CA THR E 89 58.13 6.08 7.97
C THR E 89 58.73 5.39 9.19
N ALA E 90 58.35 4.12 9.37
CA ALA E 90 58.71 3.40 10.59
C ALA E 90 60.20 3.03 10.62
N SER E 91 60.78 2.75 9.46
CA SER E 91 62.15 2.23 9.40
C SER E 91 63.14 3.23 10.00
N ASP E 92 62.85 4.50 9.72
CA ASP E 92 63.70 5.59 10.26
C ASP E 92 63.50 5.62 11.76
N LEU E 93 62.25 5.58 12.21
CA LEU E 93 62.00 5.51 13.66
C LEU E 93 62.74 4.29 14.20
N THR E 94 62.64 3.16 13.50
CA THR E 94 63.28 1.91 13.99
C THR E 94 64.81 2.04 13.97
N ASN E 95 65.39 2.40 12.83
CA ASN E 95 66.86 2.44 12.74
C ASN E 95 67.43 3.36 13.82
N SER E 96 66.80 4.52 14.04
CA SER E 96 67.35 5.48 15.03
C SER E 96 67.30 4.85 16.42
N GLU E 97 66.16 4.28 16.80
CA GLU E 97 66.01 3.66 18.13
C GLU E 97 67.12 2.64 18.34
N LEU E 98 67.30 1.71 17.40
CA LEU E 98 68.29 0.63 17.60
C LEU E 98 69.68 1.23 17.79
N GLN E 99 70.06 2.21 16.98
CA GLN E 99 71.45 2.73 17.08
C GLN E 99 71.72 3.11 18.53
N ALA E 100 70.79 3.82 19.17
CA ALA E 100 71.05 4.29 20.55
C ALA E 100 71.20 3.10 21.48
N ILE E 101 70.23 2.17 21.46
CA ILE E 101 70.27 1.03 22.42
C ILE E 101 71.61 0.34 22.27
N HIS E 102 72.08 0.15 21.04
CA HIS E 102 73.34 -0.59 20.84
C HIS E 102 74.46 0.14 21.58
N ILE E 103 74.70 1.42 21.28
CA ILE E 103 75.85 2.13 21.91
C ILE E 103 75.78 1.96 23.44
N ALA E 104 74.65 2.32 24.06
CA ALA E 104 74.54 2.22 25.51
C ALA E 104 74.99 0.86 26.00
N GLU E 105 74.69 -0.19 25.22
CA GLU E 105 75.11 -1.53 25.62
C GLU E 105 76.63 -1.66 25.67
N GLU E 106 77.34 -1.21 24.62
CA GLU E 106 78.79 -1.30 24.70
C GLU E 106 79.33 -0.47 25.85
N GLY E 107 78.73 0.70 26.10
CA GLY E 107 79.22 1.53 27.20
C GLY E 107 79.13 0.81 28.54
N ARG E 108 77.97 0.23 28.83
CA ARG E 108 77.82 -0.48 30.10
C ARG E 108 78.76 -1.67 30.19
N ASP E 109 78.85 -2.46 29.11
CA ASP E 109 79.68 -3.65 29.13
C ASP E 109 81.15 -3.30 29.33
N GLN E 110 81.56 -2.14 28.81
CA GLN E 110 82.94 -1.71 29.00
C GLN E 110 83.17 -1.29 30.45
N THR E 111 82.27 -0.47 31.01
CA THR E 111 82.56 0.13 32.31
C THR E 111 82.47 -0.88 33.44
N VAL E 112 81.57 -1.86 33.34
CA VAL E 112 81.36 -2.79 34.45
C VAL E 112 82.63 -3.58 34.74
N ASP E 113 83.37 -3.92 33.69
CA ASP E 113 84.57 -4.74 33.78
C ASP E 113 85.58 -4.10 34.72
N LEU E 114 85.82 -2.80 34.56
CA LEU E 114 86.79 -2.13 35.43
C LEU E 114 86.18 -1.82 36.79
N ALA E 115 84.86 -1.61 36.85
CA ALA E 115 84.26 -1.16 38.10
C ALA E 115 84.20 -2.26 39.16
N LYS E 116 83.79 -3.47 38.75
CA LYS E 116 83.30 -4.45 39.73
C LYS E 116 84.37 -4.89 40.72
N GLU E 117 85.58 -5.17 40.24
CA GLU E 117 86.59 -5.75 41.13
C GLU E 117 86.99 -4.74 42.22
N TYR E 118 87.11 -3.48 41.82
CA TYR E 118 87.56 -2.48 42.78
C TYR E 118 86.46 -2.20 43.79
N ALA E 119 85.21 -2.20 43.33
CA ALA E 119 84.09 -2.06 44.26
C ALA E 119 84.08 -3.21 45.27
N ASP E 120 84.32 -4.43 44.78
CA ASP E 120 84.33 -5.59 45.67
C ASP E 120 85.44 -5.49 46.70
N ALA E 121 86.64 -5.07 46.26
CA ALA E 121 87.76 -4.92 47.19
C ALA E 121 87.44 -3.90 48.27
N ALA E 122 86.87 -2.76 47.86
CA ALA E 122 86.51 -1.73 48.83
C ALA E 122 85.51 -2.26 49.84
N GLY E 123 84.48 -2.98 49.36
CA GLY E 123 83.47 -3.50 50.26
C GLY E 123 84.04 -4.51 51.24
N SER E 124 84.88 -5.42 50.76
CA SER E 124 85.47 -6.43 51.63
C SER E 124 86.35 -5.80 52.69
N SER E 125 87.18 -4.82 52.30
CA SER E 125 88.03 -4.14 53.27
C SER E 125 87.18 -3.42 54.32
N ALA E 126 86.11 -2.76 53.88
CA ALA E 126 85.23 -2.07 54.81
C ALA E 126 84.62 -3.04 55.82
N GLY E 127 84.12 -4.18 55.34
CA GLY E 127 83.50 -5.13 56.23
C GLY E 127 84.48 -5.73 57.22
N ASN E 128 85.70 -6.04 56.74
CA ASN E 128 86.72 -6.60 57.61
C ASN E 128 87.09 -5.62 58.71
N ALA E 129 87.39 -4.36 58.34
CA ALA E 129 87.71 -3.38 59.37
C ALA E 129 86.54 -3.20 60.33
N LYS E 130 85.32 -3.15 59.80
CA LYS E 130 84.10 -2.97 60.58
C LYS E 130 84.03 -4.01 61.69
N ASP E 131 83.91 -5.29 61.31
CA ASP E 131 83.67 -6.31 62.34
C ASP E 131 84.89 -6.51 63.23
N SER E 132 86.10 -6.53 62.65
CA SER E 132 87.29 -6.70 63.45
C SER E 132 87.34 -5.65 64.55
N GLU E 133 87.44 -4.38 64.16
CA GLU E 133 87.56 -3.32 65.16
C GLU E 133 86.38 -3.31 66.11
N ASP E 134 85.16 -3.42 65.59
CA ASP E 134 83.99 -3.25 66.44
C ASP E 134 83.93 -4.30 67.53
N GLU E 135 83.78 -5.59 67.17
CA GLU E 135 83.65 -6.60 68.22
C GLU E 135 84.93 -6.76 69.04
N ALA E 136 86.11 -6.53 68.45
CA ALA E 136 87.33 -6.58 69.25
C ALA E 136 87.30 -5.56 70.38
N ARG E 137 86.92 -4.32 70.05
CA ARG E 137 86.90 -3.28 71.08
C ARG E 137 85.71 -3.44 72.02
N ARG E 138 84.61 -4.02 71.53
CA ARG E 138 83.50 -4.34 72.42
C ARG E 138 83.94 -5.32 73.51
N ILE E 139 84.68 -6.36 73.11
CA ILE E 139 85.19 -7.33 74.08
C ILE E 139 86.23 -6.68 74.99
N ALA E 140 87.10 -5.85 74.40
CA ALA E 140 88.15 -5.20 75.20
C ALA E 140 87.57 -4.29 76.27
N GLU E 141 86.54 -3.51 75.92
CA GLU E 141 85.90 -2.62 76.87
C GLU E 141 84.42 -2.97 77.02
N SER F 2 67.61 6.89 43.90
CA SER F 2 68.56 6.48 42.88
C SER F 2 68.16 5.14 42.26
N THR F 3 69.15 4.25 42.08
CA THR F 3 68.92 2.94 41.50
C THR F 3 69.37 1.82 42.43
N ILE F 4 69.55 2.11 43.71
CA ILE F 4 69.96 1.11 44.68
C ILE F 4 69.50 1.57 46.06
N THR F 5 69.07 0.63 46.90
CA THR F 5 68.52 0.95 48.20
C THR F 5 68.80 -0.18 49.17
N GLN F 6 68.96 0.16 50.45
CA GLN F 6 69.19 -0.80 51.50
C GLN F 6 68.23 -0.55 52.66
N PHE F 7 67.62 -1.62 53.17
CA PHE F 7 66.68 -1.58 54.27
C PHE F 7 67.09 -2.58 55.35
N PRO F 8 66.78 -2.29 56.61
CA PRO F 8 67.04 -3.26 57.67
C PRO F 8 66.18 -4.50 57.51
N SER F 9 66.73 -5.65 57.91
CA SER F 9 65.99 -6.89 57.82
C SER F 9 65.03 -7.04 59.00
N GLY F 10 64.20 -8.07 58.91
CA GLY F 10 63.25 -8.36 59.98
C GLY F 10 61.93 -7.66 59.82
N ASN F 11 61.35 -7.73 58.63
CA ASN F 11 60.06 -7.12 58.36
C ASN F 11 59.28 -8.03 57.42
N THR F 12 58.08 -7.58 57.04
CA THR F 12 57.21 -8.32 56.14
C THR F 12 56.99 -7.63 54.81
N GLN F 13 57.08 -6.31 54.76
CA GLN F 13 56.80 -5.54 53.56
C GLN F 13 57.93 -4.56 53.29
N TYR F 14 58.08 -4.18 52.02
CA TYR F 14 59.14 -3.27 51.60
C TYR F 14 58.64 -2.42 50.44
N ARG F 15 59.28 -1.28 50.26
CA ARG F 15 58.84 -0.25 49.31
C ARG F 15 59.71 -0.25 48.06
N ILE F 16 59.06 0.03 46.92
CA ILE F 16 59.76 0.24 45.66
C ILE F 16 59.57 1.71 45.27
N GLU F 17 60.68 2.41 45.09
CA GLU F 17 60.65 3.87 44.89
C GLU F 17 61.08 4.31 43.50
N PHE F 18 62.09 3.66 42.91
CA PHE F 18 62.54 4.09 41.59
C PHE F 18 61.51 3.69 40.52
N ASP F 19 61.84 4.02 39.28
CA ASP F 19 60.93 3.78 38.16
C ASP F 19 61.44 2.63 37.31
N TYR F 20 60.50 1.92 36.68
CA TYR F 20 60.81 0.78 35.83
C TYR F 20 59.79 0.70 34.72
N LEU F 21 60.18 0.01 33.63
CA LEU F 21 59.32 -0.15 32.47
C LEU F 21 58.65 -1.52 32.39
N ALA F 22 59.23 -2.54 33.01
CA ALA F 22 58.64 -3.87 33.03
C ALA F 22 58.83 -4.47 34.41
N ARG F 23 57.88 -5.31 34.81
CA ARG F 23 57.87 -5.84 36.17
C ARG F 23 58.95 -6.90 36.40
N THR F 24 59.60 -7.39 35.36
CA THR F 24 60.66 -8.38 35.50
C THR F 24 62.04 -7.76 35.57
N PHE F 25 62.13 -6.46 35.82
CA PHE F 25 63.41 -5.75 35.87
C PHE F 25 63.86 -5.47 37.29
N VAL F 26 63.23 -6.09 38.29
CA VAL F 26 63.52 -5.82 39.70
C VAL F 26 64.26 -7.02 40.27
N VAL F 27 65.32 -6.74 41.02
CA VAL F 27 66.16 -7.78 41.64
C VAL F 27 66.20 -7.55 43.14
N VAL F 28 66.06 -8.63 43.91
CA VAL F 28 66.09 -8.59 45.36
C VAL F 28 67.21 -9.52 45.85
N THR F 29 67.88 -9.10 46.91
CA THR F 29 69.02 -9.85 47.42
C THR F 29 69.19 -9.58 48.91
N LEU F 30 69.48 -10.63 49.66
CA LEU F 30 69.77 -10.54 51.09
C LEU F 30 71.28 -10.49 51.29
N VAL F 31 71.75 -9.55 52.11
CA VAL F 31 73.17 -9.30 52.28
C VAL F 31 73.53 -9.44 53.76
N ASN F 32 74.67 -10.06 54.03
CA ASN F 32 75.23 -10.17 55.37
C ASN F 32 76.47 -9.29 55.45
N SER F 33 76.50 -8.41 56.46
CA SER F 33 77.59 -7.45 56.57
C SER F 33 78.91 -8.14 56.86
N SER F 34 78.92 -9.04 57.84
CA SER F 34 80.18 -9.65 58.29
C SER F 34 80.79 -10.52 57.20
N ASN F 35 79.98 -11.35 56.55
CA ASN F 35 80.51 -12.30 55.58
C ASN F 35 80.20 -11.79 54.18
N PRO F 36 81.23 -11.44 53.38
CA PRO F 36 80.94 -10.92 52.03
C PRO F 36 80.45 -11.99 51.06
N THR F 37 80.92 -13.22 51.20
CA THR F 37 80.57 -14.29 50.28
C THR F 37 79.33 -15.07 50.71
N LEU F 38 78.59 -14.57 51.71
CA LEU F 38 77.40 -15.23 52.21
C LEU F 38 76.14 -14.80 51.46
N ASN F 39 76.26 -13.98 50.43
CA ASN F 39 75.11 -13.44 49.72
C ASN F 39 74.35 -14.53 48.99
N ARG F 40 73.03 -14.34 48.89
CA ARG F 40 72.17 -15.18 48.07
C ARG F 40 71.16 -14.28 47.37
N VAL F 41 70.68 -14.73 46.21
CA VAL F 41 69.73 -13.98 45.40
C VAL F 41 68.40 -14.73 45.41
N LEU F 42 67.35 -14.02 45.78
CA LEU F 42 66.02 -14.60 45.84
C LEU F 42 65.45 -14.75 44.43
N GLU F 43 64.25 -15.31 44.34
CA GLU F 43 63.61 -15.54 43.04
C GLU F 43 62.11 -15.40 43.20
N VAL F 44 61.47 -14.78 42.21
CA VAL F 44 60.06 -14.39 42.31
C VAL F 44 59.17 -15.63 42.31
N GLY F 45 58.06 -15.55 43.03
CA GLY F 45 57.12 -16.66 43.11
C GLY F 45 57.42 -17.65 44.21
N ARG F 46 58.68 -18.04 44.35
CA ARG F 46 59.11 -18.94 45.42
C ARG F 46 59.45 -18.20 46.70
N ASP F 47 59.79 -16.92 46.61
CA ASP F 47 60.23 -16.14 47.76
C ASP F 47 59.36 -14.93 48.04
N TYR F 48 58.87 -14.25 47.00
CA TYR F 48 58.10 -13.03 47.20
C TYR F 48 57.07 -12.89 46.09
N ARG F 49 56.06 -12.06 46.35
CA ARG F 49 54.98 -11.83 45.41
C ARG F 49 54.61 -10.35 45.43
N PHE F 50 53.94 -9.91 44.36
CA PHE F 50 53.62 -8.50 44.14
C PHE F 50 52.22 -8.22 44.66
N LEU F 51 52.13 -7.45 45.74
CA LEU F 51 50.82 -7.05 46.26
C LEU F 51 50.18 -6.00 45.37
N ASN F 52 50.96 -5.00 44.94
CA ASN F 52 50.47 -3.96 44.07
C ASN F 52 51.67 -3.42 43.30
N PRO F 53 51.45 -2.50 42.33
CA PRO F 53 52.58 -1.98 41.55
C PRO F 53 53.74 -1.41 42.35
N THR F 54 53.59 -1.23 43.67
CA THR F 54 54.67 -0.68 44.47
C THR F 54 54.93 -1.42 45.78
N MET F 55 54.33 -2.60 46.00
CA MET F 55 54.47 -3.31 47.26
C MET F 55 54.90 -4.74 46.98
N ILE F 56 55.83 -5.26 47.80
CA ILE F 56 56.26 -6.65 47.71
C ILE F 56 56.14 -7.29 49.08
N GLU F 57 55.74 -8.56 49.09
CA GLU F 57 55.59 -9.34 50.31
C GLU F 57 56.51 -10.54 50.26
N MET F 58 57.35 -10.68 51.28
CA MET F 58 58.32 -11.77 51.34
C MET F 58 57.74 -12.97 52.08
N LEU F 59 58.12 -14.17 51.62
CA LEU F 59 57.61 -15.41 52.19
C LEU F 59 58.75 -16.32 52.65
N VAL F 60 59.87 -15.73 53.05
CA VAL F 60 61.03 -16.51 53.49
C VAL F 60 61.34 -16.14 54.93
N ASP F 61 62.18 -16.95 55.59
CA ASP F 61 62.57 -16.73 56.97
C ASP F 61 63.98 -16.16 57.02
N GLN F 62 64.15 -15.08 57.77
CA GLN F 62 65.46 -14.48 57.94
C GLN F 62 66.27 -15.25 58.98
N SER F 63 67.57 -14.95 59.02
CA SER F 63 68.48 -15.61 59.96
C SER F 63 69.77 -14.83 60.10
N GLY F 64 70.84 -15.30 59.46
CA GLY F 64 72.12 -14.64 59.54
C GLY F 64 72.26 -13.49 58.56
N PHE F 65 71.24 -12.65 58.47
CA PHE F 65 71.24 -11.52 57.55
C PHE F 65 70.67 -10.30 58.27
N ASP F 66 71.08 -9.12 57.79
CA ASP F 66 70.72 -7.87 58.45
C ASP F 66 70.14 -6.81 57.53
N ILE F 67 70.46 -6.80 56.24
CA ILE F 67 70.04 -5.75 55.33
C ILE F 67 69.44 -6.38 54.08
N VAL F 68 68.39 -5.73 53.57
CA VAL F 68 67.72 -6.13 52.32
C VAL F 68 68.06 -5.09 51.26
N ARG F 69 68.49 -5.55 50.09
CA ARG F 69 68.96 -4.68 49.03
C ARG F 69 68.12 -4.89 47.78
N ILE F 70 67.70 -3.78 47.15
CA ILE F 70 66.91 -3.80 45.92
C ILE F 70 67.58 -2.85 44.93
N HIS F 71 67.80 -3.34 43.71
CA HIS F 71 68.35 -2.52 42.64
C HIS F 71 67.66 -2.86 41.32
N ARG F 72 68.01 -2.11 40.28
CA ARG F 72 67.35 -2.22 38.98
C ARG F 72 68.35 -2.67 37.92
N GLN F 73 67.86 -3.43 36.95
CA GLN F 73 68.67 -3.89 35.83
C GLN F 73 67.78 -3.94 34.59
N THR F 74 67.97 -3.00 33.68
CA THR F 74 67.14 -2.93 32.48
C THR F 74 67.60 -3.97 31.46
N GLY F 75 66.65 -4.48 30.69
CA GLY F 75 66.91 -5.56 29.76
C GLY F 75 67.48 -5.11 28.45
N THR F 76 67.29 -5.95 27.43
CA THR F 76 67.84 -5.75 26.09
C THR F 76 66.76 -5.70 25.02
N ASP F 77 65.61 -6.31 25.26
CA ASP F 77 64.59 -6.48 24.24
C ASP F 77 63.79 -5.20 24.03
N LEU F 78 63.29 -5.04 22.82
CA LEU F 78 62.49 -3.88 22.46
C LEU F 78 61.18 -3.87 23.22
N VAL F 79 60.74 -2.66 23.60
CA VAL F 79 59.45 -2.49 24.27
C VAL F 79 58.42 -2.02 23.25
N VAL F 80 58.86 -1.22 22.28
CA VAL F 80 57.99 -0.68 21.25
C VAL F 80 58.54 -1.06 19.88
N ASP F 81 57.67 -1.60 19.03
CA ASP F 81 58.04 -2.00 17.68
C ASP F 81 57.07 -1.36 16.70
N PHE F 82 57.59 -0.52 15.81
CA PHE F 82 56.77 0.32 14.95
C PHE F 82 56.38 -0.42 13.67
N ARG F 83 55.14 -0.21 13.24
CA ARG F 83 54.61 -0.80 12.02
C ARG F 83 53.70 0.18 11.32
N ASN F 84 53.73 0.19 9.98
CA ASN F 84 52.90 1.11 9.22
C ASN F 84 51.42 0.76 9.37
N GLY F 85 50.59 1.79 9.47
CA GLY F 85 49.16 1.62 9.53
C GLY F 85 48.57 1.56 10.93
N SER F 86 49.32 1.96 11.96
CA SER F 86 48.86 1.88 13.34
C SER F 86 48.78 3.28 13.94
N VAL F 87 48.03 3.38 15.02
CA VAL F 87 47.82 4.64 15.72
C VAL F 87 49.04 4.98 16.54
N LEU F 88 49.47 6.24 16.49
CA LEU F 88 50.68 6.70 17.17
C LEU F 88 50.31 7.77 18.19
N THR F 89 50.86 7.65 19.40
CA THR F 89 50.62 8.59 20.49
C THR F 89 51.94 8.99 21.14
N ALA F 90 51.83 9.80 22.20
CA ALA F 90 53.03 10.38 22.82
C ALA F 90 53.76 9.37 23.70
N SER F 91 53.01 8.52 24.41
CA SER F 91 53.64 7.60 25.36
C SER F 91 54.64 6.67 24.67
N ASP F 92 54.36 6.31 23.43
CA ASP F 92 55.28 5.47 22.67
C ASP F 92 56.63 6.16 22.51
N LEU F 93 56.61 7.41 22.05
CA LEU F 93 57.84 8.16 21.85
C LEU F 93 58.54 8.40 23.18
N THR F 94 57.78 8.53 24.26
CA THR F 94 58.40 8.70 25.57
C THR F 94 59.16 7.45 25.99
N ASN F 95 58.51 6.29 25.91
CA ASN F 95 59.13 5.04 26.36
C ASN F 95 60.34 4.68 25.50
N SER F 96 60.24 4.92 24.18
CA SER F 96 61.33 4.54 23.28
C SER F 96 62.64 5.20 23.67
N GLU F 97 62.58 6.40 24.26
CA GLU F 97 63.80 7.07 24.70
C GLU F 97 64.11 6.72 26.15
N LEU F 98 63.08 6.55 26.97
CA LEU F 98 63.29 6.26 28.39
C LEU F 98 64.08 4.96 28.56
N GLN F 99 63.90 4.00 27.64
CA GLN F 99 64.63 2.74 27.76
C GLN F 99 66.14 2.97 27.71
N ALA F 100 66.62 3.66 26.68
CA ALA F 100 68.05 3.89 26.54
C ALA F 100 68.56 4.79 27.66
N ILE F 101 67.77 5.78 28.06
CA ILE F 101 68.20 6.65 29.14
C ILE F 101 68.39 5.86 30.43
N HIS F 102 67.46 4.96 30.73
CA HIS F 102 67.58 4.12 31.92
C HIS F 102 68.83 3.25 31.86
N ILE F 103 69.09 2.64 30.70
CA ILE F 103 70.27 1.80 30.58
C ILE F 103 71.54 2.59 30.87
N ALA F 104 71.66 3.75 30.24
CA ALA F 104 72.88 4.57 30.43
C ALA F 104 73.02 5.02 31.87
N GLU F 105 71.92 5.47 32.48
CA GLU F 105 71.98 5.97 33.85
C GLU F 105 72.43 4.88 34.82
N GLU F 106 71.82 3.70 34.71
CA GLU F 106 72.23 2.59 35.58
C GLU F 106 73.70 2.28 35.39
N GLY F 107 74.11 2.08 34.13
CA GLY F 107 75.48 1.68 33.85
C GLY F 107 76.50 2.70 34.31
N ARG F 108 76.12 3.97 34.41
CA ARG F 108 77.04 4.99 34.89
C ARG F 108 77.06 5.08 36.41
N ASP F 109 75.91 4.91 37.07
CA ASP F 109 75.81 5.30 38.48
C ASP F 109 76.03 4.13 39.44
N GLN F 110 75.44 2.97 39.12
CA GLN F 110 75.28 1.89 40.10
C GLN F 110 76.51 1.61 40.97
N THR F 111 77.63 1.30 40.31
CA THR F 111 78.83 0.91 41.06
C THR F 111 79.37 2.06 41.89
N VAL F 112 79.27 3.29 41.37
CA VAL F 112 79.76 4.44 42.12
C VAL F 112 78.95 4.63 43.41
N ASP F 113 77.63 4.51 43.32
CA ASP F 113 76.81 4.61 44.52
C ASP F 113 77.13 3.48 45.51
N LEU F 114 77.35 2.27 45.00
CA LEU F 114 77.71 1.16 45.88
C LEU F 114 79.03 1.45 46.60
N ALA F 115 80.01 1.97 45.88
CA ALA F 115 81.28 2.33 46.50
C ALA F 115 81.09 3.42 47.55
N LYS F 116 80.21 4.38 47.27
CA LYS F 116 79.90 5.41 48.26
C LYS F 116 79.39 4.82 49.56
N GLU F 117 78.40 3.92 49.47
CA GLU F 117 77.82 3.38 50.69
C GLU F 117 78.83 2.52 51.45
N TYR F 118 79.64 1.74 50.72
CA TYR F 118 80.69 1.00 51.40
C TYR F 118 81.68 1.94 52.08
N ALA F 119 81.99 3.06 51.42
CA ALA F 119 82.97 3.99 51.97
C ALA F 119 82.52 4.57 53.30
N ASP F 120 81.30 5.10 53.37
CA ASP F 120 80.90 5.71 54.64
C ASP F 120 80.56 4.64 55.69
N ALA F 121 80.12 3.46 55.24
CA ALA F 121 79.95 2.36 56.19
C ALA F 121 81.27 2.01 56.86
N ALA F 122 82.37 2.05 56.10
CA ALA F 122 83.69 1.82 56.69
C ALA F 122 84.02 2.88 57.73
N SER G 2 -10.55 -31.23 -86.23
CA SER G 2 -9.15 -31.45 -85.91
C SER G 2 -8.45 -30.14 -85.59
N THR G 3 -7.28 -29.93 -86.21
CA THR G 3 -6.53 -28.70 -86.05
C THR G 3 -6.08 -28.10 -87.38
N ILE G 4 -5.95 -28.90 -88.43
CA ILE G 4 -5.60 -28.42 -89.76
C ILE G 4 -6.76 -28.75 -90.69
N THR G 5 -7.11 -27.79 -91.56
CA THR G 5 -8.22 -27.94 -92.48
C THR G 5 -7.78 -27.56 -93.89
N GLN G 6 -8.41 -28.18 -94.87
CA GLN G 6 -8.10 -27.95 -96.27
C GLN G 6 -9.37 -27.54 -97.02
N PHE G 7 -9.36 -26.32 -97.57
CA PHE G 7 -10.51 -25.78 -98.28
C PHE G 7 -10.11 -25.36 -99.69
N PRO G 8 -10.94 -25.65 -100.69
CA PRO G 8 -10.67 -25.16 -102.04
C PRO G 8 -10.89 -23.66 -102.15
N SER G 9 -10.20 -23.06 -103.12
CA SER G 9 -10.33 -21.63 -103.38
C SER G 9 -11.54 -21.36 -104.26
N GLY G 10 -11.62 -20.15 -104.80
CA GLY G 10 -12.74 -19.76 -105.64
C GLY G 10 -14.04 -19.64 -104.89
N ASN G 11 -13.99 -19.05 -103.69
CA ASN G 11 -15.18 -18.83 -102.88
C ASN G 11 -14.93 -17.66 -101.96
N THR G 12 -16.01 -17.13 -101.40
CA THR G 12 -15.95 -15.94 -100.55
C THR G 12 -16.17 -16.23 -99.07
N GLN G 13 -16.90 -17.29 -98.73
CA GLN G 13 -17.25 -17.60 -97.36
C GLN G 13 -16.75 -18.99 -96.99
N TYR G 14 -16.12 -19.09 -95.82
CA TYR G 14 -15.61 -20.36 -95.32
C TYR G 14 -15.94 -20.48 -93.83
N ARG G 15 -15.75 -21.68 -93.30
CA ARG G 15 -16.08 -22.00 -91.93
C ARG G 15 -14.84 -22.44 -91.16
N ILE G 16 -14.94 -22.39 -89.82
CA ILE G 16 -13.89 -22.87 -88.93
C ILE G 16 -14.52 -23.81 -87.92
N GLU G 17 -13.83 -24.91 -87.60
CA GLU G 17 -14.38 -26.00 -86.77
C GLU G 17 -13.43 -26.32 -85.61
N PHE G 18 -12.96 -25.30 -84.90
CA PHE G 18 -12.19 -25.56 -83.69
C PHE G 18 -12.26 -24.34 -82.78
N ASP G 19 -12.27 -24.59 -81.47
CA ASP G 19 -12.34 -23.51 -80.50
C ASP G 19 -11.00 -22.79 -80.39
N TYR G 20 -11.02 -21.61 -79.77
CA TYR G 20 -9.82 -20.84 -79.54
C TYR G 20 -10.01 -19.96 -78.30
N LEU G 21 -8.89 -19.51 -77.73
CA LEU G 21 -8.89 -18.66 -76.56
C LEU G 21 -8.72 -17.18 -76.89
N ALA G 22 -8.41 -16.85 -78.14
CA ALA G 22 -8.25 -15.48 -78.58
C ALA G 22 -8.43 -15.47 -80.09
N ARG G 23 -8.62 -14.28 -80.66
CA ARG G 23 -8.88 -14.17 -82.08
C ARG G 23 -7.60 -14.00 -82.89
N THR G 24 -6.45 -13.97 -82.24
CA THR G 24 -5.15 -13.88 -82.91
C THR G 24 -4.44 -15.22 -82.99
N PHE G 25 -5.10 -16.31 -82.58
CA PHE G 25 -4.50 -17.63 -82.58
C PHE G 25 -4.84 -18.43 -83.84
N VAL G 26 -5.47 -17.79 -84.82
CA VAL G 26 -5.87 -18.45 -86.06
C VAL G 26 -5.02 -17.90 -87.19
N VAL G 27 -4.51 -18.79 -88.03
CA VAL G 27 -3.62 -18.42 -89.13
C VAL G 27 -4.27 -18.81 -90.44
N VAL G 28 -4.31 -17.87 -91.39
CA VAL G 28 -4.91 -18.08 -92.70
C VAL G 28 -3.82 -17.90 -93.75
N THR G 29 -3.71 -18.87 -94.66
CA THR G 29 -2.68 -18.83 -95.68
C THR G 29 -3.20 -19.41 -96.99
N LEU G 30 -2.62 -18.96 -98.09
CA LEU G 30 -2.90 -19.48 -99.42
C LEU G 30 -1.97 -20.63 -99.71
N VAL G 31 -2.43 -21.58 -100.53
CA VAL G 31 -1.70 -22.82 -100.77
C VAL G 31 -1.71 -23.14 -102.26
N ASN G 32 -0.54 -23.47 -102.80
CA ASN G 32 -0.38 -24.09 -104.12
C ASN G 32 0.42 -25.38 -103.93
N SER G 33 -0.18 -26.50 -104.33
CA SER G 33 0.47 -27.80 -104.21
C SER G 33 1.68 -27.90 -105.13
N SER G 34 1.57 -27.32 -106.34
CA SER G 34 2.61 -27.52 -107.35
C SER G 34 3.95 -26.94 -106.92
N ASN G 35 3.94 -25.72 -106.36
CA ASN G 35 5.18 -25.02 -106.06
C ASN G 35 5.33 -24.81 -104.55
N PRO G 36 6.29 -25.47 -103.91
CA PRO G 36 6.53 -25.18 -102.48
C PRO G 36 6.99 -23.76 -102.21
N THR G 37 7.74 -23.14 -103.13
CA THR G 37 8.19 -21.77 -102.94
C THR G 37 7.03 -20.79 -102.89
N LEU G 38 5.86 -21.18 -103.39
CA LEU G 38 4.61 -20.47 -103.21
C LEU G 38 4.05 -20.75 -101.82
N ASN G 39 2.74 -20.60 -101.66
CA ASN G 39 2.05 -20.76 -100.39
C ASN G 39 2.37 -19.64 -99.40
N ARG G 40 2.02 -18.41 -99.77
CA ARG G 40 2.15 -17.24 -98.90
C ARG G 40 1.02 -17.19 -97.88
N VAL G 41 1.19 -16.32 -96.89
CA VAL G 41 0.26 -16.18 -95.77
C VAL G 41 -0.42 -14.82 -95.86
N LEU G 42 -1.69 -14.76 -95.47
CA LEU G 42 -2.47 -13.54 -95.51
C LEU G 42 -2.26 -12.76 -94.21
N GLU G 43 -3.05 -11.71 -94.01
CA GLU G 43 -2.91 -10.85 -92.85
C GLU G 43 -4.25 -10.20 -92.55
N VAL G 44 -4.51 -9.95 -91.27
CA VAL G 44 -5.84 -9.54 -90.82
C VAL G 44 -6.17 -8.14 -91.31
N GLY G 45 -7.47 -7.88 -91.45
CA GLY G 45 -7.94 -6.55 -91.82
C GLY G 45 -7.76 -6.22 -93.28
N ARG G 46 -6.51 -6.23 -93.75
CA ARG G 46 -6.20 -5.86 -95.12
C ARG G 46 -6.54 -6.96 -96.11
N ASP G 47 -6.78 -8.19 -95.64
CA ASP G 47 -7.13 -9.29 -96.53
C ASP G 47 -8.45 -9.95 -96.14
N TYR G 48 -8.80 -9.92 -94.86
CA TYR G 48 -10.01 -10.58 -94.41
C TYR G 48 -10.53 -9.92 -93.13
N ARG G 49 -11.81 -10.13 -92.86
CA ARG G 49 -12.47 -9.55 -91.70
C ARG G 49 -13.33 -10.61 -91.02
N PHE G 50 -13.56 -10.40 -89.73
CA PHE G 50 -14.34 -11.32 -88.90
C PHE G 50 -15.68 -10.68 -88.57
N LEU G 51 -16.75 -11.18 -89.20
CA LEU G 51 -18.09 -10.70 -88.89
C LEU G 51 -18.74 -11.61 -87.87
N ASN G 52 -18.90 -12.88 -88.21
CA ASN G 52 -19.40 -13.86 -87.26
C ASN G 52 -18.21 -14.61 -86.67
N PRO G 53 -18.11 -14.71 -85.33
CA PRO G 53 -16.97 -15.40 -84.71
C PRO G 53 -16.64 -16.77 -85.31
N THR G 54 -17.59 -17.38 -86.00
CA THR G 54 -17.38 -18.66 -86.67
C THR G 54 -17.22 -18.52 -88.17
N MET G 55 -17.38 -17.31 -88.72
CA MET G 55 -17.32 -17.08 -90.15
C MET G 55 -16.08 -16.25 -90.50
N ILE G 56 -15.42 -16.64 -91.58
CA ILE G 56 -14.34 -15.86 -92.18
C ILE G 56 -14.87 -15.21 -93.45
N GLU G 57 -14.57 -13.93 -93.59
CA GLU G 57 -14.98 -13.13 -94.74
C GLU G 57 -13.75 -12.57 -95.43
N MET G 58 -13.40 -13.15 -96.58
CA MET G 58 -12.26 -12.69 -97.36
C MET G 58 -12.53 -11.33 -97.98
N LEU G 59 -11.45 -10.63 -98.36
CA LEU G 59 -11.56 -9.37 -99.07
C LEU G 59 -10.82 -9.34 -100.40
N VAL G 60 -9.82 -10.21 -100.58
CA VAL G 60 -8.97 -10.18 -101.77
C VAL G 60 -8.61 -11.61 -102.16
N ASP G 61 -8.57 -11.87 -103.46
CA ASP G 61 -8.20 -13.18 -103.97
C ASP G 61 -7.48 -13.01 -105.30
N GLN G 62 -6.59 -13.95 -105.61
CA GLN G 62 -5.88 -13.94 -106.88
C GLN G 62 -6.20 -15.20 -107.68
N SER G 63 -5.55 -15.37 -108.84
CA SER G 63 -5.75 -16.54 -109.67
C SER G 63 -4.53 -17.46 -109.66
N GLY G 64 -3.51 -17.12 -108.86
CA GLY G 64 -2.34 -17.95 -108.70
C GLY G 64 -2.44 -18.97 -107.59
N PHE G 65 -3.60 -19.11 -106.96
CA PHE G 65 -3.79 -20.04 -105.85
C PHE G 65 -5.06 -20.84 -106.06
N ASP G 66 -5.01 -22.11 -105.67
CA ASP G 66 -6.10 -23.05 -105.92
C ASP G 66 -6.76 -23.60 -104.67
N ILE G 67 -6.02 -23.73 -103.55
CA ILE G 67 -6.57 -24.21 -102.30
C ILE G 67 -6.02 -23.35 -101.16
N VAL G 68 -6.70 -23.39 -100.02
CA VAL G 68 -6.34 -22.59 -98.86
C VAL G 68 -6.29 -23.49 -97.63
N ARG G 69 -5.57 -23.03 -96.61
CA ARG G 69 -5.36 -23.80 -95.39
C ARG G 69 -5.65 -22.94 -94.17
N ILE G 70 -6.32 -23.55 -93.19
CA ILE G 70 -6.61 -22.93 -91.90
C ILE G 70 -6.14 -23.86 -90.80
N HIS G 71 -5.32 -23.35 -89.89
CA HIS G 71 -4.80 -24.14 -88.77
C HIS G 71 -4.63 -23.25 -87.54
N ARG G 72 -4.66 -23.89 -86.38
CA ARG G 72 -4.56 -23.17 -85.12
C ARG G 72 -3.10 -23.11 -84.64
N GLN G 73 -2.80 -22.05 -83.89
CA GLN G 73 -1.46 -21.87 -83.32
C GLN G 73 -1.53 -21.13 -82.00
N THR G 74 -1.53 -21.87 -80.89
CA THR G 74 -1.64 -21.25 -79.57
C THR G 74 -0.27 -20.74 -79.11
N GLY G 75 -0.29 -19.63 -78.37
CA GLY G 75 0.93 -19.03 -77.85
C GLY G 75 1.25 -19.50 -76.44
N THR G 76 2.54 -19.55 -76.15
CA THR G 76 3.02 -20.06 -74.85
C THR G 76 3.20 -18.92 -73.85
N ASP G 77 2.11 -18.21 -73.60
CA ASP G 77 2.12 -17.11 -72.64
C ASP G 77 0.88 -17.21 -71.77
N LEU G 78 1.03 -16.83 -70.50
CA LEU G 78 -0.10 -16.87 -69.58
C LEU G 78 -1.17 -15.86 -69.96
N VAL G 79 -2.34 -16.36 -70.35
CA VAL G 79 -3.45 -15.48 -70.69
C VAL G 79 -3.97 -14.78 -69.44
N VAL G 80 -4.18 -15.53 -68.36
CA VAL G 80 -4.69 -14.95 -67.13
C VAL G 80 -3.54 -14.53 -66.23
N ASP G 81 -3.76 -13.45 -65.48
CA ASP G 81 -2.76 -12.90 -64.58
C ASP G 81 -3.34 -12.81 -63.18
N PHE G 82 -2.60 -13.30 -62.19
CA PHE G 82 -3.03 -13.33 -60.81
C PHE G 82 -2.24 -12.29 -60.01
N ARG G 83 -2.95 -11.47 -59.24
CA ARG G 83 -2.33 -10.45 -58.42
C ARG G 83 -2.97 -10.43 -57.04
N ASN G 84 -2.23 -9.91 -56.06
CA ASN G 84 -2.75 -9.77 -54.71
C ASN G 84 -3.71 -8.59 -54.64
N GLY G 85 -4.83 -8.77 -53.95
CA GLY G 85 -5.82 -7.73 -53.80
C GLY G 85 -6.93 -7.78 -54.83
N SER G 86 -6.80 -8.59 -55.87
CA SER G 86 -7.84 -8.72 -56.89
C SER G 86 -8.84 -9.77 -56.44
N VAL G 87 -9.72 -10.20 -57.33
CA VAL G 87 -10.79 -11.14 -57.01
C VAL G 87 -10.69 -12.34 -57.93
N LEU G 88 -10.94 -13.53 -57.38
CA LEU G 88 -10.91 -14.76 -58.16
C LEU G 88 -12.28 -15.04 -58.73
N THR G 89 -12.34 -15.32 -60.03
CA THR G 89 -13.57 -15.63 -60.73
C THR G 89 -13.49 -17.03 -61.32
N ALA G 90 -14.65 -17.69 -61.41
CA ALA G 90 -14.68 -19.04 -61.99
C ALA G 90 -14.21 -19.04 -63.43
N SER G 91 -14.47 -17.94 -64.15
CA SER G 91 -14.06 -17.87 -65.56
C SER G 91 -12.55 -17.97 -65.71
N ASP G 92 -11.80 -17.27 -64.84
CA ASP G 92 -10.35 -17.32 -64.92
C ASP G 92 -9.83 -18.73 -64.65
N LEU G 93 -10.36 -19.38 -63.61
CA LEU G 93 -9.91 -20.73 -63.26
C LEU G 93 -10.22 -21.71 -64.38
N THR G 94 -11.40 -21.59 -64.98
CA THR G 94 -11.76 -22.47 -66.08
C THR G 94 -10.87 -22.23 -67.30
N ASN G 95 -10.63 -20.96 -67.63
CA ASN G 95 -9.94 -20.64 -68.89
C ASN G 95 -8.44 -20.90 -68.79
N SER G 96 -7.87 -20.82 -67.59
CA SER G 96 -6.42 -20.98 -67.46
C SER G 96 -5.98 -22.40 -67.78
N GLU G 97 -6.90 -23.37 -67.68
CA GLU G 97 -6.54 -24.77 -67.82
C GLU G 97 -6.31 -25.17 -69.28
N LEU G 98 -7.16 -24.68 -70.19
CA LEU G 98 -7.27 -25.31 -71.51
C LEU G 98 -6.03 -25.11 -72.36
N GLN G 99 -5.14 -24.19 -71.97
CA GLN G 99 -3.99 -23.85 -72.81
C GLN G 99 -3.08 -25.05 -73.03
N ALA G 100 -2.75 -25.77 -71.95
CA ALA G 100 -1.87 -26.93 -72.06
C ALA G 100 -2.50 -28.01 -72.93
N ILE G 101 -3.79 -28.27 -72.74
CA ILE G 101 -4.47 -29.27 -73.56
C ILE G 101 -4.36 -28.91 -75.02
N HIS G 102 -4.72 -27.66 -75.37
CA HIS G 102 -4.72 -27.24 -76.77
C HIS G 102 -3.33 -27.39 -77.38
N ILE G 103 -2.31 -26.97 -76.63
CA ILE G 103 -0.94 -27.14 -77.11
C ILE G 103 -0.64 -28.61 -77.37
N ALA G 104 -1.15 -29.48 -76.50
CA ALA G 104 -0.90 -30.91 -76.67
C ALA G 104 -1.43 -31.41 -78.01
N GLU G 105 -2.72 -31.17 -78.30
CA GLU G 105 -3.22 -31.77 -79.54
C GLU G 105 -2.62 -31.08 -80.75
N GLU G 106 -2.25 -29.80 -80.63
CA GLU G 106 -1.60 -29.13 -81.74
C GLU G 106 -0.26 -29.78 -82.08
N GLY G 107 0.60 -29.93 -81.07
CA GLY G 107 1.92 -30.49 -81.29
C GLY G 107 1.80 -31.89 -81.87
N ARG G 108 0.90 -32.67 -81.26
CA ARG G 108 0.62 -34.04 -81.70
C ARG G 108 0.50 -34.14 -83.22
N ASP G 109 -0.07 -33.11 -83.84
CA ASP G 109 -0.29 -33.14 -85.28
C ASP G 109 0.88 -32.56 -86.07
N GLN G 110 1.28 -31.31 -85.80
CA GLN G 110 2.22 -30.69 -86.74
C GLN G 110 3.65 -31.20 -86.59
N THR G 111 4.00 -31.81 -85.45
CA THR G 111 5.41 -32.19 -85.28
C THR G 111 5.85 -33.18 -86.36
N VAL G 112 5.07 -34.26 -86.54
CA VAL G 112 5.52 -35.36 -87.39
C VAL G 112 5.67 -34.90 -88.83
N ASP G 113 4.70 -34.14 -89.35
CA ASP G 113 4.73 -33.81 -90.76
C ASP G 113 5.70 -32.67 -91.04
N LEU G 114 5.98 -31.81 -90.05
CA LEU G 114 7.08 -30.87 -90.23
C LEU G 114 8.42 -31.60 -90.35
N ALA G 115 8.59 -32.68 -89.56
CA ALA G 115 9.85 -33.41 -89.57
C ALA G 115 10.20 -33.91 -90.97
N LYS G 116 9.21 -34.42 -91.70
CA LYS G 116 9.44 -34.92 -93.05
C LYS G 116 10.08 -33.88 -93.94
N GLU G 117 9.46 -32.71 -94.07
CA GLU G 117 9.94 -31.75 -95.05
C GLU G 117 11.27 -31.15 -94.62
N TYR G 118 11.48 -30.97 -93.31
CA TYR G 118 12.78 -30.44 -92.89
C TYR G 118 13.89 -31.45 -93.14
N ALA G 119 13.66 -32.72 -92.83
CA ALA G 119 14.67 -33.74 -93.07
C ALA G 119 14.96 -33.88 -94.56
N ASP G 120 13.92 -33.80 -95.39
CA ASP G 120 14.14 -33.92 -96.84
C ASP G 120 14.88 -32.71 -97.39
N ALA G 121 14.63 -31.53 -96.83
CA ALA G 121 15.41 -30.35 -97.23
C ALA G 121 16.88 -30.55 -96.90
N ALA G 122 17.18 -31.06 -95.69
CA ALA G 122 18.57 -31.33 -95.34
C ALA G 122 19.19 -32.37 -96.27
N GLY G 123 18.43 -33.42 -96.60
CA GLY G 123 18.95 -34.43 -97.51
C GLY G 123 19.24 -33.89 -98.90
N SER G 124 18.34 -33.06 -99.42
CA SER G 124 18.57 -32.46 -100.74
C SER G 124 19.76 -31.53 -100.73
N SER G 125 19.95 -30.78 -99.62
CA SER G 125 21.12 -29.94 -99.49
C SER G 125 22.40 -30.77 -99.53
N ALA G 126 22.39 -31.90 -98.81
CA ALA G 126 23.53 -32.83 -98.87
C ALA G 126 23.74 -33.31 -100.30
N GLY G 127 22.65 -33.64 -100.99
CA GLY G 127 22.71 -34.17 -102.34
C GLY G 127 23.36 -33.23 -103.34
N ASN G 128 22.96 -31.97 -103.36
CA ASN G 128 23.58 -31.06 -104.32
C ASN G 128 24.93 -30.58 -103.83
N ALA G 129 25.16 -30.61 -102.52
CA ALA G 129 26.48 -30.24 -101.99
C ALA G 129 27.52 -31.32 -102.29
N LYS G 130 27.07 -32.54 -102.60
CA LYS G 130 28.01 -33.61 -102.90
C LYS G 130 28.94 -33.24 -104.06
N ASP G 131 28.39 -32.63 -105.12
CA ASP G 131 29.17 -32.17 -106.26
C ASP G 131 28.81 -30.74 -106.62
N SER G 132 28.51 -29.91 -105.63
CA SER G 132 28.24 -28.49 -105.87
C SER G 132 29.49 -27.79 -106.41
N SER H 2 68.07 4.07 -62.07
CA SER H 2 68.99 3.91 -60.95
C SER H 2 68.77 4.99 -59.89
N THR H 3 69.82 5.30 -59.15
CA THR H 3 69.75 6.34 -58.14
C THR H 3 70.98 7.25 -58.25
N ILE H 4 71.99 6.78 -58.98
CA ILE H 4 73.22 7.55 -59.21
C ILE H 4 73.26 7.94 -60.67
N THR H 5 73.58 9.20 -60.94
CA THR H 5 73.65 9.73 -62.30
C THR H 5 74.84 10.66 -62.41
N GLN H 6 75.62 10.51 -63.48
CA GLN H 6 76.76 11.36 -63.77
C GLN H 6 76.55 12.06 -65.10
N PHE H 7 76.72 13.38 -65.10
CA PHE H 7 76.47 14.21 -66.27
C PHE H 7 77.68 15.08 -66.53
N PRO H 8 78.04 15.37 -67.80
CA PRO H 8 79.17 16.26 -68.11
C PRO H 8 78.94 17.70 -67.63
N SER H 9 79.98 18.54 -67.68
CA SER H 9 79.86 19.92 -67.15
C SER H 9 79.69 20.95 -68.28
N GLY H 10 79.78 22.24 -67.94
CA GLY H 10 79.68 23.31 -68.96
C GLY H 10 78.25 23.54 -69.40
N ASN H 11 77.57 22.51 -69.89
CA ASN H 11 76.19 22.67 -70.42
C ASN H 11 75.25 23.20 -69.33
N THR H 12 74.17 23.88 -69.72
CA THR H 12 73.18 24.36 -68.71
C THR H 12 71.88 23.58 -68.89
N GLN H 13 70.98 23.63 -67.89
CA GLN H 13 69.67 22.96 -67.98
C GLN H 13 69.84 21.43 -68.02
N TYR H 14 69.79 20.79 -66.85
CA TYR H 14 69.89 19.30 -66.77
C TYR H 14 68.55 18.76 -66.25
N ARG H 15 68.33 17.45 -66.34
CA ARG H 15 67.00 16.89 -65.95
C ARG H 15 67.16 15.80 -64.88
N ILE H 16 66.10 15.58 -64.08
CA ILE H 16 66.13 14.54 -63.01
C ILE H 16 65.45 13.28 -63.57
N GLU H 17 65.99 12.09 -63.26
CA GLU H 17 65.42 10.85 -63.87
C GLU H 17 65.02 9.85 -62.79
N PHE H 18 64.64 10.31 -61.60
CA PHE H 18 64.14 9.37 -60.55
C PHE H 18 63.04 10.08 -59.76
N ASP H 19 62.09 9.31 -59.23
CA ASP H 19 60.97 9.90 -58.47
C ASP H 19 61.50 10.39 -57.11
N TYR H 20 60.68 11.12 -56.36
CA TYR H 20 61.08 11.60 -55.04
C TYR H 20 59.84 12.01 -54.26
N LEU H 21 59.99 12.12 -52.95
CA LEU H 21 58.92 12.54 -52.07
C LEU H 21 58.97 14.02 -51.71
N ALA H 22 60.15 14.64 -51.79
CA ALA H 22 60.31 16.07 -51.54
C ALA H 22 61.55 16.54 -52.29
N ARG H 23 61.55 17.83 -52.62
CA ARG H 23 62.65 18.39 -53.39
C ARG H 23 63.85 18.74 -52.52
N THR H 24 63.78 18.49 -51.22
CA THR H 24 64.92 18.63 -50.34
C THR H 24 65.76 17.35 -50.27
N PHE H 25 65.31 16.27 -50.90
CA PHE H 25 66.05 15.01 -50.86
C PHE H 25 67.10 14.95 -51.96
N VAL H 26 66.82 15.53 -53.13
CA VAL H 26 67.78 15.52 -54.22
C VAL H 26 69.03 16.28 -53.81
N VAL H 27 70.19 15.71 -54.09
CA VAL H 27 71.47 16.30 -53.72
C VAL H 27 72.28 16.56 -54.98
N VAL H 28 72.84 17.76 -55.09
CA VAL H 28 73.60 18.18 -56.25
C VAL H 28 75.03 18.47 -55.82
N THR H 29 75.99 17.88 -56.54
CA THR H 29 77.40 18.14 -56.29
C THR H 29 78.13 18.23 -57.62
N LEU H 30 79.25 18.95 -57.61
CA LEU H 30 80.07 19.16 -58.80
C LEU H 30 81.38 18.42 -58.61
N VAL H 31 81.73 17.58 -59.59
CA VAL H 31 82.74 16.55 -59.40
C VAL H 31 83.85 16.69 -60.43
N ASN H 32 85.09 16.62 -59.96
CA ASN H 32 86.28 16.44 -60.80
C ASN H 32 86.86 15.06 -60.54
N SER H 33 87.03 14.28 -61.61
CA SER H 33 87.53 12.91 -61.46
C SER H 33 89.01 12.89 -61.14
N SER H 34 89.76 13.90 -61.61
CA SER H 34 91.22 13.85 -61.55
C SER H 34 91.74 13.80 -60.11
N ASN H 35 91.22 14.66 -59.23
CA ASN H 35 91.70 14.76 -57.85
C ASN H 35 90.53 14.69 -56.88
N PRO H 36 90.43 13.61 -56.10
CA PRO H 36 89.26 13.45 -55.21
C PRO H 36 89.21 14.44 -54.06
N THR H 37 90.35 15.04 -53.67
CA THR H 37 90.36 15.96 -52.53
C THR H 37 89.45 17.17 -52.77
N LEU H 38 89.19 17.49 -54.03
CA LEU H 38 88.23 18.51 -54.47
C LEU H 38 86.84 17.89 -54.39
N ASN H 39 85.91 18.36 -55.23
CA ASN H 39 84.56 17.83 -55.35
C ASN H 39 83.67 18.25 -54.18
N ARG H 40 83.51 19.57 -54.00
CA ARG H 40 82.61 20.12 -53.00
C ARG H 40 81.16 19.89 -53.42
N VAL H 41 80.24 20.40 -52.60
CA VAL H 41 78.81 20.20 -52.77
C VAL H 41 78.15 21.55 -52.99
N LEU H 42 77.18 21.60 -53.91
CA LEU H 42 76.48 22.83 -54.24
C LEU H 42 75.41 23.12 -53.18
N GLU H 43 74.53 24.09 -53.45
CA GLU H 43 73.55 24.51 -52.47
C GLU H 43 72.34 25.12 -53.19
N VAL H 44 71.16 24.97 -52.59
CA VAL H 44 69.91 25.31 -53.26
C VAL H 44 69.74 26.82 -53.35
N GLY H 45 69.00 27.25 -54.37
CA GLY H 45 68.62 28.65 -54.50
C GLY H 45 69.75 29.56 -54.92
N ARG H 46 70.78 29.67 -54.09
CA ARG H 46 71.88 30.57 -54.40
C ARG H 46 72.71 30.03 -55.56
N ASP H 47 72.56 28.75 -55.90
CA ASP H 47 73.30 28.13 -57.00
C ASP H 47 72.43 27.43 -58.03
N TYR H 48 71.22 27.01 -57.70
CA TYR H 48 70.35 26.39 -58.68
C TYR H 48 68.90 26.54 -58.26
N ARG H 49 68.01 26.44 -59.25
CA ARG H 49 66.59 26.69 -59.05
C ARG H 49 65.79 25.67 -59.86
N PHE H 50 64.59 25.35 -59.38
CA PHE H 50 63.71 24.40 -60.05
C PHE H 50 62.76 25.14 -60.99
N LEU H 51 62.87 24.88 -62.29
CA LEU H 51 61.92 25.42 -63.26
C LEU H 51 60.67 24.55 -63.31
N ASN H 52 60.86 23.31 -63.73
CA ASN H 52 59.80 22.32 -63.75
C ASN H 52 60.11 21.30 -62.66
N PRO H 53 59.11 20.83 -61.91
CA PRO H 53 59.38 19.79 -60.89
C PRO H 53 60.17 18.59 -61.39
N THR H 54 60.32 18.42 -62.70
CA THR H 54 61.24 17.45 -63.26
C THR H 54 62.50 18.10 -63.85
N MET H 55 62.71 19.39 -63.65
CA MET H 55 63.75 20.11 -64.35
C MET H 55 64.59 20.87 -63.33
N ILE H 56 65.84 21.19 -63.71
CA ILE H 56 66.75 21.94 -62.88
C ILE H 56 67.39 23.06 -63.70
N GLU H 57 67.89 24.09 -63.00
CA GLU H 57 68.36 25.31 -63.63
C GLU H 57 69.51 25.84 -62.78
N MET H 58 70.70 25.94 -63.37
CA MET H 58 71.93 26.18 -62.62
C MET H 58 72.25 27.68 -62.60
N LEU H 59 72.92 28.15 -61.54
CA LEU H 59 73.17 29.58 -61.44
C LEU H 59 74.65 29.94 -61.42
N VAL H 60 75.54 29.03 -61.02
CA VAL H 60 76.96 29.33 -60.91
C VAL H 60 77.76 28.20 -61.52
N ASP H 61 78.90 28.55 -62.11
CA ASP H 61 79.75 27.56 -62.78
C ASP H 61 81.20 28.00 -62.71
N GLN H 62 82.09 27.04 -62.96
CA GLN H 62 83.52 27.30 -63.05
C GLN H 62 84.09 26.65 -64.31
N SER H 63 85.40 26.65 -64.46
CA SER H 63 86.04 26.05 -65.62
C SER H 63 86.99 24.92 -65.25
N GLY H 64 87.14 24.63 -63.96
CA GLY H 64 87.99 23.55 -63.51
C GLY H 64 87.30 22.23 -63.28
N PHE H 65 86.01 22.12 -63.62
CA PHE H 65 85.23 20.92 -63.37
C PHE H 65 84.75 20.33 -64.69
N ASP H 66 84.55 19.01 -64.69
CA ASP H 66 84.25 18.29 -65.92
C ASP H 66 82.92 17.53 -65.88
N ILE H 67 82.54 16.97 -64.73
CA ILE H 67 81.34 16.15 -64.63
C ILE H 67 80.50 16.61 -63.44
N VAL H 68 79.22 16.27 -63.48
CA VAL H 68 78.26 16.64 -62.45
C VAL H 68 77.57 15.37 -61.95
N ARG H 69 77.41 15.26 -60.64
CA ARG H 69 76.81 14.08 -60.03
C ARG H 69 75.49 14.45 -59.37
N ILE H 70 74.47 13.63 -59.63
CA ILE H 70 73.14 13.79 -59.05
C ILE H 70 72.71 12.45 -58.46
N HIS H 71 72.23 12.46 -57.21
CA HIS H 71 71.77 11.25 -56.57
C HIS H 71 70.73 11.58 -55.52
N ARG H 72 69.80 10.64 -55.31
CA ARG H 72 68.74 10.78 -54.33
C ARG H 72 69.23 10.38 -52.93
N GLN H 73 68.58 10.93 -51.91
CA GLN H 73 68.87 10.54 -50.53
C GLN H 73 67.67 10.82 -49.63
N THR H 74 66.93 9.76 -49.27
CA THR H 74 65.74 9.93 -48.46
C THR H 74 66.09 10.04 -46.99
N GLY H 75 65.27 10.78 -46.25
CA GLY H 75 65.42 10.92 -44.82
C GLY H 75 64.72 9.81 -44.05
N THR H 76 65.03 9.75 -42.76
CA THR H 76 64.54 8.69 -41.88
C THR H 76 63.55 9.22 -40.86
N ASP H 77 62.68 10.15 -41.27
CA ASP H 77 61.66 10.72 -40.41
C ASP H 77 60.29 10.54 -41.06
N LEU H 78 59.27 10.32 -40.24
CA LEU H 78 57.92 10.12 -40.73
C LEU H 78 57.42 11.36 -41.45
N VAL H 79 57.19 11.24 -42.76
CA VAL H 79 56.63 12.34 -43.52
C VAL H 79 55.19 12.60 -43.11
N VAL H 80 54.40 11.54 -42.98
CA VAL H 80 53.02 11.69 -42.56
C VAL H 80 52.94 11.53 -41.04
N ASP H 81 52.00 12.25 -40.43
CA ASP H 81 51.80 12.23 -38.99
C ASP H 81 50.34 11.90 -38.74
N PHE H 82 50.09 11.08 -37.73
CA PHE H 82 48.74 10.65 -37.37
C PHE H 82 48.38 11.20 -36.00
N ARG H 83 47.13 11.65 -35.85
CA ARG H 83 46.64 12.18 -34.60
C ARG H 83 45.19 11.82 -34.43
N ASN H 84 44.73 11.80 -33.17
CA ASN H 84 43.33 11.52 -32.87
C ASN H 84 42.48 12.74 -33.20
N GLY H 85 41.37 12.53 -33.90
CA GLY H 85 40.46 13.59 -34.28
C GLY H 85 40.61 14.07 -35.70
N SER H 86 41.73 13.77 -36.35
CA SER H 86 41.93 14.16 -37.75
C SER H 86 41.21 13.20 -38.69
N VAL H 87 41.52 13.30 -39.98
CA VAL H 87 40.86 12.49 -40.99
C VAL H 87 41.92 11.70 -41.75
N LEU H 88 41.53 10.51 -42.21
CA LEU H 88 42.42 9.63 -42.95
C LEU H 88 42.17 9.80 -44.45
N THR H 89 43.25 9.92 -45.22
CA THR H 89 43.18 10.07 -46.67
C THR H 89 44.05 9.01 -47.33
N ALA H 90 43.70 8.67 -48.57
CA ALA H 90 44.45 7.64 -49.30
C ALA H 90 45.89 8.07 -49.54
N SER H 91 46.12 9.37 -49.77
CA SER H 91 47.47 9.85 -50.03
C SER H 91 48.37 9.62 -48.83
N ASP H 92 47.86 9.83 -47.62
CA ASP H 92 48.65 9.56 -46.43
C ASP H 92 49.07 8.11 -46.39
N LEU H 93 48.13 7.19 -46.62
CA LEU H 93 48.42 5.77 -46.56
C LEU H 93 49.44 5.37 -47.62
N THR H 94 49.37 5.96 -48.81
CA THR H 94 50.29 5.61 -49.87
C THR H 94 51.69 6.12 -49.59
N ASN H 95 51.83 7.44 -49.40
CA ASN H 95 53.16 8.01 -49.20
C ASN H 95 53.77 7.59 -47.88
N SER H 96 52.98 7.06 -46.96
CA SER H 96 53.55 6.45 -45.77
C SER H 96 54.27 5.16 -46.11
N GLU H 97 53.71 4.38 -47.04
CA GLU H 97 54.29 3.09 -47.40
C GLU H 97 55.51 3.26 -48.30
N LEU H 98 55.48 4.24 -49.21
CA LEU H 98 56.53 4.32 -50.23
C LEU H 98 57.93 4.56 -49.65
N GLN H 99 58.02 5.00 -48.38
CA GLN H 99 59.30 5.48 -47.87
C GLN H 99 60.37 4.38 -47.82
N ALA H 100 60.05 3.26 -47.16
CA ALA H 100 61.03 2.19 -47.03
C ALA H 100 61.37 1.57 -48.38
N ILE H 101 60.36 1.44 -49.24
CA ILE H 101 60.59 0.92 -50.58
C ILE H 101 61.56 1.81 -51.32
N HIS H 102 61.48 3.13 -51.12
CA HIS H 102 62.44 4.03 -51.74
C HIS H 102 63.84 3.90 -51.12
N ILE H 103 63.90 3.69 -49.81
CA ILE H 103 65.19 3.61 -49.13
C ILE H 103 66.00 2.40 -49.59
N ALA H 104 65.29 1.28 -49.87
CA ALA H 104 65.97 0.01 -50.05
C ALA H 104 66.99 0.04 -51.19
N GLU H 105 66.58 0.46 -52.38
CA GLU H 105 67.48 0.38 -53.54
C GLU H 105 68.61 1.38 -53.41
N GLU H 106 68.36 2.53 -52.80
CA GLU H 106 69.44 3.47 -52.52
C GLU H 106 70.52 2.82 -51.68
N GLY H 107 70.14 2.20 -50.57
CA GLY H 107 71.13 1.52 -49.74
C GLY H 107 71.87 0.46 -50.53
N ARG H 108 71.12 -0.34 -51.30
CA ARG H 108 71.67 -1.41 -52.12
C ARG H 108 72.80 -0.91 -53.01
N ASP H 109 72.60 0.25 -53.64
CA ASP H 109 73.59 0.74 -54.60
C ASP H 109 74.76 1.42 -53.90
N GLN H 110 74.50 2.13 -52.80
CA GLN H 110 75.52 3.04 -52.30
C GLN H 110 76.45 2.39 -51.27
N THR H 111 75.97 1.37 -50.54
CA THR H 111 76.79 0.83 -49.45
C THR H 111 78.11 0.24 -49.95
N VAL H 112 78.03 -0.62 -50.96
CA VAL H 112 79.22 -1.30 -51.46
C VAL H 112 80.21 -0.30 -52.04
N ASP H 113 79.68 0.76 -52.65
CA ASP H 113 80.54 1.79 -53.20
C ASP H 113 81.30 2.53 -52.09
N LEU H 114 80.59 2.92 -51.02
CA LEU H 114 81.24 3.65 -49.93
C LEU H 114 82.32 2.79 -49.26
N ALA H 115 82.07 1.48 -49.20
CA ALA H 115 83.01 0.57 -48.53
C ALA H 115 84.41 0.69 -49.11
N LYS H 116 84.53 0.80 -50.44
CA LYS H 116 85.83 0.84 -51.08
C LYS H 116 86.70 2.00 -50.60
N GLU H 117 86.17 3.23 -50.64
CA GLU H 117 87.03 4.35 -50.27
C GLU H 117 87.29 4.35 -48.76
N TYR H 118 86.31 3.94 -47.95
CA TYR H 118 86.65 3.85 -46.52
C TYR H 118 87.77 2.83 -46.28
N ALA H 119 87.67 1.65 -46.90
CA ALA H 119 88.65 0.61 -46.66
C ALA H 119 90.04 1.01 -47.14
N ASP H 120 90.14 1.54 -48.36
CA ASP H 120 91.48 1.84 -48.87
C ASP H 120 92.06 3.09 -48.24
N ALA H 121 91.19 4.01 -47.77
CA ALA H 121 91.68 5.12 -46.97
C ALA H 121 92.32 4.64 -45.68
N ALA H 122 91.64 3.72 -44.98
CA ALA H 122 92.21 3.16 -43.77
C ALA H 122 93.52 2.42 -44.06
N GLY H 123 93.55 1.67 -45.15
CA GLY H 123 94.76 0.95 -45.51
C GLY H 123 95.92 1.87 -45.81
N SER H 124 95.67 2.95 -46.56
CA SER H 124 96.72 3.92 -46.88
C SER H 124 97.20 4.63 -45.62
N SER H 125 96.28 4.95 -44.71
CA SER H 125 96.68 5.56 -43.45
C SER H 125 97.60 4.63 -42.67
N ALA H 126 97.23 3.35 -42.57
CA ALA H 126 98.07 2.38 -41.88
C ALA H 126 99.43 2.27 -42.56
N GLY H 127 99.45 2.24 -43.88
CA GLY H 127 100.69 2.12 -44.62
C GLY H 127 101.64 3.28 -44.43
N ASN H 128 101.15 4.51 -44.56
CA ASN H 128 102.06 5.65 -44.42
C ASN H 128 102.40 5.90 -42.95
N ALA H 129 101.58 5.38 -42.03
CA ALA H 129 101.96 5.40 -40.62
C ALA H 129 103.12 4.45 -40.39
N LYS H 130 103.03 3.25 -40.95
CA LYS H 130 104.10 2.25 -40.81
C LYS H 130 105.39 2.72 -41.46
N ASP H 131 105.28 3.40 -42.60
CA ASP H 131 106.46 3.80 -43.37
C ASP H 131 107.39 4.66 -42.54
N SER H 132 106.85 5.62 -41.80
CA SER H 132 107.66 6.50 -40.96
C SER H 132 108.30 5.73 -39.81
N SER I 2 28.81 -9.12 86.63
CA SER I 2 28.00 -10.33 86.76
C SER I 2 26.52 -10.02 86.57
N THR I 3 25.68 -10.78 87.24
CA THR I 3 24.24 -10.55 87.15
C THR I 3 23.57 -10.57 88.53
N ILE I 4 24.24 -11.03 89.58
CA ILE I 4 23.66 -11.10 90.92
C ILE I 4 24.52 -10.24 91.84
N THR I 5 23.87 -9.49 92.72
CA THR I 5 24.55 -8.54 93.58
C THR I 5 23.97 -8.58 94.99
N GLN I 6 24.81 -8.22 95.96
CA GLN I 6 24.42 -8.11 97.36
C GLN I 6 24.97 -6.82 97.95
N PHE I 7 24.14 -6.13 98.74
CA PHE I 7 24.57 -4.94 99.44
C PHE I 7 23.99 -4.96 100.83
N PRO I 8 24.74 -4.48 101.84
CA PRO I 8 24.15 -4.37 103.19
C PRO I 8 23.09 -3.28 103.23
N SER I 9 22.11 -3.48 104.11
CA SER I 9 21.05 -2.49 104.27
C SER I 9 21.56 -1.27 105.03
N GLY I 10 20.82 -0.17 104.92
CA GLY I 10 21.17 1.05 105.63
C GLY I 10 22.11 1.95 104.86
N ASN I 11 21.75 2.29 103.63
CA ASN I 11 22.54 3.21 102.83
C ASN I 11 21.65 3.94 101.83
N THR I 12 21.72 5.28 101.82
CA THR I 12 20.83 6.06 100.97
C THR I 12 21.10 5.80 99.49
N GLN I 13 22.37 5.69 99.12
CA GLN I 13 22.78 5.62 97.72
C GLN I 13 23.35 4.24 97.40
N TYR I 14 23.02 3.76 96.20
CA TYR I 14 23.53 2.50 95.71
C TYR I 14 23.88 2.64 94.23
N ARG I 15 24.60 1.64 93.72
CA ARG I 15 25.09 1.64 92.34
C ARG I 15 24.81 0.31 91.68
N ILE I 16 24.57 0.35 90.37
CA ILE I 16 24.41 -0.85 89.56
C ILE I 16 25.71 -1.11 88.82
N GLU I 17 25.94 -2.37 88.46
CA GLU I 17 27.24 -2.78 87.91
C GLU I 17 27.13 -3.55 86.61
N PHE I 18 25.98 -3.53 85.94
CA PHE I 18 25.81 -4.26 84.69
C PHE I 18 24.99 -3.43 83.71
N ASP I 19 25.22 -3.68 82.42
CA ASP I 19 24.48 -2.99 81.37
C ASP I 19 23.05 -3.50 81.30
N TYR I 20 22.20 -2.72 80.65
CA TYR I 20 20.81 -3.09 80.46
C TYR I 20 20.25 -2.38 79.25
N LEU I 21 19.11 -2.86 78.76
CA LEU I 21 18.45 -2.29 77.61
C LEU I 21 17.27 -1.38 77.97
N ALA I 22 16.72 -1.54 79.17
CA ALA I 22 15.59 -0.72 79.61
C ALA I 22 15.55 -0.70 81.12
N ARG I 23 15.01 0.38 81.69
CA ARG I 23 14.93 0.50 83.14
C ARG I 23 13.97 -0.52 83.72
N THR I 24 13.00 -1.00 82.94
CA THR I 24 12.04 -1.97 83.44
C THR I 24 12.70 -3.32 83.69
N PHE I 25 13.79 -3.62 82.99
CA PHE I 25 14.43 -4.93 83.12
C PHE I 25 15.03 -5.10 84.51
N VAL I 26 15.65 -4.05 85.05
CA VAL I 26 16.29 -4.15 86.36
C VAL I 26 15.24 -4.38 87.44
N VAL I 27 15.50 -5.33 88.32
CA VAL I 27 14.59 -5.69 89.40
C VAL I 27 15.35 -5.61 90.72
N VAL I 28 14.76 -4.91 91.69
CA VAL I 28 15.37 -4.72 93.01
C VAL I 28 14.39 -5.21 94.06
N THR I 29 14.88 -6.03 94.98
CA THR I 29 14.07 -6.52 96.09
C THR I 29 14.87 -6.47 97.38
N LEU I 30 14.15 -6.32 98.49
CA LEU I 30 14.76 -6.22 99.81
C LEU I 30 14.85 -7.61 100.44
N VAL I 31 15.94 -7.86 101.16
CA VAL I 31 16.29 -9.22 101.57
C VAL I 31 16.52 -9.29 103.09
N ASN I 32 15.90 -10.29 103.72
CA ASN I 32 16.23 -10.73 105.07
C ASN I 32 16.63 -12.20 105.00
N SER I 33 17.81 -12.52 105.52
CA SER I 33 18.30 -13.90 105.47
C SER I 33 17.51 -14.80 106.40
N SER I 34 17.05 -14.26 107.53
CA SER I 34 16.45 -15.10 108.57
C SER I 34 15.16 -15.76 108.11
N ASN I 35 14.30 -15.01 107.42
CA ASN I 35 12.99 -15.52 107.06
C ASN I 35 12.86 -15.68 105.54
N PRO I 36 12.87 -16.91 105.01
CA PRO I 36 12.63 -17.09 103.58
C PRO I 36 11.24 -16.66 103.14
N THR I 37 10.21 -16.88 103.97
CA THR I 37 8.85 -16.47 103.63
C THR I 37 8.69 -14.97 103.62
N LEU I 38 9.67 -14.24 104.13
CA LEU I 38 9.76 -12.78 104.09
C LEU I 38 10.31 -12.39 102.72
N ASN I 39 10.96 -11.22 102.64
CA ASN I 39 11.67 -10.74 101.45
C ASN I 39 10.74 -10.26 100.34
N ARG I 40 9.98 -9.20 100.62
CA ARG I 40 9.18 -8.49 99.64
C ARG I 40 10.04 -7.88 98.54
N VAL I 41 9.35 -7.38 97.50
CA VAL I 41 9.99 -6.76 96.33
C VAL I 41 9.47 -5.34 96.21
N LEU I 42 10.37 -4.39 95.98
CA LEU I 42 9.99 -2.99 95.86
C LEU I 42 9.50 -2.67 94.45
N GLU I 43 8.99 -1.46 94.28
CA GLU I 43 8.44 -1.00 93.01
C GLU I 43 8.89 0.43 92.74
N VAL I 44 8.77 0.84 91.48
CA VAL I 44 9.17 2.19 91.09
C VAL I 44 8.16 3.20 91.61
N GLY I 45 8.57 4.47 91.63
CA GLY I 45 7.67 5.55 91.99
C GLY I 45 7.55 5.79 93.48
N ARG I 46 6.96 4.84 94.20
CA ARG I 46 6.68 5.01 95.62
C ARG I 46 7.82 4.51 96.51
N ASP I 47 8.76 3.75 95.97
CA ASP I 47 9.78 3.13 96.82
C ASP I 47 11.19 3.59 96.44
N TYR I 48 11.43 3.82 95.15
CA TYR I 48 12.74 4.28 94.71
C TYR I 48 12.58 5.05 93.41
N ARG I 49 13.58 5.88 93.11
CA ARG I 49 13.57 6.71 91.92
C ARG I 49 14.95 6.65 91.26
N PHE I 50 14.96 6.81 89.94
CA PHE I 50 16.20 6.79 89.17
C PHE I 50 16.81 8.19 89.16
N LEU I 51 17.89 8.36 89.94
CA LEU I 51 18.62 9.62 89.96
C LEU I 51 19.52 9.69 88.73
N ASN I 52 20.43 8.74 88.62
CA ASN I 52 21.33 8.65 87.49
C ASN I 52 21.20 7.25 86.89
N PRO I 53 21.19 7.12 85.56
CA PRO I 53 21.14 5.78 84.96
C PRO I 53 22.16 4.79 85.47
N THR I 54 23.13 5.22 86.29
CA THR I 54 24.03 4.31 86.99
C THR I 54 23.82 4.35 88.50
N MET I 55 22.95 5.25 88.97
CA MET I 55 22.72 5.44 90.39
C MET I 55 21.29 5.03 90.74
N ILE I 56 21.06 4.79 92.04
CA ILE I 56 19.74 4.48 92.56
C ILE I 56 19.69 4.90 94.02
N GLU I 57 18.51 5.32 94.46
CA GLU I 57 18.30 5.78 95.83
C GLU I 57 16.98 5.23 96.35
N MET I 58 16.93 4.97 97.66
CA MET I 58 15.75 4.39 98.30
C MET I 58 14.91 5.50 98.91
N LEU I 59 13.64 5.58 98.49
CA LEU I 59 12.74 6.56 99.08
C LEU I 59 12.31 6.14 100.48
N VAL I 60 11.94 4.88 100.66
CA VAL I 60 11.43 4.37 101.93
C VAL I 60 12.18 3.10 102.29
N ASP I 61 12.59 2.99 103.55
CA ASP I 61 13.32 1.83 104.03
C ASP I 61 12.86 1.48 105.43
N GLN I 62 12.80 0.19 105.72
CA GLN I 62 12.42 -0.31 107.03
C GLN I 62 13.67 -0.74 107.79
N SER I 63 13.47 -1.27 108.99
CA SER I 63 14.55 -1.73 109.85
C SER I 63 14.37 -3.19 110.21
N GLY I 64 13.80 -3.97 109.30
CA GLY I 64 13.59 -5.38 109.53
C GLY I 64 14.37 -6.26 108.58
N PHE I 65 15.20 -5.65 107.74
CA PHE I 65 15.98 -6.36 106.75
C PHE I 65 17.45 -5.94 106.84
N ASP I 66 18.31 -6.74 106.22
CA ASP I 66 19.74 -6.54 106.30
C ASP I 66 20.44 -6.46 104.94
N ILE I 67 19.89 -7.06 103.89
CA ILE I 67 20.52 -7.12 102.58
C ILE I 67 19.50 -6.67 101.54
N VAL I 68 20.00 -6.06 100.46
CA VAL I 68 19.19 -5.73 99.30
C VAL I 68 19.68 -6.57 98.13
N ARG I 69 18.76 -6.98 97.26
CA ARG I 69 19.07 -7.81 96.12
C ARG I 69 18.77 -7.07 94.82
N ILE I 70 19.76 -7.03 93.92
CA ILE I 70 19.61 -6.41 92.61
C ILE I 70 20.11 -7.39 91.57
N HIS I 71 19.27 -7.69 90.58
CA HIS I 71 19.64 -8.62 89.51
C HIS I 71 18.91 -8.23 88.23
N ARG I 72 19.43 -8.72 87.11
CA ARG I 72 18.86 -8.41 85.81
C ARG I 72 17.93 -9.52 85.34
N GLN I 73 16.90 -9.13 84.61
CA GLN I 73 15.94 -10.07 84.05
C GLN I 73 15.40 -9.58 82.72
N THR I 74 16.02 -10.00 81.62
CA THR I 74 15.61 -9.52 80.30
C THR I 74 14.35 -10.22 79.84
N GLY I 75 13.49 -9.48 79.15
CA GLY I 75 12.26 -10.00 78.59
C GLY I 75 12.50 -10.78 77.30
N THR I 76 11.46 -11.50 76.89
CA THR I 76 11.52 -12.37 75.72
C THR I 76 10.67 -11.82 74.57
N ASP I 77 10.69 -10.51 74.38
CA ASP I 77 9.91 -9.86 73.33
C ASP I 77 10.85 -9.07 72.43
N LEU I 78 10.52 -9.01 71.14
CA LEU I 78 11.33 -8.26 70.19
C LEU I 78 11.26 -6.78 70.49
N VAL I 79 12.38 -6.20 70.93
CA VAL I 79 12.44 -4.78 71.22
C VAL I 79 12.29 -3.97 69.94
N VAL I 80 13.04 -4.35 68.90
CA VAL I 80 12.98 -3.61 67.64
C VAL I 80 11.92 -4.24 66.74
N ASP I 81 11.27 -3.39 65.95
CA ASP I 81 10.23 -3.82 65.04
C ASP I 81 10.63 -3.39 63.64
N PHE I 82 10.44 -4.28 62.67
CA PHE I 82 10.80 -4.03 61.28
C PHE I 82 9.53 -3.96 60.44
N ARG I 83 9.41 -2.90 59.65
CA ARG I 83 8.26 -2.70 58.78
C ARG I 83 8.73 -2.25 57.40
N ASN I 84 7.93 -2.55 56.39
CA ASN I 84 8.23 -2.10 55.04
C ASN I 84 8.05 -0.59 54.94
N GLY I 85 8.81 0.04 54.05
CA GLY I 85 8.75 1.48 53.91
C GLY I 85 9.28 2.25 55.09
N SER I 86 10.43 1.85 55.63
CA SER I 86 11.05 2.55 56.75
C SER I 86 12.54 2.59 56.48
N VAL I 87 13.32 2.95 57.51
CA VAL I 87 14.77 3.09 57.38
C VAL I 87 15.44 2.11 58.31
N LEU I 88 16.69 1.78 57.99
CA LEU I 88 17.50 0.85 58.77
C LEU I 88 18.61 1.63 59.46
N THR I 89 18.76 1.42 60.77
CA THR I 89 19.77 2.09 61.56
C THR I 89 20.65 1.06 62.28
N ALA I 90 21.89 1.45 62.54
CA ALA I 90 22.84 0.53 63.16
C ALA I 90 22.44 0.16 64.58
N SER I 91 21.77 1.09 65.28
CA SER I 91 21.41 0.86 66.68
C SER I 91 20.47 -0.34 66.82
N ASP I 92 19.50 -0.44 65.91
CA ASP I 92 18.59 -1.59 65.94
C ASP I 92 19.36 -2.90 65.75
N LEU I 93 20.23 -2.92 64.74
CA LEU I 93 20.99 -4.13 64.44
C LEU I 93 21.87 -4.54 65.61
N THR I 94 22.37 -3.56 66.36
CA THR I 94 23.20 -3.88 67.51
C THR I 94 22.37 -4.40 68.68
N ASN I 95 21.33 -3.66 69.09
CA ASN I 95 20.56 -4.02 70.27
C ASN I 95 19.85 -5.35 70.09
N SER I 96 19.30 -5.58 68.89
CA SER I 96 18.58 -6.83 68.64
C SER I 96 19.48 -8.04 68.87
N GLU I 97 20.73 -7.95 68.43
CA GLU I 97 21.68 -9.02 68.69
C GLU I 97 22.04 -9.10 70.17
N LEU I 98 22.24 -7.94 70.82
CA LEU I 98 22.67 -7.97 72.21
C LEU I 98 21.65 -8.63 73.12
N GLN I 99 20.37 -8.60 72.74
CA GLN I 99 19.32 -9.14 73.59
C GLN I 99 19.55 -10.61 73.94
N ALA I 100 19.71 -11.47 72.93
CA ALA I 100 19.86 -12.90 73.16
C ALA I 100 21.14 -13.19 73.92
N ILE I 101 22.21 -12.46 73.60
CA ILE I 101 23.45 -12.62 74.33
C ILE I 101 23.22 -12.40 75.81
N HIS I 102 22.56 -11.30 76.18
CA HIS I 102 22.32 -11.03 77.60
C HIS I 102 21.48 -12.14 78.24
N ILE I 103 20.47 -12.62 77.51
CA ILE I 103 19.63 -13.71 78.03
C ILE I 103 20.50 -14.93 78.39
N ALA I 104 21.53 -15.18 77.57
CA ALA I 104 22.36 -16.36 77.81
C ALA I 104 23.01 -16.33 79.19
N GLU I 105 23.72 -15.25 79.52
CA GLU I 105 24.38 -15.18 80.83
C GLU I 105 23.37 -15.08 81.96
N GLU I 106 22.20 -14.48 81.71
CA GLU I 106 21.19 -14.51 82.76
C GLU I 106 20.82 -15.93 83.14
N GLY I 107 20.38 -16.72 82.15
CA GLY I 107 19.96 -18.07 82.44
C GLY I 107 21.06 -18.90 83.06
N ARG I 108 22.27 -18.81 82.48
CA ARG I 108 23.43 -19.55 82.96
C ARG I 108 23.63 -19.35 84.46
N ASP I 109 23.20 -18.19 84.97
CA ASP I 109 23.42 -17.90 86.38
C ASP I 109 22.25 -18.39 87.24
N GLN I 110 21.02 -17.98 86.92
CA GLN I 110 19.96 -18.23 87.90
C GLN I 110 19.41 -19.67 87.86
N THR I 111 19.62 -20.41 86.75
CA THR I 111 18.96 -21.72 86.68
C THR I 111 19.43 -22.66 87.80
N VAL I 112 20.74 -22.87 87.90
CA VAL I 112 21.28 -23.84 88.86
C VAL I 112 20.99 -23.36 90.28
N ASP I 113 20.96 -22.04 90.48
CA ASP I 113 20.67 -21.50 91.80
C ASP I 113 19.26 -21.83 92.23
N LEU I 114 18.28 -21.67 91.33
CA LEU I 114 16.89 -21.90 91.71
C LEU I 114 16.59 -23.38 91.89
N ALA I 115 17.38 -24.24 91.22
CA ALA I 115 17.19 -25.68 91.33
C ALA I 115 17.13 -26.14 92.80
N LYS I 116 18.05 -25.62 93.63
CA LYS I 116 18.09 -26.02 95.04
C LYS I 116 16.77 -25.75 95.75
N GLU I 117 16.25 -24.52 95.66
CA GLU I 117 15.04 -24.19 96.37
C GLU I 117 13.88 -25.06 95.91
N TYR I 118 13.73 -25.25 94.60
CA TYR I 118 12.55 -26.02 94.19
C TYR I 118 12.68 -27.49 94.56
N ALA I 119 13.88 -28.06 94.40
CA ALA I 119 14.07 -29.47 94.72
C ALA I 119 13.84 -29.75 96.20
N ASP I 120 14.42 -28.93 97.08
CA ASP I 120 14.28 -29.24 98.51
C ASP I 120 12.90 -28.84 99.02
N ALA I 121 12.23 -27.90 98.36
CA ALA I 121 10.84 -27.63 98.71
C ALA I 121 9.97 -28.86 98.42
N ALA I 122 10.15 -29.46 97.25
CA ALA I 122 9.40 -30.68 96.94
C ALA I 122 9.75 -31.79 97.93
N GLY I 123 11.04 -31.92 98.26
CA GLY I 123 11.44 -32.95 99.20
C GLY I 123 10.84 -32.76 100.58
N SER I 124 10.82 -31.52 101.07
CA SER I 124 10.24 -31.25 102.38
C SER I 124 8.74 -31.52 102.39
N SER I 125 8.06 -31.15 101.30
CA SER I 125 6.64 -31.42 101.19
C SER I 125 6.35 -32.92 101.25
N ALA I 126 7.14 -33.70 100.51
CA ALA I 126 7.03 -35.15 100.61
C ALA I 126 7.32 -35.62 102.03
N GLY I 127 8.28 -34.96 102.69
CA GLY I 127 8.68 -35.38 104.03
C GLY I 127 7.58 -35.24 105.05
N ASN I 128 6.89 -34.11 105.07
CA ASN I 128 5.81 -33.97 106.06
C ASN I 128 4.58 -34.74 105.60
N ALA I 129 4.42 -34.92 104.28
CA ALA I 129 3.30 -35.70 103.79
C ALA I 129 3.41 -37.16 104.21
N LYS I 130 4.63 -37.69 104.28
CA LYS I 130 4.80 -39.09 104.62
C LYS I 130 4.30 -39.39 106.03
N ASP I 131 4.76 -38.63 107.02
CA ASP I 131 4.42 -38.94 108.40
C ASP I 131 3.05 -38.37 108.77
N SER I 132 2.68 -37.24 108.18
CA SER I 132 1.38 -36.63 108.47
C SER I 132 0.66 -36.22 107.20
N SER J 2 7.13 -43.99 -70.43
CA SER J 2 6.82 -44.95 -69.39
C SER J 2 5.35 -45.36 -69.46
N THR J 3 4.54 -44.54 -70.13
CA THR J 3 3.12 -44.82 -70.24
C THR J 3 2.81 -45.96 -71.21
N ILE J 4 3.79 -46.43 -71.96
CA ILE J 4 3.62 -47.54 -72.89
C ILE J 4 4.57 -48.66 -72.49
N THR J 5 4.03 -49.87 -72.30
CA THR J 5 4.82 -51.00 -71.88
C THR J 5 4.37 -52.25 -72.62
N GLN J 6 5.31 -53.19 -72.81
CA GLN J 6 5.04 -54.44 -73.50
C GLN J 6 5.67 -55.59 -72.72
N PHE J 7 4.99 -56.73 -72.70
CA PHE J 7 5.46 -57.94 -72.04
C PHE J 7 5.25 -59.14 -72.94
N PRO J 8 6.04 -60.20 -72.76
CA PRO J 8 5.78 -61.44 -73.50
C PRO J 8 4.48 -62.08 -73.08
N SER J 9 3.91 -62.85 -74.00
CA SER J 9 2.60 -63.47 -73.80
C SER J 9 2.76 -64.90 -73.28
N GLY J 10 1.76 -65.34 -72.52
CA GLY J 10 1.75 -66.71 -72.03
C GLY J 10 1.44 -66.84 -70.55
N ASN J 11 1.61 -65.77 -69.78
CA ASN J 11 1.41 -65.81 -68.35
C ASN J 11 -0.07 -65.67 -68.01
N THR J 12 -0.38 -65.54 -66.72
CA THR J 12 -1.74 -65.32 -66.28
C THR J 12 -1.93 -64.03 -65.48
N GLN J 13 -0.85 -63.42 -64.98
CA GLN J 13 -0.93 -62.18 -64.24
C GLN J 13 0.04 -61.16 -64.84
N TYR J 14 -0.32 -59.89 -64.75
CA TYR J 14 0.51 -58.80 -65.24
C TYR J 14 0.39 -57.62 -64.28
N ARG J 15 1.40 -56.76 -64.30
CA ARG J 15 1.50 -55.66 -63.35
C ARG J 15 1.21 -54.33 -64.03
N ILE J 16 0.71 -53.40 -63.25
CA ILE J 16 0.45 -52.02 -63.68
C ILE J 16 1.48 -51.12 -63.00
N GLU J 17 2.13 -50.27 -63.80
CA GLU J 17 3.31 -49.55 -63.35
C GLU J 17 3.21 -48.07 -63.68
N PHE J 18 2.02 -47.48 -63.55
CA PHE J 18 1.88 -46.04 -63.66
C PHE J 18 0.63 -45.60 -62.89
N ASP J 19 0.61 -44.32 -62.54
CA ASP J 19 -0.52 -43.77 -61.82
C ASP J 19 -1.66 -43.43 -62.77
N TYR J 20 -2.88 -43.67 -62.31
CA TYR J 20 -4.07 -43.39 -63.08
C TYR J 20 -5.15 -42.79 -62.18
N LEU J 21 -6.04 -42.01 -62.80
CA LEU J 21 -7.09 -41.31 -62.07
C LEU J 21 -8.39 -42.08 -61.99
N ALA J 22 -8.62 -43.03 -62.90
CA ALA J 22 -9.83 -43.84 -62.88
C ALA J 22 -9.55 -45.15 -63.59
N ARG J 23 -10.37 -46.15 -63.28
CA ARG J 23 -10.16 -47.49 -63.81
C ARG J 23 -10.56 -47.63 -65.28
N THR J 24 -11.19 -46.61 -65.86
CA THR J 24 -11.57 -46.63 -67.27
C THR J 24 -10.52 -46.00 -68.16
N PHE J 25 -9.36 -45.67 -67.62
CA PHE J 25 -8.28 -45.04 -68.39
C PHE J 25 -7.19 -46.04 -68.75
N VAL J 26 -7.44 -47.34 -68.62
CA VAL J 26 -6.45 -48.38 -68.86
C VAL J 26 -6.95 -49.26 -70.01
N VAL J 27 -6.08 -49.49 -70.98
CA VAL J 27 -6.41 -50.27 -72.17
C VAL J 27 -5.46 -51.44 -72.29
N VAL J 28 -6.02 -52.61 -72.61
CA VAL J 28 -5.24 -53.84 -72.79
C VAL J 28 -5.45 -54.34 -74.21
N THR J 29 -4.35 -54.72 -74.88
CA THR J 29 -4.42 -55.09 -76.29
C THR J 29 -3.49 -56.26 -76.55
N LEU J 30 -3.97 -57.19 -77.38
CA LEU J 30 -3.13 -58.28 -77.88
C LEU J 30 -2.48 -57.85 -79.19
N VAL J 31 -1.22 -58.23 -79.37
CA VAL J 31 -0.42 -57.75 -80.49
C VAL J 31 0.14 -58.93 -81.27
N ASN J 32 0.06 -58.83 -82.59
CA ASN J 32 0.72 -59.76 -83.50
C ASN J 32 1.77 -58.99 -84.28
N SER J 33 3.03 -59.42 -84.15
CA SER J 33 4.14 -58.64 -84.70
C SER J 33 4.17 -58.73 -86.23
N SER J 34 4.00 -59.93 -86.78
CA SER J 34 4.15 -60.12 -88.23
C SER J 34 3.08 -59.37 -89.01
N ASN J 35 1.82 -59.52 -88.61
CA ASN J 35 0.70 -58.87 -89.30
C ASN J 35 -0.01 -57.92 -88.36
N PRO J 36 0.30 -56.62 -88.41
CA PRO J 36 -0.36 -55.68 -87.48
C PRO J 36 -1.82 -55.42 -87.79
N THR J 37 -2.41 -56.11 -88.76
CA THR J 37 -3.82 -55.93 -89.09
C THR J 37 -4.74 -56.85 -88.30
N LEU J 38 -4.20 -57.65 -87.37
CA LEU J 38 -5.00 -58.60 -86.62
C LEU J 38 -5.05 -58.28 -85.13
N ASN J 39 -4.78 -57.05 -84.74
CA ASN J 39 -4.84 -56.68 -83.34
C ASN J 39 -6.28 -56.71 -82.84
N ARG J 40 -6.44 -57.05 -81.56
CA ARG J 40 -7.75 -57.10 -80.92
C ARG J 40 -7.68 -56.39 -79.58
N VAL J 41 -8.80 -55.80 -79.17
CA VAL J 41 -8.91 -55.09 -77.91
C VAL J 41 -9.82 -55.87 -76.99
N LEU J 42 -9.55 -55.78 -75.68
CA LEU J 42 -10.27 -56.51 -74.67
C LEU J 42 -11.08 -55.56 -73.81
N GLU J 43 -12.10 -56.10 -73.14
CA GLU J 43 -13.01 -55.31 -72.32
C GLU J 43 -13.15 -55.92 -70.93
N VAL J 44 -13.46 -55.06 -69.96
CA VAL J 44 -13.55 -55.50 -68.57
C VAL J 44 -14.76 -56.43 -68.40
N GLY J 45 -14.65 -57.34 -67.44
CA GLY J 45 -15.76 -58.22 -67.10
C GLY J 45 -15.80 -59.55 -67.81
N ARG J 46 -15.55 -59.55 -69.12
CA ARG J 46 -15.60 -60.78 -69.91
C ARG J 46 -14.21 -61.31 -70.26
N ASP J 47 -13.20 -60.46 -70.30
CA ASP J 47 -11.85 -60.87 -70.70
C ASP J 47 -10.84 -60.82 -69.56
N TYR J 48 -10.87 -59.78 -68.73
CA TYR J 48 -9.94 -59.65 -67.63
C TYR J 48 -10.64 -59.03 -66.43
N ARG J 49 -10.07 -59.27 -65.25
CA ARG J 49 -10.62 -58.76 -64.00
C ARG J 49 -9.50 -58.18 -63.16
N PHE J 50 -9.84 -57.20 -62.33
CA PHE J 50 -8.88 -56.63 -61.39
C PHE J 50 -8.77 -57.49 -60.14
N LEU J 51 -7.58 -57.51 -59.56
CA LEU J 51 -7.34 -58.16 -58.27
C LEU J 51 -7.02 -57.15 -57.19
N ASN J 52 -6.00 -56.33 -57.40
CA ASN J 52 -5.65 -55.22 -56.54
C ASN J 52 -5.32 -54.04 -57.45
N PRO J 53 -5.25 -52.82 -56.90
CA PRO J 53 -5.03 -51.64 -57.75
C PRO J 53 -3.81 -51.72 -58.66
N THR J 54 -2.95 -52.73 -58.51
CA THR J 54 -1.73 -52.81 -59.30
C THR J 54 -1.51 -54.17 -59.96
N MET J 55 -2.58 -54.93 -60.22
CA MET J 55 -2.40 -56.22 -60.88
C MET J 55 -3.74 -56.69 -61.45
N ILE J 56 -3.68 -57.37 -62.59
CA ILE J 56 -4.87 -57.88 -63.27
C ILE J 56 -4.67 -59.37 -63.56
N GLU J 57 -5.75 -60.02 -63.99
CA GLU J 57 -5.72 -61.43 -64.37
C GLU J 57 -6.33 -61.60 -65.75
N MET J 58 -5.84 -62.58 -66.49
CA MET J 58 -6.41 -62.89 -67.80
C MET J 58 -7.38 -64.06 -67.71
N LEU J 59 -8.39 -64.02 -68.58
CA LEU J 59 -9.40 -65.07 -68.62
C LEU J 59 -9.68 -65.60 -70.02
N VAL J 60 -8.99 -65.10 -71.04
CA VAL J 60 -9.25 -65.50 -72.42
C VAL J 60 -8.12 -66.40 -72.91
N ASP J 61 -8.30 -67.00 -74.08
CA ASP J 61 -7.32 -67.86 -74.70
C ASP J 61 -6.37 -67.03 -75.55
N GLN J 62 -5.07 -67.16 -75.29
CA GLN J 62 -4.05 -66.42 -76.02
C GLN J 62 -3.41 -67.38 -77.03
N SER J 63 -3.88 -67.31 -78.27
CA SER J 63 -3.37 -68.15 -79.36
C SER J 63 -3.10 -67.28 -80.56
N GLY J 64 -1.94 -67.47 -81.18
CA GLY J 64 -1.53 -66.67 -82.32
C GLY J 64 -1.00 -65.31 -81.97
N PHE J 65 -0.79 -65.02 -80.69
CA PHE J 65 -0.30 -63.73 -80.23
C PHE J 65 0.92 -63.95 -79.35
N ASP J 66 1.80 -62.95 -79.33
CA ASP J 66 3.06 -63.08 -78.61
C ASP J 66 3.37 -61.89 -77.72
N ILE J 67 2.67 -60.78 -77.91
CA ILE J 67 2.93 -59.55 -77.16
C ILE J 67 1.63 -59.07 -76.54
N VAL J 68 1.73 -58.55 -75.32
CA VAL J 68 0.62 -57.94 -74.62
C VAL J 68 1.02 -56.51 -74.25
N ARG J 69 0.16 -55.56 -74.59
CA ARG J 69 0.45 -54.14 -74.43
C ARG J 69 -0.54 -53.49 -73.49
N ILE J 70 -0.03 -52.66 -72.59
CA ILE J 70 -0.85 -51.90 -71.64
C ILE J 70 -0.39 -50.45 -71.70
N HIS J 71 -1.33 -49.53 -71.88
CA HIS J 71 -1.03 -48.11 -71.94
C HIS J 71 -2.19 -47.29 -71.38
N ARG J 72 -1.92 -46.01 -71.13
CA ARG J 72 -2.86 -45.09 -70.52
C ARG J 72 -3.41 -44.13 -71.56
N GLN J 73 -4.68 -43.75 -71.39
CA GLN J 73 -5.34 -42.81 -72.30
C GLN J 73 -6.36 -42.01 -71.49
N THR J 74 -5.98 -40.79 -71.13
CA THR J 74 -6.83 -39.94 -70.31
C THR J 74 -7.84 -39.19 -71.18
N GLY J 75 -9.04 -38.99 -70.64
CA GLY J 75 -10.07 -38.26 -71.35
C GLY J 75 -9.85 -36.76 -71.32
N THR J 76 -10.71 -36.04 -72.05
CA THR J 76 -10.57 -34.60 -72.19
C THR J 76 -11.63 -33.78 -71.47
N ASP J 77 -12.74 -34.40 -71.09
CA ASP J 77 -13.79 -33.67 -70.38
C ASP J 77 -13.31 -33.25 -69.00
N LEU J 78 -13.75 -32.07 -68.55
CA LEU J 78 -13.33 -31.56 -67.27
C LEU J 78 -13.94 -32.40 -66.13
N VAL J 79 -13.27 -32.36 -64.99
CA VAL J 79 -13.68 -33.13 -63.82
C VAL J 79 -14.38 -32.26 -62.79
N VAL J 80 -13.85 -31.07 -62.53
CA VAL J 80 -14.40 -30.16 -61.52
C VAL J 80 -14.94 -28.92 -62.21
N ASP J 81 -16.15 -28.53 -61.84
CA ASP J 81 -16.80 -27.34 -62.37
C ASP J 81 -16.87 -26.29 -61.28
N PHE J 82 -16.28 -25.12 -61.55
CA PHE J 82 -16.31 -24.02 -60.58
C PHE J 82 -17.54 -23.17 -60.79
N ARG J 83 -18.16 -22.76 -59.68
CA ARG J 83 -19.37 -21.95 -59.70
C ARG J 83 -19.24 -20.83 -58.68
N ASN J 84 -19.81 -19.67 -59.00
CA ASN J 84 -19.77 -18.53 -58.10
C ASN J 84 -20.60 -18.82 -56.85
N GLY J 85 -20.10 -18.35 -55.71
CA GLY J 85 -20.80 -18.55 -54.45
C GLY J 85 -20.65 -19.95 -53.89
N SER J 86 -19.43 -20.36 -53.63
CA SER J 86 -19.16 -21.68 -53.05
C SER J 86 -17.80 -21.63 -52.38
N VAL J 87 -17.56 -22.62 -51.52
CA VAL J 87 -16.33 -22.68 -50.73
C VAL J 87 -15.23 -23.33 -51.55
N LEU J 88 -14.02 -22.76 -51.46
CA LEU J 88 -12.87 -23.27 -52.19
C LEU J 88 -12.17 -24.32 -51.34
N THR J 89 -11.89 -25.47 -51.95
CA THR J 89 -11.29 -26.61 -51.27
C THR J 89 -10.06 -27.10 -52.01
N ALA J 90 -9.22 -27.88 -51.32
CA ALA J 90 -7.94 -28.28 -51.88
C ALA J 90 -8.09 -29.38 -52.91
N SER J 91 -9.08 -30.26 -52.75
CA SER J 91 -9.20 -31.43 -53.61
C SER J 91 -9.46 -31.04 -55.06
N ASP J 92 -10.29 -30.03 -55.27
CA ASP J 92 -10.59 -29.57 -56.61
C ASP J 92 -9.33 -29.07 -57.31
N LEU J 93 -8.54 -28.25 -56.60
CA LEU J 93 -7.30 -27.76 -57.16
C LEU J 93 -6.34 -28.90 -57.47
N THR J 94 -6.26 -29.89 -56.57
CA THR J 94 -5.37 -31.01 -56.78
C THR J 94 -5.73 -31.79 -58.05
N ASN J 95 -7.01 -32.14 -58.20
CA ASN J 95 -7.42 -32.90 -59.37
C ASN J 95 -7.21 -32.11 -60.65
N SER J 96 -7.57 -30.82 -60.63
CA SER J 96 -7.40 -29.99 -61.81
C SER J 96 -5.93 -29.89 -62.20
N GLU J 97 -5.04 -29.77 -61.21
CA GLU J 97 -3.61 -29.71 -61.51
C GLU J 97 -3.11 -31.03 -62.08
N LEU J 98 -3.60 -32.15 -61.54
CA LEU J 98 -3.10 -33.46 -61.97
C LEU J 98 -3.48 -33.77 -63.41
N GLN J 99 -4.70 -33.42 -63.80
CA GLN J 99 -5.20 -33.86 -65.11
C GLN J 99 -4.32 -33.35 -66.26
N ALA J 100 -4.00 -32.05 -66.25
CA ALA J 100 -3.24 -31.46 -67.34
C ALA J 100 -1.83 -32.04 -67.41
N ILE J 101 -1.20 -32.25 -66.25
CA ILE J 101 0.12 -32.85 -66.22
C ILE J 101 0.09 -34.22 -66.85
N HIS J 102 -0.90 -35.03 -66.47
CA HIS J 102 -1.01 -36.37 -67.07
C HIS J 102 -1.11 -36.28 -68.59
N ILE J 103 -2.03 -35.43 -69.08
CA ILE J 103 -2.27 -35.35 -70.52
C ILE J 103 -1.00 -34.95 -71.26
N ALA J 104 -0.31 -33.92 -70.76
CA ALA J 104 0.94 -33.50 -71.39
C ALA J 104 1.95 -34.63 -71.38
N GLU J 105 1.93 -35.46 -70.32
CA GLU J 105 2.85 -36.58 -70.26
C GLU J 105 2.66 -37.53 -71.43
N GLU J 106 1.41 -38.00 -71.65
CA GLU J 106 1.29 -38.96 -72.75
C GLU J 106 1.50 -38.27 -74.09
N GLY J 107 1.17 -36.99 -74.20
CA GLY J 107 1.42 -36.29 -75.45
C GLY J 107 2.89 -36.28 -75.83
N ARG J 108 3.75 -35.91 -74.87
CA ARG J 108 5.19 -35.91 -75.15
C ARG J 108 5.69 -37.33 -75.44
N ASP J 109 5.24 -38.30 -74.64
CA ASP J 109 5.71 -39.67 -74.84
C ASP J 109 5.31 -40.19 -76.22
N GLN J 110 4.16 -39.77 -76.73
CA GLN J 110 3.73 -40.21 -78.05
C GLN J 110 4.55 -39.53 -79.14
N THR J 111 4.78 -38.22 -79.02
CA THR J 111 5.39 -37.49 -80.12
C THR J 111 6.89 -37.81 -80.26
N VAL J 112 7.58 -38.03 -79.13
CA VAL J 112 9.04 -38.16 -79.18
C VAL J 112 9.44 -39.39 -79.99
N ASP J 113 8.68 -40.48 -79.85
CA ASP J 113 9.00 -41.74 -80.51
C ASP J 113 9.09 -41.57 -82.02
N LEU J 114 8.10 -40.90 -82.61
CA LEU J 114 8.10 -40.71 -84.06
C LEU J 114 9.10 -39.62 -84.46
N ALA J 115 9.38 -38.68 -83.57
CA ALA J 115 10.27 -37.58 -83.93
C ALA J 115 11.74 -38.04 -84.04
N LYS J 116 12.16 -38.92 -83.13
CA LYS J 116 13.59 -39.18 -82.93
C LYS J 116 14.29 -39.67 -84.19
N GLU J 117 13.73 -40.69 -84.85
CA GLU J 117 14.44 -41.33 -85.95
C GLU J 117 14.64 -40.38 -87.12
N TYR J 118 13.60 -39.60 -87.43
CA TYR J 118 13.71 -38.62 -88.50
C TYR J 118 14.77 -37.59 -88.14
N ALA J 119 14.75 -37.13 -86.88
CA ALA J 119 15.69 -36.09 -86.47
C ALA J 119 17.13 -36.55 -86.60
N ASP J 120 17.47 -37.71 -86.03
CA ASP J 120 18.89 -38.08 -85.99
C ASP J 120 19.35 -38.58 -87.35
N ALA J 121 18.45 -39.17 -88.14
CA ALA J 121 18.81 -39.53 -89.51
C ALA J 121 19.19 -38.29 -90.31
N ALA J 122 18.35 -37.25 -90.24
CA ALA J 122 18.66 -36.02 -90.96
C ALA J 122 19.98 -35.41 -90.47
N GLY J 123 20.17 -35.37 -89.15
CA GLY J 123 21.37 -34.78 -88.60
C GLY J 123 22.63 -35.52 -89.04
N SER J 124 22.61 -36.85 -88.95
CA SER J 124 23.77 -37.64 -89.32
C SER J 124 24.09 -37.49 -90.80
N SER J 125 23.06 -37.56 -91.65
CA SER J 125 23.31 -37.42 -93.09
C SER J 125 23.90 -36.05 -93.40
N ALA J 126 23.34 -35.00 -92.81
CA ALA J 126 23.83 -33.65 -93.05
C ALA J 126 25.28 -33.51 -92.61
N GLY J 127 25.59 -34.00 -91.41
CA GLY J 127 26.96 -33.88 -90.91
C GLY J 127 27.96 -34.63 -91.76
N ASN J 128 27.62 -35.87 -92.14
CA ASN J 128 28.51 -36.67 -92.97
C ASN J 128 28.78 -36.00 -94.30
N ALA J 129 27.72 -35.53 -94.96
CA ALA J 129 27.92 -34.83 -96.22
C ALA J 129 28.79 -33.60 -96.02
N LYS J 130 28.50 -32.82 -94.98
CA LYS J 130 29.23 -31.57 -94.76
C LYS J 130 30.72 -31.82 -94.62
N ASP J 131 31.12 -32.68 -93.66
CA ASP J 131 32.56 -32.80 -93.43
C ASP J 131 33.23 -33.50 -94.61
N SER J 132 32.60 -34.55 -95.16
CA SER J 132 33.21 -35.22 -96.30
C SER J 132 33.49 -34.24 -97.43
N GLU J 133 32.46 -33.52 -97.88
CA GLU J 133 32.63 -32.60 -99.00
C GLU J 133 33.62 -31.49 -98.67
N ASP J 134 33.46 -30.86 -97.50
CA ASP J 134 34.28 -29.69 -97.19
C ASP J 134 35.76 -30.06 -97.11
N GLU J 135 36.10 -31.07 -96.30
CA GLU J 135 37.50 -31.44 -96.17
C GLU J 135 38.07 -32.00 -97.48
N ALA J 136 37.30 -32.83 -98.20
CA ALA J 136 37.80 -33.36 -99.46
C ALA J 136 38.12 -32.25 -100.44
N ARG J 137 37.20 -31.31 -100.62
CA ARG J 137 37.43 -30.25 -101.60
C ARG J 137 38.51 -29.28 -101.15
N ARG J 138 38.60 -29.00 -99.84
CA ARG J 138 39.63 -28.08 -99.37
C ARG J 138 41.02 -28.70 -99.52
N ILE J 139 41.15 -30.01 -99.31
CA ILE J 139 42.42 -30.67 -99.58
C ILE J 139 42.71 -30.69 -101.08
N ALA J 140 41.67 -30.89 -101.89
CA ALA J 140 41.87 -30.92 -103.34
C ALA J 140 42.38 -29.58 -103.86
N GLU J 141 41.80 -28.48 -103.38
CA GLU J 141 42.21 -27.16 -103.85
C GLU J 141 43.50 -26.71 -103.17
N SER K 2 68.70 -15.86 -44.72
CA SER K 2 67.71 -16.93 -44.68
C SER K 2 66.98 -17.05 -46.00
N THR K 3 66.95 -15.95 -46.76
CA THR K 3 66.26 -15.93 -48.04
C THR K 3 67.07 -16.57 -49.17
N ILE K 4 68.32 -16.95 -48.92
CA ILE K 4 69.16 -17.61 -49.91
C ILE K 4 69.63 -18.94 -49.33
N THR K 5 69.41 -20.03 -50.08
CA THR K 5 69.80 -21.36 -49.64
C THR K 5 70.35 -22.14 -50.83
N GLN K 6 71.34 -22.99 -50.56
CA GLN K 6 71.96 -23.81 -51.60
C GLN K 6 72.03 -25.25 -51.12
N PHE K 7 71.74 -26.19 -52.01
CA PHE K 7 71.77 -27.61 -51.72
C PHE K 7 72.59 -28.37 -52.76
N PRO K 8 73.13 -29.52 -52.40
CA PRO K 8 73.83 -30.35 -53.39
C PRO K 8 72.86 -30.89 -54.43
N SER K 9 73.40 -31.14 -55.62
CA SER K 9 72.61 -31.58 -56.76
C SER K 9 72.55 -33.10 -56.84
N GLY K 10 71.48 -33.59 -57.44
CA GLY K 10 71.34 -35.02 -57.68
C GLY K 10 70.02 -35.62 -57.24
N ASN K 11 69.32 -34.95 -56.33
CA ASN K 11 68.08 -35.48 -55.79
C ASN K 11 66.93 -35.21 -56.75
N THR K 12 65.70 -35.53 -56.33
CA THR K 12 64.50 -35.27 -57.11
C THR K 12 63.49 -34.40 -56.38
N GLN K 13 63.68 -34.14 -55.09
CA GLN K 13 62.79 -33.28 -54.33
C GLN K 13 63.61 -32.26 -53.55
N TYR K 14 63.03 -31.09 -53.33
CA TYR K 14 63.67 -30.02 -52.58
C TYR K 14 62.62 -29.27 -51.77
N ARG K 15 63.07 -28.59 -50.73
CA ARG K 15 62.17 -27.96 -49.76
C ARG K 15 62.28 -26.45 -49.82
N ILE K 16 61.15 -25.79 -49.55
CA ILE K 16 61.08 -24.33 -49.47
C ILE K 16 61.05 -23.94 -48.00
N GLU K 17 61.88 -22.97 -47.63
CA GLU K 17 62.12 -22.65 -46.22
C GLU K 17 61.92 -21.17 -45.95
N PHE K 18 60.96 -20.54 -46.62
CA PHE K 18 60.62 -19.15 -46.32
C PHE K 18 59.20 -18.87 -46.78
N ASP K 19 58.62 -17.81 -46.24
CA ASP K 19 57.27 -17.41 -46.60
C ASP K 19 57.29 -16.57 -47.87
N TYR K 20 56.16 -16.58 -48.58
CA TYR K 20 56.01 -15.79 -49.79
C TYR K 20 54.57 -15.33 -49.93
N LEU K 21 54.36 -14.32 -50.75
CA LEU K 21 53.03 -13.79 -51.01
C LEU K 21 52.39 -14.34 -52.27
N ALA K 22 53.19 -14.83 -53.22
CA ALA K 22 52.65 -15.41 -54.45
C ALA K 22 53.66 -16.41 -55.00
N ARG K 23 53.17 -17.35 -55.79
CA ARG K 23 54.01 -18.40 -56.34
C ARG K 23 54.96 -17.91 -57.42
N THR K 24 54.82 -16.68 -57.89
CA THR K 24 55.69 -16.13 -58.92
C THR K 24 56.91 -15.43 -58.35
N PHE K 25 57.09 -15.47 -57.03
CA PHE K 25 58.20 -14.82 -56.36
C PHE K 25 59.31 -15.79 -55.99
N VAL K 26 59.32 -16.99 -56.57
CA VAL K 26 60.28 -18.03 -56.27
C VAL K 26 61.08 -18.34 -57.54
N VAL K 27 62.40 -18.34 -57.42
CA VAL K 27 63.30 -18.55 -58.55
C VAL K 27 64.20 -19.74 -58.25
N VAL K 28 64.41 -20.58 -59.27
CA VAL K 28 65.26 -21.75 -59.17
C VAL K 28 66.35 -21.66 -60.23
N THR K 29 67.58 -22.00 -59.84
CA THR K 29 68.72 -21.83 -60.70
C THR K 29 69.70 -22.98 -60.51
N LEU K 30 70.34 -23.40 -61.61
CA LEU K 30 71.42 -24.35 -61.57
C LEU K 30 72.76 -23.61 -61.59
N VAL K 31 73.68 -24.01 -60.72
CA VAL K 31 74.91 -23.27 -60.48
C VAL K 31 76.10 -24.14 -60.83
N ASN K 32 77.04 -23.57 -61.57
CA ASN K 32 78.33 -24.18 -61.85
C ASN K 32 79.40 -23.37 -61.12
N SER K 33 80.08 -24.00 -60.17
CA SER K 33 80.99 -23.27 -59.29
C SER K 33 82.26 -22.86 -60.03
N SER K 34 82.72 -23.68 -60.97
CA SER K 34 84.00 -23.44 -61.62
C SER K 34 84.01 -22.13 -62.39
N ASN K 35 83.17 -22.02 -63.42
CA ASN K 35 83.08 -20.82 -64.25
C ASN K 35 81.64 -20.34 -64.27
N PRO K 36 81.27 -19.39 -63.41
CA PRO K 36 79.87 -18.95 -63.34
C PRO K 36 79.45 -18.13 -64.55
N THR K 37 79.67 -18.67 -65.75
CA THR K 37 79.21 -18.04 -66.99
C THR K 37 78.25 -18.93 -67.75
N LEU K 38 77.95 -20.12 -67.23
CA LEU K 38 77.02 -21.05 -67.87
C LEU K 38 75.78 -21.28 -67.02
N ASN K 39 75.50 -20.41 -66.06
CA ASN K 39 74.32 -20.57 -65.22
C ASN K 39 73.06 -20.47 -66.06
N ARG K 40 72.05 -21.25 -65.69
CA ARG K 40 70.78 -21.27 -66.39
C ARG K 40 69.65 -21.15 -65.38
N VAL K 41 68.57 -20.49 -65.79
CA VAL K 41 67.39 -20.28 -64.95
C VAL K 41 66.25 -21.14 -65.48
N LEU K 42 65.62 -21.88 -64.58
CA LEU K 42 64.51 -22.76 -64.92
C LEU K 42 63.19 -22.01 -64.78
N GLU K 43 62.21 -22.43 -65.59
CA GLU K 43 60.89 -21.82 -65.58
C GLU K 43 59.83 -22.88 -65.26
N VAL K 44 58.78 -22.44 -64.56
CA VAL K 44 57.78 -23.37 -64.06
C VAL K 44 56.98 -23.96 -65.22
N GLY K 45 56.41 -25.14 -64.97
CA GLY K 45 55.52 -25.77 -65.93
C GLY K 45 56.19 -26.82 -66.80
N ARG K 46 57.42 -26.57 -67.23
CA ARG K 46 58.10 -27.45 -68.16
C ARG K 46 59.46 -27.88 -67.61
N ASP K 47 59.80 -27.43 -66.40
CA ASP K 47 61.06 -27.81 -65.79
C ASP K 47 60.84 -28.36 -64.39
N TYR K 48 59.80 -27.89 -63.70
CA TYR K 48 59.48 -28.36 -62.37
C TYR K 48 58.01 -28.06 -62.08
N ARG K 49 57.47 -28.75 -61.08
CA ARG K 49 56.08 -28.60 -60.69
C ARG K 49 55.99 -28.52 -59.17
N PHE K 50 54.95 -27.86 -58.69
CA PHE K 50 54.67 -27.82 -57.27
C PHE K 50 53.90 -29.07 -56.84
N LEU K 51 54.23 -29.56 -55.65
CA LEU K 51 53.56 -30.70 -55.05
C LEU K 51 52.70 -30.29 -53.86
N ASN K 52 53.30 -29.63 -52.89
CA ASN K 52 52.61 -29.01 -51.77
C ASN K 52 53.21 -27.63 -51.55
N PRO K 53 52.53 -26.76 -50.78
CA PRO K 53 53.04 -25.39 -50.62
C PRO K 53 54.47 -25.27 -50.12
N THR K 54 55.13 -26.37 -49.72
CA THR K 54 56.49 -26.30 -49.20
C THR K 54 57.43 -27.30 -49.85
N MET K 55 57.11 -27.81 -51.05
CA MET K 55 58.00 -28.76 -51.71
C MET K 55 57.74 -28.77 -53.20
N ILE K 56 58.81 -28.96 -53.98
CA ILE K 56 58.74 -28.99 -55.43
C ILE K 56 59.43 -30.26 -55.92
N GLU K 57 59.30 -30.52 -57.22
CA GLU K 57 59.94 -31.65 -57.88
C GLU K 57 60.91 -31.14 -58.94
N MET K 58 61.46 -32.07 -59.72
CA MET K 58 62.36 -31.74 -60.81
C MET K 58 62.06 -32.66 -62.00
N LEU K 59 62.13 -32.09 -63.20
CA LEU K 59 61.85 -32.84 -64.42
C LEU K 59 62.98 -32.80 -65.45
N VAL K 60 64.07 -32.07 -65.20
CA VAL K 60 65.17 -31.98 -66.15
C VAL K 60 66.34 -32.79 -65.64
N ASP K 61 67.36 -32.96 -66.48
CA ASP K 61 68.56 -33.72 -66.11
C ASP K 61 69.59 -32.78 -65.48
N GLN K 62 70.14 -33.21 -64.34
CA GLN K 62 71.11 -32.42 -63.59
C GLN K 62 72.52 -32.92 -63.92
N SER K 63 72.95 -32.63 -65.14
CA SER K 63 74.25 -33.04 -65.63
C SER K 63 75.11 -31.82 -65.88
N GLY K 64 76.35 -31.87 -65.38
CA GLY K 64 77.26 -30.75 -65.49
C GLY K 64 77.10 -29.69 -64.43
N PHE K 65 76.18 -29.88 -63.48
CA PHE K 65 75.92 -28.92 -62.42
C PHE K 65 76.03 -29.62 -61.08
N ASP K 66 76.30 -28.83 -60.04
CA ASP K 66 76.59 -29.42 -58.73
C ASP K 66 75.89 -28.71 -57.56
N ILE K 67 75.33 -27.54 -57.79
CA ILE K 67 74.57 -26.83 -56.75
C ILE K 67 73.26 -26.32 -57.35
N VAL K 68 72.21 -26.39 -56.54
CA VAL K 68 70.90 -25.83 -56.88
C VAL K 68 70.57 -24.75 -55.86
N ARG K 69 70.18 -23.58 -56.36
CA ARG K 69 69.95 -22.41 -55.51
C ARG K 69 68.50 -21.95 -55.64
N ILE K 70 67.90 -21.62 -54.49
CA ILE K 70 66.54 -21.12 -54.41
C ILE K 70 66.55 -19.83 -53.59
N HIS K 71 65.91 -18.79 -54.10
CA HIS K 71 65.83 -17.51 -53.40
C HIS K 71 64.53 -16.80 -53.76
N ARG K 72 64.22 -15.77 -52.98
CA ARG K 72 62.98 -15.02 -53.10
C ARG K 72 63.25 -13.64 -53.68
N GLN K 73 62.34 -13.16 -54.52
CA GLN K 73 62.47 -11.87 -55.20
C GLN K 73 61.08 -11.23 -55.27
N THR K 74 60.80 -10.33 -54.34
CA THR K 74 59.50 -9.67 -54.29
C THR K 74 59.45 -8.52 -55.29
N GLY K 75 58.26 -8.31 -55.85
CA GLY K 75 58.05 -7.23 -56.80
C GLY K 75 57.94 -5.87 -56.11
N THR K 76 57.87 -4.83 -56.94
CA THR K 76 57.81 -3.46 -56.46
C THR K 76 56.50 -2.76 -56.80
N ASP K 77 55.53 -3.48 -57.34
CA ASP K 77 54.24 -2.89 -57.70
C ASP K 77 53.27 -2.99 -56.53
N LEU K 78 52.44 -1.97 -56.38
CA LEU K 78 51.48 -1.94 -55.28
C LEU K 78 50.45 -3.05 -55.44
N VAL K 79 49.97 -3.56 -54.30
CA VAL K 79 49.00 -4.64 -54.28
C VAL K 79 47.60 -4.11 -54.01
N VAL K 80 47.45 -3.21 -53.05
CA VAL K 80 46.15 -2.67 -52.67
C VAL K 80 46.09 -1.19 -53.03
N ASP K 81 44.97 -0.79 -53.63
CA ASP K 81 44.74 0.60 -54.01
C ASP K 81 43.64 1.17 -53.14
N PHE K 82 43.96 2.20 -52.37
CA PHE K 82 42.99 2.86 -51.52
C PHE K 82 42.24 3.92 -52.32
N ARG K 83 40.93 4.02 -52.06
CA ARG K 83 40.09 5.00 -52.73
C ARG K 83 39.13 5.61 -51.73
N ASN K 84 38.79 6.88 -51.95
CA ASN K 84 37.87 7.58 -51.06
C ASN K 84 36.46 7.06 -51.26
N GLY K 85 35.76 6.84 -50.15
CA GLY K 85 34.38 6.38 -50.16
C GLY K 85 34.19 4.92 -49.83
N SER K 86 35.26 4.11 -49.89
CA SER K 86 35.17 2.69 -49.62
C SER K 86 35.21 2.43 -48.12
N VAL K 87 35.24 1.15 -47.75
CA VAL K 87 35.22 0.73 -46.36
C VAL K 87 36.57 0.12 -46.02
N LEU K 88 37.08 0.45 -44.83
CA LEU K 88 38.40 0.04 -44.38
C LEU K 88 38.31 -1.36 -43.77
N THR K 89 39.19 -2.26 -44.20
CA THR K 89 39.24 -3.63 -43.71
C THR K 89 40.67 -3.99 -43.31
N ALA K 90 40.79 -5.08 -42.56
CA ALA K 90 42.09 -5.44 -41.98
C ALA K 90 43.04 -6.05 -43.00
N SER K 91 42.49 -6.80 -43.96
CA SER K 91 43.34 -7.56 -44.89
C SER K 91 44.22 -6.63 -45.71
N ASP K 92 43.69 -5.49 -46.13
CA ASP K 92 44.47 -4.54 -46.91
C ASP K 92 45.68 -4.05 -46.12
N LEU K 93 45.45 -3.68 -44.86
CA LEU K 93 46.55 -3.22 -44.00
C LEU K 93 47.58 -4.32 -43.80
N THR K 94 47.12 -5.55 -43.59
CA THR K 94 48.04 -6.67 -43.37
C THR K 94 48.94 -6.87 -44.59
N ASN K 95 48.34 -6.92 -45.79
CA ASN K 95 49.13 -7.12 -47.00
C ASN K 95 50.10 -5.98 -47.21
N SER K 96 49.65 -4.74 -46.99
CA SER K 96 50.51 -3.59 -47.18
C SER K 96 51.72 -3.64 -46.25
N GLU K 97 51.51 -4.02 -45.00
CA GLU K 97 52.62 -4.14 -44.06
C GLU K 97 53.59 -5.25 -44.48
N LEU K 98 53.04 -6.40 -44.84
CA LEU K 98 53.88 -7.56 -45.15
C LEU K 98 54.79 -7.30 -46.35
N GLN K 99 54.26 -6.63 -47.38
CA GLN K 99 55.08 -6.38 -48.56
C GLN K 99 56.34 -5.58 -48.23
N ALA K 100 56.17 -4.49 -47.48
CA ALA K 100 57.31 -3.65 -47.13
C ALA K 100 58.29 -4.39 -46.24
N ILE K 101 57.77 -5.15 -45.26
CA ILE K 101 58.68 -5.88 -44.37
C ILE K 101 59.51 -6.88 -45.17
N HIS K 102 58.87 -7.61 -46.08
CA HIS K 102 59.61 -8.55 -46.91
C HIS K 102 60.71 -7.85 -47.69
N ILE K 103 60.35 -6.78 -48.43
CA ILE K 103 61.33 -6.11 -49.28
C ILE K 103 62.53 -5.63 -48.47
N ALA K 104 62.28 -5.08 -47.28
CA ALA K 104 63.38 -4.69 -46.41
C ALA K 104 64.25 -5.89 -46.05
N GLU K 105 63.62 -7.05 -45.83
CA GLU K 105 64.39 -8.25 -45.51
C GLU K 105 65.37 -8.60 -46.64
N GLU K 106 64.88 -8.67 -47.88
CA GLU K 106 65.82 -9.00 -48.96
C GLU K 106 66.90 -7.95 -49.10
N GLY K 107 66.54 -6.67 -48.93
CA GLY K 107 67.55 -5.62 -49.06
C GLY K 107 68.69 -5.80 -48.07
N ARG K 108 68.36 -6.00 -46.79
CA ARG K 108 69.40 -6.18 -45.79
C ARG K 108 70.22 -7.43 -46.05
N ASP K 109 69.55 -8.54 -46.38
CA ASP K 109 70.25 -9.80 -46.58
C ASP K 109 71.21 -9.70 -47.76
N GLN K 110 70.83 -8.95 -48.79
CA GLN K 110 71.71 -8.77 -49.94
C GLN K 110 72.92 -7.91 -49.56
N THR K 111 72.68 -6.77 -48.90
CA THR K 111 73.77 -5.82 -48.72
C THR K 111 74.82 -6.32 -47.71
N VAL K 112 74.38 -7.01 -46.65
CA VAL K 112 75.31 -7.37 -45.59
C VAL K 112 76.41 -8.30 -46.11
N ASP K 113 76.06 -9.18 -47.04
CA ASP K 113 76.98 -10.17 -47.58
C ASP K 113 78.20 -9.50 -48.20
N LEU K 114 77.98 -8.48 -49.03
CA LEU K 114 79.11 -7.79 -49.65
C LEU K 114 79.80 -6.85 -48.66
N ALA K 115 79.04 -6.34 -47.69
CA ALA K 115 79.64 -5.36 -46.76
C ALA K 115 80.68 -6.01 -45.84
N LYS K 116 80.39 -7.23 -45.35
CA LYS K 116 81.13 -7.77 -44.21
C LYS K 116 82.62 -7.90 -44.46
N GLU K 117 83.02 -8.51 -45.58
CA GLU K 117 84.43 -8.82 -45.79
C GLU K 117 85.27 -7.55 -45.88
N TYR K 118 84.79 -6.57 -46.64
CA TYR K 118 85.50 -5.30 -46.72
C TYR K 118 85.62 -4.68 -45.35
N ALA K 119 84.52 -4.67 -44.60
CA ALA K 119 84.53 -4.02 -43.29
C ALA K 119 85.56 -4.64 -42.35
N ASP K 120 85.51 -5.96 -42.17
CA ASP K 120 86.34 -6.56 -41.14
C ASP K 120 87.79 -6.64 -41.58
N ALA K 121 88.02 -6.82 -42.89
CA ALA K 121 89.39 -6.79 -43.39
C ALA K 121 90.03 -5.44 -43.12
N ALA K 122 89.34 -4.36 -43.49
CA ALA K 122 89.89 -3.03 -43.24
C ALA K 122 90.12 -2.80 -41.76
N GLY K 123 89.14 -3.13 -40.92
CA GLY K 123 89.27 -2.89 -39.49
C GLY K 123 90.42 -3.66 -38.87
N SER K 124 90.53 -4.94 -39.19
CA SER K 124 91.58 -5.77 -38.60
C SER K 124 92.95 -5.30 -39.04
N SER K 125 93.14 -5.06 -40.35
CA SER K 125 94.44 -4.60 -40.82
C SER K 125 94.81 -3.28 -40.16
N ALA K 126 93.87 -2.34 -40.10
CA ALA K 126 94.13 -1.05 -39.50
C ALA K 126 94.53 -1.19 -38.04
N GLY K 127 93.78 -2.00 -37.28
CA GLY K 127 94.08 -2.14 -35.86
C GLY K 127 95.43 -2.78 -35.59
N ASN K 128 95.73 -3.86 -36.32
CA ASN K 128 97.01 -4.54 -36.12
C ASN K 128 98.17 -3.63 -36.48
N ALA K 129 98.10 -2.95 -37.62
CA ALA K 129 99.17 -2.03 -37.99
C ALA K 129 99.30 -0.92 -36.97
N LYS K 130 98.17 -0.37 -36.52
CA LYS K 130 98.12 0.67 -35.52
C LYS K 130 98.89 0.29 -34.27
N ASP K 131 98.51 -0.82 -33.64
CA ASP K 131 99.19 -1.24 -32.42
C ASP K 131 100.66 -1.55 -32.66
N SER K 132 100.96 -2.25 -33.76
CA SER K 132 102.33 -2.65 -34.02
C SER K 132 103.25 -1.44 -34.16
N GLU K 133 102.79 -0.41 -34.86
CA GLU K 133 103.59 0.82 -34.95
C GLU K 133 103.66 1.53 -33.60
N ASP K 134 102.49 1.77 -32.99
CA ASP K 134 102.43 2.67 -31.84
C ASP K 134 103.23 2.14 -30.67
N GLU K 135 102.96 0.90 -30.25
CA GLU K 135 103.58 0.38 -29.06
C GLU K 135 105.09 0.22 -29.25
N ALA K 136 105.49 -0.31 -30.41
CA ALA K 136 106.91 -0.52 -30.67
C ALA K 136 107.67 0.80 -30.68
N ARG K 137 107.13 1.82 -31.35
CA ARG K 137 107.86 3.08 -31.42
C ARG K 137 107.86 3.81 -30.08
N ARG K 138 106.76 3.71 -29.32
CA ARG K 138 106.74 4.31 -27.99
C ARG K 138 107.76 3.67 -27.08
N ILE K 139 107.89 2.34 -27.13
CA ILE K 139 108.91 1.67 -26.32
C ILE K 139 110.31 2.05 -26.80
N ALA K 140 110.49 2.15 -28.13
CA ALA K 140 111.80 2.50 -28.66
C ALA K 140 112.24 3.89 -28.22
N GLU K 141 111.33 4.85 -28.24
CA GLU K 141 111.67 6.22 -27.83
C GLU K 141 111.69 6.34 -26.32
N SER L 2 26.93 -31.70 72.53
CA SER L 2 27.63 -31.91 71.28
C SER L 2 28.89 -31.05 71.21
N THR L 3 28.96 -30.05 72.08
CA THR L 3 30.11 -29.16 72.13
C THR L 3 31.16 -29.60 73.14
N ILE L 4 30.96 -30.73 73.80
CA ILE L 4 31.93 -31.29 74.73
C ILE L 4 32.19 -32.73 74.36
N THR L 5 33.47 -33.09 74.22
CA THR L 5 33.85 -34.44 73.84
C THR L 5 35.02 -34.89 74.70
N GLN L 6 35.05 -36.19 75.02
CA GLN L 6 36.12 -36.77 75.83
C GLN L 6 36.56 -38.07 75.18
N PHE L 7 37.88 -38.28 75.13
CA PHE L 7 38.47 -39.48 74.54
C PHE L 7 39.50 -40.09 75.48
N PRO L 8 39.74 -41.39 75.37
CA PRO L 8 40.80 -42.01 76.18
C PRO L 8 42.16 -41.48 75.80
N SER L 9 43.06 -41.46 76.77
CA SER L 9 44.40 -40.92 76.61
C SER L 9 45.36 -42.00 76.13
N GLY L 10 46.38 -41.58 75.39
CA GLY L 10 47.41 -42.50 74.95
C GLY L 10 47.75 -42.38 73.48
N ASN L 11 46.82 -41.88 72.67
CA ASN L 11 47.03 -41.78 71.23
C ASN L 11 47.89 -40.57 70.91
N THR L 12 48.10 -40.32 69.63
CA THR L 12 48.85 -39.16 69.17
C THR L 12 48.07 -38.26 68.22
N GLN L 13 46.90 -38.70 67.75
CA GLN L 13 46.11 -37.95 66.79
C GLN L 13 44.65 -37.96 67.23
N TYR L 14 43.99 -36.81 67.13
CA TYR L 14 42.62 -36.65 67.61
C TYR L 14 41.81 -35.84 66.61
N ARG L 15 40.49 -36.00 66.67
CA ARG L 15 39.58 -35.38 65.73
C ARG L 15 38.77 -34.26 66.39
N ILE L 16 38.25 -33.37 65.55
CA ILE L 16 37.41 -32.26 65.98
C ILE L 16 36.03 -32.44 65.39
N GLU L 17 35.00 -32.34 66.22
CA GLU L 17 33.65 -32.73 65.83
C GLU L 17 32.65 -31.60 66.06
N PHE L 18 33.03 -30.36 65.76
CA PHE L 18 32.08 -29.26 65.78
C PHE L 18 32.61 -28.11 64.94
N ASP L 19 31.71 -27.21 64.56
CA ASP L 19 32.09 -26.05 63.78
C ASP L 19 32.65 -24.94 64.67
N TYR L 20 33.37 -24.02 64.07
CA TYR L 20 33.98 -22.91 64.78
C TYR L 20 34.28 -21.76 63.83
N LEU L 21 34.20 -20.55 64.36
CA LEU L 21 34.42 -19.35 63.57
C LEU L 21 35.90 -18.95 63.48
N ALA L 22 36.69 -19.26 64.50
CA ALA L 22 38.10 -18.92 64.51
C ALA L 22 38.87 -20.00 65.24
N ARG L 23 40.16 -20.09 64.94
CA ARG L 23 41.02 -21.14 65.48
C ARG L 23 41.40 -20.89 66.93
N THR L 24 41.07 -19.73 67.48
CA THR L 24 41.36 -19.41 68.87
C THR L 24 40.21 -19.78 69.81
N PHE L 25 39.16 -20.40 69.29
CA PHE L 25 37.99 -20.76 70.09
C PHE L 25 37.99 -22.23 70.51
N VAL L 26 39.12 -22.92 70.39
CA VAL L 26 39.24 -24.33 70.71
C VAL L 26 40.19 -24.49 71.87
N VAL L 27 39.78 -25.26 72.88
CA VAL L 27 40.56 -25.46 74.09
C VAL L 27 40.82 -26.95 74.28
N VAL L 28 42.04 -27.26 74.69
CA VAL L 28 42.46 -28.64 74.93
C VAL L 28 42.94 -28.76 76.37
N THR L 29 42.47 -29.79 77.06
CA THR L 29 42.77 -29.95 78.48
C THR L 29 43.05 -31.41 78.79
N LEU L 30 43.98 -31.64 79.72
CA LEU L 30 44.26 -32.97 80.25
C LEU L 30 43.52 -33.15 81.58
N VAL L 31 42.86 -34.29 81.73
CA VAL L 31 41.97 -34.52 82.86
C VAL L 31 42.47 -35.70 83.68
N ASN L 32 42.43 -35.52 85.00
CA ASN L 32 42.70 -36.59 85.96
C ASN L 32 41.38 -36.88 86.67
N SER L 33 40.77 -38.02 86.34
CA SER L 33 39.44 -38.33 86.85
C SER L 33 39.42 -38.46 88.36
N SER L 34 40.44 -39.11 88.93
CA SER L 34 40.47 -39.37 90.36
C SER L 34 40.49 -38.09 91.17
N ASN L 35 41.53 -37.27 90.99
CA ASN L 35 41.68 -36.01 91.70
C ASN L 35 41.61 -34.86 90.71
N PRO L 36 40.47 -34.15 90.63
CA PRO L 36 40.32 -33.04 89.68
C PRO L 36 40.89 -31.73 90.18
N THR L 37 42.11 -31.78 90.74
CA THR L 37 42.81 -30.60 91.19
C THR L 37 44.19 -30.47 90.55
N LEU L 38 44.52 -31.34 89.61
CA LEU L 38 45.81 -31.30 88.93
C LEU L 38 45.66 -31.10 87.43
N ASN L 39 44.52 -30.59 86.97
CA ASN L 39 44.30 -30.39 85.54
C ASN L 39 45.24 -29.31 85.01
N ARG L 40 45.63 -29.46 83.74
CA ARG L 40 46.48 -28.50 83.09
C ARG L 40 45.91 -28.16 81.72
N VAL L 41 46.15 -26.93 81.28
CA VAL L 41 45.65 -26.45 80.00
C VAL L 41 46.81 -26.32 79.03
N LEU L 42 46.64 -26.86 77.84
CA LEU L 42 47.65 -26.83 76.80
C LEU L 42 47.49 -25.57 75.95
N GLU L 43 48.58 -25.16 75.31
CA GLU L 43 48.61 -23.96 74.49
C GLU L 43 49.20 -24.27 73.13
N VAL L 44 48.67 -23.59 72.10
CA VAL L 44 49.07 -23.86 70.73
C VAL L 44 50.51 -23.41 70.51
N GLY L 45 51.20 -24.11 69.61
CA GLY L 45 52.55 -23.76 69.22
C GLY L 45 53.65 -24.59 69.85
N ARG L 46 53.51 -24.89 71.14
CA ARG L 46 54.52 -25.68 71.85
C ARG L 46 53.99 -27.01 72.36
N ASP L 47 52.66 -27.21 72.36
CA ASP L 47 52.06 -28.46 72.83
C ASP L 47 51.37 -29.22 71.71
N TYR L 48 50.56 -28.56 70.90
CA TYR L 48 49.87 -29.20 69.80
C TYR L 48 49.96 -28.34 68.56
N ARG L 49 49.83 -28.97 67.39
CA ARG L 49 49.87 -28.30 66.12
C ARG L 49 48.72 -28.79 65.25
N PHE L 50 48.14 -27.90 64.46
CA PHE L 50 47.10 -28.29 63.53
C PHE L 50 47.70 -29.00 62.32
N LEU L 51 46.94 -29.93 61.76
CA LEU L 51 47.32 -30.64 60.55
C LEU L 51 46.41 -30.26 59.39
N ASN L 52 45.11 -30.45 59.54
CA ASN L 52 44.09 -29.98 58.61
C ASN L 52 43.00 -29.32 59.44
N PRO L 53 42.04 -28.64 58.80
CA PRO L 53 41.01 -27.93 59.57
C PRO L 53 40.23 -28.79 60.56
N THR L 54 40.38 -30.12 60.55
CA THR L 54 39.55 -30.97 61.39
C THR L 54 40.36 -32.03 62.11
N MET L 55 41.63 -31.76 62.40
CA MET L 55 42.43 -32.78 63.09
C MET L 55 43.71 -32.14 63.60
N ILE L 56 44.16 -32.60 64.77
CA ILE L 56 45.32 -32.05 65.46
C ILE L 56 46.27 -33.18 65.83
N GLU L 57 47.46 -32.79 66.31
CA GLU L 57 48.48 -33.72 66.78
C GLU L 57 48.97 -33.28 68.15
N MET L 58 49.57 -34.21 68.88
CA MET L 58 50.05 -33.95 70.24
C MET L 58 51.57 -34.09 70.30
N LEU L 59 52.19 -33.24 71.12
CA LEU L 59 53.65 -33.18 71.21
C LEU L 59 54.16 -33.13 72.64
N VAL L 60 53.40 -33.65 73.61
CA VAL L 60 53.80 -33.62 75.01
C VAL L 60 53.67 -35.02 75.60
N ASP L 61 54.12 -35.15 76.84
CA ASP L 61 54.11 -36.43 77.54
C ASP L 61 52.77 -36.62 78.25
N GLN L 62 52.05 -37.66 77.86
CA GLN L 62 50.75 -37.97 78.46
C GLN L 62 50.90 -39.02 79.56
N SER L 63 51.60 -38.63 80.62
CA SER L 63 51.85 -39.50 81.76
C SER L 63 51.13 -38.95 82.98
N GLY L 64 50.35 -39.80 83.64
CA GLY L 64 49.58 -39.39 84.80
C GLY L 64 48.20 -38.86 84.51
N PHE L 65 47.70 -39.03 83.29
CA PHE L 65 46.39 -38.52 82.90
C PHE L 65 45.62 -39.62 82.18
N ASP L 66 44.30 -39.46 82.12
CA ASP L 66 43.46 -40.53 81.64
C ASP L 66 42.51 -40.10 80.52
N ILE L 67 42.05 -38.84 80.55
CA ILE L 67 41.07 -38.34 79.60
C ILE L 67 41.59 -37.05 78.98
N VAL L 68 41.30 -36.88 77.68
CA VAL L 68 41.59 -35.65 76.96
C VAL L 68 40.25 -35.02 76.56
N ARG L 69 40.06 -33.76 76.92
CA ARG L 69 38.80 -33.06 76.70
C ARG L 69 38.99 -31.92 75.73
N ILE L 70 38.06 -31.80 74.78
CA ILE L 70 38.05 -30.72 73.79
C ILE L 70 36.66 -30.11 73.79
N HIS L 71 36.60 -28.78 73.93
CA HIS L 71 35.33 -28.06 73.93
C HIS L 71 35.53 -26.68 73.30
N ARG L 72 34.40 -26.03 73.00
CA ARG L 72 34.38 -24.75 72.31
C ARG L 72 33.97 -23.64 73.28
N GLN L 73 34.57 -22.46 73.09
CA GLN L 73 34.32 -21.30 73.95
C GLN L 73 34.37 -20.04 73.07
N THR L 74 33.19 -19.54 72.70
CA THR L 74 33.11 -18.37 71.84
C THR L 74 33.22 -17.09 72.66
N GLY L 75 33.84 -16.07 72.08
CA GLY L 75 34.00 -14.79 72.73
C GLY L 75 32.73 -13.96 72.69
N THR L 76 32.78 -12.81 73.36
CA THR L 76 31.62 -11.93 73.49
C THR L 76 31.75 -10.65 72.70
N ASP L 77 32.96 -10.24 72.31
CA ASP L 77 33.13 -9.01 71.56
C ASP L 77 32.51 -9.15 70.18
N LEU L 78 32.00 -8.03 69.66
CA LEU L 78 31.36 -8.03 68.35
C LEU L 78 32.38 -8.26 67.25
N VAL L 79 31.89 -8.72 66.10
CA VAL L 79 32.73 -8.99 64.94
C VAL L 79 32.56 -7.93 63.86
N VAL L 80 31.32 -7.60 63.53
CA VAL L 80 31.02 -6.63 62.49
C VAL L 80 30.57 -5.34 63.14
N ASP L 81 30.94 -4.21 62.51
CA ASP L 81 30.58 -2.89 63.00
C ASP L 81 29.82 -2.15 61.90
N PHE L 82 28.53 -1.94 62.12
CA PHE L 82 27.71 -1.21 61.16
C PHE L 82 27.90 0.29 61.33
N ARG L 83 28.06 1.00 60.23
CA ARG L 83 28.23 2.45 60.23
C ARG L 83 27.36 3.05 59.14
N ASN L 84 26.76 4.20 59.43
CA ASN L 84 25.92 4.86 58.44
C ASN L 84 26.74 5.32 57.25
N GLY L 85 26.16 5.19 56.06
CA GLY L 85 26.80 5.60 54.83
C GLY L 85 27.47 4.49 54.06
N SER L 86 27.64 3.32 54.67
CA SER L 86 28.29 2.21 54.00
C SER L 86 27.27 1.42 53.16
N VAL L 87 27.70 0.26 52.66
CA VAL L 87 26.89 -0.58 51.80
C VAL L 87 26.62 -1.89 52.50
N LEU L 88 25.39 -2.39 52.41
CA LEU L 88 24.96 -3.60 53.09
C LEU L 88 25.41 -4.82 52.26
N THR L 89 25.97 -5.82 52.94
CA THR L 89 26.46 -7.03 52.30
C THR L 89 26.01 -8.25 53.10
N ALA L 90 25.94 -9.40 52.42
CA ALA L 90 25.37 -10.60 53.02
C ALA L 90 26.29 -11.20 54.08
N SER L 91 27.60 -11.13 53.86
CA SER L 91 28.54 -11.81 54.74
C SER L 91 28.45 -11.28 56.17
N ASP L 92 28.27 -9.97 56.32
CA ASP L 92 28.14 -9.38 57.64
C ASP L 92 26.94 -9.96 58.38
N LEU L 93 25.80 -10.03 57.69
CA LEU L 93 24.60 -10.59 58.29
C LEU L 93 24.82 -12.05 58.67
N THR L 94 25.48 -12.82 57.80
CA THR L 94 25.72 -14.23 58.08
C THR L 94 26.56 -14.40 59.34
N ASN L 95 27.68 -13.67 59.45
CA ASN L 95 28.53 -13.78 60.62
C ASN L 95 27.78 -13.35 61.88
N SER L 96 27.01 -12.26 61.77
CA SER L 96 26.27 -11.76 62.92
C SER L 96 25.28 -12.79 63.44
N GLU L 97 24.58 -13.46 62.53
CA GLU L 97 23.63 -14.51 62.93
C GLU L 97 24.36 -15.69 63.57
N LEU L 98 25.46 -16.12 62.94
CA LEU L 98 26.16 -17.32 63.41
C LEU L 98 26.70 -17.14 64.81
N GLN L 99 27.22 -15.96 65.13
CA GLN L 99 27.79 -15.73 66.46
C GLN L 99 26.74 -15.97 67.55
N ALA L 100 25.56 -15.37 67.39
CA ALA L 100 24.51 -15.49 68.40
C ALA L 100 24.02 -16.94 68.51
N ILE L 101 23.83 -17.61 67.36
CA ILE L 101 23.36 -18.99 67.41
C ILE L 101 24.36 -19.86 68.16
N HIS L 102 25.64 -19.72 67.84
CA HIS L 102 26.66 -20.49 68.54
C HIS L 102 26.61 -20.25 70.04
N ILE L 103 26.58 -18.98 70.45
CA ILE L 103 26.63 -18.65 71.88
C ILE L 103 25.47 -19.29 72.61
N ALA L 104 24.26 -19.17 72.04
CA ALA L 104 23.09 -19.81 72.66
C ALA L 104 23.29 -21.32 72.74
N GLU L 105 23.95 -21.91 71.74
CA GLU L 105 24.18 -23.35 71.76
C GLU L 105 24.99 -23.76 72.98
N GLU L 106 26.15 -23.13 73.20
CA GLU L 106 26.94 -23.61 74.36
C GLU L 106 26.23 -23.26 75.65
N GLY L 107 25.48 -22.15 75.68
CA GLY L 107 24.75 -21.83 76.91
C GLY L 107 23.77 -22.93 77.30
N ARG L 108 22.95 -23.37 76.34
CA ARG L 108 22.02 -24.45 76.64
C ARG L 108 22.74 -25.74 77.01
N ASP L 109 23.80 -26.09 76.26
CA ASP L 109 24.51 -27.33 76.51
C ASP L 109 25.11 -27.33 77.91
N GLN L 110 25.59 -26.17 78.36
CA GLN L 110 26.15 -26.07 79.70
C GLN L 110 25.07 -26.24 80.75
N THR L 111 23.95 -25.50 80.60
CA THR L 111 22.97 -25.46 81.69
C THR L 111 22.25 -26.80 81.87
N VAL L 112 21.99 -27.51 80.77
CA VAL L 112 21.20 -28.74 80.87
C VAL L 112 21.92 -29.77 81.74
N ASP L 113 23.25 -29.80 81.67
CA ASP L 113 24.08 -30.77 82.37
C ASP L 113 23.81 -30.71 83.87
N LEU L 114 23.80 -29.51 84.44
CA LEU L 114 23.56 -29.39 85.88
C LEU L 114 22.08 -29.44 86.21
N ALA L 115 21.22 -29.10 85.23
CA ALA L 115 19.80 -29.04 85.54
C ALA L 115 19.19 -30.44 85.69
N LYS L 116 19.51 -31.36 84.76
CA LYS L 116 18.66 -32.53 84.56
C LYS L 116 18.60 -33.45 85.77
N GLU L 117 19.74 -33.75 86.40
CA GLU L 117 19.76 -34.73 87.47
C GLU L 117 18.99 -34.22 88.68
N TYR L 118 19.18 -32.94 88.99
CA TYR L 118 18.45 -32.31 90.07
C TYR L 118 16.95 -32.39 89.79
N ALA L 119 16.57 -32.08 88.56
CA ALA L 119 15.16 -32.05 88.18
C ALA L 119 14.51 -33.43 88.36
N ASP L 120 15.10 -34.47 87.76
CA ASP L 120 14.40 -35.75 87.74
C ASP L 120 14.50 -36.43 89.10
N ALA L 121 15.55 -36.13 89.87
CA ALA L 121 15.60 -36.62 91.25
C ALA L 121 14.44 -36.06 92.07
N ALA L 122 14.25 -34.75 92.00
CA ALA L 122 13.14 -34.13 92.73
C ALA L 122 11.81 -34.71 92.27
N GLY L 123 11.63 -34.84 90.95
CA GLY L 123 10.39 -35.37 90.41
C GLY L 123 10.08 -36.80 90.84
N SER L 124 11.08 -37.69 90.75
CA SER L 124 10.87 -39.08 91.13
C SER L 124 10.56 -39.18 92.61
N SER L 125 11.30 -38.45 93.45
CA SER L 125 11.03 -38.48 94.88
C SER L 125 9.60 -38.03 95.17
N ALA L 126 9.19 -36.91 94.57
CA ALA L 126 7.86 -36.37 94.80
C ALA L 126 6.79 -37.36 94.38
N GLY L 127 6.93 -37.94 93.18
CA GLY L 127 5.92 -38.85 92.68
C GLY L 127 5.80 -40.11 93.52
N ASN L 128 6.93 -40.72 93.85
CA ASN L 128 6.91 -41.92 94.66
C ASN L 128 6.26 -41.66 96.02
N ALA L 129 6.69 -40.57 96.68
CA ALA L 129 6.14 -40.26 98.00
C ALA L 129 4.65 -39.98 97.91
N LYS L 130 4.21 -39.20 96.91
CA LYS L 130 2.82 -38.81 96.84
C LYS L 130 1.93 -40.02 96.59
N ASP L 131 2.34 -40.91 95.69
CA ASP L 131 1.54 -42.12 95.46
C ASP L 131 1.50 -42.99 96.71
N SER L 132 2.66 -43.22 97.33
CA SER L 132 2.69 -44.03 98.54
C SER L 132 1.71 -43.50 99.57
N GLU L 133 1.81 -42.19 99.87
CA GLU L 133 0.96 -41.58 100.89
C GLU L 133 -0.51 -41.67 100.50
N ASP L 134 -0.83 -41.31 99.25
CA ASP L 134 -2.23 -41.24 98.83
C ASP L 134 -2.92 -42.60 98.96
N GLU L 135 -2.40 -43.62 98.25
CA GLU L 135 -3.06 -44.92 98.31
C GLU L 135 -2.95 -45.56 99.70
N ALA L 136 -1.82 -45.37 100.40
CA ALA L 136 -1.68 -45.96 101.72
C ALA L 136 -2.73 -45.41 102.68
N ARG L 137 -2.96 -44.10 102.64
CA ARG L 137 -3.94 -43.50 103.54
C ARG L 137 -5.37 -43.82 103.09
N ARG L 138 -5.59 -43.88 101.76
CA ARG L 138 -6.94 -44.13 101.27
C ARG L 138 -7.39 -45.55 101.56
N ILE L 139 -6.47 -46.52 101.55
CA ILE L 139 -6.85 -47.90 101.85
C ILE L 139 -7.36 -48.03 103.27
N ALA L 140 -6.68 -47.37 104.22
CA ALA L 140 -7.03 -47.52 105.62
C ALA L 140 -8.44 -47.01 105.91
N GLU L 141 -8.80 -45.86 105.36
CA GLU L 141 -10.13 -45.29 105.59
C GLU L 141 -10.97 -45.34 104.33
N SER M 2 14.76 -20.09 -77.35
CA SER M 2 13.87 -21.23 -77.19
C SER M 2 14.31 -22.10 -76.01
N THR M 3 14.34 -23.42 -76.23
CA THR M 3 14.73 -24.37 -75.20
C THR M 3 15.93 -25.20 -75.60
N ILE M 4 16.78 -24.67 -76.47
CA ILE M 4 18.00 -25.37 -76.91
C ILE M 4 18.96 -24.33 -77.47
N THR M 5 20.24 -24.46 -77.11
CA THR M 5 21.26 -23.50 -77.52
C THR M 5 22.58 -24.21 -77.69
N GLN M 6 23.42 -23.69 -78.59
CA GLN M 6 24.74 -24.22 -78.85
C GLN M 6 25.76 -23.09 -78.85
N PHE M 7 26.95 -23.38 -78.35
CA PHE M 7 28.03 -22.41 -78.20
C PHE M 7 29.35 -23.02 -78.64
N PRO M 8 30.30 -22.19 -79.07
CA PRO M 8 31.64 -22.71 -79.37
C PRO M 8 32.38 -23.11 -78.11
N SER M 9 33.33 -24.02 -78.27
CA SER M 9 34.11 -24.53 -77.15
C SER M 9 35.23 -23.55 -76.81
N GLY M 10 36.16 -24.00 -75.96
CA GLY M 10 37.31 -23.19 -75.58
C GLY M 10 36.97 -21.98 -74.74
N ASN M 11 36.05 -22.14 -73.80
CA ASN M 11 35.66 -21.06 -72.89
C ASN M 11 35.60 -21.61 -71.47
N THR M 12 35.58 -20.70 -70.50
CA THR M 12 35.51 -21.08 -69.10
C THR M 12 34.10 -20.96 -68.53
N GLN M 13 33.35 -19.95 -68.95
CA GLN M 13 32.02 -19.69 -68.42
C GLN M 13 30.99 -19.70 -69.54
N TYR M 14 29.74 -19.88 -69.16
CA TYR M 14 28.62 -19.94 -70.10
C TYR M 14 27.38 -19.33 -69.46
N ARG M 15 26.40 -19.04 -70.29
CA ARG M 15 25.19 -18.34 -69.86
C ARG M 15 23.96 -19.21 -70.10
N ILE M 16 22.98 -19.05 -69.23
CA ILE M 16 21.68 -19.70 -69.36
C ILE M 16 20.62 -18.63 -69.56
N GLU M 17 19.81 -18.78 -70.61
CA GLU M 17 18.84 -17.75 -70.98
C GLU M 17 17.40 -18.17 -70.75
N PHE M 18 17.05 -19.44 -70.95
CA PHE M 18 15.67 -19.85 -70.76
C PHE M 18 15.31 -19.89 -69.28
N ASP M 19 14.06 -20.24 -69.00
CA ASP M 19 13.54 -20.25 -67.64
C ASP M 19 13.34 -21.68 -67.15
N TYR M 20 13.54 -21.88 -65.85
CA TYR M 20 13.39 -23.18 -65.23
C TYR M 20 12.78 -23.00 -63.85
N LEU M 21 12.17 -24.08 -63.34
CA LEU M 21 11.59 -24.08 -62.01
C LEU M 21 12.46 -24.77 -60.97
N ALA M 22 13.48 -25.52 -61.39
CA ALA M 22 14.40 -26.15 -60.46
C ALA M 22 15.75 -26.31 -61.15
N ARG M 23 16.79 -26.43 -60.35
CA ARG M 23 18.16 -26.49 -60.86
C ARG M 23 18.59 -27.90 -61.24
N THR M 24 17.72 -28.89 -61.12
CA THR M 24 17.98 -30.24 -61.60
C THR M 24 17.39 -30.48 -62.97
N PHE M 25 16.90 -29.44 -63.63
CA PHE M 25 16.26 -29.55 -64.93
C PHE M 25 17.17 -29.09 -66.07
N VAL M 26 18.46 -28.91 -65.81
CA VAL M 26 19.40 -28.41 -66.80
C VAL M 26 20.34 -29.55 -67.21
N VAL M 27 20.54 -29.72 -68.51
CA VAL M 27 21.36 -30.79 -69.06
C VAL M 27 22.45 -30.17 -69.94
N VAL M 28 23.68 -30.62 -69.76
CA VAL M 28 24.83 -30.13 -70.52
C VAL M 28 25.42 -31.29 -71.30
N THR M 29 25.89 -30.99 -72.52
CA THR M 29 26.40 -32.04 -73.40
C THR M 29 27.46 -31.45 -74.33
N LEU M 30 28.52 -32.22 -74.54
CA LEU M 30 29.59 -31.86 -75.46
C LEU M 30 29.33 -32.48 -76.83
N VAL M 31 29.54 -31.70 -77.89
CA VAL M 31 29.13 -32.08 -79.23
C VAL M 31 30.36 -32.25 -80.11
N ASN M 32 30.37 -33.35 -80.88
CA ASN M 32 31.39 -33.61 -81.89
C ASN M 32 30.70 -33.56 -83.26
N SER M 33 31.00 -32.52 -84.03
CA SER M 33 30.36 -32.35 -85.33
C SER M 33 30.79 -33.43 -86.31
N SER M 34 32.03 -33.90 -86.20
CA SER M 34 32.55 -34.89 -87.14
C SER M 34 31.76 -36.19 -87.07
N ASN M 35 31.53 -36.69 -85.86
CA ASN M 35 30.80 -37.94 -85.66
C ASN M 35 29.82 -37.76 -84.51
N PRO M 36 28.50 -37.86 -84.76
CA PRO M 36 27.55 -37.71 -83.65
C PRO M 36 27.66 -38.80 -82.59
N THR M 37 28.25 -39.95 -82.91
CA THR M 37 28.34 -41.04 -81.95
C THR M 37 29.33 -40.77 -80.82
N LEU M 38 30.13 -39.71 -80.92
CA LEU M 38 31.10 -39.36 -79.89
C LEU M 38 30.53 -38.48 -78.80
N ASN M 39 29.22 -38.20 -78.85
CA ASN M 39 28.59 -37.34 -77.86
C ASN M 39 28.57 -38.00 -76.50
N ARG M 40 28.80 -37.19 -75.46
CA ARG M 40 28.72 -37.65 -74.08
C ARG M 40 28.00 -36.60 -73.24
N VAL M 41 27.41 -37.06 -72.13
CA VAL M 41 26.65 -36.21 -71.23
C VAL M 41 27.46 -35.98 -69.97
N LEU M 42 27.64 -34.73 -69.59
CA LEU M 42 28.40 -34.39 -68.39
C LEU M 42 27.55 -34.63 -67.15
N GLU M 43 28.19 -34.49 -65.98
CA GLU M 43 27.56 -34.80 -64.71
C GLU M 43 27.86 -33.67 -63.73
N VAL M 44 26.84 -33.19 -63.03
CA VAL M 44 27.02 -32.02 -62.16
C VAL M 44 27.90 -32.39 -60.96
N GLY M 45 28.62 -31.40 -60.46
CA GLY M 45 29.53 -31.62 -59.34
C GLY M 45 30.89 -32.16 -59.73
N ARG M 46 30.92 -33.19 -60.57
CA ARG M 46 32.17 -33.71 -61.09
C ARG M 46 32.70 -32.90 -62.27
N ASP M 47 31.84 -32.23 -63.01
CA ASP M 47 32.22 -31.57 -64.25
C ASP M 47 31.95 -30.08 -64.27
N TYR M 48 30.86 -29.63 -63.63
CA TYR M 48 30.51 -28.22 -63.62
C TYR M 48 29.81 -27.88 -62.31
N ARG M 49 29.82 -26.59 -61.98
CA ARG M 49 29.26 -26.09 -60.73
C ARG M 49 28.54 -24.78 -60.99
N PHE M 50 27.66 -24.42 -60.07
CA PHE M 50 26.81 -23.24 -60.19
C PHE M 50 27.42 -22.09 -59.40
N LEU M 51 27.72 -20.99 -60.09
CA LEU M 51 28.20 -19.77 -59.45
C LEU M 51 27.04 -18.87 -59.00
N ASN M 52 26.19 -18.49 -59.95
CA ASN M 52 25.00 -17.70 -59.70
C ASN M 52 23.85 -18.36 -60.44
N PRO M 53 22.61 -17.92 -60.23
CA PRO M 53 21.47 -18.56 -60.91
C PRO M 53 21.50 -18.49 -62.43
N THR M 54 22.54 -17.88 -63.02
CA THR M 54 22.61 -17.77 -64.47
C THR M 54 23.92 -18.21 -65.10
N MET M 55 24.96 -18.55 -64.34
CA MET M 55 26.25 -18.94 -64.90
C MET M 55 26.70 -20.28 -64.35
N ILE M 56 27.45 -21.00 -65.18
CA ILE M 56 28.08 -22.26 -64.79
C ILE M 56 29.55 -22.20 -65.17
N GLU M 57 30.35 -23.04 -64.52
CA GLU M 57 31.79 -23.11 -64.75
C GLU M 57 32.18 -24.52 -65.12
N MET M 58 32.91 -24.67 -66.21
CA MET M 58 33.41 -25.97 -66.63
C MET M 58 34.67 -26.34 -65.86
N LEU M 59 34.76 -27.64 -65.52
CA LEU M 59 35.93 -28.16 -64.82
C LEU M 59 36.62 -29.27 -65.60
N VAL M 60 36.31 -29.43 -66.88
CA VAL M 60 36.89 -30.49 -67.70
C VAL M 60 37.65 -29.82 -68.84
N ASP M 61 38.51 -30.57 -69.52
CA ASP M 61 39.29 -30.04 -70.65
C ASP M 61 38.58 -30.35 -71.96
N GLN M 62 38.15 -29.29 -72.66
CA GLN M 62 37.56 -29.43 -73.98
C GLN M 62 38.68 -29.58 -75.01
N SER M 63 38.94 -30.82 -75.43
CA SER M 63 40.08 -31.08 -76.31
C SER M 63 39.64 -31.49 -77.70
N GLY M 64 38.81 -32.54 -77.80
CA GLY M 64 38.39 -33.03 -79.10
C GLY M 64 36.95 -32.71 -79.44
N PHE M 65 36.50 -31.51 -79.08
CA PHE M 65 35.13 -31.11 -79.30
C PHE M 65 35.09 -29.63 -79.63
N ASP M 66 33.98 -29.20 -80.24
CA ASP M 66 33.89 -27.84 -80.75
C ASP M 66 32.64 -27.12 -80.24
N ILE M 67 31.59 -27.86 -79.91
CA ILE M 67 30.29 -27.28 -79.59
C ILE M 67 29.81 -27.77 -78.24
N VAL M 68 29.24 -26.85 -77.47
CA VAL M 68 28.60 -27.13 -76.18
C VAL M 68 27.12 -26.86 -76.32
N ARG M 69 26.29 -27.82 -75.91
CA ARG M 69 24.85 -27.75 -76.09
C ARG M 69 24.16 -27.80 -74.73
N ILE M 70 23.20 -26.90 -74.52
CA ILE M 70 22.41 -26.85 -73.29
C ILE M 70 20.95 -26.85 -73.68
N HIS M 71 20.17 -27.72 -73.03
CA HIS M 71 18.72 -27.77 -73.23
C HIS M 71 18.04 -28.05 -71.90
N ARG M 72 16.71 -27.96 -71.91
CA ARG M 72 15.90 -28.09 -70.71
C ARG M 72 15.03 -29.34 -70.80
N GLN M 73 14.85 -30.01 -69.66
CA GLN M 73 13.98 -31.18 -69.56
C GLN M 73 13.28 -31.12 -68.21
N THR M 74 11.96 -30.92 -68.24
CA THR M 74 11.19 -30.73 -67.01
C THR M 74 10.75 -32.07 -66.43
N GLY M 75 10.71 -32.14 -65.11
CA GLY M 75 10.30 -33.34 -64.40
C GLY M 75 8.80 -33.53 -64.41
N THR M 76 8.35 -34.55 -63.67
CA THR M 76 6.94 -34.93 -63.67
C THR M 76 6.35 -34.99 -62.27
N ASP M 77 7.10 -34.60 -61.24
CA ASP M 77 6.58 -34.61 -59.88
C ASP M 77 6.00 -33.24 -59.53
N LEU M 78 5.20 -33.21 -58.48
CA LEU M 78 4.50 -32.00 -58.08
C LEU M 78 5.48 -31.00 -57.46
N VAL M 79 5.29 -29.73 -57.81
CA VAL M 79 6.05 -28.66 -57.19
C VAL M 79 5.27 -27.98 -56.06
N VAL M 80 3.95 -27.87 -56.22
CA VAL M 80 3.09 -27.27 -55.22
C VAL M 80 2.01 -28.28 -54.84
N ASP M 81 1.82 -28.50 -53.54
CA ASP M 81 0.82 -29.43 -53.05
C ASP M 81 -0.06 -28.73 -52.03
N PHE M 82 -1.35 -28.59 -52.35
CA PHE M 82 -2.28 -27.78 -51.57
C PHE M 82 -2.81 -28.55 -50.38
N ARG M 83 -2.85 -27.88 -49.23
CA ARG M 83 -3.40 -28.45 -48.00
C ARG M 83 -4.28 -27.42 -47.32
N ASN M 84 -5.35 -27.87 -46.67
CA ASN M 84 -6.26 -26.97 -46.00
C ASN M 84 -5.60 -26.32 -44.79
N GLY M 85 -5.91 -25.05 -44.55
CA GLY M 85 -5.43 -24.35 -43.38
C GLY M 85 -4.15 -23.56 -43.57
N SER M 86 -3.66 -23.42 -44.80
CA SER M 86 -2.41 -22.72 -45.08
C SER M 86 -2.70 -21.40 -45.77
N VAL M 87 -1.63 -20.64 -46.01
CA VAL M 87 -1.73 -19.32 -46.63
C VAL M 87 -1.51 -19.45 -48.12
N LEU M 88 -2.40 -18.84 -48.91
CA LEU M 88 -2.39 -18.96 -50.36
C LEU M 88 -2.06 -17.61 -50.99
N THR M 89 -1.13 -17.61 -51.94
CA THR M 89 -0.71 -16.41 -52.65
C THR M 89 -0.70 -16.66 -54.15
N ALA M 90 -0.30 -15.63 -54.90
CA ALA M 90 -0.41 -15.67 -56.35
C ALA M 90 0.65 -16.57 -56.98
N SER M 91 1.86 -16.56 -56.42
CA SER M 91 2.97 -17.30 -57.02
C SER M 91 2.66 -18.79 -57.09
N ASP M 92 1.91 -19.32 -56.12
CA ASP M 92 1.53 -20.72 -56.15
C ASP M 92 0.70 -21.04 -57.39
N LEU M 93 -0.34 -20.24 -57.61
CA LEU M 93 -1.20 -20.45 -58.77
C LEU M 93 -0.42 -20.25 -60.07
N THR M 94 0.56 -19.34 -60.06
CA THR M 94 1.36 -19.13 -61.26
C THR M 94 2.19 -20.37 -61.59
N ASN M 95 2.94 -20.89 -60.61
CA ASN M 95 3.83 -22.01 -60.87
C ASN M 95 3.05 -23.29 -61.20
N SER M 96 1.91 -23.49 -60.53
CA SER M 96 1.13 -24.71 -60.73
C SER M 96 0.69 -24.87 -62.18
N GLU M 97 0.58 -23.75 -62.90
CA GLU M 97 0.22 -23.83 -64.31
C GLU M 97 1.44 -23.71 -65.20
N LEU M 98 2.47 -23.00 -64.74
CA LEU M 98 3.68 -22.85 -65.53
C LEU M 98 4.34 -24.20 -65.78
N GLN M 99 4.27 -25.10 -64.79
CA GLN M 99 4.87 -26.43 -64.98
C GLN M 99 4.23 -27.18 -66.16
N ALA M 100 2.90 -27.25 -66.15
CA ALA M 100 2.20 -27.96 -67.21
C ALA M 100 2.36 -27.28 -68.56
N ILE M 101 2.50 -25.95 -68.58
CA ILE M 101 2.77 -25.29 -69.86
C ILE M 101 4.18 -25.64 -70.36
N HIS M 102 5.16 -25.67 -69.44
CA HIS M 102 6.53 -25.95 -69.85
C HIS M 102 6.65 -27.33 -70.47
N ILE M 103 6.03 -28.33 -69.85
CA ILE M 103 6.14 -29.70 -70.39
C ILE M 103 5.64 -29.76 -71.82
N ALA M 104 4.43 -29.23 -72.04
CA ALA M 104 3.82 -29.31 -73.36
C ALA M 104 4.62 -28.52 -74.39
N GLU M 105 5.13 -27.34 -74.01
CA GLU M 105 5.92 -26.55 -74.94
C GLU M 105 7.17 -27.29 -75.37
N GLU M 106 7.90 -27.85 -74.39
CA GLU M 106 9.13 -28.57 -74.71
C GLU M 106 8.85 -29.73 -75.64
N GLY M 107 7.82 -30.53 -75.33
CA GLY M 107 7.50 -31.70 -76.11
C GLY M 107 7.26 -31.42 -77.58
N ARG M 108 6.55 -30.32 -77.86
CA ARG M 108 6.29 -29.96 -79.25
C ARG M 108 7.54 -29.38 -79.92
N ASP M 109 8.29 -28.55 -79.19
CA ASP M 109 9.27 -27.70 -79.86
C ASP M 109 10.60 -28.41 -80.10
N GLN M 110 11.13 -29.10 -79.09
CA GLN M 110 12.56 -29.41 -79.05
C GLN M 110 13.09 -30.08 -80.31
N THR M 111 12.43 -31.16 -80.75
CA THR M 111 12.92 -31.92 -81.90
C THR M 111 12.84 -31.07 -83.17
N VAL M 112 11.76 -30.31 -83.32
CA VAL M 112 11.62 -29.47 -84.51
C VAL M 112 12.71 -28.42 -84.56
N ASP M 113 13.05 -27.83 -83.42
CA ASP M 113 14.13 -26.84 -83.40
C ASP M 113 15.48 -27.47 -83.73
N LEU M 114 15.73 -28.68 -83.21
CA LEU M 114 16.98 -29.36 -83.54
C LEU M 114 17.07 -29.65 -85.03
N ALA M 115 15.96 -30.11 -85.62
CA ALA M 115 15.93 -30.35 -87.06
C ALA M 115 16.14 -29.05 -87.84
N LYS M 116 15.53 -27.97 -87.36
CA LYS M 116 15.80 -26.64 -87.90
C LYS M 116 17.29 -26.37 -88.00
N GLU M 117 17.98 -26.51 -86.87
CA GLU M 117 19.39 -26.13 -86.81
C GLU M 117 20.24 -27.02 -87.71
N TYR M 118 20.00 -28.33 -87.68
CA TYR M 118 20.76 -29.22 -88.55
C TYR M 118 20.50 -28.89 -90.02
N ALA M 119 19.24 -28.61 -90.37
CA ALA M 119 18.89 -28.34 -91.76
C ALA M 119 19.59 -27.10 -92.27
N ASP M 120 19.51 -25.98 -91.53
CA ASP M 120 20.09 -24.76 -92.09
C ASP M 120 21.60 -24.74 -91.89
N ALA M 121 22.14 -25.63 -91.05
CA ALA M 121 23.59 -25.80 -91.01
C ALA M 121 24.09 -26.63 -92.18
N ALA M 122 23.24 -27.50 -92.73
CA ALA M 122 23.68 -28.38 -93.81
C ALA M 122 24.08 -27.60 -95.06
N SER N 2 73.38 7.16 -33.70
CA SER N 2 72.93 6.29 -34.78
C SER N 2 72.49 4.94 -34.25
N THR N 3 73.06 3.87 -34.83
CA THR N 3 72.74 2.51 -34.44
C THR N 3 73.98 1.76 -33.95
N ILE N 4 74.99 2.49 -33.50
CA ILE N 4 76.20 1.89 -32.96
C ILE N 4 76.88 2.89 -32.04
N THR N 5 77.55 2.39 -31.00
CA THR N 5 78.18 3.25 -30.00
C THR N 5 79.31 2.49 -29.32
N GLN N 6 80.36 3.23 -28.95
CA GLN N 6 81.50 2.67 -28.22
C GLN N 6 81.78 3.50 -26.98
N PHE N 7 82.10 2.82 -25.88
CA PHE N 7 82.41 3.45 -24.61
C PHE N 7 83.66 2.82 -24.00
N PRO N 8 84.39 3.56 -23.19
CA PRO N 8 85.53 2.97 -22.48
C PRO N 8 85.08 1.98 -21.42
N SER N 9 85.98 1.07 -21.08
CA SER N 9 85.70 0.06 -20.07
C SER N 9 85.89 0.65 -18.68
N GLY N 10 85.91 -0.22 -17.67
CA GLY N 10 86.11 0.22 -16.29
C GLY N 10 84.98 1.06 -15.74
N ASN N 11 83.74 0.64 -15.99
CA ASN N 11 82.58 1.37 -15.50
C ASN N 11 81.56 0.37 -14.98
N THR N 12 80.53 0.90 -14.31
CA THR N 12 79.47 0.09 -13.74
C THR N 12 78.15 0.25 -14.48
N GLN N 13 77.92 1.39 -15.11
CA GLN N 13 76.67 1.68 -15.80
C GLN N 13 76.95 2.19 -17.20
N TYR N 14 75.94 2.11 -18.06
CA TYR N 14 76.06 2.52 -19.45
C TYR N 14 74.71 3.03 -19.94
N ARG N 15 74.74 3.81 -21.01
CA ARG N 15 73.58 4.55 -21.47
C ARG N 15 73.10 4.04 -22.82
N ILE N 16 71.79 4.12 -23.03
CA ILE N 16 71.16 3.77 -24.30
C ILE N 16 70.51 5.02 -24.88
N GLU N 17 70.87 5.36 -26.11
CA GLU N 17 70.40 6.58 -26.75
C GLU N 17 69.44 6.34 -27.91
N PHE N 18 69.70 5.34 -28.75
CA PHE N 18 68.83 5.07 -29.87
C PHE N 18 67.49 4.49 -29.40
N ASP N 19 66.56 4.37 -30.33
CA ASP N 19 65.21 3.91 -30.02
C ASP N 19 65.03 2.46 -30.42
N TYR N 20 64.11 1.79 -29.72
CA TYR N 20 63.82 0.38 -29.98
C TYR N 20 62.35 0.13 -29.70
N LEU N 21 61.84 -0.97 -30.28
CA LEU N 21 60.45 -1.35 -30.10
C LEU N 21 60.27 -2.49 -29.11
N ALA N 22 61.32 -3.25 -28.82
CA ALA N 22 61.24 -4.33 -27.82
C ALA N 22 62.59 -4.47 -27.15
N ARG N 23 62.58 -4.95 -25.92
CA ARG N 23 63.79 -5.04 -25.13
C ARG N 23 64.72 -6.17 -25.57
N THR N 24 64.26 -7.06 -26.44
CA THR N 24 65.09 -8.15 -26.95
C THR N 24 65.86 -7.76 -28.20
N PHE N 25 65.88 -6.48 -28.55
CA PHE N 25 66.54 -6.00 -29.76
C PHE N 25 67.87 -5.32 -29.48
N VAL N 26 68.40 -5.47 -28.26
CA VAL N 26 69.63 -4.80 -27.85
C VAL N 26 70.73 -5.84 -27.73
N VAL N 27 71.91 -5.52 -28.26
CA VAL N 27 73.06 -6.42 -28.26
C VAL N 27 74.24 -5.71 -27.61
N VAL N 28 74.96 -6.43 -26.75
CA VAL N 28 76.13 -5.89 -26.05
C VAL N 28 77.31 -6.79 -26.35
N THR N 29 78.48 -6.17 -26.55
CA THR N 29 79.68 -6.91 -26.92
C THR N 29 80.91 -6.18 -26.40
N LEU N 30 81.84 -6.95 -25.82
CA LEU N 30 83.12 -6.41 -25.36
C LEU N 30 84.13 -6.46 -26.49
N VAL N 31 85.01 -5.45 -26.53
CA VAL N 31 85.91 -5.22 -27.65
C VAL N 31 87.35 -5.24 -27.15
N ASN N 32 88.19 -6.00 -27.86
CA ASN N 32 89.63 -5.99 -27.64
C ASN N 32 90.28 -5.29 -28.83
N SER N 33 90.89 -4.14 -28.58
CA SER N 33 91.45 -3.35 -29.66
C SER N 33 92.62 -4.07 -30.33
N SER N 34 93.44 -4.76 -29.55
CA SER N 34 94.66 -5.37 -30.09
C SER N 34 94.32 -6.46 -31.12
N ASN N 35 93.45 -7.39 -30.75
CA ASN N 35 93.11 -8.51 -31.62
C ASN N 35 91.59 -8.57 -31.78
N PRO N 36 91.05 -8.44 -32.99
CA PRO N 36 89.59 -8.54 -33.17
C PRO N 36 89.04 -9.92 -32.87
N THR N 37 89.88 -10.96 -32.84
CA THR N 37 89.40 -12.31 -32.60
C THR N 37 89.06 -12.59 -31.14
N LEU N 38 89.37 -11.66 -30.24
CA LEU N 38 89.06 -11.82 -28.83
C LEU N 38 87.68 -11.28 -28.46
N ASN N 39 86.91 -10.81 -29.44
CA ASN N 39 85.59 -10.28 -29.17
C ASN N 39 84.64 -11.37 -28.69
N ARG N 40 83.80 -11.03 -27.72
CA ARG N 40 82.84 -11.96 -27.16
C ARG N 40 81.51 -11.25 -26.94
N VAL N 41 80.43 -12.01 -27.04
CA VAL N 41 79.08 -11.49 -26.91
C VAL N 41 78.51 -11.90 -25.57
N LEU N 42 78.01 -10.94 -24.80
CA LEU N 42 77.46 -11.20 -23.48
C LEU N 42 76.06 -11.80 -23.61
N GLU N 43 75.41 -12.05 -22.48
CA GLU N 43 74.11 -12.70 -22.46
C GLU N 43 73.30 -12.11 -21.32
N VAL N 44 72.03 -11.76 -21.60
CA VAL N 44 71.22 -11.09 -20.59
C VAL N 44 70.91 -12.04 -19.44
N GLY N 45 70.71 -11.45 -18.26
CA GLY N 45 70.47 -12.25 -17.07
C GLY N 45 71.72 -12.76 -16.39
N ARG N 46 72.60 -13.41 -17.15
CA ARG N 46 73.85 -13.89 -16.58
C ARG N 46 74.84 -12.75 -16.37
N ASP N 47 74.87 -11.77 -17.28
CA ASP N 47 75.85 -10.70 -17.25
C ASP N 47 75.28 -9.33 -16.95
N TYR N 48 74.16 -8.95 -17.57
CA TYR N 48 73.62 -7.61 -17.40
C TYR N 48 72.11 -7.68 -17.19
N ARG N 49 71.59 -6.62 -16.56
CA ARG N 49 70.17 -6.52 -16.25
C ARG N 49 69.71 -5.09 -16.50
N PHE N 50 68.40 -4.91 -16.57
CA PHE N 50 67.78 -3.64 -16.92
C PHE N 50 67.31 -2.95 -15.64
N LEU N 51 67.84 -1.75 -15.39
CA LEU N 51 67.40 -0.97 -14.23
C LEU N 51 66.13 -0.19 -14.54
N ASN N 52 66.18 0.65 -15.56
CA ASN N 52 65.00 1.36 -16.05
C ASN N 52 65.03 1.25 -17.57
N PRO N 53 64.02 1.78 -18.30
CA PRO N 53 64.05 1.65 -19.77
C PRO N 53 65.32 2.15 -20.46
N THR N 54 66.19 2.86 -19.75
CA THR N 54 67.40 3.40 -20.36
C THR N 54 68.64 3.19 -19.49
N MET N 55 68.68 2.15 -18.66
CA MET N 55 69.82 1.89 -17.80
C MET N 55 70.12 0.40 -17.81
N ILE N 56 71.41 0.05 -17.85
CA ILE N 56 71.84 -1.33 -17.73
C ILE N 56 72.96 -1.41 -16.69
N GLU N 57 73.03 -2.54 -16.00
CA GLU N 57 74.05 -2.80 -15.00
C GLU N 57 74.76 -4.12 -15.33
N MET N 58 76.08 -4.06 -15.43
CA MET N 58 76.86 -5.24 -15.78
C MET N 58 77.33 -5.96 -14.52
N LEU N 59 77.21 -7.29 -14.54
CA LEU N 59 77.57 -8.11 -13.39
C LEU N 59 78.84 -8.93 -13.62
N VAL N 60 79.56 -8.68 -14.71
CA VAL N 60 80.79 -9.42 -14.99
C VAL N 60 81.96 -8.48 -14.77
N ASP N 61 83.18 -9.03 -14.72
CA ASP N 61 84.39 -8.26 -14.45
C ASP N 61 85.05 -7.88 -15.77
N GLN N 62 85.36 -6.59 -15.91
CA GLN N 62 86.05 -6.08 -17.10
C GLN N 62 87.55 -6.19 -16.86
N SER N 63 88.11 -7.36 -17.15
CA SER N 63 89.51 -7.62 -16.86
C SER N 63 90.41 -7.32 -18.05
N GLY N 64 90.20 -8.02 -19.16
CA GLY N 64 91.06 -7.88 -20.32
C GLY N 64 90.42 -7.22 -21.52
N PHE N 65 89.64 -6.16 -21.29
CA PHE N 65 88.93 -5.49 -22.37
C PHE N 65 88.95 -3.99 -22.11
N ASP N 66 88.74 -3.22 -23.18
CA ASP N 66 88.89 -1.78 -23.12
C ASP N 66 87.70 -0.99 -23.65
N ILE N 67 86.97 -1.56 -24.62
CA ILE N 67 85.85 -0.86 -25.23
C ILE N 67 84.59 -1.72 -25.14
N VAL N 68 83.47 -1.07 -24.82
CA VAL N 68 82.16 -1.70 -24.76
C VAL N 68 81.33 -1.18 -25.92
N ARG N 69 80.73 -2.08 -26.68
CA ARG N 69 79.99 -1.73 -27.89
C ARG N 69 78.53 -2.13 -27.74
N ILE N 70 77.63 -1.22 -28.10
CA ILE N 70 76.19 -1.45 -28.07
C ILE N 70 75.63 -1.11 -29.44
N HIS N 71 74.84 -2.02 -30.01
CA HIS N 71 74.23 -1.82 -31.32
C HIS N 71 72.87 -2.49 -31.36
N ARG N 72 72.06 -2.07 -32.33
CA ARG N 72 70.68 -2.51 -32.46
C ARG N 72 70.54 -3.45 -33.64
N GLN N 73 69.62 -4.41 -33.51
CA GLN N 73 69.31 -5.35 -34.59
C GLN N 73 67.83 -5.70 -34.47
N THR N 74 67.01 -5.04 -35.28
CA THR N 74 65.57 -5.21 -35.21
C THR N 74 65.16 -6.59 -35.72
N GLY N 75 64.17 -7.17 -35.05
CA GLY N 75 63.65 -8.49 -35.38
C GLY N 75 62.82 -8.47 -36.64
N THR N 76 62.21 -9.62 -36.94
CA THR N 76 61.47 -9.81 -38.18
C THR N 76 60.04 -10.29 -37.95
N ASP N 77 59.57 -10.27 -36.71
CA ASP N 77 58.23 -10.75 -36.40
C ASP N 77 57.27 -9.57 -36.26
N LEU N 78 56.00 -9.83 -36.54
CA LEU N 78 54.98 -8.79 -36.51
C LEU N 78 54.79 -8.27 -35.09
N VAL N 79 54.61 -6.95 -34.98
CA VAL N 79 54.31 -6.32 -33.70
C VAL N 79 52.84 -6.00 -33.55
N VAL N 80 52.16 -5.56 -34.62
CA VAL N 80 50.74 -5.23 -34.58
C VAL N 80 50.03 -6.09 -35.61
N ASP N 81 48.96 -6.75 -35.21
CA ASP N 81 48.17 -7.63 -36.08
C ASP N 81 46.71 -7.19 -36.02
N PHE N 82 46.21 -6.68 -37.13
CA PHE N 82 44.88 -6.08 -37.20
C PHE N 82 43.81 -7.15 -37.30
N ARG N 83 42.75 -6.99 -36.49
CA ARG N 83 41.58 -7.86 -36.52
C ARG N 83 40.32 -7.01 -36.53
N ASN N 84 39.28 -7.51 -37.18
CA ASN N 84 38.02 -6.78 -37.25
C ASN N 84 37.34 -6.75 -35.89
N GLY N 85 36.75 -5.60 -35.55
CA GLY N 85 36.01 -5.43 -34.33
C GLY N 85 36.78 -4.82 -33.18
N SER N 86 38.04 -4.45 -33.39
CA SER N 86 38.88 -3.89 -32.33
C SER N 86 38.84 -2.37 -32.39
N VAL N 87 39.69 -1.73 -31.59
CA VAL N 87 39.75 -0.29 -31.48
C VAL N 87 41.07 0.18 -32.08
N LEU N 88 41.00 1.16 -32.98
CA LEU N 88 42.17 1.62 -33.72
C LEU N 88 42.58 3.02 -33.26
N THR N 89 43.89 3.21 -33.07
CA THR N 89 44.45 4.49 -32.68
C THR N 89 45.67 4.79 -33.54
N ALA N 90 46.28 5.95 -33.30
CA ALA N 90 47.38 6.41 -34.16
C ALA N 90 48.67 5.65 -33.88
N SER N 91 48.92 5.34 -32.60
CA SER N 91 50.17 4.66 -32.23
C SER N 91 50.30 3.33 -32.96
N ASP N 92 49.18 2.68 -33.26
CA ASP N 92 49.22 1.42 -33.99
C ASP N 92 49.89 1.60 -35.34
N LEU N 93 49.41 2.56 -36.13
CA LEU N 93 49.99 2.81 -37.44
C LEU N 93 51.43 3.29 -37.32
N THR N 94 51.69 4.16 -36.34
CA THR N 94 53.04 4.67 -36.15
C THR N 94 54.05 3.54 -35.95
N ASN N 95 53.75 2.62 -35.03
CA ASN N 95 54.64 1.50 -34.79
C ASN N 95 54.72 0.57 -36.00
N SER N 96 53.58 0.33 -36.66
CA SER N 96 53.57 -0.58 -37.80
C SER N 96 54.47 -0.08 -38.92
N GLU N 97 54.63 1.24 -39.04
CA GLU N 97 55.51 1.76 -40.08
C GLU N 97 56.95 1.87 -39.59
N LEU N 98 57.13 2.24 -38.32
CA LEU N 98 58.48 2.34 -37.77
C LEU N 98 59.19 1.00 -37.82
N GLN N 99 58.43 -0.10 -37.75
CA GLN N 99 59.06 -1.42 -37.79
C GLN N 99 59.87 -1.62 -39.06
N ALA N 100 59.30 -1.28 -40.21
CA ALA N 100 60.04 -1.42 -41.47
C ALA N 100 61.10 -0.35 -41.63
N ILE N 101 60.80 0.88 -41.17
CA ILE N 101 61.76 1.97 -41.32
C ILE N 101 63.06 1.64 -40.59
N HIS N 102 62.95 1.08 -39.37
CA HIS N 102 64.13 0.75 -38.59
C HIS N 102 65.01 -0.27 -39.31
N ILE N 103 64.40 -1.32 -39.87
CA ILE N 103 65.16 -2.35 -40.56
C ILE N 103 65.90 -1.75 -41.74
N ALA N 104 65.20 -0.93 -42.54
CA ALA N 104 65.85 -0.34 -43.70
C ALA N 104 67.04 0.53 -43.28
N GLU N 105 66.83 1.38 -42.26
CA GLU N 105 67.89 2.29 -41.84
C GLU N 105 69.12 1.54 -41.34
N GLU N 106 68.90 0.53 -40.47
CA GLU N 106 70.02 -0.25 -39.96
C GLU N 106 70.77 -0.92 -41.09
N GLY N 107 70.04 -1.60 -41.99
CA GLY N 107 70.69 -2.33 -43.06
C GLY N 107 71.47 -1.43 -43.99
N ARG N 108 71.05 -0.17 -44.14
CA ARG N 108 71.81 0.76 -44.97
C ARG N 108 73.02 1.33 -44.25
N ASP N 109 72.93 1.56 -42.93
CA ASP N 109 73.91 2.43 -42.28
C ASP N 109 75.02 1.65 -41.59
N GLN N 110 74.66 0.57 -40.87
CA GLN N 110 75.53 -0.03 -39.87
C GLN N 110 76.99 -0.24 -40.29
N THR N 111 77.21 -1.02 -41.35
CA THR N 111 78.56 -1.38 -41.75
C THR N 111 79.37 -0.16 -42.17
N VAL N 112 78.75 0.75 -42.92
CA VAL N 112 79.44 1.97 -43.34
C VAL N 112 79.88 2.77 -42.13
N ASP N 113 78.99 2.91 -41.15
CA ASP N 113 79.35 3.63 -39.94
C ASP N 113 80.54 2.98 -39.24
N LEU N 114 80.46 1.65 -39.03
CA LEU N 114 81.53 0.95 -38.31
C LEU N 114 82.87 1.12 -39.01
N ALA N 115 82.88 0.98 -40.34
CA ALA N 115 84.11 1.24 -41.10
C ALA N 115 84.59 2.67 -40.86
N LYS N 116 83.65 3.61 -40.73
CA LYS N 116 84.03 5.00 -40.47
C LYS N 116 84.82 5.13 -39.16
N GLU N 117 84.29 4.57 -38.07
CA GLU N 117 85.03 4.73 -36.81
C GLU N 117 86.37 3.99 -36.85
N TYR N 118 86.42 2.80 -37.46
CA TYR N 118 87.71 2.12 -37.55
C TYR N 118 88.72 2.95 -38.33
N ALA N 119 88.32 3.50 -39.47
CA ALA N 119 89.24 4.31 -40.28
C ALA N 119 89.69 5.54 -39.52
N ASP N 120 88.77 6.19 -38.80
CA ASP N 120 89.14 7.37 -38.05
C ASP N 120 90.13 7.06 -36.94
N ALA N 121 89.88 6.00 -36.16
CA ALA N 121 90.78 5.67 -35.06
C ALA N 121 92.17 5.30 -35.57
N ALA N 122 92.23 4.48 -36.62
CA ALA N 122 93.52 4.09 -37.17
C ALA N 122 94.28 5.31 -37.66
N SER O 2 3.70 -21.26 77.98
CA SER O 2 5.16 -21.31 78.01
C SER O 2 5.69 -22.27 76.96
N THR O 3 6.59 -23.16 77.39
CA THR O 3 7.19 -24.15 76.50
C THR O 3 6.94 -25.58 76.97
N ILE O 4 5.97 -25.76 77.86
CA ILE O 4 5.61 -27.10 78.36
C ILE O 4 4.15 -27.07 78.77
N THR O 5 3.46 -28.18 78.56
CA THR O 5 2.03 -28.27 78.85
C THR O 5 1.66 -29.70 79.15
N GLN O 6 0.66 -29.88 80.01
CA GLN O 6 0.15 -31.19 80.37
C GLN O 6 -1.37 -31.20 80.27
N PHE O 7 -1.92 -32.31 79.78
CA PHE O 7 -3.36 -32.50 79.61
C PHE O 7 -3.75 -33.87 80.11
N PRO O 8 -5.00 -34.01 80.59
CA PRO O 8 -5.49 -35.35 80.93
C PRO O 8 -5.71 -36.19 79.68
N SER O 9 -5.59 -37.50 79.86
CA SER O 9 -5.76 -38.43 78.76
C SER O 9 -7.25 -38.70 78.51
N GLY O 10 -7.51 -39.67 77.64
CA GLY O 10 -8.86 -40.08 77.35
C GLY O 10 -9.57 -39.17 76.36
N ASN O 11 -8.81 -38.58 75.44
CA ASN O 11 -9.39 -37.71 74.42
C ASN O 11 -8.85 -38.15 73.06
N THR O 12 -9.32 -37.48 72.00
CA THR O 12 -8.88 -37.77 70.64
C THR O 12 -8.14 -36.61 69.99
N GLN O 13 -8.22 -35.41 70.54
CA GLN O 13 -7.60 -34.23 69.94
C GLN O 13 -6.94 -33.40 71.04
N TYR O 14 -5.94 -32.62 70.65
CA TYR O 14 -5.20 -31.78 71.58
C TYR O 14 -4.75 -30.52 70.87
N ARG O 15 -4.50 -29.48 71.66
CA ARG O 15 -4.22 -28.15 71.14
C ARG O 15 -2.77 -27.76 71.40
N ILE O 16 -2.18 -27.04 70.45
CA ILE O 16 -0.85 -26.48 70.59
C ILE O 16 -0.97 -24.97 70.72
N GLU O 17 -0.41 -24.42 71.79
CA GLU O 17 -0.56 -23.00 72.10
C GLU O 17 0.71 -22.19 71.91
N PHE O 18 1.89 -22.76 72.18
CA PHE O 18 3.13 -22.03 72.00
C PHE O 18 3.43 -21.83 70.52
N ASP O 19 4.49 -21.09 70.25
CA ASP O 19 4.85 -20.72 68.88
C ASP O 19 6.06 -21.52 68.42
N TYR O 20 6.09 -21.81 67.11
CA TYR O 20 7.16 -22.59 66.52
C TYR O 20 7.41 -22.10 65.10
N LEU O 21 8.56 -22.49 64.55
CA LEU O 21 8.93 -22.12 63.19
C LEU O 21 8.91 -23.27 62.20
N ALA O 22 8.99 -24.51 62.66
CA ALA O 22 8.97 -25.67 61.78
C ALA O 22 8.22 -26.80 62.47
N ARG O 23 7.50 -27.58 61.68
CA ARG O 23 6.67 -28.65 62.22
C ARG O 23 7.47 -29.79 62.82
N THR O 24 8.77 -29.86 62.56
CA THR O 24 9.61 -30.92 63.12
C THR O 24 10.18 -30.56 64.48
N PHE O 25 9.71 -29.47 65.09
CA PHE O 25 10.22 -29.00 66.37
C PHE O 25 9.28 -29.33 67.52
N VAL O 26 8.27 -30.18 67.29
CA VAL O 26 7.25 -30.50 68.29
C VAL O 26 7.46 -31.93 68.75
N VAL O 27 7.43 -32.13 70.07
CA VAL O 27 7.63 -33.44 70.68
C VAL O 27 6.41 -33.79 71.53
N VAL O 28 5.95 -35.04 71.41
CA VAL O 28 4.81 -35.52 72.17
C VAL O 28 5.25 -36.74 72.97
N THR O 29 4.79 -36.79 74.23
CA THR O 29 5.20 -37.85 75.14
C THR O 29 4.04 -38.21 76.06
N LEU O 30 3.88 -39.50 76.31
CA LEU O 30 2.88 -40.00 77.24
C LEU O 30 3.53 -40.18 78.62
N VAL O 31 2.79 -39.79 79.66
CA VAL O 31 3.34 -39.69 81.00
C VAL O 31 2.56 -40.60 81.94
N ASN O 32 3.29 -41.38 82.73
CA ASN O 32 2.73 -42.20 83.80
C ASN O 32 3.15 -41.59 85.14
N SER O 33 2.18 -41.25 85.97
CA SER O 33 2.48 -40.62 87.25
C SER O 33 3.14 -41.61 88.21
N SER O 34 2.72 -42.88 88.16
CA SER O 34 3.17 -43.86 89.14
C SER O 34 4.66 -44.14 88.99
N ASN O 35 5.10 -44.45 87.77
CA ASN O 35 6.48 -44.85 87.54
C ASN O 35 7.08 -43.95 86.47
N PRO O 36 8.15 -43.20 86.79
CA PRO O 36 8.80 -42.38 85.76
C PRO O 36 9.37 -43.19 84.61
N THR O 37 9.78 -44.44 84.88
CA THR O 37 10.41 -45.23 83.83
C THR O 37 9.42 -45.62 82.73
N LEU O 38 8.12 -45.58 83.01
CA LEU O 38 7.14 -46.03 82.03
C LEU O 38 6.91 -45.00 80.94
N ASN O 39 7.50 -43.81 81.07
CA ASN O 39 7.33 -42.79 80.03
C ASN O 39 7.94 -43.25 78.72
N ARG O 40 7.26 -42.91 77.63
CA ARG O 40 7.73 -43.26 76.29
C ARG O 40 7.35 -42.14 75.33
N VAL O 41 8.13 -42.00 74.26
CA VAL O 41 7.99 -40.92 73.31
C VAL O 41 7.32 -41.45 72.05
N LEU O 42 6.30 -40.73 71.57
CA LEU O 42 5.57 -41.11 70.37
C LEU O 42 6.40 -40.73 69.14
N GLU O 43 5.82 -40.92 67.95
CA GLU O 43 6.57 -40.70 66.72
C GLU O 43 5.58 -40.39 65.60
N VAL O 44 5.96 -39.44 64.74
CA VAL O 44 5.01 -38.85 63.79
C VAL O 44 4.62 -39.84 62.70
N GLY O 45 3.35 -39.81 62.33
CA GLY O 45 2.84 -40.68 61.29
C GLY O 45 2.30 -42.00 61.81
N ARG O 46 3.10 -42.69 62.61
CA ARG O 46 2.66 -43.94 63.23
C ARG O 46 1.68 -43.72 64.36
N ASP O 47 1.79 -42.62 65.09
CA ASP O 47 0.97 -42.40 66.29
C ASP O 47 0.04 -41.21 66.16
N TYR O 48 0.46 -40.14 65.51
CA TYR O 48 -0.37 -38.94 65.39
C TYR O 48 -0.10 -38.24 64.07
N ARG O 49 -1.06 -37.41 63.66
CA ARG O 49 -1.01 -36.71 62.40
C ARG O 49 -1.52 -35.29 62.59
N PHE O 50 -1.13 -34.40 61.66
CA PHE O 50 -1.50 -32.99 61.73
C PHE O 50 -2.76 -32.74 60.92
N LEU O 51 -3.72 -32.05 61.54
CA LEU O 51 -4.95 -31.66 60.85
C LEU O 51 -4.82 -30.27 60.24
N ASN O 52 -4.57 -29.27 61.07
CA ASN O 52 -4.24 -27.93 60.64
C ASN O 52 -3.15 -27.42 61.56
N PRO O 53 -2.55 -26.25 61.28
CA PRO O 53 -1.40 -25.78 62.07
C PRO O 53 -1.53 -25.89 63.59
N THR O 54 -2.74 -26.03 64.13
CA THR O 54 -2.92 -26.10 65.58
C THR O 54 -3.87 -27.23 65.97
N MET O 55 -3.67 -28.43 65.39
CA MET O 55 -4.49 -29.58 65.76
C MET O 55 -3.69 -30.85 65.52
N ILE O 56 -3.82 -31.81 66.43
CA ILE O 56 -3.24 -33.14 66.28
C ILE O 56 -4.28 -34.18 66.68
N GLU O 57 -4.25 -35.32 65.99
CA GLU O 57 -5.13 -36.44 66.29
C GLU O 57 -4.27 -37.66 66.60
N MET O 58 -4.53 -38.30 67.73
CA MET O 58 -3.77 -39.48 68.13
C MET O 58 -4.37 -40.74 67.53
N LEU O 59 -3.51 -41.71 67.24
CA LEU O 59 -3.93 -42.97 66.64
C LEU O 59 -3.55 -44.20 67.46
N VAL O 60 -3.07 -44.02 68.69
CA VAL O 60 -2.69 -45.14 69.53
C VAL O 60 -3.67 -45.20 70.70
N ASP O 61 -3.59 -46.24 71.52
CA ASP O 61 -4.51 -46.43 72.64
C ASP O 61 -3.90 -45.82 73.90
N GLN O 62 -4.76 -45.25 74.74
CA GLN O 62 -4.36 -44.69 76.02
C GLN O 62 -4.84 -45.62 77.12
N SER O 63 -4.05 -46.66 77.39
CA SER O 63 -4.48 -47.72 78.29
C SER O 63 -3.85 -47.50 79.67
N GLY O 64 -2.53 -47.44 79.79
CA GLY O 64 -1.91 -47.34 81.09
C GLY O 64 -1.22 -46.02 81.34
N PHE O 65 -1.81 -44.92 80.84
CA PHE O 65 -1.22 -43.60 81.02
C PHE O 65 -2.33 -42.61 81.35
N ASP O 66 -1.96 -41.54 82.04
CA ASP O 66 -2.90 -40.55 82.52
C ASP O 66 -2.60 -39.13 82.10
N ILE O 67 -1.36 -38.82 81.71
CA ILE O 67 -0.95 -37.46 81.40
C ILE O 67 -0.30 -37.42 80.02
N VAL O 68 -0.65 -36.40 79.24
CA VAL O 68 -0.08 -36.16 77.93
C VAL O 68 0.72 -34.86 78.00
N ARG O 69 1.96 -34.89 77.53
CA ARG O 69 2.88 -33.77 77.66
C ARG O 69 3.40 -33.37 76.28
N ILE O 70 3.38 -32.05 76.02
CA ILE O 70 3.88 -31.48 74.77
C ILE O 70 4.84 -30.35 75.12
N HIS O 71 6.02 -30.37 74.49
CA HIS O 71 7.01 -29.31 74.68
C HIS O 71 7.70 -29.02 73.35
N ARG O 72 8.59 -28.03 73.38
CA ARG O 72 9.25 -27.55 72.17
C ARG O 72 10.76 -27.76 72.28
N GLN O 73 11.37 -28.06 71.14
CA GLN O 73 12.83 -28.23 71.05
C GLN O 73 13.27 -27.67 69.70
N THR O 74 13.89 -26.49 69.74
CA THR O 74 14.28 -25.82 68.50
C THR O 74 15.56 -26.42 67.93
N GLY O 75 15.61 -26.50 66.60
CA GLY O 75 16.75 -27.08 65.92
C GLY O 75 18.00 -26.23 65.98
N THR O 76 18.99 -26.54 65.14
CA THR O 76 20.28 -25.85 65.19
C THR O 76 20.75 -25.41 63.81
N ASP O 77 20.01 -25.75 62.77
CA ASP O 77 20.40 -25.37 61.42
C ASP O 77 19.76 -24.06 61.00
N LEU O 78 20.34 -23.44 59.98
CA LEU O 78 19.87 -22.14 59.52
C LEU O 78 18.51 -22.24 58.86
N VAL O 79 17.67 -21.23 59.10
CA VAL O 79 16.38 -21.12 58.44
C VAL O 79 16.40 -20.09 57.32
N VAL O 80 17.21 -19.04 57.44
CA VAL O 80 17.31 -17.99 56.42
C VAL O 80 18.77 -17.87 56.00
N ASP O 81 19.03 -17.86 54.70
CA ASP O 81 20.36 -17.71 54.15
C ASP O 81 20.38 -16.51 53.22
N PHE O 82 21.34 -15.62 53.41
CA PHE O 82 21.39 -14.37 52.67
C PHE O 82 22.38 -14.46 51.50
N ARG O 83 21.88 -14.22 50.30
CA ARG O 83 22.70 -14.21 49.08
C ARG O 83 22.47 -12.91 48.35
N ASN O 84 23.52 -12.43 47.68
CA ASN O 84 23.42 -11.18 46.94
C ASN O 84 22.50 -11.33 45.74
N GLY O 85 21.75 -10.27 45.44
CA GLY O 85 20.87 -10.24 44.29
C GLY O 85 19.46 -10.73 44.54
N SER O 86 19.03 -10.82 45.79
CA SER O 86 17.71 -11.33 46.13
C SER O 86 16.90 -10.26 46.84
N VAL O 87 15.59 -10.49 46.92
CA VAL O 87 14.67 -9.54 47.53
C VAL O 87 14.68 -9.74 49.04
N LEU O 88 14.74 -8.63 49.78
CA LEU O 88 14.84 -8.65 51.23
C LEU O 88 13.61 -7.95 51.82
N THR O 89 12.96 -8.59 52.78
CA THR O 89 11.80 -8.04 53.48
C THR O 89 12.01 -8.15 54.99
N ALA O 90 10.99 -7.74 55.75
CA ALA O 90 11.12 -7.66 57.20
C ALA O 90 10.99 -9.04 57.84
N SER O 91 10.14 -9.90 57.30
CA SER O 91 9.90 -11.21 57.90
C SER O 91 11.19 -12.02 57.97
N ASP O 92 12.09 -11.82 57.01
CA ASP O 92 13.37 -12.52 57.01
C ASP O 92 14.15 -12.21 58.27
N LEU O 93 14.34 -10.92 58.57
CA LEU O 93 15.04 -10.51 59.77
C LEU O 93 14.30 -10.99 61.01
N THR O 94 12.97 -10.88 60.99
CA THR O 94 12.17 -11.29 62.15
C THR O 94 12.44 -12.75 62.51
N ASN O 95 12.35 -13.65 61.53
CA ASN O 95 12.58 -15.06 61.81
C ASN O 95 14.04 -15.33 62.18
N SER O 96 14.98 -14.68 61.47
CA SER O 96 16.39 -14.93 61.73
C SER O 96 16.76 -14.54 63.16
N GLU O 97 16.02 -13.61 63.75
CA GLU O 97 16.29 -13.24 65.13
C GLU O 97 15.48 -14.09 66.10
N LEU O 98 14.26 -14.45 65.72
CA LEU O 98 13.40 -15.23 66.60
C LEU O 98 13.98 -16.61 66.88
N GLN O 99 14.74 -17.16 65.92
CA GLN O 99 15.37 -18.46 66.16
C GLN O 99 16.32 -18.40 67.35
N ALA O 100 17.24 -17.43 67.33
CA ALA O 100 18.21 -17.29 68.40
C ALA O 100 17.53 -16.91 69.73
N ILE O 101 16.44 -16.16 69.65
CA ILE O 101 15.70 -15.88 70.88
C ILE O 101 15.10 -17.17 71.46
N HIS O 102 14.49 -17.99 70.61
CA HIS O 102 13.78 -19.18 71.06
C HIS O 102 14.73 -20.17 71.72
N ILE O 103 15.92 -20.36 71.13
CA ILE O 103 16.84 -21.35 71.68
C ILE O 103 17.19 -21.00 73.13
N ALA O 104 17.58 -19.75 73.37
CA ALA O 104 17.97 -19.33 74.71
C ALA O 104 16.79 -19.39 75.67
N GLU O 105 15.61 -18.96 75.21
CA GLU O 105 14.44 -18.98 76.08
C GLU O 105 14.12 -20.39 76.56
N GLU O 106 14.08 -21.34 75.63
CA GLU O 106 13.81 -22.73 76.01
C GLU O 106 14.86 -23.24 76.98
N GLY O 107 16.14 -23.02 76.65
CA GLY O 107 17.21 -23.54 77.49
C GLY O 107 17.19 -22.98 78.89
N ARG O 108 16.73 -21.73 79.04
CA ARG O 108 16.65 -21.15 80.38
C ARG O 108 15.41 -21.64 81.13
N ASP O 109 14.30 -21.87 80.44
CA ASP O 109 13.02 -21.99 81.14
C ASP O 109 12.67 -23.45 81.45
N GLN O 110 12.83 -24.34 80.47
CA GLN O 110 12.12 -25.63 80.51
C GLN O 110 12.26 -26.39 81.82
N THR O 111 13.49 -26.55 82.31
CA THR O 111 13.73 -27.32 83.52
C THR O 111 13.05 -26.67 84.73
N VAL O 112 13.12 -25.33 84.80
CA VAL O 112 12.53 -24.62 85.94
C VAL O 112 11.01 -24.77 85.94
N ASP O 113 10.40 -24.70 84.75
CA ASP O 113 8.96 -24.93 84.68
C ASP O 113 8.60 -26.36 85.05
N LEU O 114 9.44 -27.32 84.67
CA LEU O 114 9.19 -28.70 85.10
C LEU O 114 9.26 -28.81 86.63
N ALA O 115 10.21 -28.08 87.24
CA ALA O 115 10.29 -28.03 88.69
C ALA O 115 9.03 -27.42 89.30
N LYS O 116 8.55 -26.31 88.72
CA LYS O 116 7.21 -25.80 89.03
C LYS O 116 6.23 -26.94 89.16
N GLU O 117 6.03 -27.70 88.07
CA GLU O 117 4.87 -28.59 88.01
C GLU O 117 5.03 -29.76 88.97
N TYR O 118 6.21 -30.39 89.02
CA TYR O 118 6.40 -31.47 89.98
C TYR O 118 6.27 -30.99 91.43
N ALA O 119 6.92 -29.88 91.76
CA ALA O 119 6.95 -29.41 93.14
C ALA O 119 5.55 -29.07 93.63
N ASP O 120 4.77 -28.35 92.82
CA ASP O 120 3.45 -27.98 93.30
C ASP O 120 2.43 -29.11 93.08
N ALA O 121 2.81 -30.14 92.32
CA ALA O 121 1.98 -31.34 92.25
C ALA O 121 2.07 -32.14 93.53
N ALA O 122 3.27 -32.23 94.11
CA ALA O 122 3.43 -32.98 95.36
C ALA O 122 2.60 -32.36 96.49
N SER P 2 -49.54 -45.36 63.24
CA SER P 2 -49.90 -46.27 62.16
C SER P 2 -50.45 -45.52 60.96
N THR P 3 -51.33 -46.16 60.21
CA THR P 3 -51.96 -45.54 59.06
C THR P 3 -53.45 -45.85 59.07
N ILE P 4 -53.89 -46.67 60.03
CA ILE P 4 -55.30 -47.01 60.20
C ILE P 4 -55.67 -46.81 61.66
N THR P 5 -56.84 -46.23 61.88
CA THR P 5 -57.31 -45.91 63.22
C THR P 5 -58.76 -46.34 63.37
N GLN P 6 -59.13 -46.75 64.59
CA GLN P 6 -60.48 -47.13 64.94
C GLN P 6 -60.93 -46.34 66.16
N PHE P 7 -62.18 -45.88 66.12
CA PHE P 7 -62.72 -45.08 67.21
C PHE P 7 -64.16 -45.48 67.49
N PRO P 8 -64.58 -45.48 68.76
CA PRO P 8 -65.98 -45.81 69.08
C PRO P 8 -66.89 -44.65 68.74
N SER P 9 -68.07 -44.97 68.19
CA SER P 9 -69.04 -43.93 67.85
C SER P 9 -69.67 -43.35 69.11
N GLY P 10 -70.24 -42.17 68.95
CA GLY P 10 -70.91 -41.50 70.05
C GLY P 10 -70.02 -40.51 70.79
N ASN P 11 -69.16 -39.81 70.05
CA ASN P 11 -68.31 -38.78 70.60
C ASN P 11 -68.34 -37.57 69.68
N THR P 12 -68.10 -36.40 70.25
CA THR P 12 -68.20 -35.15 69.52
C THR P 12 -66.91 -34.76 68.81
N GLN P 13 -65.76 -35.13 69.37
CA GLN P 13 -64.47 -34.72 68.84
C GLN P 13 -63.52 -35.91 68.73
N TYR P 14 -62.65 -35.86 67.72
CA TYR P 14 -61.63 -36.87 67.50
C TYR P 14 -60.37 -36.21 66.99
N ARG P 15 -59.25 -36.93 67.10
CA ARG P 15 -57.94 -36.44 66.75
C ARG P 15 -57.22 -37.43 65.85
N ILE P 16 -56.37 -36.92 64.96
CA ILE P 16 -55.61 -37.76 64.04
C ILE P 16 -54.19 -37.93 64.56
N GLU P 17 -53.54 -39.04 64.17
CA GLU P 17 -52.25 -39.41 64.71
C GLU P 17 -51.15 -39.53 63.65
N PHE P 18 -51.41 -39.08 62.42
CA PHE P 18 -50.43 -39.24 61.35
C PHE P 18 -50.36 -37.97 60.51
N ASP P 19 -49.17 -37.74 59.94
CA ASP P 19 -48.96 -36.59 59.08
C ASP P 19 -49.63 -36.78 57.73
N TYR P 20 -49.74 -35.69 56.99
CA TYR P 20 -50.34 -35.73 55.66
C TYR P 20 -49.83 -34.54 54.85
N LEU P 21 -50.02 -34.62 53.53
CA LEU P 21 -49.61 -33.55 52.63
C LEU P 21 -50.75 -32.66 52.15
N ALA P 22 -51.99 -33.16 52.21
CA ALA P 22 -53.14 -32.37 51.81
C ALA P 22 -54.37 -32.90 52.52
N ARG P 23 -55.32 -32.01 52.80
CA ARG P 23 -56.51 -32.39 53.55
C ARG P 23 -57.38 -33.36 52.78
N THR P 24 -57.22 -33.41 51.46
CA THR P 24 -58.03 -34.33 50.66
C THR P 24 -57.60 -35.78 50.85
N PHE P 25 -56.37 -36.00 51.34
CA PHE P 25 -55.86 -37.35 51.47
C PHE P 25 -56.57 -38.12 52.59
N VAL P 26 -56.86 -37.44 53.70
CA VAL P 26 -57.50 -38.11 54.83
C VAL P 26 -58.91 -38.54 54.44
N VAL P 27 -59.26 -39.78 54.80
CA VAL P 27 -60.55 -40.38 54.48
C VAL P 27 -61.20 -40.87 55.76
N VAL P 28 -62.47 -40.53 55.96
CA VAL P 28 -63.22 -40.88 57.15
C VAL P 28 -64.46 -41.66 56.74
N THR P 29 -64.70 -42.79 57.40
CA THR P 29 -65.88 -43.60 57.14
C THR P 29 -66.34 -44.26 58.44
N LEU P 30 -67.60 -44.66 58.47
CA LEU P 30 -68.20 -45.36 59.60
C LEU P 30 -68.60 -46.76 59.19
N VAL P 31 -68.42 -47.72 60.09
CA VAL P 31 -68.50 -49.14 59.77
C VAL P 31 -69.43 -49.83 60.76
N ASN P 32 -70.28 -50.73 60.24
CA ASN P 32 -71.08 -51.64 61.05
C ASN P 32 -70.37 -52.98 61.14
N SER P 33 -70.02 -53.39 62.36
CA SER P 33 -69.33 -54.67 62.55
C SER P 33 -70.25 -55.83 62.20
N SER P 34 -71.49 -55.81 62.69
CA SER P 34 -72.42 -56.89 62.43
C SER P 34 -72.77 -56.98 60.95
N ASN P 35 -73.01 -55.83 60.31
CA ASN P 35 -73.40 -55.81 58.91
C ASN P 35 -72.28 -55.17 58.10
N PRO P 36 -71.44 -55.94 57.42
CA PRO P 36 -70.37 -55.33 56.61
C PRO P 36 -70.87 -54.60 55.37
N THR P 37 -72.14 -54.77 55.01
CA THR P 37 -72.62 -54.24 53.73
C THR P 37 -72.63 -52.72 53.71
N LEU P 38 -73.21 -52.09 54.74
CA LEU P 38 -73.49 -50.66 54.67
C LEU P 38 -72.22 -49.82 54.56
N ASN P 39 -71.45 -49.77 55.66
CA ASN P 39 -70.11 -49.19 55.71
C ASN P 39 -69.92 -48.00 54.78
N ARG P 40 -70.80 -47.01 54.92
CA ARG P 40 -70.75 -45.89 53.99
C ARG P 40 -69.64 -44.93 54.38
N VAL P 41 -69.35 -43.99 53.47
CA VAL P 41 -68.28 -43.02 53.64
C VAL P 41 -68.89 -41.64 53.80
N LEU P 42 -68.22 -40.79 54.58
CA LEU P 42 -68.69 -39.45 54.85
C LEU P 42 -68.36 -38.54 53.66
N GLU P 43 -68.55 -37.24 53.84
CA GLU P 43 -68.24 -36.26 52.80
C GLU P 43 -67.84 -34.95 53.45
N VAL P 44 -66.89 -34.26 52.81
CA VAL P 44 -66.39 -33.01 53.35
C VAL P 44 -67.47 -31.94 53.31
N GLY P 45 -67.33 -30.93 54.17
CA GLY P 45 -68.23 -29.79 54.15
C GLY P 45 -69.60 -30.09 54.72
N ARG P 46 -70.35 -30.96 54.05
CA ARG P 46 -71.72 -31.25 54.48
C ARG P 46 -71.75 -32.01 55.79
N ASP P 47 -70.82 -32.94 55.98
CA ASP P 47 -70.85 -33.83 57.13
C ASP P 47 -69.74 -33.61 58.14
N TYR P 48 -68.62 -33.02 57.74
CA TYR P 48 -67.56 -32.71 58.70
C TYR P 48 -66.74 -31.53 58.19
N ARG P 49 -66.01 -30.91 59.11
CA ARG P 49 -65.21 -29.73 58.83
C ARG P 49 -63.95 -29.78 59.68
N PHE P 50 -63.04 -28.83 59.43
CA PHE P 50 -61.75 -28.75 60.10
C PHE P 50 -61.60 -27.42 60.81
N LEU P 51 -61.65 -27.42 62.14
CA LEU P 51 -61.25 -26.20 62.85
C LEU P 51 -59.73 -26.21 62.99
N ASN P 52 -59.20 -27.24 63.60
CA ASN P 52 -57.77 -27.35 63.84
C ASN P 52 -57.19 -28.45 62.95
N PRO P 53 -56.05 -28.21 62.28
CA PRO P 53 -55.45 -29.24 61.43
C PRO P 53 -55.30 -30.61 62.08
N THR P 54 -55.30 -30.68 63.41
CA THR P 54 -55.20 -31.95 64.13
C THR P 54 -56.53 -32.40 64.69
N MET P 55 -57.58 -31.60 64.54
CA MET P 55 -58.90 -31.89 65.10
C MET P 55 -59.88 -32.17 63.98
N ILE P 56 -60.75 -33.15 64.19
CA ILE P 56 -61.87 -33.42 63.29
C ILE P 56 -63.16 -33.38 64.10
N GLU P 57 -64.17 -32.70 63.56
CA GLU P 57 -65.43 -32.47 64.24
C GLU P 57 -66.59 -32.85 63.31
N MET P 58 -67.48 -33.70 63.80
CA MET P 58 -68.61 -34.19 63.01
C MET P 58 -69.68 -33.11 62.89
N LEU P 59 -70.51 -33.23 61.85
CA LEU P 59 -71.72 -32.42 61.75
C LEU P 59 -72.97 -33.29 61.88
N VAL P 60 -73.06 -34.34 61.07
CA VAL P 60 -74.17 -35.28 61.17
C VAL P 60 -73.71 -36.56 61.86
N ASP P 61 -74.66 -37.25 62.48
CA ASP P 61 -74.37 -38.52 63.15
C ASP P 61 -75.64 -39.32 63.29
N GLN P 62 -75.49 -40.65 63.24
CA GLN P 62 -76.61 -41.56 63.45
C GLN P 62 -76.35 -42.46 64.65
N SER P 63 -77.23 -43.43 64.88
CA SER P 63 -77.09 -44.33 66.01
C SER P 63 -76.99 -45.80 65.60
N GLY P 64 -77.15 -46.13 64.33
CA GLY P 64 -77.06 -47.50 63.90
C GLY P 64 -75.65 -48.04 63.77
N PHE P 65 -74.65 -47.16 63.92
CA PHE P 65 -73.26 -47.54 63.75
C PHE P 65 -72.49 -47.32 65.06
N ASP P 66 -71.47 -48.14 65.27
CA ASP P 66 -70.75 -48.19 66.52
C ASP P 66 -69.28 -47.83 66.43
N ILE P 67 -68.64 -48.01 65.27
CA ILE P 67 -67.21 -47.74 65.12
C ILE P 67 -67.00 -46.83 63.92
N VAL P 68 -65.95 -46.01 64.01
CA VAL P 68 -65.57 -45.07 62.96
C VAL P 68 -64.12 -45.32 62.61
N ARG P 69 -63.82 -45.37 61.31
CA ARG P 69 -62.48 -45.65 60.83
C ARG P 69 -61.92 -44.47 60.06
N ILE P 70 -60.68 -44.11 60.36
CA ILE P 70 -59.97 -43.04 59.67
C ILE P 70 -58.62 -43.58 59.24
N HIS P 71 -58.31 -43.47 57.95
CA HIS P 71 -57.05 -43.96 57.41
C HIS P 71 -56.56 -43.01 56.33
N ARG P 72 -55.25 -43.04 56.10
CA ARG P 72 -54.63 -42.17 55.12
C ARG P 72 -54.66 -42.80 53.73
N GLN P 73 -54.71 -41.95 52.70
CA GLN P 73 -54.68 -42.41 51.32
C GLN P 73 -53.98 -41.40 50.42
N THR P 74 -52.70 -41.61 50.18
CA THR P 74 -51.93 -40.66 49.38
C THR P 74 -52.15 -40.90 47.89
N GLY P 75 -52.24 -39.79 47.14
CA GLY P 75 -52.42 -39.87 45.71
C GLY P 75 -51.13 -40.21 44.98
N THR P 76 -51.28 -40.52 43.68
CA THR P 76 -50.17 -40.94 42.84
C THR P 76 -49.84 -39.90 41.79
N ASP P 77 -49.88 -38.62 42.16
CA ASP P 77 -49.61 -37.52 41.25
C ASP P 77 -48.51 -36.63 41.82
N LEU P 78 -47.75 -36.01 40.92
CA LEU P 78 -46.68 -35.11 41.32
C LEU P 78 -47.27 -33.85 41.92
N VAL P 79 -47.12 -33.70 43.23
CA VAL P 79 -47.62 -32.50 43.91
C VAL P 79 -46.87 -31.26 43.43
N VAL P 80 -45.56 -31.36 43.34
CA VAL P 80 -44.73 -30.23 42.91
C VAL P 80 -44.55 -30.28 41.40
N ASP P 81 -44.43 -29.11 40.78
CA ASP P 81 -44.25 -29.00 39.35
C ASP P 81 -43.01 -28.14 39.11
N PHE P 82 -42.14 -28.59 38.21
CA PHE P 82 -40.91 -27.89 37.87
C PHE P 82 -41.02 -27.31 36.46
N ARG P 83 -40.68 -26.03 36.32
CA ARG P 83 -40.71 -25.35 35.03
C ARG P 83 -39.45 -24.53 34.87
N ASN P 84 -39.05 -24.30 33.62
CA ASN P 84 -37.91 -23.44 33.35
C ASN P 84 -38.25 -21.99 33.63
N GLY P 85 -37.25 -21.23 34.05
CA GLY P 85 -37.47 -19.83 34.37
C GLY P 85 -38.27 -19.62 35.63
N SER P 86 -37.86 -20.27 36.71
CA SER P 86 -38.53 -20.14 38.00
C SER P 86 -37.48 -20.26 39.09
N VAL P 87 -37.91 -20.47 40.33
CA VAL P 87 -37.03 -20.55 41.48
C VAL P 87 -37.17 -21.92 42.12
N LEU P 88 -36.12 -22.32 42.84
CA LEU P 88 -36.10 -23.60 43.55
C LEU P 88 -36.13 -23.34 45.05
N THR P 89 -37.03 -24.01 45.75
CA THR P 89 -37.20 -23.86 47.18
C THR P 89 -37.00 -25.18 47.88
N ALA P 90 -36.56 -25.13 49.15
CA ALA P 90 -36.27 -26.34 49.89
C ALA P 90 -37.51 -27.18 50.14
N SER P 91 -38.66 -26.52 50.33
CA SER P 91 -39.89 -27.23 50.65
C SER P 91 -40.29 -28.17 49.54
N ASP P 92 -40.14 -27.74 48.29
CA ASP P 92 -40.47 -28.59 47.15
C ASP P 92 -39.60 -29.85 47.15
N LEU P 93 -38.30 -29.68 47.36
CA LEU P 93 -37.37 -30.80 47.37
C LEU P 93 -37.71 -31.77 48.48
N THR P 94 -38.10 -31.24 49.64
CA THR P 94 -38.48 -32.10 50.76
C THR P 94 -39.73 -32.90 50.43
N ASN P 95 -40.78 -32.21 49.96
CA ASN P 95 -42.07 -32.87 49.75
C ASN P 95 -41.97 -33.94 48.66
N SER P 96 -41.21 -33.66 47.60
CA SER P 96 -41.04 -34.64 46.53
C SER P 96 -40.49 -35.95 47.07
N GLU P 97 -39.57 -35.87 48.03
CA GLU P 97 -39.03 -37.07 48.64
C GLU P 97 -40.05 -37.73 49.57
N LEU P 98 -40.72 -36.93 50.42
CA LEU P 98 -41.65 -37.51 51.39
C LEU P 98 -42.81 -38.26 50.75
N GLN P 99 -43.20 -37.90 49.53
CA GLN P 99 -44.38 -38.52 48.92
C GLN P 99 -44.24 -40.05 48.83
N ALA P 100 -43.22 -40.53 48.12
CA ALA P 100 -43.05 -41.96 47.92
C ALA P 100 -42.82 -42.68 49.24
N ILE P 101 -42.11 -42.03 50.16
CA ILE P 101 -41.90 -42.61 51.48
C ILE P 101 -43.23 -42.89 52.15
N HIS P 102 -44.16 -41.93 52.14
CA HIS P 102 -45.47 -42.17 52.74
C HIS P 102 -46.19 -43.31 52.03
N ILE P 103 -46.14 -43.33 50.70
CA ILE P 103 -46.83 -44.37 49.93
C ILE P 103 -46.35 -45.76 50.35
N ALA P 104 -45.06 -45.87 50.66
CA ALA P 104 -44.49 -47.17 51.02
C ALA P 104 -45.22 -47.81 52.20
N GLU P 105 -45.17 -47.17 53.37
CA GLU P 105 -45.80 -47.75 54.55
C GLU P 105 -47.31 -47.68 54.49
N GLU P 106 -47.87 -46.91 53.55
CA GLU P 106 -49.29 -47.09 53.28
C GLU P 106 -49.57 -48.47 52.69
N GLY P 107 -48.97 -48.76 51.54
CA GLY P 107 -49.22 -50.04 50.90
C GLY P 107 -48.88 -51.21 51.80
N ARG P 108 -47.71 -51.13 52.46
CA ARG P 108 -47.25 -52.15 53.40
C ARG P 108 -48.34 -52.57 54.36
N ASP P 109 -49.19 -51.61 54.74
CA ASP P 109 -50.27 -51.92 55.67
C ASP P 109 -51.49 -52.49 54.95
N GLN P 110 -52.07 -51.72 54.02
CA GLN P 110 -53.42 -52.10 53.57
C GLN P 110 -53.44 -53.29 52.62
N THR P 111 -52.34 -53.61 51.94
CA THR P 111 -52.40 -54.62 50.89
C THR P 111 -52.87 -55.98 51.42
N VAL P 112 -52.22 -56.46 52.49
CA VAL P 112 -52.49 -57.80 52.99
C VAL P 112 -53.92 -57.90 53.52
N ASP P 113 -54.41 -56.82 54.12
CA ASP P 113 -55.79 -56.84 54.61
C ASP P 113 -56.78 -56.94 53.47
N LEU P 114 -56.60 -56.14 52.42
CA LEU P 114 -57.54 -56.21 51.29
C LEU P 114 -57.56 -57.59 50.65
N ALA P 115 -56.38 -58.21 50.54
CA ALA P 115 -56.29 -59.53 49.92
C ALA P 115 -57.25 -60.53 50.57
N LYS P 116 -57.39 -60.46 51.89
CA LYS P 116 -58.24 -61.39 52.62
C LYS P 116 -59.67 -61.39 52.11
N GLU P 117 -60.36 -60.24 52.18
CA GLU P 117 -61.77 -60.24 51.84
C GLU P 117 -61.95 -60.49 50.35
N TYR P 118 -61.02 -60.01 49.52
CA TYR P 118 -61.17 -60.31 48.10
C TYR P 118 -61.09 -61.82 47.84
N ALA P 119 -60.13 -62.49 48.47
CA ALA P 119 -59.96 -63.92 48.25
C ALA P 119 -61.16 -64.72 48.74
N ASP P 120 -61.61 -64.47 49.96
CA ASP P 120 -62.69 -65.33 50.47
C ASP P 120 -64.03 -64.94 49.84
N ALA P 121 -64.15 -63.72 49.32
CA ALA P 121 -65.32 -63.38 48.53
C ALA P 121 -65.36 -64.18 47.24
N ALA P 122 -64.23 -64.30 46.57
CA ALA P 122 -64.16 -65.15 45.38
C ALA P 122 -64.48 -66.60 45.73
N GLY P 123 -63.94 -67.09 46.85
CA GLY P 123 -64.21 -68.45 47.27
C GLY P 123 -65.67 -68.69 47.58
N SER P 124 -66.32 -67.75 48.27
CA SER P 124 -67.73 -67.87 48.60
C SER P 124 -68.58 -67.85 47.33
N SER P 125 -68.20 -67.00 46.37
CA SER P 125 -68.91 -66.98 45.09
C SER P 125 -68.84 -68.33 44.41
N ALA P 126 -67.64 -68.91 44.36
CA ALA P 126 -67.48 -70.25 43.80
C ALA P 126 -68.35 -71.26 44.56
N GLY P 127 -68.38 -71.14 45.88
CA GLY P 127 -69.12 -72.11 46.68
C GLY P 127 -70.62 -72.08 46.43
N ASN P 128 -71.21 -70.88 46.43
CA ASN P 128 -72.66 -70.82 46.25
C ASN P 128 -73.02 -71.16 44.81
N ALA P 129 -72.17 -70.79 43.87
CA ALA P 129 -72.38 -71.22 42.49
C ALA P 129 -72.36 -72.73 42.39
N LYS P 130 -71.44 -73.39 43.09
CA LYS P 130 -71.33 -74.84 43.02
C LYS P 130 -72.54 -75.53 43.61
N ASP P 131 -72.93 -75.16 44.83
CA ASP P 131 -74.03 -75.90 45.47
C ASP P 131 -75.37 -75.53 44.84
N SER P 132 -75.47 -74.34 44.25
CA SER P 132 -76.71 -73.94 43.58
C SER P 132 -76.41 -73.11 42.33
N SER Q 2 -34.85 -59.77 46.73
CA SER Q 2 -33.40 -59.97 46.67
C SER Q 2 -32.72 -59.41 47.91
N THR Q 3 -33.48 -58.71 48.74
CA THR Q 3 -32.97 -58.12 49.96
C THR Q 3 -33.09 -59.06 51.16
N ILE Q 4 -33.56 -60.29 50.95
CA ILE Q 4 -33.66 -61.28 52.01
C ILE Q 4 -32.97 -62.55 51.53
N THR Q 5 -32.06 -63.08 52.33
CA THR Q 5 -31.29 -64.25 51.96
C THR Q 5 -31.09 -65.16 53.16
N GLN Q 6 -31.00 -66.46 52.89
CA GLN Q 6 -30.80 -67.47 53.93
C GLN Q 6 -29.70 -68.43 53.50
N PHE Q 7 -28.90 -68.88 54.45
CA PHE Q 7 -27.82 -69.82 54.22
C PHE Q 7 -27.84 -70.91 55.28
N PRO Q 8 -27.31 -72.09 54.96
CA PRO Q 8 -27.20 -73.14 55.98
C PRO Q 8 -26.25 -72.75 57.09
N SER Q 9 -26.54 -73.23 58.29
CA SER Q 9 -25.74 -72.92 59.47
C SER Q 9 -24.51 -73.83 59.55
N GLY Q 10 -23.59 -73.44 60.42
CA GLY Q 10 -22.40 -74.25 60.68
C GLY Q 10 -21.19 -73.87 59.87
N ASN Q 11 -20.93 -72.57 59.76
CA ASN Q 11 -19.75 -72.06 59.06
C ASN Q 11 -19.11 -70.98 59.92
N THR Q 12 -18.10 -70.32 59.36
CA THR Q 12 -17.44 -69.20 60.02
C THR Q 12 -17.40 -67.93 59.19
N GLN Q 13 -17.71 -68.00 57.90
CA GLN Q 13 -17.58 -66.87 57.00
C GLN Q 13 -18.82 -66.80 56.11
N TYR Q 14 -19.25 -65.57 55.81
CA TYR Q 14 -20.48 -65.34 55.07
C TYR Q 14 -20.33 -64.10 54.21
N ARG Q 15 -21.15 -64.00 53.18
CA ARG Q 15 -21.05 -62.95 52.17
C ARG Q 15 -22.27 -62.04 52.20
N ILE Q 16 -22.05 -60.77 51.83
CA ILE Q 16 -23.11 -59.78 51.69
C ILE Q 16 -23.31 -59.50 50.21
N GLU Q 17 -24.56 -59.48 49.77
CA GLU Q 17 -24.88 -59.47 48.35
C GLU Q 17 -25.94 -58.42 48.02
N PHE Q 18 -25.89 -57.27 48.69
CA PHE Q 18 -26.75 -56.15 48.32
C PHE Q 18 -26.09 -54.85 48.73
N ASP Q 19 -26.46 -53.77 48.05
CA ASP Q 19 -25.90 -52.47 48.35
C ASP Q 19 -26.52 -51.89 49.62
N TYR Q 20 -25.77 -51.02 50.29
CA TYR Q 20 -26.25 -50.36 51.50
C TYR Q 20 -25.59 -48.99 51.62
N LEU Q 21 -26.27 -48.08 52.32
CA LEU Q 21 -25.77 -46.73 52.51
C LEU Q 21 -24.93 -46.58 53.79
N ALA Q 22 -25.15 -47.43 54.78
CA ALA Q 22 -24.40 -47.36 56.03
C ALA Q 22 -24.29 -48.75 56.63
N ARG Q 23 -23.33 -48.92 57.52
CA ARG Q 23 -23.08 -50.22 58.12
C ARG Q 23 -24.04 -50.56 59.25
N THR Q 24 -24.93 -49.65 59.62
CA THR Q 24 -25.94 -49.91 60.63
C THR Q 24 -27.26 -50.38 60.04
N PHE Q 25 -27.32 -50.57 58.72
CA PHE Q 25 -28.53 -51.01 58.03
C PHE Q 25 -28.52 -52.50 57.74
N VAL Q 26 -27.58 -53.25 58.31
CA VAL Q 26 -27.44 -54.69 58.07
C VAL Q 26 -27.79 -55.41 59.35
N VAL Q 27 -28.68 -56.41 59.24
CA VAL Q 27 -29.18 -57.14 60.40
C VAL Q 27 -28.88 -58.63 60.21
N VAL Q 28 -28.35 -59.25 61.25
CA VAL Q 28 -28.02 -60.67 61.25
C VAL Q 28 -28.73 -61.34 62.42
N THR Q 29 -29.36 -62.48 62.15
CA THR Q 29 -30.11 -63.19 63.18
C THR Q 29 -30.05 -64.68 62.93
N LEU Q 30 -30.22 -65.46 64.01
CA LEU Q 30 -30.28 -66.91 63.92
C LEU Q 30 -31.73 -67.36 63.87
N VAL Q 31 -31.99 -68.43 63.12
CA VAL Q 31 -33.36 -68.88 62.85
C VAL Q 31 -33.49 -70.34 63.23
N ASN Q 32 -34.56 -70.66 63.97
CA ASN Q 32 -34.95 -72.03 64.25
C ASN Q 32 -36.25 -72.32 63.52
N SER Q 33 -36.24 -73.31 62.64
CA SER Q 33 -37.39 -73.56 61.79
C SER Q 33 -38.54 -74.20 62.56
N SER Q 34 -38.23 -75.17 63.43
CA SER Q 34 -39.28 -75.92 64.11
C SER Q 34 -40.09 -75.03 65.05
N ASN Q 35 -39.40 -74.23 65.86
CA ASN Q 35 -40.04 -73.36 66.85
C ASN Q 35 -39.62 -71.92 66.61
N PRO Q 36 -40.39 -71.14 65.83
CA PRO Q 36 -40.03 -69.74 65.56
C PRO Q 36 -40.36 -68.80 66.72
N THR Q 37 -40.00 -69.22 67.93
CA THR Q 37 -40.17 -68.38 69.12
C THR Q 37 -38.88 -68.25 69.91
N LEU Q 38 -37.80 -68.89 69.46
CA LEU Q 38 -36.52 -68.82 70.14
C LEU Q 38 -35.47 -68.07 69.33
N ASN Q 39 -35.89 -67.32 68.32
CA ASN Q 39 -34.93 -66.59 67.49
C ASN Q 39 -34.22 -65.53 68.30
N ARG Q 40 -32.96 -65.30 67.96
CA ARG Q 40 -32.13 -64.29 68.62
C ARG Q 40 -31.53 -63.36 67.59
N VAL Q 41 -31.22 -62.14 68.02
CA VAL Q 41 -30.65 -61.13 67.16
C VAL Q 41 -29.23 -60.83 67.64
N LEU Q 42 -28.29 -60.80 66.68
CA LEU Q 42 -26.89 -60.56 66.96
C LEU Q 42 -26.56 -59.09 66.79
N GLU Q 43 -25.52 -58.64 67.49
CA GLU Q 43 -25.09 -57.25 67.47
C GLU Q 43 -23.62 -57.16 67.14
N VAL Q 44 -23.23 -56.07 66.47
CA VAL Q 44 -21.86 -55.90 66.01
C VAL Q 44 -20.93 -55.73 67.20
N GLY Q 45 -19.65 -56.03 66.98
CA GLY Q 45 -18.63 -55.84 68.01
C GLY Q 45 -18.36 -57.02 68.91
N ARG Q 46 -19.40 -57.65 69.44
CA ARG Q 46 -19.23 -58.77 70.35
C ARG Q 46 -19.65 -60.10 69.74
N ASP Q 47 -20.41 -60.10 68.66
CA ASP Q 47 -20.85 -61.36 68.04
C ASP Q 47 -20.21 -61.57 66.68
N TYR Q 48 -20.08 -60.51 65.89
CA TYR Q 48 -19.47 -60.61 64.57
C TYR Q 48 -18.68 -59.35 64.27
N ARG Q 49 -17.73 -59.48 63.34
CA ARG Q 49 -16.87 -58.37 62.94
C ARG Q 49 -16.80 -58.32 61.42
N PHE Q 50 -16.69 -57.11 60.88
CA PHE Q 50 -16.49 -56.96 59.45
C PHE Q 50 -15.04 -57.27 59.07
N LEU Q 51 -14.86 -57.74 57.83
CA LEU Q 51 -13.53 -57.99 57.30
C LEU Q 51 -13.25 -57.03 56.15
N ASN Q 52 -14.14 -57.03 55.16
CA ASN Q 52 -14.11 -56.11 54.03
C ASN Q 52 -15.55 -55.71 53.74
N PRO Q 53 -15.77 -54.70 52.90
CA PRO Q 53 -17.14 -54.20 52.69
C PRO Q 53 -18.15 -55.25 52.24
N THR Q 54 -17.74 -56.48 51.93
CA THR Q 54 -18.69 -57.46 51.41
C THR Q 54 -18.55 -58.83 52.06
N MET Q 55 -18.08 -58.89 53.31
CA MET Q 55 -17.90 -60.20 53.94
C MET Q 55 -17.66 -60.01 55.43
N ILE Q 56 -18.21 -60.93 56.23
CA ILE Q 56 -18.16 -60.85 57.68
C ILE Q 56 -17.66 -62.18 58.24
N GLU Q 57 -17.42 -62.18 59.55
CA GLU Q 57 -16.94 -63.36 60.26
C GLU Q 57 -17.77 -63.56 61.52
N MET Q 58 -18.03 -64.82 61.87
CA MET Q 58 -18.82 -65.14 63.05
C MET Q 58 -17.91 -65.45 64.23
N LEU Q 59 -18.42 -65.18 65.44
CA LEU Q 59 -17.62 -65.38 66.65
C LEU Q 59 -18.35 -66.12 67.77
N VAL Q 60 -19.59 -66.56 67.57
CA VAL Q 60 -20.33 -67.25 68.62
C VAL Q 60 -20.57 -68.70 68.21
N ASP Q 61 -21.14 -69.48 69.12
CA ASP Q 61 -21.41 -70.90 68.89
C ASP Q 61 -22.80 -71.09 68.29
N GLN Q 62 -22.83 -71.62 67.06
CA GLN Q 62 -24.09 -71.86 66.35
C GLN Q 62 -24.57 -73.28 66.63
N SER Q 63 -25.12 -73.46 67.84
CA SER Q 63 -25.65 -74.74 68.27
C SER Q 63 -27.14 -74.62 68.52
N GLY Q 64 -27.91 -75.54 67.98
CA GLY Q 64 -29.36 -75.51 68.10
C GLY Q 64 -30.07 -74.69 67.04
N PHE Q 65 -29.37 -74.19 66.05
CA PHE Q 65 -29.94 -73.37 64.99
C PHE Q 65 -29.63 -74.00 63.64
N ASP Q 66 -30.36 -73.57 62.61
CA ASP Q 66 -30.26 -74.24 61.31
C ASP Q 66 -30.01 -73.27 60.16
N ILE Q 67 -30.51 -72.03 60.28
CA ILE Q 67 -30.42 -71.05 59.21
C ILE Q 67 -29.90 -69.74 59.76
N VAL Q 68 -29.10 -69.05 58.96
CA VAL Q 68 -28.63 -67.70 59.25
C VAL Q 68 -29.19 -66.77 58.18
N ARG Q 69 -29.84 -65.69 58.62
CA ARG Q 69 -30.54 -64.78 57.74
C ARG Q 69 -29.92 -63.39 57.79
N ILE Q 70 -29.80 -62.77 56.62
CA ILE Q 70 -29.26 -61.41 56.48
C ILE Q 70 -30.21 -60.62 55.62
N HIS Q 71 -30.64 -59.45 56.11
CA HIS Q 71 -31.54 -58.58 55.37
C HIS Q 71 -31.21 -57.13 55.66
N ARG Q 72 -31.77 -56.24 54.85
CA ARG Q 72 -31.51 -54.81 54.92
C ARG Q 72 -32.72 -54.07 55.46
N GLN Q 73 -32.47 -53.06 56.29
CA GLN Q 73 -33.54 -52.26 56.93
C GLN Q 73 -33.10 -50.80 56.95
N THR Q 74 -33.52 -50.05 55.94
CA THR Q 74 -33.16 -48.64 55.85
C THR Q 74 -34.03 -47.81 56.80
N GLY Q 75 -33.42 -46.78 57.39
CA GLY Q 75 -34.12 -45.89 58.27
C GLY Q 75 -35.03 -44.91 57.54
N THR Q 76 -35.75 -44.11 58.32
CA THR Q 76 -36.72 -43.18 57.77
C THR Q 76 -36.32 -41.71 57.91
N ASP Q 77 -35.39 -41.39 58.80
CA ASP Q 77 -34.96 -40.00 58.95
C ASP Q 77 -34.20 -39.55 57.72
N LEU Q 78 -34.36 -38.27 57.37
CA LEU Q 78 -33.70 -37.73 56.20
C LEU Q 78 -32.19 -37.62 56.43
N VAL Q 79 -31.45 -37.53 55.33
CA VAL Q 79 -30.00 -37.48 55.36
C VAL Q 79 -29.49 -36.07 55.08
N VAL Q 80 -29.98 -35.44 54.02
CA VAL Q 80 -29.53 -34.12 53.60
C VAL Q 80 -30.60 -33.10 53.92
N ASP Q 81 -30.18 -31.96 54.50
CA ASP Q 81 -31.09 -30.88 54.87
C ASP Q 81 -30.80 -29.69 53.97
N PHE Q 82 -31.77 -29.35 53.13
CA PHE Q 82 -31.63 -28.20 52.24
C PHE Q 82 -31.97 -26.91 52.99
N ARG Q 83 -31.20 -25.86 52.71
CA ARG Q 83 -31.41 -24.56 53.32
C ARG Q 83 -31.22 -23.47 52.27
N ASN Q 84 -31.88 -22.34 52.48
CA ASN Q 84 -31.81 -21.24 51.53
C ASN Q 84 -30.54 -20.45 51.73
N GLY Q 85 -29.72 -20.35 50.69
CA GLY Q 85 -28.50 -19.58 50.75
C GLY Q 85 -27.25 -20.38 50.43
N SER Q 86 -27.35 -21.70 50.44
CA SER Q 86 -26.21 -22.57 50.23
C SER Q 86 -26.01 -22.79 48.73
N VAL Q 87 -25.13 -23.73 48.37
CA VAL Q 87 -24.78 -24.01 46.99
C VAL Q 87 -25.19 -25.45 46.66
N LEU Q 88 -25.74 -25.63 45.47
CA LEU Q 88 -26.24 -26.93 45.03
C LEU Q 88 -25.08 -27.82 44.59
N THR Q 89 -25.08 -29.06 45.06
CA THR Q 89 -24.06 -30.04 44.73
C THR Q 89 -24.71 -31.36 44.32
N ALA Q 90 -23.95 -32.17 43.58
CA ALA Q 90 -24.52 -33.39 43.01
C ALA Q 90 -24.72 -34.47 44.08
N SER Q 91 -23.84 -34.53 45.07
CA SER Q 91 -23.87 -35.62 46.04
C SER Q 91 -25.16 -35.62 46.84
N ASP Q 92 -25.66 -34.43 47.19
CA ASP Q 92 -26.90 -34.34 47.94
C ASP Q 92 -28.06 -34.93 47.15
N LEU Q 93 -28.18 -34.57 45.88
CA LEU Q 93 -29.23 -35.11 45.03
C LEU Q 93 -29.10 -36.62 44.90
N THR Q 94 -27.87 -37.10 44.72
CA THR Q 94 -27.65 -38.54 44.58
C THR Q 94 -28.13 -39.30 45.81
N ASN Q 95 -27.71 -38.85 47.00
CA ASN Q 95 -28.11 -39.53 48.23
C ASN Q 95 -29.62 -39.47 48.44
N SER Q 96 -30.22 -38.30 48.17
CA SER Q 96 -31.66 -38.17 48.37
C SER Q 96 -32.43 -39.12 47.47
N GLU Q 97 -31.97 -39.27 46.22
CA GLU Q 97 -32.64 -40.21 45.30
C GLU Q 97 -32.45 -41.65 45.77
N LEU Q 98 -31.22 -42.01 46.16
CA LEU Q 98 -30.92 -43.39 46.51
C LEU Q 98 -31.72 -43.86 47.71
N GLN Q 99 -31.90 -42.99 48.71
CA GLN Q 99 -32.64 -43.40 49.90
C GLN Q 99 -34.06 -43.84 49.55
N ALA Q 100 -34.77 -43.01 48.78
CA ALA Q 100 -36.14 -43.32 48.41
C ALA Q 100 -36.20 -44.58 47.55
N ILE Q 101 -35.28 -44.71 46.60
CA ILE Q 101 -35.28 -45.91 45.75
C ILE Q 101 -35.13 -47.16 46.60
N HIS Q 102 -34.16 -47.15 47.52
CA HIS Q 102 -33.94 -48.30 48.39
C HIS Q 102 -35.20 -48.65 49.18
N ILE Q 103 -35.80 -47.64 49.82
CA ILE Q 103 -36.96 -47.89 50.68
C ILE Q 103 -38.09 -48.52 49.88
N ALA Q 104 -38.38 -47.98 48.69
CA ALA Q 104 -39.41 -48.56 47.84
C ALA Q 104 -39.07 -50.01 47.50
N GLU Q 105 -37.78 -50.30 47.30
CA GLU Q 105 -37.38 -51.66 46.99
C GLU Q 105 -37.78 -52.64 48.09
N GLU Q 106 -37.39 -52.35 49.35
CA GLU Q 106 -37.73 -53.36 50.36
C GLU Q 106 -39.23 -53.40 50.60
N GLY Q 107 -39.92 -52.27 50.41
CA GLY Q 107 -41.37 -52.29 50.56
C GLY Q 107 -42.04 -53.26 49.60
N ARG Q 108 -41.69 -53.16 48.32
CA ARG Q 108 -42.26 -54.07 47.33
C ARG Q 108 -41.88 -55.52 47.63
N ASP Q 109 -40.59 -55.74 47.95
CA ASP Q 109 -40.12 -57.09 48.19
C ASP Q 109 -40.86 -57.73 49.36
N GLN Q 110 -41.16 -56.93 50.39
CA GLN Q 110 -41.90 -57.46 51.54
C GLN Q 110 -43.34 -57.77 51.15
N THR Q 111 -44.02 -56.85 50.47
CA THR Q 111 -45.46 -57.00 50.28
C THR Q 111 -45.80 -58.14 49.32
N VAL Q 112 -44.99 -58.32 48.26
CA VAL Q 112 -45.32 -59.31 47.24
C VAL Q 112 -45.34 -60.71 47.85
N ASP Q 113 -44.44 -60.96 48.80
CA ASP Q 113 -44.29 -62.27 49.42
C ASP Q 113 -45.59 -62.72 50.06
N LEU Q 114 -46.24 -61.82 50.81
CA LEU Q 114 -47.49 -62.20 51.47
C LEU Q 114 -48.65 -62.15 50.50
N ALA Q 115 -48.55 -61.34 49.44
CA ALA Q 115 -49.68 -61.22 48.51
C ALA Q 115 -49.87 -62.47 47.67
N LYS Q 116 -48.78 -63.08 47.20
CA LYS Q 116 -48.88 -64.04 46.10
C LYS Q 116 -49.72 -65.27 46.46
N GLU Q 117 -49.54 -65.82 47.66
CA GLU Q 117 -50.16 -67.12 47.97
C GLU Q 117 -51.67 -67.01 48.05
N TYR Q 118 -52.17 -65.86 48.48
CA TYR Q 118 -53.61 -65.64 48.45
C TYR Q 118 -54.09 -65.38 47.03
N ALA Q 119 -53.31 -64.59 46.27
CA ALA Q 119 -53.74 -64.23 44.92
C ALA Q 119 -53.92 -65.45 44.04
N ASP Q 120 -52.90 -66.32 43.97
CA ASP Q 120 -52.96 -67.41 42.99
C ASP Q 120 -54.04 -68.42 43.38
N ALA Q 121 -54.19 -68.67 44.67
CA ALA Q 121 -55.21 -69.60 45.13
C ALA Q 121 -56.60 -69.10 44.78
N ALA Q 122 -56.86 -67.80 45.04
CA ALA Q 122 -58.16 -67.24 44.69
C ALA Q 122 -58.41 -67.37 43.20
N GLY Q 123 -57.43 -67.02 42.38
CA GLY Q 123 -57.59 -67.10 40.94
C GLY Q 123 -57.85 -68.51 40.43
N SER Q 124 -57.07 -69.47 40.92
CA SER Q 124 -57.22 -70.85 40.47
C SER Q 124 -58.59 -71.41 40.86
N SER Q 125 -59.00 -71.16 42.11
CA SER Q 125 -60.31 -71.66 42.55
C SER Q 125 -61.42 -71.05 41.70
N ALA Q 126 -61.34 -69.74 41.46
CA ALA Q 126 -62.36 -69.06 40.67
C ALA Q 126 -62.44 -69.65 39.26
N GLY Q 127 -61.29 -69.79 38.60
CA GLY Q 127 -61.30 -70.31 37.24
C GLY Q 127 -61.81 -71.73 37.15
N ASN Q 128 -61.35 -72.60 38.06
CA ASN Q 128 -61.78 -73.99 38.07
C ASN Q 128 -63.28 -74.08 38.24
N ALA Q 129 -63.81 -73.41 39.28
CA ALA Q 129 -65.25 -73.46 39.51
C ALA Q 129 -66.02 -72.91 38.31
N LYS Q 130 -65.57 -71.77 37.78
CA LYS Q 130 -66.23 -71.15 36.65
C LYS Q 130 -66.37 -72.12 35.48
N ASP Q 131 -65.25 -72.64 35.00
CA ASP Q 131 -65.30 -73.50 33.82
C ASP Q 131 -66.09 -74.78 34.11
N SER Q 132 -65.81 -75.44 35.23
CA SER Q 132 -66.52 -76.66 35.56
C SER Q 132 -68.03 -76.45 35.52
N GLU Q 133 -68.53 -75.52 36.34
CA GLU Q 133 -69.96 -75.29 36.43
C GLU Q 133 -70.54 -74.88 35.08
N ASP Q 134 -69.92 -73.90 34.43
CA ASP Q 134 -70.48 -73.37 33.19
C ASP Q 134 -70.63 -74.45 32.14
N GLU Q 135 -69.51 -75.08 31.76
CA GLU Q 135 -69.58 -76.10 30.71
C GLU Q 135 -70.48 -77.27 31.11
N ALA Q 136 -70.35 -77.75 32.36
CA ALA Q 136 -71.15 -78.91 32.76
C ALA Q 136 -72.63 -78.61 32.68
N ARG Q 137 -73.08 -77.51 33.29
CA ARG Q 137 -74.50 -77.21 33.33
C ARG Q 137 -75.03 -76.85 31.95
N ARG Q 138 -74.23 -76.14 31.15
CA ARG Q 138 -74.71 -75.75 29.82
C ARG Q 138 -74.86 -76.95 28.90
N ILE Q 139 -73.92 -77.91 28.98
CA ILE Q 139 -74.06 -79.13 28.20
C ILE Q 139 -75.23 -79.96 28.73
N ALA Q 140 -75.43 -79.99 30.05
CA ALA Q 140 -76.55 -80.74 30.61
C ALA Q 140 -77.88 -80.20 30.12
N GLU Q 141 -78.03 -78.88 30.09
CA GLU Q 141 -79.26 -78.27 29.60
C GLU Q 141 -79.26 -78.21 28.08
N SER R 2 -54.55 -48.42 34.58
CA SER R 2 -53.77 -48.85 35.74
C SER R 2 -52.43 -49.42 35.31
N THR R 3 -52.03 -50.54 35.90
CA THR R 3 -50.77 -51.20 35.59
C THR R 3 -50.97 -52.64 35.14
N ILE R 4 -52.16 -52.99 34.69
CA ILE R 4 -52.45 -54.35 34.23
C ILE R 4 -53.70 -54.29 33.37
N THR R 5 -53.69 -55.05 32.28
CA THR R 5 -54.80 -55.05 31.33
C THR R 5 -54.97 -56.43 30.74
N GLN R 6 -56.20 -56.75 30.34
CA GLN R 6 -56.53 -58.01 29.70
C GLN R 6 -57.31 -57.76 28.42
N PHE R 7 -56.99 -58.50 27.38
CA PHE R 7 -57.60 -58.36 26.07
C PHE R 7 -57.96 -59.73 25.51
N PRO R 8 -58.99 -59.81 24.66
CA PRO R 8 -59.29 -61.07 23.99
C PRO R 8 -58.22 -61.43 22.96
N SER R 9 -58.10 -62.73 22.71
CA SER R 9 -57.11 -63.22 21.74
C SER R 9 -57.62 -63.10 20.32
N GLY R 10 -56.87 -63.64 19.37
CA GLY R 10 -57.26 -63.60 17.97
C GLY R 10 -57.20 -62.23 17.33
N ASN R 11 -56.10 -61.50 17.58
CA ASN R 11 -55.89 -60.21 16.94
C ASN R 11 -54.45 -60.16 16.43
N THR R 12 -54.13 -59.06 15.76
CA THR R 12 -52.79 -58.83 15.22
C THR R 12 -52.05 -57.73 15.92
N GLN R 13 -52.75 -56.74 16.46
CA GLN R 13 -52.14 -55.60 17.12
C GLN R 13 -52.79 -55.37 18.48
N TYR R 14 -52.12 -54.58 19.31
CA TYR R 14 -52.60 -54.28 20.65
C TYR R 14 -52.14 -52.88 21.03
N ARG R 15 -52.64 -52.39 22.16
CA ARG R 15 -52.40 -51.02 22.58
C ARG R 15 -51.78 -50.99 23.97
N ILE R 16 -50.86 -50.04 24.17
CA ILE R 16 -50.26 -49.78 25.47
C ILE R 16 -50.80 -48.45 25.96
N GLU R 17 -51.48 -48.47 27.10
CA GLU R 17 -52.15 -47.29 27.63
C GLU R 17 -51.44 -46.66 28.82
N PHE R 18 -50.85 -47.47 29.70
CA PHE R 18 -50.15 -46.91 30.84
C PHE R 18 -48.84 -46.26 30.40
N ASP R 19 -48.12 -45.70 31.38
CA ASP R 19 -46.92 -44.93 31.11
C ASP R 19 -45.70 -45.68 31.62
N TYR R 20 -44.57 -45.52 30.93
CA TYR R 20 -43.33 -46.19 31.28
C TYR R 20 -42.16 -45.27 30.99
N LEU R 21 -41.02 -45.57 31.62
CA LEU R 21 -39.82 -44.78 31.45
C LEU R 21 -38.80 -45.42 30.51
N ALA R 22 -38.80 -46.74 30.37
CA ALA R 22 -37.89 -47.41 29.47
C ALA R 22 -38.64 -48.52 28.75
N ARG R 23 -38.18 -48.84 27.54
CA ARG R 23 -38.90 -49.79 26.70
C ARG R 23 -38.69 -51.24 27.12
N THR R 24 -37.80 -51.50 28.08
CA THR R 24 -37.56 -52.85 28.57
C THR R 24 -38.44 -53.20 29.76
N PHE R 25 -39.40 -52.35 30.09
CA PHE R 25 -40.23 -52.50 31.29
C PHE R 25 -41.61 -53.05 30.97
N VAL R 26 -41.83 -53.60 29.78
CA VAL R 26 -43.13 -54.10 29.35
C VAL R 26 -43.06 -55.62 29.25
N VAL R 27 -44.05 -56.30 29.84
CA VAL R 27 -44.10 -57.75 29.86
C VAL R 27 -45.41 -58.20 29.23
N VAL R 28 -45.34 -59.20 28.36
CA VAL R 28 -46.50 -59.76 27.67
C VAL R 28 -46.62 -61.22 28.05
N THR R 29 -47.86 -61.68 28.28
CA THR R 29 -48.11 -63.04 28.72
C THR R 29 -49.42 -63.53 28.11
N LEU R 30 -49.43 -64.81 27.73
CA LEU R 30 -50.62 -65.48 27.23
C LEU R 30 -51.33 -66.20 28.36
N VAL R 31 -52.65 -66.14 28.35
CA VAL R 31 -53.48 -66.60 29.46
C VAL R 31 -54.35 -67.76 29.00
N ASN R 32 -54.33 -68.84 29.77
CA ASN R 32 -55.24 -69.98 29.60
C ASN R 32 -56.22 -69.96 30.76
N SER R 33 -57.50 -69.74 30.45
CA SER R 33 -58.51 -69.61 31.49
C SER R 33 -58.70 -70.90 32.26
N SER R 34 -58.69 -72.03 31.56
CA SER R 34 -59.02 -73.31 32.20
C SER R 34 -57.99 -73.71 33.24
N ASN R 35 -56.71 -73.70 32.87
CA ASN R 35 -55.65 -74.13 33.76
C ASN R 35 -54.60 -73.03 33.88
N PRO R 36 -54.38 -72.48 35.08
CA PRO R 36 -53.36 -71.44 35.22
C PRO R 36 -51.96 -71.94 34.88
N THR R 37 -51.68 -73.22 35.10
CA THR R 37 -50.34 -73.76 34.84
C THR R 37 -49.98 -73.75 33.36
N LEU R 38 -50.95 -73.54 32.47
CA LEU R 38 -50.67 -73.48 31.04
C LEU R 38 -50.15 -72.12 30.59
N ASN R 39 -50.06 -71.15 31.50
CA ASN R 39 -49.59 -69.83 31.13
C ASN R 39 -48.13 -69.87 30.70
N ARG R 40 -47.81 -69.06 29.69
CA ARG R 40 -46.44 -68.94 29.20
C ARG R 40 -46.14 -67.47 28.92
N VAL R 41 -44.88 -67.09 29.11
CA VAL R 41 -44.44 -65.71 28.97
C VAL R 41 -43.64 -65.59 27.67
N LEU R 42 -44.06 -64.67 26.80
CA LEU R 42 -43.38 -64.45 25.55
C LEU R 42 -42.09 -63.65 25.76
N GLU R 43 -41.33 -63.49 24.69
CA GLU R 43 -40.05 -62.79 24.74
C GLU R 43 -39.91 -61.91 23.51
N VAL R 44 -39.31 -60.74 23.70
CA VAL R 44 -39.32 -59.70 22.67
C VAL R 44 -38.38 -60.09 21.53
N GLY R 45 -38.69 -59.60 20.34
CA GLY R 45 -37.89 -59.90 19.16
C GLY R 45 -38.25 -61.20 18.46
N ARG R 46 -38.48 -62.26 19.21
CA ARG R 46 -38.89 -63.54 18.64
C ARG R 46 -40.40 -63.65 18.46
N ASP R 47 -41.19 -62.95 19.26
CA ASP R 47 -42.64 -63.08 19.25
C ASP R 47 -43.36 -61.79 18.92
N TYR R 48 -42.75 -60.63 19.16
CA TYR R 48 -43.39 -59.36 18.88
C TYR R 48 -42.32 -58.29 18.64
N ARG R 49 -42.76 -57.18 18.06
CA ARG R 49 -41.87 -56.07 17.74
C ARG R 49 -42.62 -54.77 17.93
N PHE R 50 -41.85 -53.68 17.99
CA PHE R 50 -42.39 -52.34 18.25
C PHE R 50 -42.50 -51.58 16.94
N LEU R 51 -43.73 -51.21 16.56
CA LEU R 51 -43.96 -50.36 15.41
C LEU R 51 -43.84 -48.88 15.77
N ASN R 52 -44.48 -48.48 16.87
CA ASN R 52 -44.49 -47.11 17.34
C ASN R 52 -44.45 -47.12 18.87
N PRO R 53 -44.22 -45.98 19.53
CA PRO R 53 -44.09 -46.01 21.00
C PRO R 53 -45.33 -46.44 21.75
N THR R 54 -46.41 -46.77 21.04
CA THR R 54 -47.66 -47.16 21.69
C THR R 54 -48.26 -48.46 21.19
N MET R 55 -47.73 -49.06 20.13
CA MET R 55 -48.38 -50.20 19.49
C MET R 55 -47.38 -51.32 19.22
N ILE R 56 -47.78 -52.56 19.49
CA ILE R 56 -46.99 -53.73 19.16
C ILE R 56 -47.78 -54.61 18.19
N GLU R 57 -47.14 -55.65 17.66
CA GLU R 57 -47.83 -56.62 16.82
C GLU R 57 -47.34 -58.02 17.17
N MET R 58 -48.25 -58.97 17.20
CA MET R 58 -47.89 -60.35 17.52
C MET R 58 -47.31 -61.04 16.30
N LEU R 59 -46.43 -62.01 16.56
CA LEU R 59 -45.84 -62.83 15.51
C LEU R 59 -46.01 -64.32 15.73
N VAL R 60 -46.65 -64.75 16.81
CA VAL R 60 -46.87 -66.17 17.09
C VAL R 60 -48.35 -66.44 16.96
N ASP R 61 -48.75 -67.69 16.80
CA ASP R 61 -50.14 -68.07 16.63
C ASP R 61 -50.81 -68.23 17.99
N GLN R 62 -52.13 -68.03 18.01
CA GLN R 62 -52.93 -68.19 19.22
C GLN R 62 -53.93 -69.32 18.98
N SER R 63 -53.65 -70.49 19.58
CA SER R 63 -54.48 -71.66 19.34
C SER R 63 -55.23 -72.06 20.60
N GLY R 64 -54.51 -72.32 21.69
CA GLY R 64 -55.12 -72.76 22.92
C GLY R 64 -55.15 -71.70 24.00
N PHE R 65 -55.39 -70.45 23.61
CA PHE R 65 -55.40 -69.34 24.55
C PHE R 65 -56.48 -68.36 24.14
N ASP R 66 -56.93 -67.56 25.12
CA ASP R 66 -58.03 -66.63 24.89
C ASP R 66 -57.78 -65.22 25.40
N ILE R 67 -56.86 -65.02 26.34
CA ILE R 67 -56.66 -63.72 26.97
C ILE R 67 -55.19 -63.33 26.87
N VAL R 68 -54.95 -62.06 26.55
CA VAL R 68 -53.62 -61.48 26.50
C VAL R 68 -53.49 -60.48 27.63
N ARG R 69 -52.42 -60.59 28.42
CA ARG R 69 -52.22 -59.78 29.60
C ARG R 69 -50.92 -58.99 29.49
N ILE R 70 -50.99 -57.69 29.76
CA ILE R 70 -49.83 -56.80 29.73
C ILE R 70 -49.78 -56.05 31.06
N HIS R 71 -48.62 -56.07 31.71
CA HIS R 71 -48.40 -55.33 32.93
C HIS R 71 -47.05 -54.61 32.84
N ARG R 72 -46.64 -54.02 33.96
CA ARG R 72 -45.43 -53.21 34.01
C ARG R 72 -44.51 -53.71 35.12
N GLN R 73 -43.20 -53.63 34.87
CA GLN R 73 -42.20 -54.05 35.85
C GLN R 73 -41.05 -53.04 35.77
N THR R 74 -40.98 -52.16 36.76
CA THR R 74 -39.96 -51.12 36.77
C THR R 74 -38.64 -51.67 37.27
N GLY R 75 -37.55 -51.20 36.67
CA GLY R 75 -36.22 -51.66 36.99
C GLY R 75 -35.70 -51.09 38.30
N THR R 76 -34.42 -51.32 38.55
CA THR R 76 -33.78 -50.90 39.79
C THR R 76 -32.58 -50.00 39.59
N ASP R 77 -32.01 -49.94 38.39
CA ASP R 77 -30.83 -49.12 38.16
C ASP R 77 -31.24 -47.66 37.93
N LEU R 78 -30.25 -46.78 38.04
CA LEU R 78 -30.51 -45.35 37.91
C LEU R 78 -30.79 -44.97 36.46
N VAL R 79 -31.73 -44.05 36.27
CA VAL R 79 -32.01 -43.50 34.96
C VAL R 79 -31.36 -42.13 34.76
N VAL R 80 -31.21 -41.34 35.83
CA VAL R 80 -30.60 -40.02 35.76
C VAL R 80 -29.41 -40.00 36.71
N ASP R 81 -28.26 -39.55 36.20
CA ASP R 81 -27.04 -39.43 37.00
C ASP R 81 -26.58 -37.99 36.97
N PHE R 82 -26.19 -37.47 38.15
CA PHE R 82 -25.83 -36.08 38.30
C PHE R 82 -24.31 -35.93 38.37
N ARG R 83 -23.77 -34.95 37.65
CA ARG R 83 -22.34 -34.69 37.62
C ARG R 83 -22.10 -33.20 37.52
N ASN R 84 -21.07 -32.73 38.23
CA ASN R 84 -20.77 -31.30 38.26
C ASN R 84 -20.27 -30.82 36.90
N GLY R 85 -20.69 -29.63 36.51
CA GLY R 85 -20.24 -29.00 35.28
C GLY R 85 -21.15 -29.20 34.09
N SER R 86 -22.33 -29.77 34.28
CA SER R 86 -23.24 -30.06 33.19
C SER R 86 -24.44 -29.13 33.23
N VAL R 87 -25.39 -29.36 32.32
CA VAL R 87 -26.58 -28.54 32.18
C VAL R 87 -27.76 -29.27 32.81
N LEU R 88 -28.51 -28.56 33.64
CA LEU R 88 -29.62 -29.15 34.39
C LEU R 88 -30.94 -28.51 33.95
N THR R 89 -31.93 -29.34 33.69
CA THR R 89 -33.25 -28.90 33.26
C THR R 89 -34.34 -29.55 34.11
N ALA R 90 -35.60 -29.26 33.76
CA ALA R 90 -36.73 -29.69 34.57
C ALA R 90 -37.02 -31.18 34.39
N SER R 91 -36.89 -31.67 33.16
CA SER R 91 -37.23 -33.07 32.88
C SER R 91 -36.40 -34.03 33.72
N ASP R 92 -35.15 -33.66 34.01
CA ASP R 92 -34.30 -34.48 34.86
C ASP R 92 -34.93 -34.64 36.24
N LEU R 93 -35.32 -33.53 36.86
CA LEU R 93 -35.91 -33.58 38.19
C LEU R 93 -37.25 -34.31 38.17
N THR R 94 -37.99 -34.19 37.07
CA THR R 94 -39.26 -34.91 36.96
C THR R 94 -39.03 -36.42 36.94
N ASN R 95 -38.13 -36.88 36.07
CA ASN R 95 -37.90 -38.31 35.94
C ASN R 95 -37.30 -38.90 37.22
N SER R 96 -36.42 -38.15 37.88
CA SER R 96 -35.77 -38.66 39.09
C SER R 96 -36.80 -39.00 40.17
N GLU R 97 -37.91 -38.27 40.19
CA GLU R 97 -38.95 -38.57 41.18
C GLU R 97 -39.93 -39.61 40.65
N LEU R 98 -40.22 -39.57 39.36
CA LEU R 98 -41.16 -40.53 38.79
C LEU R 98 -40.66 -41.95 38.94
N GLN R 99 -39.34 -42.15 38.80
CA GLN R 99 -38.78 -43.49 38.95
C GLN R 99 -39.05 -44.05 40.34
N ALA R 100 -38.88 -43.21 41.36
CA ALA R 100 -39.12 -43.67 42.73
C ALA R 100 -40.60 -43.91 42.97
N ILE R 101 -41.47 -43.09 42.38
CA ILE R 101 -42.91 -43.24 42.63
C ILE R 101 -43.46 -44.52 42.02
N HIS R 102 -42.98 -44.85 40.80
CA HIS R 102 -43.58 -45.95 40.05
C HIS R 102 -43.46 -47.28 40.79
N ILE R 103 -42.30 -47.53 41.40
CA ILE R 103 -42.06 -48.82 42.06
C ILE R 103 -43.07 -49.02 43.19
N ALA R 104 -43.23 -48.01 44.05
CA ALA R 104 -44.16 -48.11 45.15
C ALA R 104 -45.59 -48.26 44.65
N GLU R 105 -45.95 -47.50 43.62
CA GLU R 105 -47.31 -47.59 43.10
C GLU R 105 -47.62 -49.00 42.62
N GLU R 106 -46.74 -49.58 41.80
CA GLU R 106 -46.96 -50.94 41.32
C GLU R 106 -47.01 -51.93 42.47
N GLY R 107 -46.04 -51.84 43.39
CA GLY R 107 -45.99 -52.78 44.49
C GLY R 107 -47.21 -52.76 45.37
N ARG R 108 -47.86 -51.61 45.50
CA ARG R 108 -49.09 -51.52 46.28
C ARG R 108 -50.30 -52.00 45.49
N ASP R 109 -50.35 -51.72 44.18
CA ASP R 109 -51.60 -51.87 43.44
C ASP R 109 -51.75 -53.25 42.80
N GLN R 110 -50.70 -53.72 42.13
CA GLN R 110 -50.81 -54.83 41.17
C GLN R 110 -51.59 -56.05 41.67
N THR R 111 -51.17 -56.64 42.78
CA THR R 111 -51.78 -57.88 43.24
C THR R 111 -53.23 -57.66 43.64
N VAL R 112 -53.52 -56.52 44.29
CA VAL R 112 -54.90 -56.22 44.67
C VAL R 112 -55.77 -56.07 43.43
N ASP R 113 -55.23 -55.43 42.38
CA ASP R 113 -55.99 -55.30 41.15
C ASP R 113 -56.27 -56.66 40.52
N LEU R 114 -55.28 -57.54 40.52
CA LEU R 114 -55.48 -58.88 39.98
C LEU R 114 -56.54 -59.64 40.79
N ALA R 115 -56.51 -59.49 42.12
CA ALA R 115 -57.53 -60.11 42.95
C ALA R 115 -58.92 -59.57 42.63
N LYS R 116 -59.03 -58.25 42.42
CA LYS R 116 -60.27 -57.67 41.96
C LYS R 116 -60.77 -58.34 40.69
N GLU R 117 -59.89 -58.46 39.69
CA GLU R 117 -60.29 -59.04 38.41
C GLU R 117 -60.79 -60.46 38.58
N TYR R 118 -60.03 -61.28 39.31
CA TYR R 118 -60.46 -62.66 39.53
C TYR R 118 -61.78 -62.72 40.27
N ALA R 119 -61.94 -61.85 41.28
CA ALA R 119 -63.15 -61.87 42.09
C ALA R 119 -64.39 -61.56 41.26
N ASP R 120 -64.36 -60.47 40.48
CA ASP R 120 -65.59 -60.12 39.78
C ASP R 120 -65.76 -60.98 38.52
N ALA R 121 -64.69 -61.66 38.09
CA ALA R 121 -64.86 -62.64 37.02
C ALA R 121 -65.55 -63.89 37.54
N ALA R 122 -65.27 -64.28 38.79
CA ALA R 122 -65.83 -65.51 39.32
C ALA R 122 -67.35 -65.49 39.39
N PRO S 2 29.86 -15.31 -5.55
CA PRO S 2 29.37 -14.91 -6.88
C PRO S 2 29.62 -13.44 -7.17
N LEU S 3 28.90 -12.90 -8.14
CA LEU S 3 29.07 -11.52 -8.57
C LEU S 3 27.75 -10.77 -8.45
N ILE S 4 27.83 -9.47 -8.14
CA ILE S 4 26.68 -8.60 -8.07
C ILE S 4 26.95 -7.38 -8.94
N THR S 5 25.88 -6.70 -9.33
CA THR S 5 26.01 -5.57 -10.26
C THR S 5 24.90 -4.57 -10.03
N GLN S 6 25.12 -3.36 -10.54
CA GLN S 6 24.14 -2.29 -10.48
C GLN S 6 24.36 -1.37 -11.68
N SER S 7 23.35 -0.56 -11.99
CA SER S 7 23.40 0.33 -13.14
C SER S 7 22.81 1.68 -12.75
N ILE S 8 23.19 2.70 -13.52
CA ILE S 8 22.70 4.06 -13.33
C ILE S 8 22.01 4.48 -14.62
N LYS S 9 20.75 4.89 -14.51
CA LYS S 9 19.95 5.16 -15.70
C LYS S 9 20.36 6.47 -16.37
N ASN S 10 20.50 7.54 -15.59
CA ASN S 10 20.77 8.84 -16.17
C ASN S 10 21.61 9.67 -15.21
N LEU S 11 22.37 10.62 -15.78
CA LEU S 11 23.22 11.52 -15.02
C LEU S 11 22.68 12.94 -15.22
N LYS S 12 21.84 13.39 -14.30
CA LYS S 12 21.23 14.71 -14.42
C LYS S 12 21.49 15.61 -13.21
N GLY S 13 21.78 15.03 -12.04
CA GLY S 13 22.13 15.84 -10.90
C GLY S 13 23.48 16.51 -11.05
N GLY S 14 23.68 17.56 -10.26
CA GLY S 14 24.94 18.28 -10.30
C GLY S 14 25.94 17.76 -9.29
N ILE S 15 26.77 18.65 -8.77
CA ILE S 15 27.75 18.29 -7.75
C ILE S 15 27.08 18.29 -6.38
N SER S 16 27.77 17.75 -5.38
CA SER S 16 27.28 17.78 -4.00
C SER S 16 28.48 17.85 -3.06
N GLN S 17 28.22 18.31 -1.84
CA GLN S 17 29.29 18.45 -0.84
C GLN S 17 28.92 17.78 0.48
N GLN S 18 27.90 16.94 0.49
CA GLN S 18 27.52 16.18 1.67
C GLN S 18 28.39 14.94 1.78
N PRO S 19 28.44 14.31 2.96
CA PRO S 19 29.20 13.07 3.10
C PRO S 19 28.67 11.98 2.17
N ASP S 20 29.58 11.12 1.72
CA ASP S 20 29.30 10.22 0.61
C ASP S 20 28.22 9.19 0.89
N ILE S 21 27.97 8.87 2.17
CA ILE S 21 26.98 7.86 2.50
C ILE S 21 25.56 8.41 2.50
N LEU S 22 25.37 9.67 2.13
CA LEU S 22 24.05 10.28 2.11
C LEU S 22 23.63 10.79 0.73
N ARG S 23 24.51 10.74 -0.27
CA ARG S 23 24.19 11.27 -1.58
C ARG S 23 23.21 10.37 -2.31
N PHE S 24 22.70 10.88 -3.44
CA PHE S 24 21.85 10.11 -4.33
C PHE S 24 22.73 9.37 -5.33
N SER S 25 22.13 8.71 -6.32
CA SER S 25 22.88 8.03 -7.37
C SER S 25 23.09 8.88 -8.61
N ASP S 26 22.62 10.13 -8.61
CA ASP S 26 22.71 11.01 -9.78
C ASP S 26 23.69 12.15 -9.57
N GLN S 27 24.35 12.21 -8.42
CA GLN S 27 25.18 13.35 -8.05
C GLN S 27 26.65 12.95 -8.03
N GLY S 28 27.49 13.83 -8.57
CA GLY S 28 28.91 13.55 -8.69
C GLY S 28 29.78 14.34 -7.73
N GLU S 29 30.97 14.71 -8.19
CA GLU S 29 31.93 15.43 -7.35
C GLU S 29 32.39 16.76 -7.94
N SER S 30 32.57 16.86 -9.25
CA SER S 30 32.94 18.11 -9.88
C SER S 30 32.47 18.07 -11.33
N GLN S 31 32.17 19.24 -11.88
CA GLN S 31 31.63 19.33 -13.24
C GLN S 31 32.05 20.67 -13.83
N VAL S 32 32.89 20.62 -14.86
CA VAL S 32 33.40 21.83 -15.51
C VAL S 32 33.12 21.74 -17.01
N ASN S 33 32.57 22.83 -17.55
CA ASN S 33 32.28 22.95 -18.97
C ASN S 33 31.42 21.80 -19.48
N CYS S 34 30.26 21.63 -18.84
CA CYS S 34 29.34 20.58 -19.21
C CYS S 34 27.93 21.15 -19.27
N TRP S 35 27.08 20.50 -20.05
CA TRP S 35 25.69 20.92 -20.26
C TRP S 35 24.79 19.73 -20.03
N SER S 36 23.89 19.84 -19.04
CA SER S 36 23.03 18.73 -18.63
C SER S 36 21.67 18.90 -19.30
N SER S 37 21.56 18.40 -20.53
CA SER S 37 20.30 18.47 -21.25
C SER S 37 19.30 17.49 -20.62
N GLU S 38 18.08 17.48 -21.17
CA GLU S 38 17.01 16.65 -20.66
C GLU S 38 16.65 15.50 -21.58
N SER S 39 17.28 15.38 -22.75
CA SER S 39 16.97 14.28 -23.64
C SER S 39 18.21 13.63 -24.26
N ASP S 40 19.41 14.12 -23.94
CA ASP S 40 20.62 13.57 -24.57
C ASP S 40 21.75 13.33 -23.59
N GLY S 41 21.57 13.51 -22.29
CA GLY S 41 22.66 13.27 -21.36
C GLY S 41 23.71 14.37 -21.41
N LEU S 42 24.85 14.07 -20.80
CA LEU S 42 25.94 15.03 -20.73
C LEU S 42 26.49 15.35 -22.10
N GLN S 43 26.86 16.60 -22.32
CA GLN S 43 27.46 17.06 -23.56
C GLN S 43 28.56 18.06 -23.24
N LYS S 44 29.11 18.65 -24.29
CA LYS S 44 30.07 19.75 -24.15
C LYS S 44 29.40 21.06 -24.52
N ARG S 45 29.80 22.12 -23.82
CA ARG S 45 29.15 23.41 -24.03
C ARG S 45 29.48 23.96 -25.43
N PRO S 46 28.56 24.70 -26.02
CA PRO S 46 28.77 25.20 -27.39
C PRO S 46 29.92 26.19 -27.47
N PRO S 47 30.50 26.37 -28.64
CA PRO S 47 31.64 27.28 -28.79
C PRO S 47 31.19 28.74 -28.77
N THR S 48 32.13 29.64 -29.02
CA THR S 48 31.90 31.07 -28.95
C THR S 48 32.46 31.73 -30.20
N VAL S 49 31.71 32.67 -30.76
CA VAL S 49 32.08 33.31 -32.02
C VAL S 49 32.50 34.75 -31.76
N PHE S 50 33.46 35.23 -32.54
CA PHE S 50 34.04 36.57 -32.40
C PHE S 50 33.31 37.57 -33.30
N LYS S 51 33.07 38.77 -32.76
CA LYS S 51 32.35 39.81 -33.49
C LYS S 51 33.23 41.02 -33.78
N ARG S 52 33.78 41.68 -32.76
CA ARG S 52 34.56 42.89 -32.97
C ARG S 52 35.24 43.27 -31.65
N ARG S 53 36.21 44.17 -31.76
CA ARG S 53 36.96 44.70 -30.62
C ARG S 53 36.54 46.14 -30.39
N LEU S 54 36.08 46.43 -29.18
CA LEU S 54 35.62 47.77 -28.84
C LEU S 54 36.80 48.67 -28.49
N ASN S 55 36.50 49.96 -28.28
CA ASN S 55 37.50 50.94 -27.89
C ASN S 55 36.96 51.89 -26.82
N ILE S 56 36.03 51.41 -25.99
CA ILE S 56 35.47 52.21 -24.90
C ILE S 56 36.52 52.30 -23.80
N ASP S 57 36.29 53.20 -22.84
CA ASP S 57 37.21 53.41 -21.72
C ASP S 57 36.52 52.99 -20.44
N VAL S 58 37.11 52.01 -19.75
CA VAL S 58 36.61 51.53 -18.46
C VAL S 58 37.77 51.51 -17.48
N GLU S 59 37.66 52.33 -16.43
CA GLU S 59 38.73 52.43 -15.44
C GLU S 59 38.37 51.53 -14.27
N SER S 60 37.27 51.78 -13.55
CA SER S 60 36.90 50.97 -12.40
C SER S 60 35.75 50.04 -12.76
N ASN S 61 35.18 49.39 -11.74
CA ASN S 61 34.01 48.53 -11.92
C ASN S 61 32.88 49.31 -12.57
N PRO S 62 32.50 49.00 -13.81
CA PRO S 62 31.42 49.71 -14.47
C PRO S 62 30.07 49.02 -14.26
N LYS S 63 29.02 49.68 -14.74
CA LYS S 63 27.68 49.13 -14.73
C LYS S 63 27.17 49.00 -16.16
N PHE S 64 26.65 47.82 -16.48
CA PHE S 64 26.08 47.55 -17.80
C PHE S 64 24.59 47.30 -17.68
N HIS S 65 23.84 47.73 -18.69
CA HIS S 65 22.39 47.59 -18.68
C HIS S 65 21.92 47.29 -20.10
N LEU S 66 20.96 46.38 -20.22
CA LEU S 66 20.43 45.97 -21.50
C LEU S 66 19.03 46.54 -21.72
N ILE S 67 18.77 47.00 -22.94
CA ILE S 67 17.49 47.57 -23.32
C ILE S 67 16.99 46.84 -24.56
N ASN S 68 15.76 46.34 -24.49
CA ASN S 68 15.14 45.59 -25.58
C ASN S 68 13.78 46.21 -25.88
N ARG S 69 13.66 46.82 -27.06
CA ARG S 69 12.39 47.40 -27.51
C ARG S 69 11.73 46.57 -28.60
N ASP S 70 12.45 46.31 -29.70
CA ASP S 70 11.95 45.45 -30.76
C ASP S 70 13.12 44.78 -31.47
N GLU S 71 12.88 44.24 -32.66
CA GLU S 71 13.92 43.56 -33.42
C GLU S 71 14.93 44.52 -34.05
N HIS S 72 14.83 45.82 -33.78
CA HIS S 72 15.76 46.79 -34.34
C HIS S 72 16.26 47.80 -33.31
N GLU S 73 15.96 47.61 -32.03
CA GLU S 73 16.37 48.54 -30.98
C GLU S 73 16.94 47.73 -29.81
N GLN S 74 18.25 47.51 -29.82
CA GLN S 74 18.93 46.74 -28.79
C GLN S 74 20.33 47.28 -28.61
N TYR S 75 20.71 47.58 -27.36
CA TYR S 75 22.02 48.16 -27.09
C TYR S 75 22.32 48.08 -25.60
N TYR S 76 23.55 48.44 -25.25
CA TYR S 76 24.04 48.54 -23.88
C TYR S 76 24.24 49.99 -23.50
N ILE S 77 24.21 50.25 -22.19
CA ILE S 77 24.51 51.56 -21.62
C ILE S 77 25.59 51.38 -20.57
N VAL S 78 26.62 52.23 -20.62
CA VAL S 78 27.80 52.11 -19.78
C VAL S 78 27.92 53.33 -18.89
N PHE S 79 28.12 53.09 -17.59
CA PHE S 79 28.33 54.15 -16.59
C PHE S 79 29.70 53.91 -15.96
N ASN S 80 30.75 54.47 -16.57
CA ASN S 80 32.09 54.25 -16.05
C ASN S 80 32.30 55.00 -14.74
N GLY S 81 31.56 56.06 -14.51
CA GLY S 81 31.70 56.82 -13.28
C GLY S 81 31.75 58.32 -13.51
N SER S 82 32.11 58.72 -14.74
CA SER S 82 32.14 60.16 -15.04
C SER S 82 31.62 60.47 -16.44
N ASN S 83 30.92 59.57 -17.11
CA ASN S 83 30.50 59.78 -18.49
C ASN S 83 29.44 58.74 -18.83
N ILE S 84 28.82 58.89 -20.00
CA ILE S 84 27.83 57.96 -20.51
C ILE S 84 28.23 57.54 -21.91
N GLN S 85 28.21 56.24 -22.18
CA GLN S 85 28.57 55.70 -23.47
C GLN S 85 27.57 54.61 -23.86
N VAL S 86 27.30 54.50 -25.16
CA VAL S 86 26.30 53.58 -25.69
C VAL S 86 26.94 52.74 -26.79
N VAL S 87 26.77 51.43 -26.70
CA VAL S 87 27.35 50.48 -27.65
C VAL S 87 26.25 49.55 -28.15
N ASP S 88 26.22 49.32 -29.46
CA ASP S 88 25.26 48.40 -30.07
C ASP S 88 25.69 46.97 -29.76
N LEU S 89 24.95 46.01 -30.30
CA LEU S 89 25.25 44.59 -30.13
C LEU S 89 26.05 44.01 -31.29
N SER S 90 26.62 44.87 -32.14
CA SER S 90 27.46 44.39 -33.23
C SER S 90 28.74 45.20 -33.37
N GLY S 91 29.07 46.06 -32.41
CA GLY S 91 30.34 46.76 -32.42
C GLY S 91 30.23 48.26 -32.57
N ASN S 92 29.20 48.73 -33.27
CA ASN S 92 29.07 50.15 -33.56
C ASN S 92 28.85 50.95 -32.28
N GLN S 93 29.37 52.18 -32.28
CA GLN S 93 29.28 53.07 -31.12
C GLN S 93 28.63 54.38 -31.55
N TYR S 94 27.77 54.92 -30.70
CA TYR S 94 27.08 56.17 -30.93
C TYR S 94 27.55 57.23 -29.94
N SER S 95 27.06 58.45 -30.11
CA SER S 95 27.49 59.60 -29.33
C SER S 95 26.34 60.15 -28.50
N VAL S 96 26.70 60.77 -27.38
CA VAL S 96 25.74 61.35 -26.45
C VAL S 96 26.07 62.83 -26.27
N SER S 97 25.04 63.67 -26.36
CA SER S 97 25.20 65.12 -26.24
C SER S 97 24.43 65.62 -25.04
N GLY S 98 25.06 66.48 -24.25
CA GLY S 98 24.43 67.05 -23.08
C GLY S 98 25.47 67.36 -22.02
N ALA S 99 24.98 67.61 -20.81
CA ALA S 99 25.82 67.91 -19.66
C ALA S 99 25.71 66.78 -18.64
N VAL S 100 26.86 66.42 -18.06
CA VAL S 100 26.92 65.27 -17.16
C VAL S 100 27.54 65.65 -15.82
N GLU S 101 26.68 66.02 -14.87
CA GLU S 101 27.08 66.19 -13.47
C GLU S 101 26.23 65.38 -12.51
N TYR S 102 25.03 64.99 -12.91
CA TYR S 102 24.14 64.20 -12.08
C TYR S 102 24.60 62.75 -11.93
N VAL S 103 25.55 62.30 -12.75
CA VAL S 103 25.97 60.91 -12.78
C VAL S 103 27.41 60.75 -12.32
N THR S 104 27.91 61.67 -11.48
CA THR S 104 29.27 61.58 -10.98
C THR S 104 29.24 60.91 -9.60
N SER S 105 29.97 59.80 -9.46
CA SER S 105 29.99 59.05 -8.21
C SER S 105 31.28 58.25 -8.14
N SER S 106 31.42 57.50 -7.04
CA SER S 106 32.58 56.64 -6.81
C SER S 106 32.26 55.17 -7.00
N ASN S 107 31.05 54.75 -6.64
CA ASN S 107 30.62 53.37 -6.83
C ASN S 107 29.42 53.33 -7.78
N PRO S 108 29.66 53.27 -9.10
CA PRO S 108 28.54 53.30 -10.04
C PRO S 108 27.57 52.14 -9.90
N ARG S 109 27.98 51.04 -9.27
CA ARG S 109 27.12 49.87 -9.16
C ARG S 109 26.11 49.97 -8.04
N ASP S 110 26.23 50.95 -7.14
CA ASP S 110 25.32 51.08 -6.01
C ASP S 110 24.57 52.40 -5.97
N ASP S 111 24.80 53.30 -6.92
CA ASP S 111 24.19 54.62 -6.87
C ASP S 111 23.22 54.92 -8.00
N ILE S 112 23.21 54.12 -9.07
CA ILE S 112 22.46 54.45 -10.28
C ILE S 112 21.49 53.32 -10.59
N ARG S 113 20.25 53.70 -10.93
CA ARG S 113 19.22 52.77 -11.36
C ARG S 113 18.62 53.27 -12.67
N VAL S 114 18.10 52.34 -13.45
CA VAL S 114 17.47 52.66 -14.73
C VAL S 114 16.13 51.94 -14.82
N VAL S 115 15.07 52.70 -15.10
CA VAL S 115 13.73 52.16 -15.24
C VAL S 115 13.06 52.82 -16.44
N THR S 116 12.33 52.05 -17.23
CA THR S 116 11.67 52.53 -18.44
C THR S 116 10.17 52.34 -18.31
N VAL S 117 9.47 53.40 -17.91
CA VAL S 117 8.02 53.41 -17.83
C VAL S 117 7.49 54.41 -18.85
N ALA S 118 6.32 54.11 -19.40
CA ALA S 118 5.66 54.94 -20.42
C ALA S 118 6.62 54.99 -21.62
N ASP S 119 6.94 56.17 -22.16
CA ASP S 119 7.85 56.29 -23.29
C ASP S 119 9.11 57.06 -22.90
N TYR S 120 9.57 56.90 -21.67
CA TYR S 120 10.75 57.60 -21.17
C TYR S 120 11.66 56.61 -20.46
N THR S 121 12.96 56.92 -20.47
CA THR S 121 13.95 56.16 -19.75
C THR S 121 14.52 57.03 -18.64
N PHE S 122 14.23 56.68 -17.40
CA PHE S 122 14.60 57.48 -16.25
C PHE S 122 15.97 57.06 -15.72
N VAL S 123 16.67 58.02 -15.11
CA VAL S 123 17.93 57.80 -14.43
C VAL S 123 17.83 58.39 -13.05
N VAL S 124 18.13 57.58 -12.03
CA VAL S 124 17.99 57.98 -10.64
C VAL S 124 19.31 57.78 -9.93
N ASN S 125 19.84 58.84 -9.33
CA ASN S 125 21.07 58.76 -8.53
C ASN S 125 20.66 58.88 -7.06
N ARG S 126 20.68 57.76 -6.34
CA ARG S 126 20.21 57.76 -4.97
C ARG S 126 21.27 58.26 -4.01
N LYS S 127 21.86 59.42 -4.32
CA LYS S 127 22.79 60.06 -3.40
C LYS S 127 22.62 61.57 -3.37
N VAL S 128 21.59 62.12 -4.00
CA VAL S 128 21.39 63.56 -4.11
C VAL S 128 20.13 63.93 -3.34
N VAL S 129 20.20 65.01 -2.56
CA VAL S 129 19.10 65.47 -1.73
C VAL S 129 18.27 66.47 -2.52
N VAL S 130 16.96 66.27 -2.54
CA VAL S 130 16.06 67.16 -3.26
C VAL S 130 15.99 68.50 -2.54
N LYS S 131 15.89 69.58 -3.31
CA LYS S 131 15.80 70.92 -2.76
C LYS S 131 14.66 71.67 -3.43
N GLY S 132 14.10 72.64 -2.70
CA GLY S 132 13.01 73.43 -3.22
C GLY S 132 13.49 74.50 -4.18
N GLY S 133 12.52 75.27 -4.69
CA GLY S 133 12.79 76.33 -5.63
C GLY S 133 13.19 77.62 -4.95
N SER S 134 13.33 78.66 -5.76
CA SER S 134 13.72 79.98 -5.25
C SER S 134 12.91 81.07 -5.94
N GLU S 135 11.67 80.76 -6.30
CA GLU S 135 10.78 81.71 -6.97
C GLU S 135 9.52 81.89 -6.15
N LYS S 136 9.00 83.11 -6.13
CA LYS S 136 7.85 83.45 -5.31
C LYS S 136 6.57 83.51 -6.15
N SER S 137 5.46 83.80 -5.48
CA SER S 137 4.18 84.06 -6.12
C SER S 137 4.16 85.49 -6.65
N HIS S 138 2.96 86.02 -6.94
CA HIS S 138 2.74 87.33 -7.52
C HIS S 138 3.73 88.36 -6.95
N PRO S 139 4.57 88.94 -7.79
CA PRO S 139 5.62 89.84 -7.29
C PRO S 139 5.12 91.28 -7.17
N GLY S 140 5.37 91.89 -6.02
CA GLY S 140 5.01 93.28 -5.81
C GLY S 140 3.52 93.50 -5.62
N TYR S 141 2.96 92.90 -4.57
CA TYR S 141 1.53 93.06 -4.29
C TYR S 141 1.37 93.18 -2.77
N ASN S 142 1.32 94.41 -2.28
CA ASN S 142 1.11 94.64 -0.86
C ASN S 142 -0.37 94.48 -0.52
N ARG S 143 -0.64 93.78 0.58
CA ARG S 143 -1.99 93.47 1.01
C ARG S 143 -2.49 94.40 2.12
N LYS S 144 -1.77 95.48 2.38
CA LYS S 144 -2.13 96.39 3.47
C LYS S 144 -2.00 97.85 3.01
N ALA S 145 -2.47 98.14 1.80
CA ALA S 145 -2.31 99.47 1.23
C ALA S 145 -3.58 100.06 0.62
N ARG S 146 -4.60 99.26 0.33
CA ARG S 146 -5.79 99.76 -0.35
C ARG S 146 -7.05 99.26 0.35
N ALA S 147 -8.13 100.00 0.14
CA ALA S 147 -9.42 99.69 0.74
C ALA S 147 -10.53 100.06 -0.23
N LEU S 148 -11.71 99.51 0.00
CA LEU S 148 -12.85 99.71 -0.89
C LEU S 148 -14.10 100.03 -0.08
N ILE S 149 -14.95 100.87 -0.65
CA ILE S 149 -16.24 101.23 -0.07
C ILE S 149 -17.31 101.02 -1.13
N ASN S 150 -18.35 100.26 -0.82
CA ASN S 150 -19.41 99.99 -1.77
C ASN S 150 -20.47 101.08 -1.70
N LEU S 151 -21.09 101.36 -2.86
CA LEU S 151 -22.16 102.34 -2.98
C LEU S 151 -23.37 101.66 -3.60
N ARG S 152 -24.51 101.72 -2.90
CA ARG S 152 -25.72 101.03 -3.37
C ARG S 152 -26.95 101.80 -2.86
N GLY S 153 -27.62 102.48 -3.79
CA GLY S 153 -28.91 103.09 -3.50
C GLY S 153 -28.82 104.27 -2.56
N GLY S 154 -30.01 104.74 -2.16
CA GLY S 154 -30.10 105.83 -1.20
C GLY S 154 -31.53 106.01 -0.75
N GLN S 155 -31.68 106.69 0.39
CA GLN S 155 -32.99 106.96 0.97
C GLN S 155 -33.12 108.43 1.36
N TYR S 156 -34.20 108.77 2.07
CA TYR S 156 -34.43 110.11 2.56
C TYR S 156 -34.30 110.14 4.07
N GLY S 157 -33.82 111.28 4.58
CA GLY S 157 -33.70 111.48 6.02
C GLY S 157 -32.70 110.55 6.69
N ARG S 158 -31.52 110.41 6.09
CA ARG S 158 -30.49 109.53 6.64
C ARG S 158 -29.18 110.31 6.76
N THR S 159 -28.32 109.83 7.67
CA THR S 159 -27.02 110.45 7.92
C THR S 159 -25.94 109.39 7.79
N LEU S 160 -24.79 109.78 7.26
CA LEU S 160 -23.69 108.88 6.99
C LEU S 160 -22.41 109.41 7.62
N LYS S 161 -21.62 108.51 8.21
CA LYS S 161 -20.35 108.87 8.84
C LYS S 161 -19.28 107.86 8.46
N VAL S 162 -18.07 108.34 8.22
CA VAL S 162 -16.96 107.51 7.80
C VAL S 162 -15.71 107.91 8.57
N GLY S 163 -14.95 106.92 9.04
CA GLY S 163 -13.71 107.18 9.74
C GLY S 163 -12.67 106.13 9.38
N ILE S 164 -11.41 106.52 9.53
CA ILE S 164 -10.26 105.67 9.18
C ILE S 164 -9.34 105.57 10.37
N ASN S 165 -8.98 104.34 10.74
CA ASN S 165 -8.01 104.04 11.79
C ASN S 165 -8.39 104.74 13.10
N GLY S 166 -9.69 104.74 13.39
CA GLY S 166 -10.17 105.36 14.61
C GLY S 166 -9.87 106.84 14.70
N GLY S 167 -9.98 107.55 13.58
CA GLY S 167 -9.77 108.98 13.54
C GLY S 167 -11.07 109.74 13.64
N VAL S 168 -11.04 110.99 13.18
CA VAL S 168 -12.24 111.82 13.16
C VAL S 168 -13.18 111.32 12.07
N LYS S 169 -14.47 111.60 12.24
CA LYS S 169 -15.51 111.14 11.34
C LYS S 169 -16.18 112.33 10.67
N VAL S 170 -16.27 112.29 9.34
CA VAL S 170 -17.01 113.29 8.59
C VAL S 170 -18.48 112.93 8.60
N SER S 171 -19.34 113.88 8.24
CA SER S 171 -20.78 113.64 8.24
C SER S 171 -21.42 114.30 7.03
N HIS S 172 -22.35 113.59 6.41
CA HIS S 172 -23.12 114.10 5.29
C HIS S 172 -24.58 113.76 5.51
N LYS S 173 -25.46 114.71 5.24
CA LYS S 173 -26.88 114.58 5.52
C LYS S 173 -27.68 114.55 4.22
N LEU S 174 -28.56 113.55 4.10
CA LEU S 174 -29.44 113.45 2.96
C LEU S 174 -30.65 114.37 3.13
N PRO S 175 -31.21 114.85 2.04
CA PRO S 175 -32.33 115.80 2.11
C PRO S 175 -33.65 115.08 2.41
N ALA S 176 -34.68 115.87 2.68
CA ALA S 176 -36.03 115.36 2.89
C ALA S 176 -36.78 115.30 1.58
N GLY S 177 -38.09 115.09 1.64
CA GLY S 177 -38.89 114.99 0.43
C GLY S 177 -39.93 116.08 0.28
N ASN S 178 -39.57 117.31 0.65
CA ASN S 178 -40.50 118.43 0.56
C ASN S 178 -40.52 119.05 -0.84
N ASP S 179 -39.36 119.17 -1.48
CA ASP S 179 -39.30 119.75 -2.80
C ASP S 179 -39.70 118.71 -3.86
N ALA S 180 -39.80 119.19 -5.11
CA ALA S 180 -40.17 118.32 -6.22
C ALA S 180 -39.21 118.44 -7.40
N GLU S 181 -38.11 119.16 -7.25
CA GLU S 181 -37.14 119.32 -8.34
C GLU S 181 -35.69 119.09 -7.95
N ASN S 182 -35.35 119.15 -6.66
CA ASN S 182 -33.97 118.94 -6.22
C ASN S 182 -33.78 117.68 -5.39
N ASP S 183 -34.82 117.21 -4.71
CA ASP S 183 -34.69 116.01 -3.88
C ASP S 183 -34.37 114.75 -4.69
N PRO S 184 -35.05 114.44 -5.80
CA PRO S 184 -34.75 113.20 -6.52
C PRO S 184 -33.30 113.14 -7.01
N PRO S 185 -32.78 114.15 -7.71
CA PRO S 185 -31.42 114.02 -8.27
C PRO S 185 -30.33 113.89 -7.23
N LYS S 186 -30.58 114.27 -5.98
CA LYS S 186 -29.53 114.30 -4.95
C LYS S 186 -29.32 112.96 -4.28
N VAL S 187 -30.17 111.96 -4.56
CA VAL S 187 -30.07 110.65 -3.92
C VAL S 187 -29.26 109.67 -4.76
N ASP S 188 -28.78 110.10 -5.93
CA ASP S 188 -28.00 109.21 -6.79
C ASP S 188 -26.67 108.85 -6.14
N ALA S 189 -26.20 107.63 -6.42
CA ALA S 189 -25.00 107.12 -5.77
C ALA S 189 -23.77 107.93 -6.17
N GLN S 190 -23.69 108.35 -7.44
CA GLN S 190 -22.51 109.05 -7.92
C GLN S 190 -22.34 110.38 -7.20
N ALA S 191 -23.44 111.12 -6.99
CA ALA S 191 -23.36 112.38 -6.27
C ALA S 191 -22.92 112.17 -4.83
N ILE S 192 -23.42 111.11 -4.19
CA ILE S 192 -23.03 110.79 -2.83
C ILE S 192 -21.54 110.50 -2.76
N GLY S 193 -21.03 109.73 -3.73
CA GLY S 193 -19.61 109.42 -3.77
C GLY S 193 -18.76 110.66 -3.96
N ALA S 194 -19.19 111.55 -4.86
CA ALA S 194 -18.44 112.78 -5.09
C ALA S 194 -18.41 113.65 -3.83
N ALA S 195 -19.57 113.78 -3.16
CA ALA S 195 -19.62 114.58 -1.94
C ALA S 195 -18.74 113.97 -0.85
N MET S 196 -18.76 112.65 -0.71
CA MET S 196 -17.92 111.98 0.27
C MET S 196 -16.45 112.19 -0.03
N ARG S 197 -16.06 112.10 -1.29
CA ARG S 197 -14.67 112.36 -1.66
C ARG S 197 -14.26 113.78 -1.30
N ASP S 198 -15.13 114.75 -1.62
CA ASP S 198 -14.82 116.15 -1.34
C ASP S 198 -14.66 116.38 0.16
N LEU S 199 -15.55 115.79 0.97
CA LEU S 199 -15.44 115.93 2.41
C LEU S 199 -14.17 115.25 2.94
N LEU S 200 -13.85 114.07 2.41
CA LEU S 200 -12.75 113.30 2.98
C LEU S 200 -11.40 113.85 2.58
N VAL S 201 -11.32 114.60 1.47
CA VAL S 201 -10.05 115.16 1.05
C VAL S 201 -9.47 116.08 2.12
N GLN S 202 -10.30 116.95 2.69
CA GLN S 202 -9.81 117.93 3.66
C GLN S 202 -9.38 117.24 4.96
N ALA S 203 -10.15 116.24 5.40
CA ALA S 203 -9.89 115.62 6.70
C ALA S 203 -8.52 114.94 6.73
N TYR S 204 -8.24 114.08 5.76
CA TYR S 204 -6.97 113.39 5.68
C TYR S 204 -6.21 113.87 4.46
N PRO S 205 -5.17 114.70 4.63
CA PRO S 205 -4.46 115.27 3.47
C PRO S 205 -3.34 114.41 2.91
N ASP S 206 -3.00 113.29 3.55
CA ASP S 206 -1.90 112.45 3.08
C ASP S 206 -2.35 111.31 2.19
N PHE S 207 -3.60 110.86 2.31
CA PHE S 207 -4.09 109.74 1.53
C PHE S 207 -4.46 110.20 0.12
N THR S 208 -4.85 109.25 -0.71
CA THR S 208 -5.27 109.52 -2.08
C THR S 208 -6.62 108.85 -2.32
N PHE S 209 -7.56 109.61 -2.87
CA PHE S 209 -8.91 109.12 -3.11
C PHE S 209 -9.22 109.17 -4.60
N ASP S 210 -10.00 108.19 -5.07
CA ASP S 210 -10.38 108.11 -6.47
C ASP S 210 -11.78 107.54 -6.55
N LEU S 211 -12.51 107.94 -7.59
CA LEU S 211 -13.90 107.51 -7.79
C LEU S 211 -13.98 106.50 -8.92
N GLY S 212 -14.75 105.43 -8.70
CA GLY S 212 -14.96 104.42 -9.71
C GLY S 212 -16.41 104.26 -10.09
N SER S 213 -16.71 103.23 -10.90
CA SER S 213 -18.08 102.98 -11.34
C SER S 213 -18.78 102.06 -10.33
N GLY S 214 -19.07 102.63 -9.17
CA GLY S 214 -19.72 101.93 -8.09
C GLY S 214 -18.86 101.64 -6.87
N PHE S 215 -17.74 102.33 -6.70
CA PHE S 215 -16.86 102.09 -5.58
C PHE S 215 -15.99 103.32 -5.37
N LEU S 216 -15.29 103.37 -4.23
CA LEU S 216 -14.34 104.47 -3.98
C LEU S 216 -13.07 103.76 -3.54
N LEU S 217 -11.92 104.21 -4.02
CA LEU S 217 -10.64 103.60 -3.65
C LEU S 217 -9.75 104.48 -2.77
N ILE S 218 -9.28 103.94 -1.64
CA ILE S 218 -8.47 104.71 -0.72
C ILE S 218 -7.08 104.12 -0.68
N THR S 219 -6.04 104.91 -0.93
CA THR S 219 -4.66 104.40 -0.95
C THR S 219 -3.80 105.05 0.11
N SER S 228 -7.92 99.44 9.80
CA SER S 228 -9.35 99.37 9.99
C SER S 228 -10.14 100.53 9.43
N VAL S 229 -11.43 100.33 9.16
CA VAL S 229 -12.29 101.40 8.66
C VAL S 229 -13.63 101.30 9.39
N GLU S 230 -14.25 102.43 9.73
CA GLU S 230 -15.56 102.41 10.38
C GLU S 230 -16.63 103.14 9.57
N THR S 231 -17.88 102.66 9.57
CA THR S 231 -18.94 103.27 8.80
C THR S 231 -20.22 103.26 9.63
N GLU S 232 -21.18 104.09 9.22
CA GLU S 232 -22.45 104.19 9.92
C GLU S 232 -23.51 104.67 8.95
N ASP S 233 -24.70 104.07 9.02
CA ASP S 233 -25.80 104.44 8.17
C ASP S 233 -27.12 104.16 8.88
N GLY S 234 -28.19 104.80 8.41
CA GLY S 234 -29.48 104.60 9.04
C GLY S 234 -30.01 103.19 8.89
N TYR S 235 -29.87 102.61 7.70
CA TYR S 235 -30.37 101.27 7.47
C TYR S 235 -29.38 100.21 7.95
N ALA S 236 -29.82 98.96 7.90
CA ALA S 236 -29.02 97.83 8.38
C ALA S 236 -27.96 97.47 7.35
N ASN S 237 -26.98 98.36 7.21
CA ASN S 237 -25.85 98.18 6.31
C ASN S 237 -26.31 97.84 4.89
N GLN S 238 -27.27 98.64 4.40
CA GLN S 238 -27.79 98.48 3.06
C GLN S 238 -27.47 99.63 2.14
N LEU S 239 -26.72 100.63 2.58
CA LEU S 239 -26.34 101.77 1.75
C LEU S 239 -24.83 101.84 1.52
N ILE S 240 -24.03 101.74 2.58
CA ILE S 240 -22.58 101.82 2.50
C ILE S 240 -22.00 100.70 3.36
N SER S 241 -21.07 99.93 2.78
CA SER S 241 -20.43 98.83 3.48
C SER S 241 -18.95 98.80 3.15
N PRO S 242 -18.09 98.70 4.16
CA PRO S 242 -16.65 98.63 3.92
C PRO S 242 -16.14 97.20 3.83
N VAL S 243 -15.18 97.01 2.93
CA VAL S 243 -14.52 95.72 2.75
C VAL S 243 -13.02 95.97 2.54
N LEU S 244 -12.18 95.22 3.25
CA LEU S 244 -10.74 95.39 3.15
C LEU S 244 -10.07 94.18 2.50
N ASP S 245 -10.17 92.99 3.10
CA ASP S 245 -9.57 91.82 2.44
C ASP S 245 -10.35 90.53 2.66
N THR S 246 -11.53 90.55 3.29
CA THR S 246 -12.19 89.32 3.69
C THR S 246 -13.70 89.48 3.59
N VAL S 247 -14.37 88.40 3.16
CA VAL S 247 -15.82 88.35 3.09
C VAL S 247 -16.28 87.02 3.66
N GLN S 248 -17.44 87.02 4.31
CA GLN S 248 -17.94 85.80 4.93
C GLN S 248 -18.39 84.79 3.89
N THR S 249 -19.17 85.23 2.90
CA THR S 249 -19.75 84.34 1.92
C THR S 249 -19.61 84.95 0.53
N ILE S 250 -20.07 84.19 -0.48
CA ILE S 250 -19.96 84.63 -1.87
C ILE S 250 -20.86 85.82 -2.13
N SER S 251 -22.05 85.84 -1.51
CA SER S 251 -23.04 86.88 -1.80
C SER S 251 -22.59 88.25 -1.32
N LYS S 252 -21.53 88.34 -0.52
CA LYS S 252 -21.02 89.61 -0.03
C LYS S 252 -19.97 90.22 -0.94
N LEU S 253 -19.70 89.62 -2.09
CA LEU S 253 -18.68 90.14 -2.98
C LEU S 253 -19.06 91.52 -3.48
N PRO S 254 -18.10 92.44 -3.61
CA PRO S 254 -18.42 93.77 -4.14
C PRO S 254 -18.81 93.71 -5.61
N LEU S 255 -19.56 94.73 -6.03
CA LEU S 255 -20.06 94.77 -7.40
C LEU S 255 -18.92 94.90 -8.40
N ALA S 256 -17.95 95.78 -8.13
CA ALA S 256 -16.85 96.01 -9.05
C ALA S 256 -15.62 96.43 -8.26
N ALA S 257 -14.47 96.30 -8.89
CA ALA S 257 -13.20 96.59 -8.24
C ALA S 257 -12.16 96.84 -9.33
N PRO S 258 -11.05 97.52 -8.99
CA PRO S 258 -9.97 97.66 -9.97
C PRO S 258 -9.35 96.32 -10.32
N ASN S 259 -8.80 96.24 -11.52
CA ASN S 259 -8.27 94.99 -12.03
C ASN S 259 -7.12 94.47 -11.17
N GLY S 260 -7.13 93.17 -10.90
CA GLY S 260 -6.06 92.55 -10.14
C GLY S 260 -6.24 92.54 -8.64
N TYR S 261 -7.45 92.81 -8.15
CA TYR S 261 -7.68 92.86 -6.71
C TYR S 261 -7.98 91.46 -6.19
N ILE S 262 -7.60 91.21 -4.94
CA ILE S 262 -7.64 89.86 -4.36
C ILE S 262 -8.44 89.91 -3.06
N ILE S 263 -9.32 88.92 -2.88
CA ILE S 263 -10.13 88.77 -1.67
C ILE S 263 -10.00 87.33 -1.17
N LYS S 264 -10.27 87.16 0.13
CA LYS S 264 -10.23 85.85 0.77
C LYS S 264 -11.63 85.51 1.29
N ILE S 265 -12.11 84.32 0.94
CA ILE S 265 -13.45 83.88 1.33
C ILE S 265 -13.31 82.86 2.46
N GLN S 266 -13.62 83.28 3.68
CA GLN S 266 -13.52 82.40 4.83
C GLN S 266 -14.52 81.26 4.76
N GLY S 267 -15.81 81.56 4.79
CA GLY S 267 -16.84 80.55 4.75
C GLY S 267 -17.70 80.60 5.99
N GLU S 268 -18.81 79.86 5.94
CA GLU S 268 -19.74 79.83 7.06
C GLU S 268 -19.19 78.99 8.21
N THR S 269 -19.66 79.29 9.42
CA THR S 269 -19.18 78.59 10.60
C THR S 269 -19.66 77.15 10.63
N ASN S 270 -20.94 76.92 10.40
CA ASN S 270 -21.50 75.58 10.52
C ASN S 270 -20.96 74.64 9.44
N SER S 271 -20.79 75.16 8.23
CA SER S 271 -20.36 74.32 7.12
C SER S 271 -18.89 73.91 7.30
N SER S 272 -18.53 72.83 6.62
CA SER S 272 -17.17 72.31 6.63
C SER S 272 -16.55 72.54 5.26
N ALA S 273 -15.57 73.45 5.21
CA ALA S 273 -14.93 73.79 3.94
C ALA S 273 -13.54 74.34 4.24
N ASP S 274 -12.91 74.93 3.24
CA ASP S 274 -11.56 75.49 3.37
C ASP S 274 -11.55 76.89 2.78
N GLU S 275 -10.47 77.62 3.09
CA GLU S 275 -10.30 78.96 2.55
C GLU S 275 -9.65 78.90 1.17
N TYR S 276 -10.02 79.86 0.33
CA TYR S 276 -9.46 79.96 -1.01
C TYR S 276 -9.50 81.41 -1.45
N TYR S 277 -8.69 81.73 -2.45
CA TYR S 277 -8.46 83.10 -2.87
C TYR S 277 -9.02 83.31 -4.27
N VAL S 278 -9.56 84.50 -4.52
CA VAL S 278 -10.23 84.82 -5.76
C VAL S 278 -9.65 86.10 -6.35
N MET S 279 -9.58 86.16 -7.68
CA MET S 279 -9.07 87.31 -8.41
C MET S 279 -10.16 87.82 -9.34
N TYR S 280 -10.19 89.14 -9.53
CA TYR S 280 -11.20 89.80 -10.33
C TYR S 280 -10.63 90.19 -11.69
N ASP S 281 -11.47 90.11 -12.72
CA ASP S 281 -11.10 90.49 -14.06
C ASP S 281 -11.98 91.65 -14.52
N SER S 282 -11.38 92.56 -15.30
CA SER S 282 -12.09 93.75 -15.73
C SER S 282 -12.71 93.60 -17.13
N ASN S 283 -11.99 92.96 -18.05
CA ASN S 283 -12.48 92.84 -19.42
C ASN S 283 -13.75 91.99 -19.49
N THR S 284 -13.78 90.88 -18.75
CA THR S 284 -14.91 89.95 -18.80
C THR S 284 -15.85 90.10 -17.62
N LYS S 285 -15.43 90.78 -16.54
CA LYS S 285 -16.25 91.00 -15.35
C LYS S 285 -16.69 89.67 -14.74
N THR S 286 -15.69 88.87 -14.36
CA THR S 286 -15.91 87.60 -13.72
C THR S 286 -14.93 87.45 -12.56
N TRP S 287 -14.91 86.26 -11.96
CA TRP S 287 -13.99 85.94 -10.88
C TRP S 287 -13.40 84.56 -11.11
N LYS S 288 -12.19 84.36 -10.58
CA LYS S 288 -11.49 83.09 -10.76
C LYS S 288 -10.57 82.85 -9.58
N GLU S 289 -10.21 81.58 -9.37
CA GLU S 289 -9.38 81.19 -8.25
C GLU S 289 -7.90 81.34 -8.59
N THR S 290 -7.11 81.72 -7.59
CA THR S 290 -5.68 81.97 -7.76
C THR S 290 -4.96 81.54 -6.48
N VAL S 291 -3.72 81.99 -6.33
CA VAL S 291 -2.81 81.55 -5.28
C VAL S 291 -2.47 82.72 -4.38
N GLU S 292 -2.35 82.45 -3.08
CA GLU S 292 -2.02 83.49 -2.11
C GLU S 292 -0.67 84.11 -2.45
N PRO S 293 -0.56 85.44 -2.42
CA PRO S 293 0.74 86.08 -2.69
C PRO S 293 1.74 85.77 -1.59
N GLY S 294 3.02 85.69 -1.97
CA GLY S 294 4.09 85.48 -1.02
C GLY S 294 4.31 84.03 -0.62
N VAL S 295 4.50 83.15 -1.61
CA VAL S 295 4.70 81.73 -1.35
C VAL S 295 5.55 81.14 -2.48
N ILE S 296 6.29 80.08 -2.14
CA ILE S 296 7.16 79.42 -3.10
C ILE S 296 6.35 78.43 -3.93
N THR S 297 6.66 78.35 -5.23
CA THR S 297 5.99 77.43 -6.15
C THR S 297 7.03 76.83 -7.11
N GLY S 298 7.26 75.54 -6.97
CA GLY S 298 8.10 74.81 -7.90
C GLY S 298 9.12 73.97 -7.17
N PHE S 299 9.95 73.29 -7.96
CA PHE S 299 11.06 72.50 -7.47
C PHE S 299 12.35 72.98 -8.10
N ASP S 300 13.47 72.61 -7.49
CA ASP S 300 14.77 72.81 -8.13
C ASP S 300 14.93 71.78 -9.24
N VAL S 301 14.97 72.26 -10.49
CA VAL S 301 14.79 71.37 -11.62
C VAL S 301 16.01 70.49 -11.84
N THR S 302 17.15 70.86 -11.27
CA THR S 302 18.40 70.13 -11.49
C THR S 302 18.70 69.10 -10.41
N THR S 303 17.74 68.80 -9.54
CA THR S 303 17.90 67.77 -8.51
C THR S 303 16.78 66.75 -8.58
N MET S 304 16.30 66.47 -9.79
CA MET S 304 15.23 65.51 -10.01
C MET S 304 15.63 64.57 -11.14
N PRO S 305 15.03 63.37 -11.19
CA PRO S 305 15.42 62.38 -12.21
C PRO S 305 15.44 62.94 -13.63
N HIS S 306 16.48 62.60 -14.38
CA HIS S 306 16.65 63.06 -15.74
C HIS S 306 16.01 62.05 -16.70
N ALA S 307 16.28 62.21 -18.00
CA ALA S 307 15.73 61.30 -18.99
C ALA S 307 16.68 61.23 -20.18
N LEU S 308 16.53 60.16 -20.95
CA LEU S 308 17.37 59.90 -22.12
C LEU S 308 16.48 59.67 -23.33
N ILE S 309 16.68 60.45 -24.39
CA ILE S 309 15.84 60.41 -25.57
C ILE S 309 16.72 60.26 -26.81
N ARG S 310 16.29 59.39 -27.72
CA ARG S 310 17.03 59.13 -28.96
C ARG S 310 16.40 59.92 -30.10
N GLN S 311 17.24 60.58 -30.89
CA GLN S 311 16.76 61.31 -32.06
C GLN S 311 16.58 60.38 -33.25
N SER S 312 16.37 60.94 -34.44
CA SER S 312 16.16 60.16 -35.64
C SER S 312 17.46 59.68 -36.27
N ASP S 313 18.48 60.54 -36.31
CA ASP S 313 19.75 60.16 -36.93
C ASP S 313 20.46 59.07 -36.17
N GLY S 314 20.30 59.03 -34.84
CA GLY S 314 20.91 57.99 -34.05
C GLY S 314 21.55 58.48 -32.76
N SER S 315 21.84 59.78 -32.70
CA SER S 315 22.46 60.35 -31.52
C SER S 315 21.47 60.41 -30.36
N PHE S 316 22.01 60.60 -29.17
CA PHE S 316 21.22 60.66 -27.94
C PHE S 316 21.36 62.02 -27.29
N GLU S 317 20.42 62.32 -26.40
CA GLU S 317 20.44 63.57 -25.64
C GLU S 317 20.14 63.28 -24.18
N PHE S 318 20.72 64.08 -23.30
CA PHE S 318 20.51 64.00 -21.86
C PHE S 318 19.87 65.31 -21.42
N LYS S 319 18.55 65.28 -21.21
CA LYS S 319 17.79 66.49 -20.93
C LYS S 319 17.17 66.40 -19.54
N THR S 320 16.35 67.39 -19.21
CA THR S 320 15.68 67.49 -17.93
C THR S 320 14.18 67.65 -18.16
N LEU S 321 13.40 67.13 -17.20
CA LEU S 321 11.94 67.09 -17.31
C LEU S 321 11.32 68.33 -16.70
N ASP S 322 10.12 68.65 -17.16
CA ASP S 322 9.36 69.81 -16.70
C ASP S 322 8.19 69.35 -15.83
N TRP S 323 8.07 69.93 -14.65
CA TRP S 323 7.01 69.56 -13.70
C TRP S 323 6.05 70.73 -13.51
N SER S 324 4.87 70.42 -12.97
CA SER S 324 3.83 71.40 -12.76
C SER S 324 4.10 72.24 -11.51
N LYS S 325 3.29 73.28 -11.33
CA LYS S 325 3.47 74.22 -10.24
C LYS S 325 2.20 74.34 -9.42
N ARG S 326 2.31 75.04 -8.30
CA ARG S 326 1.21 75.14 -7.34
C ARG S 326 0.12 76.07 -7.87
N GLY S 327 -1.13 75.63 -7.75
CA GLY S 327 -2.27 76.39 -8.21
C GLY S 327 -3.39 76.52 -7.19
N SER S 328 -3.03 76.69 -5.92
CA SER S 328 -4.00 76.62 -4.82
C SER S 328 -3.63 77.57 -3.69
N GLY S 329 -4.16 77.34 -2.51
CA GLY S 329 -4.01 78.25 -1.40
C GLY S 329 -2.64 78.22 -0.75
N ASN S 330 -2.63 78.34 0.57
CA ASN S 330 -1.40 78.55 1.33
C ASN S 330 -0.79 77.22 1.76
N ASP S 331 0.27 77.29 2.57
CA ASP S 331 1.04 76.11 2.93
C ASP S 331 0.22 75.15 3.79
N ASP S 332 -0.50 75.66 4.79
CA ASP S 332 -1.22 74.80 5.72
C ASP S 332 -2.41 74.09 5.08
N THR S 333 -2.82 74.50 3.88
CA THR S 333 -3.90 73.84 3.16
C THR S 333 -3.40 72.94 2.05
N ASN S 334 -2.32 73.34 1.38
CA ASN S 334 -1.70 72.57 0.29
C ASN S 334 -0.21 72.45 0.59
N PRO S 335 0.17 71.56 1.49
CA PRO S 335 1.58 71.46 1.89
C PRO S 335 2.43 70.79 0.81
N MET S 336 3.74 70.99 0.93
CA MET S 336 4.68 70.39 0.00
C MET S 336 4.72 68.88 0.20
N PRO S 337 5.08 68.13 -0.85
CA PRO S 337 5.14 66.66 -0.72
C PRO S 337 6.28 66.24 0.20
N SER S 338 6.26 64.95 0.55
CA SER S 338 7.18 64.45 1.56
C SER S 338 8.62 64.41 1.06
N PHE S 339 8.83 64.15 -0.23
CA PHE S 339 10.19 63.95 -0.74
C PHE S 339 10.88 65.29 -1.00
N VAL S 340 10.86 66.18 -0.03
CA VAL S 340 11.43 67.51 -0.20
C VAL S 340 12.81 67.65 0.42
N ASP S 341 13.14 66.87 1.44
CA ASP S 341 14.46 66.93 2.08
C ASP S 341 15.00 65.52 2.29
N ALA S 342 14.88 64.68 1.26
CA ALA S 342 15.32 63.30 1.36
C ALA S 342 15.79 62.83 -0.01
N THR S 343 15.93 61.52 -0.19
CA THR S 343 16.42 60.94 -1.43
C THR S 343 15.42 59.93 -1.97
N ILE S 344 15.38 59.81 -3.28
CA ILE S 344 14.49 58.87 -3.96
C ILE S 344 15.23 57.56 -4.19
N ASN S 345 14.50 56.45 -4.21
CA ASN S 345 15.11 55.14 -4.35
C ASN S 345 14.61 54.32 -5.53
N ASP S 346 13.37 54.48 -5.97
CA ASP S 346 12.84 53.63 -7.01
C ASP S 346 11.67 54.33 -7.69
N VAL S 347 11.30 53.84 -8.87
CA VAL S 347 10.19 54.38 -9.65
C VAL S 347 9.37 53.19 -10.17
N PHE S 348 8.05 53.27 -10.03
CA PHE S 348 7.18 52.19 -10.47
C PHE S 348 5.93 52.78 -11.12
N PHE S 349 4.98 51.91 -11.45
CA PHE S 349 3.77 52.30 -12.17
C PHE S 349 2.63 51.42 -11.72
N TYR S 350 1.46 52.03 -11.48
CA TYR S 350 0.32 51.28 -10.98
C TYR S 350 -0.95 52.11 -11.14
N ARG S 351 -1.99 51.47 -11.67
CA ARG S 351 -3.33 52.06 -11.78
C ARG S 351 -3.30 53.42 -12.49
N ASN S 352 -2.56 53.47 -13.60
CA ASN S 352 -2.46 54.68 -14.42
C ASN S 352 -1.94 55.86 -13.61
N ARG S 353 -0.98 55.58 -12.72
CA ARG S 353 -0.38 56.60 -11.88
C ARG S 353 1.11 56.32 -11.74
N LEU S 354 1.90 57.39 -11.68
CA LEU S 354 3.32 57.26 -11.43
C LEU S 354 3.58 57.29 -9.92
N GLY S 355 4.68 56.66 -9.52
CA GLY S 355 4.98 56.52 -8.10
C GLY S 355 6.46 56.62 -7.81
N PHE S 356 6.77 57.14 -6.63
CA PHE S 356 8.15 57.27 -6.15
C PHE S 356 8.27 56.61 -4.79
N LEU S 357 9.47 56.17 -4.45
CA LEU S 357 9.77 55.59 -3.14
C LEU S 357 10.83 56.43 -2.44
N SER S 358 10.57 56.76 -1.17
CA SER S 358 11.51 57.54 -0.39
C SER S 358 11.22 57.34 1.09
N GLY S 359 12.27 57.19 1.87
CA GLY S 359 12.15 56.97 3.31
C GLY S 359 11.22 55.83 3.65
N GLU S 360 10.11 56.12 4.30
CA GLU S 360 9.08 55.15 4.62
C GLU S 360 7.73 55.59 4.07
N ASN S 361 7.73 56.36 2.98
CA ASN S 361 6.52 56.94 2.43
C ASN S 361 6.35 56.51 0.98
N VAL S 362 5.09 56.36 0.59
CA VAL S 362 4.72 56.03 -0.79
C VAL S 362 3.96 57.22 -1.36
N ILE S 363 4.42 57.72 -2.50
CA ILE S 363 3.89 58.94 -3.09
C ILE S 363 3.50 58.66 -4.53
N MET S 364 2.29 59.09 -4.90
CA MET S 364 1.75 58.86 -6.23
C MET S 364 1.15 60.14 -6.78
N SER S 365 1.18 60.26 -8.10
CA SER S 365 0.69 61.45 -8.77
C SER S 365 -0.80 61.33 -9.07
N ARG S 366 -1.34 62.32 -9.77
CA ARG S 366 -2.75 62.32 -10.14
C ARG S 366 -3.00 61.33 -11.27
N SER S 367 -4.27 61.04 -11.51
CA SER S 367 -4.64 60.16 -12.60
C SER S 367 -4.38 60.86 -13.94
N ALA S 368 -4.36 60.06 -15.01
CA ALA S 368 -4.11 60.57 -16.36
C ALA S 368 -2.78 61.31 -16.42
N SER S 369 -2.80 62.60 -16.08
CA SER S 369 -1.57 63.40 -16.08
C SER S 369 -0.56 62.81 -15.11
N TYR S 370 0.70 62.77 -15.55
CA TYR S 370 1.76 62.10 -14.79
C TYR S 370 2.64 63.09 -14.03
N PHE S 371 3.06 64.18 -14.67
CA PHE S 371 3.97 65.14 -14.04
C PHE S 371 3.20 66.19 -13.25
N ALA S 372 2.35 65.71 -12.34
CA ALA S 372 1.52 66.58 -11.52
C ALA S 372 1.42 66.00 -10.13
N PHE S 373 1.90 66.74 -9.13
CA PHE S 373 1.84 66.29 -7.74
C PHE S 373 1.04 67.23 -6.85
N PHE S 374 0.24 68.13 -7.43
CA PHE S 374 -0.52 69.09 -6.67
C PHE S 374 -1.99 69.04 -7.07
N PRO S 375 -2.91 69.15 -6.13
CA PRO S 375 -4.34 69.14 -6.47
C PRO S 375 -4.74 70.39 -7.23
N LYS S 376 -5.82 70.27 -8.00
CA LYS S 376 -6.29 71.36 -8.84
C LYS S 376 -6.82 72.53 -8.00
N SER S 377 -7.69 72.24 -7.04
CA SER S 377 -8.30 73.27 -6.22
C SER S 377 -8.57 72.74 -4.83
N VAL S 378 -8.34 73.58 -3.82
CA VAL S 378 -8.62 73.20 -2.44
C VAL S 378 -10.07 73.49 -2.06
N ALA S 379 -10.82 74.17 -2.92
CA ALA S 379 -12.21 74.51 -2.60
C ALA S 379 -13.06 73.26 -2.45
N THR S 380 -12.90 72.30 -3.36
CA THR S 380 -13.67 71.07 -3.36
C THR S 380 -12.73 69.87 -3.26
N LEU S 381 -13.32 68.68 -3.32
CA LEU S 381 -12.58 67.43 -3.26
C LEU S 381 -12.96 66.56 -4.45
N SER S 382 -11.97 65.87 -5.00
CA SER S 382 -12.16 65.00 -6.15
C SER S 382 -11.51 63.65 -5.88
N ASP S 383 -11.73 62.71 -6.80
CA ASP S 383 -11.16 61.38 -6.71
C ASP S 383 -9.99 61.19 -7.66
N ALA S 384 -9.28 62.27 -7.97
CA ALA S 384 -8.10 62.24 -8.83
C ALA S 384 -6.98 63.07 -8.21
N ASP S 385 -6.79 62.94 -6.91
CA ASP S 385 -5.81 63.70 -6.17
C ASP S 385 -4.61 62.85 -5.81
N PRO S 386 -3.43 63.45 -5.65
CA PRO S 386 -2.25 62.67 -5.28
C PRO S 386 -2.41 62.04 -3.91
N ILE S 387 -1.77 60.88 -3.73
CA ILE S 387 -1.86 60.11 -2.51
C ILE S 387 -0.51 60.15 -1.79
N ASP S 388 -0.55 60.11 -0.46
CA ASP S 388 0.66 60.14 0.35
C ASP S 388 0.35 59.46 1.67
N VAL S 389 1.06 58.37 1.96
CA VAL S 389 0.85 57.62 3.20
C VAL S 389 2.20 57.29 3.83
N ALA S 390 2.18 56.54 4.93
CA ALA S 390 3.40 56.14 5.61
C ALA S 390 3.21 54.75 6.19
N VAL S 391 4.34 54.07 6.40
CA VAL S 391 4.34 52.72 6.96
C VAL S 391 5.50 52.60 7.92
N SER S 392 5.26 51.92 9.05
CA SER S 392 6.30 51.75 10.06
C SER S 392 6.16 50.39 10.72
N HIS S 393 7.29 49.87 11.21
CA HIS S 393 7.34 48.59 11.89
C HIS S 393 8.38 48.69 12.98
N PRO S 394 8.21 47.98 14.10
CA PRO S 394 9.21 48.06 15.17
C PRO S 394 10.62 47.65 14.75
N ARG S 395 10.74 46.74 13.79
CA ARG S 395 12.07 46.31 13.36
C ARG S 395 12.83 47.39 12.61
N ILE S 396 12.15 48.47 12.21
CA ILE S 396 12.73 49.58 11.46
C ILE S 396 13.11 49.12 10.06
N SER S 397 12.52 49.75 9.04
CA SER S 397 12.71 49.31 7.68
C SER S 397 12.71 50.50 6.74
N ILE S 398 13.36 50.34 5.60
CA ILE S 398 13.38 51.33 4.53
C ILE S 398 13.04 50.63 3.23
N LEU S 399 12.04 51.15 2.51
CA LEU S 399 11.62 50.52 1.27
C LEU S 399 12.69 50.67 0.20
N LYS S 400 12.97 49.58 -0.51
CA LYS S 400 14.04 49.59 -1.50
C LYS S 400 13.62 49.07 -2.87
N TYR S 401 12.74 48.07 -2.92
CA TYR S 401 12.35 47.46 -4.19
C TYR S 401 10.85 47.28 -4.24
N ALA S 402 10.29 47.38 -5.45
CA ALA S 402 8.87 47.16 -5.70
C ALA S 402 8.74 46.11 -6.80
N VAL S 403 7.96 45.07 -6.52
CA VAL S 403 7.83 43.94 -7.44
C VAL S 403 6.36 43.58 -7.62
N PRO S 404 5.85 43.55 -8.86
CA PRO S 404 4.50 43.03 -9.08
C PRO S 404 4.49 41.52 -9.23
N PHE S 405 3.47 40.89 -8.66
CA PHE S 405 3.42 39.44 -8.63
C PHE S 405 2.01 38.98 -8.27
N SER S 406 1.49 38.06 -9.07
CA SER S 406 0.22 37.38 -8.80
C SER S 406 -0.92 38.37 -8.57
N GLU S 407 -1.07 39.28 -9.54
CA GLU S 407 -2.14 40.29 -9.53
C GLU S 407 -2.11 41.13 -8.26
N GLN S 408 -0.91 41.42 -7.79
CA GLN S 408 -0.70 42.23 -6.59
C GLN S 408 0.63 42.97 -6.75
N LEU S 409 0.85 43.92 -5.85
CA LEU S 409 2.10 44.66 -5.80
C LEU S 409 2.73 44.47 -4.43
N LEU S 410 4.02 44.19 -4.40
CA LEU S 410 4.73 43.89 -3.16
C LEU S 410 5.88 44.87 -2.98
N LEU S 411 6.06 45.34 -1.75
CA LEU S 411 7.14 46.24 -1.39
C LEU S 411 8.05 45.53 -0.40
N TRP S 412 9.34 45.45 -0.74
CA TRP S 412 10.30 44.66 0.03
C TRP S 412 11.30 45.56 0.74
N SER S 413 11.37 45.41 2.05
CA SER S 413 12.44 46.03 2.84
C SER S 413 13.56 45.01 3.03
N ASP S 414 14.50 45.30 3.92
CA ASP S 414 15.56 44.34 4.22
C ASP S 414 15.17 43.27 5.23
N GLU S 415 14.07 43.41 5.96
CA GLU S 415 13.61 42.37 6.86
C GLU S 415 12.13 42.09 6.80
N VAL S 416 11.31 42.94 6.18
CA VAL S 416 9.86 42.77 6.17
C VAL S 416 9.37 42.94 4.73
N GLN S 417 8.26 42.27 4.43
CA GLN S 417 7.63 42.37 3.11
C GLN S 417 6.18 42.81 3.29
N PHE S 418 5.76 43.81 2.52
CA PHE S 418 4.44 44.40 2.65
C PHE S 418 3.59 44.09 1.43
N VAL S 419 2.27 44.17 1.62
CA VAL S 419 1.29 43.94 0.57
C VAL S 419 0.36 45.14 0.52
N MET S 420 0.11 45.65 -0.69
CA MET S 420 -0.74 46.81 -0.89
C MET S 420 -2.05 46.39 -1.54
N THR S 421 -3.16 46.87 -1.01
CA THR S 421 -4.48 46.55 -1.53
C THR S 421 -5.41 47.75 -1.30
N SER S 422 -6.65 47.61 -1.76
CA SER S 422 -7.64 48.66 -1.60
C SER S 422 -8.98 48.05 -1.21
N SER S 423 -9.95 48.90 -0.94
CA SER S 423 -11.28 48.50 -0.51
C SER S 423 -12.32 49.12 -1.43
N GLY S 424 -12.07 49.01 -2.73
CA GLY S 424 -12.94 49.60 -3.73
C GLY S 424 -12.17 50.43 -4.73
N VAL S 425 -12.62 51.64 -4.99
CA VAL S 425 -11.90 52.56 -5.87
C VAL S 425 -10.73 53.15 -5.09
N LEU S 426 -9.54 53.07 -5.67
CA LEU S 426 -8.33 53.52 -4.97
C LEU S 426 -8.34 55.04 -4.83
N THR S 427 -8.44 55.51 -3.58
CA THR S 427 -8.36 56.93 -3.27
C THR S 427 -7.40 57.12 -2.11
N SER S 428 -7.29 58.36 -1.65
CA SER S 428 -6.45 58.65 -0.49
C SER S 428 -7.10 58.26 0.82
N LYS S 429 -8.28 57.63 0.80
CA LYS S 429 -8.98 57.24 2.00
C LYS S 429 -9.26 55.75 2.09
N SER S 430 -8.89 54.97 1.07
CA SER S 430 -9.20 53.54 1.05
C SER S 430 -7.99 52.70 0.66
N ILE S 431 -6.79 53.16 0.99
CA ILE S 431 -5.56 52.43 0.66
C ILE S 431 -5.03 51.77 1.92
N GLN S 432 -4.61 50.52 1.80
CA GLN S 432 -4.18 49.72 2.94
C GLN S 432 -2.80 49.12 2.69
N LEU S 433 -1.94 49.16 3.70
CA LEU S 433 -0.64 48.50 3.69
C LEU S 433 -0.55 47.60 4.91
N ASP S 434 -0.02 46.39 4.73
CA ASP S 434 0.01 45.43 5.82
C ASP S 434 1.14 44.42 5.58
N VAL S 435 1.52 43.72 6.66
CA VAL S 435 2.69 42.86 6.69
C VAL S 435 2.33 41.47 6.19
N GLY S 436 3.22 40.87 5.40
CA GLY S 436 2.98 39.54 4.86
C GLY S 436 3.97 38.46 5.23
N SER S 437 5.24 38.82 5.46
CA SER S 437 6.27 37.85 5.74
C SER S 437 7.48 38.57 6.34
N GLU S 438 8.41 37.78 6.89
CA GLU S 438 9.58 38.34 7.57
C GLU S 438 10.86 37.59 7.19
N PHE S 439 11.05 37.33 5.91
CA PHE S 439 12.31 36.74 5.47
C PHE S 439 13.38 37.81 5.31
N ALA S 440 14.63 37.37 5.22
CA ALA S 440 15.78 38.26 5.08
C ALA S 440 16.35 38.18 3.68
N LEU S 441 16.97 39.27 3.24
CA LEU S 441 17.52 39.34 1.90
C LEU S 441 18.56 40.45 1.84
N GLY S 442 19.27 40.51 0.71
CA GLY S 442 20.28 41.51 0.48
C GLY S 442 19.82 42.55 -0.53
N ASP S 443 20.65 43.59 -0.67
CA ASP S 443 20.29 44.77 -1.45
C ASP S 443 21.37 45.11 -2.48
N THR S 444 21.83 44.09 -3.21
CA THR S 444 22.82 44.29 -4.25
C THR S 444 22.41 43.77 -5.62
N ALA S 445 21.30 43.05 -5.72
CA ALA S 445 20.86 42.50 -6.99
C ALA S 445 19.34 42.55 -7.05
N ARG S 446 18.82 42.97 -8.19
CA ARG S 446 17.37 43.03 -8.39
C ARG S 446 16.81 41.62 -8.51
N PRO S 447 15.69 41.33 -7.84
CA PRO S 447 15.06 40.01 -8.01
C PRO S 447 14.65 39.76 -9.45
N PHE S 448 14.76 38.51 -9.86
CA PHE S 448 14.42 38.10 -11.22
C PHE S 448 13.15 37.26 -11.20
N ALA S 449 12.35 37.38 -12.26
CA ALA S 449 11.06 36.72 -12.34
C ALA S 449 11.02 35.81 -13.56
N VAL S 450 10.78 34.52 -13.33
CA VAL S 450 10.64 33.54 -14.40
C VAL S 450 9.45 32.64 -14.07
N GLY S 451 8.54 32.49 -15.02
CA GLY S 451 7.39 31.63 -14.82
C GLY S 451 6.50 32.08 -13.69
N ARG S 452 6.52 31.33 -12.58
CA ARG S 452 5.73 31.63 -11.40
C ARG S 452 6.60 31.72 -10.16
N SER S 453 7.84 32.17 -10.32
CA SER S 453 8.79 32.19 -9.22
C SER S 453 9.63 33.45 -9.28
N VAL S 454 10.20 33.82 -8.14
CA VAL S 454 11.08 34.97 -8.01
C VAL S 454 12.35 34.53 -7.30
N PHE S 455 13.50 34.86 -7.86
CA PHE S 455 14.80 34.47 -7.33
C PHE S 455 15.50 35.68 -6.74
N PHE S 456 16.02 35.54 -5.52
CA PHE S 456 16.76 36.61 -4.87
C PHE S 456 17.88 36.01 -4.03
N SER S 457 18.87 36.84 -3.73
CA SER S 457 20.06 36.41 -3.02
C SER S 457 19.94 36.72 -1.52
N ALA S 458 20.79 36.08 -0.73
CA ALA S 458 20.80 36.27 0.72
C ALA S 458 22.18 35.93 1.29
N PRO S 459 23.00 36.94 1.60
CA PRO S 459 24.37 36.67 2.03
C PRO S 459 24.41 36.01 3.40
N ARG S 460 25.55 35.37 3.69
CA ARG S 460 25.77 34.72 4.97
C ARG S 460 27.20 35.00 5.43
N GLY S 461 27.70 34.22 6.39
CA GLY S 461 29.02 34.41 6.97
C GLY S 461 30.15 34.61 5.98
N SER S 462 30.43 33.59 5.16
CA SER S 462 31.50 33.68 4.18
C SER S 462 31.07 33.24 2.78
N PHE S 463 29.81 32.90 2.57
CA PHE S 463 29.32 32.49 1.27
C PHE S 463 27.93 33.09 1.08
N THR S 464 27.22 32.64 0.05
CA THR S 464 25.94 33.20 -0.32
C THR S 464 24.95 32.08 -0.61
N SER S 465 23.66 32.39 -0.46
CA SER S 465 22.59 31.44 -0.71
C SER S 465 21.58 32.05 -1.67
N ILE S 466 20.92 31.18 -2.44
CA ILE S 466 19.93 31.59 -3.42
C ILE S 466 18.60 30.94 -3.04
N LYS S 467 17.56 31.74 -2.91
CA LYS S 467 16.25 31.27 -2.49
C LYS S 467 15.22 31.50 -3.60
N ARG S 468 14.06 30.86 -3.43
CA ARG S 468 12.99 30.92 -4.40
C ARG S 468 11.68 31.29 -3.71
N TYR S 469 10.92 32.17 -4.35
CA TYR S 469 9.68 32.69 -3.80
C TYR S 469 8.51 32.17 -4.63
N PHE S 470 7.61 31.43 -3.99
CA PHE S 470 6.45 30.84 -4.67
C PHE S 470 5.24 30.92 -3.76
N ALA S 471 4.12 30.36 -4.24
CA ALA S 471 2.86 30.37 -3.51
C ALA S 471 2.37 28.94 -3.34
N VAL S 472 1.93 28.62 -2.11
CA VAL S 472 1.40 27.29 -1.85
C VAL S 472 0.12 27.09 -2.65
N ALA S 473 -0.12 25.84 -3.08
CA ALA S 473 -1.21 25.56 -4.00
C ALA S 473 -2.56 25.47 -3.31
N ASP S 474 -2.72 24.50 -2.41
CA ASP S 474 -4.02 24.26 -1.79
C ASP S 474 -4.46 25.45 -0.95
N VAL S 475 -3.53 26.06 -0.24
CA VAL S 475 -3.88 27.15 0.66
C VAL S 475 -3.92 28.47 -0.11
N SER S 476 -4.70 29.41 0.41
CA SER S 476 -4.88 30.71 -0.22
C SER S 476 -3.96 31.75 0.43
N ASP S 477 -3.36 32.58 -0.43
CA ASP S 477 -2.52 33.73 -0.03
C ASP S 477 -1.58 33.39 1.12
N VAL S 478 -0.73 32.39 0.90
CA VAL S 478 0.34 32.08 1.83
C VAL S 478 1.66 31.98 1.07
N LYS S 479 2.41 33.07 1.04
CA LYS S 479 3.71 33.07 0.37
C LYS S 479 4.74 32.38 1.26
N ASP S 480 5.64 31.63 0.61
CA ASP S 480 6.69 30.91 1.32
C ASP S 480 7.98 30.99 0.53
N ALA S 481 9.09 30.76 1.22
CA ALA S 481 10.41 30.80 0.61
C ALA S 481 11.13 29.49 0.85
N ASP S 482 11.89 29.06 -0.15
CA ASP S 482 12.62 27.80 -0.09
C ASP S 482 14.05 28.03 -0.54
N ASP S 483 14.96 27.22 0.00
CA ASP S 483 16.38 27.34 -0.31
C ASP S 483 16.74 26.32 -1.39
N THR S 484 17.42 26.80 -2.45
CA THR S 484 17.83 25.94 -3.54
C THR S 484 19.29 25.51 -3.45
N THR S 485 20.03 25.98 -2.45
CA THR S 485 21.42 25.60 -2.24
C THR S 485 21.59 24.89 -0.92
N GLY S 486 20.65 23.99 -0.59
CA GLY S 486 20.71 23.30 0.68
C GLY S 486 21.91 22.38 0.80
N HIS S 487 22.19 21.62 -0.26
CA HIS S 487 23.27 20.64 -0.20
C HIS S 487 24.63 21.29 -0.46
N VAL S 488 24.72 22.18 -1.44
CA VAL S 488 25.98 22.87 -1.74
C VAL S 488 25.97 24.16 -0.92
N LEU S 489 26.43 24.05 0.33
CA LEU S 489 26.45 25.18 1.25
C LEU S 489 27.71 26.01 1.16
N SER S 490 28.72 25.54 0.42
CA SER S 490 29.93 26.34 0.20
C SER S 490 30.35 26.18 -1.25
N TYR S 491 29.77 26.99 -2.13
CA TYR S 491 30.14 26.96 -3.53
C TYR S 491 30.39 28.35 -4.09
N ILE S 492 29.62 29.33 -3.65
CA ILE S 492 29.59 30.66 -4.27
C ILE S 492 30.22 31.66 -3.28
N PRO S 493 31.32 32.32 -3.65
CA PRO S 493 31.88 33.34 -2.76
C PRO S 493 31.04 34.59 -2.75
N ASN S 494 31.33 35.46 -1.78
CA ASN S 494 30.57 36.69 -1.59
C ASN S 494 30.85 37.69 -2.70
N GLY S 495 29.85 38.50 -3.02
CA GLY S 495 30.02 39.57 -4.00
C GLY S 495 29.16 39.43 -5.24
N VAL S 496 27.98 38.83 -5.10
CA VAL S 496 27.07 38.67 -6.22
C VAL S 496 26.52 40.02 -6.64
N PHE S 497 26.46 40.27 -7.96
CA PHE S 497 25.91 41.53 -8.42
C PHE S 497 25.02 41.40 -9.66
N ASP S 498 24.79 40.19 -10.17
CA ASP S 498 23.92 39.96 -11.31
C ASP S 498 23.11 38.68 -11.18
N ILE S 499 21.87 38.69 -11.64
CA ILE S 499 21.05 37.48 -11.75
C ILE S 499 20.29 37.54 -13.08
N GLN S 500 20.77 36.79 -14.07
CA GLN S 500 20.15 36.78 -15.38
C GLN S 500 19.47 35.44 -15.64
N GLY S 501 18.92 35.28 -16.83
CA GLY S 501 18.27 34.03 -17.20
C GLY S 501 17.34 34.23 -18.37
N THR S 502 16.77 33.11 -18.81
CA THR S 502 15.81 33.08 -19.91
C THR S 502 14.66 32.14 -19.54
N GLY S 503 13.66 32.08 -20.42
CA GLY S 503 12.49 31.29 -20.13
C GLY S 503 12.21 30.19 -21.14
N THR S 504 12.99 30.16 -22.22
CA THR S 504 12.85 29.11 -23.22
C THR S 504 13.87 27.99 -23.06
N GLU S 505 14.87 28.17 -22.20
CA GLU S 505 15.87 27.14 -21.92
C GLU S 505 15.95 26.74 -20.47
N ASN S 506 15.26 27.44 -19.57
CA ASN S 506 15.18 27.08 -18.16
C ASN S 506 16.54 27.03 -17.48
N TYR S 507 17.22 28.17 -17.37
CA TYR S 507 18.49 28.21 -16.67
C TYR S 507 18.71 29.61 -16.12
N ILE S 508 19.65 29.70 -15.17
CA ILE S 508 19.94 30.94 -14.45
C ILE S 508 21.46 31.14 -14.42
N CYS S 509 21.90 32.37 -14.65
CA CYS S 509 23.31 32.73 -14.58
C CYS S 509 23.55 33.62 -13.38
N VAL S 510 24.71 33.46 -12.74
CA VAL S 510 25.09 34.25 -11.57
C VAL S 510 26.55 34.66 -11.72
N ASN S 511 26.82 35.95 -11.56
CA ASN S 511 28.18 36.48 -11.54
C ASN S 511 28.57 36.86 -10.13
N SER S 512 29.87 36.98 -9.90
CA SER S 512 30.38 37.38 -8.60
C SER S 512 31.78 37.97 -8.77
N THR S 513 32.20 38.73 -7.76
CA THR S 513 33.52 39.36 -7.76
C THR S 513 34.58 38.54 -7.04
N GLY S 514 34.21 37.40 -6.45
CA GLY S 514 35.22 36.53 -5.86
C GLY S 514 36.15 35.95 -6.90
N ALA S 515 35.59 35.47 -8.01
CA ALA S 515 36.35 34.98 -9.15
C ALA S 515 35.79 35.63 -10.41
N TYR S 516 36.65 36.24 -11.21
CA TYR S 516 36.24 37.02 -12.37
C TYR S 516 36.25 36.20 -13.66
N ASN S 517 36.44 34.88 -13.57
CA ASN S 517 36.46 34.05 -14.76
C ASN S 517 35.63 32.79 -14.58
N ARG S 518 34.48 32.90 -13.90
CA ARG S 518 33.58 31.78 -13.71
C ARG S 518 32.14 32.26 -13.85
N ILE S 519 31.27 31.34 -14.27
CA ILE S 519 29.84 31.60 -14.40
C ILE S 519 29.11 30.40 -13.82
N TYR S 520 28.33 30.62 -12.77
CA TYR S 520 27.60 29.53 -12.13
C TYR S 520 26.22 29.40 -12.76
N ILE S 521 25.80 28.15 -12.97
CA ILE S 521 24.60 27.85 -13.75
C ILE S 521 23.71 26.89 -12.98
N TYR S 522 22.39 27.15 -13.03
CA TYR S 522 21.38 26.33 -12.37
C TYR S 522 20.36 25.91 -13.40
N LYS S 523 20.06 24.61 -13.46
CA LYS S 523 19.14 24.06 -14.43
C LYS S 523 17.96 23.40 -13.72
N PHE S 524 16.75 23.65 -14.19
CA PHE S 524 15.55 23.15 -13.53
C PHE S 524 14.49 22.79 -14.56
N LEU S 525 13.44 22.13 -14.08
CA LEU S 525 12.32 21.74 -14.92
C LEU S 525 11.15 21.37 -14.03
N PHE S 526 9.97 21.92 -14.31
CA PHE S 526 8.77 21.68 -13.52
C PHE S 526 7.72 20.97 -14.35
N LYS S 527 6.92 20.13 -13.70
CA LYS S 527 5.84 19.39 -14.35
C LYS S 527 4.75 19.12 -13.34
N ASP S 528 3.56 19.65 -13.59
CA ASP S 528 2.40 19.46 -12.73
C ASP S 528 2.65 19.89 -11.29
N GLY S 529 3.45 20.94 -11.12
CA GLY S 529 3.69 21.48 -9.80
C GLY S 529 4.68 20.75 -8.93
N VAL S 530 5.44 19.81 -9.51
CA VAL S 530 6.48 19.10 -8.77
C VAL S 530 7.78 19.19 -9.57
N GLN S 531 8.89 19.45 -8.88
CA GLN S 531 10.17 19.61 -9.55
C GLN S 531 10.75 18.27 -9.94
N LEU S 532 11.52 18.24 -11.03
CA LEU S 532 12.10 17.01 -11.54
C LEU S 532 13.59 17.09 -11.80
N GLN S 533 14.21 18.27 -11.66
CA GLN S 533 15.63 18.39 -11.95
C GLN S 533 16.18 19.63 -11.24
N ALA S 534 17.40 19.49 -10.70
CA ALA S 534 18.09 20.60 -10.07
C ALA S 534 19.58 20.26 -10.03
N SER S 535 20.38 21.00 -10.79
CA SER S 535 21.80 20.73 -10.91
C SER S 535 22.59 22.02 -10.83
N TRP S 536 23.74 21.97 -10.16
CA TRP S 536 24.62 23.12 -10.00
C TRP S 536 25.97 22.80 -10.62
N SER S 537 26.47 23.70 -11.47
CA SER S 537 27.77 23.53 -12.10
C SER S 537 28.27 24.91 -12.52
N HIS S 538 29.42 24.95 -13.18
CA HIS S 538 29.98 26.22 -13.60
C HIS S 538 30.92 26.04 -14.78
N TRP S 539 31.05 27.08 -15.59
CA TRP S 539 31.98 27.14 -16.71
C TRP S 539 33.24 27.87 -16.28
N GLU S 540 34.21 27.93 -17.20
CA GLU S 540 35.49 28.53 -16.86
C GLU S 540 36.18 29.05 -18.11
N PHE S 541 36.70 30.27 -18.03
CA PHE S 541 37.41 30.94 -19.12
C PHE S 541 38.89 31.03 -18.75
N PRO S 542 39.78 31.55 -19.64
CA PRO S 542 41.21 31.63 -19.28
C PRO S 542 41.50 32.34 -17.97
N LYS S 543 42.75 32.23 -17.52
CA LYS S 543 43.14 32.60 -16.16
C LYS S 543 42.91 34.08 -15.84
N ASP S 544 43.62 34.97 -16.52
CA ASP S 544 43.56 36.40 -16.19
C ASP S 544 42.59 37.10 -17.13
N ASP S 545 41.30 36.82 -16.91
CA ASP S 545 40.23 37.44 -17.67
C ASP S 545 39.13 37.87 -16.70
N LYS S 546 38.35 38.87 -17.11
CA LYS S 546 37.25 39.38 -16.32
C LYS S 546 35.99 39.41 -17.15
N ILE S 547 34.90 38.90 -16.59
CA ILE S 547 33.61 38.88 -17.26
C ILE S 547 32.79 40.04 -16.70
N LEU S 548 32.36 40.94 -17.58
CA LEU S 548 31.67 42.16 -17.16
C LEU S 548 30.17 42.08 -17.30
N ALA S 549 29.65 41.35 -18.30
CA ALA S 549 28.21 41.28 -18.50
C ALA S 549 27.88 40.02 -19.29
N SER S 550 26.70 39.47 -18.99
CA SER S 550 26.22 38.28 -19.70
C SER S 550 24.69 38.27 -19.59
N ALA S 551 24.02 38.66 -20.67
CA ALA S 551 22.57 38.71 -20.71
C ALA S 551 22.06 37.87 -21.87
N SER S 552 20.81 37.42 -21.75
CA SER S 552 20.23 36.50 -22.71
C SER S 552 18.96 37.10 -23.31
N ILE S 553 18.80 36.94 -24.62
CA ILE S 553 17.59 37.37 -25.31
C ILE S 553 17.08 36.21 -26.19
N GLY S 554 16.16 35.44 -25.66
CA GLY S 554 15.66 34.28 -26.39
C GLY S 554 16.52 33.07 -26.21
N SER S 555 17.37 32.77 -27.20
CA SER S 555 18.26 31.62 -27.17
C SER S 555 19.67 32.04 -27.61
N THR S 556 20.15 33.15 -27.06
CA THR S 556 21.47 33.67 -27.37
C THR S 556 22.00 34.41 -26.15
N MET S 557 23.31 34.32 -25.94
CA MET S 557 23.95 34.96 -24.79
C MET S 557 25.09 35.83 -25.30
N PHE S 558 25.08 37.10 -24.88
CA PHE S 558 26.14 38.04 -25.23
C PHE S 558 27.11 38.17 -24.07
N ILE S 559 28.41 38.09 -24.36
CA ILE S 559 29.46 38.11 -23.35
C ILE S 559 30.44 39.22 -23.67
N VAL S 560 30.83 39.97 -22.65
CA VAL S 560 31.85 41.02 -22.77
C VAL S 560 33.01 40.62 -21.88
N ARG S 561 34.20 40.52 -22.45
CA ARG S 561 35.37 40.01 -21.76
C ARG S 561 36.53 40.99 -21.90
N GLN S 562 37.26 41.18 -20.80
CA GLN S 562 38.39 42.11 -20.76
C GLN S 562 39.66 41.31 -20.51
N HIS S 563 40.42 41.07 -21.58
CA HIS S 563 41.71 40.40 -21.47
C HIS S 563 42.81 41.44 -21.33
N GLN S 564 44.07 41.02 -21.45
CA GLN S 564 45.21 41.90 -21.32
C GLN S 564 45.32 42.91 -22.46
N GLY S 565 44.68 42.64 -23.59
CA GLY S 565 44.77 43.54 -24.73
C GLY S 565 43.70 44.62 -24.76
N GLY S 566 42.46 44.26 -24.41
CA GLY S 566 41.37 45.21 -24.46
C GLY S 566 40.02 44.62 -24.10
N VAL S 567 39.00 44.90 -24.89
CA VAL S 567 37.64 44.46 -24.63
C VAL S 567 37.05 43.88 -25.91
N ASP S 568 36.38 42.74 -25.79
CA ASP S 568 35.80 42.04 -26.93
C ASP S 568 34.34 41.71 -26.64
N ILE S 569 33.58 41.48 -27.71
CA ILE S 569 32.18 41.08 -27.64
C ILE S 569 32.00 39.82 -28.46
N GLU S 570 31.27 38.84 -27.91
CA GLU S 570 31.19 37.51 -28.48
C GLU S 570 29.77 36.98 -28.38
N HIS S 571 29.46 35.98 -29.20
CA HIS S 571 28.13 35.39 -29.28
C HIS S 571 28.18 33.92 -28.92
N LEU S 572 27.05 33.37 -28.49
CA LEU S 572 26.92 31.96 -28.11
C LEU S 572 25.48 31.53 -28.39
N LYS S 573 25.30 30.55 -29.27
CA LYS S 573 23.99 30.16 -29.75
C LYS S 573 23.71 28.69 -29.48
N PHE S 574 22.45 28.40 -29.18
CA PHE S 574 21.99 27.02 -28.95
C PHE S 574 21.28 26.50 -30.19
N ILE S 575 22.09 26.06 -31.16
CA ILE S 575 21.54 25.53 -32.40
C ILE S 575 21.66 24.00 -32.40
N LYS S 576 21.02 23.36 -33.37
CA LYS S 576 21.05 21.91 -33.49
C LYS S 576 20.89 21.52 -34.94
N GLU S 577 21.58 20.45 -35.34
CA GLU S 577 21.51 19.92 -36.71
C GLU S 577 21.91 20.98 -37.75
N ALA S 578 22.84 21.85 -37.37
CA ALA S 578 23.29 22.89 -38.27
C ALA S 578 24.66 23.38 -37.83
N THR S 579 25.33 24.09 -38.72
CA THR S 579 26.64 24.66 -38.48
C THR S 579 26.56 26.17 -38.46
N ASP S 580 27.51 26.79 -37.76
CA ASP S 580 27.59 28.24 -37.69
C ASP S 580 27.84 28.84 -39.06
N PHE S 581 28.98 28.50 -39.66
CA PHE S 581 29.30 28.97 -41.00
C PHE S 581 28.74 27.99 -42.03
N PRO S 582 28.47 28.46 -43.25
CA PRO S 582 27.81 27.59 -44.24
C PRO S 582 28.63 26.39 -44.68
N SER S 583 29.94 26.55 -44.84
CA SER S 583 30.79 25.50 -45.40
C SER S 583 31.71 24.95 -44.30
N GLU S 584 31.21 23.97 -43.56
CA GLU S 584 31.98 23.24 -42.57
C GLU S 584 31.67 21.76 -42.66
N PRO S 585 32.62 20.89 -42.31
CA PRO S 585 32.29 19.47 -42.22
C PRO S 585 31.34 19.15 -41.08
N TYR S 586 31.59 19.72 -39.91
CA TYR S 586 30.71 19.57 -38.75
C TYR S 586 30.91 20.82 -37.88
N ARG S 587 30.36 20.77 -36.67
CA ARG S 587 30.42 21.92 -35.77
C ARG S 587 31.70 21.82 -34.94
N LEU S 588 32.70 22.62 -35.29
CA LEU S 588 33.96 22.61 -34.56
C LEU S 588 33.79 23.24 -33.18
N HIS S 589 34.34 22.58 -32.17
CA HIS S 589 34.25 23.06 -30.79
C HIS S 589 35.50 23.81 -30.35
N ILE S 590 35.73 25.00 -30.91
CA ILE S 590 36.84 25.84 -30.50
C ILE S 590 36.31 27.25 -30.23
N ASP S 591 37.06 28.01 -29.43
CA ASP S 591 36.65 29.34 -29.02
C ASP S 591 37.16 30.41 -29.98
N SER S 592 36.38 31.48 -30.11
CA SER S 592 36.73 32.63 -30.95
C SER S 592 36.94 32.22 -32.40
N LYS S 593 35.99 31.49 -32.95
CA LYS S 593 36.07 31.05 -34.33
C LYS S 593 36.00 32.23 -35.29
N VAL S 594 36.87 32.21 -36.29
CA VAL S 594 36.84 33.18 -37.37
C VAL S 594 37.04 32.43 -38.68
N SER S 595 36.62 33.06 -39.78
CA SER S 595 36.82 32.51 -41.11
C SER S 595 37.73 33.43 -41.91
N MET S 596 38.50 32.84 -42.81
CA MET S 596 39.50 33.60 -43.56
C MET S 596 39.78 32.91 -44.87
N VAL S 597 40.11 33.71 -45.88
CA VAL S 597 40.52 33.22 -47.19
C VAL S 597 41.93 33.69 -47.44
N ILE S 598 42.83 32.76 -47.74
CA ILE S 598 44.23 33.08 -48.00
C ILE S 598 44.32 33.96 -49.25
N PRO S 599 45.06 35.06 -49.20
CA PRO S 599 45.07 35.99 -50.34
C PRO S 599 45.75 35.39 -51.57
N ILE S 600 45.77 36.19 -52.62
CA ILE S 600 46.29 35.73 -53.91
C ILE S 600 47.79 35.47 -53.82
N GLY S 601 48.52 36.34 -53.13
CA GLY S 601 49.95 36.17 -52.97
C GLY S 601 50.30 34.83 -52.36
N SER S 602 50.89 33.96 -53.17
CA SER S 602 51.07 32.55 -52.80
C SER S 602 52.57 32.25 -52.71
N TYR S 603 53.04 32.05 -51.48
CA TYR S 603 54.38 31.55 -51.16
C TYR S 603 55.50 32.16 -52.00
N ASN S 604 56.54 31.38 -52.27
CA ASN S 604 57.69 31.81 -53.04
C ASN S 604 58.34 30.59 -53.66
N ALA S 605 59.03 30.79 -54.79
CA ALA S 605 59.53 29.66 -55.57
C ALA S 605 60.59 28.88 -54.80
N ASP S 606 61.50 29.58 -54.11
CA ASP S 606 62.69 28.93 -53.58
C ASP S 606 62.36 27.88 -52.51
N THR S 607 61.44 28.19 -51.61
CA THR S 607 61.13 27.29 -50.50
C THR S 607 59.69 26.82 -50.49
N TYR S 608 58.87 27.25 -51.45
CA TYR S 608 57.44 26.95 -51.53
C TYR S 608 56.77 26.94 -50.15
N LYS S 609 57.09 27.94 -49.35
CA LYS S 609 56.50 28.12 -48.03
C LYS S 609 55.65 29.37 -48.08
N THR S 610 54.42 29.30 -47.57
CA THR S 610 53.49 30.40 -47.68
C THR S 610 53.24 31.02 -46.31
N THR S 611 53.07 32.34 -46.30
CA THR S 611 52.77 33.08 -45.08
C THR S 611 51.28 33.41 -45.03
N VAL S 612 50.80 33.79 -43.84
CA VAL S 612 49.38 33.98 -43.62
C VAL S 612 49.09 35.39 -43.11
N ASP S 613 49.83 35.84 -42.11
CA ASP S 613 49.59 37.13 -41.46
C ASP S 613 48.18 37.18 -40.88
N ILE S 614 47.93 36.39 -39.84
CA ILE S 614 46.58 36.26 -39.27
C ILE S 614 46.03 37.56 -38.72
N GLY S 615 46.82 38.63 -38.65
CA GLY S 615 46.34 39.86 -38.07
C GLY S 615 45.15 40.45 -38.80
N ALA S 616 45.05 40.18 -40.11
CA ALA S 616 43.94 40.72 -40.89
C ALA S 616 42.61 40.16 -40.41
N ALA S 617 42.58 38.88 -40.03
CA ALA S 617 41.33 38.25 -39.63
C ALA S 617 40.73 38.91 -38.40
N TYR S 618 41.56 39.25 -37.42
CA TYR S 618 41.09 39.86 -36.18
C TYR S 618 41.06 41.38 -36.23
N GLY S 619 40.45 41.95 -37.28
CA GLY S 619 40.29 43.38 -37.39
C GLY S 619 41.58 44.17 -37.34
N GLY S 620 42.64 43.64 -37.96
CA GLY S 620 43.93 44.29 -37.94
C GLY S 620 44.51 44.45 -36.55
N ASN S 621 44.25 43.48 -35.68
CA ASN S 621 44.71 43.50 -34.31
C ASN S 621 45.26 42.13 -33.93
N ALA S 622 46.31 42.12 -33.12
CA ALA S 622 46.87 40.86 -32.65
C ALA S 622 45.90 40.19 -31.68
N PRO S 623 45.69 38.89 -31.79
CA PRO S 623 44.77 38.21 -30.87
C PRO S 623 45.38 38.06 -29.49
N SER S 624 44.53 37.67 -28.54
CA SER S 624 44.96 37.49 -27.17
C SER S 624 45.96 36.34 -27.07
N PRO S 625 46.89 36.40 -26.12
CA PRO S 625 47.88 35.33 -25.99
C PRO S 625 47.22 33.99 -25.67
N GLY S 626 47.80 32.92 -26.20
CA GLY S 626 47.28 31.59 -25.97
C GLY S 626 47.84 30.61 -26.99
N ARG S 627 47.12 29.50 -27.15
CA ARG S 627 47.47 28.45 -28.09
C ARG S 627 46.36 28.29 -29.11
N TYR S 628 46.72 28.19 -30.39
CA TYR S 628 45.75 28.21 -31.47
C TYR S 628 45.96 27.03 -32.40
N TYR S 629 44.88 26.64 -33.09
CA TYR S 629 44.87 25.57 -34.07
C TYR S 629 44.60 26.15 -35.46
N LEU S 630 44.50 25.27 -36.46
CA LEU S 630 44.19 25.71 -37.82
C LEU S 630 43.57 24.51 -38.55
N ILE S 631 42.25 24.55 -38.68
CA ILE S 631 41.50 23.47 -39.33
C ILE S 631 41.13 23.92 -40.74
N ASP S 632 41.37 23.05 -41.72
CA ASP S 632 41.05 23.33 -43.10
C ASP S 632 39.60 22.89 -43.37
N SER S 633 39.20 22.90 -44.64
CA SER S 633 37.83 22.59 -45.02
C SER S 633 37.57 21.10 -45.12
N GLN S 634 38.55 20.26 -44.84
CA GLN S 634 38.40 18.81 -44.93
C GLN S 634 38.38 18.12 -43.58
N GLY S 635 39.19 18.57 -42.63
CA GLY S 635 39.19 17.99 -41.30
C GLY S 635 40.55 17.89 -40.66
N ALA S 636 41.61 17.90 -41.46
CA ALA S 636 42.96 17.88 -40.90
C ALA S 636 43.29 19.21 -40.24
N TYR S 637 44.07 19.16 -39.17
CA TYR S 637 44.41 20.38 -38.44
C TYR S 637 45.90 20.39 -38.12
N VAL S 638 46.45 21.59 -37.98
CA VAL S 638 47.86 21.81 -37.69
C VAL S 638 47.95 22.53 -36.35
N ASP S 639 49.10 22.47 -35.70
CA ASP S 639 49.25 23.06 -34.37
C ASP S 639 50.28 24.18 -34.36
N LEU S 640 49.81 25.42 -34.39
CA LEU S 640 50.72 26.56 -34.25
C LEU S 640 51.14 26.72 -32.79
N GLY S 641 52.27 27.39 -32.59
CA GLY S 641 52.78 27.62 -31.27
C GLY S 641 52.06 28.73 -30.55
N ASP S 642 52.60 29.11 -29.39
CA ASP S 642 52.03 30.21 -28.62
C ASP S 642 52.21 31.52 -29.36
N LEU S 643 51.19 32.37 -29.32
CA LEU S 643 51.20 33.65 -30.00
C LEU S 643 51.19 34.78 -28.99
N THR S 644 51.99 35.80 -29.26
CA THR S 644 52.08 36.99 -28.43
C THR S 644 51.71 38.22 -29.26
N SER S 645 51.84 39.39 -28.63
CA SER S 645 51.50 40.64 -29.31
C SER S 645 52.40 40.89 -30.50
N ILE S 646 53.71 40.65 -30.34
CA ILE S 646 54.66 40.94 -31.41
C ILE S 646 54.47 40.00 -32.59
N SER S 647 54.19 38.72 -32.30
CA SER S 647 54.08 37.73 -33.36
C SER S 647 52.75 37.86 -34.10
N THR S 648 52.83 38.04 -35.42
CA THR S 648 51.61 38.16 -36.23
C THR S 648 51.77 37.43 -37.56
N VAL S 649 52.89 36.77 -37.81
CA VAL S 649 53.18 36.14 -39.09
C VAL S 649 53.55 34.69 -38.85
N ILE S 650 52.94 33.78 -39.61
CA ILE S 650 53.21 32.35 -39.51
C ILE S 650 53.51 31.82 -40.91
N THR S 651 54.13 30.65 -40.95
CA THR S 651 54.52 30.00 -42.20
C THR S 651 53.99 28.58 -42.22
N LEU S 652 53.45 28.17 -43.36
CA LEU S 652 52.90 26.83 -43.54
C LEU S 652 53.71 26.05 -44.56
N ASN S 653 53.44 24.75 -44.62
CA ASN S 653 54.16 23.84 -45.51
C ASN S 653 53.27 23.51 -46.70
N GLY S 654 53.57 24.11 -47.85
CA GLY S 654 52.87 23.78 -49.08
C GLY S 654 52.42 24.96 -49.92
N ASP S 655 51.74 24.67 -51.03
CA ASP S 655 51.24 25.74 -51.89
C ASP S 655 50.15 26.54 -51.19
N TRP S 656 49.15 25.85 -50.64
CA TRP S 656 47.98 26.45 -49.99
C TRP S 656 47.35 27.46 -50.96
N SER S 657 47.00 28.66 -50.50
CA SER S 657 46.47 29.75 -51.33
C SER S 657 45.08 29.44 -51.87
N GLY S 658 44.24 30.47 -51.97
CA GLY S 658 42.91 30.33 -52.52
C GLY S 658 42.07 29.28 -51.80
N ARG S 659 42.13 29.26 -50.47
CA ARG S 659 41.46 28.24 -49.69
C ARG S 659 40.79 28.89 -48.48
N THR S 660 39.96 28.10 -47.80
CA THR S 660 39.26 28.54 -46.60
C THR S 660 39.78 27.77 -45.40
N VAL S 661 39.89 28.47 -44.27
CA VAL S 661 40.47 27.92 -43.05
C VAL S 661 39.59 28.31 -41.87
N PHE S 662 39.98 27.86 -40.68
CA PHE S 662 39.26 28.17 -39.44
C PHE S 662 40.29 28.23 -38.33
N ILE S 663 40.20 29.25 -37.48
CA ILE S 663 41.16 29.48 -36.41
C ILE S 663 40.42 29.63 -35.08
N GLY S 664 41.01 29.10 -34.03
CA GLY S 664 40.42 29.21 -32.71
C GLY S 664 41.33 28.62 -31.66
N ARG S 665 40.77 28.44 -30.46
CA ARG S 665 41.50 27.86 -29.34
C ARG S 665 40.69 26.72 -28.73
N PRO S 666 41.36 25.72 -28.18
CA PRO S 666 40.66 24.61 -27.53
C PRO S 666 40.47 24.84 -26.04
N TYR S 667 39.47 24.15 -25.49
CA TYR S 667 39.16 24.21 -24.07
C TYR S 667 38.88 22.80 -23.54
N LEU S 668 38.83 22.67 -22.23
CA LEU S 668 38.85 21.39 -21.55
C LEU S 668 37.52 21.05 -20.92
N MET S 669 37.17 19.77 -20.96
CA MET S 669 35.98 19.21 -20.33
C MET S 669 36.42 18.22 -19.26
N SER S 670 35.71 18.23 -18.13
CA SER S 670 36.09 17.37 -17.01
C SER S 670 34.85 16.89 -16.28
N TYR S 671 34.98 15.74 -15.63
CA TYR S 671 33.90 15.16 -14.84
C TYR S 671 34.49 14.07 -13.96
N LYS S 672 34.12 14.07 -12.68
CA LYS S 672 34.66 13.12 -11.71
C LYS S 672 33.51 12.42 -10.99
N PHE S 673 33.52 11.09 -11.01
CA PHE S 673 32.49 10.31 -10.36
C PHE S 673 32.65 10.34 -8.85
N SER S 674 31.69 9.73 -8.16
CA SER S 674 31.74 9.58 -6.71
C SER S 674 32.03 8.13 -6.35
N ARG S 675 32.02 7.86 -5.04
CA ARG S 675 32.31 6.52 -4.55
C ARG S 675 31.21 5.54 -4.97
N PHE S 676 31.62 4.33 -5.29
CA PHE S 676 30.69 3.27 -5.70
C PHE S 676 30.26 2.49 -4.46
N LEU S 677 28.98 2.52 -4.15
CA LEU S 677 28.42 1.81 -3.01
C LEU S 677 27.07 1.23 -3.37
N ILE S 678 26.63 0.27 -2.56
CA ILE S 678 25.32 -0.34 -2.77
C ILE S 678 24.26 0.63 -2.25
N LYS S 679 23.37 1.08 -3.14
CA LYS S 679 22.32 2.03 -2.79
C LYS S 679 20.97 1.46 -3.18
N ILE S 680 20.00 1.56 -2.27
CA ILE S 680 18.63 1.11 -2.51
C ILE S 680 17.71 2.31 -2.29
N GLU S 681 16.76 2.48 -3.19
CA GLU S 681 15.87 3.64 -3.15
C GLU S 681 14.46 3.21 -3.56
N ASP S 682 13.47 3.74 -2.85
CA ASP S 682 12.06 3.48 -3.12
C ASP S 682 11.31 4.78 -3.30
N ASP S 683 12.03 5.84 -3.66
CA ASP S 683 11.51 7.18 -3.91
C ASP S 683 11.07 7.84 -2.60
N SER S 684 11.11 7.10 -1.50
CA SER S 684 10.83 7.67 -0.19
C SER S 684 12.10 8.25 0.43
N GLY S 685 13.25 7.67 0.08
CA GLY S 685 14.52 8.14 0.61
C GLY S 685 15.65 7.31 0.03
N THR S 686 16.86 7.66 0.43
CA THR S 686 18.06 6.99 -0.01
C THR S 686 18.68 6.23 1.16
N GLN S 687 18.75 4.91 1.03
CA GLN S 687 19.36 4.05 2.05
C GLN S 687 20.63 3.44 1.48
N SER S 688 21.74 3.62 2.18
CA SER S 688 23.02 3.09 1.77
C SER S 688 23.33 1.81 2.56
N GLU S 689 24.52 1.26 2.31
CA GLU S 689 24.97 0.05 2.99
C GLU S 689 26.43 0.22 3.38
N ASP S 690 26.72 0.11 4.68
CA ASP S 690 28.07 0.27 5.20
C ASP S 690 28.39 -0.92 6.11
N THR S 691 28.87 -2.01 5.50
CA THR S 691 29.31 -3.18 6.24
C THR S 691 30.06 -4.10 5.27
N GLY S 692 31.17 -4.64 5.73
CA GLY S 692 31.93 -5.59 4.94
C GLY S 692 32.94 -4.92 4.03
N ARG S 693 33.45 -5.72 3.09
CA ARG S 693 34.46 -5.28 2.14
C ARG S 693 33.97 -5.57 0.73
N LEU S 694 34.26 -4.65 -0.20
CA LEU S 694 33.78 -4.73 -1.58
C LEU S 694 34.96 -4.54 -2.52
N GLN S 695 35.12 -5.46 -3.47
CA GLN S 695 36.20 -5.43 -4.44
C GLN S 695 35.63 -5.31 -5.85
N LEU S 696 36.11 -4.34 -6.61
CA LEU S 696 35.59 -4.09 -7.95
C LEU S 696 36.33 -4.92 -8.99
N ARG S 697 35.62 -5.26 -10.06
CA ARG S 697 36.22 -6.04 -11.14
C ARG S 697 36.24 -5.31 -12.48
N ARG S 698 35.08 -4.85 -12.95
CA ARG S 698 34.98 -4.26 -14.28
C ARG S 698 33.96 -3.13 -14.27
N ALA S 699 33.85 -2.45 -15.41
CA ALA S 699 32.90 -1.35 -15.59
C ALA S 699 32.64 -1.18 -17.07
N TRP S 700 31.67 -0.32 -17.40
CA TRP S 700 31.32 -0.06 -18.79
C TRP S 700 30.61 1.29 -18.89
N VAL S 701 30.46 1.76 -20.12
CA VAL S 701 29.81 3.04 -20.40
C VAL S 701 29.20 2.99 -21.79
N ASN S 702 28.08 3.70 -21.97
CA ASN S 702 27.39 3.78 -23.24
C ASN S 702 27.50 5.19 -23.79
N TYR S 703 27.76 5.31 -25.09
CA TYR S 703 27.93 6.60 -25.74
C TYR S 703 27.15 6.64 -27.04
N LYS S 704 26.88 7.86 -27.50
CA LYS S 704 26.16 8.07 -28.75
C LYS S 704 26.67 9.34 -29.41
N ASP S 705 27.09 9.23 -30.66
CA ASP S 705 27.55 10.36 -31.47
C ASP S 705 28.71 11.03 -30.73
N THR S 706 29.84 10.32 -30.70
CA THR S 706 31.01 10.75 -29.94
C THR S 706 32.26 10.55 -30.79
N GLY S 707 33.29 11.33 -30.48
CA GLY S 707 34.57 11.22 -31.16
C GLY S 707 35.63 10.53 -30.33
N ALA S 708 36.51 11.30 -29.70
CA ALA S 708 37.59 10.74 -28.90
C ALA S 708 37.36 11.07 -27.43
N LEU S 709 37.88 10.20 -26.56
CA LEU S 709 37.68 10.36 -25.13
C LEU S 709 38.79 9.63 -24.39
N ARG S 710 38.99 9.98 -23.13
CA ARG S 710 39.99 9.35 -22.28
C ARG S 710 39.40 9.09 -20.90
N LEU S 711 39.84 8.00 -20.27
CA LEU S 711 39.44 7.64 -18.92
C LEU S 711 40.68 7.33 -18.10
N ILE S 712 40.72 7.82 -16.87
CA ILE S 712 41.90 7.71 -16.00
C ILE S 712 41.48 7.06 -14.70
N VAL S 713 42.27 6.08 -14.26
CA VAL S 713 42.03 5.36 -13.01
C VAL S 713 43.28 5.46 -12.14
N ARG S 714 43.10 5.85 -10.88
CA ARG S 714 44.19 5.96 -9.92
C ARG S 714 43.80 5.21 -8.65
N ASN S 715 44.57 4.20 -8.27
CA ASN S 715 44.23 3.48 -7.06
C ASN S 715 44.97 4.01 -5.85
N GLY S 716 46.28 3.76 -5.76
CA GLY S 716 47.05 4.39 -4.71
C GLY S 716 48.13 5.33 -5.20
N GLU S 717 48.90 4.86 -6.19
CA GLU S 717 49.96 5.64 -6.80
C GLU S 717 50.09 5.33 -8.29
N ARG S 718 49.25 4.43 -8.78
CA ARG S 718 49.35 3.94 -10.16
C ARG S 718 48.28 4.62 -11.01
N GLU S 719 48.62 4.95 -12.24
CA GLU S 719 47.73 5.60 -13.17
C GLU S 719 47.62 4.78 -14.45
N PHE S 720 46.39 4.53 -14.89
CA PHE S 720 46.12 3.82 -16.13
C PHE S 720 45.25 4.69 -17.02
N VAL S 721 45.59 4.73 -18.31
CA VAL S 721 44.92 5.58 -19.28
C VAL S 721 44.34 4.70 -20.38
N ASN S 722 43.08 4.91 -20.71
CA ASN S 722 42.40 4.19 -21.78
C ASN S 722 41.79 5.18 -22.77
N THR S 723 41.67 4.75 -24.02
CA THR S 723 41.22 5.62 -25.08
C THR S 723 40.44 4.81 -26.11
N PHE S 724 39.40 5.42 -26.67
CA PHE S 724 38.67 4.87 -27.80
C PHE S 724 38.36 5.99 -28.79
N ASN S 725 38.10 5.62 -30.04
CA ASN S 725 38.01 6.62 -31.10
C ASN S 725 36.87 6.24 -32.05
N GLY S 726 35.70 6.83 -31.79
CA GLY S 726 34.59 6.74 -32.73
C GLY S 726 34.14 5.31 -32.96
N TYR S 727 34.04 4.93 -34.23
CA TYR S 727 33.58 3.60 -34.61
C TYR S 727 34.69 2.57 -34.37
N THR S 728 34.42 1.32 -34.72
CA THR S 728 35.39 0.25 -34.62
C THR S 728 35.86 -0.15 -36.01
N LEU S 729 36.96 -0.89 -36.05
CA LEU S 729 37.53 -1.31 -37.33
C LEU S 729 36.55 -2.21 -38.07
N GLY S 730 36.36 -1.92 -39.35
CA GLY S 730 35.44 -2.67 -40.19
C GLY S 730 34.16 -1.95 -40.54
N GLN S 731 33.88 -0.78 -39.95
CA GLN S 731 32.65 -0.05 -40.27
C GLN S 731 32.92 1.43 -40.51
N GLN S 732 34.12 1.78 -40.94
CA GLN S 732 34.47 3.17 -41.23
C GLN S 732 34.60 3.37 -42.73
N THR S 733 34.52 4.63 -43.15
CA THR S 733 34.66 5.00 -44.55
C THR S 733 35.82 5.97 -44.69
N ILE S 734 36.65 5.74 -45.71
CA ILE S 734 37.81 6.59 -45.94
C ILE S 734 37.36 7.94 -46.47
N GLY S 735 37.89 9.01 -45.88
CA GLY S 735 37.64 10.37 -46.34
C GLY S 735 36.97 11.26 -45.31
N THR S 736 36.26 10.67 -44.35
CA THR S 736 35.51 11.42 -43.37
C THR S 736 36.03 11.13 -41.96
N THR S 737 35.53 11.90 -41.00
CA THR S 737 35.91 11.76 -39.61
C THR S 737 34.96 10.78 -38.91
N ASN S 738 35.50 10.05 -37.93
CA ASN S 738 34.77 9.00 -37.24
C ASN S 738 33.85 9.62 -36.19
N ILE S 739 32.54 9.44 -36.40
CA ILE S 739 31.53 9.82 -35.41
C ILE S 739 30.44 8.75 -35.40
N GLY S 740 30.36 7.99 -34.32
CA GLY S 740 29.44 6.88 -34.27
C GLY S 740 28.97 6.56 -32.86
N ASP S 741 28.51 5.32 -32.69
CA ASP S 741 27.93 4.86 -31.44
C ASP S 741 28.59 3.54 -31.03
N GLY S 742 28.21 3.04 -29.87
CA GLY S 742 28.70 1.74 -29.43
C GLY S 742 28.70 1.64 -27.91
N GLN S 743 29.53 0.72 -27.41
CA GLN S 743 29.72 0.50 -25.99
C GLN S 743 31.17 0.15 -25.73
N TYR S 744 31.66 0.50 -24.53
CA TYR S 744 33.06 0.31 -24.19
C TYR S 744 33.17 -0.31 -22.81
N ARG S 745 33.97 -1.38 -22.70
CA ARG S 745 34.19 -2.08 -21.45
C ARG S 745 35.68 -2.08 -21.12
N PHE S 746 36.01 -1.73 -19.89
CA PHE S 746 37.39 -1.71 -19.41
C PHE S 746 37.46 -2.38 -18.03
N ALA S 747 38.64 -2.33 -17.42
CA ALA S 747 38.91 -3.06 -16.19
C ALA S 747 39.26 -2.08 -15.07
N MET S 748 38.62 -2.27 -13.92
CA MET S 748 38.89 -1.46 -12.73
C MET S 748 39.10 -2.41 -11.55
N ASN S 749 40.27 -2.33 -10.92
CA ASN S 749 40.64 -3.22 -9.83
C ASN S 749 41.05 -2.40 -8.61
N GLY S 750 40.62 -2.86 -7.44
CA GLY S 750 41.02 -2.22 -6.20
C GLY S 750 39.87 -2.16 -5.23
N ASN S 751 40.15 -1.62 -4.05
CA ASN S 751 39.13 -1.43 -3.03
C ASN S 751 38.20 -0.29 -3.43
N ALA S 752 36.98 -0.33 -2.91
CA ALA S 752 35.96 0.64 -3.28
C ALA S 752 36.14 1.99 -2.60
N LEU S 753 37.04 2.10 -1.62
CA LEU S 753 37.23 3.34 -0.87
C LEU S 753 38.54 4.03 -1.21
N THR S 754 39.18 3.63 -2.29
CA THR S 754 40.47 4.22 -2.64
C THR S 754 40.55 4.60 -4.12
N THR S 755 39.74 3.96 -4.95
CA THR S 755 39.79 4.19 -6.39
C THR S 755 38.90 5.37 -6.79
N SER S 756 39.16 5.87 -8.00
CA SER S 756 38.39 6.98 -8.55
C SER S 756 38.46 6.92 -10.07
N LEU S 757 37.51 7.58 -10.72
CA LEU S 757 37.40 7.58 -12.17
C LEU S 757 37.16 9.01 -12.66
N THR S 758 37.68 9.34 -13.84
CA THR S 758 37.62 10.69 -14.37
C THR S 758 37.48 10.64 -15.88
N LEU S 759 36.89 11.70 -16.44
CA LEU S 759 36.74 11.86 -17.88
C LEU S 759 37.35 13.19 -18.31
N GLU S 760 38.06 13.17 -19.44
CA GLU S 760 38.65 14.39 -20.00
C GLU S 760 38.53 14.36 -21.50
N SER S 761 38.52 15.56 -22.10
CA SER S 761 38.50 15.72 -23.55
C SER S 761 38.83 17.15 -23.95
N ASN S 762 39.78 17.32 -24.86
CA ASN S 762 40.10 18.63 -25.41
C ASN S 762 40.33 18.54 -26.91
N TYR S 763 39.49 17.78 -27.60
CA TYR S 763 39.53 17.64 -29.04
C TYR S 763 38.34 18.35 -29.67
N PRO S 764 38.48 18.82 -30.91
CA PRO S 764 37.33 19.48 -31.59
C PRO S 764 36.33 18.46 -32.13
N THR S 765 35.61 17.81 -31.22
CA THR S 765 34.66 16.77 -31.58
C THR S 765 33.63 16.65 -30.46
N PRO S 766 32.34 16.54 -30.80
CA PRO S 766 31.31 16.49 -29.77
C PRO S 766 31.37 15.21 -28.95
N VAL S 767 30.69 15.24 -27.81
CA VAL S 767 30.69 14.16 -26.83
C VAL S 767 29.27 14.02 -26.25
N SER S 768 28.86 12.77 -26.02
CA SER S 768 27.56 12.51 -25.39
C SER S 768 27.63 11.17 -24.66
N ILE S 769 27.14 11.14 -23.43
CA ILE S 769 27.17 9.95 -22.59
C ILE S 769 25.77 9.69 -22.05
N VAL S 770 25.40 8.42 -21.92
CA VAL S 770 24.05 8.02 -21.54
C VAL S 770 24.04 7.32 -20.18
N GLY S 771 24.72 6.18 -20.07
CA GLY S 771 24.64 5.39 -18.86
C GLY S 771 25.96 4.74 -18.50
N CYS S 772 25.96 4.01 -17.38
CA CYS S 772 27.17 3.36 -16.87
C CYS S 772 26.76 2.28 -15.88
N GLY S 773 27.75 1.51 -15.45
CA GLY S 773 27.51 0.43 -14.50
C GLY S 773 28.82 -0.15 -14.01
N TRP S 774 28.71 -1.14 -13.12
CA TRP S 774 29.89 -1.78 -12.56
C TRP S 774 29.53 -3.14 -12.02
N GLU S 775 30.56 -3.96 -11.77
CA GLU S 775 30.43 -5.29 -11.19
C GLU S 775 31.47 -5.46 -10.10
N ALA S 776 31.16 -6.31 -9.12
CA ALA S 776 32.02 -6.44 -7.95
C ALA S 776 31.77 -7.79 -7.28
N SER S 777 32.52 -8.04 -6.21
CA SER S 777 32.38 -9.22 -5.37
C SER S 777 32.27 -8.81 -3.92
N TYR S 778 31.39 -9.47 -3.17
CA TYR S 778 30.99 -9.02 -1.85
C TYR S 778 31.18 -10.13 -0.82
N ALA S 779 31.40 -9.72 0.43
CA ALA S 779 31.60 -10.66 1.52
C ALA S 779 31.33 -9.97 2.85
N LYS S 780 30.50 -10.59 3.68
CA LYS S 780 30.15 -10.05 4.99
C LYS S 780 30.31 -11.13 6.05
N LYS S 781 30.40 -10.71 7.31
CA LYS S 781 30.68 -11.61 8.42
C LYS S 781 29.59 -11.61 9.49
N ALA S 782 28.49 -10.90 9.26
CA ALA S 782 27.44 -10.81 10.29
C ALA S 782 26.13 -10.42 9.61
N ARG S 783 25.09 -11.23 9.82
CA ARG S 783 23.78 -10.92 9.25
C ARG S 783 23.26 -9.61 9.81
N SER S 784 22.70 -8.78 8.92
CA SER S 784 22.15 -7.51 9.33
C SER S 784 20.79 -7.71 9.99
N VAL S 785 20.15 -6.59 10.34
CA VAL S 785 18.84 -6.60 10.99
C VAL S 785 18.86 -7.41 12.28
N PRO T 2 15.56 -22.10 -20.37
CA PRO T 2 14.20 -22.12 -20.92
C PRO T 2 13.89 -20.90 -21.77
N LEU T 3 12.61 -20.65 -22.00
CA LEU T 3 12.17 -19.54 -22.83
C LEU T 3 11.35 -18.55 -22.02
N ILE T 4 11.46 -17.27 -22.38
CA ILE T 4 10.67 -16.21 -21.78
C ILE T 4 9.93 -15.46 -22.88
N THR T 5 8.85 -14.78 -22.49
CA THR T 5 8.00 -14.13 -23.46
C THR T 5 7.36 -12.88 -22.85
N GLN T 6 6.84 -12.03 -23.71
CA GLN T 6 6.16 -10.81 -23.30
C GLN T 6 5.25 -10.36 -24.43
N SER T 7 4.28 -9.52 -24.09
CA SER T 7 3.27 -9.09 -25.04
C SER T 7 3.00 -7.60 -24.88
N ILE T 8 2.46 -6.99 -25.93
CA ILE T 8 2.09 -5.58 -25.95
C ILE T 8 0.59 -5.51 -26.16
N LYS T 9 -0.11 -4.84 -25.23
CA LYS T 9 -1.57 -4.86 -25.26
C LYS T 9 -2.12 -4.00 -26.38
N ASN T 10 -1.57 -2.79 -26.56
CA ASN T 10 -2.10 -1.86 -27.55
C ASN T 10 -1.01 -0.93 -28.03
N LEU T 11 -1.21 -0.39 -29.23
CA LEU T 11 -0.27 0.54 -29.85
C LEU T 11 -1.00 1.87 -30.05
N LYS T 12 -0.87 2.77 -29.07
CA LYS T 12 -1.54 4.06 -29.14
C LYS T 12 -0.59 5.24 -29.06
N GLY T 13 0.64 5.06 -28.59
CA GLY T 13 1.60 6.13 -28.60
C GLY T 13 2.11 6.44 -29.99
N GLY T 14 2.77 7.59 -30.12
CA GLY T 14 3.33 7.98 -31.39
C GLY T 14 4.80 7.64 -31.51
N ILE T 15 5.56 8.54 -32.14
CA ILE T 15 6.99 8.36 -32.27
C ILE T 15 7.70 9.01 -31.09
N SER T 16 8.97 8.67 -30.89
CA SER T 16 9.77 9.28 -29.85
C SER T 16 11.21 9.38 -30.33
N GLN T 17 11.98 10.29 -29.70
CA GLN T 17 13.36 10.52 -30.09
C GLN T 17 14.32 10.44 -28.90
N GLN T 18 13.87 9.88 -27.79
CA GLN T 18 14.73 9.66 -26.64
C GLN T 18 15.50 8.36 -26.78
N PRO T 19 16.59 8.19 -26.03
CA PRO T 19 17.32 6.91 -26.08
C PRO T 19 16.42 5.74 -25.68
N ASP T 20 16.69 4.59 -26.31
CA ASP T 20 15.76 3.46 -26.24
C ASP T 20 15.63 2.89 -24.84
N ILE T 21 16.57 3.20 -23.94
CA ILE T 21 16.57 2.64 -22.60
C ILE T 21 15.46 3.32 -21.79
N LEU T 22 14.97 4.46 -22.28
CA LEU T 22 14.01 5.26 -21.54
C LEU T 22 12.60 5.27 -22.12
N ARG T 23 12.38 4.71 -23.31
CA ARG T 23 11.08 4.78 -23.94
C ARG T 23 10.08 3.90 -23.21
N PHE T 24 8.80 4.11 -23.52
CA PHE T 24 7.72 3.27 -23.02
C PHE T 24 7.57 2.07 -23.95
N SER T 25 6.54 1.25 -23.74
CA SER T 25 6.26 0.10 -24.59
C SER T 25 5.25 0.40 -25.68
N ASP T 26 4.75 1.63 -25.77
CA ASP T 26 3.73 2.01 -26.74
C ASP T 26 4.27 2.92 -27.82
N GLN T 27 5.56 3.26 -27.79
CA GLN T 27 6.13 4.25 -28.67
C GLN T 27 7.10 3.60 -29.65
N GLY T 28 7.01 4.03 -30.92
CA GLY T 28 7.82 3.44 -31.96
C GLY T 28 8.92 4.34 -32.46
N GLU T 29 9.25 4.24 -33.75
CA GLU T 29 10.31 5.02 -34.36
C GLU T 29 9.85 5.94 -35.48
N SER T 30 8.91 5.52 -36.31
CA SER T 30 8.35 6.38 -37.34
C SER T 30 6.93 5.94 -37.63
N GLN T 31 6.14 6.85 -38.19
CA GLN T 31 4.73 6.57 -38.45
C GLN T 31 4.26 7.52 -39.56
N VAL T 32 3.96 6.96 -40.72
CA VAL T 32 3.54 7.74 -41.89
C VAL T 32 2.20 7.20 -42.38
N ASN T 33 1.25 8.11 -42.61
CA ASN T 33 -0.06 7.77 -43.16
C ASN T 33 -0.78 6.72 -42.31
N CYS T 34 -0.93 7.02 -41.02
CA CYS T 34 -1.61 6.12 -40.11
C CYS T 34 -2.56 6.93 -39.24
N TRP T 35 -3.59 6.24 -38.73
CA TRP T 35 -4.61 6.85 -37.89
C TRP T 35 -4.74 6.01 -36.63
N SER T 36 -4.59 6.65 -35.47
CA SER T 36 -4.60 5.96 -34.18
C SER T 36 -5.97 6.15 -33.54
N SER T 37 -6.91 5.26 -33.88
CA SER T 37 -8.26 5.35 -33.34
C SER T 37 -8.25 4.92 -31.87
N GLU T 38 -9.43 4.95 -31.25
CA GLU T 38 -9.57 4.63 -29.84
C GLU T 38 -10.09 3.23 -29.56
N SER T 39 -10.69 2.56 -30.55
CA SER T 39 -11.25 1.23 -30.31
C SER T 39 -10.97 0.27 -31.46
N ASP T 40 -10.03 0.59 -32.33
CA ASP T 40 -9.74 -0.28 -33.46
C ASP T 40 -8.26 -0.43 -33.78
N GLY T 41 -7.35 0.17 -33.01
CA GLY T 41 -5.95 0.06 -33.33
C GLY T 41 -5.57 0.88 -34.55
N LEU T 42 -4.37 0.59 -35.06
CA LEU T 42 -3.87 1.32 -36.23
C LEU T 42 -4.72 1.02 -37.46
N GLN T 43 -4.86 2.02 -38.32
CA GLN T 43 -5.63 1.91 -39.55
C GLN T 43 -4.91 2.68 -40.65
N LYS T 44 -5.53 2.73 -41.81
CA LYS T 44 -5.05 3.56 -42.91
C LYS T 44 -5.90 4.81 -43.03
N ARG T 45 -5.26 5.93 -43.36
CA ARG T 45 -5.99 7.18 -43.44
C ARG T 45 -7.00 7.14 -44.59
N PRO T 46 -8.13 7.80 -44.45
CA PRO T 46 -9.19 7.73 -45.47
C PRO T 46 -8.75 8.37 -46.77
N PRO T 47 -9.37 8.00 -47.89
CA PRO T 47 -8.96 8.53 -49.20
C PRO T 47 -9.42 9.97 -49.42
N THR T 48 -9.19 10.47 -50.62
CA THR T 48 -9.47 11.87 -50.97
C THR T 48 -10.29 11.91 -52.25
N VAL T 49 -11.32 12.76 -52.28
CA VAL T 49 -12.23 12.83 -53.42
C VAL T 49 -12.02 14.16 -54.15
N PHE T 50 -12.18 14.12 -55.47
CA PHE T 50 -11.97 15.27 -56.34
C PHE T 50 -13.26 16.05 -56.53
N LYS T 51 -13.15 17.39 -56.52
CA LYS T 51 -14.32 18.24 -56.70
C LYS T 51 -14.27 19.07 -57.97
N ARG T 52 -13.24 19.91 -58.12
CA ARG T 52 -13.16 20.79 -59.29
C ARG T 52 -11.78 21.42 -59.33
N ARG T 53 -11.47 22.03 -60.47
CA ARG T 53 -10.22 22.75 -60.70
C ARG T 53 -10.52 24.25 -60.76
N LEU T 54 -9.83 25.02 -59.94
CA LEU T 54 -10.10 26.45 -59.83
C LEU T 54 -9.34 27.23 -60.89
N ASN T 55 -9.71 28.50 -61.04
CA ASN T 55 -9.07 29.41 -62.00
C ASN T 55 -8.56 30.69 -61.34
N ILE T 56 -8.37 30.67 -60.02
CA ILE T 56 -7.87 31.86 -59.33
C ILE T 56 -6.41 32.09 -59.68
N ASP T 57 -5.93 33.28 -59.34
CA ASP T 57 -4.55 33.69 -59.61
C ASP T 57 -3.83 33.91 -58.29
N VAL T 58 -2.77 33.13 -58.06
CA VAL T 58 -1.96 33.23 -56.86
C VAL T 58 -0.50 33.38 -57.26
N GLU T 59 0.16 34.41 -56.70
CA GLU T 59 1.53 34.70 -57.06
C GLU T 59 2.45 34.00 -56.07
N SER T 60 2.40 34.34 -54.78
CA SER T 60 3.30 33.77 -53.78
C SER T 60 2.77 34.09 -52.40
N ASN T 61 2.60 33.05 -51.57
CA ASN T 61 2.20 33.17 -50.18
C ASN T 61 0.91 33.97 -50.00
N PRO T 62 -0.23 33.45 -50.47
CA PRO T 62 -1.50 34.11 -50.19
C PRO T 62 -1.99 33.78 -48.78
N LYS T 63 -3.11 34.38 -48.41
CA LYS T 63 -3.75 34.13 -47.13
C LYS T 63 -5.18 33.65 -47.37
N PHE T 64 -5.55 32.55 -46.71
CA PHE T 64 -6.88 31.98 -46.81
C PHE T 64 -7.59 32.11 -45.47
N HIS T 65 -8.91 32.29 -45.53
CA HIS T 65 -9.73 32.46 -44.34
C HIS T 65 -11.07 31.79 -44.56
N LEU T 66 -11.60 31.17 -43.50
CA LEU T 66 -12.87 30.44 -43.57
C LEU T 66 -13.95 31.18 -42.80
N ILE T 67 -15.15 31.20 -43.37
CA ILE T 67 -16.30 31.87 -42.77
C ILE T 67 -17.45 30.88 -42.72
N ASN T 68 -18.05 30.71 -41.55
CA ASN T 68 -19.17 29.81 -41.33
C ASN T 68 -20.32 30.59 -40.72
N ARG T 69 -21.40 30.76 -41.48
CA ARG T 69 -22.61 31.40 -40.95
C ARG T 69 -23.67 30.37 -40.59
N ASP T 70 -24.08 29.57 -41.56
CA ASP T 70 -25.07 28.51 -41.34
C ASP T 70 -24.80 27.41 -42.35
N GLU T 71 -25.77 26.52 -42.54
CA GLU T 71 -25.64 25.42 -43.49
C GLU T 71 -25.76 25.85 -44.95
N HIS T 72 -25.84 27.16 -45.22
CA HIS T 72 -25.95 27.65 -46.59
C HIS T 72 -24.98 28.77 -46.92
N GLU T 73 -24.14 29.21 -46.00
CA GLU T 73 -23.20 30.30 -46.23
C GLU T 73 -21.82 29.85 -45.76
N GLN T 74 -21.00 29.38 -46.70
CA GLN T 74 -19.66 28.89 -46.40
C GLN T 74 -18.77 29.18 -47.60
N TYR T 75 -17.62 29.81 -47.37
CA TYR T 75 -16.73 30.16 -48.47
C TYR T 75 -15.36 30.56 -47.92
N TYR T 76 -14.43 30.79 -48.85
CA TYR T 76 -13.09 31.25 -48.56
C TYR T 76 -12.90 32.70 -49.01
N ILE T 77 -11.87 33.34 -48.46
CA ILE T 77 -11.45 34.68 -48.87
C ILE T 77 -9.95 34.62 -49.15
N VAL T 78 -9.55 35.18 -50.29
CA VAL T 78 -8.17 35.10 -50.76
C VAL T 78 -7.60 36.51 -50.87
N PHE T 79 -6.43 36.73 -50.28
CA PHE T 79 -5.71 38.00 -50.35
C PHE T 79 -4.37 37.73 -51.03
N ASN T 80 -4.35 37.79 -52.37
CA ASN T 80 -3.11 37.52 -53.09
C ASN T 80 -2.10 38.64 -52.91
N GLY T 81 -2.56 39.83 -52.57
CA GLY T 81 -1.66 40.95 -52.31
C GLY T 81 -2.09 42.24 -52.98
N SER T 82 -2.88 42.14 -54.06
CA SER T 82 -3.34 43.33 -54.74
C SER T 82 -4.78 43.20 -55.22
N ASN T 83 -5.53 42.25 -54.65
CA ASN T 83 -6.90 41.99 -55.10
C ASN T 83 -7.59 41.14 -54.05
N ILE T 84 -8.91 40.97 -54.25
CA ILE T 84 -9.73 40.15 -53.36
C ILE T 84 -10.59 39.24 -54.23
N GLN T 85 -10.59 37.95 -53.95
CA GLN T 85 -11.41 36.97 -54.65
C GLN T 85 -12.08 36.04 -53.65
N VAL T 86 -13.27 35.57 -53.99
CA VAL T 86 -14.08 34.74 -53.12
C VAL T 86 -14.41 33.44 -53.84
N VAL T 87 -14.18 32.32 -53.17
CA VAL T 87 -14.43 30.99 -53.73
C VAL T 87 -15.33 30.21 -52.78
N ASP T 88 -16.36 29.58 -53.34
CA ASP T 88 -17.28 28.77 -52.57
C ASP T 88 -16.60 27.46 -52.15
N LEU T 89 -17.35 26.58 -51.48
CA LEU T 89 -16.84 25.30 -51.02
C LEU T 89 -17.11 24.18 -52.02
N SER T 90 -17.53 24.51 -53.24
CA SER T 90 -17.73 23.50 -54.27
C SER T 90 -17.19 23.93 -55.62
N GLY T 91 -16.41 25.00 -55.70
CA GLY T 91 -15.78 25.38 -56.94
C GLY T 91 -16.26 26.69 -57.53
N ASN T 92 -17.50 27.07 -57.25
CA ASN T 92 -18.06 28.27 -57.84
C ASN T 92 -17.33 29.52 -57.36
N GLN T 93 -17.29 30.53 -58.21
CA GLN T 93 -16.59 31.78 -57.93
C GLN T 93 -17.54 32.96 -58.08
N TYR T 94 -17.30 34.00 -57.29
CA TYR T 94 -18.10 35.22 -57.31
C TYR T 94 -17.19 36.41 -57.50
N SER T 95 -17.79 37.58 -57.70
CA SER T 95 -17.08 38.80 -58.03
C SER T 95 -17.21 39.82 -56.91
N VAL T 96 -16.19 40.66 -56.78
CA VAL T 96 -16.14 41.72 -55.77
C VAL T 96 -15.95 43.05 -56.48
N SER T 97 -16.76 44.03 -56.13
CA SER T 97 -16.72 45.35 -56.74
C SER T 97 -16.42 46.41 -55.70
N GLY T 98 -15.54 47.34 -56.04
CA GLY T 98 -15.16 48.42 -55.15
C GLY T 98 -13.77 48.91 -55.48
N ALA T 99 -13.18 49.62 -54.53
CA ALA T 99 -11.84 50.16 -54.66
C ALA T 99 -10.89 49.40 -53.74
N VAL T 100 -9.70 49.09 -54.26
CA VAL T 100 -8.74 48.29 -53.51
C VAL T 100 -7.39 48.99 -53.42
N GLU T 101 -7.21 49.77 -52.35
CA GLU T 101 -5.93 50.34 -51.99
C GLU T 101 -5.54 50.09 -50.54
N TYR T 102 -6.51 49.81 -49.68
CA TYR T 102 -6.23 49.53 -48.29
C TYR T 102 -5.59 48.15 -48.10
N VAL T 103 -5.64 47.30 -49.12
CA VAL T 103 -5.22 45.92 -48.99
C VAL T 103 -4.01 45.63 -49.88
N THR T 104 -3.18 46.64 -50.10
CA THR T 104 -1.95 46.46 -50.89
C THR T 104 -0.78 46.35 -49.93
N SER T 105 -0.02 45.26 -50.05
CA SER T 105 1.09 45.01 -49.15
C SER T 105 2.06 44.04 -49.83
N SER T 106 3.15 43.74 -49.13
CA SER T 106 4.17 42.82 -49.63
C SER T 106 4.05 41.43 -49.01
N ASN T 107 3.70 41.35 -47.72
CA ASN T 107 3.50 40.09 -47.01
C ASN T 107 2.06 40.00 -46.55
N PRO T 108 1.17 39.40 -47.35
CA PRO T 108 -0.26 39.40 -46.98
C PRO T 108 -0.59 38.40 -45.89
N ARG T 109 0.41 37.83 -45.23
CA ARG T 109 0.18 36.85 -44.18
C ARG T 109 0.34 37.40 -42.77
N ASP T 110 1.01 38.54 -42.59
CA ASP T 110 1.19 39.12 -41.27
C ASP T 110 0.76 40.59 -41.22
N ASP T 111 0.01 41.06 -42.19
CA ASP T 111 -0.45 42.44 -42.24
C ASP T 111 -1.96 42.60 -42.19
N ILE T 112 -2.72 41.54 -42.46
CA ILE T 112 -4.17 41.63 -42.60
C ILE T 112 -4.83 40.70 -41.59
N ARG T 113 -5.89 41.19 -40.95
CA ARG T 113 -6.70 40.40 -40.03
C ARG T 113 -8.16 40.51 -40.44
N VAL T 114 -8.94 39.51 -40.04
CA VAL T 114 -10.38 39.48 -40.32
C VAL T 114 -11.11 39.07 -39.06
N VAL T 115 -12.10 39.87 -38.65
CA VAL T 115 -12.91 39.61 -37.47
C VAL T 115 -14.36 39.94 -37.81
N THR T 116 -15.28 39.09 -37.34
CA THR T 116 -16.72 39.25 -37.61
C THR T 116 -17.44 39.45 -36.28
N VAL T 117 -17.64 40.71 -35.90
CA VAL T 117 -18.40 41.06 -34.72
C VAL T 117 -19.70 41.71 -35.16
N ALA T 118 -20.76 41.42 -34.43
CA ALA T 118 -22.13 41.89 -34.74
C ALA T 118 -22.49 41.36 -36.13
N ASP T 119 -22.99 42.21 -37.03
CA ASP T 119 -23.37 41.78 -38.37
C ASP T 119 -22.48 42.44 -39.42
N TYR T 120 -21.19 42.50 -39.14
CA TYR T 120 -20.24 43.12 -40.06
C TYR T 120 -18.96 42.28 -40.11
N THR T 121 -18.25 42.39 -41.22
CA THR T 121 -16.97 41.74 -41.40
C THR T 121 -15.90 42.82 -41.58
N PHE T 122 -15.01 42.93 -40.60
CA PHE T 122 -14.00 43.98 -40.59
C PHE T 122 -12.70 43.50 -41.22
N VAL T 123 -12.00 44.44 -41.85
CA VAL T 123 -10.68 44.19 -42.43
C VAL T 123 -9.74 45.25 -41.87
N VAL T 124 -8.62 44.80 -41.29
CA VAL T 124 -7.68 45.69 -40.62
C VAL T 124 -6.30 45.46 -41.22
N ASN T 125 -5.68 46.53 -41.72
CA ASN T 125 -4.31 46.49 -42.21
C ASN T 125 -3.43 47.20 -41.21
N ARG T 126 -2.63 46.44 -40.46
CA ARG T 126 -1.80 47.02 -39.41
C ARG T 126 -0.49 47.62 -39.92
N LYS T 127 -0.56 48.46 -40.95
CA LYS T 127 0.61 49.19 -41.43
C LYS T 127 0.25 50.65 -41.66
N VAL T 128 -1.02 50.91 -41.94
CA VAL T 128 -1.48 52.27 -42.22
C VAL T 128 -1.55 53.07 -40.92
N VAL T 129 -1.21 54.35 -41.02
CA VAL T 129 -1.23 55.26 -39.87
C VAL T 129 -2.47 56.14 -39.97
N VAL T 130 -3.24 56.19 -38.88
CA VAL T 130 -4.46 56.99 -38.87
C VAL T 130 -4.11 58.47 -38.93
N LYS T 131 -4.96 59.26 -39.58
CA LYS T 131 -4.78 60.70 -39.67
C LYS T 131 -6.12 61.38 -39.40
N GLY T 132 -6.04 62.61 -38.89
CA GLY T 132 -7.24 63.37 -38.60
C GLY T 132 -7.86 63.97 -39.85
N GLY T 133 -9.03 64.55 -39.66
CA GLY T 133 -9.76 65.17 -40.74
C GLY T 133 -9.24 66.56 -41.05
N SER T 134 -9.91 67.20 -42.01
CA SER T 134 -9.56 68.56 -42.44
C SER T 134 -10.80 69.41 -42.60
N GLU T 135 -11.77 69.24 -41.70
CA GLU T 135 -13.00 70.01 -41.70
C GLU T 135 -13.14 70.74 -40.38
N LYS T 136 -13.58 71.99 -40.43
CA LYS T 136 -13.67 72.82 -39.24
C LYS T 136 -15.11 72.92 -38.74
N SER T 137 -15.29 73.70 -37.68
CA SER T 137 -16.60 74.01 -37.12
C SER T 137 -17.26 75.10 -37.95
N HIS T 138 -18.29 75.76 -37.39
CA HIS T 138 -19.14 76.74 -38.05
C HIS T 138 -18.35 77.57 -39.07
N PRO T 139 -18.74 77.54 -40.34
CA PRO T 139 -17.91 78.17 -41.38
C PRO T 139 -18.01 79.69 -41.38
N GLY T 140 -17.24 80.34 -40.53
CA GLY T 140 -17.18 81.79 -40.49
C GLY T 140 -17.98 82.39 -39.36
N TYR T 141 -17.29 82.74 -38.28
CA TYR T 141 -17.94 83.39 -37.14
C TYR T 141 -16.91 84.18 -36.34
N ASN T 142 -16.88 85.50 -36.51
CA ASN T 142 -15.93 86.31 -35.77
C ASN T 142 -16.47 86.62 -34.39
N ARG T 143 -15.68 86.30 -33.36
CA ARG T 143 -16.08 86.48 -31.98
C ARG T 143 -15.65 87.83 -31.42
N LYS T 144 -15.12 88.72 -32.25
CA LYS T 144 -14.60 90.01 -31.79
C LYS T 144 -15.14 91.13 -32.66
N ALA T 145 -16.42 91.05 -33.04
CA ALA T 145 -16.99 92.02 -33.96
C ALA T 145 -18.36 92.54 -33.55
N ARG T 146 -19.01 91.96 -32.53
CA ARG T 146 -20.36 92.38 -32.15
C ARG T 146 -20.46 92.46 -30.63
N ALA T 147 -21.41 93.29 -30.18
CA ALA T 147 -21.63 93.50 -28.75
C ALA T 147 -23.11 93.76 -28.50
N LEU T 148 -23.53 93.53 -27.26
CA LEU T 148 -24.92 93.69 -26.85
C LEU T 148 -25.01 94.53 -25.58
N ILE T 149 -26.08 95.30 -25.48
CA ILE T 149 -26.40 96.08 -24.29
C ILE T 149 -27.83 95.74 -23.88
N ASN T 150 -28.02 95.39 -22.61
CA ASN T 150 -29.34 95.00 -22.13
C ASN T 150 -30.14 96.21 -21.70
N LEU T 151 -31.44 96.18 -21.99
CA LEU T 151 -32.37 97.22 -21.59
C LEU T 151 -33.45 96.60 -20.72
N ARG T 152 -33.66 97.16 -19.53
CA ARG T 152 -34.62 96.59 -18.58
C ARG T 152 -35.08 97.70 -17.64
N GLY T 153 -36.29 98.21 -17.89
CA GLY T 153 -36.93 99.12 -16.96
C GLY T 153 -36.31 100.51 -16.94
N GLY T 154 -36.83 101.33 -16.03
CA GLY T 154 -36.33 102.69 -15.85
C GLY T 154 -36.81 103.25 -14.54
N GLN T 155 -36.20 104.38 -14.16
CA GLN T 155 -36.51 105.04 -12.90
C GLN T 155 -36.50 106.55 -13.12
N TYR T 156 -36.50 107.30 -12.03
CA TYR T 156 -36.52 108.75 -12.07
C TYR T 156 -35.25 109.31 -11.43
N GLY T 157 -34.78 110.44 -11.96
CA GLY T 157 -33.61 111.10 -11.41
C GLY T 157 -32.34 110.29 -11.47
N ARG T 158 -32.06 109.69 -12.63
CA ARG T 158 -30.86 108.87 -12.82
C ARG T 158 -30.13 109.33 -14.07
N THR T 159 -28.84 108.99 -14.13
CA THR T 159 -27.99 109.36 -15.25
C THR T 159 -27.27 108.12 -15.77
N LEU T 160 -27.14 108.04 -17.09
CA LEU T 160 -26.55 106.88 -17.76
C LEU T 160 -25.39 107.34 -18.63
N LYS T 161 -24.29 106.60 -18.59
CA LYS T 161 -23.10 106.89 -19.37
C LYS T 161 -22.58 105.62 -20.01
N VAL T 162 -22.18 105.70 -21.28
CA VAL T 162 -21.72 104.55 -22.05
C VAL T 162 -20.47 104.94 -22.82
N GLY T 163 -19.46 104.06 -22.80
CA GLY T 163 -18.25 104.28 -23.56
C GLY T 163 -17.76 102.99 -24.19
N ILE T 164 -16.94 103.15 -25.22
CA ILE T 164 -16.40 102.03 -26.00
C ILE T 164 -14.89 102.16 -26.07
N ASN T 165 -14.20 101.09 -25.69
CA ASN T 165 -12.74 100.98 -25.82
C ASN T 165 -12.02 102.16 -25.16
N GLY T 166 -12.53 102.54 -23.99
CA GLY T 166 -11.93 103.65 -23.26
C GLY T 166 -11.99 104.97 -24.02
N GLY T 167 -13.08 105.20 -24.76
CA GLY T 167 -13.29 106.44 -25.46
C GLY T 167 -14.12 107.43 -24.65
N VAL T 168 -14.56 108.49 -25.34
CA VAL T 168 -15.42 109.46 -24.71
C VAL T 168 -16.78 108.82 -24.41
N LYS T 169 -17.42 109.28 -23.34
CA LYS T 169 -18.67 108.71 -22.87
C LYS T 169 -19.79 109.73 -23.03
N VAL T 170 -20.88 109.32 -23.66
CA VAL T 170 -22.06 110.17 -23.75
C VAL T 170 -22.84 110.12 -22.44
N SER T 171 -23.74 111.09 -22.26
CA SER T 171 -24.52 111.18 -21.04
C SER T 171 -25.97 111.49 -21.38
N HIS T 172 -26.89 110.84 -20.67
CA HIS T 172 -28.31 111.08 -20.81
C HIS T 172 -28.94 111.08 -19.43
N LYS T 173 -29.85 112.03 -19.20
CA LYS T 173 -30.47 112.22 -17.90
C LYS T 173 -31.97 111.98 -17.99
N LEU T 174 -32.49 111.18 -17.06
CA LEU T 174 -33.92 110.94 -16.98
C LEU T 174 -34.60 112.08 -16.23
N PRO T 175 -35.85 112.38 -16.57
CA PRO T 175 -36.54 113.51 -15.94
C PRO T 175 -37.05 113.15 -14.55
N ALA T 176 -37.52 114.18 -13.85
CA ALA T 176 -38.09 114.01 -12.51
C ALA T 176 -39.55 113.62 -12.61
N GLY T 177 -40.27 113.67 -11.49
CA GLY T 177 -41.67 113.28 -11.49
C GLY T 177 -42.64 114.42 -11.21
N ASN T 178 -42.16 115.67 -11.36
CA ASN T 178 -43.01 116.82 -11.08
C ASN T 178 -44.18 116.90 -12.06
N ASP T 179 -43.92 116.67 -13.34
CA ASP T 179 -44.98 116.70 -14.34
C ASP T 179 -45.84 115.44 -14.25
N ALA T 180 -47.04 115.52 -14.83
CA ALA T 180 -48.01 114.44 -14.71
C ALA T 180 -48.55 113.96 -16.06
N GLU T 181 -48.02 114.48 -17.17
CA GLU T 181 -48.48 114.04 -18.47
C GLU T 181 -47.34 113.82 -19.45
N ASN T 182 -46.11 114.10 -19.02
CA ASN T 182 -44.93 113.91 -19.87
C ASN T 182 -43.90 112.97 -19.27
N ASP T 183 -43.79 112.93 -17.94
CA ASP T 183 -42.77 112.06 -17.32
C ASP T 183 -43.04 110.57 -17.54
N PRO T 184 -44.23 110.04 -17.33
CA PRO T 184 -44.44 108.59 -17.46
C PRO T 184 -44.07 108.05 -18.83
N PRO T 185 -44.39 108.73 -19.94
CA PRO T 185 -43.99 108.19 -21.26
C PRO T 185 -42.50 108.15 -21.50
N LYS T 186 -41.69 108.87 -20.71
CA LYS T 186 -40.26 108.96 -20.95
C LYS T 186 -39.46 107.89 -20.20
N VAL T 187 -40.12 106.99 -19.48
CA VAL T 187 -39.44 105.95 -18.72
C VAL T 187 -39.41 104.62 -19.46
N ASP T 188 -40.12 104.51 -20.58
CA ASP T 188 -40.13 103.26 -21.34
C ASP T 188 -38.76 102.95 -21.90
N ALA T 189 -38.43 101.66 -21.95
CA ALA T 189 -37.10 101.24 -22.35
C ALA T 189 -36.82 101.57 -23.81
N GLN T 190 -37.83 101.45 -24.67
CA GLN T 190 -37.62 101.68 -26.10
C GLN T 190 -37.21 103.10 -26.39
N ALA T 191 -37.84 104.08 -25.71
CA ALA T 191 -37.46 105.47 -25.89
C ALA T 191 -36.03 105.71 -25.43
N ILE T 192 -35.65 105.09 -24.32
CA ILE T 192 -34.28 105.22 -23.83
C ILE T 192 -33.30 104.66 -24.85
N GLY T 193 -33.62 103.51 -25.43
CA GLY T 193 -32.74 102.92 -26.44
C GLY T 193 -32.62 103.79 -27.66
N ALA T 194 -33.74 104.36 -28.12
CA ALA T 194 -33.70 105.24 -29.28
C ALA T 194 -32.85 106.48 -29.01
N ALA T 195 -33.02 107.08 -27.82
CA ALA T 195 -32.24 108.26 -27.47
C ALA T 195 -30.75 107.92 -27.39
N MET T 196 -30.42 106.77 -26.80
CA MET T 196 -29.03 106.37 -26.71
C MET T 196 -28.43 106.13 -28.09
N ARG T 197 -29.19 105.51 -28.99
CA ARG T 197 -28.70 105.33 -30.35
C ARG T 197 -28.44 106.67 -31.02
N ASP T 198 -29.37 107.61 -30.86
CA ASP T 198 -29.21 108.92 -31.49
C ASP T 198 -27.97 109.63 -30.95
N LEU T 199 -27.74 109.54 -29.64
CA LEU T 199 -26.53 110.14 -29.07
C LEU T 199 -25.28 109.44 -29.56
N LEU T 200 -25.32 108.12 -29.69
CA LEU T 200 -24.10 107.36 -29.97
C LEU T 200 -23.70 107.47 -31.44
N VAL T 201 -24.65 107.73 -32.33
CA VAL T 201 -24.31 107.83 -33.75
C VAL T 201 -23.28 108.93 -33.98
N GLN T 202 -23.50 110.10 -33.38
CA GLN T 202 -22.60 111.23 -33.62
C GLN T 202 -21.22 111.00 -33.01
N ALA T 203 -21.16 110.35 -31.84
CA ALA T 203 -19.90 110.18 -31.14
C ALA T 203 -18.93 109.33 -31.94
N TYR T 204 -19.38 108.15 -32.37
CA TYR T 204 -18.53 107.24 -33.14
C TYR T 204 -19.09 107.09 -34.54
N PRO T 205 -18.48 107.73 -35.56
CA PRO T 205 -19.05 107.70 -36.91
C PRO T 205 -18.63 106.49 -37.76
N ASP T 206 -17.84 105.57 -37.22
CA ASP T 206 -17.38 104.42 -37.99
C ASP T 206 -18.17 103.15 -37.71
N PHE T 207 -18.74 103.02 -36.52
CA PHE T 207 -19.46 101.81 -36.16
C PHE T 207 -20.86 101.84 -36.77
N THR T 208 -21.63 100.79 -36.49
CA THR T 208 -23.01 100.67 -36.96
C THR T 208 -23.88 100.23 -35.79
N PHE T 209 -25.01 100.90 -35.61
CA PHE T 209 -25.92 100.64 -34.51
C PHE T 209 -27.27 100.18 -35.04
N ASP T 210 -27.94 99.33 -34.27
CA ASP T 210 -29.24 98.81 -34.63
C ASP T 210 -30.08 98.62 -33.38
N LEU T 211 -31.39 98.66 -33.54
CA LEU T 211 -32.32 98.55 -32.42
C LEU T 211 -33.12 97.26 -32.53
N GLY T 212 -33.25 96.56 -31.41
CA GLY T 212 -34.02 95.34 -31.36
C GLY T 212 -35.10 95.38 -30.31
N SER T 213 -35.68 94.21 -30.00
CA SER T 213 -36.75 94.13 -28.99
C SER T 213 -36.13 93.76 -27.66
N GLY T 214 -35.62 94.79 -26.97
CA GLY T 214 -34.98 94.61 -25.68
C GLY T 214 -33.46 94.61 -25.69
N PHE T 215 -32.84 94.99 -26.80
CA PHE T 215 -31.38 94.97 -26.89
C PHE T 215 -30.93 95.98 -27.93
N LEU T 216 -29.65 96.33 -27.87
CA LEU T 216 -29.02 97.23 -28.82
C LEU T 216 -27.77 96.56 -29.36
N LEU T 217 -27.60 96.58 -30.67
CA LEU T 217 -26.52 95.85 -31.33
C LEU T 217 -25.49 96.83 -31.87
N ILE T 218 -24.21 96.52 -31.64
CA ILE T 218 -23.08 97.34 -32.09
C ILE T 218 -22.25 96.49 -33.04
N THR T 219 -21.95 97.05 -34.22
CA THR T 219 -21.17 96.36 -35.23
C THR T 219 -19.82 97.05 -35.40
N ALA T 220 -18.74 96.28 -35.30
CA ALA T 220 -17.41 96.82 -35.49
C ALA T 220 -17.12 97.05 -36.96
N PRO T 221 -16.39 98.12 -37.29
CA PRO T 221 -16.08 98.38 -38.70
C PRO T 221 -14.83 97.66 -39.21
N SER T 222 -15.02 96.78 -40.19
CA SER T 222 -13.94 96.07 -40.86
C SER T 222 -12.93 95.46 -39.89
N GLY T 223 -11.67 95.83 -40.04
CA GLY T 223 -10.61 95.28 -39.22
C GLY T 223 -10.42 96.00 -37.90
N THR T 224 -11.43 95.94 -37.03
CA THR T 224 -11.36 96.53 -35.71
C THR T 224 -12.00 95.57 -34.71
N ASP T 225 -11.34 95.37 -33.57
CA ASP T 225 -11.77 94.40 -32.58
C ASP T 225 -12.25 95.14 -31.33
N ILE T 226 -13.48 94.84 -30.91
CA ILE T 226 -14.01 95.42 -29.68
C ILE T 226 -13.44 94.66 -28.49
N ASN T 227 -12.82 95.39 -27.56
CA ASN T 227 -12.13 94.77 -26.45
C ASN T 227 -12.68 95.15 -25.08
N SER T 228 -13.42 96.25 -24.97
CA SER T 228 -13.91 96.68 -23.67
C SER T 228 -15.10 97.62 -23.84
N VAL T 229 -16.08 97.49 -22.95
CA VAL T 229 -17.23 98.38 -22.91
C VAL T 229 -17.48 98.75 -21.45
N GLU T 230 -17.64 100.06 -21.20
CA GLU T 230 -17.88 100.57 -19.85
C GLU T 230 -19.23 101.27 -19.81
N THR T 231 -19.99 100.99 -18.75
CA THR T 231 -21.31 101.56 -18.55
C THR T 231 -21.40 102.19 -17.17
N GLU T 232 -22.50 102.90 -16.93
CA GLU T 232 -22.70 103.60 -15.67
C GLU T 232 -24.19 103.82 -15.46
N ASP T 233 -24.68 103.57 -14.25
CA ASP T 233 -26.08 103.75 -13.94
C ASP T 233 -26.25 103.99 -12.44
N GLY T 234 -27.39 104.57 -12.07
CA GLY T 234 -27.64 104.88 -10.68
C GLY T 234 -27.78 103.65 -9.81
N TYR T 235 -28.52 102.65 -10.28
CA TYR T 235 -28.77 101.46 -9.47
C TYR T 235 -27.61 100.48 -9.58
N ALA T 236 -27.81 99.32 -8.95
CA ALA T 236 -26.80 98.26 -8.94
C ALA T 236 -26.96 97.38 -10.18
N ASN T 237 -26.68 98.00 -11.33
CA ASN T 237 -26.71 97.33 -12.63
C ASN T 237 -28.05 96.66 -12.89
N GLN T 238 -29.13 97.35 -12.51
CA GLN T 238 -30.48 96.86 -12.72
C GLN T 238 -31.21 97.59 -13.84
N LEU T 239 -30.53 98.47 -14.57
CA LEU T 239 -31.13 99.19 -15.68
C LEU T 239 -30.51 98.81 -17.02
N ILE T 240 -29.19 98.94 -17.14
CA ILE T 240 -28.47 98.57 -18.36
C ILE T 240 -27.22 97.80 -17.96
N SER T 241 -26.91 96.75 -18.72
CA SER T 241 -25.76 95.91 -18.43
C SER T 241 -25.11 95.43 -19.72
N PRO T 242 -23.78 95.51 -19.81
CA PRO T 242 -23.09 95.03 -21.01
C PRO T 242 -22.65 93.59 -20.90
N VAL T 243 -22.53 92.95 -22.06
CA VAL T 243 -22.07 91.57 -22.18
C VAL T 243 -21.46 91.39 -23.56
N LEU T 244 -20.33 90.67 -23.63
CA LEU T 244 -19.65 90.46 -24.91
C LEU T 244 -19.67 89.00 -25.33
N ASP T 245 -19.08 88.09 -24.56
CA ASP T 245 -19.13 86.68 -24.90
C ASP T 245 -19.17 85.77 -23.68
N THR T 246 -19.23 86.34 -22.49
CA THR T 246 -19.07 85.57 -21.27
C THR T 246 -20.06 86.00 -20.22
N VAL T 247 -20.62 85.03 -19.51
CA VAL T 247 -21.52 85.27 -18.39
C VAL T 247 -21.12 84.34 -17.24
N GLN T 248 -21.33 84.79 -16.01
CA GLN T 248 -20.93 84.00 -14.86
C GLN T 248 -21.84 82.79 -14.66
N THR T 249 -23.16 83.01 -14.72
CA THR T 249 -24.13 81.97 -14.44
C THR T 249 -25.26 82.01 -15.46
N ILE T 250 -26.20 81.07 -15.33
CA ILE T 250 -27.32 80.98 -16.25
C ILE T 250 -28.26 82.16 -16.09
N SER T 251 -28.45 82.61 -14.85
CA SER T 251 -29.44 83.65 -14.58
C SER T 251 -29.06 84.99 -15.21
N LYS T 252 -27.83 85.15 -15.67
CA LYS T 252 -27.37 86.39 -16.27
C LYS T 252 -27.52 86.41 -17.79
N LEU T 253 -28.19 85.43 -18.36
CA LEU T 253 -28.38 85.38 -19.81
C LEU T 253 -29.25 86.56 -20.25
N PRO T 254 -28.99 87.13 -21.42
CA PRO T 254 -29.84 88.23 -21.91
C PRO T 254 -31.23 87.75 -22.27
N LEU T 255 -32.17 88.69 -22.28
CA LEU T 255 -33.55 88.36 -22.58
C LEU T 255 -33.71 87.89 -24.03
N ALA T 256 -33.06 88.57 -24.97
CA ALA T 256 -33.18 88.22 -26.38
C ALA T 256 -31.91 88.63 -27.10
N ALA T 257 -31.70 88.05 -28.28
CA ALA T 257 -30.50 88.29 -29.06
C ALA T 257 -30.79 87.93 -30.51
N PRO T 258 -29.99 88.44 -31.45
CA PRO T 258 -30.16 88.02 -32.85
C PRO T 258 -29.87 86.54 -33.02
N ASN T 259 -30.53 85.95 -34.02
CA ASN T 259 -30.43 84.50 -34.24
C ASN T 259 -28.99 84.09 -34.53
N GLY T 260 -28.56 83.00 -33.90
CA GLY T 260 -27.24 82.44 -34.13
C GLY T 260 -26.16 82.90 -33.18
N TYR T 261 -26.49 83.74 -32.20
CA TYR T 261 -25.48 84.25 -31.29
C TYR T 261 -24.98 83.14 -30.36
N ILE T 262 -23.69 83.23 -30.01
CA ILE T 262 -23.03 82.21 -29.20
C ILE T 262 -22.42 82.87 -27.99
N ILE T 263 -22.65 82.28 -26.81
CA ILE T 263 -22.13 82.79 -25.54
C ILE T 263 -21.53 81.62 -24.77
N LYS T 264 -20.48 81.93 -24.00
CA LYS T 264 -19.76 80.93 -23.21
C LYS T 264 -20.11 81.13 -21.75
N ILE T 265 -20.54 80.04 -21.09
CA ILE T 265 -20.87 80.07 -19.67
C ILE T 265 -19.70 79.49 -18.90
N GLN T 266 -19.11 80.29 -18.02
CA GLN T 266 -17.94 79.86 -17.26
C GLN T 266 -18.33 78.94 -16.11
N GLY T 267 -19.12 79.46 -15.18
CA GLY T 267 -19.54 78.68 -14.03
C GLY T 267 -19.23 79.39 -12.74
N GLU T 268 -19.67 78.78 -11.65
CA GLU T 268 -19.47 79.36 -10.33
C GLU T 268 -18.14 78.93 -9.73
N THR T 269 -17.56 79.80 -8.90
CA THR T 269 -16.22 79.55 -8.38
C THR T 269 -16.20 78.38 -7.41
N ASN T 270 -17.13 78.35 -6.46
CA ASN T 270 -17.10 77.33 -5.42
C ASN T 270 -17.41 75.94 -6.01
N SER T 271 -18.36 75.87 -6.94
CA SER T 271 -18.75 74.59 -7.50
C SER T 271 -17.67 74.05 -8.43
N SER T 272 -17.73 72.74 -8.66
CA SER T 272 -16.81 72.05 -9.55
C SER T 272 -17.57 71.65 -10.81
N ALA T 273 -17.17 72.22 -11.95
CA ALA T 273 -17.81 71.91 -13.22
C ALA T 273 -16.88 72.25 -14.37
N ASP T 274 -17.41 72.28 -15.58
CA ASP T 274 -16.61 72.62 -16.76
C ASP T 274 -17.21 73.82 -17.49
N GLU T 275 -16.66 74.15 -18.65
CA GLU T 275 -17.13 75.25 -19.46
C GLU T 275 -17.77 74.69 -20.73
N TYR T 276 -18.99 75.15 -21.03
CA TYR T 276 -19.72 74.72 -22.21
C TYR T 276 -20.28 75.93 -22.92
N TYR T 277 -20.71 75.72 -24.17
CA TYR T 277 -21.17 76.77 -25.04
C TYR T 277 -22.64 76.58 -25.37
N VAL T 278 -23.34 77.70 -25.59
CA VAL T 278 -24.77 77.69 -25.89
C VAL T 278 -25.03 78.55 -27.11
N MET T 279 -26.15 78.28 -27.77
CA MET T 279 -26.57 79.01 -28.95
C MET T 279 -28.06 79.32 -28.84
N TYR T 280 -28.46 80.45 -29.42
CA TYR T 280 -29.81 80.97 -29.29
C TYR T 280 -30.63 80.68 -30.54
N ASP T 281 -31.94 80.50 -30.33
CA ASP T 281 -32.88 80.28 -31.41
C ASP T 281 -33.94 81.38 -31.38
N SER T 282 -34.37 81.82 -32.57
CA SER T 282 -35.34 82.90 -32.66
C SER T 282 -36.77 82.40 -32.85
N ASN T 283 -36.96 81.33 -33.61
CA ASN T 283 -38.31 80.82 -33.87
C ASN T 283 -38.95 80.30 -32.59
N THR T 284 -38.19 79.59 -31.76
CA THR T 284 -38.72 78.99 -30.55
C THR T 284 -38.33 79.72 -29.27
N LYS T 285 -37.37 80.64 -29.34
CA LYS T 285 -36.94 81.42 -28.19
C LYS T 285 -36.45 80.51 -27.05
N THR T 286 -35.43 79.71 -27.36
CA THR T 286 -34.84 78.80 -26.40
C THR T 286 -33.32 78.84 -26.55
N TRP T 287 -32.64 77.98 -25.80
CA TRP T 287 -31.19 77.86 -25.86
C TRP T 287 -30.82 76.39 -25.94
N LYS T 288 -29.66 76.12 -26.54
CA LYS T 288 -29.21 74.74 -26.73
C LYS T 288 -27.69 74.71 -26.77
N GLU T 289 -27.13 73.55 -26.50
CA GLU T 289 -25.69 73.35 -26.46
C GLU T 289 -25.13 73.21 -27.86
N THR T 290 -23.90 73.68 -28.04
CA THR T 290 -23.26 73.68 -29.37
C THR T 290 -21.76 73.47 -29.16
N VAL T 291 -20.97 73.75 -30.20
CA VAL T 291 -19.53 73.49 -30.20
C VAL T 291 -18.79 74.79 -30.49
N GLU T 292 -17.66 74.97 -29.83
CA GLU T 292 -16.87 76.17 -30.02
C GLU T 292 -16.42 76.30 -31.47
N PRO T 293 -16.50 77.49 -32.06
CA PRO T 293 -16.05 77.66 -33.44
C PRO T 293 -14.55 77.52 -33.58
N GLY T 294 -14.11 77.08 -34.76
CA GLY T 294 -12.70 76.96 -35.06
C GLY T 294 -12.06 75.69 -34.53
N VAL T 295 -12.75 74.56 -34.66
CA VAL T 295 -12.29 73.30 -34.11
C VAL T 295 -12.48 72.20 -35.15
N ILE T 296 -11.48 71.33 -35.28
CA ILE T 296 -11.56 70.20 -36.21
C ILE T 296 -12.52 69.16 -35.65
N THR T 297 -13.34 68.57 -36.52
CA THR T 297 -14.34 67.58 -36.14
C THR T 297 -14.41 66.46 -37.18
N GLY T 298 -13.92 65.30 -36.82
CA GLY T 298 -14.06 64.13 -37.66
C GLY T 298 -12.74 63.40 -37.80
N PHE T 299 -12.79 62.34 -38.62
CA PHE T 299 -11.63 61.54 -38.96
C PHE T 299 -11.46 61.48 -40.47
N ASP T 300 -10.27 61.09 -40.91
CA ASP T 300 -10.03 60.79 -42.31
C ASP T 300 -10.59 59.40 -42.58
N VAL T 301 -11.70 59.34 -43.31
CA VAL T 301 -12.48 58.10 -43.40
C VAL T 301 -11.69 57.00 -44.10
N THR T 302 -10.86 57.38 -45.08
CA THR T 302 -10.15 56.38 -45.88
C THR T 302 -8.92 55.82 -45.20
N THR T 303 -8.78 56.00 -43.89
CA THR T 303 -7.69 55.38 -43.15
C THR T 303 -8.21 54.63 -41.93
N MET T 304 -9.41 54.08 -42.03
CA MET T 304 -10.05 53.34 -40.94
C MET T 304 -10.54 52.00 -41.46
N PRO T 305 -10.77 51.02 -40.59
CA PRO T 305 -11.17 49.69 -41.04
C PRO T 305 -12.39 49.69 -41.96
N HIS T 306 -12.32 48.91 -43.03
CA HIS T 306 -13.39 48.83 -44.00
C HIS T 306 -14.36 47.71 -43.63
N ALA T 307 -15.27 47.36 -44.53
CA ALA T 307 -16.22 46.29 -44.28
C ALA T 307 -16.58 45.62 -45.60
N LEU T 308 -17.06 44.39 -45.49
CA LEU T 308 -17.45 43.59 -46.65
C LEU T 308 -18.87 43.07 -46.45
N ILE T 309 -19.74 43.35 -47.41
CA ILE T 309 -21.16 43.04 -47.29
C ILE T 309 -21.62 42.27 -48.53
N ARG T 310 -22.41 41.23 -48.30
CA ARG T 310 -22.97 40.41 -49.37
C ARG T 310 -24.37 40.88 -49.69
N GLN T 311 -24.66 41.05 -50.98
CA GLN T 311 -25.98 41.49 -51.42
C GLN T 311 -26.88 40.31 -51.74
N SER T 312 -28.03 40.57 -52.35
CA SER T 312 -29.03 39.56 -52.63
C SER T 312 -28.62 38.62 -53.76
N ASP T 313 -28.10 39.16 -54.86
CA ASP T 313 -27.75 38.32 -56.00
C ASP T 313 -26.58 37.39 -55.67
N GLY T 314 -25.63 37.87 -54.90
CA GLY T 314 -24.48 37.06 -54.52
C GLY T 314 -23.17 37.80 -54.58
N SER T 315 -23.16 38.94 -55.26
CA SER T 315 -21.94 39.73 -55.38
C SER T 315 -21.60 40.39 -54.06
N PHE T 316 -20.35 40.84 -53.96
CA PHE T 316 -19.84 41.47 -52.75
C PHE T 316 -19.40 42.90 -53.03
N GLU T 317 -19.38 43.71 -51.98
CA GLU T 317 -19.01 45.11 -52.08
C GLU T 317 -18.00 45.47 -51.01
N PHE T 318 -17.11 46.39 -51.34
CA PHE T 318 -16.08 46.87 -50.42
C PHE T 318 -16.34 48.35 -50.16
N LYS T 319 -16.69 48.69 -48.93
CA LYS T 319 -17.09 50.06 -48.60
C LYS T 319 -16.37 50.59 -47.38
N THR T 320 -16.79 51.76 -46.90
CA THR T 320 -16.26 52.38 -45.71
C THR T 320 -17.36 52.56 -44.68
N LEU T 321 -16.98 53.06 -43.50
CA LEU T 321 -17.90 53.22 -42.39
C LEU T 321 -18.09 54.69 -42.05
N ASP T 322 -19.22 54.98 -41.40
CA ASP T 322 -19.59 56.33 -41.00
C ASP T 322 -19.44 56.46 -39.49
N TRP T 323 -18.62 57.39 -39.06
CA TRP T 323 -18.35 57.62 -37.64
C TRP T 323 -18.89 58.98 -37.21
N SER T 324 -19.24 59.07 -35.93
CA SER T 324 -19.86 60.28 -35.40
C SER T 324 -18.81 61.38 -35.22
N LYS T 325 -19.30 62.60 -35.01
CA LYS T 325 -18.46 63.78 -34.90
C LYS T 325 -18.66 64.45 -33.55
N ARG T 326 -17.90 65.52 -33.33
CA ARG T 326 -17.91 66.20 -32.04
C ARG T 326 -19.21 66.97 -31.82
N GLY T 327 -19.69 66.93 -30.59
CA GLY T 327 -20.89 67.66 -30.18
C GLY T 327 -20.72 68.33 -28.84
N SER T 328 -19.51 68.82 -28.56
CA SER T 328 -19.16 69.27 -27.22
C SER T 328 -18.19 70.44 -27.26
N GLY T 329 -17.50 70.70 -26.15
CA GLY T 329 -16.67 71.88 -26.01
C GLY T 329 -15.37 71.82 -26.79
N ASN T 330 -14.33 72.41 -26.22
CA ASN T 330 -13.08 72.63 -26.92
C ASN T 330 -12.13 71.45 -26.71
N ASP T 331 -10.88 71.62 -27.16
CA ASP T 331 -9.91 70.54 -27.13
C ASP T 331 -9.57 70.11 -25.71
N ASP T 332 -9.38 71.07 -24.80
CA ASP T 332 -8.97 70.73 -23.45
C ASP T 332 -10.03 69.92 -22.72
N THR T 333 -11.30 70.29 -22.87
CA THR T 333 -12.37 69.58 -22.20
C THR T 333 -12.65 68.23 -22.85
N ASN T 334 -12.61 68.17 -24.18
CA ASN T 334 -12.94 66.96 -24.94
C ASN T 334 -11.81 66.67 -25.92
N PRO T 335 -10.72 66.05 -25.48
CA PRO T 335 -9.59 65.82 -26.38
C PRO T 335 -9.84 64.66 -27.33
N MET T 336 -9.04 64.62 -28.39
CA MET T 336 -9.07 63.58 -29.40
C MET T 336 -8.54 62.27 -28.82
N PRO T 337 -9.13 61.14 -29.20
CA PRO T 337 -8.68 59.85 -28.65
C PRO T 337 -7.24 59.54 -29.03
N SER T 338 -6.73 58.48 -28.41
CA SER T 338 -5.30 58.19 -28.48
C SER T 338 -4.89 57.63 -29.84
N PHE T 339 -5.78 56.90 -30.51
CA PHE T 339 -5.39 56.19 -31.72
C PHE T 339 -5.41 57.13 -32.93
N VAL T 340 -4.77 58.29 -32.81
CA VAL T 340 -4.79 59.28 -33.86
C VAL T 340 -3.50 59.31 -34.67
N ASP T 341 -2.36 58.95 -34.10
CA ASP T 341 -1.09 58.94 -34.81
C ASP T 341 -0.39 57.60 -34.59
N ALA T 342 -1.13 56.52 -34.69
CA ALA T 342 -0.58 55.18 -34.46
C ALA T 342 -1.32 54.20 -35.36
N THR T 343 -1.16 52.91 -35.09
CA THR T 343 -1.76 51.86 -35.89
C THR T 343 -2.64 50.96 -35.02
N ILE T 344 -3.66 50.37 -35.64
CA ILE T 344 -4.58 49.48 -34.96
C ILE T 344 -4.07 48.04 -35.12
N ASN T 345 -4.40 47.20 -34.14
CA ASN T 345 -3.91 45.82 -34.13
C ASN T 345 -5.01 44.76 -34.07
N ASP T 346 -6.13 45.02 -33.40
CA ASP T 346 -7.13 43.98 -33.24
C ASP T 346 -8.46 44.63 -32.87
N VAL T 347 -9.54 43.86 -33.02
CA VAL T 347 -10.89 44.31 -32.69
C VAL T 347 -11.55 43.22 -31.84
N PHE T 348 -12.26 43.64 -30.80
CA PHE T 348 -12.92 42.69 -29.91
C PHE T 348 -14.23 43.29 -29.40
N PHE T 349 -15.02 42.45 -28.75
CA PHE T 349 -16.35 42.82 -28.24
C PHE T 349 -16.44 42.42 -26.78
N TYR T 350 -17.01 43.30 -25.95
CA TYR T 350 -17.12 43.04 -24.53
C TYR T 350 -18.10 44.01 -23.90
N ARG T 351 -19.03 43.48 -23.11
CA ARG T 351 -19.98 44.27 -22.32
C ARG T 351 -20.74 45.28 -23.17
N ASN T 352 -21.22 44.81 -24.33
CA ASN T 352 -22.03 45.63 -25.23
C ASN T 352 -21.28 46.88 -25.68
N ARG T 353 -19.96 46.74 -25.85
CA ARG T 353 -19.12 47.85 -26.29
C ARG T 353 -18.07 47.33 -27.27
N LEU T 354 -17.82 48.08 -28.33
CA LEU T 354 -16.76 47.76 -29.27
C LEU T 354 -15.42 48.24 -28.72
N GLY T 355 -14.33 47.70 -29.25
CA GLY T 355 -13.02 48.03 -28.74
C GLY T 355 -11.94 47.90 -29.79
N PHE T 356 -10.84 48.61 -29.57
CA PHE T 356 -9.65 48.54 -30.41
C PHE T 356 -8.42 48.41 -29.54
N LEU T 357 -7.36 47.87 -30.11
CA LEU T 357 -6.05 47.80 -29.46
C LEU T 357 -5.02 48.55 -30.28
N SER T 358 -4.22 49.36 -29.60
CA SER T 358 -3.19 50.15 -30.28
C SER T 358 -2.16 50.60 -29.26
N GLY T 359 -0.90 50.41 -29.60
CA GLY T 359 0.17 50.78 -28.70
C GLY T 359 0.06 50.04 -27.38
N GLU T 360 -0.02 50.79 -26.29
CA GLU T 360 -0.23 50.24 -24.96
C GLU T 360 -1.51 50.75 -24.34
N ASN T 361 -2.52 51.02 -25.16
CA ASN T 361 -3.76 51.61 -24.70
C ASN T 361 -4.95 50.75 -25.11
N VAL T 362 -6.00 50.78 -24.30
CA VAL T 362 -7.24 50.07 -24.56
C VAL T 362 -8.35 51.10 -24.70
N ILE T 363 -9.10 51.02 -25.80
CA ILE T 363 -10.11 52.02 -26.14
C ILE T 363 -11.43 51.32 -26.38
N MET T 364 -12.50 51.84 -25.78
CA MET T 364 -13.83 51.29 -25.96
C MET T 364 -14.81 52.42 -26.28
N SER T 365 -15.83 52.08 -27.05
CA SER T 365 -16.83 53.06 -27.48
C SER T 365 -17.89 53.21 -26.39
N ARG T 366 -18.94 53.97 -26.69
CA ARG T 366 -20.03 54.16 -25.75
C ARG T 366 -20.90 52.92 -25.70
N SER T 367 -21.77 52.87 -24.69
CA SER T 367 -22.72 51.79 -24.58
C SER T 367 -23.76 51.88 -25.69
N ALA T 368 -24.38 50.74 -26.00
CA ALA T 368 -25.43 50.65 -27.02
C ALA T 368 -24.90 51.02 -28.39
N SER T 369 -24.58 52.30 -28.60
CA SER T 369 -24.03 52.73 -29.88
C SER T 369 -22.64 52.16 -30.08
N TYR T 370 -22.33 51.78 -31.33
CA TYR T 370 -21.08 51.12 -31.65
C TYR T 370 -20.16 51.97 -32.52
N PHE T 371 -20.58 53.18 -32.89
CA PHE T 371 -19.81 54.02 -33.81
C PHE T 371 -19.63 55.42 -33.25
N ALA T 372 -19.53 55.53 -31.93
CA ALA T 372 -19.37 56.84 -31.28
C ALA T 372 -18.24 56.74 -30.27
N PHE T 373 -17.22 57.57 -30.44
CA PHE T 373 -16.09 57.63 -29.53
C PHE T 373 -16.01 58.97 -28.80
N PHE T 374 -17.07 59.78 -28.82
CA PHE T 374 -17.08 61.06 -28.16
C PHE T 374 -18.27 61.15 -27.21
N PRO T 375 -18.11 61.82 -26.06
CA PRO T 375 -19.22 61.92 -25.11
C PRO T 375 -20.34 62.81 -25.63
N LYS T 376 -21.45 62.79 -24.92
CA LYS T 376 -22.63 63.56 -25.32
C LYS T 376 -22.49 65.02 -24.93
N SER T 377 -22.37 65.30 -23.64
CA SER T 377 -22.28 66.66 -23.13
C SER T 377 -21.16 66.77 -22.11
N VAL T 378 -20.37 67.84 -22.22
CA VAL T 378 -19.31 68.08 -21.25
C VAL T 378 -19.89 68.44 -19.89
N ALA T 379 -20.99 69.17 -19.86
CA ALA T 379 -21.58 69.67 -18.62
C ALA T 379 -21.87 68.55 -17.62
N THR T 380 -22.74 67.62 -18.00
CA THR T 380 -23.07 66.53 -17.10
C THR T 380 -22.15 65.33 -17.35
N LEU T 381 -22.05 64.48 -16.34
CA LEU T 381 -21.26 63.25 -16.41
C LEU T 381 -22.21 62.06 -16.29
N SER T 382 -22.13 61.15 -17.25
CA SER T 382 -22.97 59.96 -17.28
C SER T 382 -22.11 58.72 -17.10
N ASP T 383 -22.75 57.55 -17.18
CA ASP T 383 -22.06 56.27 -17.05
C ASP T 383 -22.03 55.51 -18.37
N ALA T 384 -22.23 56.20 -19.49
CA ALA T 384 -22.18 55.61 -20.82
C ALA T 384 -21.15 56.33 -21.68
N ASP T 385 -20.05 56.75 -21.06
CA ASP T 385 -18.98 57.47 -21.74
C ASP T 385 -17.89 56.51 -22.19
N PRO T 386 -17.17 56.86 -23.25
CA PRO T 386 -16.07 56.01 -23.70
C PRO T 386 -14.96 55.93 -22.67
N ILE T 387 -14.23 54.82 -22.69
CA ILE T 387 -13.18 54.53 -21.72
C ILE T 387 -11.84 54.53 -22.44
N ASP T 388 -10.81 55.01 -21.75
CA ASP T 388 -9.46 55.05 -22.32
C ASP T 388 -8.46 54.99 -21.18
N VAL T 389 -7.63 53.94 -21.17
CA VAL T 389 -6.62 53.75 -20.13
C VAL T 389 -5.30 53.36 -20.77
N ALA T 390 -4.29 53.09 -19.95
CA ALA T 390 -2.99 52.68 -20.43
C ALA T 390 -2.40 51.65 -19.48
N VAL T 391 -1.49 50.83 -20.01
CA VAL T 391 -0.83 49.79 -19.24
C VAL T 391 0.64 49.75 -19.64
N SER T 392 1.51 49.56 -18.65
CA SER T 392 2.95 49.52 -18.89
C SER T 392 3.60 48.54 -17.94
N HIS T 393 4.76 48.01 -18.36
CA HIS T 393 5.53 47.05 -17.59
C HIS T 393 6.99 47.32 -17.88
N PRO T 394 7.89 47.07 -16.92
CA PRO T 394 9.32 47.33 -17.16
C PRO T 394 9.89 46.53 -18.33
N ARG T 395 9.35 45.34 -18.58
CA ARG T 395 9.87 44.51 -19.67
C ARG T 395 9.54 45.06 -21.04
N ILE T 396 8.65 46.05 -21.13
CA ILE T 396 8.23 46.68 -22.38
C ILE T 396 7.42 45.68 -23.20
N SER T 397 6.16 46.01 -23.48
CA SER T 397 5.27 45.09 -24.16
C SER T 397 4.28 45.86 -25.03
N ILE T 398 3.83 45.22 -26.09
CA ILE T 398 2.82 45.76 -26.98
C ILE T 398 1.71 44.73 -27.13
N LEU T 399 0.48 45.15 -26.88
CA LEU T 399 -0.66 44.23 -26.94
C LEU T 399 -0.91 43.80 -28.39
N LYS T 400 -1.15 42.49 -28.57
CA LYS T 400 -1.32 41.96 -29.92
C LYS T 400 -2.56 41.10 -30.07
N TYR T 401 -2.98 40.41 -29.01
CA TYR T 401 -4.11 39.50 -29.11
C TYR T 401 -5.00 39.63 -27.88
N ALA T 402 -6.29 39.39 -28.09
CA ALA T 402 -7.29 39.38 -27.02
C ALA T 402 -8.05 38.07 -27.07
N VAL T 403 -8.09 37.36 -25.94
CA VAL T 403 -8.71 36.04 -25.89
C VAL T 403 -9.66 35.93 -24.70
N PRO T 404 -10.93 35.59 -24.92
CA PRO T 404 -11.82 35.32 -23.80
C PRO T 404 -11.67 33.89 -23.31
N PHE T 405 -11.69 33.73 -21.98
CA PHE T 405 -11.45 32.41 -21.39
C PHE T 405 -11.94 32.39 -19.95
N SER T 406 -12.71 31.36 -19.63
CA SER T 406 -13.15 31.07 -18.26
C SER T 406 -13.78 32.29 -17.59
N GLU T 407 -14.78 32.84 -18.29
CA GLU T 407 -15.57 33.96 -17.78
C GLU T 407 -14.69 35.17 -17.47
N GLN T 408 -13.67 35.36 -18.29
CA GLN T 408 -12.75 36.49 -18.16
C GLN T 408 -12.23 36.85 -19.54
N LEU T 409 -11.53 37.97 -19.61
CA LEU T 409 -10.88 38.42 -20.84
C LEU T 409 -9.39 38.59 -20.58
N LEU T 410 -8.57 38.10 -21.50
CA LEU T 410 -7.13 38.11 -21.35
C LEU T 410 -6.48 38.83 -22.53
N LEU T 411 -5.46 39.63 -22.23
CA LEU T 411 -4.69 40.35 -23.24
C LEU T 411 -3.26 39.82 -23.22
N TRP T 412 -2.78 39.38 -24.37
CA TRP T 412 -1.48 38.71 -24.48
C TRP T 412 -0.49 39.57 -25.25
N SER T 413 0.61 39.89 -24.59
CA SER T 413 1.76 40.49 -25.27
C SER T 413 2.76 39.41 -25.64
N ASP T 414 3.98 39.81 -26.02
CA ASP T 414 5.02 38.83 -26.32
C ASP T 414 5.81 38.36 -25.11
N GLU T 415 5.68 39.01 -23.95
CA GLU T 415 6.37 38.55 -22.74
C GLU T 415 5.49 38.45 -21.51
N VAL T 416 4.37 39.18 -21.43
CA VAL T 416 3.53 39.18 -20.24
C VAL T 416 2.09 38.95 -20.66
N GLN T 417 1.25 38.57 -19.69
CA GLN T 417 -0.17 38.34 -19.91
C GLN T 417 -0.96 39.08 -18.84
N PHE T 418 -1.96 39.83 -19.26
CA PHE T 418 -2.75 40.66 -18.37
C PHE T 418 -4.15 40.10 -18.19
N VAL T 419 -4.78 40.49 -17.09
CA VAL T 419 -6.15 40.11 -16.76
C VAL T 419 -6.94 41.38 -16.48
N MET T 420 -8.09 41.51 -17.13
CA MET T 420 -8.94 42.69 -16.97
C MET T 420 -10.17 42.37 -16.15
N THR T 421 -10.48 43.25 -15.19
CA THR T 421 -11.63 43.06 -14.33
C THR T 421 -12.15 44.43 -13.88
N SER T 422 -13.21 44.41 -13.10
CA SER T 422 -13.82 45.64 -12.60
C SER T 422 -14.26 45.44 -11.16
N SER T 423 -14.59 46.55 -10.50
CA SER T 423 -15.01 46.53 -9.11
C SER T 423 -16.46 46.95 -8.97
N GLY T 424 -17.33 46.45 -9.84
CA GLY T 424 -18.72 46.84 -9.85
C GLY T 424 -19.20 47.10 -11.27
N VAL T 425 -20.04 48.12 -11.45
CA VAL T 425 -20.46 48.49 -12.79
C VAL T 425 -19.27 49.08 -13.52
N LEU T 426 -19.03 48.59 -14.74
CA LEU T 426 -17.85 48.99 -15.50
C LEU T 426 -17.99 50.44 -15.95
N THR T 427 -17.10 51.31 -15.45
CA THR T 427 -17.06 52.70 -15.85
C THR T 427 -15.61 53.08 -16.11
N SER T 428 -15.40 54.37 -16.40
CA SER T 428 -14.04 54.85 -16.63
C SER T 428 -13.26 55.03 -15.34
N LYS T 429 -13.88 54.83 -14.19
CA LYS T 429 -13.23 55.04 -12.90
C LYS T 429 -13.08 53.75 -12.09
N SER T 430 -13.57 52.62 -12.59
CA SER T 430 -13.56 51.37 -11.84
C SER T 430 -13.08 50.21 -12.71
N ILE T 431 -11.99 50.41 -13.45
CA ILE T 431 -11.43 49.38 -14.32
C ILE T 431 -10.00 49.11 -13.88
N GLN T 432 -9.62 47.83 -13.86
CA GLN T 432 -8.34 47.40 -13.33
C GLN T 432 -7.64 46.46 -14.30
N LEU T 433 -6.31 46.53 -14.33
CA LEU T 433 -5.48 45.64 -15.12
C LEU T 433 -4.34 45.13 -14.25
N ASP T 434 -4.07 43.82 -14.30
CA ASP T 434 -3.07 43.20 -13.45
C ASP T 434 -2.26 42.19 -14.26
N VAL T 435 -1.13 41.77 -13.68
CA VAL T 435 -0.21 40.83 -14.31
C VAL T 435 -0.51 39.43 -13.83
N GLY T 436 -0.58 38.48 -14.76
CA GLY T 436 -0.97 37.13 -14.41
C GLY T 436 0.07 36.05 -14.63
N SER T 437 0.94 36.20 -15.63
CA SER T 437 1.89 35.15 -15.97
C SER T 437 3.09 35.77 -16.67
N GLU T 438 4.12 34.94 -16.85
CA GLU T 438 5.39 35.41 -17.39
C GLU T 438 5.95 34.39 -18.38
N PHE T 439 5.11 33.90 -19.28
CA PHE T 439 5.54 32.94 -20.29
C PHE T 439 6.01 33.68 -21.54
N ALA T 440 6.27 32.96 -22.62
CA ALA T 440 6.72 33.55 -23.87
C ALA T 440 6.00 32.88 -25.03
N LEU T 441 5.85 33.61 -26.12
CA LEU T 441 5.12 33.10 -27.28
C LEU T 441 5.50 33.91 -28.51
N GLY T 442 5.09 33.40 -29.68
CA GLY T 442 5.33 34.06 -30.94
C GLY T 442 4.06 34.70 -31.48
N ASP T 443 4.24 35.53 -32.50
CA ASP T 443 3.18 36.39 -33.03
C ASP T 443 2.91 36.07 -34.50
N THR T 444 2.88 34.79 -34.83
CA THR T 444 2.63 34.37 -36.20
C THR T 444 1.39 33.49 -36.38
N ALA T 445 0.78 33.02 -35.29
CA ALA T 445 -0.40 32.16 -35.38
C ALA T 445 -1.36 32.50 -34.27
N ARG T 446 -2.62 32.72 -34.63
CA ARG T 446 -3.64 33.03 -33.64
C ARG T 446 -3.90 31.81 -32.76
N PRO T 447 -4.00 31.96 -31.44
CA PRO T 447 -4.26 30.81 -30.57
C PRO T 447 -5.60 30.16 -30.89
N PHE T 448 -5.66 28.85 -30.67
CA PHE T 448 -6.86 28.06 -30.91
C PHE T 448 -7.40 27.53 -29.59
N ALA T 449 -8.72 27.44 -29.49
CA ALA T 449 -9.38 27.06 -28.25
C ALA T 449 -10.26 25.85 -28.47
N VAL T 450 -10.02 24.78 -27.71
CA VAL T 450 -10.81 23.57 -27.76
C VAL T 450 -11.11 23.12 -26.34
N GLY T 451 -12.38 22.85 -26.06
CA GLY T 451 -12.75 22.34 -24.75
C GLY T 451 -12.45 23.35 -23.66
N ARG T 452 -11.44 23.03 -22.84
CA ARG T 452 -11.00 23.88 -21.76
C ARG T 452 -9.51 24.19 -21.87
N SER T 453 -9.00 24.27 -23.09
CA SER T 453 -7.57 24.44 -23.30
C SER T 453 -7.34 25.40 -24.46
N VAL T 454 -6.14 25.99 -24.47
CA VAL T 454 -5.72 26.90 -25.52
C VAL T 454 -4.32 26.49 -25.97
N PHE T 455 -4.12 26.35 -27.27
CA PHE T 455 -2.84 25.94 -27.84
C PHE T 455 -2.20 27.12 -28.54
N PHE T 456 -0.90 27.33 -28.30
CA PHE T 456 -0.15 28.38 -28.95
C PHE T 456 1.27 27.91 -29.21
N SER T 457 1.93 28.56 -30.17
CA SER T 457 3.27 28.18 -30.59
C SER T 457 4.32 28.98 -29.83
N ALA T 458 5.57 28.49 -29.87
CA ALA T 458 6.68 29.14 -29.20
C ALA T 458 7.99 28.77 -29.89
N PRO T 459 8.56 29.66 -30.70
CA PRO T 459 9.75 29.31 -31.48
C PRO T 459 10.97 29.14 -30.59
N ARG T 460 11.96 28.43 -31.12
CA ARG T 460 13.20 28.16 -30.41
C ARG T 460 14.36 28.30 -31.41
N GLY T 461 15.54 27.78 -31.06
CA GLY T 461 16.72 27.90 -31.90
C GLY T 461 16.53 27.53 -33.36
N SER T 462 16.24 26.26 -33.63
CA SER T 462 16.02 25.79 -34.99
C SER T 462 14.73 25.01 -35.17
N PHE T 463 13.95 24.81 -34.11
CA PHE T 463 12.70 24.09 -34.19
C PHE T 463 11.66 24.82 -33.34
N THR T 464 10.41 24.38 -33.47
CA THR T 464 9.28 25.02 -32.82
C THR T 464 8.71 24.09 -31.75
N SER T 465 7.96 24.66 -30.81
CA SER T 465 7.34 23.91 -29.74
C SER T 465 5.89 24.33 -29.61
N ILE T 466 5.07 23.41 -29.10
CA ILE T 466 3.63 23.64 -28.91
C ILE T 466 3.32 23.48 -27.43
N LYS T 467 2.63 24.46 -26.86
CA LYS T 467 2.28 24.43 -25.44
C LYS T 467 0.77 24.47 -25.27
N ARG T 468 0.33 24.15 -24.06
CA ARG T 468 -1.09 24.06 -23.73
C ARG T 468 -1.36 24.90 -22.49
N TYR T 469 -2.44 25.68 -22.53
CA TYR T 469 -2.80 26.60 -21.45
C TYR T 469 -4.08 26.09 -20.78
N PHE T 470 -3.97 25.70 -19.52
CA PHE T 470 -5.10 25.19 -18.76
C PHE T 470 -5.16 25.90 -17.40
N ALA T 471 -6.05 25.42 -16.54
CA ALA T 471 -6.24 25.99 -15.22
C ALA T 471 -6.07 24.91 -14.17
N VAL T 472 -5.31 25.21 -13.12
CA VAL T 472 -5.11 24.27 -12.03
C VAL T 472 -6.45 24.00 -11.34
N ALA T 473 -6.66 22.74 -10.95
CA ALA T 473 -7.96 22.32 -10.44
C ALA T 473 -8.19 22.77 -9.00
N ASP T 474 -7.37 22.27 -8.08
CA ASP T 474 -7.60 22.56 -6.66
C ASP T 474 -7.44 24.04 -6.36
N VAL T 475 -6.49 24.69 -7.02
CA VAL T 475 -6.22 26.09 -6.74
C VAL T 475 -7.25 26.96 -7.46
N SER T 476 -7.53 28.12 -6.86
CA SER T 476 -8.43 29.11 -7.45
C SER T 476 -7.64 30.20 -8.14
N ASP T 477 -7.87 30.36 -9.43
CA ASP T 477 -7.25 31.42 -10.24
C ASP T 477 -5.72 31.32 -10.25
N VAL T 478 -5.23 30.18 -10.73
CA VAL T 478 -3.82 29.99 -11.01
C VAL T 478 -3.72 29.20 -12.32
N LYS T 479 -2.99 29.74 -13.29
CA LYS T 479 -2.89 29.15 -14.61
C LYS T 479 -1.46 28.69 -14.88
N ASP T 480 -1.35 27.63 -15.67
CA ASP T 480 -0.06 27.04 -16.00
C ASP T 480 0.03 26.84 -17.51
N ALA T 481 1.23 26.47 -17.96
CA ALA T 481 1.49 26.20 -19.37
C ALA T 481 2.37 24.97 -19.48
N ASP T 482 1.82 23.89 -19.99
CA ASP T 482 2.54 22.64 -20.16
C ASP T 482 3.09 22.53 -21.59
N ASP T 483 4.12 21.71 -21.74
CA ASP T 483 4.77 21.50 -23.02
C ASP T 483 4.36 20.13 -23.55
N THR T 484 3.63 20.12 -24.67
CA THR T 484 3.20 18.86 -25.27
C THR T 484 4.37 18.17 -25.97
N THR T 485 5.17 18.92 -26.72
CA THR T 485 6.29 18.35 -27.48
C THR T 485 7.54 18.32 -26.61
N GLY T 486 7.47 17.50 -25.56
CA GLY T 486 8.59 17.34 -24.66
C GLY T 486 9.56 16.26 -25.10
N HIS T 487 9.00 15.13 -25.52
CA HIS T 487 9.85 14.00 -25.94
C HIS T 487 10.32 14.16 -27.37
N VAL T 488 9.47 14.69 -28.25
CA VAL T 488 9.88 14.97 -29.64
C VAL T 488 10.28 16.44 -29.69
N LEU T 489 11.57 16.70 -29.47
CA LEU T 489 12.09 18.06 -29.39
C LEU T 489 12.75 18.52 -30.68
N SER T 490 12.82 17.67 -31.70
CA SER T 490 13.43 18.05 -32.96
C SER T 490 12.62 17.55 -34.14
N TYR T 491 11.30 17.73 -34.10
CA TYR T 491 10.42 17.14 -35.10
C TYR T 491 9.88 18.19 -36.07
N ILE T 492 9.33 19.28 -35.54
CA ILE T 492 8.68 20.30 -36.36
C ILE T 492 9.66 21.39 -36.74
N PRO T 493 9.84 21.69 -38.03
CA PRO T 493 10.75 22.77 -38.41
C PRO T 493 10.19 24.14 -38.13
N ASN T 494 10.91 25.19 -38.54
CA ASN T 494 10.53 26.57 -38.22
C ASN T 494 9.70 27.15 -39.35
N GLY T 495 8.72 27.99 -38.99
CA GLY T 495 7.90 28.65 -39.97
C GLY T 495 6.42 28.29 -39.89
N VAL T 496 5.94 27.98 -38.69
CA VAL T 496 4.54 27.63 -38.51
C VAL T 496 3.66 28.84 -38.80
N PHE T 497 2.58 28.61 -39.55
CA PHE T 497 1.70 29.72 -39.88
C PHE T 497 0.21 29.36 -39.82
N ASP T 498 -0.16 28.29 -39.11
CA ASP T 498 -1.57 27.93 -38.99
C ASP T 498 -1.81 26.86 -37.93
N ILE T 499 -2.95 26.95 -37.24
CA ILE T 499 -3.37 25.94 -36.27
C ILE T 499 -4.88 25.72 -36.41
N GLN T 500 -5.28 24.49 -36.72
CA GLN T 500 -6.68 24.15 -36.88
C GLN T 500 -7.03 22.91 -36.05
N GLY T 501 -8.29 22.51 -36.11
CA GLY T 501 -8.74 21.33 -35.40
C GLY T 501 -10.24 21.33 -35.22
N THR T 502 -10.71 20.24 -34.62
CA THR T 502 -12.13 20.06 -34.32
C THR T 502 -12.30 19.64 -32.87
N GLY T 503 -13.56 19.47 -32.46
CA GLY T 503 -13.87 19.08 -31.11
C GLY T 503 -14.68 17.81 -31.02
N THR T 504 -15.10 17.28 -32.18
CA THR T 504 -15.82 16.02 -32.24
C THR T 504 -14.92 14.83 -32.54
N GLU T 505 -13.68 15.07 -32.99
CA GLU T 505 -12.73 14.01 -33.25
C GLU T 505 -11.45 14.11 -32.43
N ASN T 506 -11.25 15.21 -31.70
CA ASN T 506 -10.12 15.37 -30.80
C ASN T 506 -8.78 15.27 -31.53
N TYR T 507 -8.49 16.21 -32.43
CA TYR T 507 -7.19 16.24 -33.09
C TYR T 507 -6.89 17.66 -33.53
N ILE T 508 -5.61 17.89 -33.83
CA ILE T 508 -5.11 19.20 -34.25
C ILE T 508 -4.13 19.00 -35.40
N CYS T 509 -4.24 19.85 -36.43
CA CYS T 509 -3.35 19.81 -37.57
C CYS T 509 -2.54 21.09 -37.63
N VAL T 510 -1.26 20.98 -38.01
CA VAL T 510 -0.33 22.09 -38.03
C VAL T 510 0.36 22.13 -39.39
N ASN T 511 0.38 23.31 -40.00
CA ASN T 511 1.09 23.55 -41.24
C ASN T 511 2.38 24.31 -40.97
N SER T 512 3.29 24.26 -41.94
CA SER T 512 4.56 24.95 -41.81
C SER T 512 5.14 25.19 -43.20
N THR T 513 6.16 26.04 -43.27
CA THR T 513 6.82 26.37 -44.53
C THR T 513 8.16 25.69 -44.70
N GLY T 514 8.63 24.94 -43.71
CA GLY T 514 9.85 24.15 -43.91
C GLY T 514 9.64 23.05 -44.93
N ALA T 515 8.53 22.34 -44.83
CA ALA T 515 8.15 21.30 -45.78
C ALA T 515 6.72 21.59 -46.24
N TYR T 516 6.52 21.72 -47.56
CA TYR T 516 5.24 22.12 -48.12
C TYR T 516 4.37 20.93 -48.51
N ASN T 517 4.73 19.72 -48.09
CA ASN T 517 3.92 18.54 -48.42
C ASN T 517 3.72 17.63 -47.22
N ARG T 518 3.63 18.18 -46.02
CA ARG T 518 3.40 17.40 -44.82
C ARG T 518 2.37 18.10 -43.93
N ILE T 519 1.64 17.30 -43.16
CA ILE T 519 0.69 17.78 -42.18
C ILE T 519 0.93 17.02 -40.89
N TYR T 520 1.23 17.74 -39.80
CA TYR T 520 1.50 17.13 -38.52
C TYR T 520 0.24 17.07 -37.68
N ILE T 521 0.02 15.93 -37.02
CA ILE T 521 -1.24 15.64 -36.36
C ILE T 521 -0.99 15.21 -34.93
N TYR T 522 -1.82 15.72 -34.02
CA TYR T 522 -1.76 15.40 -32.59
C TYR T 522 -3.11 14.87 -32.16
N LYS T 523 -3.11 13.75 -31.44
CA LYS T 523 -4.32 13.08 -31.01
C LYS T 523 -4.32 12.92 -29.49
N PHE T 524 -5.43 13.30 -28.86
CA PHE T 524 -5.51 13.29 -27.40
C PHE T 524 -6.90 12.82 -26.96
N LEU T 525 -7.02 12.59 -25.65
CA LEU T 525 -8.29 12.19 -25.05
C LEU T 525 -8.21 12.42 -23.56
N PHE T 526 -9.27 13.01 -22.99
CA PHE T 526 -9.32 13.34 -21.58
C PHE T 526 -10.48 12.62 -20.91
N LYS T 527 -10.31 12.34 -19.62
CA LYS T 527 -11.32 11.65 -18.83
C LYS T 527 -11.07 11.95 -17.37
N ASP T 528 -12.01 12.66 -16.74
CA ASP T 528 -11.93 12.99 -15.31
C ASP T 528 -10.66 13.77 -14.98
N GLY T 529 -10.22 14.61 -15.91
CA GLY T 529 -9.09 15.48 -15.65
C GLY T 529 -7.73 14.82 -15.69
N VAL T 530 -7.61 13.64 -16.29
CA VAL T 530 -6.32 12.99 -16.48
C VAL T 530 -6.20 12.57 -17.94
N GLN T 531 -5.05 12.84 -18.55
CA GLN T 531 -4.86 12.52 -19.95
C GLN T 531 -4.57 11.04 -20.13
N LEU T 532 -5.06 10.48 -21.24
CA LEU T 532 -4.93 9.06 -21.50
C LEU T 532 -4.28 8.74 -22.85
N GLN T 533 -3.95 9.73 -23.66
CA GLN T 533 -3.39 9.47 -24.97
C GLN T 533 -2.71 10.73 -25.51
N ALA T 534 -1.56 10.54 -26.15
CA ALA T 534 -0.85 11.63 -26.80
C ALA T 534 0.09 11.03 -27.83
N SER T 535 -0.19 11.26 -29.12
CA SER T 535 0.59 10.67 -30.20
C SER T 535 0.90 11.73 -31.25
N TRP T 536 2.11 11.68 -31.80
CA TRP T 536 2.55 12.60 -32.85
C TRP T 536 2.90 11.80 -34.10
N SER T 537 2.36 12.21 -35.24
CA SER T 537 2.65 11.57 -36.52
C SER T 537 2.36 12.59 -37.62
N HIS T 538 2.52 12.17 -38.87
CA HIS T 538 2.31 13.08 -39.98
C HIS T 538 1.94 12.31 -41.24
N TRP T 539 1.16 12.96 -42.10
CA TRP T 539 0.80 12.45 -43.41
C TRP T 539 1.77 12.99 -44.45
N GLU T 540 1.61 12.52 -45.70
CA GLU T 540 2.54 12.95 -46.74
C GLU T 540 1.89 12.80 -48.11
N PHE T 541 1.95 13.87 -48.89
CA PHE T 541 1.44 13.96 -50.26
C PHE T 541 2.61 13.87 -51.24
N PRO T 542 2.37 13.86 -52.57
CA PRO T 542 3.49 13.77 -53.52
C PRO T 542 4.59 14.80 -53.31
N LYS T 543 5.71 14.60 -54.02
CA LYS T 543 6.95 15.31 -53.70
C LYS T 543 6.81 16.81 -53.87
N ASP T 544 6.60 17.27 -55.10
CA ASP T 544 6.60 18.70 -55.41
C ASP T 544 5.17 19.23 -55.42
N ASP T 545 4.62 19.38 -54.23
CA ASP T 545 3.28 19.93 -54.04
C ASP T 545 3.30 20.87 -52.85
N LYS T 546 2.33 21.78 -52.81
CA LYS T 546 2.19 22.74 -51.73
C LYS T 546 0.78 22.71 -51.18
N ILE T 547 0.64 22.63 -49.87
CA ILE T 547 -0.66 22.65 -49.21
C ILE T 547 -0.90 24.06 -48.70
N LEU T 548 -1.90 24.73 -49.27
CA LEU T 548 -2.14 26.14 -48.96
C LEU T 548 -3.12 26.34 -47.81
N ALA T 549 -4.09 25.44 -47.64
CA ALA T 549 -5.07 25.61 -46.58
C ALA T 549 -5.69 24.26 -46.26
N SER T 550 -6.05 24.08 -44.99
CA SER T 550 -6.70 22.85 -44.54
C SER T 550 -7.49 23.18 -43.28
N ALA T 551 -8.80 23.35 -43.43
CA ALA T 551 -9.70 23.68 -42.34
C ALA T 551 -10.81 22.66 -42.28
N SER T 552 -11.41 22.51 -41.10
CA SER T 552 -12.37 21.44 -40.84
C SER T 552 -13.64 22.01 -40.24
N ILE T 553 -14.77 21.47 -40.68
CA ILE T 553 -16.09 21.87 -40.18
C ILE T 553 -16.88 20.63 -39.76
N GLY T 554 -16.79 20.28 -38.49
CA GLY T 554 -17.47 19.09 -38.00
C GLY T 554 -16.65 17.84 -38.18
N SER T 555 -16.93 17.06 -39.22
CA SER T 555 -16.21 15.82 -39.49
C SER T 555 -15.65 15.76 -40.90
N THR T 556 -15.51 16.89 -41.57
CA THR T 556 -14.96 16.95 -42.92
C THR T 556 -13.81 17.94 -42.98
N MET T 557 -12.81 17.64 -43.80
CA MET T 557 -11.64 18.49 -43.95
C MET T 557 -11.48 18.86 -45.42
N PHE T 558 -11.40 20.17 -45.69
CA PHE T 558 -11.21 20.65 -47.06
C PHE T 558 -9.74 20.98 -47.29
N ILE T 559 -9.22 20.58 -48.44
CA ILE T 559 -7.81 20.73 -48.75
C ILE T 559 -7.67 21.44 -50.09
N VAL T 560 -6.70 22.36 -50.15
CA VAL T 560 -6.36 23.09 -51.37
C VAL T 560 -4.90 22.80 -51.68
N ARG T 561 -4.63 22.32 -52.90
CA ARG T 561 -3.32 21.84 -53.27
C ARG T 561 -2.89 22.44 -54.61
N GLN T 562 -1.61 22.76 -54.74
CA GLN T 562 -1.06 23.36 -55.95
C GLN T 562 0.00 22.43 -56.54
N HIS T 563 -0.14 22.11 -57.81
CA HIS T 563 0.80 21.27 -58.53
C HIS T 563 1.25 21.99 -59.81
N GLN T 564 1.95 21.27 -60.68
CA GLN T 564 2.47 21.83 -61.93
C GLN T 564 1.37 22.25 -62.90
N GLY T 565 0.14 21.82 -62.68
CA GLY T 565 -0.95 22.16 -63.58
C GLY T 565 -1.77 23.35 -63.13
N GLY T 566 -2.11 23.38 -61.84
CA GLY T 566 -2.95 24.45 -61.31
C GLY T 566 -3.30 24.29 -59.85
N VAL T 567 -4.57 24.47 -59.51
CA VAL T 567 -5.05 24.40 -58.13
C VAL T 567 -6.30 23.55 -58.09
N ASP T 568 -6.39 22.69 -57.08
CA ASP T 568 -7.51 21.77 -56.93
C ASP T 568 -8.06 21.86 -55.51
N ILE T 569 -9.32 21.46 -55.36
CA ILE T 569 -10.00 21.44 -54.06
C ILE T 569 -10.59 20.05 -53.86
N GLU T 570 -10.44 19.52 -52.65
CA GLU T 570 -10.77 18.13 -52.38
C GLU T 570 -11.44 17.99 -51.01
N HIS T 571 -12.07 16.83 -50.81
CA HIS T 571 -12.78 16.52 -49.57
C HIS T 571 -12.14 15.31 -48.90
N LEU T 572 -12.47 15.12 -47.61
CA LEU T 572 -11.95 14.00 -46.83
C LEU T 572 -12.89 13.77 -45.66
N LYS T 573 -13.64 12.68 -45.68
CA LYS T 573 -14.65 12.40 -44.67
C LYS T 573 -14.21 11.28 -43.73
N PHE T 574 -15.09 10.97 -42.79
CA PHE T 574 -14.82 9.98 -41.74
C PHE T 574 -16.01 9.03 -41.57
N ILE T 575 -16.56 8.57 -42.69
CA ILE T 575 -17.70 7.66 -42.65
C ILE T 575 -17.24 6.29 -42.20
N LYS T 576 -18.19 5.42 -41.86
CA LYS T 576 -17.85 4.08 -41.38
C LYS T 576 -19.00 3.15 -41.75
N GLU T 577 -18.66 1.92 -42.14
CA GLU T 577 -19.59 0.99 -42.79
C GLU T 577 -20.38 1.66 -43.91
N ALA T 578 -19.70 2.47 -44.72
CA ALA T 578 -20.37 3.11 -45.84
C ALA T 578 -19.34 3.37 -46.93
N THR T 579 -19.84 3.56 -48.15
CA THR T 579 -19.00 3.87 -49.30
C THR T 579 -19.19 5.34 -49.69
N ASP T 580 -18.35 5.80 -50.60
CA ASP T 580 -18.45 7.16 -51.12
C ASP T 580 -19.31 7.25 -52.37
N PHE T 581 -19.75 6.11 -52.91
CA PHE T 581 -20.59 6.08 -54.10
C PHE T 581 -21.63 4.98 -53.95
N PRO T 582 -22.78 5.08 -54.61
CA PRO T 582 -23.83 4.06 -54.41
C PRO T 582 -23.43 2.65 -54.81
N SER T 583 -22.62 2.51 -55.85
CA SER T 583 -22.30 1.19 -56.41
C SER T 583 -20.79 0.94 -56.26
N GLU T 584 -20.41 0.33 -55.13
CA GLU T 584 -19.04 -0.08 -54.88
C GLU T 584 -19.03 -1.40 -54.13
N PRO T 585 -18.06 -2.26 -54.37
CA PRO T 585 -17.94 -3.48 -53.54
C PRO T 585 -17.58 -3.17 -52.10
N TYR T 586 -16.56 -2.33 -51.89
CA TYR T 586 -16.15 -1.89 -50.57
C TYR T 586 -15.58 -0.48 -50.73
N ARG T 587 -14.94 0.02 -49.68
CA ARG T 587 -14.38 1.37 -49.73
C ARG T 587 -12.96 1.28 -50.26
N LEU T 588 -12.77 1.70 -51.52
CA LEU T 588 -11.45 1.70 -52.12
C LEU T 588 -10.57 2.74 -51.45
N HIS T 589 -9.26 2.52 -51.50
CA HIS T 589 -8.32 3.39 -50.81
C HIS T 589 -7.33 4.05 -51.77
N ILE T 590 -7.82 4.59 -52.88
CA ILE T 590 -6.99 5.31 -53.82
C ILE T 590 -7.26 6.80 -53.66
N ASP T 591 -6.37 7.62 -54.22
CA ASP T 591 -6.45 9.07 -54.09
C ASP T 591 -7.11 9.69 -55.31
N SER T 592 -7.83 10.79 -55.07
CA SER T 592 -8.52 11.54 -56.12
C SER T 592 -9.49 10.65 -56.89
N LYS T 593 -10.37 9.98 -56.16
CA LYS T 593 -11.35 9.11 -56.78
C LYS T 593 -12.31 9.91 -57.65
N VAL T 594 -12.71 9.31 -58.77
CA VAL T 594 -13.71 9.91 -59.65
C VAL T 594 -14.44 8.81 -60.40
N SER T 595 -15.78 8.89 -60.43
CA SER T 595 -16.56 7.91 -61.16
C SER T 595 -16.69 8.31 -62.62
N MET T 596 -17.02 7.34 -63.46
CA MET T 596 -17.13 7.59 -64.89
C MET T 596 -17.90 6.43 -65.53
N VAL T 597 -18.60 6.74 -66.61
CA VAL T 597 -19.34 5.75 -67.38
C VAL T 597 -18.81 5.78 -68.81
N ILE T 598 -18.41 4.62 -69.32
CA ILE T 598 -17.87 4.55 -70.69
C ILE T 598 -18.98 4.88 -71.68
N PRO T 599 -18.74 5.77 -72.65
CA PRO T 599 -19.84 6.18 -73.55
C PRO T 599 -20.28 5.09 -74.51
N ILE T 600 -21.22 5.44 -75.39
CA ILE T 600 -21.79 4.46 -76.31
C ILE T 600 -20.75 4.01 -77.33
N GLY T 601 -19.99 4.96 -77.87
CA GLY T 601 -18.95 4.64 -78.84
C GLY T 601 -17.98 3.60 -78.33
N SER T 602 -18.03 2.40 -78.90
CA SER T 602 -17.34 1.24 -78.36
C SER T 602 -16.38 0.67 -79.40
N TYR T 603 -15.10 0.63 -79.05
CA TYR T 603 -14.01 -0.01 -79.79
C TYR T 603 -14.19 -0.02 -81.31
N ASN T 604 -13.85 -1.13 -81.96
CA ASN T 604 -13.87 -1.21 -83.41
C ASN T 604 -13.96 -2.66 -83.89
N ALA T 605 -13.73 -2.89 -85.18
CA ALA T 605 -13.88 -4.23 -85.73
C ALA T 605 -12.55 -4.97 -85.81
N ASP T 606 -11.53 -4.31 -86.35
CA ASP T 606 -10.25 -4.97 -86.63
C ASP T 606 -9.54 -5.45 -85.39
N THR T 607 -9.51 -4.64 -84.34
CA THR T 607 -8.67 -4.89 -83.17
C THR T 607 -9.48 -5.09 -81.90
N TYR T 608 -10.75 -4.69 -81.90
CA TYR T 608 -11.68 -4.76 -80.76
C TYR T 608 -11.00 -4.35 -79.43
N LYS T 609 -10.26 -3.25 -79.49
CA LYS T 609 -9.83 -2.52 -78.29
C LYS T 609 -10.50 -1.16 -78.27
N THR T 610 -11.01 -0.78 -77.11
CA THR T 610 -11.77 0.46 -76.96
C THR T 610 -10.89 1.56 -76.38
N THR T 611 -11.29 2.80 -76.64
CA THR T 611 -10.61 3.98 -76.13
C THR T 611 -11.49 4.67 -75.10
N VAL T 612 -10.86 5.33 -74.13
CA VAL T 612 -11.55 5.88 -72.98
C VAL T 612 -11.55 7.41 -73.00
N ASP T 613 -10.38 8.02 -73.26
CA ASP T 613 -10.23 9.47 -73.21
C ASP T 613 -10.60 9.99 -71.83
N ILE T 614 -9.78 9.68 -70.83
CA ILE T 614 -10.11 9.97 -69.44
C ILE T 614 -10.30 11.47 -69.21
N GLY T 615 -9.79 12.29 -70.14
CA GLY T 615 -9.82 13.73 -69.99
C GLY T 615 -11.19 14.31 -69.68
N ALA T 616 -12.24 13.69 -70.23
CA ALA T 616 -13.60 14.17 -69.98
C ALA T 616 -13.96 14.07 -68.50
N ALA T 617 -13.54 12.98 -67.85
CA ALA T 617 -13.91 12.75 -66.46
C ALA T 617 -13.35 13.85 -65.55
N TYR T 618 -12.11 14.26 -65.78
CA TYR T 618 -11.47 15.28 -64.95
C TYR T 618 -11.76 16.69 -65.42
N GLY T 619 -13.04 17.01 -65.64
CA GLY T 619 -13.44 18.36 -66.01
C GLY T 619 -12.78 18.88 -67.27
N GLY T 620 -12.60 18.01 -68.26
CA GLY T 620 -11.97 18.41 -69.51
C GLY T 620 -10.55 18.91 -69.34
N ASN T 621 -9.82 18.32 -68.40
CA ASN T 621 -8.46 18.73 -68.11
C ASN T 621 -7.59 17.51 -67.86
N ALA T 622 -6.32 17.59 -68.27
CA ALA T 622 -5.40 16.51 -68.01
C ALA T 622 -5.08 16.43 -66.52
N PRO T 623 -5.04 15.23 -65.95
CA PRO T 623 -4.74 15.10 -64.53
C PRO T 623 -3.26 15.30 -64.25
N SER T 624 -2.95 15.42 -62.96
CA SER T 624 -1.57 15.62 -62.54
C SER T 624 -0.73 14.39 -62.85
N PRO T 625 0.58 14.56 -63.10
CA PRO T 625 1.43 13.43 -63.42
C PRO T 625 1.50 12.43 -62.27
N GLY T 626 1.62 11.15 -62.63
CA GLY T 626 1.69 10.10 -61.63
C GLY T 626 1.36 8.76 -62.24
N ARG T 627 1.06 7.82 -61.36
CA ARG T 627 0.68 6.46 -61.75
C ARG T 627 -0.75 6.19 -61.31
N TYR T 628 -1.56 5.64 -62.22
CA TYR T 628 -2.99 5.51 -62.01
C TYR T 628 -3.43 4.05 -62.20
N TYR T 629 -4.47 3.68 -61.48
CA TYR T 629 -5.08 2.36 -61.55
C TYR T 629 -6.45 2.47 -62.21
N LEU T 630 -7.13 1.33 -62.36
CA LEU T 630 -8.48 1.31 -62.92
C LEU T 630 -9.28 0.14 -62.37
N ILE T 631 -10.11 0.38 -61.36
CA ILE T 631 -10.91 -0.69 -60.77
C ILE T 631 -12.32 -0.67 -61.36
N ASP T 632 -12.81 -1.84 -61.74
CA ASP T 632 -14.14 -1.97 -62.29
C ASP T 632 -15.14 -2.17 -61.13
N SER T 633 -16.39 -2.50 -61.48
CA SER T 633 -17.44 -2.63 -60.48
C SER T 633 -17.45 -3.97 -59.77
N GLN T 634 -16.50 -4.85 -60.07
CA GLN T 634 -16.45 -6.17 -59.47
C GLN T 634 -15.26 -6.36 -58.53
N GLY T 635 -14.10 -5.81 -58.87
CA GLY T 635 -12.94 -5.91 -58.01
C GLY T 635 -11.63 -6.07 -58.74
N ALA T 636 -11.67 -6.53 -59.98
CA ALA T 636 -10.45 -6.65 -60.77
C ALA T 636 -9.93 -5.27 -61.14
N TYR T 637 -8.61 -5.14 -61.20
CA TYR T 637 -8.00 -3.85 -61.50
C TYR T 637 -6.85 -4.01 -62.48
N VAL T 638 -6.59 -2.96 -63.25
CA VAL T 638 -5.55 -2.96 -64.27
C VAL T 638 -4.54 -1.88 -63.89
N ASP T 639 -3.34 -1.92 -64.46
CA ASP T 639 -2.30 -0.97 -64.12
C ASP T 639 -1.91 -0.12 -65.32
N LEU T 640 -2.46 1.10 -65.39
CA LEU T 640 -2.09 2.01 -66.46
C LEU T 640 -0.69 2.57 -66.21
N GLY T 641 -0.04 3.02 -67.28
CA GLY T 641 1.27 3.61 -67.19
C GLY T 641 1.24 5.02 -66.65
N ASP T 642 2.43 5.60 -66.53
CA ASP T 642 2.54 6.98 -66.07
C ASP T 642 1.94 7.93 -67.09
N LEU T 643 1.10 8.84 -66.61
CA LEU T 643 0.42 9.79 -67.48
C LEU T 643 1.10 11.15 -67.43
N THR T 644 1.05 11.85 -68.56
CA THR T 644 1.61 13.18 -68.69
C THR T 644 0.56 14.12 -69.27
N SER T 645 0.93 15.39 -69.43
CA SER T 645 0.01 16.38 -69.97
C SER T 645 -0.34 16.06 -71.42
N ILE T 646 0.64 15.59 -72.20
CA ILE T 646 0.43 15.33 -73.62
C ILE T 646 -0.38 14.06 -73.88
N SER T 647 -0.53 13.20 -72.89
CA SER T 647 -1.23 11.93 -73.05
C SER T 647 -2.60 11.99 -72.39
N THR T 648 -3.64 11.68 -73.17
CA THR T 648 -4.99 11.70 -72.63
C THR T 648 -5.83 10.54 -73.17
N VAL T 649 -5.22 9.59 -73.89
CA VAL T 649 -5.94 8.52 -74.55
C VAL T 649 -5.33 7.19 -74.13
N ILE T 650 -6.19 6.24 -73.73
CA ILE T 650 -5.76 4.90 -73.34
C ILE T 650 -6.62 3.89 -74.07
N THR T 651 -6.16 2.63 -74.08
CA THR T 651 -6.84 1.55 -74.76
C THR T 651 -7.03 0.38 -73.81
N LEU T 652 -8.21 -0.24 -73.87
CA LEU T 652 -8.54 -1.41 -73.08
C LEU T 652 -8.88 -2.58 -73.99
N ASN T 653 -8.64 -3.79 -73.50
CA ASN T 653 -8.81 -4.99 -74.30
C ASN T 653 -10.20 -5.58 -74.06
N GLY T 654 -11.04 -5.59 -75.09
CA GLY T 654 -12.32 -6.25 -75.02
C GLY T 654 -13.46 -5.34 -75.43
N ASP T 655 -14.68 -5.87 -75.29
CA ASP T 655 -15.87 -5.14 -75.65
C ASP T 655 -16.06 -3.90 -74.79
N TRP T 656 -16.05 -4.09 -73.47
CA TRP T 656 -16.27 -3.03 -72.47
C TRP T 656 -17.56 -2.30 -72.82
N SER T 657 -17.60 -0.96 -72.75
CA SER T 657 -18.75 -0.13 -73.11
C SER T 657 -19.91 -0.30 -72.14
N GLY T 658 -20.63 0.79 -71.87
CA GLY T 658 -21.79 0.76 -71.00
C GLY T 658 -21.50 0.20 -69.62
N ARG T 659 -20.40 0.63 -69.02
CA ARG T 659 -19.97 0.09 -67.73
C ARG T 659 -19.51 1.22 -66.84
N THR T 660 -19.32 0.91 -65.56
CA THR T 660 -18.88 1.86 -64.56
C THR T 660 -17.48 1.48 -64.07
N VAL T 661 -16.62 2.49 -63.91
CA VAL T 661 -15.23 2.30 -63.55
C VAL T 661 -14.88 3.25 -62.42
N PHE T 662 -13.63 3.17 -61.96
CA PHE T 662 -13.12 4.04 -60.90
C PHE T 662 -11.65 4.29 -61.16
N ILE T 663 -11.19 5.52 -60.95
CA ILE T 663 -9.83 5.92 -61.28
C ILE T 663 -9.22 6.64 -60.10
N GLY T 664 -7.94 6.39 -59.85
CA GLY T 664 -7.25 7.04 -58.76
C GLY T 664 -5.78 6.67 -58.76
N ARG T 665 -5.11 7.03 -57.67
CA ARG T 665 -3.70 6.77 -57.45
C ARG T 665 -3.49 6.11 -56.11
N PRO T 666 -2.46 5.27 -55.97
CA PRO T 666 -2.21 4.61 -54.68
C PRO T 666 -1.22 5.37 -53.81
N TYR T 667 -1.27 5.13 -52.50
CA TYR T 667 -0.33 5.72 -51.55
C TYR T 667 0.14 4.65 -50.57
N LEU T 668 1.14 5.00 -49.78
CA LEU T 668 1.92 4.03 -49.01
C LEU T 668 1.74 4.21 -47.51
N MET T 669 1.84 3.09 -46.79
CA MET T 669 1.86 3.05 -45.34
C MET T 669 3.27 2.66 -44.89
N SER T 670 3.63 3.05 -43.67
CA SER T 670 4.91 2.68 -43.10
C SER T 670 4.83 2.72 -41.58
N TYR T 671 5.51 1.78 -40.94
CA TYR T 671 5.58 1.74 -39.47
C TYR T 671 6.79 0.90 -39.08
N LYS T 672 7.64 1.45 -38.22
CA LYS T 672 8.87 0.79 -37.80
C LYS T 672 8.88 0.64 -36.28
N PHE T 673 9.07 -0.59 -35.82
CA PHE T 673 9.09 -0.86 -34.39
C PHE T 673 10.38 -0.36 -33.76
N SER T 674 10.39 -0.32 -32.43
CA SER T 674 11.59 0.00 -31.68
C SER T 674 12.28 -1.30 -31.25
N ARG T 675 13.34 -1.17 -30.47
CA ARG T 675 14.08 -2.33 -30.00
C ARG T 675 13.27 -3.11 -28.98
N PHE T 676 13.47 -4.43 -28.97
CA PHE T 676 12.78 -5.32 -28.05
C PHE T 676 13.66 -5.52 -26.81
N LEU T 677 13.15 -5.10 -25.65
CA LEU T 677 13.87 -5.24 -24.39
C LEU T 677 12.89 -5.65 -23.30
N ILE T 678 13.44 -6.15 -22.20
CA ILE T 678 12.64 -6.53 -21.03
C ILE T 678 12.26 -5.25 -20.29
N LYS T 679 10.97 -4.92 -20.28
CA LYS T 679 10.47 -3.70 -19.67
C LYS T 679 9.51 -4.04 -18.55
N ILE T 680 9.70 -3.43 -17.39
CA ILE T 680 8.84 -3.60 -16.24
C ILE T 680 8.33 -2.23 -15.82
N GLU T 681 7.00 -2.10 -15.69
CA GLU T 681 6.38 -0.83 -15.34
C GLU T 681 5.17 -1.08 -14.47
N ASP T 682 4.96 -0.21 -13.49
CA ASP T 682 3.82 -0.27 -12.58
C ASP T 682 3.13 1.08 -12.51
N ASP T 683 3.21 1.84 -13.59
CA ASP T 683 2.58 3.16 -13.75
C ASP T 683 3.31 4.21 -12.90
N SER T 684 4.24 3.76 -12.06
CA SER T 684 5.07 4.70 -11.32
C SER T 684 6.30 5.08 -12.11
N GLY T 685 6.80 4.16 -12.94
CA GLY T 685 7.95 4.41 -13.79
C GLY T 685 8.18 3.23 -14.71
N THR T 686 9.09 3.42 -15.64
CA THR T 686 9.45 2.40 -16.61
C THR T 686 10.90 2.00 -16.40
N GLN T 687 11.14 0.78 -15.93
CA GLN T 687 12.47 0.26 -15.71
C GLN T 687 12.77 -0.81 -16.75
N SER T 688 13.84 -0.59 -17.51
CA SER T 688 14.27 -1.57 -18.50
C SER T 688 15.32 -2.49 -17.89
N GLU T 689 15.97 -3.31 -18.71
CA GLU T 689 17.04 -4.19 -18.26
C GLU T 689 18.21 -4.05 -19.22
N ASP T 690 19.41 -3.85 -18.67
CA ASP T 690 20.59 -3.49 -19.47
C ASP T 690 21.76 -4.40 -19.04
N THR T 691 21.50 -5.69 -18.98
CA THR T 691 22.55 -6.65 -18.63
C THR T 691 22.26 -7.98 -19.29
N GLY T 692 23.30 -8.65 -19.78
CA GLY T 692 23.17 -9.95 -20.38
C GLY T 692 23.04 -9.88 -21.89
N ARG T 693 22.74 -11.04 -22.48
CA ARG T 693 22.56 -11.18 -23.91
C ARG T 693 21.22 -11.84 -24.18
N LEU T 694 20.55 -11.40 -25.24
CA LEU T 694 19.21 -11.86 -25.57
C LEU T 694 19.17 -12.30 -27.03
N GLN T 695 18.64 -13.50 -27.28
CA GLN T 695 18.51 -14.03 -28.63
C GLN T 695 17.03 -14.30 -28.93
N LEU T 696 16.55 -13.75 -30.04
CA LEU T 696 15.14 -13.85 -30.40
C LEU T 696 14.87 -15.11 -31.23
N ARG T 697 13.68 -15.67 -31.05
CA ARG T 697 13.31 -16.87 -31.80
C ARG T 697 12.13 -16.63 -32.73
N ARG T 698 10.98 -16.22 -32.19
CA ARG T 698 9.75 -16.13 -32.98
C ARG T 698 9.03 -14.82 -32.66
N ALA T 699 7.94 -14.59 -33.39
CA ALA T 699 7.09 -13.43 -33.18
C ALA T 699 5.73 -13.70 -33.81
N TRP T 700 4.75 -12.87 -33.47
CA TRP T 700 3.41 -13.01 -34.00
C TRP T 700 2.68 -11.67 -33.94
N VAL T 701 1.53 -11.61 -34.61
CA VAL T 701 0.74 -10.39 -34.68
C VAL T 701 -0.72 -10.78 -34.85
N ASN T 702 -1.62 -9.98 -34.26
CA ASN T 702 -3.06 -10.19 -34.34
C ASN T 702 -3.66 -9.13 -35.25
N TYR T 703 -4.52 -9.55 -36.18
CA TYR T 703 -5.12 -8.64 -37.14
C TYR T 703 -6.63 -8.90 -37.23
N LYS T 704 -7.35 -7.89 -37.70
CA LYS T 704 -8.79 -7.96 -37.89
C LYS T 704 -9.17 -7.11 -39.08
N ASP T 705 -9.92 -7.70 -40.02
CA ASP T 705 -10.43 -6.99 -41.18
C ASP T 705 -9.29 -6.36 -41.98
N THR T 706 -8.47 -7.24 -42.54
CA THR T 706 -7.28 -6.85 -43.27
C THR T 706 -7.23 -7.59 -44.60
N GLY T 707 -6.73 -6.90 -45.63
CA GLY T 707 -6.66 -7.47 -46.96
C GLY T 707 -5.32 -8.05 -47.35
N ALA T 708 -4.23 -7.30 -47.14
CA ALA T 708 -2.90 -7.75 -47.52
C ALA T 708 -1.86 -6.95 -46.77
N LEU T 709 -0.69 -7.55 -46.55
CA LEU T 709 0.36 -6.91 -45.78
C LEU T 709 1.70 -7.54 -46.11
N ARG T 710 2.78 -6.83 -45.77
CA ARG T 710 4.14 -7.33 -45.92
C ARG T 710 4.93 -7.00 -44.68
N LEU T 711 5.78 -7.93 -44.25
CA LEU T 711 6.67 -7.73 -43.10
C LEU T 711 8.09 -8.00 -43.54
N ILE T 712 9.01 -7.11 -43.17
CA ILE T 712 10.40 -7.17 -43.62
C ILE T 712 11.30 -7.22 -42.39
N VAL T 713 12.26 -8.15 -42.41
CA VAL T 713 13.21 -8.33 -41.31
C VAL T 713 14.61 -8.12 -41.87
N ARG T 714 15.40 -7.29 -41.17
CA ARG T 714 16.76 -6.96 -41.58
C ARG T 714 17.70 -7.17 -40.42
N ASN T 715 18.56 -8.18 -40.53
CA ASN T 715 19.56 -8.42 -39.49
C ASN T 715 20.90 -7.79 -39.85
N GLY T 716 21.52 -8.28 -40.92
CA GLY T 716 22.80 -7.76 -41.37
C GLY T 716 22.73 -7.19 -42.76
N GLU T 717 23.32 -7.91 -43.72
CA GLU T 717 23.23 -7.57 -45.13
C GLU T 717 22.26 -8.53 -45.83
N ARG T 718 21.25 -8.99 -45.08
CA ARG T 718 20.28 -9.96 -45.59
C ARG T 718 18.87 -9.48 -45.28
N GLU T 719 17.93 -9.79 -46.17
CA GLU T 719 16.55 -9.37 -46.04
C GLU T 719 15.63 -10.57 -46.24
N PHE T 720 14.55 -10.62 -45.47
CA PHE T 720 13.53 -11.65 -45.59
C PHE T 720 12.17 -10.98 -45.68
N VAL T 721 11.32 -11.48 -46.57
CA VAL T 721 10.02 -10.89 -46.86
C VAL T 721 8.94 -11.94 -46.64
N ASN T 722 7.88 -11.57 -45.93
CA ASN T 722 6.75 -12.44 -45.66
C ASN T 722 5.46 -11.74 -46.08
N THR T 723 4.48 -12.55 -46.48
CA THR T 723 3.22 -12.02 -46.97
C THR T 723 2.07 -12.95 -46.57
N PHE T 724 0.92 -12.36 -46.29
CA PHE T 724 -0.31 -13.10 -46.05
C PHE T 724 -1.47 -12.35 -46.69
N ASN T 725 -2.56 -13.07 -46.96
CA ASN T 725 -3.64 -12.51 -47.77
C ASN T 725 -4.99 -13.00 -47.20
N GLY T 726 -5.59 -12.16 -46.36
CA GLY T 726 -6.96 -12.41 -45.94
C GLY T 726 -7.13 -13.72 -45.20
N TYR T 727 -8.12 -14.50 -45.64
CA TYR T 727 -8.45 -15.76 -45.01
C TYR T 727 -7.47 -16.85 -45.46
N THR T 728 -7.80 -18.10 -45.15
CA THR T 728 -7.01 -19.25 -45.55
C THR T 728 -7.90 -20.21 -46.34
N LEU T 729 -7.29 -21.29 -46.84
CA LEU T 729 -8.04 -22.27 -47.61
C LEU T 729 -9.12 -22.92 -46.75
N GLY T 730 -10.29 -23.13 -47.35
CA GLY T 730 -11.42 -23.74 -46.69
C GLY T 730 -12.44 -22.76 -46.17
N GLN T 731 -12.12 -21.46 -46.12
CA GLN T 731 -13.02 -20.44 -45.61
C GLN T 731 -13.08 -19.25 -46.55
N GLN T 732 -13.11 -19.50 -47.86
CA GLN T 732 -13.25 -18.45 -48.85
C GLN T 732 -14.40 -18.79 -49.79
N THR T 733 -14.98 -17.75 -50.39
CA THR T 733 -16.05 -17.91 -51.35
C THR T 733 -15.61 -17.35 -52.69
N ILE T 734 -15.87 -18.09 -53.76
CA ILE T 734 -15.47 -17.63 -55.09
C ILE T 734 -16.35 -16.47 -55.51
N GLY T 735 -15.72 -15.36 -55.90
CA GLY T 735 -16.47 -14.23 -56.42
C GLY T 735 -16.24 -12.92 -55.69
N THR T 736 -15.73 -12.98 -54.47
CA THR T 736 -15.53 -11.80 -53.65
C THR T 736 -14.08 -11.72 -53.17
N THR T 737 -13.66 -10.50 -52.85
CA THR T 737 -12.33 -10.27 -52.32
C THR T 737 -12.23 -10.79 -50.90
N ASN T 738 -11.03 -11.27 -50.54
CA ASN T 738 -10.78 -11.87 -49.24
C ASN T 738 -10.57 -10.79 -48.20
N ILE T 739 -11.42 -10.76 -47.17
CA ILE T 739 -11.30 -9.85 -46.05
C ILE T 739 -11.76 -10.61 -44.81
N GLY T 740 -10.85 -10.86 -43.86
CA GLY T 740 -11.20 -11.65 -42.70
C GLY T 740 -10.35 -11.39 -41.48
N ASP T 741 -10.28 -12.37 -40.58
CA ASP T 741 -9.58 -12.26 -39.31
C ASP T 741 -8.70 -13.48 -39.10
N GLY T 742 -7.76 -13.36 -38.17
CA GLY T 742 -6.91 -14.50 -37.84
C GLY T 742 -5.68 -14.07 -37.07
N GLN T 743 -4.67 -14.94 -37.07
CA GLN T 743 -3.39 -14.68 -36.42
C GLN T 743 -2.28 -15.22 -37.31
N TYR T 744 -1.11 -14.57 -37.24
CA TYR T 744 0.01 -14.90 -38.10
C TYR T 744 1.28 -15.04 -37.27
N ARG T 745 2.02 -16.13 -37.48
CA ARG T 745 3.25 -16.40 -36.78
C ARG T 745 4.39 -16.58 -37.78
N PHE T 746 5.53 -15.95 -37.51
CA PHE T 746 6.68 -16.07 -38.40
C PHE T 746 7.98 -16.22 -37.61
N ALA T 747 9.11 -16.17 -38.30
CA ALA T 747 10.42 -16.46 -37.72
C ALA T 747 11.26 -15.20 -37.64
N MET T 748 11.92 -15.00 -36.51
CA MET T 748 12.72 -13.80 -36.25
C MET T 748 13.96 -14.23 -35.49
N ASN T 749 15.11 -14.26 -36.17
CA ASN T 749 16.35 -14.78 -35.61
C ASN T 749 17.42 -13.70 -35.63
N GLY T 750 18.20 -13.63 -34.56
CA GLY T 750 19.33 -12.72 -34.49
C GLY T 750 19.43 -12.10 -33.12
N ASN T 751 20.46 -11.26 -32.97
CA ASN T 751 20.64 -10.51 -31.74
C ASN T 751 19.58 -9.41 -31.65
N ALA T 752 19.34 -8.96 -30.42
CA ALA T 752 18.28 -8.00 -30.14
C ALA T 752 18.74 -6.55 -30.29
N LEU T 753 19.99 -6.32 -30.69
CA LEU T 753 20.52 -4.96 -30.85
C LEU T 753 20.87 -4.68 -32.30
N THR T 754 20.46 -5.54 -33.22
CA THR T 754 20.76 -5.33 -34.64
C THR T 754 19.54 -5.59 -35.51
N THR T 755 18.58 -6.34 -35.00
CA THR T 755 17.43 -6.74 -35.80
C THR T 755 16.33 -5.68 -35.73
N SER T 756 15.63 -5.50 -36.85
CA SER T 756 14.56 -4.52 -36.95
C SER T 756 13.41 -5.10 -37.76
N LEU T 757 12.22 -4.51 -37.57
CA LEU T 757 11.00 -4.98 -38.23
C LEU T 757 10.24 -3.79 -38.79
N THR T 758 9.54 -4.02 -39.90
CA THR T 758 8.83 -2.97 -40.61
C THR T 758 7.56 -3.51 -41.24
N LEU T 759 6.59 -2.63 -41.44
CA LEU T 759 5.34 -2.95 -42.11
C LEU T 759 5.13 -2.02 -43.29
N GLU T 760 4.55 -2.55 -44.36
CA GLU T 760 4.27 -1.78 -45.57
C GLU T 760 2.99 -2.28 -46.22
N SER T 761 2.31 -1.38 -46.92
CA SER T 761 1.09 -1.70 -47.66
C SER T 761 0.72 -0.61 -48.65
N ASN T 762 0.60 -0.95 -49.92
CA ASN T 762 0.14 -0.02 -50.94
C ASN T 762 -0.90 -0.68 -51.84
N TYR T 763 -1.78 -1.47 -51.26
CA TYR T 763 -2.89 -2.10 -51.95
C TYR T 763 -4.19 -1.41 -51.59
N PRO T 764 -5.19 -1.47 -52.46
CA PRO T 764 -6.48 -0.82 -52.18
C PRO T 764 -7.39 -1.66 -51.29
N THR T 765 -6.89 -1.98 -50.10
CA THR T 765 -7.63 -2.75 -49.10
C THR T 765 -7.37 -2.16 -47.72
N PRO T 766 -8.32 -2.30 -46.80
CA PRO T 766 -8.13 -1.75 -45.45
C PRO T 766 -7.16 -2.60 -44.63
N VAL T 767 -6.70 -2.02 -43.52
CA VAL T 767 -5.72 -2.64 -42.65
C VAL T 767 -6.06 -2.28 -41.20
N SER T 768 -5.87 -3.24 -40.30
CA SER T 768 -6.07 -3.00 -38.86
C SER T 768 -5.23 -3.98 -38.07
N ILE T 769 -4.52 -3.48 -37.06
CA ILE T 769 -3.63 -4.28 -36.22
C ILE T 769 -3.98 -4.04 -34.77
N VAL T 770 -3.94 -5.10 -33.96
CA VAL T 770 -4.36 -5.05 -32.57
C VAL T 770 -3.18 -5.24 -31.61
N GLY T 771 -2.51 -6.38 -31.66
CA GLY T 771 -1.47 -6.69 -30.70
C GLY T 771 -0.30 -7.42 -31.33
N CYS T 772 0.70 -7.72 -30.49
CA CYS T 772 1.91 -8.39 -30.95
C CYS T 772 2.64 -8.95 -29.73
N GLY T 773 3.67 -9.74 -30.00
CA GLY T 773 4.47 -10.35 -28.94
C GLY T 773 5.73 -10.97 -29.50
N TRP T 774 6.53 -11.55 -28.62
CA TRP T 774 7.77 -12.18 -29.02
C TRP T 774 8.21 -13.19 -27.96
N GLU T 775 9.14 -14.05 -28.34
CA GLU T 775 9.75 -15.03 -27.45
C GLU T 775 11.26 -15.02 -27.68
N ALA T 776 12.01 -15.38 -26.65
CA ALA T 776 13.47 -15.29 -26.71
C ALA T 776 14.08 -16.20 -25.66
N SER T 777 15.40 -16.23 -25.63
CA SER T 777 16.18 -16.99 -24.66
C SER T 777 17.21 -16.08 -24.01
N TYR T 778 17.34 -16.18 -22.68
CA TYR T 778 18.11 -15.24 -21.90
C TYR T 778 19.23 -15.94 -21.14
N ALA T 779 20.35 -15.25 -20.98
CA ALA T 779 21.52 -15.79 -20.28
C ALA T 779 22.21 -14.66 -19.55
N LYS T 780 22.54 -14.89 -18.27
CA LYS T 780 23.16 -13.88 -17.42
C LYS T 780 24.38 -14.48 -16.73
N LYS T 781 25.28 -13.60 -16.29
CA LYS T 781 26.52 -14.03 -15.65
C LYS T 781 26.70 -13.46 -14.25
N ALA T 782 25.76 -12.64 -13.77
CA ALA T 782 25.90 -12.03 -12.46
C ALA T 782 24.53 -11.61 -11.93
N ARG T 783 24.21 -12.04 -10.71
CA ARG T 783 22.94 -11.67 -10.11
C ARG T 783 22.89 -10.17 -9.84
N SER T 784 21.73 -9.57 -10.08
CA SER T 784 21.54 -8.15 -9.87
C SER T 784 21.34 -7.87 -8.38
N VAL T 785 20.96 -6.64 -8.06
CA VAL T 785 20.75 -6.21 -6.67
C VAL T 785 22.00 -6.42 -5.84
N PRO U 2 5.87 -25.50 21.89
CA PRO U 2 6.75 -24.37 22.18
C PRO U 2 6.05 -23.28 22.99
N LEU U 3 6.68 -22.11 23.09
CA LEU U 3 6.16 -21.01 23.88
C LEU U 3 5.92 -19.79 23.01
N ILE U 4 4.96 -18.97 23.41
CA ILE U 4 4.66 -17.71 22.75
C ILE U 4 4.59 -16.61 23.81
N THR U 5 4.72 -15.37 23.37
CA THR U 5 4.78 -14.25 24.29
C THR U 5 4.30 -12.98 23.61
N GLN U 6 3.97 -11.99 24.44
CA GLN U 6 3.56 -10.67 23.97
C GLN U 6 3.91 -9.65 25.04
N SER U 7 3.93 -8.38 24.64
CA SER U 7 4.26 -7.30 25.55
C SER U 7 3.34 -6.12 25.30
N ILE U 8 3.19 -5.28 26.32
CA ILE U 8 2.38 -4.07 26.24
C ILE U 8 3.29 -2.87 26.46
N LYS U 9 3.31 -1.96 25.50
CA LYS U 9 4.28 -0.86 25.54
C LYS U 9 3.93 0.16 26.62
N ASN U 10 2.67 0.56 26.71
CA ASN U 10 2.27 1.62 27.61
C ASN U 10 0.83 1.45 28.05
N LEU U 11 0.52 1.91 29.26
CA LEU U 11 -0.82 1.87 29.81
C LEU U 11 -1.33 3.31 29.94
N LYS U 12 -2.05 3.77 28.93
CA LYS U 12 -2.57 5.14 28.93
C LYS U 12 -4.07 5.20 28.85
N GLY U 13 -4.73 4.18 28.32
CA GLY U 13 -6.18 4.15 28.32
C GLY U 13 -6.75 3.97 29.71
N GLY U 14 -8.02 4.28 29.84
CA GLY U 14 -8.72 4.15 31.10
C GLY U 14 -9.45 2.83 31.22
N ILE U 15 -10.56 2.84 31.94
CA ILE U 15 -11.40 1.66 32.11
C ILE U 15 -12.31 1.51 30.90
N SER U 16 -12.95 0.35 30.77
CA SER U 16 -13.91 0.11 29.70
C SER U 16 -14.95 -0.88 30.19
N GLN U 17 -16.10 -0.90 29.52
CA GLN U 17 -17.21 -1.76 29.92
C GLN U 17 -17.76 -2.58 28.75
N GLN U 18 -17.06 -2.60 27.62
CA GLN U 18 -17.44 -3.42 26.49
C GLN U 18 -17.00 -4.86 26.73
N PRO U 19 -17.58 -5.82 26.00
CA PRO U 19 -17.14 -7.21 26.14
C PRO U 19 -15.66 -7.36 25.80
N ASP U 20 -15.01 -8.29 26.49
CA ASP U 20 -13.55 -8.40 26.47
C ASP U 20 -12.99 -8.78 25.11
N ILE U 21 -13.83 -9.25 24.19
CA ILE U 21 -13.35 -9.69 22.88
C ILE U 21 -13.09 -8.46 22.02
N LEU U 22 -13.61 -7.31 22.44
CA LEU U 22 -13.58 -6.11 21.64
C LEU U 22 -12.67 -5.00 22.17
N ARG U 23 -12.12 -5.15 23.37
CA ARG U 23 -11.31 -4.09 23.96
C ARG U 23 -9.98 -3.96 23.24
N PHE U 24 -9.28 -2.87 23.54
CA PHE U 24 -7.93 -2.65 23.04
C PHE U 24 -6.93 -3.32 24.00
N SER U 25 -5.64 -3.13 23.77
CA SER U 25 -4.62 -3.77 24.57
C SER U 25 -4.18 -2.95 25.77
N ASP U 26 -4.64 -1.71 25.91
CA ASP U 26 -4.21 -0.83 26.99
C ASP U 26 -5.38 -0.28 27.80
N GLN U 27 -6.51 -0.98 27.82
CA GLN U 27 -7.67 -0.58 28.60
C GLN U 27 -7.91 -1.61 29.70
N GLY U 28 -8.00 -1.14 30.94
CA GLY U 28 -8.13 -2.03 32.08
C GLY U 28 -9.56 -2.27 32.50
N GLU U 29 -9.76 -2.61 33.77
CA GLU U 29 -11.08 -2.90 34.31
C GLU U 29 -11.54 -1.91 35.38
N SER U 30 -10.64 -1.44 36.25
CA SER U 30 -10.98 -0.44 37.24
C SER U 30 -9.72 0.30 37.62
N GLN U 31 -9.88 1.58 37.97
CA GLN U 31 -8.73 2.44 38.26
C GLN U 31 -9.17 3.44 39.33
N VAL U 32 -8.60 3.32 40.52
CA VAL U 32 -8.95 4.18 41.65
C VAL U 32 -7.68 4.84 42.17
N ASN U 33 -7.74 6.17 42.33
CA ASN U 33 -6.63 6.96 42.87
C ASN U 33 -5.35 6.75 42.07
N CYS U 34 -5.41 7.09 40.79
CA CYS U 34 -4.27 6.97 39.90
C CYS U 34 -4.21 8.18 38.98
N TRP U 35 -3.01 8.45 38.46
CA TRP U 35 -2.76 9.57 37.57
C TRP U 35 -2.02 9.06 36.34
N SER U 36 -2.62 9.24 35.17
CA SER U 36 -2.06 8.73 33.92
C SER U 36 -1.28 9.85 33.24
N SER U 37 -0.02 10.00 33.64
CA SER U 37 0.83 11.03 33.06
C SER U 37 1.17 10.67 31.62
N GLU U 38 1.90 11.58 30.97
CA GLU U 38 2.25 11.41 29.57
C GLU U 38 3.70 11.04 29.34
N SER U 39 4.54 11.01 30.38
CA SER U 39 5.92 10.60 30.17
C SER U 39 6.45 9.68 31.28
N ASP U 40 5.64 9.35 32.28
CA ASP U 40 6.12 8.50 33.37
C ASP U 40 5.23 7.29 33.66
N GLY U 41 4.17 7.06 32.88
CA GLY U 41 3.30 5.93 33.17
C GLY U 41 2.44 6.18 34.40
N LEU U 42 1.81 5.09 34.86
CA LEU U 42 0.94 5.17 36.01
C LEU U 42 1.72 5.56 37.26
N GLN U 43 1.09 6.39 38.10
CA GLN U 43 1.69 6.82 39.36
C GLN U 43 0.58 7.29 40.29
N LYS U 44 0.91 7.44 41.57
CA LYS U 44 -0.07 7.75 42.60
C LYS U 44 -0.35 9.24 42.64
N ARG U 45 -1.59 9.58 42.97
CA ARG U 45 -2.02 10.97 42.97
C ARG U 45 -1.36 11.74 44.11
N PRO U 46 -1.14 13.04 43.93
CA PRO U 46 -0.44 13.85 44.95
C PRO U 46 -1.25 13.97 46.23
N PRO U 47 -0.59 14.31 47.34
CA PRO U 47 -1.31 14.42 48.62
C PRO U 47 -2.09 15.72 48.78
N THR U 48 -2.63 15.94 49.97
CA THR U 48 -3.49 17.09 50.26
C THR U 48 -3.02 17.77 51.54
N VAL U 49 -2.98 19.11 51.53
CA VAL U 49 -2.46 19.88 52.65
C VAL U 49 -3.60 20.64 53.34
N PHE U 50 -3.48 20.80 54.65
CA PHE U 50 -4.49 21.43 55.48
C PHE U 50 -4.24 22.93 55.61
N LYS U 51 -5.33 23.70 55.57
CA LYS U 51 -5.22 25.16 55.68
C LYS U 51 -5.90 25.72 56.93
N ARG U 52 -7.20 25.49 57.09
CA ARG U 52 -7.94 26.07 58.20
C ARG U 52 -9.36 25.48 58.21
N ARG U 53 -10.07 25.75 59.31
CA ARG U 53 -11.44 25.30 59.49
C ARG U 53 -12.36 26.52 59.51
N LEU U 54 -13.41 26.49 58.70
CA LEU U 54 -14.29 27.62 58.54
C LEU U 54 -15.45 27.59 59.55
N ASN U 55 -16.17 28.70 59.63
CA ASN U 55 -17.28 28.87 60.56
C ASN U 55 -18.58 29.26 59.85
N ILE U 56 -18.68 28.97 58.56
CA ILE U 56 -19.88 29.32 57.80
C ILE U 56 -21.02 28.40 58.19
N ASP U 57 -22.24 28.77 57.78
CA ASP U 57 -23.45 28.02 58.14
C ASP U 57 -24.13 27.53 56.86
N VAL U 58 -23.82 26.29 56.48
CA VAL U 58 -24.46 25.66 55.33
C VAL U 58 -25.57 24.73 55.79
N GLU U 59 -26.69 24.76 55.07
CA GLU U 59 -27.84 23.95 55.47
C GLU U 59 -28.10 22.80 54.50
N SER U 60 -28.33 23.10 53.23
CA SER U 60 -28.61 22.08 52.23
C SER U 60 -28.43 22.66 50.84
N ASN U 61 -27.54 22.07 50.06
CA ASN U 61 -27.32 22.41 48.66
C ASN U 61 -27.02 23.89 48.46
N PRO U 62 -25.88 24.39 48.93
CA PRO U 62 -25.49 25.77 48.64
C PRO U 62 -24.90 25.89 47.24
N LYS U 63 -24.51 27.11 46.89
CA LYS U 63 -23.85 27.37 45.62
C LYS U 63 -22.55 28.14 45.88
N PHE U 64 -21.48 27.68 45.24
CA PHE U 64 -20.17 28.31 45.35
C PHE U 64 -19.77 28.86 43.99
N HIS U 65 -19.13 30.02 44.00
CA HIS U 65 -18.68 30.68 42.78
C HIS U 65 -17.28 31.24 42.99
N LEU U 66 -16.44 31.15 41.96
CA LEU U 66 -15.06 31.60 42.04
C LEU U 66 -14.87 32.88 41.23
N ILE U 67 -14.12 33.81 41.80
CA ILE U 67 -13.83 35.09 41.16
C ILE U 67 -12.32 35.30 41.19
N ASN U 68 -11.74 35.57 40.02
CA ASN U 68 -10.30 35.77 39.87
C ASN U 68 -10.05 37.07 39.12
N ARG U 69 -9.60 38.09 39.84
CA ARG U 69 -9.27 39.38 39.23
C ARG U 69 -7.79 39.47 38.89
N ASP U 70 -6.92 39.31 39.88
CA ASP U 70 -5.48 39.32 39.68
C ASP U 70 -4.86 38.42 40.75
N GLU U 71 -3.56 38.55 40.95
CA GLU U 71 -2.85 37.75 41.95
C GLU U 71 -3.02 38.30 43.36
N HIS U 72 -3.97 39.21 43.58
CA HIS U 72 -4.28 39.70 44.91
C HIS U 72 -5.77 39.70 45.24
N GLU U 73 -6.64 39.33 44.30
CA GLU U 73 -8.08 39.35 44.50
C GLU U 73 -8.66 38.01 44.10
N GLN U 74 -8.90 37.14 45.08
CA GLN U 74 -9.43 35.80 44.84
C GLN U 74 -10.26 35.38 46.04
N TYR U 75 -11.48 34.89 45.80
CA TYR U 75 -12.37 34.53 46.89
C TYR U 75 -13.54 33.72 46.35
N TYR U 76 -14.33 33.17 47.28
CA TYR U 76 -15.59 32.50 46.98
C TYR U 76 -16.78 33.35 47.41
N ILE U 77 -17.94 33.01 46.86
CA ILE U 77 -19.22 33.59 47.24
C ILE U 77 -20.18 32.45 47.55
N VAL U 78 -20.89 32.56 48.67
CA VAL U 78 -21.76 31.50 49.16
C VAL U 78 -23.19 32.00 49.20
N PHE U 79 -24.11 31.23 48.62
CA PHE U 79 -25.54 31.53 48.62
C PHE U 79 -26.25 30.37 49.34
N ASN U 80 -26.34 30.46 50.67
CA ASN U 80 -26.99 29.40 51.42
C ASN U 80 -28.50 29.38 51.15
N GLY U 81 -29.10 30.55 50.96
CA GLY U 81 -30.51 30.63 50.66
C GLY U 81 -31.22 31.76 51.38
N SER U 82 -30.56 32.34 52.38
CA SER U 82 -31.16 33.44 53.13
C SER U 82 -30.15 34.51 53.49
N ASN U 83 -28.91 34.38 52.99
CA ASN U 83 -27.84 35.29 53.37
C ASN U 83 -26.74 35.18 52.33
N ILE U 84 -25.77 36.08 52.43
CA ILE U 84 -24.60 36.09 51.55
C ILE U 84 -23.34 36.19 52.40
N GLN U 85 -22.38 35.28 52.16
CA GLN U 85 -21.13 35.27 52.89
C GLN U 85 -19.98 35.11 51.90
N VAL U 86 -18.84 35.69 52.25
CA VAL U 86 -17.66 35.70 51.39
C VAL U 86 -16.48 35.12 52.16
N VAL U 87 -15.77 34.18 51.55
CA VAL U 87 -14.63 33.51 52.16
C VAL U 87 -13.43 33.63 51.23
N ASP U 88 -12.28 33.99 51.79
CA ASP U 88 -11.05 34.08 51.04
C ASP U 88 -10.51 32.68 50.75
N LEU U 89 -9.38 32.61 50.06
CA LEU U 89 -8.73 31.34 49.75
C LEU U 89 -7.63 30.98 50.75
N SER U 90 -7.63 31.62 51.92
CA SER U 90 -6.69 31.28 52.98
C SER U 90 -7.35 31.13 54.34
N GLY U 91 -8.68 31.22 54.42
CA GLY U 91 -9.41 31.00 55.65
C GLY U 91 -10.12 32.24 56.18
N ASN U 92 -9.62 33.42 55.84
CA ASN U 92 -10.18 34.65 56.38
C ASN U 92 -11.60 34.88 55.87
N GLN U 93 -12.40 35.56 56.69
CA GLN U 93 -13.80 35.85 56.38
C GLN U 93 -14.05 37.35 56.46
N TYR U 94 -14.96 37.81 55.61
CA TYR U 94 -15.34 39.22 55.56
C TYR U 94 -16.84 39.36 55.78
N SER U 95 -17.28 40.62 55.88
CA SER U 95 -18.67 40.93 56.21
C SER U 95 -19.35 41.65 55.04
N VAL U 96 -20.66 41.44 54.93
CA VAL U 96 -21.48 42.03 53.89
C VAL U 96 -22.62 42.78 54.54
N SER U 97 -22.85 44.02 54.12
CA SER U 97 -23.88 44.89 54.68
C SER U 97 -24.86 45.29 53.59
N GLY U 98 -26.15 45.21 53.89
CA GLY U 98 -27.18 45.57 52.93
C GLY U 98 -28.49 44.90 53.29
N ALA U 99 -29.40 44.90 52.32
CA ALA U 99 -30.71 44.28 52.47
C ALA U 99 -30.80 43.06 51.55
N VAL U 100 -31.36 41.98 52.09
CA VAL U 100 -31.41 40.72 51.34
C VAL U 100 -32.83 40.17 51.28
N GLU U 101 -33.56 40.53 50.22
CA GLU U 101 -34.81 39.90 49.86
C GLU U 101 -34.85 39.41 48.43
N TYR U 102 -33.98 39.93 47.58
CA TYR U 102 -33.92 39.50 46.18
C TYR U 102 -33.30 38.13 46.05
N VAL U 103 -32.62 37.63 47.09
CA VAL U 103 -31.86 36.40 47.00
C VAL U 103 -32.43 35.34 47.93
N THR U 104 -33.74 35.39 48.18
CA THR U 104 -34.41 34.41 49.01
C THR U 104 -35.10 33.40 48.10
N SER U 105 -34.74 32.12 48.23
CA SER U 105 -35.28 31.08 47.38
C SER U 105 -35.22 29.76 48.15
N SER U 106 -35.55 28.67 47.44
CA SER U 106 -35.51 27.33 48.02
C SER U 106 -34.51 26.40 47.35
N ASN U 107 -34.12 26.69 46.10
CA ASN U 107 -33.14 25.90 45.36
C ASN U 107 -32.08 26.86 44.83
N PRO U 108 -31.10 27.20 45.66
CA PRO U 108 -30.12 28.24 45.25
C PRO U 108 -29.18 27.80 44.14
N ARG U 109 -29.38 26.60 43.59
CA ARG U 109 -28.49 26.10 42.55
C ARG U 109 -29.02 26.30 41.14
N ASP U 110 -30.32 26.52 40.96
CA ASP U 110 -30.88 26.72 39.63
C ASP U 110 -31.64 28.05 39.52
N ASP U 111 -31.47 28.96 40.47
CA ASP U 111 -32.16 30.24 40.44
C ASP U 111 -31.20 31.41 40.31
N ILE U 112 -30.06 31.36 40.98
CA ILE U 112 -29.15 32.51 41.01
C ILE U 112 -28.05 32.33 39.97
N ARG U 113 -27.68 33.42 39.31
CA ARG U 113 -26.59 33.44 38.35
C ARG U 113 -25.69 34.64 38.66
N VAL U 114 -24.42 34.52 38.28
CA VAL U 114 -23.45 35.58 38.50
C VAL U 114 -22.65 35.80 37.22
N VAL U 115 -22.61 37.05 36.76
CA VAL U 115 -21.84 37.43 35.58
C VAL U 115 -21.14 38.75 35.87
N THR U 116 -19.87 38.86 35.45
CA THR U 116 -19.06 40.05 35.70
C THR U 116 -18.62 40.63 34.35
N VAL U 117 -19.40 41.58 33.85
CA VAL U 117 -19.03 42.33 32.66
C VAL U 117 -18.77 43.77 33.05
N ALA U 118 -18.10 44.52 32.17
CA ALA U 118 -17.69 45.90 32.40
C ALA U 118 -16.88 45.93 33.70
N ASP U 119 -17.24 46.74 34.68
CA ASP U 119 -16.58 46.76 35.98
C ASP U 119 -17.58 46.54 37.09
N TYR U 120 -18.53 45.64 36.88
CA TYR U 120 -19.58 45.35 37.85
C TYR U 120 -19.77 43.84 37.97
N THR U 121 -20.35 43.43 39.08
CA THR U 121 -20.72 42.05 39.32
C THR U 121 -22.23 41.96 39.46
N PHE U 122 -22.88 41.37 38.46
CA PHE U 122 -24.33 41.32 38.39
C PHE U 122 -24.86 40.05 39.04
N VAL U 123 -25.99 40.17 39.72
CA VAL U 123 -26.69 39.05 40.32
C VAL U 123 -28.11 39.01 39.76
N VAL U 124 -28.52 37.84 39.26
CA VAL U 124 -29.80 37.69 38.59
C VAL U 124 -30.55 36.54 39.24
N ASN U 125 -31.79 36.79 39.66
CA ASN U 125 -32.66 35.75 40.19
C ASN U 125 -33.78 35.51 39.18
N ARG U 126 -33.73 34.37 38.50
CA ARG U 126 -34.70 34.09 37.44
C ARG U 126 -36.02 33.55 37.96
N LYS U 127 -36.60 34.22 38.95
CA LYS U 127 -37.95 33.93 39.43
C LYS U 127 -38.80 35.17 39.66
N VAL U 128 -38.19 36.34 39.87
CA VAL U 128 -38.96 37.56 40.09
C VAL U 128 -39.47 38.08 38.75
N VAL U 129 -40.68 38.64 38.78
CA VAL U 129 -41.33 39.19 37.60
C VAL U 129 -41.15 40.71 37.63
N VAL U 130 -40.65 41.27 36.52
CA VAL U 130 -40.44 42.71 36.44
C VAL U 130 -41.78 43.42 36.46
N LYS U 131 -41.81 44.62 37.05
CA LYS U 131 -43.00 45.43 37.09
C LYS U 131 -42.64 46.88 36.82
N GLY U 132 -43.60 47.63 36.26
CA GLY U 132 -43.37 49.02 35.94
C GLY U 132 -43.40 49.91 37.17
N GLY U 133 -43.08 51.18 36.94
CA GLY U 133 -43.06 52.17 37.99
C GLY U 133 -44.43 52.70 38.32
N SER U 134 -44.47 53.68 39.21
CA SER U 134 -45.72 54.30 39.65
C SER U 134 -45.58 55.81 39.69
N GLU U 135 -44.86 56.38 38.73
CA GLU U 135 -44.65 57.82 38.63
C GLU U 135 -45.13 58.31 37.28
N LYS U 136 -45.68 59.51 37.26
CA LYS U 136 -46.25 60.11 36.05
C LYS U 136 -45.36 61.22 35.52
N SER U 137 -45.77 61.75 34.37
CA SER U 137 -45.14 62.90 33.73
C SER U 137 -45.60 64.18 34.42
N HIS U 138 -45.39 65.33 33.75
CA HIS U 138 -45.66 66.66 34.28
C HIS U 138 -46.92 66.68 35.15
N PRO U 139 -46.80 67.01 36.43
CA PRO U 139 -47.94 66.93 37.34
C PRO U 139 -48.81 68.19 37.29
N GLY U 140 -50.10 68.01 37.06
CA GLY U 140 -51.03 69.11 37.07
C GLY U 140 -50.90 70.04 35.90
N TYR U 141 -51.15 69.52 34.69
CA TYR U 141 -51.09 70.35 33.48
C TYR U 141 -52.28 69.96 32.60
N ASN U 142 -53.38 70.69 32.78
CA ASN U 142 -54.59 70.41 32.01
C ASN U 142 -54.41 70.90 30.57
N ARG U 143 -54.85 70.07 29.62
CA ARG U 143 -54.72 70.36 28.21
C ARG U 143 -55.93 71.06 27.60
N LYS U 144 -56.97 71.31 28.39
CA LYS U 144 -58.23 71.84 27.88
C LYS U 144 -58.68 73.02 28.73
N ALA U 145 -57.75 73.94 29.00
CA ALA U 145 -58.06 75.06 29.89
C ALA U 145 -57.59 76.42 29.39
N ARG U 146 -56.75 76.51 28.36
CA ARG U 146 -56.21 77.79 27.92
C ARG U 146 -56.19 77.87 26.40
N ALA U 147 -56.18 79.10 25.89
CA ALA U 147 -56.19 79.37 24.46
C ALA U 147 -55.32 80.58 24.18
N LEU U 148 -54.92 80.72 22.91
CA LEU U 148 -54.03 81.80 22.50
C LEU U 148 -54.50 82.37 21.16
N ILE U 149 -54.38 83.69 21.03
CA ILE U 149 -54.70 84.40 19.78
C ILE U 149 -53.51 85.28 19.43
N ASN U 150 -52.97 85.10 18.23
CA ASN U 150 -51.83 85.89 17.80
C ASN U 150 -52.28 87.28 17.34
N LEU U 151 -51.37 88.24 17.48
CA LEU U 151 -51.57 89.61 17.03
C LEU U 151 -50.42 89.99 16.11
N ARG U 152 -50.74 90.36 14.86
CA ARG U 152 -49.69 90.64 13.88
C ARG U 152 -50.21 91.69 12.89
N GLY U 153 -49.86 92.95 13.15
CA GLY U 153 -50.11 94.01 12.20
C GLY U 153 -51.56 94.41 12.08
N GLY U 154 -51.81 95.28 11.11
CA GLY U 154 -53.16 95.75 10.83
C GLY U 154 -53.22 96.45 9.49
N GLN U 155 -54.43 96.71 9.04
CA GLN U 155 -54.68 97.38 7.77
C GLN U 155 -55.77 98.43 7.97
N TYR U 156 -56.28 98.96 6.86
CA TYR U 156 -57.33 99.97 6.89
C TYR U 156 -58.62 99.40 6.31
N GLY U 157 -59.74 99.79 6.92
CA GLY U 157 -61.05 99.38 6.43
C GLY U 157 -61.32 97.89 6.49
N ARG U 158 -61.01 97.27 7.63
CA ARG U 158 -61.22 95.84 7.82
C ARG U 158 -62.10 95.62 9.04
N THR U 159 -62.70 94.43 9.11
CA THR U 159 -63.59 94.05 10.20
C THR U 159 -63.16 92.70 10.76
N LEU U 160 -63.21 92.58 12.09
CA LEU U 160 -62.76 91.39 12.78
C LEU U 160 -63.86 90.88 13.71
N LYS U 161 -64.02 89.56 13.76
CA LYS U 161 -65.01 88.93 14.61
C LYS U 161 -64.38 87.72 15.32
N VAL U 162 -64.82 87.48 16.55
CA VAL U 162 -64.29 86.41 17.39
C VAL U 162 -65.44 85.71 18.09
N GLY U 163 -65.41 84.38 18.10
CA GLY U 163 -66.42 83.60 18.80
C GLY U 163 -65.79 82.42 19.49
N ILE U 164 -66.44 81.99 20.58
CA ILE U 164 -65.96 80.90 21.42
C ILE U 164 -67.05 79.84 21.54
N ASN U 165 -66.70 78.60 21.24
CA ASN U 165 -67.58 77.45 21.39
C ASN U 165 -68.92 77.65 20.68
N GLY U 166 -68.83 78.24 19.48
CA GLY U 166 -70.00 78.49 18.67
C GLY U 166 -71.02 79.39 19.33
N GLY U 167 -70.54 80.42 20.03
CA GLY U 167 -71.40 81.37 20.70
C GLY U 167 -71.58 82.65 19.90
N VAL U 168 -71.96 83.72 20.61
CA VAL U 168 -72.10 85.02 19.96
C VAL U 168 -70.74 85.57 19.60
N LYS U 169 -70.72 86.43 18.58
CA LYS U 169 -69.48 87.00 18.05
C LYS U 169 -69.48 88.50 18.22
N VAL U 170 -68.37 89.04 18.72
CA VAL U 170 -68.19 90.47 18.84
C VAL U 170 -67.70 91.01 17.51
N SER U 171 -67.75 92.33 17.33
CA SER U 171 -67.32 92.96 16.08
C SER U 171 -66.53 94.21 16.40
N HIS U 172 -65.55 94.50 15.54
CA HIS U 172 -64.74 95.70 15.67
C HIS U 172 -64.25 96.10 14.28
N LYS U 173 -64.37 97.39 13.98
CA LYS U 173 -64.08 97.92 12.65
C LYS U 173 -62.92 98.89 12.71
N LEU U 174 -61.94 98.69 11.83
CA LEU U 174 -60.82 99.60 11.70
C LEU U 174 -61.21 100.82 10.89
N PRO U 175 -60.62 101.98 11.18
CA PRO U 175 -61.00 103.21 10.50
C PRO U 175 -60.37 103.30 9.11
N ALA U 176 -60.79 104.31 8.35
CA ALA U 176 -60.25 104.57 7.03
C ALA U 176 -59.01 105.46 7.14
N GLY U 177 -58.54 105.99 6.01
CA GLY U 177 -57.36 106.83 6.01
C GLY U 177 -57.63 108.29 5.71
N ASN U 178 -58.88 108.72 5.90
CA ASN U 178 -59.23 110.11 5.61
C ASN U 178 -58.50 111.07 6.53
N ASP U 179 -58.41 110.74 7.82
CA ASP U 179 -57.71 111.59 8.76
C ASP U 179 -56.20 111.45 8.61
N ALA U 180 -55.47 112.39 9.21
CA ALA U 180 -54.01 112.42 9.08
C ALA U 180 -53.27 112.41 10.41
N GLU U 181 -53.95 112.44 11.55
CA GLU U 181 -53.28 112.45 12.85
C GLU U 181 -53.88 111.47 13.84
N ASN U 182 -54.99 110.81 13.53
CA ASN U 182 -55.60 109.86 14.42
C ASN U 182 -55.67 108.45 13.86
N ASP U 183 -55.74 108.30 12.53
CA ASP U 183 -55.83 106.96 11.95
C ASP U 183 -54.57 106.12 12.18
N PRO U 184 -53.35 106.62 11.93
CA PRO U 184 -52.16 105.77 12.10
C PRO U 184 -52.02 105.20 13.50
N PRO U 185 -52.27 105.96 14.56
CA PRO U 185 -52.13 105.37 15.91
C PRO U 185 -53.10 104.25 16.21
N LYS U 186 -54.22 104.14 15.48
CA LYS U 186 -55.23 103.15 15.79
C LYS U 186 -54.97 101.79 15.16
N VAL U 187 -53.97 101.68 14.28
CA VAL U 187 -53.69 100.41 13.61
C VAL U 187 -52.70 99.56 14.40
N ASP U 188 -52.15 100.07 15.49
CA ASP U 188 -51.19 99.32 16.27
C ASP U 188 -51.84 98.10 16.90
N ALA U 189 -51.06 97.01 17.02
CA ALA U 189 -51.61 95.75 17.48
C ALA U 189 -52.07 95.83 18.93
N GLN U 190 -51.32 96.56 19.77
CA GLN U 190 -51.65 96.61 21.19
C GLN U 190 -53.02 97.24 21.43
N ALA U 191 -53.32 98.33 20.71
CA ALA U 191 -54.63 98.96 20.85
C ALA U 191 -55.74 98.02 20.40
N ILE U 192 -55.50 97.27 19.32
CA ILE U 192 -56.49 96.30 18.84
C ILE U 192 -56.74 95.25 19.91
N GLY U 193 -55.67 94.75 20.52
CA GLY U 193 -55.83 93.76 21.57
C GLY U 193 -56.59 94.29 22.77
N ALA U 194 -56.29 95.53 23.17
CA ALA U 194 -57.01 96.14 24.29
C ALA U 194 -58.49 96.30 23.98
N ALA U 195 -58.80 96.76 22.77
CA ALA U 195 -60.21 96.92 22.38
C ALA U 195 -60.92 95.58 22.36
N MET U 196 -60.26 94.54 21.83
CA MET U 196 -60.87 93.22 21.80
C MET U 196 -61.10 92.68 23.21
N ARG U 197 -60.16 92.91 24.11
CA ARG U 197 -60.35 92.49 25.50
C ARG U 197 -61.55 93.19 26.11
N ASP U 198 -61.66 94.51 25.88
CA ASP U 198 -62.76 95.27 26.45
C ASP U 198 -64.10 94.78 25.90
N LEU U 199 -64.16 94.49 24.60
CA LEU U 199 -65.39 93.97 24.02
C LEU U 199 -65.73 92.58 24.57
N LEU U 200 -64.71 91.73 24.72
CA LEU U 200 -64.96 90.34 25.07
C LEU U 200 -65.32 90.19 26.56
N VAL U 201 -64.89 91.13 27.39
CA VAL U 201 -65.17 91.03 28.82
C VAL U 201 -66.68 91.00 29.07
N GLN U 202 -67.41 91.90 28.40
CA GLN U 202 -68.85 91.99 28.62
C GLN U 202 -69.58 90.76 28.07
N ALA U 203 -69.13 90.25 26.92
CA ALA U 203 -69.85 89.19 26.25
C ALA U 203 -69.87 87.91 27.09
N TYR U 204 -68.71 87.47 27.56
CA TYR U 204 -68.60 86.27 28.37
C TYR U 204 -68.17 86.64 29.78
N PRO U 205 -69.08 86.66 30.76
CA PRO U 205 -68.70 87.11 32.10
C PRO U 205 -68.17 85.97 32.98
N ASP U 206 -67.90 84.82 32.38
CA ASP U 206 -67.43 83.65 33.11
C ASP U 206 -65.97 83.33 32.91
N PHE U 207 -65.36 83.80 31.82
CA PHE U 207 -63.97 83.47 31.51
C PHE U 207 -63.05 84.50 32.16
N THR U 208 -61.76 84.44 31.80
CA THR U 208 -60.77 85.38 32.29
C THR U 208 -59.80 85.72 31.18
N PHE U 209 -59.65 87.00 30.88
CA PHE U 209 -58.83 87.47 29.77
C PHE U 209 -57.64 88.25 30.30
N ASP U 210 -56.50 88.11 29.61
CA ASP U 210 -55.29 88.82 29.97
C ASP U 210 -54.53 89.16 28.70
N LEU U 211 -53.76 90.24 28.77
CA LEU U 211 -53.00 90.73 27.63
C LEU U 211 -51.51 90.52 27.87
N GLY U 212 -50.82 90.03 26.85
CA GLY U 212 -49.40 89.77 26.91
C GLY U 212 -48.64 90.59 25.89
N SER U 213 -47.45 90.10 25.54
CA SER U 213 -46.57 90.76 24.57
C SER U 213 -46.78 90.14 23.20
N GLY U 214 -47.90 90.49 22.59
CA GLY U 214 -48.27 89.97 21.30
C GLY U 214 -49.24 88.81 21.29
N PHE U 215 -49.93 88.55 22.40
CA PHE U 215 -50.87 87.45 22.47
C PHE U 215 -51.96 87.79 23.49
N LEU U 216 -53.09 87.10 23.36
CA LEU U 216 -54.21 87.25 24.28
C LEU U 216 -54.51 85.89 24.88
N LEU U 217 -54.62 85.83 26.21
CA LEU U 217 -54.77 84.57 26.93
C LEU U 217 -56.20 84.46 27.47
N ILE U 218 -56.79 83.28 27.31
CA ILE U 218 -58.15 83.00 27.75
C ILE U 218 -58.09 81.84 28.74
N THR U 219 -58.73 82.01 29.89
CA THR U 219 -58.73 81.00 30.94
C THR U 219 -60.14 80.45 31.13
N ALA U 220 -60.26 79.12 31.10
CA ALA U 220 -61.54 78.47 31.30
C ALA U 220 -61.91 78.47 32.79
N PRO U 221 -63.19 78.63 33.12
CA PRO U 221 -63.60 78.64 34.52
C PRO U 221 -63.90 77.24 35.07
N SER U 222 -63.13 76.82 36.07
CA SER U 222 -63.32 75.55 36.76
C SER U 222 -63.56 74.39 35.80
N GLY U 223 -64.70 73.71 35.94
CA GLY U 223 -65.00 72.55 35.12
C GLY U 223 -65.66 72.88 33.81
N THR U 224 -64.90 73.46 32.88
CA THR U 224 -65.39 73.75 31.54
C THR U 224 -64.23 73.61 30.57
N ASP U 225 -64.49 72.98 29.43
CA ASP U 225 -63.46 72.66 28.45
C ASP U 225 -63.67 73.47 27.19
N ILE U 226 -62.61 74.14 26.74
CA ILE U 226 -62.65 74.91 25.50
C ILE U 226 -62.40 73.94 24.34
N ASN U 227 -63.35 73.88 23.40
CA ASN U 227 -63.28 72.92 22.31
C ASN U 227 -63.04 73.54 20.95
N SER U 228 -63.40 74.80 20.75
CA SER U 228 -63.26 75.40 19.43
C SER U 228 -63.28 76.92 19.54
N VAL U 229 -62.55 77.57 18.65
CA VAL U 229 -62.53 79.03 18.55
C VAL U 229 -62.61 79.39 17.07
N GLU U 230 -63.47 80.35 16.74
CA GLU U 230 -63.67 80.79 15.37
C GLU U 230 -63.37 82.29 15.27
N THR U 231 -62.67 82.68 14.21
CA THR U 231 -62.27 84.07 14.01
C THR U 231 -62.49 84.45 12.55
N GLU U 232 -62.64 85.76 12.33
CA GLU U 232 -62.83 86.31 10.99
C GLU U 232 -61.90 87.49 10.79
N ASP U 233 -61.32 87.59 9.60
CA ASP U 233 -60.46 88.70 9.24
C ASP U 233 -60.56 88.96 7.75
N GLY U 234 -60.27 90.20 7.35
CA GLY U 234 -60.37 90.56 5.95
C GLY U 234 -59.33 89.87 5.08
N TYR U 235 -58.10 89.77 5.57
CA TYR U 235 -57.01 89.23 4.79
C TYR U 235 -57.02 87.70 4.86
N ALA U 236 -55.96 87.07 4.32
CA ALA U 236 -55.87 85.61 4.26
C ALA U 236 -55.23 85.08 5.55
N ASN U 237 -55.94 85.30 6.65
CA ASN U 237 -55.55 84.78 7.97
C ASN U 237 -54.12 85.21 8.32
N GLN U 238 -53.80 86.46 8.04
CA GLN U 238 -52.48 87.01 8.39
C GLN U 238 -52.60 88.24 9.27
N LEU U 239 -53.74 88.42 9.93
CA LEU U 239 -53.90 89.47 10.95
C LEU U 239 -54.20 88.88 12.31
N ILE U 240 -55.19 87.99 12.41
CA ILE U 240 -55.54 87.33 13.66
C ILE U 240 -55.75 85.86 13.36
N SER U 241 -55.06 84.99 14.11
CA SER U 241 -55.16 83.56 13.91
C SER U 241 -55.15 82.84 15.25
N PRO U 242 -56.10 81.96 15.50
CA PRO U 242 -56.15 81.22 16.77
C PRO U 242 -55.44 79.88 16.70
N VAL U 243 -54.87 79.49 17.84
CA VAL U 243 -54.21 78.20 18.00
C VAL U 243 -54.53 77.67 19.38
N LEU U 244 -54.81 76.36 19.48
CA LEU U 244 -55.13 75.76 20.77
C LEU U 244 -54.07 74.76 21.21
N ASP U 245 -53.85 73.67 20.46
CA ASP U 245 -52.87 72.67 20.88
C ASP U 245 -52.08 72.07 19.72
N THR U 246 -52.30 72.51 18.48
CA THR U 246 -51.74 71.80 17.34
C THR U 246 -51.39 72.79 16.23
N VAL U 247 -50.27 72.52 15.56
CA VAL U 247 -49.85 73.27 14.38
C VAL U 247 -49.42 72.27 13.32
N GLN U 248 -49.35 72.75 12.07
CA GLN U 248 -48.99 71.87 10.98
C GLN U 248 -47.47 71.80 10.76
N THR U 249 -46.81 72.95 10.74
CA THR U 249 -45.37 73.01 10.50
C THR U 249 -44.72 73.91 11.54
N ILE U 250 -43.40 73.96 11.50
CA ILE U 250 -42.64 74.76 12.46
C ILE U 250 -42.91 76.24 12.25
N SER U 251 -43.09 76.66 11.00
CA SER U 251 -43.24 78.08 10.68
C SER U 251 -44.52 78.67 11.21
N LYS U 252 -45.46 77.86 11.69
CA LYS U 252 -46.73 78.34 12.22
C LYS U 252 -46.71 78.58 13.72
N LEU U 253 -45.56 78.42 14.35
CA LEU U 253 -45.48 78.59 15.80
C LEU U 253 -45.77 80.04 16.18
N PRO U 254 -46.42 80.28 17.32
CA PRO U 254 -46.68 81.66 17.74
C PRO U 254 -45.39 82.39 18.11
N LEU U 255 -45.46 83.72 18.03
CA LEU U 255 -44.29 84.54 18.32
C LEU U 255 -43.86 84.42 19.78
N ALA U 256 -44.83 84.42 20.70
CA ALA U 256 -44.52 84.35 22.12
C ALA U 256 -45.68 83.67 22.84
N ALA U 257 -45.39 83.18 24.04
CA ALA U 257 -46.36 82.43 24.83
C ALA U 257 -45.94 82.49 26.29
N PRO U 258 -46.86 82.25 27.22
CA PRO U 258 -46.47 82.17 28.63
C PRO U 258 -45.57 80.98 28.88
N ASN U 259 -44.73 81.10 29.90
CA ASN U 259 -43.73 80.07 30.20
C ASN U 259 -44.39 78.74 30.51
N GLY U 260 -43.83 77.67 29.97
CA GLY U 260 -44.32 76.33 30.24
C GLY U 260 -45.44 75.85 29.34
N TYR U 261 -45.62 76.46 28.17
CA TYR U 261 -46.67 76.05 27.26
C TYR U 261 -46.20 74.90 26.39
N ILE U 262 -47.13 74.03 26.01
CA ILE U 262 -46.82 72.81 25.27
C ILE U 262 -47.67 72.75 24.01
N ILE U 263 -47.04 72.44 22.88
CA ILE U 263 -47.70 72.38 21.59
C ILE U 263 -47.26 71.10 20.87
N LYS U 264 -48.18 70.53 20.09
CA LYS U 264 -47.93 69.32 19.32
C LYS U 264 -47.79 69.65 17.84
N ILE U 265 -46.83 69.03 17.18
CA ILE U 265 -46.55 69.27 15.76
C ILE U 265 -46.92 68.01 15.00
N GLN U 266 -47.94 68.11 14.14
CA GLN U 266 -48.39 66.95 13.38
C GLN U 266 -47.43 66.64 12.24
N GLY U 267 -46.99 67.65 11.50
CA GLY U 267 -46.10 67.46 10.39
C GLY U 267 -46.83 67.51 9.05
N GLU U 268 -46.04 67.53 7.98
CA GLU U 268 -46.58 67.62 6.63
C GLU U 268 -47.25 66.31 6.25
N THR U 269 -48.31 66.41 5.43
CA THR U 269 -49.05 65.22 5.03
C THR U 269 -48.25 64.37 4.05
N ASN U 270 -47.64 65.01 3.06
CA ASN U 270 -46.95 64.25 2.01
C ASN U 270 -45.77 63.47 2.57
N SER U 271 -44.98 64.10 3.43
CA SER U 271 -43.78 63.47 3.95
C SER U 271 -44.15 62.43 5.01
N SER U 272 -43.17 61.61 5.37
CA SER U 272 -43.32 60.58 6.39
C SER U 272 -42.47 60.96 7.59
N ALA U 273 -43.11 61.20 8.71
CA ALA U 273 -42.40 61.57 9.94
C ALA U 273 -43.19 61.11 11.16
N ASP U 274 -42.84 61.63 12.33
CA ASP U 274 -43.52 61.26 13.57
C ASP U 274 -44.02 62.53 14.25
N GLU U 275 -44.67 62.36 15.40
CA GLU U 275 -45.17 63.46 16.18
C GLU U 275 -44.32 63.65 17.42
N TYR U 276 -44.00 64.91 17.74
CA TYR U 276 -43.21 65.23 18.91
C TYR U 276 -43.78 66.48 19.56
N TYR U 277 -43.45 66.65 20.84
CA TYR U 277 -43.97 67.74 21.64
C TYR U 277 -42.86 68.72 21.99
N VAL U 278 -43.21 70.01 22.01
CA VAL U 278 -42.25 71.08 22.19
C VAL U 278 -42.73 72.00 23.30
N MET U 279 -41.79 72.46 24.13
CA MET U 279 -42.06 73.38 25.21
C MET U 279 -41.32 74.69 24.96
N TYR U 280 -41.81 75.75 25.59
CA TYR U 280 -41.31 77.10 25.37
C TYR U 280 -40.62 77.62 26.62
N ASP U 281 -39.55 78.39 26.42
CA ASP U 281 -38.79 79.01 27.50
C ASP U 281 -38.95 80.51 27.42
N SER U 282 -39.00 81.16 28.58
CA SER U 282 -39.20 82.60 28.65
C SER U 282 -37.89 83.37 28.80
N ASN U 283 -36.94 82.83 29.57
CA ASN U 283 -35.69 83.56 29.81
C ASN U 283 -34.87 83.69 28.53
N THR U 284 -34.81 82.65 27.70
CA THR U 284 -34.01 82.66 26.49
C THR U 284 -34.83 82.75 25.22
N LYS U 285 -36.15 82.60 25.29
CA LYS U 285 -37.05 82.69 24.14
C LYS U 285 -36.65 81.69 23.05
N THR U 286 -36.71 80.41 23.42
CA THR U 286 -36.39 79.32 22.51
C THR U 286 -37.40 78.21 22.71
N TRP U 287 -37.19 77.09 22.00
CA TRP U 287 -38.06 75.93 22.09
C TRP U 287 -37.21 74.67 22.25
N LYS U 288 -37.78 73.69 22.95
CA LYS U 288 -37.07 72.46 23.23
C LYS U 288 -38.06 71.31 23.31
N GLU U 289 -37.59 70.11 22.97
CA GLU U 289 -38.43 68.92 22.95
C GLU U 289 -38.63 68.38 24.37
N THR U 290 -39.85 67.91 24.63
CA THR U 290 -40.23 67.40 25.94
C THR U 290 -41.10 66.16 25.75
N VAL U 291 -41.79 65.75 26.82
CA VAL U 291 -42.56 64.51 26.86
C VAL U 291 -44.02 64.85 27.10
N GLU U 292 -44.90 64.08 26.44
CA GLU U 292 -46.33 64.31 26.59
C GLU U 292 -46.77 64.11 28.03
N PRO U 293 -47.61 64.99 28.58
CA PRO U 293 -48.09 64.82 29.95
C PRO U 293 -48.99 63.60 30.08
N GLY U 294 -48.98 63.00 31.26
CA GLY U 294 -49.86 61.88 31.56
C GLY U 294 -49.32 60.53 31.14
N VAL U 295 -48.01 60.33 31.26
CA VAL U 295 -47.36 59.10 30.82
C VAL U 295 -46.41 58.63 31.91
N ILE U 296 -46.39 57.31 32.12
CA ILE U 296 -45.50 56.69 33.09
C ILE U 296 -44.08 56.64 32.56
N THR U 297 -43.11 57.01 33.39
CA THR U 297 -41.70 57.01 33.01
C THR U 297 -40.86 56.40 34.14
N GLY U 298 -40.34 55.21 33.89
CA GLY U 298 -39.41 54.59 34.81
C GLY U 298 -39.72 53.13 35.01
N PHE U 299 -38.83 52.47 35.75
CA PHE U 299 -38.98 51.09 36.17
C PHE U 299 -39.06 51.01 37.69
N ASP U 300 -39.57 49.89 38.18
CA ASP U 300 -39.50 49.60 39.60
C ASP U 300 -38.12 49.03 39.92
N VAL U 301 -37.30 49.81 40.63
CA VAL U 301 -35.89 49.48 40.78
C VAL U 301 -35.71 48.19 41.58
N THR U 302 -36.56 47.97 42.59
CA THR U 302 -36.35 46.83 43.48
C THR U 302 -36.72 45.50 42.84
N THR U 303 -37.04 45.44 41.55
CA THR U 303 -37.28 44.17 40.86
C THR U 303 -36.38 44.04 39.63
N MET U 304 -35.14 44.49 39.74
CA MET U 304 -34.19 44.48 38.64
C MET U 304 -32.82 44.10 39.17
N PRO U 305 -31.96 43.50 38.31
CA PRO U 305 -30.66 42.99 38.77
C PRO U 305 -29.88 43.95 39.66
N HIS U 306 -29.34 43.43 40.76
CA HIS U 306 -28.56 44.22 41.69
C HIS U 306 -27.07 44.12 41.32
N ALA U 307 -26.20 44.63 42.19
CA ALA U 307 -24.77 44.56 41.94
C ALA U 307 -24.05 44.53 43.28
N LEU U 308 -22.82 44.01 43.25
CA LEU U 308 -22.00 43.86 44.45
C LEU U 308 -20.66 44.52 44.22
N ILE U 309 -20.27 45.42 45.13
CA ILE U 309 -19.05 46.21 45.00
C ILE U 309 -18.24 46.08 46.27
N ARG U 310 -16.93 46.25 46.13
CA ARG U 310 -15.99 46.15 47.25
C ARG U 310 -15.41 47.52 47.56
N GLN U 311 -15.38 47.87 48.84
CA GLN U 311 -14.83 49.14 49.28
C GLN U 311 -13.34 48.97 49.56
N SER U 312 -12.71 49.97 50.18
CA SER U 312 -11.28 49.94 50.44
C SER U 312 -10.90 49.18 51.70
N ASP U 313 -11.72 49.25 52.75
CA ASP U 313 -11.40 48.55 53.99
C ASP U 313 -11.55 47.04 53.87
N GLY U 314 -12.15 46.56 52.77
CA GLY U 314 -12.32 45.15 52.53
C GLY U 314 -13.75 44.66 52.64
N SER U 315 -14.64 45.45 53.23
CA SER U 315 -16.03 45.03 53.37
C SER U 315 -16.76 45.14 52.04
N PHE U 316 -17.93 44.53 51.97
CA PHE U 316 -18.75 44.52 50.78
C PHE U 316 -20.09 45.16 51.06
N GLU U 317 -20.79 45.55 49.99
CA GLU U 317 -22.10 46.19 50.11
C GLU U 317 -22.99 45.73 48.97
N PHE U 318 -24.29 45.74 49.23
CA PHE U 318 -25.30 45.29 48.28
C PHE U 318 -26.23 46.46 47.99
N LYS U 319 -26.26 46.90 46.73
CA LYS U 319 -27.03 48.06 46.33
C LYS U 319 -27.74 47.79 45.01
N THR U 320 -28.50 48.78 44.55
CA THR U 320 -29.22 48.70 43.29
C THR U 320 -28.56 49.60 42.25
N LEU U 321 -29.20 49.72 41.09
CA LEU U 321 -28.66 50.45 39.96
C LEU U 321 -29.63 51.54 39.51
N ASP U 322 -29.08 52.60 38.91
CA ASP U 322 -29.85 53.75 38.46
C ASP U 322 -30.02 53.66 36.94
N TRP U 323 -31.23 53.34 36.51
CA TRP U 323 -31.53 53.27 35.09
C TRP U 323 -32.03 54.62 34.58
N SER U 324 -32.21 54.71 33.27
CA SER U 324 -32.60 55.96 32.63
C SER U 324 -34.11 56.11 32.61
N LYS U 325 -34.58 57.23 32.07
CA LYS U 325 -36.00 57.56 32.01
C LYS U 325 -36.39 58.04 30.62
N ARG U 326 -37.68 58.21 30.41
CA ARG U 326 -38.20 58.58 29.10
C ARG U 326 -37.92 60.04 28.79
N GLY U 327 -37.57 60.29 27.52
CA GLY U 327 -37.30 61.63 27.04
C GLY U 327 -37.91 61.89 25.67
N SER U 328 -39.08 61.32 25.42
CA SER U 328 -39.64 61.26 24.08
C SER U 328 -41.15 61.38 24.09
N GLY U 329 -41.81 60.97 23.01
CA GLY U 329 -43.23 61.19 22.86
C GLY U 329 -44.11 60.25 23.66
N ASN U 330 -45.17 59.74 23.04
CA ASN U 330 -46.20 58.99 23.75
C ASN U 330 -45.95 57.48 23.60
N ASP U 331 -46.92 56.70 24.07
CA ASP U 331 -46.75 55.25 24.18
C ASP U 331 -46.60 54.60 22.81
N ASP U 332 -47.50 54.93 21.87
CA ASP U 332 -47.49 54.23 20.58
C ASP U 332 -46.24 54.55 19.78
N THR U 333 -45.73 55.77 19.89
CA THR U 333 -44.49 56.12 19.17
C THR U 333 -43.28 55.50 19.84
N ASN U 334 -43.25 55.49 21.17
CA ASN U 334 -42.12 54.97 21.94
C ASN U 334 -42.62 53.96 22.96
N PRO U 335 -42.86 52.72 22.55
CA PRO U 335 -43.43 51.73 23.48
C PRO U 335 -42.41 51.21 24.48
N MET U 336 -42.94 50.59 25.53
CA MET U 336 -42.10 50.00 26.55
C MET U 336 -41.41 48.75 26.00
N PRO U 337 -40.24 48.40 26.52
CA PRO U 337 -39.52 47.22 26.03
C PRO U 337 -40.26 45.93 26.38
N SER U 338 -39.76 44.84 25.81
CA SER U 338 -40.47 43.57 25.91
C SER U 338 -40.35 42.95 27.31
N PHE U 339 -39.22 43.15 27.98
CA PHE U 339 -38.97 42.48 29.25
C PHE U 339 -39.67 43.20 30.41
N VAL U 340 -40.97 43.48 30.25
CA VAL U 340 -41.71 44.19 31.27
C VAL U 340 -42.56 43.27 32.13
N ASP U 341 -43.16 42.22 31.56
CA ASP U 341 -43.99 41.28 32.32
C ASP U 341 -43.46 39.86 32.13
N ALA U 342 -42.15 39.70 32.27
CA ALA U 342 -41.53 38.38 32.12
C ALA U 342 -40.32 38.31 33.05
N THR U 343 -39.45 37.33 32.83
CA THR U 343 -38.27 37.12 33.66
C THR U 343 -37.02 37.12 32.80
N ILE U 344 -35.92 37.57 33.39
CA ILE U 344 -34.63 37.62 32.72
C ILE U 344 -33.88 36.33 33.03
N ASN U 345 -33.04 35.90 32.08
CA ASN U 345 -32.31 34.65 32.22
C ASN U 345 -30.80 34.77 32.22
N ASP U 346 -30.22 35.71 31.47
CA ASP U 346 -28.77 35.76 31.34
C ASP U 346 -28.40 37.18 30.91
N VAL U 347 -27.13 37.53 31.10
CA VAL U 347 -26.59 38.83 30.74
C VAL U 347 -25.28 38.63 30.00
N PHE U 348 -25.12 39.31 28.85
CA PHE U 348 -23.93 39.15 28.03
C PHE U 348 -23.47 40.52 27.54
N PHE U 349 -22.44 40.51 26.69
CA PHE U 349 -21.83 41.74 26.20
C PHE U 349 -21.35 41.51 24.77
N TYR U 350 -21.66 42.43 23.88
CA TYR U 350 -21.33 42.26 22.47
C TYR U 350 -21.35 43.60 21.76
N ARG U 351 -20.28 43.90 21.02
CA ARG U 351 -20.20 45.10 20.17
C ARG U 351 -20.49 46.37 20.95
N ASN U 352 -19.86 46.49 22.12
CA ASN U 352 -19.97 47.69 22.95
C ASN U 352 -21.42 47.97 23.33
N ARG U 353 -22.19 46.90 23.57
CA ARG U 353 -23.59 47.04 23.93
C ARG U 353 -23.94 45.95 24.94
N LEU U 354 -24.65 46.34 26.00
CA LEU U 354 -25.14 45.37 26.98
C LEU U 354 -26.39 44.68 26.45
N GLY U 355 -26.59 43.45 26.89
CA GLY U 355 -27.69 42.65 26.38
C GLY U 355 -28.34 41.81 27.46
N PHE U 356 -29.64 41.58 27.31
CA PHE U 356 -30.43 40.75 28.21
C PHE U 356 -31.10 39.63 27.42
N LEU U 357 -31.52 38.59 28.13
CA LEU U 357 -32.27 37.49 27.55
C LEU U 357 -33.56 37.29 28.31
N SER U 358 -34.66 37.10 27.58
CA SER U 358 -35.96 36.88 28.20
C SER U 358 -36.92 36.34 27.14
N GLY U 359 -37.63 35.27 27.51
CA GLY U 359 -38.57 34.65 26.60
C GLY U 359 -37.92 34.23 25.30
N GLU U 360 -38.44 34.73 24.18
CA GLU U 360 -37.85 34.50 22.87
C GLU U 360 -37.38 35.82 22.24
N ASN U 361 -36.92 36.76 23.07
CA ASN U 361 -36.56 38.08 22.61
C ASN U 361 -35.14 38.41 23.03
N VAL U 362 -34.47 39.22 22.20
CA VAL U 362 -33.12 39.70 22.46
C VAL U 362 -33.17 41.22 22.54
N ILE U 363 -32.60 41.78 23.60
CA ILE U 363 -32.67 43.20 23.89
C ILE U 363 -31.25 43.73 24.10
N MET U 364 -30.94 44.86 23.46
CA MET U 364 -29.65 45.51 23.61
C MET U 364 -29.86 47.00 23.84
N SER U 365 -28.90 47.60 24.53
CA SER U 365 -28.97 49.01 24.87
C SER U 365 -28.33 49.86 23.77
N ARG U 366 -28.20 51.15 24.02
CA ARG U 366 -27.59 52.07 23.06
C ARG U 366 -26.08 51.96 23.10
N SER U 367 -25.44 52.39 22.01
CA SER U 367 -23.99 52.35 21.94
C SER U 367 -23.38 53.32 22.95
N ALA U 368 -22.28 52.89 23.57
CA ALA U 368 -21.48 53.71 24.47
C ALA U 368 -22.23 54.10 25.74
N SER U 369 -23.44 53.58 25.91
CA SER U 369 -24.22 53.81 27.13
C SER U 369 -24.80 52.48 27.58
N TYR U 370 -24.47 52.08 28.82
CA TYR U 370 -24.82 50.76 29.31
C TYR U 370 -26.05 50.76 30.20
N PHE U 371 -26.72 51.90 30.36
CA PHE U 371 -27.87 51.97 31.27
C PHE U 371 -29.03 52.73 30.66
N ALA U 372 -29.17 52.69 29.34
CA ALA U 372 -30.24 53.41 28.65
C ALA U 372 -30.88 52.49 27.63
N PHE U 373 -32.19 52.27 27.76
CA PHE U 373 -32.94 51.44 26.82
C PHE U 373 -34.00 52.26 26.06
N PHE U 374 -33.84 53.58 26.01
CA PHE U 374 -34.79 54.44 25.34
C PHE U 374 -34.08 55.37 24.35
N PRO U 375 -34.65 55.60 23.19
CA PRO U 375 -34.01 56.49 22.20
C PRO U 375 -34.02 57.93 22.67
N LYS U 376 -33.07 58.70 22.14
CA LYS U 376 -32.91 60.09 22.54
C LYS U 376 -34.10 60.93 22.07
N SER U 377 -34.49 60.79 20.81
CA SER U 377 -35.55 61.59 20.24
C SER U 377 -36.31 60.79 19.19
N VAL U 378 -37.60 61.10 19.03
CA VAL U 378 -38.41 60.47 17.99
C VAL U 378 -38.42 61.26 16.69
N ALA U 379 -38.06 62.55 16.76
CA ALA U 379 -38.14 63.40 15.57
C ALA U 379 -37.22 62.91 14.46
N THR U 380 -36.01 62.49 14.81
CA THR U 380 -35.02 62.06 13.83
C THR U 380 -34.46 60.70 14.21
N LEU U 381 -34.23 59.87 13.20
CA LEU U 381 -33.64 58.55 13.40
C LEU U 381 -32.13 58.65 13.54
N SER U 382 -31.54 57.59 14.08
CA SER U 382 -30.10 57.52 14.27
C SER U 382 -29.66 56.06 14.17
N ASP U 383 -28.35 55.84 14.30
CA ASP U 383 -27.78 54.51 14.24
C ASP U 383 -27.22 54.06 15.60
N ALA U 384 -27.70 54.65 16.68
CA ALA U 384 -27.28 54.30 18.03
C ALA U 384 -28.50 54.13 18.93
N ASP U 385 -29.48 53.39 18.42
CA ASP U 385 -30.74 53.15 19.11
C ASP U 385 -30.83 51.70 19.57
N PRO U 386 -31.58 51.43 20.64
CA PRO U 386 -31.69 50.06 21.13
C PRO U 386 -32.33 49.14 20.10
N ILE U 387 -31.94 47.87 20.15
CA ILE U 387 -32.41 46.85 19.22
C ILE U 387 -33.33 45.90 19.96
N ASP U 388 -34.34 45.39 19.25
CA ASP U 388 -35.28 44.43 19.82
C ASP U 388 -35.85 43.58 18.71
N VAL U 389 -35.62 42.27 18.79
CA VAL U 389 -36.10 41.34 17.78
C VAL U 389 -36.74 40.13 18.45
N ALA U 390 -37.16 39.15 17.65
CA ALA U 390 -37.76 37.94 18.18
C ALA U 390 -37.37 36.77 17.28
N VAL U 391 -37.35 35.58 17.86
CA VAL U 391 -36.99 34.36 17.14
C VAL U 391 -37.95 33.25 17.56
N SER U 392 -38.34 32.41 16.60
CA SER U 392 -39.26 31.32 16.88
C SER U 392 -38.96 30.14 15.96
N HIS U 393 -39.30 28.95 16.44
CA HIS U 393 -39.12 27.72 15.70
C HIS U 393 -40.32 26.83 16.01
N PRO U 394 -40.74 25.98 15.07
CA PRO U 394 -41.87 25.08 15.35
C PRO U 394 -41.63 24.15 16.51
N ARG U 395 -40.38 23.81 16.81
CA ARG U 395 -40.09 22.89 17.90
C ARG U 395 -40.33 23.52 19.27
N ILE U 396 -40.51 24.85 19.32
CA ILE U 396 -40.73 25.60 20.56
C ILE U 396 -39.49 25.56 21.44
N SER U 397 -38.91 26.73 21.71
CA SER U 397 -37.67 26.80 22.46
C SER U 397 -37.62 28.11 23.23
N ILE U 398 -36.81 28.11 24.29
CA ILE U 398 -36.57 29.28 25.12
C ILE U 398 -35.06 29.46 25.26
N LEU U 399 -34.58 30.67 24.99
CA LEU U 399 -33.15 30.94 25.07
C LEU U 399 -32.68 30.90 26.53
N LYS U 400 -31.57 30.20 26.76
CA LYS U 400 -31.10 29.99 28.12
C LYS U 400 -29.64 30.37 28.31
N TYR U 401 -28.80 30.15 27.30
CA TYR U 401 -27.37 30.41 27.43
C TYR U 401 -26.85 31.10 26.19
N ALA U 402 -25.84 31.95 26.39
CA ALA U 402 -25.15 32.65 25.31
C ALA U 402 -23.65 32.35 25.40
N VAL U 403 -23.09 31.89 24.29
CA VAL U 403 -21.69 31.45 24.27
C VAL U 403 -20.95 32.05 23.08
N PRO U 404 -19.86 32.77 23.28
CA PRO U 404 -19.04 33.21 22.15
C PRO U 404 -18.06 32.12 21.73
N PHE U 405 -17.86 31.99 20.42
CA PHE U 405 -17.03 30.91 19.91
C PHE U 405 -16.66 31.19 18.46
N SER U 406 -15.38 31.05 18.15
CA SER U 406 -14.86 31.11 16.78
C SER U 406 -15.31 32.37 16.05
N GLU U 407 -15.08 33.51 16.71
CA GLU U 407 -15.37 34.84 16.15
C GLU U 407 -16.86 34.97 15.79
N GLN U 408 -17.70 34.30 16.57
CA GLN U 408 -19.14 34.40 16.41
C GLN U 408 -19.78 34.39 17.79
N LEU U 409 -21.10 34.58 17.82
CA LEU U 409 -21.88 34.48 19.04
C LEU U 409 -22.99 33.47 18.82
N LEU U 410 -23.16 32.56 19.77
CA LEU U 410 -24.12 31.48 19.66
C LEU U 410 -25.12 31.53 20.80
N LEU U 411 -26.39 31.32 20.48
CA LEU U 411 -27.47 31.27 21.46
C LEU U 411 -28.03 29.85 21.48
N TRP U 412 -28.06 29.24 22.66
CA TRP U 412 -28.43 27.84 22.80
C TRP U 412 -29.76 27.71 23.54
N SER U 413 -30.56 26.72 23.10
CA SER U 413 -31.82 26.40 23.76
C SER U 413 -31.76 24.92 24.11
N ASP U 414 -32.85 24.32 24.55
CA ASP U 414 -32.83 22.90 24.90
C ASP U 414 -32.95 21.96 23.72
N GLU U 415 -33.33 22.44 22.54
CA GLU U 415 -33.36 21.59 21.35
C GLU U 415 -32.73 22.19 20.11
N VAL U 416 -32.59 23.51 20.02
CA VAL U 416 -32.09 24.16 18.81
C VAL U 416 -30.98 25.12 19.20
N GLN U 417 -30.04 25.34 18.27
CA GLN U 417 -28.95 26.28 18.46
C GLN U 417 -28.97 27.30 17.34
N PHE U 418 -28.85 28.58 17.69
CA PHE U 418 -28.97 29.67 16.74
C PHE U 418 -27.63 30.37 16.54
N VAL U 419 -27.51 31.05 15.40
CA VAL U 419 -26.32 31.80 15.04
C VAL U 419 -26.74 33.22 14.69
N MET U 420 -26.02 34.21 15.24
CA MET U 420 -26.33 35.61 15.02
C MET U 420 -25.24 36.27 14.18
N THR U 421 -25.67 37.07 13.22
CA THR U 421 -24.75 37.77 12.33
C THR U 421 -25.42 39.05 11.84
N SER U 422 -24.69 39.81 11.03
CA SER U 422 -25.18 41.07 10.50
C SER U 422 -24.62 41.29 9.10
N SER U 423 -25.29 42.17 8.35
CA SER U 423 -24.89 42.53 6.99
C SER U 423 -24.48 44.00 7.00
N GLY U 424 -23.21 44.25 7.28
CA GLY U 424 -22.70 45.59 7.40
C GLY U 424 -22.65 46.05 8.84
N VAL U 425 -22.87 47.37 9.01
CA VAL U 425 -22.93 47.92 10.36
C VAL U 425 -24.17 47.42 11.07
N LEU U 426 -24.00 46.95 12.30
CA LEU U 426 -25.09 46.36 13.05
C LEU U 426 -26.09 47.44 13.46
N THR U 427 -27.27 47.41 12.86
CA THR U 427 -28.35 48.34 13.20
C THR U 427 -29.60 47.53 13.54
N SER U 428 -30.66 48.24 13.92
CA SER U 428 -31.91 47.58 14.27
C SER U 428 -32.63 47.01 13.06
N LYS U 429 -32.19 47.32 11.83
CA LYS U 429 -32.83 46.84 10.63
C LYS U 429 -31.90 45.96 9.78
N SER U 430 -30.78 45.50 10.37
CA SER U 430 -29.84 44.69 9.60
C SER U 430 -29.30 43.51 10.39
N ILE U 431 -30.07 42.93 11.30
CA ILE U 431 -29.65 41.81 12.13
C ILE U 431 -30.38 40.56 11.70
N GLN U 432 -29.67 39.43 11.64
CA GLN U 432 -30.22 38.17 11.15
C GLN U 432 -29.96 37.05 12.14
N LEU U 433 -30.93 36.17 12.30
CA LEU U 433 -30.81 34.97 13.12
C LEU U 433 -31.15 33.76 12.27
N ASP U 434 -30.38 32.68 12.43
CA ASP U 434 -30.54 31.47 11.64
C ASP U 434 -30.41 30.25 12.53
N VAL U 435 -30.60 29.07 11.92
CA VAL U 435 -30.57 27.79 12.62
C VAL U 435 -29.31 27.03 12.21
N GLY U 436 -28.53 26.60 13.20
CA GLY U 436 -27.27 25.94 12.92
C GLY U 436 -27.22 24.44 13.12
N SER U 437 -27.81 23.95 14.21
CA SER U 437 -27.69 22.55 14.57
C SER U 437 -29.01 22.08 15.18
N GLU U 438 -29.05 20.82 15.62
CA GLU U 438 -30.29 20.23 16.11
C GLU U 438 -30.05 19.35 17.33
N PHE U 439 -28.85 19.40 17.91
CA PHE U 439 -28.51 18.51 19.02
C PHE U 439 -29.26 18.91 20.29
N ALA U 440 -29.44 17.94 21.17
CA ALA U 440 -30.12 18.13 22.44
C ALA U 440 -29.11 18.26 23.58
N LEU U 441 -29.55 18.89 24.67
CA LEU U 441 -28.68 19.14 25.81
C LEU U 441 -29.54 19.42 27.04
N GLY U 442 -28.87 19.51 28.19
CA GLY U 442 -29.54 19.78 29.44
C GLY U 442 -29.24 21.17 29.98
N ASP U 443 -29.93 21.58 31.04
CA ASP U 443 -29.87 22.95 31.50
C ASP U 443 -29.56 23.00 33.00
N THR U 444 -28.55 22.25 33.44
CA THR U 444 -28.13 22.26 34.83
C THR U 444 -26.67 22.65 35.03
N ALA U 445 -25.86 22.72 33.97
CA ALA U 445 -24.45 23.07 34.11
C ALA U 445 -24.04 23.96 32.94
N ARG U 446 -23.34 25.04 33.25
CA ARG U 446 -22.89 25.95 32.20
C ARG U 446 -21.78 25.30 31.38
N PRO U 447 -21.83 25.42 30.06
CA PRO U 447 -20.77 24.83 29.22
C PRO U 447 -19.41 25.43 29.52
N PHE U 448 -18.37 24.60 29.38
CA PHE U 448 -17.00 24.99 29.62
C PHE U 448 -16.22 24.97 28.31
N ALA U 449 -15.26 25.89 28.20
CA ALA U 449 -14.52 26.07 26.95
C ALA U 449 -13.02 25.96 27.21
N VAL U 450 -12.37 25.04 26.50
CA VAL U 450 -10.92 24.85 26.58
C VAL U 450 -10.38 24.70 25.17
N GLY U 451 -9.34 25.47 24.86
CA GLY U 451 -8.70 25.39 23.56
C GLY U 451 -9.63 25.77 22.43
N ARG U 452 -10.05 24.78 21.65
CA ARG U 452 -10.98 24.97 20.54
C ARG U 452 -12.18 24.04 20.67
N SER U 453 -12.61 23.78 21.89
CA SER U 453 -13.70 22.84 22.13
C SER U 453 -14.58 23.35 23.25
N VAL U 454 -15.82 22.86 23.27
CA VAL U 454 -16.80 23.20 24.30
C VAL U 454 -17.42 21.91 24.80
N PHE U 455 -17.48 21.74 26.12
CA PHE U 455 -18.00 20.54 26.75
C PHE U 455 -19.35 20.85 27.40
N PHE U 456 -20.33 19.99 27.17
CA PHE U 456 -21.64 20.13 27.79
C PHE U 456 -22.20 18.74 28.10
N SER U 457 -23.16 18.70 29.00
CA SER U 457 -23.77 17.46 29.45
C SER U 457 -25.10 17.22 28.76
N ALA U 458 -25.54 15.96 28.79
CA ALA U 458 -26.81 15.56 28.18
C ALA U 458 -27.38 14.34 28.91
N PRO U 459 -28.46 14.50 29.66
CA PRO U 459 -28.97 13.39 30.46
C PRO U 459 -29.62 12.31 29.60
N ARG U 460 -29.75 11.12 30.19
CA ARG U 460 -30.39 9.99 29.53
C ARG U 460 -31.23 9.24 30.54
N GLY U 461 -31.60 7.99 30.22
CA GLY U 461 -32.44 7.18 31.08
C GLY U 461 -32.06 7.16 32.55
N SER U 462 -30.90 6.60 32.87
CA SER U 462 -30.43 6.54 34.24
C SER U 462 -29.01 7.05 34.42
N PHE U 463 -28.30 7.37 33.34
CA PHE U 463 -26.94 7.85 33.42
C PHE U 463 -26.77 9.05 32.48
N THR U 464 -25.73 9.84 32.75
CA THR U 464 -25.49 11.07 32.03
C THR U 464 -24.44 10.82 30.94
N SER U 465 -24.24 11.79 30.06
CA SER U 465 -23.26 11.66 28.98
C SER U 465 -22.60 13.00 28.75
N ILE U 466 -21.40 12.97 28.20
CA ILE U 466 -20.59 14.17 27.97
C ILE U 466 -20.24 14.21 26.48
N LYS U 467 -20.50 15.33 25.84
CA LYS U 467 -20.22 15.53 24.43
C LYS U 467 -19.24 16.67 24.23
N ARG U 468 -18.66 16.72 23.03
CA ARG U 468 -17.65 17.71 22.68
C ARG U 468 -18.07 18.45 21.42
N TYR U 469 -18.00 19.77 21.46
CA TYR U 469 -18.43 20.63 20.36
C TYR U 469 -17.19 21.21 19.68
N PHE U 470 -16.98 20.85 18.42
CA PHE U 470 -15.83 21.32 17.66
C PHE U 470 -16.28 21.75 16.27
N ALA U 471 -15.31 22.11 15.44
CA ALA U 471 -15.56 22.56 14.08
C ALA U 471 -14.77 21.69 13.11
N VAL U 472 -15.43 21.21 12.06
CA VAL U 472 -14.74 20.40 11.06
C VAL U 472 -13.73 21.27 10.33
N ALA U 473 -12.62 20.65 9.92
CA ALA U 473 -11.51 21.41 9.35
C ALA U 473 -11.73 21.76 7.89
N ASP U 474 -11.79 20.74 7.03
CA ASP U 474 -11.79 20.98 5.58
C ASP U 474 -13.01 21.79 5.15
N VAL U 475 -14.17 21.48 5.73
CA VAL U 475 -15.40 22.12 5.30
C VAL U 475 -15.49 23.50 5.95
N SER U 476 -16.19 24.42 5.30
CA SER U 476 -16.35 25.78 5.80
C SER U 476 -17.67 25.91 6.57
N ASP U 477 -17.56 26.28 7.84
CA ASP U 477 -18.70 26.63 8.69
C ASP U 477 -19.69 25.46 8.80
N VAL U 478 -19.20 24.38 9.42
CA VAL U 478 -20.04 23.26 9.84
C VAL U 478 -19.62 22.87 11.25
N LYS U 479 -20.60 22.60 12.11
CA LYS U 479 -20.35 22.24 13.49
C LYS U 479 -20.90 20.85 13.75
N ASP U 480 -20.11 20.00 14.41
CA ASP U 480 -20.52 18.67 14.80
C ASP U 480 -20.42 18.51 16.32
N ALA U 481 -20.95 17.40 16.81
CA ALA U 481 -20.85 17.06 18.22
C ALA U 481 -20.51 15.58 18.34
N ASP U 482 -19.47 15.28 19.10
CA ASP U 482 -18.99 13.92 19.27
C ASP U 482 -19.15 13.50 20.72
N ASP U 483 -19.47 12.22 20.92
CA ASP U 483 -19.65 11.67 22.25
C ASP U 483 -18.34 11.12 22.77
N THR U 484 -17.97 11.53 23.98
CA THR U 484 -16.74 11.04 24.60
C THR U 484 -16.95 9.83 25.47
N THR U 485 -18.12 9.70 26.10
CA THR U 485 -18.43 8.54 26.93
C THR U 485 -19.15 7.49 26.08
N GLY U 486 -18.45 7.01 25.06
CA GLY U 486 -19.00 6.03 24.16
C GLY U 486 -18.83 4.61 24.65
N HIS U 487 -17.59 4.25 25.01
CA HIS U 487 -17.33 2.90 25.51
C HIS U 487 -17.87 2.71 26.92
N VAL U 488 -17.72 3.73 27.77
CA VAL U 488 -18.29 3.69 29.13
C VAL U 488 -19.64 4.38 29.06
N LEU U 489 -20.70 3.59 29.24
CA LEU U 489 -22.06 4.08 29.13
C LEU U 489 -22.87 3.90 30.40
N SER U 490 -22.29 3.30 31.43
CA SER U 490 -23.00 3.06 32.68
C SER U 490 -22.07 3.43 33.85
N TYR U 491 -21.45 4.60 33.76
CA TYR U 491 -20.42 4.99 34.71
C TYR U 491 -20.84 6.16 35.59
N ILE U 492 -21.27 7.27 34.99
CA ILE U 492 -21.59 8.49 35.73
C ILE U 492 -23.07 8.46 36.09
N PRO U 493 -23.44 8.59 37.36
CA PRO U 493 -24.87 8.64 37.71
C PRO U 493 -25.52 9.95 37.32
N ASN U 494 -26.79 10.13 37.68
CA ASN U 494 -27.56 11.30 37.28
C ASN U 494 -27.52 12.35 38.38
N GLY U 495 -27.47 13.62 37.97
CA GLY U 495 -27.45 14.71 38.92
C GLY U 495 -26.21 15.59 38.85
N VAL U 496 -25.60 15.68 37.66
CA VAL U 496 -24.41 16.51 37.48
C VAL U 496 -24.77 17.97 37.72
N PHE U 497 -23.88 18.67 38.45
CA PHE U 497 -24.15 20.07 38.74
C PHE U 497 -22.91 20.96 38.66
N ASP U 498 -21.84 20.52 37.99
CA ASP U 498 -20.65 21.35 37.87
C ASP U 498 -19.71 20.73 36.84
N ILE U 499 -19.00 21.59 36.11
CA ILE U 499 -17.95 21.18 35.18
C ILE U 499 -16.79 22.16 35.26
N GLN U 500 -15.64 21.70 35.76
CA GLN U 500 -14.46 22.54 35.83
C GLN U 500 -13.36 22.00 34.92
N GLY U 501 -12.20 22.64 34.95
CA GLY U 501 -11.10 22.20 34.12
C GLY U 501 -9.92 23.15 34.20
N THR U 502 -8.89 22.82 33.42
CA THR U 502 -7.66 23.60 33.35
C THR U 502 -7.02 23.37 31.99
N GLY U 503 -6.43 24.43 31.44
CA GLY U 503 -5.84 24.36 30.12
C GLY U 503 -4.34 24.19 30.09
N THR U 504 -3.72 23.99 31.26
CA THR U 504 -2.29 23.74 31.34
C THR U 504 -1.95 22.30 31.68
N GLU U 505 -2.89 21.55 32.28
CA GLU U 505 -2.68 20.14 32.58
C GLU U 505 -3.58 19.22 31.77
N ASN U 506 -4.52 19.75 31.00
CA ASN U 506 -5.37 18.98 30.11
C ASN U 506 -6.21 17.95 30.85
N TYR U 507 -7.11 18.39 31.74
CA TYR U 507 -8.01 17.47 32.42
C TYR U 507 -9.29 18.20 32.77
N ILE U 508 -10.32 17.41 33.09
CA ILE U 508 -11.67 17.91 33.36
C ILE U 508 -12.19 17.23 34.62
N CYS U 509 -12.83 18.00 35.49
CA CYS U 509 -13.43 17.48 36.71
C CYS U 509 -14.95 17.58 36.63
N VAL U 510 -15.63 16.54 37.12
CA VAL U 510 -17.09 16.47 37.08
C VAL U 510 -17.59 16.03 38.45
N ASN U 511 -18.46 16.83 39.04
CA ASN U 511 -19.14 16.46 40.28
C ASN U 511 -20.53 15.91 39.97
N SER U 512 -21.18 15.37 40.99
CA SER U 512 -22.52 14.82 40.84
C SER U 512 -23.17 14.70 42.21
N THR U 513 -24.46 14.35 42.20
CA THR U 513 -25.22 14.20 43.43
C THR U 513 -25.47 12.74 43.81
N GLY U 514 -25.21 11.80 42.90
CA GLY U 514 -25.34 10.40 43.27
C GLY U 514 -24.35 9.98 44.35
N ALA U 515 -23.10 10.41 44.21
CA ALA U 515 -22.06 10.14 45.19
C ALA U 515 -21.38 11.45 45.56
N TYR U 516 -21.28 11.71 46.87
CA TYR U 516 -20.64 12.92 47.38
C TYR U 516 -19.18 12.71 47.75
N ASN U 517 -18.60 11.56 47.41
CA ASN U 517 -17.19 11.31 47.74
C ASN U 517 -16.41 10.81 46.54
N ARG U 518 -16.74 11.24 45.32
CA ARG U 518 -16.02 10.85 44.13
C ARG U 518 -15.86 12.06 43.22
N ILE U 519 -14.77 12.07 42.46
CA ILE U 519 -14.51 13.07 41.44
C ILE U 519 -14.07 12.34 40.19
N TYR U 520 -14.79 12.52 39.09
CA TYR U 520 -14.45 11.85 37.84
C TYR U 520 -13.53 12.73 37.01
N ILE U 521 -12.54 12.11 36.36
CA ILE U 521 -11.48 12.82 35.68
C ILE U 521 -11.29 12.28 34.28
N TYR U 522 -11.13 13.19 33.33
CA TYR U 522 -10.93 12.88 31.92
C TYR U 522 -9.63 13.51 31.46
N LYS U 523 -8.78 12.74 30.78
CA LYS U 523 -7.48 13.21 30.34
C LYS U 523 -7.37 13.07 28.82
N PHE U 524 -6.83 14.09 28.17
CA PHE U 524 -6.74 14.12 26.72
C PHE U 524 -5.47 14.81 26.28
N LEU U 525 -5.17 14.70 24.99
CA LEU U 525 -4.00 15.35 24.39
C LEU U 525 -4.19 15.38 22.88
N PHE U 526 -3.98 16.54 22.27
CA PHE U 526 -4.17 16.73 20.84
C PHE U 526 -2.85 17.10 20.17
N LYS U 527 -2.69 16.70 18.92
CA LYS U 527 -1.50 17.01 18.14
C LYS U 527 -1.84 16.88 16.66
N ASP U 528 -1.67 17.98 15.91
CA ASP U 528 -1.94 18.00 14.48
C ASP U 528 -3.37 17.61 14.13
N GLY U 529 -4.30 17.89 15.04
CA GLY U 529 -5.70 17.65 14.78
C GLY U 529 -6.17 16.22 14.94
N VAL U 530 -5.34 15.35 15.51
CA VAL U 530 -5.74 13.97 15.78
C VAL U 530 -5.52 13.69 17.26
N GLN U 531 -6.51 13.04 17.89
CA GLN U 531 -6.45 12.75 19.31
C GLN U 531 -5.51 11.59 19.58
N LEU U 532 -4.80 11.65 20.71
CA LEU U 532 -3.82 10.63 21.06
C LEU U 532 -4.04 10.00 22.43
N GLN U 533 -5.03 10.43 23.20
CA GLN U 533 -5.23 9.88 24.53
C GLN U 533 -6.64 10.21 25.00
N ALA U 534 -7.26 9.25 25.68
CA ALA U 534 -8.57 9.45 26.29
C ALA U 534 -8.76 8.41 27.38
N SER U 535 -8.80 8.85 28.64
CA SER U 535 -8.90 7.93 29.77
C SER U 535 -9.94 8.45 30.76
N TRP U 536 -10.71 7.52 31.33
CA TRP U 536 -11.71 7.83 32.34
C TRP U 536 -11.37 7.09 33.63
N SER U 537 -11.39 7.80 34.75
CA SER U 537 -11.14 7.21 36.06
C SER U 537 -11.74 8.13 37.12
N HIS U 538 -11.50 7.81 38.39
CA HIS U 538 -12.04 8.62 39.46
C HIS U 538 -11.22 8.46 40.72
N TRP U 539 -11.33 9.45 41.60
CA TRP U 539 -10.70 9.46 42.91
C TRP U 539 -11.73 9.13 43.98
N GLU U 540 -11.29 9.06 45.22
CA GLU U 540 -12.21 8.68 46.29
C GLU U 540 -11.70 9.19 47.63
N PHE U 541 -12.63 9.65 48.47
CA PHE U 541 -12.37 10.17 49.79
C PHE U 541 -13.13 9.30 50.80
N PRO U 542 -12.97 9.53 52.13
CA PRO U 542 -13.71 8.70 53.10
C PRO U 542 -15.20 8.59 52.84
N LYS U 543 -15.84 7.59 53.47
CA LYS U 543 -17.20 7.19 53.14
C LYS U 543 -18.22 8.30 53.34
N ASP U 544 -18.39 8.77 54.57
CA ASP U 544 -19.41 9.78 54.88
C ASP U 544 -18.79 11.16 54.74
N ASP U 545 -18.73 11.66 53.51
CA ASP U 545 -18.20 12.98 53.23
C ASP U 545 -18.90 13.55 52.01
N LYS U 546 -18.89 14.88 51.90
CA LYS U 546 -19.50 15.57 50.78
C LYS U 546 -18.51 16.58 50.23
N ILE U 547 -18.30 16.55 48.92
CA ILE U 547 -17.42 17.50 48.24
C ILE U 547 -18.29 18.61 47.66
N LEU U 548 -18.19 19.81 48.22
CA LEU U 548 -19.08 20.89 47.83
C LEU U 548 -18.58 21.65 46.62
N ALA U 549 -17.26 21.86 46.49
CA ALA U 549 -16.73 22.64 45.39
C ALA U 549 -15.29 22.24 45.13
N SER U 550 -14.87 22.36 43.89
CA SER U 550 -13.48 22.07 43.50
C SER U 550 -13.18 22.83 42.22
N ALA U 551 -12.38 23.88 42.32
CA ALA U 551 -12.03 24.71 41.17
C ALA U 551 -10.52 24.84 41.11
N SER U 552 -10.01 25.18 39.93
CA SER U 552 -8.59 25.19 39.67
C SER U 552 -8.14 26.54 39.13
N ILE U 553 -6.99 27.01 39.60
CA ILE U 553 -6.38 28.24 39.10
C ILE U 553 -4.91 27.95 38.81
N GLY U 554 -4.55 27.86 37.53
CA GLY U 554 -3.19 27.59 37.17
C GLY U 554 -2.86 26.10 37.23
N SER U 555 -2.14 25.70 38.27
CA SER U 555 -1.80 24.30 38.51
C SER U 555 -2.05 23.93 39.96
N THR U 556 -3.19 24.38 40.50
CA THR U 556 -3.56 24.10 41.88
C THR U 556 -5.06 23.85 41.93
N MET U 557 -5.50 23.01 42.87
CA MET U 557 -6.90 22.68 43.03
C MET U 557 -7.31 23.01 44.47
N PHE U 558 -8.38 23.77 44.61
CA PHE U 558 -8.92 24.12 45.91
C PHE U 558 -10.16 23.30 46.20
N ILE U 559 -10.19 22.63 47.36
CA ILE U 559 -11.21 21.67 47.69
C ILE U 559 -11.87 22.07 49.01
N VAL U 560 -13.20 21.99 49.05
CA VAL U 560 -13.97 22.24 50.27
C VAL U 560 -14.72 20.96 50.61
N ARG U 561 -14.49 20.43 51.80
CA ARG U 561 -15.05 19.16 52.22
C ARG U 561 -15.78 19.32 53.54
N GLN U 562 -16.96 18.70 53.64
CA GLN U 562 -17.79 18.76 54.84
C GLN U 562 -17.80 17.38 55.49
N HIS U 563 -17.07 17.23 56.58
CA HIS U 563 -17.09 15.99 57.34
C HIS U 563 -18.07 16.11 58.50
N GLN U 564 -18.04 15.14 59.41
CA GLN U 564 -18.97 15.16 60.54
C GLN U 564 -18.74 16.36 61.44
N GLY U 565 -17.49 16.73 61.68
CA GLY U 565 -17.17 17.84 62.56
C GLY U 565 -17.57 19.20 62.04
N GLY U 566 -17.26 19.48 60.77
CA GLY U 566 -17.52 20.79 60.20
C GLY U 566 -17.12 20.92 58.75
N VAL U 567 -16.47 22.03 58.40
CA VAL U 567 -16.07 22.33 57.03
C VAL U 567 -14.60 22.70 57.01
N ASP U 568 -13.87 22.17 56.03
CA ASP U 568 -12.44 22.39 55.90
C ASP U 568 -12.10 22.77 54.46
N ILE U 569 -10.98 23.47 54.31
CA ILE U 569 -10.48 23.90 53.00
C ILE U 569 -9.04 23.42 52.86
N GLU U 570 -8.72 22.88 51.69
CA GLU U 570 -7.44 22.21 51.47
C GLU U 570 -6.90 22.52 50.09
N HIS U 571 -5.60 22.30 49.91
CA HIS U 571 -4.90 22.55 48.66
C HIS U 571 -4.39 21.24 48.07
N LEU U 572 -3.99 21.30 46.80
CA LEU U 572 -3.45 20.14 46.08
C LEU U 572 -2.61 20.66 44.92
N LYS U 573 -1.29 20.52 45.02
CA LYS U 573 -0.37 21.07 44.03
C LYS U 573 0.15 19.98 43.10
N PHE U 574 0.98 20.38 42.14
CA PHE U 574 1.52 19.50 41.11
C PHE U 574 3.01 19.74 40.93
N ILE U 575 3.75 19.82 42.04
CA ILE U 575 5.19 20.08 41.99
C ILE U 575 5.93 18.82 41.53
N LYS U 576 7.21 18.97 41.21
CA LYS U 576 7.99 17.87 40.70
C LYS U 576 9.47 18.12 41.00
N GLU U 577 10.15 17.09 41.52
CA GLU U 577 11.42 17.25 42.24
C GLU U 577 11.36 18.38 43.26
N ALA U 578 10.39 18.31 44.16
CA ALA U 578 10.29 19.29 45.23
C ALA U 578 9.49 18.70 46.38
N THR U 579 9.64 19.31 47.55
CA THR U 579 8.89 18.94 48.72
C THR U 579 8.06 20.12 49.20
N ASP U 580 6.91 19.83 49.78
CA ASP U 580 6.01 20.88 50.27
C ASP U 580 6.70 21.68 51.37
N PHE U 581 7.03 21.03 52.48
CA PHE U 581 7.77 21.68 53.54
C PHE U 581 9.26 21.58 53.26
N PRO U 582 10.07 22.50 53.83
CA PRO U 582 11.50 22.51 53.50
C PRO U 582 12.28 21.30 54.01
N SER U 583 12.01 20.88 55.25
CA SER U 583 12.80 19.83 55.89
C SER U 583 12.04 18.51 55.84
N GLU U 584 12.16 17.82 54.72
CA GLU U 584 11.63 16.48 54.55
C GLU U 584 12.63 15.61 53.82
N PRO U 585 12.63 14.30 54.09
CA PRO U 585 13.49 13.40 53.27
C PRO U 585 13.00 13.26 51.85
N TYR U 586 11.68 13.11 51.66
CA TYR U 586 11.08 13.01 50.35
C TYR U 586 9.62 13.47 50.47
N ARG U 587 8.84 13.25 49.41
CA ARG U 587 7.45 13.70 49.40
C ARG U 587 6.57 12.61 49.99
N LEU U 588 6.13 12.80 51.23
CA LEU U 588 5.28 11.83 51.89
C LEU U 588 3.89 11.85 51.27
N HIS U 589 3.35 10.66 51.00
CA HIS U 589 2.04 10.52 50.39
C HIS U 589 0.98 10.19 51.46
N ILE U 590 0.62 11.22 52.23
CA ILE U 590 -0.47 11.10 53.20
C ILE U 590 -1.37 12.32 53.08
N ASP U 591 -2.60 12.21 53.58
CA ASP U 591 -3.59 13.26 53.48
C ASP U 591 -3.59 14.15 54.72
N SER U 592 -3.95 15.42 54.52
CA SER U 592 -4.06 16.40 55.59
C SER U 592 -2.74 16.54 56.36
N LYS U 593 -1.66 16.73 55.62
CA LYS U 593 -0.35 16.91 56.24
C LYS U 593 -0.32 18.18 57.07
N VAL U 594 0.41 18.12 58.18
CA VAL U 594 0.57 19.27 59.06
C VAL U 594 1.84 19.06 59.87
N SER U 595 2.54 20.16 60.15
CA SER U 595 3.81 20.13 60.86
C SER U 595 3.60 20.56 62.31
N MET U 596 4.57 20.20 63.15
CA MET U 596 4.55 20.51 64.58
C MET U 596 5.97 20.46 65.12
N VAL U 597 6.25 21.33 66.10
CA VAL U 597 7.47 21.25 66.89
C VAL U 597 7.04 20.96 68.33
N ILE U 598 7.53 19.85 68.87
CA ILE U 598 7.17 19.41 70.21
C ILE U 598 7.63 20.47 71.22
N PRO U 599 6.76 20.91 72.13
CA PRO U 599 7.11 22.05 73.00
C PRO U 599 8.22 21.74 73.99
N ILE U 600 8.53 22.72 74.84
CA ILE U 600 9.66 22.60 75.76
C ILE U 600 9.40 21.49 76.78
N GLY U 601 8.17 21.41 77.29
CA GLY U 601 7.83 20.41 78.27
C GLY U 601 8.14 19.01 77.81
N SER U 602 9.15 18.39 78.41
CA SER U 602 9.70 17.13 77.93
C SER U 602 9.38 16.02 78.92
N TYR U 603 8.50 15.11 78.52
CA TYR U 603 8.14 13.87 79.22
C TYR U 603 8.17 13.99 80.74
N ASN U 604 8.78 13.03 81.43
CA ASN U 604 8.79 13.03 82.90
C ASN U 604 9.92 12.17 83.44
N ALA U 605 9.86 11.85 84.74
CA ALA U 605 10.92 11.07 85.36
C ALA U 605 10.47 9.64 85.61
N ASP U 606 9.25 9.46 86.10
CA ASP U 606 8.77 8.14 86.52
C ASP U 606 8.74 7.11 85.39
N THR U 607 8.16 7.48 84.25
CA THR U 607 7.98 6.55 83.13
C THR U 607 8.62 7.05 81.85
N TYR U 608 9.32 8.18 81.89
CA TYR U 608 9.96 8.81 80.72
C TYR U 608 9.09 8.69 79.46
N LYS U 609 7.80 9.00 79.64
CA LYS U 609 6.84 9.03 78.55
C LYS U 609 6.43 10.47 78.29
N THR U 610 6.36 10.85 77.02
CA THR U 610 6.08 12.22 76.63
C THR U 610 4.69 12.32 76.02
N THR U 611 3.99 13.40 76.35
CA THR U 611 2.68 13.69 75.79
C THR U 611 2.80 14.72 74.67
N VAL U 612 1.85 14.68 73.73
CA VAL U 612 1.90 15.49 72.53
C VAL U 612 0.77 16.50 72.48
N ASP U 613 -0.46 16.06 72.73
CA ASP U 613 -1.64 16.92 72.63
C ASP U 613 -1.75 17.50 71.22
N ILE U 614 -2.04 16.64 70.24
CA ILE U 614 -2.04 17.02 68.84
C ILE U 614 -3.06 18.09 68.48
N GLY U 615 -3.90 18.51 69.43
CA GLY U 615 -4.94 19.47 69.09
C GLY U 615 -4.40 20.81 68.66
N ALA U 616 -3.15 21.11 69.04
CA ALA U 616 -2.57 22.42 68.75
C ALA U 616 -2.40 22.63 67.26
N ALA U 617 -1.94 21.61 66.53
CA ALA U 617 -1.66 21.78 65.11
C ALA U 617 -2.91 22.09 64.32
N TYR U 618 -4.06 21.61 64.80
CA TYR U 618 -5.31 21.75 64.06
C TYR U 618 -6.12 22.93 64.53
N GLY U 619 -5.46 24.01 64.95
CA GLY U 619 -6.14 25.20 65.40
C GLY U 619 -7.02 24.97 66.61
N GLY U 620 -6.51 24.22 67.58
CA GLY U 620 -7.28 23.95 68.79
C GLY U 620 -8.57 23.21 68.53
N ASN U 621 -8.53 22.24 67.62
CA ASN U 621 -9.73 21.48 67.25
C ASN U 621 -9.36 20.02 67.10
N ALA U 622 -10.32 19.16 67.41
CA ALA U 622 -10.07 17.74 67.23
C ALA U 622 -10.18 17.37 65.75
N PRO U 623 -9.25 16.58 65.23
CA PRO U 623 -9.32 16.18 63.83
C PRO U 623 -10.45 15.21 63.58
N SER U 624 -10.78 15.05 62.30
CA SER U 624 -11.86 14.16 61.91
C SER U 624 -11.50 12.70 62.27
N PRO U 625 -12.50 11.88 62.58
CA PRO U 625 -12.21 10.48 62.95
C PRO U 625 -11.53 9.73 61.81
N GLY U 626 -10.62 8.83 62.18
CA GLY U 626 -9.90 8.06 61.20
C GLY U 626 -8.68 7.41 61.82
N ARG U 627 -7.75 7.03 60.95
CA ARG U 627 -6.51 6.38 61.34
C ARG U 627 -5.32 7.27 60.94
N TYR U 628 -4.37 7.43 61.86
CA TYR U 628 -3.31 8.41 61.69
C TYR U 628 -1.95 7.78 61.91
N TYR U 629 -0.94 8.35 61.25
CA TYR U 629 0.45 7.96 61.40
C TYR U 629 1.24 9.10 62.01
N LEU U 630 2.55 8.89 62.17
CA LEU U 630 3.45 9.91 62.71
C LEU U 630 4.86 9.61 62.19
N ILE U 631 5.32 10.40 61.24
CA ILE U 631 6.63 10.24 60.64
C ILE U 631 7.56 11.32 61.17
N ASP U 632 8.77 10.91 61.57
CA ASP U 632 9.75 11.84 62.08
C ASP U 632 10.61 12.38 60.93
N SER U 633 11.69 13.07 61.25
CA SER U 633 12.51 13.72 60.23
C SER U 633 13.44 12.76 59.50
N GLN U 634 13.49 11.49 59.91
CA GLN U 634 14.38 10.51 59.30
C GLN U 634 13.66 9.52 58.40
N GLY U 635 12.49 9.04 58.79
CA GLY U 635 11.74 8.10 57.98
C GLY U 635 11.00 7.05 58.77
N ALA U 636 11.45 6.77 59.99
CA ALA U 636 10.75 5.82 60.83
C ALA U 636 9.40 6.40 61.28
N TYR U 637 8.38 5.56 61.27
CA TYR U 637 7.03 6.03 61.58
C TYR U 637 6.38 5.10 62.60
N VAL U 638 5.54 5.69 63.46
CA VAL U 638 4.80 4.95 64.48
C VAL U 638 3.34 4.93 64.06
N ASP U 639 2.56 4.02 64.64
CA ASP U 639 1.15 3.84 64.26
C ASP U 639 0.28 4.18 65.46
N LEU U 640 -0.34 5.36 65.43
CA LEU U 640 -1.31 5.72 66.46
C LEU U 640 -2.64 5.02 66.19
N GLY U 641 -3.44 4.91 67.25
CA GLY U 641 -4.73 4.28 67.14
C GLY U 641 -5.77 5.19 66.52
N ASP U 642 -6.99 4.66 66.42
CA ASP U 642 -8.11 5.44 65.90
C ASP U 642 -8.40 6.61 66.84
N LEU U 643 -8.63 7.78 66.26
CA LEU U 643 -8.86 9.00 67.03
C LEU U 643 -10.31 9.45 66.87
N THR U 644 -10.87 9.95 67.96
CA THR U 644 -12.24 10.47 67.99
C THR U 644 -12.20 11.91 68.51
N SER U 645 -13.39 12.49 68.64
CA SER U 645 -13.49 13.87 69.12
C SER U 645 -12.99 14.00 70.56
N ILE U 646 -13.32 13.03 71.42
CA ILE U 646 -12.93 13.12 72.82
C ILE U 646 -11.43 12.96 72.99
N SER U 647 -10.78 12.19 72.13
CA SER U 647 -9.36 11.90 72.28
C SER U 647 -8.52 13.01 71.67
N THR U 648 -7.63 13.57 72.48
CA THR U 648 -6.75 14.63 72.01
C THR U 648 -5.34 14.50 72.55
N VAL U 649 -5.02 13.47 73.34
CA VAL U 649 -3.74 13.32 73.99
C VAL U 649 -3.17 11.94 73.67
N ILE U 650 -1.91 11.89 73.26
CA ILE U 650 -1.22 10.64 72.98
C ILE U 650 0.10 10.63 73.73
N THR U 651 0.66 9.44 73.90
CA THR U 651 1.91 9.25 74.64
C THR U 651 2.91 8.50 73.78
N LEU U 652 4.18 8.86 73.91
CA LEU U 652 5.26 8.22 73.18
C LEU U 652 6.34 7.74 74.14
N ASN U 653 7.10 6.73 73.69
CA ASN U 653 8.13 6.11 74.51
C ASN U 653 9.47 6.79 74.22
N GLY U 654 10.02 7.48 75.20
CA GLY U 654 11.32 8.10 75.10
C GLY U 654 11.26 9.56 75.43
N ASP U 655 12.31 10.28 75.05
CA ASP U 655 12.43 11.71 75.29
C ASP U 655 11.69 12.52 74.23
N TRP U 656 12.09 12.40 72.97
CA TRP U 656 11.62 13.26 71.87
C TRP U 656 11.88 14.70 72.29
N SER U 657 10.90 15.60 72.16
CA SER U 657 10.99 17.00 72.60
C SER U 657 11.95 17.81 71.72
N GLY U 658 11.55 19.02 71.36
CA GLY U 658 12.35 19.88 70.53
C GLY U 658 12.70 19.26 69.19
N ARG U 659 11.71 18.64 68.54
CA ARG U 659 11.92 17.96 67.28
C ARG U 659 10.81 18.34 66.32
N THR U 660 10.96 17.90 65.06
CA THR U 660 9.99 18.16 64.01
C THR U 660 9.36 16.86 63.57
N VAL U 661 8.03 16.85 63.47
CA VAL U 661 7.27 15.65 63.14
C VAL U 661 6.23 15.99 62.09
N PHE U 662 5.61 14.95 61.53
CA PHE U 662 4.58 15.09 60.51
C PHE U 662 3.44 14.13 60.83
N ILE U 663 2.20 14.59 60.61
CA ILE U 663 1.01 13.81 60.91
C ILE U 663 0.10 13.81 59.69
N GLY U 664 -0.56 12.68 59.47
CA GLY U 664 -1.49 12.58 58.35
C GLY U 664 -2.22 11.25 58.38
N ARG U 665 -2.89 10.95 57.28
CA ARG U 665 -3.63 9.72 57.10
C ARG U 665 -3.27 9.07 55.78
N PRO U 666 -3.29 7.75 55.70
CA PRO U 666 -3.00 7.06 54.45
C PRO U 666 -4.25 6.77 53.63
N TYR U 667 -4.03 6.55 52.33
CA TYR U 667 -5.10 6.20 51.42
C TYR U 667 -4.62 5.07 50.51
N LEU U 668 -5.54 4.55 49.69
CA LEU U 668 -5.32 3.31 48.97
C LEU U 668 -5.26 3.55 47.46
N MET U 669 -4.47 2.73 46.79
CA MET U 669 -4.34 2.72 45.35
C MET U 669 -4.68 1.33 44.83
N SER U 670 -5.32 1.28 43.67
CA SER U 670 -5.79 0.00 43.13
C SER U 670 -5.79 0.04 41.61
N TYR U 671 -5.59 -1.12 41.00
CA TYR U 671 -5.62 -1.26 39.55
C TYR U 671 -5.80 -2.73 39.22
N LYS U 672 -6.74 -3.05 38.34
CA LYS U 672 -7.07 -4.42 37.98
C LYS U 672 -6.93 -4.61 36.48
N PHE U 673 -6.16 -5.63 36.09
CA PHE U 673 -5.93 -5.90 34.68
C PHE U 673 -7.16 -6.56 34.05
N SER U 674 -7.15 -6.65 32.73
CA SER U 674 -8.16 -7.38 31.99
C SER U 674 -7.64 -8.75 31.59
N ARG U 675 -8.52 -9.55 30.99
CA ARG U 675 -8.14 -10.91 30.62
C ARG U 675 -7.11 -10.89 29.50
N PHE U 676 -6.14 -11.80 29.60
CA PHE U 676 -5.06 -11.88 28.63
C PHE U 676 -5.50 -12.72 27.43
N LEU U 677 -5.37 -12.15 26.23
CA LEU U 677 -5.72 -12.84 25.00
C LEU U 677 -4.71 -12.48 23.93
N ILE U 678 -4.78 -13.19 22.80
CA ILE U 678 -3.91 -12.94 21.66
C ILE U 678 -4.59 -11.85 20.84
N LYS U 679 -4.03 -10.65 20.88
CA LYS U 679 -4.58 -9.50 20.17
C LYS U 679 -3.62 -9.06 19.08
N ILE U 680 -4.15 -8.88 17.87
CA ILE U 680 -3.38 -8.41 16.73
C ILE U 680 -4.11 -7.20 16.14
N GLU U 681 -3.35 -6.18 15.76
CA GLU U 681 -3.92 -4.94 15.27
C GLU U 681 -2.91 -4.21 14.38
N ASP U 682 -3.43 -3.49 13.39
CA ASP U 682 -2.62 -2.73 12.45
C ASP U 682 -3.05 -1.27 12.42
N ASP U 683 -3.59 -0.80 13.55
CA ASP U 683 -4.04 0.58 13.75
C ASP U 683 -5.32 0.86 12.95
N SER U 684 -5.73 -0.10 12.11
CA SER U 684 -7.01 0.02 11.43
C SER U 684 -8.13 -0.53 12.30
N GLY U 685 -7.84 -1.57 13.06
CA GLY U 685 -8.81 -2.17 13.97
C GLY U 685 -8.11 -3.19 14.85
N THR U 686 -8.84 -3.64 15.87
CA THR U 686 -8.33 -4.62 16.83
C THR U 686 -9.00 -5.95 16.57
N GLN U 687 -8.19 -6.97 16.27
CA GLN U 687 -8.67 -8.32 16.01
C GLN U 687 -8.13 -9.25 17.09
N SER U 688 -9.03 -9.95 17.77
CA SER U 688 -8.65 -10.90 18.80
C SER U 688 -8.63 -12.31 18.22
N GLU U 689 -8.43 -13.30 19.08
CA GLU U 689 -8.42 -14.70 18.68
C GLU U 689 -9.20 -15.51 19.71
N ASP U 690 -10.24 -16.20 19.26
CA ASP U 690 -11.12 -16.97 20.14
C ASP U 690 -11.27 -18.39 19.58
N THR U 691 -10.31 -19.25 19.90
CA THR U 691 -10.37 -20.66 19.54
C THR U 691 -9.24 -21.39 20.27
N GLY U 692 -9.57 -22.55 20.83
CA GLY U 692 -8.57 -23.37 21.49
C GLY U 692 -8.46 -23.07 22.98
N ARG U 693 -7.37 -23.55 23.55
CA ARG U 693 -7.09 -23.40 24.97
C ARG U 693 -5.71 -22.79 25.15
N LEU U 694 -5.55 -21.99 26.20
CA LEU U 694 -4.34 -21.23 26.44
C LEU U 694 -3.98 -21.30 27.91
N GLN U 695 -2.77 -21.78 28.22
CA GLN U 695 -2.30 -21.92 29.60
C GLN U 695 -1.13 -20.98 29.84
N LEU U 696 -1.20 -20.23 30.93
CA LEU U 696 -0.18 -19.23 31.26
C LEU U 696 0.92 -19.83 32.11
N ARG U 697 2.13 -19.27 31.98
CA ARG U 697 3.27 -19.76 32.75
C ARG U 697 3.86 -18.71 33.67
N ARG U 698 4.26 -17.56 33.13
CA ARG U 698 4.97 -16.54 33.92
C ARG U 698 4.53 -15.15 33.48
N ALA U 699 5.06 -14.14 34.16
CA ALA U 699 4.78 -12.75 33.85
C ALA U 699 5.88 -11.89 34.45
N TRP U 700 5.92 -10.63 34.04
CA TRP U 700 6.93 -9.70 34.54
C TRP U 700 6.41 -8.28 34.43
N VAL U 701 7.05 -7.37 35.17
CA VAL U 701 6.67 -5.96 35.19
C VAL U 701 7.93 -5.12 35.35
N ASN U 702 7.95 -3.96 34.69
CA ASN U 702 9.05 -3.01 34.76
C ASN U 702 8.64 -1.82 35.62
N TYR U 703 9.52 -1.43 36.55
CA TYR U 703 9.22 -0.35 37.45
C TYR U 703 10.38 0.64 37.50
N LYS U 704 10.09 1.82 38.04
CA LYS U 704 11.07 2.90 38.17
C LYS U 704 10.66 3.80 39.33
N ASP U 705 11.60 4.08 40.22
CA ASP U 705 11.37 5.00 41.33
C ASP U 705 10.16 4.56 42.16
N THR U 706 10.32 3.40 42.78
CA THR U 706 9.23 2.76 43.51
C THR U 706 9.74 2.29 44.87
N GLY U 707 8.87 2.36 45.87
CA GLY U 707 9.26 1.98 47.22
C GLY U 707 8.73 0.63 47.69
N ALA U 708 7.47 0.33 47.40
CA ALA U 708 6.85 -0.91 47.85
C ALA U 708 5.62 -1.20 47.02
N LEU U 709 5.27 -2.48 46.90
CA LEU U 709 4.12 -2.89 46.10
C LEU U 709 3.72 -4.30 46.48
N ARG U 710 2.50 -4.67 46.09
CA ARG U 710 1.98 -6.02 46.30
C ARG U 710 1.19 -6.45 45.07
N LEU U 711 1.24 -7.74 44.76
CA LEU U 711 0.50 -8.31 43.64
C LEU U 711 -0.32 -9.50 44.13
N ILE U 712 -1.55 -9.62 43.62
CA ILE U 712 -2.49 -10.63 44.07
C ILE U 712 -2.92 -11.45 42.86
N VAL U 713 -2.90 -12.78 42.99
CA VAL U 713 -3.33 -13.70 41.94
C VAL U 713 -4.43 -14.59 42.49
N ARG U 714 -5.53 -14.68 41.75
CA ARG U 714 -6.68 -15.50 42.14
C ARG U 714 -7.10 -16.36 40.97
N ASN U 715 -6.98 -17.69 41.13
CA ASN U 715 -7.44 -18.60 40.11
C ASN U 715 -8.77 -19.16 40.56
N GLY U 716 -8.84 -19.86 41.68
CA GLY U 716 -10.11 -20.39 42.17
C GLY U 716 -10.46 -19.82 43.52
N GLU U 717 -10.36 -20.66 44.56
CA GLU U 717 -10.46 -20.20 45.94
C GLU U 717 -9.08 -20.13 46.59
N ARG U 718 -8.02 -20.10 45.78
CA ARG U 718 -6.65 -20.04 46.27
C ARG U 718 -6.15 -18.61 46.21
N GLU U 719 -5.20 -18.28 47.08
CA GLU U 719 -4.66 -16.94 47.20
C GLU U 719 -3.14 -16.99 47.21
N PHE U 720 -2.52 -16.14 46.41
CA PHE U 720 -1.07 -15.99 46.40
C PHE U 720 -0.71 -14.51 46.44
N VAL U 721 0.25 -14.17 47.30
CA VAL U 721 0.66 -12.78 47.52
C VAL U 721 2.16 -12.68 47.32
N ASN U 722 2.59 -11.65 46.59
CA ASN U 722 4.00 -11.39 46.35
C ASN U 722 4.32 -9.96 46.72
N THR U 723 5.58 -9.72 47.09
CA THR U 723 6.01 -8.41 47.55
C THR U 723 7.48 -8.19 47.22
N PHE U 724 7.81 -6.98 46.79
CA PHE U 724 9.19 -6.56 46.61
C PHE U 724 9.37 -5.17 47.20
N ASN U 725 10.63 -4.84 47.52
CA ASN U 725 10.90 -3.61 48.28
C ASN U 725 12.14 -2.93 47.70
N GLY U 726 11.91 -2.00 46.78
CA GLY U 726 12.99 -1.14 46.29
C GLY U 726 14.12 -1.92 45.65
N TYR U 727 15.34 -1.62 46.09
CA TYR U 727 16.55 -2.23 45.54
C TYR U 727 16.69 -3.67 46.06
N THR U 728 17.82 -4.27 45.73
CA THR U 728 18.17 -5.61 46.18
C THR U 728 19.45 -5.54 47.01
N LEU U 729 19.85 -6.69 47.55
CA LEU U 729 21.07 -6.76 48.34
C LEU U 729 22.28 -6.40 47.49
N GLY U 730 23.19 -5.62 48.07
CA GLY U 730 24.41 -5.20 47.41
C GLY U 730 24.37 -3.80 46.84
N GLN U 731 23.20 -3.16 46.76
CA GLN U 731 23.09 -1.80 46.21
C GLN U 731 22.22 -0.94 47.11
N GLN U 732 22.43 -1.06 48.42
CA GLN U 732 21.70 -0.25 49.40
C GLN U 732 22.69 0.42 50.35
N THR U 733 22.25 1.52 50.94
CA THR U 733 23.05 2.26 51.90
C THR U 733 22.31 2.36 53.23
N ILE U 734 23.04 2.19 54.32
CA ILE U 734 22.43 2.21 55.65
C ILE U 734 22.14 3.65 56.04
N GLY U 735 20.88 3.92 56.39
CA GLY U 735 20.53 5.23 56.89
C GLY U 735 19.41 5.92 56.13
N THR U 736 19.10 5.43 54.92
CA THR U 736 18.10 6.04 54.07
C THR U 736 17.07 5.00 53.67
N THR U 737 16.04 5.46 52.96
CA THR U 737 14.99 4.59 52.46
C THR U 737 15.35 4.06 51.07
N ASN U 738 14.89 2.85 50.77
CA ASN U 738 15.20 2.19 49.51
C ASN U 738 14.26 2.72 48.43
N ILE U 739 14.84 3.34 47.41
CA ILE U 739 14.10 3.84 46.25
C ILE U 739 14.98 3.64 45.03
N GLY U 740 14.56 2.78 44.11
CA GLY U 740 15.38 2.46 42.96
C GLY U 740 14.62 1.93 41.76
N ASP U 741 15.31 1.17 40.91
CA ASP U 741 14.76 0.65 39.66
C ASP U 741 15.02 -0.85 39.57
N GLY U 742 14.56 -1.46 38.49
CA GLY U 742 14.83 -2.87 38.25
C GLY U 742 13.68 -3.52 37.50
N GLN U 743 13.64 -4.85 37.61
CA GLN U 743 12.60 -5.67 37.00
C GLN U 743 12.24 -6.80 37.95
N TYR U 744 10.99 -7.25 37.88
CA TYR U 744 10.47 -8.28 38.78
C TYR U 744 9.75 -9.34 37.98
N ARG U 745 10.03 -10.61 38.27
CA ARG U 745 9.43 -11.75 37.59
C ARG U 745 8.79 -12.68 38.61
N PHE U 746 7.55 -13.08 38.35
CA PHE U 746 6.85 -14.01 39.24
C PHE U 746 6.14 -15.09 38.44
N ALA U 747 5.34 -15.93 39.10
CA ALA U 747 4.74 -17.10 38.49
C ALA U 747 3.24 -16.95 38.42
N MET U 748 2.66 -17.27 37.27
CA MET U 748 1.23 -17.20 37.03
C MET U 748 0.78 -18.49 36.38
N ASN U 749 0.01 -19.30 37.10
CA ASN U 749 -0.44 -20.60 36.61
C ASN U 749 -1.95 -20.66 36.60
N GLY U 750 -2.50 -21.23 35.53
CA GLY U 750 -3.93 -21.42 35.44
C GLY U 750 -4.43 -21.16 34.04
N ASN U 751 -5.72 -21.39 33.86
CA ASN U 751 -6.36 -21.09 32.59
C ASN U 751 -6.49 -19.58 32.40
N ALA U 752 -6.54 -19.17 31.14
CA ALA U 752 -6.56 -17.74 30.81
C ALA U 752 -7.95 -17.11 30.93
N LEU U 753 -8.98 -17.91 31.17
CA LEU U 753 -10.34 -17.38 31.30
C LEU U 753 -10.82 -17.34 32.75
N THR U 754 -9.93 -17.59 33.71
CA THR U 754 -10.35 -17.63 35.11
C THR U 754 -9.42 -16.86 36.04
N THR U 755 -8.16 -16.63 35.70
CA THR U 755 -7.24 -15.95 36.60
C THR U 755 -7.37 -14.43 36.46
N SER U 756 -6.89 -13.73 37.49
CA SER U 756 -6.93 -12.28 37.50
C SER U 756 -5.73 -11.76 38.28
N LEU U 757 -5.36 -10.51 38.02
CA LEU U 757 -4.21 -9.88 38.64
C LEU U 757 -4.60 -8.49 39.16
N THR U 758 -3.96 -8.08 40.24
CA THR U 758 -4.30 -6.82 40.91
C THR U 758 -3.05 -6.20 41.51
N LEU U 759 -3.09 -4.87 41.69
CA LEU U 759 -2.02 -4.12 42.33
C LEU U 759 -2.61 -3.31 43.48
N GLU U 760 -1.85 -3.20 44.58
CA GLU U 760 -2.30 -2.43 45.72
C GLU U 760 -1.10 -1.78 46.39
N SER U 761 -1.35 -0.64 47.04
CA SER U 761 -0.32 0.09 47.77
C SER U 761 -0.92 1.12 48.71
N ASN U 762 -0.60 1.03 50.00
CA ASN U 762 -1.02 2.03 50.98
C ASN U 762 0.15 2.41 51.88
N TYR U 763 1.32 2.58 51.29
CA TYR U 763 2.53 2.99 51.98
C TYR U 763 2.90 4.41 51.58
N PRO U 764 3.61 5.14 52.44
CA PRO U 764 4.02 6.52 52.12
C PRO U 764 5.26 6.57 51.23
N THR U 765 5.17 5.97 50.05
CA THR U 765 6.26 5.97 49.08
C THR U 765 5.67 6.10 47.69
N PRO U 766 6.41 6.67 46.74
CA PRO U 766 5.89 6.84 45.38
C PRO U 766 5.90 5.51 44.62
N VAL U 767 5.19 5.51 43.49
CA VAL U 767 5.02 4.32 42.66
C VAL U 767 5.03 4.76 41.20
N SER U 768 5.64 3.95 40.33
CA SER U 768 5.61 4.21 38.90
C SER U 768 5.80 2.89 38.16
N ILE U 769 4.97 2.65 37.14
CA ILE U 769 4.98 1.41 36.37
C ILE U 769 5.08 1.76 34.90
N VAL U 770 5.85 0.97 34.15
CA VAL U 770 6.09 1.28 32.73
C VAL U 770 5.42 0.26 31.82
N GLY U 771 5.81 -1.01 31.91
CA GLY U 771 5.34 -2.02 30.99
C GLY U 771 5.08 -3.35 31.68
N CYS U 772 4.70 -4.34 30.88
CA CYS U 772 4.40 -5.67 31.37
C CYS U 772 4.38 -6.65 30.20
N GLY U 773 4.24 -7.94 30.53
CA GLY U 773 4.22 -8.98 29.53
C GLY U 773 3.84 -10.31 30.14
N TRP U 774 3.77 -11.33 29.29
CA TRP U 774 3.40 -12.67 29.75
C TRP U 774 3.89 -13.71 28.75
N GLU U 775 3.85 -14.97 29.19
CA GLU U 775 4.23 -16.11 28.38
C GLU U 775 3.23 -17.23 28.60
N ALA U 776 3.05 -18.07 27.58
CA ALA U 776 1.99 -19.07 27.62
C ALA U 776 2.31 -20.20 26.65
N SER U 777 1.45 -21.21 26.64
CA SER U 777 1.53 -22.35 25.73
C SER U 777 0.19 -22.55 25.05
N TYR U 778 0.22 -22.77 23.74
CA TYR U 778 -0.99 -22.73 22.92
C TYR U 778 -1.22 -24.07 22.24
N ALA U 779 -2.49 -24.41 22.01
CA ALA U 779 -2.86 -25.67 21.38
C ALA U 779 -4.13 -25.47 20.58
N LYS U 780 -4.14 -25.97 19.35
CA LYS U 780 -5.25 -25.77 18.42
C LYS U 780 -5.60 -27.08 17.73
N LYS U 781 -6.87 -27.20 17.33
CA LYS U 781 -7.36 -28.43 16.71
C LYS U 781 -7.84 -28.23 15.28
N ALA U 782 -7.81 -27.01 14.74
CA ALA U 782 -8.31 -26.77 13.40
C ALA U 782 -7.70 -25.50 12.85
N ARG U 783 -7.20 -25.59 11.62
CA ARG U 783 -6.65 -24.42 10.94
C ARG U 783 -7.76 -23.40 10.66
N SER U 784 -7.42 -22.13 10.81
CA SER U 784 -8.36 -21.06 10.57
C SER U 784 -8.48 -20.81 9.07
N VAL U 785 -9.17 -19.73 8.70
CA VAL U 785 -9.39 -19.36 7.31
C VAL U 785 -10.08 -20.50 6.55
N PRO V 2 -3.39 -30.45 -14.25
CA PRO V 2 -4.66 -30.48 -13.52
C PRO V 2 -5.72 -29.57 -14.14
N LEU V 3 -6.67 -29.13 -13.34
CA LEU V 3 -7.78 -28.31 -13.80
C LEU V 3 -7.75 -26.95 -13.11
N ILE V 4 -8.24 -25.94 -13.84
CA ILE V 4 -8.38 -24.59 -13.30
C ILE V 4 -9.81 -24.15 -13.52
N THR V 5 -10.24 -23.15 -12.74
CA THR V 5 -11.62 -22.72 -12.77
C THR V 5 -11.71 -21.24 -12.45
N GLN V 6 -12.86 -20.66 -12.77
CA GLN V 6 -13.12 -19.24 -12.53
C GLN V 6 -14.62 -19.01 -12.58
N SER V 7 -15.08 -17.97 -11.89
CA SER V 7 -16.50 -17.69 -11.78
C SER V 7 -16.76 -16.21 -12.00
N ILE V 8 -18.01 -15.89 -12.32
CA ILE V 8 -18.44 -14.51 -12.56
C ILE V 8 -19.51 -14.18 -11.52
N LYS V 9 -19.27 -13.12 -10.75
CA LYS V 9 -20.14 -12.81 -9.61
C LYS V 9 -21.50 -12.29 -10.06
N ASN V 10 -21.52 -11.36 -11.02
CA ASN V 10 -22.76 -10.71 -11.39
C ASN V 10 -22.70 -10.28 -12.86
N LEU V 11 -23.88 -10.18 -13.48
CA LEU V 11 -24.00 -9.76 -14.87
C LEU V 11 -24.81 -8.45 -14.89
N LYS V 12 -24.11 -7.33 -14.78
CA LYS V 12 -24.75 -6.02 -14.74
C LYS V 12 -24.35 -5.13 -15.90
N GLY V 13 -23.20 -5.40 -16.52
CA GLY V 13 -22.80 -4.61 -17.67
C GLY V 13 -23.64 -4.92 -18.90
N GLY V 14 -23.58 -4.02 -19.86
CA GLY V 14 -24.32 -4.21 -21.10
C GLY V 14 -23.49 -4.83 -22.19
N ILE V 15 -23.78 -4.49 -23.44
CA ILE V 15 -23.01 -5.00 -24.57
C ILE V 15 -21.77 -4.15 -24.75
N SER V 16 -20.84 -4.60 -25.58
CA SER V 16 -19.64 -3.84 -25.90
C SER V 16 -19.19 -4.20 -27.30
N GLN V 17 -18.39 -3.31 -27.91
CA GLN V 17 -17.93 -3.50 -29.27
C GLN V 17 -16.42 -3.38 -29.40
N GLN V 18 -15.69 -3.35 -28.29
CA GLN V 18 -14.24 -3.32 -28.31
C GLN V 18 -13.70 -4.72 -28.60
N PRO V 19 -12.43 -4.83 -29.02
CA PRO V 19 -11.85 -6.16 -29.22
C PRO V 19 -11.85 -6.96 -27.93
N ASP V 20 -11.99 -8.29 -28.08
CA ASP V 20 -12.28 -9.16 -26.95
C ASP V 20 -11.19 -9.17 -25.90
N ILE V 21 -9.94 -8.83 -26.27
CA ILE V 21 -8.85 -8.83 -25.29
C ILE V 21 -9.00 -7.74 -24.24
N LEU V 22 -9.72 -6.67 -24.55
CA LEU V 22 -9.78 -5.50 -23.67
C LEU V 22 -11.07 -5.39 -22.87
N ARG V 23 -12.03 -6.29 -23.04
CA ARG V 23 -13.31 -6.17 -22.35
C ARG V 23 -13.17 -6.48 -20.86
N PHE V 24 -14.22 -6.17 -20.12
CA PHE V 24 -14.29 -6.50 -18.70
C PHE V 24 -14.86 -7.91 -18.56
N SER V 25 -15.12 -8.34 -17.32
CA SER V 25 -15.60 -9.69 -17.06
C SER V 25 -17.12 -9.81 -17.05
N ASP V 26 -17.85 -8.71 -17.13
CA ASP V 26 -19.30 -8.74 -17.05
C ASP V 26 -19.97 -8.01 -18.21
N GLN V 27 -19.32 -7.94 -19.37
CA GLN V 27 -19.88 -7.34 -20.56
C GLN V 27 -20.05 -8.40 -21.63
N GLY V 28 -21.25 -8.46 -22.21
CA GLY V 28 -21.56 -9.49 -23.18
C GLY V 28 -21.39 -9.06 -24.62
N GLU V 29 -22.17 -9.68 -25.51
CA GLU V 29 -22.10 -9.38 -26.94
C GLU V 29 -23.38 -8.83 -27.52
N SER V 30 -24.55 -9.32 -27.09
CA SER V 30 -25.82 -8.74 -27.51
C SER V 30 -26.82 -8.98 -26.40
N GLN V 31 -27.88 -8.17 -26.38
CA GLN V 31 -28.89 -8.25 -25.32
C GLN V 31 -30.19 -7.68 -25.86
N VAL V 32 -31.19 -8.53 -26.02
CA VAL V 32 -32.48 -8.14 -26.57
C VAL V 32 -33.58 -8.52 -25.59
N ASN V 33 -34.47 -7.56 -25.29
CA ASN V 33 -35.61 -7.77 -24.41
C ASN V 33 -35.17 -8.33 -23.06
N CYS V 34 -34.33 -7.56 -22.38
CA CYS V 34 -33.84 -7.93 -21.07
C CYS V 34 -33.83 -6.71 -20.17
N TRP V 35 -33.91 -6.94 -18.86
CA TRP V 35 -33.92 -5.88 -17.86
C TRP V 35 -32.85 -6.19 -16.82
N SER V 36 -31.96 -5.23 -16.60
CA SER V 36 -30.83 -5.40 -15.68
C SER V 36 -31.22 -4.77 -14.35
N SER V 37 -31.86 -5.55 -13.49
CA SER V 37 -32.30 -5.04 -12.19
C SER V 37 -31.10 -4.80 -11.29
N GLU V 38 -31.38 -4.37 -10.06
CA GLU V 38 -30.34 -4.00 -9.11
C GLU V 38 -30.09 -5.05 -8.06
N SER V 39 -31.02 -6.00 -7.85
CA SER V 39 -30.81 -7.02 -6.84
C SER V 39 -31.28 -8.40 -7.28
N ASP V 40 -31.75 -8.58 -8.51
CA ASP V 40 -32.23 -9.87 -8.96
C ASP V 40 -31.57 -10.40 -10.22
N GLY V 41 -30.56 -9.72 -10.76
CA GLY V 41 -29.95 -10.20 -11.98
C GLY V 41 -30.84 -9.98 -13.20
N LEU V 42 -30.49 -10.68 -14.28
CA LEU V 42 -31.22 -10.53 -15.53
C LEU V 42 -32.64 -11.06 -15.38
N GLN V 43 -33.57 -10.40 -16.08
CA GLN V 43 -34.98 -10.77 -16.08
C GLN V 43 -35.54 -10.60 -17.48
N LYS V 44 -36.83 -10.83 -17.62
CA LYS V 44 -37.55 -10.54 -18.85
C LYS V 44 -38.42 -9.30 -18.66
N ARG V 45 -38.49 -8.48 -19.71
CA ARG V 45 -39.21 -7.22 -19.60
C ARG V 45 -40.70 -7.46 -19.38
N PRO V 46 -41.37 -6.56 -18.66
CA PRO V 46 -42.78 -6.77 -18.31
C PRO V 46 -43.67 -6.74 -19.54
N PRO V 47 -44.87 -7.31 -19.46
CA PRO V 47 -45.77 -7.36 -20.61
C PRO V 47 -46.44 -6.01 -20.86
N THR V 48 -47.37 -6.00 -21.80
CA THR V 48 -48.04 -4.79 -22.26
C THR V 48 -49.54 -5.03 -22.30
N VAL V 49 -50.32 -4.04 -21.86
CA VAL V 49 -51.77 -4.18 -21.73
C VAL V 49 -52.46 -3.26 -22.73
N PHE V 50 -53.54 -3.76 -23.34
CA PHE V 50 -54.28 -3.03 -24.34
C PHE V 50 -55.29 -2.09 -23.71
N LYS V 51 -55.44 -0.90 -24.31
CA LYS V 51 -56.40 0.07 -23.78
C LYS V 51 -57.53 0.39 -24.75
N ARG V 52 -57.21 0.87 -25.95
CA ARG V 52 -58.23 1.29 -26.91
C ARG V 52 -57.56 1.58 -28.25
N ARG V 53 -58.40 1.70 -29.28
CA ARG V 53 -57.97 2.02 -30.64
C ARG V 53 -58.48 3.42 -30.99
N LEU V 54 -57.57 4.28 -31.46
CA LEU V 54 -57.90 5.67 -31.73
C LEU V 54 -58.40 5.86 -33.16
N ASN V 55 -58.96 7.03 -33.41
CA ASN V 55 -59.49 7.40 -34.73
C ASN V 55 -58.84 8.67 -35.26
N ILE V 56 -57.70 9.08 -34.72
CA ILE V 56 -57.05 10.29 -35.20
C ILE V 56 -56.47 10.05 -36.59
N ASP V 57 -56.10 11.15 -37.24
CA ASP V 57 -55.60 11.12 -38.61
C ASP V 57 -54.19 11.68 -38.65
N VAL V 58 -53.22 10.85 -39.07
CA VAL V 58 -51.83 11.24 -39.18
C VAL V 58 -51.31 10.83 -40.55
N GLU V 59 -50.61 11.76 -41.22
CA GLU V 59 -50.07 11.46 -42.53
C GLU V 59 -48.55 11.45 -42.54
N SER V 60 -47.95 12.58 -42.19
CA SER V 60 -46.49 12.75 -42.20
C SER V 60 -45.98 12.55 -40.77
N ASN V 61 -44.71 12.85 -40.47
CA ASN V 61 -44.16 12.72 -39.13
C ASN V 61 -44.81 13.72 -38.20
N PRO V 62 -45.62 13.27 -37.24
CA PRO V 62 -46.29 14.21 -36.34
C PRO V 62 -45.38 14.60 -35.17
N LYS V 63 -45.95 15.38 -34.26
CA LYS V 63 -45.29 15.76 -33.03
C LYS V 63 -46.23 15.52 -31.86
N PHE V 64 -45.73 14.87 -30.81
CA PHE V 64 -46.52 14.58 -29.61
C PHE V 64 -45.90 15.31 -28.43
N HIS V 65 -46.76 15.71 -27.49
CA HIS V 65 -46.32 16.45 -26.32
C HIS V 65 -47.17 16.04 -25.12
N LEU V 66 -46.54 15.95 -23.96
CA LEU V 66 -47.20 15.53 -22.74
C LEU V 66 -47.36 16.69 -21.77
N ILE V 67 -48.52 16.74 -21.12
CA ILE V 67 -48.84 17.78 -20.16
C ILE V 67 -49.36 17.11 -18.89
N ASN V 68 -48.76 17.45 -17.75
CA ASN V 68 -49.11 16.85 -16.46
C ASN V 68 -49.36 17.98 -15.46
N ARG V 69 -50.63 18.21 -15.13
CA ARG V 69 -50.98 19.22 -14.11
C ARG V 69 -51.14 18.56 -12.75
N ASP V 70 -52.05 17.60 -12.65
CA ASP V 70 -52.31 16.88 -11.41
C ASP V 70 -52.79 15.48 -11.79
N GLU V 71 -53.39 14.78 -10.83
CA GLU V 71 -53.89 13.43 -11.04
C GLU V 71 -55.20 13.39 -11.83
N HIS V 72 -55.64 14.52 -12.37
CA HIS V 72 -56.87 14.55 -13.16
C HIS V 72 -56.71 15.33 -14.47
N GLU V 73 -55.51 15.80 -14.80
CA GLU V 73 -55.28 16.60 -16.01
C GLU V 73 -54.03 16.06 -16.70
N GLN V 74 -54.21 15.10 -17.60
CA GLN V 74 -53.14 14.49 -18.36
C GLN V 74 -53.64 14.15 -19.75
N TYR V 75 -52.89 14.55 -20.78
CA TYR V 75 -53.32 14.32 -22.15
C TYR V 75 -52.14 14.59 -23.10
N TYR V 76 -52.37 14.26 -24.37
CA TYR V 76 -51.44 14.54 -25.46
C TYR V 76 -51.96 15.66 -26.34
N ILE V 77 -51.04 16.29 -27.07
CA ILE V 77 -51.36 17.29 -28.09
C ILE V 77 -50.68 16.85 -29.38
N VAL V 78 -51.42 16.87 -30.48
CA VAL V 78 -50.96 16.33 -31.76
C VAL V 78 -50.95 17.46 -32.79
N PHE V 79 -49.83 17.62 -33.48
CA PHE V 79 -49.66 18.60 -34.55
C PHE V 79 -49.37 17.83 -35.84
N ASN V 80 -50.43 17.44 -36.54
CA ASN V 80 -50.23 16.70 -37.79
C ASN V 80 -49.68 17.60 -38.89
N GLY V 81 -49.96 18.89 -38.82
CA GLY V 81 -49.45 19.82 -39.80
C GLY V 81 -50.50 20.79 -40.32
N SER V 82 -51.77 20.46 -40.16
CA SER V 82 -52.83 21.33 -40.63
C SER V 82 -54.02 21.38 -39.66
N ASN V 83 -53.83 20.90 -38.43
CA ASN V 83 -54.92 20.82 -37.48
C ASN V 83 -54.35 20.53 -36.09
N ILE V 84 -55.21 20.62 -35.09
CA ILE V 84 -54.84 20.34 -33.70
C ILE V 84 -55.88 19.39 -33.11
N GLN V 85 -55.41 18.29 -32.52
CA GLN V 85 -56.28 17.32 -31.87
C GLN V 85 -55.70 16.95 -30.52
N VAL V 86 -56.58 16.66 -29.56
CA VAL V 86 -56.20 16.36 -28.18
C VAL V 86 -56.76 15.00 -27.81
N VAL V 87 -55.91 14.15 -27.25
CA VAL V 87 -56.29 12.79 -26.86
C VAL V 87 -55.96 12.59 -25.39
N ASP V 88 -56.91 12.05 -24.64
CA ASP V 88 -56.72 11.76 -23.23
C ASP V 88 -55.79 10.54 -23.07
N LEU V 89 -55.47 10.20 -21.83
CA LEU V 89 -54.61 9.06 -21.53
C LEU V 89 -55.41 7.77 -21.34
N SER V 90 -56.65 7.73 -21.80
CA SER V 90 -57.41 6.50 -21.75
C SER V 90 -58.23 6.24 -23.01
N GLY V 91 -58.06 7.03 -24.07
CA GLY V 91 -58.72 6.80 -25.35
C GLY V 91 -59.68 7.90 -25.76
N ASN V 92 -60.25 8.61 -24.79
CA ASN V 92 -61.24 9.63 -25.10
C ASN V 92 -60.62 10.78 -25.89
N GLN V 93 -61.45 11.44 -26.70
CA GLN V 93 -61.01 12.52 -27.56
C GLN V 93 -61.88 13.75 -27.34
N TYR V 94 -61.29 14.92 -27.49
CA TYR V 94 -61.97 16.20 -27.35
C TYR V 94 -61.76 17.03 -28.60
N SER V 95 -62.49 18.14 -28.69
CA SER V 95 -62.50 18.98 -29.88
C SER V 95 -61.92 20.36 -29.57
N VAL V 96 -61.29 20.95 -30.59
CA VAL V 96 -60.67 22.26 -30.49
C VAL V 96 -61.31 23.17 -31.52
N SER V 97 -61.73 24.37 -31.08
CA SER V 97 -62.40 25.32 -31.95
C SER V 97 -61.59 26.61 -32.03
N GLY V 98 -61.44 27.12 -33.25
CA GLY V 98 -60.70 28.35 -33.46
C GLY V 98 -60.22 28.44 -34.89
N ALA V 99 -59.24 29.30 -35.10
CA ALA V 99 -58.64 29.51 -36.41
C ALA V 99 -57.23 28.94 -36.43
N VAL V 100 -56.92 28.19 -37.49
CA VAL V 100 -55.63 27.52 -37.60
C VAL V 100 -54.93 27.89 -38.90
N GLU V 101 -54.08 28.92 -38.83
CA GLU V 101 -53.22 29.30 -39.94
C GLU V 101 -51.81 29.53 -39.43
N TYR V 102 -51.70 29.75 -38.12
CA TYR V 102 -50.39 29.97 -37.50
C TYR V 102 -49.61 28.67 -37.36
N VAL V 103 -50.29 27.53 -37.45
CA VAL V 103 -49.64 26.25 -37.18
C VAL V 103 -49.56 25.41 -38.45
N THR V 104 -49.47 26.06 -39.60
CA THR V 104 -49.34 25.39 -40.89
C THR V 104 -47.88 25.35 -41.28
N SER V 105 -47.36 24.14 -41.52
CA SER V 105 -45.96 23.96 -41.84
C SER V 105 -45.79 22.63 -42.58
N SER V 106 -44.55 22.34 -42.97
CA SER V 106 -44.22 21.11 -43.68
C SER V 106 -43.50 20.11 -42.78
N ASN V 107 -42.68 20.58 -41.85
CA ASN V 107 -41.96 19.73 -40.91
C ASN V 107 -42.36 20.12 -39.49
N PRO V 108 -43.43 19.54 -38.94
CA PRO V 108 -43.89 19.95 -37.60
C PRO V 108 -42.90 19.65 -36.48
N ARG V 109 -41.94 18.76 -36.70
CA ARG V 109 -41.06 18.33 -35.62
C ARG V 109 -39.96 19.32 -35.29
N ASP V 110 -39.71 20.31 -36.15
CA ASP V 110 -38.68 21.31 -35.89
C ASP V 110 -39.16 22.73 -36.13
N ASP V 111 -40.46 22.98 -36.13
CA ASP V 111 -41.01 24.31 -36.31
C ASP V 111 -41.87 24.80 -35.15
N ILE V 112 -42.34 23.90 -34.30
CA ILE V 112 -43.31 24.24 -33.25
C ILE V 112 -42.73 23.88 -31.90
N ARG V 113 -42.87 24.79 -30.94
CA ARG V 113 -42.46 24.57 -29.56
C ARG V 113 -43.63 24.86 -28.63
N VAL V 114 -43.69 24.20 -27.48
CA VAL V 114 -44.77 24.42 -26.51
C VAL V 114 -44.23 24.53 -25.07
N VAL V 115 -44.30 25.70 -24.46
CA VAL V 115 -43.81 25.93 -23.09
C VAL V 115 -44.89 26.49 -22.18
N THR V 116 -45.08 25.95 -21.00
CA THR V 116 -46.07 26.47 -20.08
C THR V 116 -45.47 27.26 -18.91
N VAL V 117 -45.77 28.55 -18.82
CA VAL V 117 -45.29 29.38 -17.73
C VAL V 117 -46.48 30.15 -17.27
N ALA V 118 -46.46 30.68 -16.06
CA ALA V 118 -47.63 31.34 -15.47
C ALA V 118 -48.75 30.34 -15.46
N ASP V 119 -49.94 30.70 -15.92
CA ASP V 119 -51.02 29.73 -16.06
C ASP V 119 -51.43 29.55 -17.51
N TYR V 120 -50.53 29.81 -18.44
CA TYR V 120 -50.86 29.75 -19.85
C TYR V 120 -50.05 28.72 -20.60
N THR V 121 -50.52 28.29 -21.77
CA THR V 121 -49.78 27.37 -22.60
C THR V 121 -49.47 28.09 -23.89
N PHE V 122 -48.21 28.38 -24.18
CA PHE V 122 -47.78 29.16 -25.33
C PHE V 122 -47.42 28.25 -26.49
N VAL V 123 -47.71 28.71 -27.70
CA VAL V 123 -47.36 28.03 -28.93
C VAL V 123 -46.55 28.99 -29.79
N VAL V 124 -45.38 28.54 -30.23
CA VAL V 124 -44.45 29.38 -30.98
C VAL V 124 -44.11 28.67 -32.29
N ASN V 125 -44.30 29.36 -33.41
CA ASN V 125 -43.88 28.86 -34.71
C ASN V 125 -42.64 29.64 -35.14
N ARG V 126 -41.49 28.97 -35.14
CA ARG V 126 -40.23 29.64 -35.44
C ARG V 126 -40.00 29.79 -36.93
N LYS V 127 -41.00 30.28 -37.65
CA LYS V 127 -40.88 30.62 -39.07
C LYS V 127 -41.54 31.94 -39.45
N VAL V 128 -42.52 32.42 -38.70
CA VAL V 128 -43.19 33.67 -39.05
C VAL V 128 -42.34 34.85 -38.62
N VAL V 129 -42.40 35.93 -39.41
CA VAL V 129 -41.65 37.15 -39.15
C VAL V 129 -42.60 38.17 -38.54
N VAL V 130 -42.22 38.73 -37.40
CA VAL V 130 -43.03 39.71 -36.70
C VAL V 130 -43.10 40.99 -37.52
N LYS V 131 -44.22 41.70 -37.43
CA LYS V 131 -44.40 42.98 -38.10
C LYS V 131 -45.19 43.92 -37.21
N GLY V 132 -44.99 45.22 -37.44
CA GLY V 132 -45.68 46.22 -36.65
C GLY V 132 -47.12 46.41 -37.06
N GLY V 133 -47.81 47.27 -36.31
CA GLY V 133 -49.20 47.56 -36.56
C GLY V 133 -49.40 48.63 -37.62
N SER V 134 -50.62 49.14 -37.68
CA SER V 134 -50.98 50.17 -38.65
C SER V 134 -51.71 51.36 -38.06
N GLU V 135 -52.29 51.25 -36.86
CA GLU V 135 -52.99 52.37 -36.26
C GLU V 135 -52.01 53.46 -35.85
N LYS V 136 -52.49 54.70 -35.84
CA LYS V 136 -51.68 55.87 -35.55
C LYS V 136 -52.06 56.46 -34.20
N SER V 137 -51.38 57.55 -33.85
CA SER V 137 -51.68 58.34 -32.66
C SER V 137 -52.86 59.25 -32.93
N HIS V 138 -53.03 60.29 -32.11
CA HIS V 138 -54.14 61.24 -32.20
C HIS V 138 -54.44 61.59 -33.64
N PRO V 139 -55.61 61.23 -34.16
CA PRO V 139 -55.91 61.45 -35.59
C PRO V 139 -56.42 62.86 -35.83
N GLY V 140 -55.87 63.51 -36.85
CA GLY V 140 -56.32 64.83 -37.25
C GLY V 140 -55.97 65.92 -36.26
N TYR V 141 -54.68 66.16 -36.05
CA TYR V 141 -54.22 67.19 -35.14
C TYR V 141 -53.00 67.92 -35.70
N ASN V 142 -53.23 69.03 -36.39
CA ASN V 142 -52.11 69.78 -36.96
C ASN V 142 -51.50 70.68 -35.90
N ARG V 143 -50.17 70.64 -35.79
CA ARG V 143 -49.45 71.42 -34.80
C ARG V 143 -48.97 72.77 -35.32
N LYS V 144 -49.32 73.13 -36.55
CA LYS V 144 -48.79 74.33 -37.19
C LYS V 144 -49.91 75.25 -37.66
N ALA V 145 -51.02 75.31 -36.94
CA ALA V 145 -52.17 76.09 -37.38
C ALA V 145 -52.82 76.83 -36.23
N ARG V 146 -52.15 76.90 -35.08
CA ARG V 146 -52.73 77.57 -33.93
C ARG V 146 -51.63 78.26 -33.13
N ALA V 147 -52.02 79.29 -32.38
CA ALA V 147 -51.08 80.07 -31.59
C ALA V 147 -51.80 80.64 -30.37
N LEU V 148 -51.01 81.06 -29.39
CA LEU V 148 -51.55 81.58 -28.14
C LEU V 148 -50.77 82.80 -27.69
N ILE V 149 -51.47 83.75 -27.07
CA ILE V 149 -50.86 84.96 -26.52
C ILE V 149 -51.31 85.09 -25.07
N ASN V 150 -50.36 85.34 -24.18
CA ASN V 150 -50.66 85.44 -22.75
C ASN V 150 -51.00 86.88 -22.36
N LEU V 151 -51.99 87.02 -21.48
CA LEU V 151 -52.38 88.31 -20.94
C LEU V 151 -52.19 88.28 -19.42
N ARG V 152 -51.37 89.20 -18.91
CA ARG V 152 -51.05 89.19 -17.48
C ARG V 152 -50.78 90.63 -17.03
N GLY V 153 -51.81 91.27 -16.47
CA GLY V 153 -51.66 92.56 -15.84
C GLY V 153 -51.42 93.68 -16.81
N GLY V 154 -51.14 94.86 -16.25
CA GLY V 154 -50.85 96.04 -17.04
C GLY V 154 -50.35 97.17 -16.16
N GLN V 155 -49.82 98.19 -16.82
CA GLN V 155 -49.29 99.37 -16.12
C GLN V 155 -49.70 100.66 -16.82
N TYR V 156 -49.08 101.77 -16.44
CA TYR V 156 -49.39 103.08 -16.99
C TYR V 156 -48.26 103.53 -17.92
N GLY V 157 -48.65 104.06 -19.07
CA GLY V 157 -47.70 104.59 -20.02
C GLY V 157 -46.79 103.55 -20.64
N ARG V 158 -47.36 102.64 -21.43
CA ARG V 158 -46.59 101.61 -22.11
C ARG V 158 -47.11 101.48 -23.54
N THR V 159 -46.40 100.67 -24.34
CA THR V 159 -46.73 100.47 -25.74
C THR V 159 -46.72 98.98 -26.06
N LEU V 160 -47.69 98.55 -26.85
CA LEU V 160 -47.83 97.15 -27.25
C LEU V 160 -47.80 97.05 -28.77
N LYS V 161 -46.97 96.14 -29.28
CA LYS V 161 -46.84 95.89 -30.70
C LYS V 161 -46.81 94.40 -30.98
N VAL V 162 -47.57 93.96 -31.97
CA VAL V 162 -47.71 92.55 -32.31
C VAL V 162 -47.58 92.39 -33.82
N GLY V 163 -46.82 91.37 -34.24
CA GLY V 163 -46.69 91.07 -35.65
C GLY V 163 -46.74 89.57 -35.88
N ILE V 164 -47.13 89.20 -37.10
CA ILE V 164 -47.30 87.81 -37.49
C ILE V 164 -46.48 87.53 -38.74
N ASN V 165 -45.56 86.58 -38.65
CA ASN V 165 -44.76 86.11 -39.78
C ASN V 165 -44.07 87.26 -40.50
N GLY V 166 -43.52 88.17 -39.71
CA GLY V 166 -42.81 89.31 -40.25
C GLY V 166 -43.67 90.23 -41.09
N GLY V 167 -44.91 90.45 -40.66
CA GLY V 167 -45.83 91.34 -41.34
C GLY V 167 -45.85 92.71 -40.71
N VAL V 168 -46.98 93.41 -40.88
CA VAL V 168 -47.14 94.72 -40.28
C VAL V 168 -47.45 94.56 -38.79
N LYS V 169 -47.15 95.62 -38.03
CA LYS V 169 -47.32 95.61 -36.58
C LYS V 169 -48.31 96.69 -36.18
N VAL V 170 -49.27 96.31 -35.32
CA VAL V 170 -50.22 97.27 -34.77
C VAL V 170 -49.61 97.90 -33.53
N SER V 171 -50.16 99.02 -33.10
CA SER V 171 -49.65 99.75 -31.94
C SER V 171 -50.81 100.28 -31.11
N HIS V 172 -50.64 100.22 -29.79
CA HIS V 172 -51.65 100.72 -28.86
C HIS V 172 -50.94 101.35 -27.67
N LYS V 173 -51.46 102.49 -27.22
CA LYS V 173 -50.83 103.27 -26.16
C LYS V 173 -51.69 103.23 -24.90
N LEU V 174 -51.06 102.88 -23.77
CA LEU V 174 -51.75 102.88 -22.50
C LEU V 174 -51.80 104.30 -21.93
N PRO V 175 -52.86 104.65 -21.22
CA PRO V 175 -53.01 106.02 -20.70
C PRO V 175 -52.13 106.26 -19.49
N ALA V 176 -51.99 107.53 -19.13
CA ALA V 176 -51.23 107.94 -17.96
C ALA V 176 -52.11 107.90 -16.72
N GLY V 177 -51.62 108.46 -15.61
CA GLY V 177 -52.36 108.45 -14.37
C GLY V 177 -52.87 109.81 -13.94
N ASN V 178 -52.95 110.76 -14.88
CA ASN V 178 -53.39 112.11 -14.54
C ASN V 178 -54.83 112.12 -14.05
N ASP V 179 -55.70 111.37 -14.71
CA ASP V 179 -57.10 111.30 -14.31
C ASP V 179 -57.26 110.35 -13.12
N ALA V 180 -58.46 110.33 -12.54
CA ALA V 180 -58.72 109.49 -11.38
C ALA V 180 -60.08 108.81 -11.45
N GLU V 181 -60.70 108.77 -12.64
CA GLU V 181 -62.00 108.14 -12.79
C GLU V 181 -62.02 107.23 -14.01
N ASN V 182 -61.15 107.49 -14.97
CA ASN V 182 -61.13 106.74 -16.22
C ASN V 182 -59.87 105.89 -16.39
N ASP V 183 -58.76 106.31 -15.78
CA ASP V 183 -57.51 105.57 -15.95
C ASP V 183 -57.55 104.17 -15.37
N PRO V 184 -58.03 103.94 -14.13
CA PRO V 184 -57.99 102.58 -13.56
C PRO V 184 -58.74 101.55 -14.40
N PRO V 185 -59.97 101.83 -14.86
CA PRO V 185 -60.69 100.77 -15.61
C PRO V 185 -60.03 100.37 -16.91
N LYS V 186 -59.14 101.18 -17.47
CA LYS V 186 -58.56 100.89 -18.77
C LYS V 186 -57.33 99.98 -18.70
N VAL V 187 -56.87 99.63 -17.49
CA VAL V 187 -55.67 98.80 -17.35
C VAL V 187 -56.02 97.32 -17.20
N ASP V 188 -57.30 96.97 -17.17
CA ASP V 188 -57.70 95.58 -17.01
C ASP V 188 -57.27 94.77 -18.23
N ALA V 189 -56.94 93.49 -17.99
CA ALA V 189 -56.42 92.64 -19.05
C ALA V 189 -57.46 92.39 -20.13
N GLN V 190 -58.72 92.21 -19.74
CA GLN V 190 -59.76 91.89 -20.71
C GLN V 190 -59.97 93.03 -21.71
N ALA V 191 -59.94 94.27 -21.24
CA ALA V 191 -60.07 95.40 -22.15
C ALA V 191 -58.90 95.46 -23.12
N ILE V 192 -57.69 95.17 -22.63
CA ILE V 192 -56.52 95.14 -23.50
C ILE V 192 -56.67 94.07 -24.57
N GLY V 193 -57.16 92.89 -24.17
CA GLY V 193 -57.38 91.83 -25.15
C GLY V 193 -58.42 92.21 -26.19
N ALA V 194 -59.49 92.85 -25.75
CA ALA V 194 -60.53 93.28 -26.69
C ALA V 194 -59.97 94.31 -27.68
N ALA V 195 -59.18 95.26 -27.18
CA ALA V 195 -58.56 96.25 -28.05
C ALA V 195 -57.61 95.61 -29.04
N MET V 196 -56.82 94.63 -28.57
CA MET V 196 -55.92 93.92 -29.47
C MET V 196 -56.68 93.19 -30.56
N ARG V 197 -57.78 92.54 -30.19
CA ARG V 197 -58.59 91.84 -31.18
C ARG V 197 -59.15 92.81 -32.22
N ASP V 198 -59.67 93.95 -31.75
CA ASP V 198 -60.25 94.93 -32.67
C ASP V 198 -59.19 95.47 -33.62
N LEU V 199 -58.00 95.77 -33.11
CA LEU V 199 -56.93 96.26 -33.97
C LEU V 199 -56.48 95.20 -34.98
N LEU V 200 -56.39 93.94 -34.53
CA LEU V 200 -55.82 92.90 -35.38
C LEU V 200 -56.79 92.45 -36.45
N VAL V 201 -58.10 92.54 -36.19
CA VAL V 201 -59.08 92.08 -37.17
C VAL V 201 -58.96 92.88 -38.46
N GLN V 202 -58.84 94.21 -38.34
CA GLN V 202 -58.77 95.04 -39.53
C GLN V 202 -57.50 94.78 -40.34
N ALA V 203 -56.37 94.56 -39.66
CA ALA V 203 -55.10 94.38 -40.34
C ALA V 203 -55.06 93.10 -41.15
N TYR V 204 -55.19 91.95 -40.48
CA TYR V 204 -55.17 90.67 -41.17
C TYR V 204 -56.60 90.18 -41.39
N PRO V 205 -57.05 90.11 -42.65
CA PRO V 205 -58.42 89.69 -42.91
C PRO V 205 -58.63 88.19 -43.06
N ASP V 206 -57.59 87.43 -43.41
CA ASP V 206 -57.77 86.00 -43.64
C ASP V 206 -57.86 85.22 -42.34
N PHE V 207 -57.14 85.65 -41.30
CA PHE V 207 -57.08 84.89 -40.07
C PHE V 207 -58.38 85.08 -39.27
N THR V 208 -58.52 84.25 -38.23
CA THR V 208 -59.67 84.28 -37.34
C THR V 208 -59.17 84.39 -35.91
N PHE V 209 -59.77 85.30 -35.14
CA PHE V 209 -59.36 85.57 -33.77
C PHE V 209 -60.50 85.27 -32.80
N ASP V 210 -60.13 85.01 -31.55
CA ASP V 210 -61.10 84.70 -30.51
C ASP V 210 -60.53 85.10 -29.16
N LEU V 211 -61.42 85.28 -28.19
CA LEU V 211 -61.04 85.67 -26.84
C LEU V 211 -61.41 84.56 -25.87
N GLY V 212 -60.59 84.40 -24.84
CA GLY V 212 -60.82 83.35 -23.85
C GLY V 212 -60.97 83.86 -22.44
N SER V 213 -60.19 83.30 -21.50
CA SER V 213 -60.25 83.66 -20.10
C SER V 213 -58.82 83.96 -19.63
N GLY V 214 -58.11 84.77 -20.42
CA GLY V 214 -56.72 85.07 -20.16
C GLY V 214 -55.79 84.76 -21.31
N PHE V 215 -56.32 84.51 -22.50
CA PHE V 215 -55.50 84.17 -23.66
C PHE V 215 -56.22 84.63 -24.91
N LEU V 216 -55.45 84.83 -25.99
CA LEU V 216 -56.00 85.17 -27.29
C LEU V 216 -55.61 84.07 -28.28
N LEU V 217 -56.58 83.53 -29.01
CA LEU V 217 -56.32 82.43 -29.95
C LEU V 217 -56.29 82.83 -31.43
N ILE V 218 -55.26 82.43 -32.16
CA ILE V 218 -55.14 82.82 -33.55
C ILE V 218 -55.20 81.58 -34.43
N THR V 219 -56.04 81.57 -35.48
CA THR V 219 -56.20 80.39 -36.34
C THR V 219 -55.85 80.66 -37.79
N ALA V 220 -55.06 79.79 -38.41
CA ALA V 220 -54.61 79.97 -39.79
C ALA V 220 -55.66 79.75 -40.86
N PRO V 221 -55.44 80.29 -42.06
CA PRO V 221 -56.39 80.04 -43.15
C PRO V 221 -56.01 78.90 -44.08
N SER V 222 -56.84 77.87 -44.19
CA SER V 222 -56.59 76.73 -45.10
C SER V 222 -55.17 76.20 -45.08
N GLY V 223 -54.53 76.13 -46.24
CA GLY V 223 -53.17 75.66 -46.27
C GLY V 223 -52.13 76.74 -46.04
N THR V 224 -52.03 77.25 -44.82
CA THR V 224 -50.98 78.23 -44.49
C THR V 224 -50.41 77.86 -43.13
N ASP V 225 -49.16 78.19 -42.88
CA ASP V 225 -48.52 77.80 -41.65
C ASP V 225 -48.05 78.97 -40.85
N ILE V 226 -48.17 78.92 -39.53
CA ILE V 226 -47.61 79.99 -38.71
C ILE V 226 -46.21 79.60 -38.29
N ASN V 227 -45.24 80.48 -38.54
CA ASN V 227 -43.84 80.18 -38.28
C ASN V 227 -43.19 81.06 -37.22
N SER V 228 -43.70 82.27 -37.00
CA SER V 228 -43.07 83.17 -36.05
C SER V 228 -44.06 84.24 -35.64
N VAL V 229 -43.94 84.70 -34.40
CA VAL V 229 -44.73 85.80 -33.86
C VAL V 229 -43.81 86.73 -33.10
N GLU V 230 -43.90 88.03 -33.37
CA GLU V 230 -43.06 89.03 -32.75
C GLU V 230 -43.91 89.94 -31.86
N THR V 231 -43.49 90.12 -30.62
CA THR V 231 -44.18 90.96 -29.66
C THR V 231 -43.19 91.88 -28.97
N GLU V 232 -43.70 92.96 -28.38
CA GLU V 232 -42.87 93.94 -27.71
C GLU V 232 -43.68 94.60 -26.60
N ASP V 233 -43.02 94.91 -25.49
CA ASP V 233 -43.66 95.54 -24.36
C ASP V 233 -42.62 96.29 -23.53
N GLY V 234 -43.11 97.15 -22.64
CA GLY V 234 -42.21 97.98 -21.85
C GLY V 234 -41.35 97.19 -20.88
N TYR V 235 -41.95 96.23 -20.17
CA TYR V 235 -41.22 95.48 -19.18
C TYR V 235 -40.47 94.31 -19.83
N ALA V 236 -39.93 93.44 -18.97
CA ALA V 236 -39.16 92.27 -19.41
C ALA V 236 -40.12 91.11 -19.66
N ASN V 237 -41.01 91.32 -20.64
CA ASN V 237 -41.99 90.32 -21.06
C ASN V 237 -42.83 89.83 -19.88
N GLN V 238 -43.23 90.77 -19.03
CA GLN V 238 -44.10 90.47 -17.91
C GLN V 238 -45.55 90.85 -18.18
N LEU V 239 -45.87 91.33 -19.38
CA LEU V 239 -47.23 91.73 -19.72
C LEU V 239 -47.82 90.84 -20.81
N ILE V 240 -47.13 90.70 -21.93
CA ILE V 240 -47.60 89.90 -23.06
C ILE V 240 -46.46 88.98 -23.51
N SER V 241 -46.74 87.69 -23.61
CA SER V 241 -45.74 86.72 -24.02
C SER V 241 -46.35 85.72 -25.00
N PRO V 242 -45.72 85.53 -26.16
CA PRO V 242 -46.23 84.54 -27.13
C PRO V 242 -45.57 83.19 -26.99
N VAL V 243 -46.38 82.14 -27.13
CA VAL V 243 -45.91 80.76 -27.14
C VAL V 243 -46.59 80.03 -28.29
N LEU V 244 -45.81 79.28 -29.08
CA LEU V 244 -46.40 78.54 -30.18
C LEU V 244 -46.59 77.07 -29.86
N ASP V 245 -45.49 76.35 -29.62
CA ASP V 245 -45.61 74.94 -29.26
C ASP V 245 -44.54 74.47 -28.27
N THR V 246 -43.66 75.36 -27.80
CA THR V 246 -42.50 74.94 -27.03
C THR V 246 -42.20 75.94 -25.94
N VAL V 247 -41.76 75.42 -24.78
CA VAL V 247 -41.36 76.23 -23.64
C VAL V 247 -40.06 75.66 -23.09
N GLN V 248 -39.51 76.34 -22.09
CA GLN V 248 -38.25 75.94 -21.49
C GLN V 248 -38.42 75.17 -20.19
N THR V 249 -39.24 75.66 -19.26
CA THR V 249 -39.42 74.99 -17.98
C THR V 249 -40.90 74.95 -17.65
N ILE V 250 -41.23 74.28 -16.54
CA ILE V 250 -42.62 74.13 -16.13
C ILE V 250 -43.22 75.47 -15.74
N SER V 251 -42.42 76.35 -15.14
CA SER V 251 -42.93 77.64 -14.67
C SER V 251 -43.41 78.55 -15.80
N LYS V 252 -43.06 78.23 -17.04
CA LYS V 252 -43.43 79.05 -18.18
C LYS V 252 -44.72 78.59 -18.85
N LEU V 253 -45.43 77.63 -18.26
CA LEU V 253 -46.66 77.16 -18.87
C LEU V 253 -47.71 78.25 -18.83
N PRO V 254 -48.58 78.33 -19.85
CA PRO V 254 -49.63 79.35 -19.85
C PRO V 254 -50.66 79.10 -18.76
N LEU V 255 -51.35 80.18 -18.38
CA LEU V 255 -52.36 80.09 -17.32
C LEU V 255 -53.51 79.18 -17.73
N ALA V 256 -53.98 79.31 -18.97
CA ALA V 256 -55.11 78.53 -19.44
C ALA V 256 -55.01 78.38 -20.95
N ALA V 257 -55.72 77.39 -21.48
CA ALA V 257 -55.68 77.09 -22.90
C ALA V 257 -56.94 76.32 -23.26
N PRO V 258 -57.31 76.29 -24.54
CA PRO V 258 -58.46 75.47 -24.95
C PRO V 258 -58.18 73.99 -24.73
N ASN V 259 -59.25 73.23 -24.53
CA ASN V 259 -59.13 71.83 -24.17
C ASN V 259 -58.43 71.03 -25.27
N GLY V 260 -57.56 70.12 -24.86
CA GLY V 260 -56.87 69.25 -25.80
C GLY V 260 -55.62 69.83 -26.42
N TYR V 261 -55.11 70.93 -25.90
CA TYR V 261 -53.92 71.55 -26.48
C TYR V 261 -52.68 70.81 -25.99
N ILE V 262 -51.62 70.84 -26.80
CA ILE V 262 -50.43 70.03 -26.58
C ILE V 262 -49.19 70.90 -26.63
N ILE V 263 -48.29 70.73 -25.65
CA ILE V 263 -47.05 71.48 -25.59
C ILE V 263 -45.90 70.49 -25.39
N LYS V 264 -44.70 70.91 -25.79
CA LYS V 264 -43.48 70.12 -25.63
C LYS V 264 -42.53 70.87 -24.70
N ILE V 265 -42.03 70.18 -23.68
CA ILE V 265 -41.15 70.78 -22.69
C ILE V 265 -39.73 70.32 -22.97
N GLN V 266 -38.90 71.21 -23.52
CA GLN V 266 -37.53 70.89 -23.87
C GLN V 266 -36.70 70.54 -22.64
N GLY V 267 -36.53 71.48 -21.72
CA GLY V 267 -35.77 71.24 -20.52
C GLY V 267 -34.65 72.22 -20.37
N GLU V 268 -34.05 72.20 -19.19
CA GLU V 268 -32.94 73.11 -18.88
C GLU V 268 -31.68 72.71 -19.64
N THR V 269 -30.87 73.70 -19.99
CA THR V 269 -29.69 73.43 -20.81
C THR V 269 -28.65 72.62 -20.05
N ASN V 270 -28.30 73.04 -18.84
CA ASN V 270 -27.21 72.40 -18.12
C ASN V 270 -27.59 71.02 -17.64
N SER V 271 -28.80 70.86 -17.13
CA SER V 271 -29.21 69.60 -16.53
C SER V 271 -29.41 68.53 -17.61
N SER V 272 -29.43 67.27 -17.15
CA SER V 272 -29.65 66.14 -18.03
C SER V 272 -31.08 65.63 -17.86
N ALA V 273 -31.78 65.53 -18.99
CA ALA V 273 -33.17 65.08 -19.00
C ALA V 273 -33.60 64.71 -20.41
N ASP V 274 -34.87 64.42 -20.60
CA ASP V 274 -35.41 64.06 -21.90
C ASP V 274 -36.63 64.91 -22.21
N GLU V 275 -36.93 65.06 -23.49
CA GLU V 275 -38.09 65.82 -23.91
C GLU V 275 -39.35 64.97 -23.82
N TYR V 276 -40.39 65.55 -23.24
CA TYR V 276 -41.67 64.86 -23.08
C TYR V 276 -42.80 65.82 -23.37
N TYR V 277 -43.98 65.26 -23.67
CA TYR V 277 -45.12 66.02 -24.13
C TYR V 277 -46.22 66.02 -23.07
N VAL V 278 -46.94 67.14 -22.98
CA VAL V 278 -47.93 67.36 -21.94
C VAL V 278 -49.23 67.84 -22.59
N MET V 279 -50.35 67.40 -22.02
CA MET V 279 -51.67 67.74 -22.51
C MET V 279 -52.46 68.43 -21.40
N TYR V 280 -53.42 69.26 -21.79
CA TYR V 280 -54.19 70.08 -20.88
C TYR V 280 -55.61 69.55 -20.74
N ASP V 281 -56.20 69.78 -19.57
CA ASP V 281 -57.58 69.40 -19.28
C ASP V 281 -58.34 70.64 -18.83
N SER V 282 -59.59 70.77 -19.27
CA SER V 282 -60.39 71.93 -18.90
C SER V 282 -61.31 71.67 -17.72
N ASN V 283 -61.82 70.44 -17.58
CA ASN V 283 -62.74 70.14 -16.50
C ASN V 283 -62.07 70.26 -15.13
N THR V 284 -60.83 69.76 -15.03
CA THR V 284 -60.12 69.77 -13.76
C THR V 284 -58.99 70.78 -13.69
N LYS V 285 -58.61 71.38 -14.81
CA LYS V 285 -57.56 72.40 -14.86
C LYS V 285 -56.24 71.86 -14.32
N THR V 286 -55.77 70.81 -14.97
CA THR V 286 -54.50 70.18 -14.64
C THR V 286 -53.74 69.90 -15.93
N TRP V 287 -52.61 69.19 -15.80
CA TRP V 287 -51.80 68.79 -16.94
C TRP V 287 -51.38 67.34 -16.76
N LYS V 288 -51.14 66.67 -17.89
CA LYS V 288 -50.81 65.26 -17.86
C LYS V 288 -49.93 64.93 -19.07
N GLU V 289 -49.15 63.86 -18.94
CA GLU V 289 -48.24 63.41 -19.98
C GLU V 289 -48.99 62.62 -21.05
N THR V 290 -48.52 62.74 -22.29
CA THR V 290 -49.20 62.12 -23.43
C THR V 290 -48.14 61.73 -24.46
N VAL V 291 -48.57 61.49 -25.69
CA VAL V 291 -47.72 60.95 -26.76
C VAL V 291 -47.71 61.93 -27.93
N GLU V 292 -46.55 62.06 -28.57
CA GLU V 292 -46.43 62.92 -29.74
C GLU V 292 -47.33 62.40 -30.87
N PRO V 293 -48.05 63.28 -31.56
CA PRO V 293 -48.90 62.83 -32.66
C PRO V 293 -48.09 62.28 -33.83
N GLY V 294 -48.68 61.33 -34.54
CA GLY V 294 -48.06 60.75 -35.73
C GLY V 294 -47.09 59.63 -35.45
N VAL V 295 -47.49 58.68 -34.60
CA VAL V 295 -46.62 57.58 -34.18
C VAL V 295 -47.44 56.29 -34.14
N ILE V 296 -46.82 55.20 -34.60
CA ILE V 296 -47.43 53.87 -34.52
C ILE V 296 -47.40 53.40 -33.07
N THR V 297 -48.49 52.78 -32.62
CA THR V 297 -48.72 52.53 -31.20
C THR V 297 -49.16 51.07 -30.97
N GLY V 298 -48.46 50.12 -31.57
CA GLY V 298 -48.75 48.73 -31.29
C GLY V 298 -48.10 47.79 -32.26
N PHE V 299 -48.42 46.51 -32.08
CA PHE V 299 -47.92 45.42 -32.89
C PHE V 299 -49.04 44.86 -33.76
N ASP V 300 -48.68 43.93 -34.64
CA ASP V 300 -49.67 43.15 -35.38
C ASP V 300 -49.96 41.88 -34.59
N VAL V 301 -51.20 41.74 -34.12
CA VAL V 301 -51.52 40.68 -33.16
C VAL V 301 -51.41 39.30 -33.81
N THR V 302 -51.76 39.19 -35.08
CA THR V 302 -51.86 37.88 -35.72
C THR V 302 -50.50 37.33 -36.12
N THR V 303 -49.42 37.93 -35.63
CA THR V 303 -48.07 37.41 -35.89
C THR V 303 -47.28 37.25 -34.60
N MET V 304 -47.96 36.93 -33.50
CA MET V 304 -47.33 36.79 -32.20
C MET V 304 -47.85 35.51 -31.54
N PRO V 305 -47.10 34.95 -30.57
CA PRO V 305 -47.48 33.65 -30.01
C PRO V 305 -48.89 33.59 -29.46
N HIS V 306 -49.59 32.50 -29.75
CA HIS V 306 -50.98 32.31 -29.35
C HIS V 306 -51.03 31.61 -28.00
N ALA V 307 -52.21 31.15 -27.58
CA ALA V 307 -52.36 30.44 -26.33
C ALA V 307 -53.52 29.46 -26.45
N LEU V 308 -53.51 28.45 -25.59
CA LEU V 308 -54.54 27.41 -25.56
C LEU V 308 -55.08 27.29 -24.15
N ILE V 309 -56.40 27.40 -24.00
CA ILE V 309 -57.06 27.44 -22.70
C ILE V 309 -58.18 26.42 -22.69
N ARG V 310 -58.41 25.81 -21.53
CA ARG V 310 -59.47 24.82 -21.36
C ARG V 310 -60.66 25.44 -20.65
N GLN V 311 -61.86 25.15 -21.16
CA GLN V 311 -63.08 25.65 -20.55
C GLN V 311 -63.64 24.66 -19.54
N SER V 312 -64.85 24.92 -19.05
CA SER V 312 -65.46 24.11 -18.00
C SER V 312 -65.97 22.77 -18.50
N ASP V 313 -66.65 22.74 -19.65
CA ASP V 313 -67.23 21.49 -20.14
C ASP V 313 -66.16 20.51 -20.59
N GLY V 314 -64.99 21.02 -21.00
CA GLY V 314 -63.91 20.15 -21.40
C GLY V 314 -63.30 20.52 -22.74
N SER V 315 -64.06 21.25 -23.56
CA SER V 315 -63.58 21.64 -24.86
C SER V 315 -62.48 22.69 -24.75
N PHE V 316 -61.70 22.81 -25.81
CA PHE V 316 -60.59 23.76 -25.89
C PHE V 316 -60.92 24.85 -26.90
N GLU V 317 -60.08 25.88 -26.92
CA GLU V 317 -60.23 26.97 -27.88
C GLU V 317 -58.87 27.60 -28.12
N PHE V 318 -58.72 28.23 -29.29
CA PHE V 318 -57.47 28.82 -29.74
C PHE V 318 -57.68 30.31 -29.93
N LYS V 319 -56.94 31.13 -29.18
CA LYS V 319 -57.14 32.57 -29.17
C LYS V 319 -55.80 33.28 -29.31
N THR V 320 -55.85 34.61 -29.21
CA THR V 320 -54.67 35.47 -29.24
C THR V 320 -54.51 36.19 -27.91
N LEU V 321 -53.48 37.02 -27.84
CA LEU V 321 -53.15 37.74 -26.62
C LEU V 321 -53.30 39.25 -26.81
N ASP V 322 -53.43 39.95 -25.69
CA ASP V 322 -53.61 41.41 -25.68
C ASP V 322 -52.37 42.04 -25.06
N TRP V 323 -51.56 42.69 -25.90
CA TRP V 323 -50.34 43.34 -25.45
C TRP V 323 -50.61 44.80 -25.11
N SER V 324 -49.55 45.54 -24.83
CA SER V 324 -49.65 46.94 -24.42
C SER V 324 -49.27 47.86 -25.58
N LYS V 325 -49.47 49.15 -25.37
CA LYS V 325 -49.25 50.17 -26.39
C LYS V 325 -48.38 51.30 -25.83
N ARG V 326 -47.89 52.12 -26.75
CA ARG V 326 -47.02 53.22 -26.37
C ARG V 326 -47.80 54.28 -25.58
N GLY V 327 -47.16 54.79 -24.53
CA GLY V 327 -47.76 55.79 -23.67
C GLY V 327 -46.76 56.85 -23.29
N SER V 328 -45.85 57.16 -24.20
CA SER V 328 -44.67 57.97 -23.90
C SER V 328 -44.25 58.80 -25.10
N GLY V 329 -43.00 59.26 -25.12
CA GLY V 329 -42.53 60.19 -26.13
C GLY V 329 -42.38 59.60 -27.52
N ASN V 330 -41.28 59.92 -28.20
CA ASN V 330 -41.20 59.67 -29.64
C ASN V 330 -40.22 58.57 -30.01
N ASP V 331 -40.02 58.36 -31.30
CA ASP V 331 -39.24 57.24 -31.83
C ASP V 331 -37.76 57.32 -31.48
N ASP V 332 -37.28 58.45 -30.97
CA ASP V 332 -35.88 58.60 -30.62
C ASP V 332 -35.58 58.37 -29.15
N THR V 333 -36.58 58.56 -28.27
CA THR V 333 -36.42 58.33 -26.84
C THR V 333 -37.08 57.04 -26.38
N ASN V 334 -38.08 56.56 -27.11
CA ASN V 334 -38.80 55.33 -26.78
C ASN V 334 -38.84 54.47 -28.05
N PRO V 335 -37.71 53.87 -28.43
CA PRO V 335 -37.66 53.15 -29.70
C PRO V 335 -38.35 51.78 -29.62
N MET V 336 -38.64 51.24 -30.80
CA MET V 336 -39.23 49.92 -30.90
C MET V 336 -38.21 48.86 -30.47
N PRO V 337 -38.68 47.74 -29.93
CA PRO V 337 -37.76 46.66 -29.53
C PRO V 337 -37.08 46.04 -30.74
N SER V 338 -36.21 45.07 -30.45
CA SER V 338 -35.42 44.45 -31.50
C SER V 338 -36.20 43.40 -32.30
N PHE V 339 -37.13 42.69 -31.68
CA PHE V 339 -37.79 41.55 -32.31
C PHE V 339 -38.95 42.00 -33.19
N VAL V 340 -38.66 42.93 -34.08
CA VAL V 340 -39.69 43.48 -34.95
C VAL V 340 -39.43 43.04 -36.39
N ASP V 341 -38.21 42.63 -36.69
CA ASP V 341 -37.87 42.18 -38.04
C ASP V 341 -37.14 40.84 -38.01
N ALA V 342 -37.52 39.97 -37.09
CA ALA V 342 -36.85 38.68 -36.95
C ALA V 342 -37.87 37.67 -36.44
N THR V 343 -37.38 36.53 -35.97
CA THR V 343 -38.22 35.44 -35.48
C THR V 343 -37.85 35.09 -34.04
N ILE V 344 -38.81 34.56 -33.30
CA ILE V 344 -38.61 34.15 -31.91
C ILE V 344 -38.21 32.69 -31.89
N ASN V 345 -37.50 32.29 -30.82
CA ASN V 345 -37.01 30.92 -30.70
C ASN V 345 -37.43 30.21 -29.45
N ASP V 346 -37.62 30.90 -28.32
CA ASP V 346 -37.93 30.23 -27.07
C ASP V 346 -38.56 31.23 -26.12
N VAL V 347 -39.14 30.71 -25.03
CA VAL V 347 -39.74 31.52 -23.98
C VAL V 347 -39.29 30.95 -22.63
N PHE V 348 -38.90 31.83 -21.72
CA PHE V 348 -38.44 31.42 -20.40
C PHE V 348 -38.94 32.41 -19.36
N PHE V 349 -38.66 32.11 -18.08
CA PHE V 349 -39.15 32.88 -16.96
C PHE V 349 -38.03 33.00 -15.92
N TYR V 350 -37.84 34.21 -15.39
CA TYR V 350 -36.74 34.46 -14.47
C TYR V 350 -36.96 35.77 -13.75
N ARG V 351 -36.82 35.74 -12.42
CA ARG V 351 -36.88 36.94 -11.58
C ARG V 351 -38.17 37.73 -11.80
N ASN V 352 -39.29 37.00 -11.79
CA ASN V 352 -40.61 37.61 -11.90
C ASN V 352 -40.74 38.44 -13.19
N ARG V 353 -40.12 37.95 -14.26
CA ARG V 353 -40.15 38.61 -15.56
C ARG V 353 -40.29 37.56 -16.65
N LEU V 354 -40.91 37.95 -17.75
CA LEU V 354 -41.03 37.07 -18.91
C LEU V 354 -39.80 37.24 -19.79
N GLY V 355 -39.68 36.45 -20.86
CA GLY V 355 -38.50 36.53 -21.69
C GLY V 355 -38.76 36.06 -23.10
N PHE V 356 -37.81 36.38 -23.97
CA PHE V 356 -37.87 36.00 -25.38
C PHE V 356 -36.47 35.88 -25.96
N LEU V 357 -36.25 34.93 -26.85
CA LEU V 357 -34.97 34.77 -27.53
C LEU V 357 -35.16 35.03 -29.02
N SER V 358 -34.26 35.82 -29.59
CA SER V 358 -34.31 36.12 -31.01
C SER V 358 -32.96 36.64 -31.46
N GLY V 359 -32.48 36.11 -32.58
CA GLY V 359 -31.18 36.48 -33.11
C GLY V 359 -30.06 36.30 -32.10
N GLU V 360 -29.45 37.41 -31.69
CA GLU V 360 -28.43 37.40 -30.64
C GLU V 360 -28.80 38.37 -29.52
N ASN V 361 -30.09 38.52 -29.25
CA ASN V 361 -30.57 39.49 -28.27
C ASN V 361 -31.44 38.81 -27.24
N VAL V 362 -31.42 39.37 -26.03
CA VAL V 362 -32.23 38.89 -24.92
C VAL V 362 -33.18 40.01 -24.52
N ILE V 363 -34.47 39.70 -24.42
CA ILE V 363 -35.52 40.68 -24.16
C ILE V 363 -36.33 40.22 -22.96
N MET V 364 -36.57 41.15 -22.03
CA MET V 364 -37.33 40.86 -20.83
C MET V 364 -38.31 41.98 -20.56
N SER V 365 -39.46 41.63 -20.00
CA SER V 365 -40.55 42.57 -19.80
C SER V 365 -40.35 43.34 -18.49
N ARG V 366 -41.37 44.12 -18.11
CA ARG V 366 -41.33 44.88 -16.87
C ARG V 366 -41.65 43.98 -15.69
N SER V 367 -41.13 44.37 -14.52
CA SER V 367 -41.39 43.60 -13.30
C SER V 367 -42.86 43.64 -12.95
N ALA V 368 -43.41 42.48 -12.58
CA ALA V 368 -44.78 42.28 -12.12
C ALA V 368 -45.82 42.52 -13.20
N SER V 369 -45.43 42.85 -14.42
CA SER V 369 -46.36 43.03 -15.54
C SER V 369 -45.82 42.24 -16.72
N TYR V 370 -46.44 41.10 -17.01
CA TYR V 370 -45.88 40.17 -17.98
C TYR V 370 -46.03 40.70 -19.41
N PHE V 371 -47.21 41.19 -19.76
CA PHE V 371 -47.46 41.67 -21.11
C PHE V 371 -47.22 43.17 -21.19
N ALA V 372 -45.96 43.58 -21.14
CA ALA V 372 -45.59 44.98 -21.27
C ALA V 372 -44.11 45.11 -21.61
N PHE V 373 -43.81 45.73 -22.75
CA PHE V 373 -42.44 45.90 -23.21
C PHE V 373 -42.09 47.37 -23.43
N PHE V 374 -42.87 48.29 -22.87
CA PHE V 374 -42.62 49.70 -23.01
C PHE V 374 -42.55 50.37 -21.63
N PRO V 375 -41.64 51.32 -21.44
CA PRO V 375 -41.54 52.00 -20.14
C PRO V 375 -42.74 52.89 -19.89
N LYS V 376 -42.95 53.20 -18.60
CA LYS V 376 -44.10 54.01 -18.21
C LYS V 376 -43.94 55.46 -18.63
N SER V 377 -42.87 56.11 -18.16
CA SER V 377 -42.64 57.51 -18.46
C SER V 377 -41.18 57.73 -18.84
N VAL V 378 -40.94 58.71 -19.71
CA VAL V 378 -39.59 59.06 -20.11
C VAL V 378 -38.99 60.15 -19.23
N ALA V 379 -39.83 60.92 -18.52
CA ALA V 379 -39.32 62.01 -17.70
C ALA V 379 -38.42 61.50 -16.59
N THR V 380 -38.81 60.41 -15.95
CA THR V 380 -38.04 59.82 -14.85
C THR V 380 -37.71 58.37 -15.17
N LEU V 381 -36.62 57.89 -14.58
CA LEU V 381 -36.14 56.53 -14.78
C LEU V 381 -36.38 55.72 -13.52
N SER V 382 -37.01 54.55 -13.68
CA SER V 382 -37.29 53.66 -12.56
C SER V 382 -36.41 52.42 -12.66
N ASP V 383 -36.65 51.47 -11.75
CA ASP V 383 -35.92 50.21 -11.73
C ASP V 383 -36.82 49.04 -12.14
N ALA V 384 -37.86 49.32 -12.90
CA ALA V 384 -38.79 48.31 -13.39
C ALA V 384 -39.02 48.48 -14.88
N ASP V 385 -37.95 48.73 -15.62
CA ASP V 385 -38.03 48.95 -17.06
C ASP V 385 -37.56 47.72 -17.81
N PRO V 386 -38.05 47.51 -19.03
CA PRO V 386 -37.62 46.35 -19.81
C PRO V 386 -36.13 46.40 -20.13
N ILE V 387 -35.54 45.22 -20.28
CA ILE V 387 -34.10 45.06 -20.50
C ILE V 387 -33.88 44.52 -21.90
N ASP V 388 -32.88 45.07 -22.58
CA ASP V 388 -32.52 44.62 -23.92
C ASP V 388 -31.01 44.74 -24.08
N VAL V 389 -30.35 43.61 -24.30
CA VAL V 389 -28.90 43.57 -24.48
C VAL V 389 -28.56 42.74 -25.71
N ALA V 390 -27.26 42.56 -25.97
CA ALA V 390 -26.82 41.78 -27.11
C ALA V 390 -25.53 41.07 -26.73
N VAL V 391 -25.24 39.99 -27.46
CA VAL V 391 -24.06 39.17 -27.23
C VAL V 391 -23.52 38.70 -28.56
N SER V 392 -22.19 38.67 -28.68
CA SER V 392 -21.55 38.23 -29.92
C SER V 392 -20.24 37.53 -29.58
N HIS V 393 -19.84 36.62 -30.47
CA HIS V 393 -18.60 35.87 -30.33
C HIS V 393 -18.00 35.72 -31.72
N PRO V 394 -16.67 35.66 -31.83
CA PRO V 394 -16.07 35.46 -33.16
C PRO V 394 -16.51 34.18 -33.85
N ARG V 395 -16.83 33.13 -33.09
CA ARG V 395 -17.25 31.87 -33.69
C ARG V 395 -18.62 31.97 -34.35
N ILE V 396 -19.39 33.03 -34.06
CA ILE V 396 -20.73 33.27 -34.59
C ILE V 396 -21.68 32.23 -34.02
N SER V 397 -22.75 32.70 -33.34
CA SER V 397 -23.66 31.80 -32.68
C SER V 397 -25.04 32.43 -32.61
N ILE V 398 -26.07 31.57 -32.56
CA ILE V 398 -27.46 32.00 -32.40
C ILE V 398 -28.05 31.25 -31.23
N LEU V 399 -28.64 31.98 -30.28
CA LEU V 399 -29.19 31.35 -29.09
C LEU V 399 -30.41 30.50 -29.45
N LYS V 400 -30.47 29.31 -28.88
CA LYS V 400 -31.54 28.38 -29.22
C LYS V 400 -32.26 27.81 -28.01
N TYR V 401 -31.54 27.56 -26.92
CA TYR V 401 -32.13 26.92 -25.74
C TYR V 401 -31.71 27.65 -24.48
N ALA V 402 -32.61 27.67 -23.49
CA ALA V 402 -32.33 28.22 -22.17
C ALA V 402 -32.65 27.16 -21.13
N VAL V 403 -31.66 26.86 -20.28
CA VAL V 403 -31.77 25.78 -19.30
C VAL V 403 -31.34 26.28 -17.93
N PRO V 404 -32.18 26.21 -16.91
CA PRO V 404 -31.73 26.53 -15.55
C PRO V 404 -31.03 25.34 -14.91
N PHE V 405 -29.97 25.62 -14.17
CA PHE V 405 -29.15 24.55 -13.61
C PHE V 405 -28.21 25.13 -12.56
N SER V 406 -28.07 24.40 -11.45
CA SER V 406 -27.07 24.67 -10.42
C SER V 406 -27.13 26.13 -9.94
N GLU V 407 -28.35 26.56 -9.65
CA GLU V 407 -28.60 27.90 -9.10
C GLU V 407 -28.11 29.00 -10.06
N GLN V 408 -28.24 28.74 -11.36
CA GLN V 408 -27.84 29.69 -12.37
C GLN V 408 -28.71 29.47 -13.60
N LEU V 409 -28.58 30.39 -14.56
CA LEU V 409 -29.28 30.30 -15.84
C LEU V 409 -28.23 30.22 -16.94
N LEU V 410 -28.40 29.24 -17.84
CA LEU V 410 -27.44 28.99 -18.91
C LEU V 410 -28.14 29.11 -20.27
N LEU V 411 -27.49 29.81 -21.19
CA LEU V 411 -27.96 29.96 -22.55
C LEU V 411 -27.04 29.18 -23.48
N TRP V 412 -27.62 28.28 -24.28
CA TRP V 412 -26.84 27.37 -25.11
C TRP V 412 -27.00 27.69 -26.58
N SER V 413 -25.90 27.56 -27.31
CA SER V 413 -25.89 27.70 -28.76
C SER V 413 -25.27 26.46 -29.39
N ASP V 414 -25.00 26.52 -30.69
CA ASP V 414 -24.44 25.35 -31.37
C ASP V 414 -22.94 25.19 -31.24
N GLU V 415 -22.20 26.20 -30.76
CA GLU V 415 -20.77 26.04 -30.51
C GLU V 415 -20.30 26.53 -29.14
N VAL V 416 -21.02 27.44 -28.48
CA VAL V 416 -20.57 28.00 -27.22
C VAL V 416 -21.73 28.01 -26.22
N GLN V 417 -21.38 28.18 -24.95
CA GLN V 417 -22.35 28.23 -23.86
C GLN V 417 -22.06 29.46 -23.01
N PHE V 418 -23.12 30.14 -22.59
CA PHE V 418 -23.01 31.39 -21.87
C PHE V 418 -23.58 31.26 -20.46
N VAL V 419 -23.11 32.12 -19.57
CA VAL V 419 -23.57 32.19 -18.20
C VAL V 419 -24.04 33.61 -17.92
N MET V 420 -25.23 33.74 -17.34
CA MET V 420 -25.84 35.05 -17.08
C MET V 420 -25.91 35.29 -15.59
N THR V 421 -25.53 36.49 -15.17
CA THR V 421 -25.49 36.85 -13.76
C THR V 421 -25.70 38.36 -13.64
N SER V 422 -25.53 38.88 -12.42
CA SER V 422 -25.73 40.28 -12.15
C SER V 422 -24.82 40.70 -11.00
N SER V 423 -24.63 42.02 -10.87
CA SER V 423 -23.77 42.61 -9.86
C SER V 423 -24.58 43.32 -8.78
N GLY V 424 -25.71 42.73 -8.39
CA GLY V 424 -26.59 43.34 -7.43
C GLY V 424 -28.03 43.17 -7.83
N VAL V 425 -28.87 44.18 -7.55
CA VAL V 425 -30.25 44.15 -8.02
C VAL V 425 -30.25 44.21 -9.54
N LEU V 426 -30.95 43.28 -10.17
CA LEU V 426 -30.92 43.18 -11.62
C LEU V 426 -31.60 44.38 -12.26
N THR V 427 -30.83 45.16 -13.00
CA THR V 427 -31.33 46.31 -13.74
C THR V 427 -30.74 46.28 -15.14
N SER V 428 -31.14 47.26 -15.95
CA SER V 428 -30.60 47.35 -17.31
C SER V 428 -29.15 47.80 -17.35
N LYS V 429 -28.59 48.23 -16.23
CA LYS V 429 -27.22 48.71 -16.17
C LYS V 429 -26.30 47.79 -15.37
N SER V 430 -26.78 46.61 -14.97
CA SER V 430 -25.96 45.74 -14.13
C SER V 430 -26.05 44.27 -14.53
N ILE V 431 -26.32 43.98 -15.80
CA ILE V 431 -26.42 42.60 -16.27
C ILE V 431 -25.13 42.22 -16.97
N GLN V 432 -24.72 40.96 -16.82
CA GLN V 432 -23.44 40.49 -17.35
C GLN V 432 -23.63 39.16 -18.06
N LEU V 433 -22.92 38.97 -19.16
CA LEU V 433 -22.89 37.72 -19.91
C LEU V 433 -21.44 37.32 -20.16
N ASP V 434 -21.12 36.06 -19.92
CA ASP V 434 -19.75 35.56 -20.05
C ASP V 434 -19.75 34.22 -20.77
N VAL V 435 -18.54 33.74 -21.09
CA VAL V 435 -18.34 32.49 -21.79
C VAL V 435 -17.86 31.44 -20.81
N GLY V 436 -18.46 30.25 -20.85
CA GLY V 436 -18.14 29.20 -19.90
C GLY V 436 -17.54 27.95 -20.47
N SER V 437 -17.92 27.58 -21.70
CA SER V 437 -17.45 26.33 -22.30
C SER V 437 -17.60 26.42 -23.80
N GLU V 438 -16.96 25.48 -24.50
CA GLU V 438 -16.96 25.45 -25.95
C GLU V 438 -17.18 24.04 -26.49
N PHE V 439 -18.15 23.33 -25.92
CA PHE V 439 -18.48 22.02 -26.46
C PHE V 439 -19.47 22.14 -27.62
N ALA V 440 -19.59 21.07 -28.39
CA ALA V 440 -20.48 21.02 -29.53
C ALA V 440 -21.71 20.17 -29.23
N LEU V 441 -22.82 20.51 -29.87
CA LEU V 441 -24.08 19.83 -29.65
C LEU V 441 -24.99 20.05 -30.85
N GLY V 442 -26.11 19.33 -30.88
CA GLY V 442 -27.05 19.45 -31.97
C GLY V 442 -28.34 20.13 -31.56
N ASP V 443 -29.24 20.37 -32.51
CA ASP V 443 -30.42 21.17 -32.26
C ASP V 443 -31.68 20.44 -32.73
N THR V 444 -31.79 19.16 -32.39
CA THR V 444 -32.96 18.38 -32.75
C THR V 444 -33.67 17.75 -31.55
N ALA V 445 -33.14 17.90 -30.34
CA ALA V 445 -33.76 17.32 -29.17
C ALA V 445 -33.48 18.19 -27.95
N ARG V 446 -34.53 18.50 -27.20
CA ARG V 446 -34.37 19.34 -26.02
C ARG V 446 -33.62 18.57 -24.93
N PRO V 447 -32.65 19.19 -24.25
CA PRO V 447 -31.92 18.49 -23.19
C PRO V 447 -32.84 18.09 -22.05
N PHE V 448 -32.49 16.98 -21.40
CA PHE V 448 -33.26 16.42 -20.30
C PHE V 448 -32.44 16.49 -19.02
N ALA V 449 -33.11 16.76 -17.91
CA ALA V 449 -32.46 16.97 -16.63
C ALA V 449 -32.96 15.94 -15.62
N VAL V 450 -32.02 15.20 -15.02
CA VAL V 450 -32.32 14.22 -13.99
C VAL V 450 -31.29 14.36 -12.88
N GLY V 451 -31.75 14.44 -11.64
CA GLY V 451 -30.85 14.55 -10.51
C GLY V 451 -29.98 15.78 -10.56
N ARG V 452 -28.69 15.58 -10.85
CA ARG V 452 -27.73 16.67 -10.98
C ARG V 452 -26.99 16.59 -12.30
N SER V 453 -27.68 16.17 -13.36
CA SER V 453 -27.05 15.97 -14.65
C SER V 453 -27.98 16.39 -15.76
N VAL V 454 -27.40 16.68 -16.93
CA VAL V 454 -28.14 17.07 -18.12
C VAL V 454 -27.62 16.24 -19.28
N PHE V 455 -28.52 15.64 -20.04
CA PHE V 455 -28.18 14.76 -21.15
C PHE V 455 -28.54 15.45 -22.47
N PHE V 456 -27.60 15.45 -23.41
CA PHE V 456 -27.83 16.04 -24.71
C PHE V 456 -27.13 15.21 -25.78
N SER V 457 -27.61 15.33 -27.01
CA SER V 457 -27.08 14.56 -28.13
C SER V 457 -26.00 15.35 -28.87
N ALA V 458 -25.24 14.63 -29.70
CA ALA V 458 -24.17 15.21 -30.48
C ALA V 458 -23.92 14.38 -31.74
N PRO V 459 -24.40 14.82 -32.90
CA PRO V 459 -24.27 13.99 -34.10
C PRO V 459 -22.83 13.88 -34.57
N ARG V 460 -22.59 12.84 -35.38
CA ARG V 460 -21.25 12.56 -35.90
C ARG V 460 -21.36 12.10 -37.34
N GLY V 461 -20.31 11.48 -37.87
CA GLY V 461 -20.27 11.08 -39.26
C GLY V 461 -21.41 10.20 -39.73
N SER V 462 -21.68 9.11 -39.01
CA SER V 462 -22.78 8.22 -39.34
C SER V 462 -23.57 7.76 -38.14
N PHE V 463 -23.14 8.08 -36.93
CA PHE V 463 -23.82 7.66 -35.71
C PHE V 463 -23.88 8.83 -34.74
N THR V 464 -24.74 8.69 -33.73
CA THR V 464 -24.94 9.73 -32.74
C THR V 464 -24.21 9.36 -31.45
N SER V 465 -23.99 10.36 -30.60
CA SER V 465 -23.34 10.15 -29.31
C SER V 465 -24.13 10.88 -28.24
N ILE V 466 -24.13 10.34 -27.03
CA ILE V 466 -24.87 10.89 -25.90
C ILE V 466 -23.88 11.30 -24.83
N LYS V 467 -23.95 12.56 -24.40
CA LYS V 467 -23.02 13.10 -23.42
C LYS V 467 -23.76 13.51 -22.15
N ARG V 468 -23.00 13.71 -21.09
CA ARG V 468 -23.53 14.05 -19.78
C ARG V 468 -22.85 15.32 -19.25
N TYR V 469 -23.64 16.21 -18.68
CA TYR V 469 -23.18 17.52 -18.21
C TYR V 469 -23.28 17.56 -16.70
N PHE V 470 -22.14 17.63 -16.02
CA PHE V 470 -22.08 17.64 -14.57
C PHE V 470 -21.12 18.73 -14.10
N ALA V 471 -20.96 18.84 -12.79
CA ALA V 471 -20.08 19.81 -12.17
C ALA V 471 -18.99 19.10 -11.39
N VAL V 472 -17.75 19.55 -11.58
CA VAL V 472 -16.61 19.00 -10.86
C VAL V 472 -16.79 19.34 -9.38
N ALA V 473 -16.25 18.50 -8.49
CA ALA V 473 -16.57 18.64 -7.08
C ALA V 473 -15.63 19.59 -6.35
N ASP V 474 -14.33 19.26 -6.30
CA ASP V 474 -13.40 20.04 -5.50
C ASP V 474 -13.26 21.46 -6.02
N VAL V 475 -13.21 21.61 -7.33
CA VAL V 475 -13.04 22.94 -7.92
C VAL V 475 -14.34 23.70 -7.86
N SER V 476 -14.26 25.02 -7.84
CA SER V 476 -15.43 25.88 -7.77
C SER V 476 -15.83 26.36 -9.16
N ASP V 477 -17.06 26.04 -9.57
CA ASP V 477 -17.66 26.58 -10.79
C ASP V 477 -16.83 26.22 -12.03
N VAL V 478 -16.75 24.91 -12.29
CA VAL V 478 -16.15 24.42 -13.54
C VAL V 478 -17.02 23.33 -14.13
N LYS V 479 -17.78 23.67 -15.16
CA LYS V 479 -18.60 22.67 -15.84
C LYS V 479 -17.72 21.79 -16.73
N ASP V 480 -18.10 20.53 -16.86
CA ASP V 480 -17.38 19.58 -17.68
C ASP V 480 -18.38 18.67 -18.39
N ALA V 481 -17.89 17.98 -19.42
CA ALA V 481 -18.72 17.07 -20.20
C ALA V 481 -18.02 15.72 -20.29
N ASP V 482 -18.83 14.67 -20.43
CA ASP V 482 -18.32 13.31 -20.47
C ASP V 482 -19.12 12.54 -21.52
N ASP V 483 -18.49 11.56 -22.14
CA ASP V 483 -19.12 10.75 -23.18
C ASP V 483 -19.54 9.41 -22.57
N THR V 484 -20.83 9.10 -22.66
CA THR V 484 -21.36 7.86 -22.10
C THR V 484 -21.37 6.72 -23.11
N THR V 485 -21.09 6.99 -24.38
CA THR V 485 -21.05 5.96 -25.42
C THR V 485 -19.63 5.75 -25.92
N GLY V 486 -18.65 5.81 -25.02
CA GLY V 486 -17.26 5.68 -25.44
C GLY V 486 -16.96 4.31 -26.03
N HIS V 487 -17.48 3.25 -25.41
CA HIS V 487 -17.17 1.90 -25.87
C HIS V 487 -18.09 1.47 -27.01
N VAL V 488 -19.37 1.81 -26.94
CA VAL V 488 -20.29 1.51 -28.04
C VAL V 488 -20.39 2.69 -28.99
N LEU V 489 -19.47 2.76 -29.96
CA LEU V 489 -19.42 3.88 -30.90
C LEU V 489 -20.13 3.59 -32.21
N SER V 490 -20.78 2.43 -32.35
CA SER V 490 -21.47 2.10 -33.59
C SER V 490 -22.81 1.45 -33.32
N TYR V 491 -23.58 2.01 -32.40
CA TYR V 491 -24.81 1.36 -31.97
C TYR V 491 -26.06 2.14 -32.29
N ILE V 492 -26.06 3.46 -32.15
CA ILE V 492 -27.24 4.29 -32.32
C ILE V 492 -27.16 4.97 -33.68
N PRO V 493 -28.08 4.70 -34.60
CA PRO V 493 -28.04 5.37 -35.91
C PRO V 493 -28.40 6.84 -35.82
N ASN V 494 -28.42 7.53 -36.97
CA ASN V 494 -28.66 8.97 -37.04
C ASN V 494 -30.15 9.25 -37.18
N GLY V 495 -30.60 10.34 -36.57
CA GLY V 495 -32.00 10.73 -36.66
C GLY V 495 -32.72 10.73 -35.32
N VAL V 496 -31.99 11.01 -34.24
CA VAL V 496 -32.59 11.06 -32.92
C VAL V 496 -33.54 12.25 -32.82
N PHE V 497 -34.73 12.03 -32.26
CA PHE V 497 -35.69 13.12 -32.14
C PHE V 497 -36.44 13.12 -30.80
N ASP V 498 -35.93 12.46 -29.77
CA ASP V 498 -36.60 12.45 -28.47
C ASP V 498 -35.72 11.88 -27.37
N ILE V 499 -35.86 12.41 -26.14
CA ILE V 499 -35.17 11.89 -24.97
C ILE V 499 -36.13 11.96 -23.78
N GLN V 500 -36.38 10.82 -23.14
CA GLN V 500 -37.27 10.75 -22.00
C GLN V 500 -36.59 10.01 -20.84
N GLY V 501 -37.31 9.83 -19.74
CA GLY V 501 -36.78 9.12 -18.60
C GLY V 501 -37.47 9.51 -17.32
N THR V 502 -37.14 8.79 -16.27
CA THR V 502 -37.67 9.02 -14.93
C THR V 502 -36.53 9.21 -13.93
N GLY V 503 -36.90 9.41 -12.67
CA GLY V 503 -35.94 9.57 -11.61
C GLY V 503 -36.17 8.60 -10.47
N THR V 504 -37.23 7.80 -10.58
CA THR V 504 -37.53 6.77 -9.58
C THR V 504 -37.03 5.40 -10.00
N GLU V 505 -36.75 5.20 -11.29
CA GLU V 505 -36.22 3.93 -11.79
C GLU V 505 -34.86 4.04 -12.45
N ASN V 506 -34.35 5.27 -12.66
CA ASN V 506 -33.01 5.49 -13.18
C ASN V 506 -32.79 4.87 -14.55
N TYR V 507 -33.51 5.33 -15.57
CA TYR V 507 -33.28 4.87 -16.92
C TYR V 507 -33.66 6.00 -17.89
N ILE V 508 -33.30 5.81 -19.16
CA ILE V 508 -33.52 6.80 -20.21
C ILE V 508 -33.93 6.08 -21.48
N CYS V 509 -34.90 6.65 -22.18
CA CYS V 509 -35.35 6.13 -23.47
C CYS V 509 -34.89 7.05 -24.59
N VAL V 510 -34.56 6.46 -25.74
CA VAL V 510 -34.09 7.22 -26.90
C VAL V 510 -34.74 6.64 -28.14
N ASN V 511 -35.45 7.48 -28.90
CA ASN V 511 -36.04 7.10 -30.18
C ASN V 511 -35.17 7.59 -31.32
N SER V 512 -35.43 7.07 -32.51
CA SER V 512 -34.70 7.46 -33.70
C SER V 512 -35.51 7.12 -34.94
N THR V 513 -35.02 7.57 -36.09
CA THR V 513 -35.67 7.33 -37.37
C THR V 513 -34.99 6.29 -38.23
N GLY V 514 -33.78 5.87 -37.87
CA GLY V 514 -33.13 4.80 -38.61
C GLY V 514 -33.88 3.48 -38.50
N ALA V 515 -34.32 3.15 -37.28
CA ALA V 515 -35.13 1.97 -37.01
C ALA V 515 -36.38 2.42 -36.26
N TYR V 516 -37.55 2.10 -36.81
CA TYR V 516 -38.82 2.54 -36.25
C TYR V 516 -39.46 1.50 -35.34
N ASN V 517 -38.71 0.46 -34.95
CA ASN V 517 -39.27 -0.54 -34.07
C ASN V 517 -38.33 -0.92 -32.93
N ARG V 518 -37.50 0.01 -32.45
CA ARG V 518 -36.58 -0.25 -31.36
C ARG V 518 -36.60 0.91 -30.38
N ILE V 519 -36.27 0.60 -29.13
CA ILE V 519 -36.10 1.59 -28.08
C ILE V 519 -34.79 1.28 -27.36
N TYR V 520 -33.92 2.28 -27.24
CA TYR V 520 -32.63 2.08 -26.59
C TYR V 520 -32.70 2.57 -25.14
N ILE V 521 -32.08 1.81 -24.24
CA ILE V 521 -32.23 2.03 -22.81
C ILE V 521 -30.87 2.07 -22.14
N TYR V 522 -30.71 3.02 -21.22
CA TYR V 522 -29.46 3.21 -20.48
C TYR V 522 -29.79 3.16 -19.00
N LYS V 523 -29.07 2.31 -18.25
CA LYS V 523 -29.33 2.09 -16.84
C LYS V 523 -28.10 2.50 -16.03
N PHE V 524 -28.32 3.30 -14.99
CA PHE V 524 -27.22 3.85 -14.20
C PHE V 524 -27.60 3.86 -12.73
N LEU V 525 -26.61 4.14 -11.89
CA LEU V 525 -26.80 4.23 -10.45
C LEU V 525 -25.60 4.93 -9.84
N PHE V 526 -25.85 5.91 -8.96
CA PHE V 526 -24.80 6.68 -8.33
C PHE V 526 -24.81 6.47 -6.83
N LYS V 527 -23.63 6.61 -6.22
CA LYS V 527 -23.49 6.44 -4.77
C LYS V 527 -22.24 7.19 -4.33
N ASP V 528 -22.43 8.25 -3.56
CA ASP V 528 -21.34 9.08 -3.03
C ASP V 528 -20.48 9.68 -4.14
N GLY V 529 -21.07 9.94 -5.31
CA GLY V 529 -20.37 10.60 -6.38
C GLY V 529 -19.61 9.71 -7.33
N VAL V 530 -19.57 8.40 -7.11
CA VAL V 530 -18.89 7.46 -7.99
C VAL V 530 -19.92 6.57 -8.63
N GLN V 531 -19.81 6.40 -9.95
CA GLN V 531 -20.77 5.58 -10.69
C GLN V 531 -20.51 4.11 -10.46
N LEU V 532 -21.59 3.31 -10.43
CA LEU V 532 -21.48 1.89 -10.14
C LEU V 532 -22.16 1.02 -11.19
N GLN V 533 -22.66 1.58 -12.28
CA GLN V 533 -23.36 0.78 -13.28
C GLN V 533 -23.50 1.58 -14.56
N ALA V 534 -23.39 0.89 -15.69
CA ALA V 534 -23.57 1.51 -17.01
C ALA V 534 -23.93 0.39 -17.99
N SER V 535 -25.18 0.38 -18.43
CA SER V 535 -25.69 -0.71 -19.26
C SER V 535 -26.40 -0.15 -20.48
N TRP V 536 -26.11 -0.72 -21.65
CA TRP V 536 -26.75 -0.34 -22.91
C TRP V 536 -27.38 -1.57 -23.54
N SER V 537 -28.65 -1.47 -23.90
CA SER V 537 -29.38 -2.54 -24.55
C SER V 537 -30.58 -1.95 -25.29
N HIS V 538 -31.42 -2.81 -25.84
CA HIS V 538 -32.58 -2.30 -26.56
C HIS V 538 -33.68 -3.36 -26.61
N TRP V 539 -34.91 -2.90 -26.79
CA TRP V 539 -36.08 -3.74 -26.95
C TRP V 539 -36.45 -3.82 -28.43
N GLU V 540 -37.47 -4.63 -28.73
CA GLU V 540 -37.83 -4.83 -30.13
C GLU V 540 -39.30 -5.23 -30.24
N PHE V 541 -40.00 -4.59 -31.16
CA PHE V 541 -41.41 -4.83 -31.47
C PHE V 541 -41.49 -5.45 -32.87
N PRO V 542 -42.70 -5.85 -33.35
CA PRO V 542 -42.79 -6.47 -34.69
C PRO V 542 -42.16 -5.65 -35.81
N LYS V 543 -42.05 -6.28 -36.99
CA LYS V 543 -41.14 -5.81 -38.03
C LYS V 543 -41.65 -4.58 -38.76
N ASP V 544 -42.97 -4.42 -38.90
CA ASP V 544 -43.54 -3.31 -39.67
C ASP V 544 -44.40 -2.41 -38.79
N ASP V 545 -43.90 -2.08 -37.61
CA ASP V 545 -44.57 -1.15 -36.70
C ASP V 545 -43.68 0.04 -36.46
N LYS V 546 -44.31 1.17 -36.15
CA LYS V 546 -43.60 2.42 -35.88
C LYS V 546 -43.99 2.93 -34.49
N ILE V 547 -42.98 3.30 -33.70
CA ILE V 547 -43.20 3.85 -32.37
C ILE V 547 -43.15 5.36 -32.48
N LEU V 548 -44.26 6.02 -32.11
CA LEU V 548 -44.38 7.46 -32.28
C LEU V 548 -44.13 8.25 -31.00
N ALA V 549 -44.41 7.68 -29.83
CA ALA V 549 -44.23 8.40 -28.59
C ALA V 549 -44.12 7.42 -27.44
N SER V 550 -43.29 7.77 -26.45
CA SER V 550 -43.12 6.95 -25.26
C SER V 550 -42.67 7.87 -24.13
N ALA V 551 -43.60 8.24 -23.26
CA ALA V 551 -43.33 9.10 -22.12
C ALA V 551 -43.73 8.41 -20.83
N SER V 552 -43.17 8.86 -19.72
CA SER V 552 -43.31 8.18 -18.46
C SER V 552 -43.75 9.14 -17.37
N ILE V 553 -44.68 8.68 -16.51
CA ILE V 553 -45.14 9.44 -15.36
C ILE V 553 -45.02 8.57 -14.12
N GLY V 554 -43.92 8.70 -13.39
CA GLY V 554 -43.71 7.92 -12.19
C GLY V 554 -43.09 6.57 -12.48
N SER V 555 -43.91 5.52 -12.52
CA SER V 555 -43.47 4.17 -12.80
C SER V 555 -44.37 3.51 -13.84
N THR V 556 -44.73 4.26 -14.87
CA THR V 556 -45.57 3.76 -15.95
C THR V 556 -45.09 4.36 -17.26
N MET V 557 -45.25 3.60 -18.34
CA MET V 557 -44.83 4.03 -19.67
C MET V 557 -46.01 3.94 -20.62
N PHE V 558 -46.30 5.03 -21.32
CA PHE V 558 -47.40 5.07 -22.29
C PHE V 558 -46.82 5.00 -23.70
N ILE V 559 -47.29 4.05 -24.49
CA ILE V 559 -46.73 3.78 -25.81
C ILE V 559 -47.84 3.91 -26.85
N VAL V 560 -47.50 4.53 -27.98
CA VAL V 560 -48.40 4.68 -29.11
C VAL V 560 -47.74 4.02 -30.32
N ARG V 561 -48.42 3.04 -30.91
CA ARG V 561 -47.87 2.23 -31.98
C ARG V 561 -48.81 2.22 -33.17
N GLN V 562 -48.23 2.30 -34.37
CA GLN V 562 -49.00 2.33 -35.61
C GLN V 562 -48.68 1.08 -36.43
N HIS V 563 -49.67 0.20 -36.55
CA HIS V 563 -49.57 -0.98 -37.39
C HIS V 563 -50.37 -0.76 -38.67
N GLN V 564 -50.52 -1.81 -39.49
CA GLN V 564 -51.25 -1.72 -40.74
C GLN V 564 -52.75 -1.48 -40.56
N GLY V 565 -53.27 -1.63 -39.34
CA GLY V 565 -54.68 -1.43 -39.09
C GLY V 565 -55.03 -0.03 -38.62
N GLY V 566 -54.17 0.57 -37.82
CA GLY V 566 -54.44 1.89 -37.29
C GLY V 566 -53.46 2.34 -36.21
N VAL V 567 -53.99 2.86 -35.11
CA VAL V 567 -53.18 3.38 -34.02
C VAL V 567 -53.72 2.84 -32.70
N ASP V 568 -52.82 2.43 -31.81
CA ASP V 568 -53.20 1.86 -30.52
C ASP V 568 -52.41 2.54 -29.42
N ILE V 569 -52.97 2.49 -28.21
CA ILE V 569 -52.35 3.04 -27.02
C ILE V 569 -52.31 1.97 -25.94
N GLU V 570 -51.17 1.82 -25.28
CA GLU V 570 -50.94 0.71 -24.38
C GLU V 570 -50.17 1.18 -23.14
N HIS V 571 -50.19 0.35 -22.10
CA HIS V 571 -49.57 0.64 -20.82
C HIS V 571 -48.47 -0.37 -20.52
N LEU V 572 -47.61 -0.02 -19.57
CA LEU V 572 -46.51 -0.89 -19.15
C LEU V 572 -46.10 -0.48 -17.74
N LYS V 573 -46.29 -1.38 -16.77
CA LYS V 573 -46.11 -1.05 -15.36
C LYS V 573 -45.03 -1.92 -14.73
N PHE V 574 -44.34 -1.35 -13.73
CA PHE V 574 -43.32 -2.04 -12.95
C PHE V 574 -43.91 -2.40 -11.60
N ILE V 575 -44.61 -3.53 -11.55
CA ILE V 575 -45.17 -4.02 -10.29
C ILE V 575 -44.36 -5.23 -9.83
N LYS V 576 -44.61 -5.68 -8.60
CA LYS V 576 -43.89 -6.83 -8.06
C LYS V 576 -44.77 -7.54 -7.04
N GLU V 577 -44.74 -8.87 -7.07
CA GLU V 577 -45.52 -9.71 -6.16
C GLU V 577 -47.02 -9.41 -6.27
N ALA V 578 -47.47 -9.16 -7.49
CA ALA V 578 -48.88 -8.91 -7.75
C ALA V 578 -49.14 -9.14 -9.23
N THR V 579 -50.40 -9.37 -9.57
CA THR V 579 -50.80 -9.57 -10.95
C THR V 579 -51.44 -8.31 -11.50
N ASP V 580 -51.88 -8.37 -12.75
CA ASP V 580 -52.55 -7.24 -13.37
C ASP V 580 -54.05 -7.36 -13.16
N PHE V 581 -54.64 -8.45 -13.65
CA PHE V 581 -56.03 -8.73 -13.40
C PHE V 581 -56.16 -9.49 -12.08
N PRO V 582 -57.33 -9.44 -11.44
CA PRO V 582 -57.44 -10.06 -10.11
C PRO V 582 -57.33 -11.57 -10.12
N SER V 583 -57.92 -12.25 -11.09
CA SER V 583 -57.99 -13.71 -11.11
C SER V 583 -56.99 -14.25 -12.14
N GLU V 584 -55.74 -14.41 -11.70
CA GLU V 584 -54.70 -15.03 -12.49
C GLU V 584 -53.88 -15.97 -11.63
N PRO V 585 -53.32 -17.04 -12.21
CA PRO V 585 -52.40 -17.87 -11.43
C PRO V 585 -51.08 -17.18 -11.14
N TYR V 586 -50.51 -16.51 -12.12
CA TYR V 586 -49.28 -15.75 -11.97
C TYR V 586 -49.27 -14.65 -13.04
N ARG V 587 -48.15 -13.96 -13.17
CA ARG V 587 -48.07 -12.85 -14.13
C ARG V 587 -47.67 -13.42 -15.49
N LEU V 588 -48.66 -13.56 -16.37
CA LEU V 588 -48.42 -14.10 -17.70
C LEU V 588 -47.60 -13.11 -18.52
N HIS V 589 -46.54 -13.61 -19.16
CA HIS V 589 -45.68 -12.78 -19.99
C HIS V 589 -46.03 -12.91 -21.46
N ILE V 590 -47.25 -12.47 -21.80
CA ILE V 590 -47.66 -12.37 -23.20
C ILE V 590 -47.90 -10.91 -23.52
N ASP V 591 -48.10 -10.60 -24.80
CA ASP V 591 -48.15 -9.22 -25.27
C ASP V 591 -49.57 -8.86 -25.66
N SER V 592 -49.97 -7.63 -25.31
CA SER V 592 -51.31 -7.11 -25.58
C SER V 592 -52.38 -7.98 -24.92
N LYS V 593 -52.27 -8.15 -23.61
CA LYS V 593 -53.23 -8.96 -22.88
C LYS V 593 -54.60 -8.29 -22.86
N VAL V 594 -55.64 -9.12 -22.85
CA VAL V 594 -57.01 -8.64 -22.73
C VAL V 594 -57.86 -9.76 -22.15
N SER V 595 -58.65 -9.43 -21.13
CA SER V 595 -59.52 -10.43 -20.51
C SER V 595 -60.82 -10.54 -21.29
N MET V 596 -61.55 -11.63 -21.04
CA MET V 596 -62.81 -11.88 -21.74
C MET V 596 -63.59 -13.00 -21.05
N VAL V 597 -64.92 -12.94 -21.12
CA VAL V 597 -65.80 -13.97 -20.57
C VAL V 597 -66.63 -14.53 -21.71
N ILE V 598 -66.58 -15.84 -21.88
CA ILE V 598 -67.33 -16.48 -22.96
C ILE V 598 -68.83 -16.35 -22.69
N PRO V 599 -69.64 -15.96 -23.68
CA PRO V 599 -71.07 -15.76 -23.43
C PRO V 599 -71.84 -17.04 -23.15
N ILE V 600 -73.15 -16.91 -22.99
CA ILE V 600 -73.98 -18.06 -22.59
C ILE V 600 -74.00 -19.11 -23.68
N GLY V 601 -74.12 -18.68 -24.94
CA GLY V 601 -74.21 -19.60 -26.06
C GLY V 601 -73.10 -20.64 -26.08
N SER V 602 -73.46 -21.90 -25.87
CA SER V 602 -72.51 -22.99 -25.69
C SER V 602 -72.65 -23.98 -26.84
N TYR V 603 -71.72 -23.89 -27.80
CA TYR V 603 -71.54 -24.85 -28.89
C TYR V 603 -72.84 -25.24 -29.60
N ASN V 604 -72.83 -26.42 -30.22
CA ASN V 604 -74.02 -26.98 -30.85
C ASN V 604 -73.99 -28.48 -30.58
N ALA V 605 -75.16 -29.06 -30.31
CA ALA V 605 -75.26 -30.44 -29.85
C ALA V 605 -74.61 -31.43 -30.80
N ASP V 606 -74.67 -31.17 -32.11
CA ASP V 606 -74.21 -32.11 -33.12
C ASP V 606 -72.72 -32.44 -32.98
N THR V 607 -71.88 -31.42 -32.80
CA THR V 607 -70.44 -31.60 -32.74
C THR V 607 -69.83 -31.09 -31.44
N TYR V 608 -70.64 -30.56 -30.53
CA TYR V 608 -70.23 -29.97 -29.26
C TYR V 608 -68.93 -29.19 -29.37
N LYS V 609 -68.79 -28.43 -30.45
CA LYS V 609 -67.66 -27.52 -30.66
C LYS V 609 -68.19 -26.10 -30.50
N THR V 610 -67.52 -25.30 -29.67
CA THR V 610 -67.98 -23.97 -29.35
C THR V 610 -67.17 -22.91 -30.11
N THR V 611 -67.85 -21.82 -30.47
CA THR V 611 -67.24 -20.68 -31.11
C THR V 611 -67.06 -19.55 -30.11
N VAL V 612 -66.16 -18.62 -30.44
CA VAL V 612 -65.74 -17.57 -29.52
C VAL V 612 -66.02 -16.18 -30.10
N ASP V 613 -65.63 -15.96 -31.36
CA ASP V 613 -65.75 -14.65 -31.99
C ASP V 613 -64.98 -13.60 -31.20
N ILE V 614 -63.65 -13.71 -31.20
CA ILE V 614 -62.79 -12.85 -30.40
C ILE V 614 -62.87 -11.38 -30.80
N GLY V 615 -63.59 -11.03 -31.86
CA GLY V 615 -63.65 -9.65 -32.29
C GLY V 615 -64.24 -8.72 -31.26
N ALA V 616 -65.15 -9.23 -30.42
CA ALA V 616 -65.80 -8.39 -29.42
C ALA V 616 -64.80 -7.88 -28.38
N ALA V 617 -63.84 -8.73 -28.01
CA ALA V 617 -62.88 -8.36 -26.96
C ALA V 617 -62.06 -7.14 -27.36
N TYR V 618 -61.60 -7.10 -28.62
CA TYR V 618 -60.77 -5.99 -29.07
C TYR V 618 -61.62 -4.85 -29.60
N GLY V 619 -62.60 -4.42 -28.82
CA GLY V 619 -63.43 -3.27 -29.17
C GLY V 619 -64.13 -3.39 -30.51
N GLY V 620 -64.63 -4.59 -30.81
CA GLY V 620 -65.29 -4.80 -32.09
C GLY V 620 -64.41 -4.54 -33.29
N ASN V 621 -63.15 -4.95 -33.21
CA ASN V 621 -62.20 -4.72 -34.29
C ASN V 621 -61.24 -5.91 -34.37
N ALA V 622 -60.83 -6.24 -35.59
CA ALA V 622 -59.88 -7.32 -35.79
C ALA V 622 -58.50 -6.90 -35.27
N PRO V 623 -57.82 -7.78 -34.56
CA PRO V 623 -56.49 -7.46 -34.04
C PRO V 623 -55.43 -7.52 -35.15
N SER V 624 -54.23 -7.05 -34.80
CA SER V 624 -53.14 -7.04 -35.75
C SER V 624 -52.68 -8.48 -36.05
N PRO V 625 -52.15 -8.71 -37.25
CA PRO V 625 -51.75 -10.08 -37.62
C PRO V 625 -50.62 -10.60 -36.75
N GLY V 626 -50.63 -11.90 -36.51
CA GLY V 626 -49.61 -12.54 -35.71
C GLY V 626 -50.09 -13.88 -35.19
N ARG V 627 -49.34 -14.39 -34.21
CA ARG V 627 -49.68 -15.62 -33.52
C ARG V 627 -50.27 -15.32 -32.16
N TYR V 628 -51.27 -16.10 -31.77
CA TYR V 628 -52.01 -15.83 -30.54
C TYR V 628 -52.18 -17.11 -29.74
N TYR V 629 -52.21 -16.96 -28.42
CA TYR V 629 -52.43 -18.06 -27.48
C TYR V 629 -53.75 -17.85 -26.75
N LEU V 630 -54.15 -18.87 -25.98
CA LEU V 630 -55.38 -18.83 -25.19
C LEU V 630 -55.14 -19.55 -23.86
N ILE V 631 -54.76 -18.78 -22.84
CA ILE V 631 -54.51 -19.36 -21.52
C ILE V 631 -55.79 -19.29 -20.70
N ASP V 632 -56.14 -20.41 -20.07
CA ASP V 632 -57.31 -20.49 -19.22
C ASP V 632 -56.94 -20.07 -17.79
N SER V 633 -57.83 -20.31 -16.84
CA SER V 633 -57.65 -19.86 -15.47
C SER V 633 -56.78 -20.79 -14.63
N GLN V 634 -56.30 -21.90 -15.20
CA GLN V 634 -55.44 -22.82 -14.49
C GLN V 634 -54.02 -22.87 -15.02
N GLY V 635 -53.81 -22.70 -16.32
CA GLY V 635 -52.48 -22.70 -16.87
C GLY V 635 -52.33 -23.38 -18.22
N ALA V 636 -53.21 -24.33 -18.51
CA ALA V 636 -53.18 -24.99 -19.81
C ALA V 636 -53.53 -24.02 -20.92
N TYR V 637 -52.78 -24.08 -22.02
CA TYR V 637 -52.96 -23.13 -23.10
C TYR V 637 -53.02 -23.84 -24.44
N VAL V 638 -53.75 -23.25 -25.38
CA VAL V 638 -53.92 -23.80 -26.72
C VAL V 638 -53.22 -22.84 -27.70
N ASP V 639 -52.94 -23.31 -28.92
CA ASP V 639 -52.21 -22.52 -29.91
C ASP V 639 -53.14 -22.30 -31.11
N LEU V 640 -53.61 -21.06 -31.27
CA LEU V 640 -54.39 -20.71 -32.45
C LEU V 640 -53.46 -20.43 -33.63
N GLY V 641 -54.07 -20.34 -34.81
CA GLY V 641 -53.33 -20.13 -36.02
C GLY V 641 -52.93 -18.69 -36.22
N ASP V 642 -52.53 -18.36 -37.45
CA ASP V 642 -52.14 -17.00 -37.82
C ASP V 642 -53.40 -16.21 -38.17
N LEU V 643 -53.83 -15.36 -37.24
CA LEU V 643 -55.04 -14.59 -37.45
C LEU V 643 -54.78 -13.41 -38.37
N THR V 644 -55.57 -13.31 -39.44
CA THR V 644 -55.50 -12.20 -40.37
C THR V 644 -56.62 -11.21 -40.05
N SER V 645 -56.79 -10.20 -40.91
CA SER V 645 -57.79 -9.16 -40.71
C SER V 645 -59.11 -9.48 -41.38
N ILE V 646 -59.25 -10.65 -42.01
CA ILE V 646 -60.47 -11.00 -42.72
C ILE V 646 -61.37 -11.94 -41.93
N SER V 647 -60.91 -12.46 -40.79
CA SER V 647 -61.70 -13.39 -40.02
C SER V 647 -61.43 -13.18 -38.54
N THR V 648 -62.49 -13.34 -37.72
CA THR V 648 -62.37 -13.20 -36.27
C THR V 648 -63.12 -14.31 -35.54
N VAL V 649 -63.30 -15.48 -36.16
CA VAL V 649 -64.08 -16.58 -35.59
C VAL V 649 -63.17 -17.78 -35.42
N ILE V 650 -63.19 -18.38 -34.22
CA ILE V 650 -62.41 -19.57 -33.93
C ILE V 650 -63.33 -20.59 -33.26
N THR V 651 -62.87 -21.84 -33.26
CA THR V 651 -63.62 -22.95 -32.69
C THR V 651 -62.75 -23.68 -31.68
N LEU V 652 -63.34 -24.05 -30.55
CA LEU V 652 -62.64 -24.75 -29.48
C LEU V 652 -63.20 -26.16 -29.31
N ASN V 653 -62.40 -27.01 -28.67
CA ASN V 653 -62.73 -28.41 -28.49
C ASN V 653 -63.40 -28.61 -27.13
N GLY V 654 -64.73 -28.72 -27.13
CA GLY V 654 -65.45 -29.03 -25.91
C GLY V 654 -66.57 -28.05 -25.67
N ASP V 655 -67.06 -28.04 -24.43
CA ASP V 655 -68.15 -27.15 -24.05
C ASP V 655 -67.65 -25.73 -23.79
N TRP V 656 -66.73 -25.58 -22.82
CA TRP V 656 -66.26 -24.27 -22.35
C TRP V 656 -67.48 -23.51 -21.83
N SER V 657 -67.70 -22.26 -22.25
CA SER V 657 -68.87 -21.45 -21.90
C SER V 657 -68.85 -21.01 -20.45
N GLY V 658 -69.17 -19.74 -20.20
CA GLY V 658 -69.19 -19.21 -18.85
C GLY V 658 -67.86 -19.33 -18.13
N ARG V 659 -66.78 -19.01 -18.82
CA ARG V 659 -65.44 -19.12 -18.27
C ARG V 659 -64.63 -17.88 -18.62
N THR V 660 -63.50 -17.72 -17.93
CA THR V 660 -62.61 -16.59 -18.12
C THR V 660 -61.34 -17.04 -18.83
N VAL V 661 -60.93 -16.28 -19.84
CA VAL V 661 -59.78 -16.62 -20.67
C VAL V 661 -58.87 -15.41 -20.80
N PHE V 662 -57.70 -15.63 -21.38
CA PHE V 662 -56.71 -14.59 -21.61
C PHE V 662 -56.11 -14.79 -22.99
N ILE V 663 -55.95 -13.69 -23.74
CA ILE V 663 -55.43 -13.76 -25.10
C ILE V 663 -54.27 -12.78 -25.23
N GLY V 664 -53.28 -13.16 -26.04
CA GLY V 664 -52.12 -12.32 -26.24
C GLY V 664 -51.20 -12.93 -27.27
N ARG V 665 -49.99 -12.36 -27.35
CA ARG V 665 -48.96 -12.81 -28.26
C ARG V 665 -47.65 -13.02 -27.52
N PRO V 666 -46.82 -13.95 -27.97
CA PRO V 666 -45.52 -14.16 -27.31
C PRO V 666 -44.39 -13.38 -27.96
N TYR V 667 -43.36 -13.05 -27.18
CA TYR V 667 -42.15 -12.41 -27.68
C TYR V 667 -40.94 -13.23 -27.26
N LEU V 668 -39.76 -12.78 -27.67
CA LEU V 668 -38.55 -13.57 -27.56
C LEU V 668 -37.49 -12.85 -26.72
N MET V 669 -36.71 -13.63 -25.99
CA MET V 669 -35.61 -13.14 -25.18
C MET V 669 -34.32 -13.80 -25.65
N SER V 670 -33.23 -13.05 -25.64
CA SER V 670 -31.96 -13.56 -26.14
C SER V 670 -30.81 -12.93 -25.37
N TYR V 671 -29.70 -13.66 -25.31
CA TYR V 671 -28.48 -13.17 -24.66
C TYR V 671 -27.32 -14.05 -25.12
N LYS V 672 -26.25 -13.43 -25.60
CA LYS V 672 -25.09 -14.15 -26.11
C LYS V 672 -23.87 -13.77 -25.30
N PHE V 673 -23.15 -14.78 -24.81
CA PHE V 673 -21.96 -14.57 -24.01
C PHE V 673 -20.79 -14.13 -24.87
N SER V 674 -19.74 -13.64 -24.20
CA SER V 674 -18.49 -13.33 -24.86
C SER V 674 -17.53 -14.50 -24.74
N ARG V 675 -16.30 -14.31 -25.20
CA ARG V 675 -15.32 -15.38 -25.14
C ARG V 675 -14.81 -15.59 -23.72
N PHE V 676 -14.47 -16.83 -23.41
CA PHE V 676 -13.97 -17.19 -22.08
C PHE V 676 -12.45 -17.14 -22.10
N LEU V 677 -11.87 -16.29 -21.24
CA LEU V 677 -10.43 -16.13 -21.14
C LEU V 677 -10.04 -15.95 -19.68
N ILE V 678 -8.76 -16.19 -19.40
CA ILE V 678 -8.23 -15.98 -18.06
C ILE V 678 -8.07 -14.48 -17.83
N LYS V 679 -8.89 -13.92 -16.96
CA LYS V 679 -8.90 -12.49 -16.68
C LYS V 679 -8.52 -12.23 -15.23
N ILE V 680 -7.56 -11.34 -15.02
CA ILE V 680 -7.16 -10.88 -13.70
C ILE V 680 -7.35 -9.38 -13.64
N GLU V 681 -7.91 -8.90 -12.52
CA GLU V 681 -8.37 -7.51 -12.43
C GLU V 681 -8.41 -7.10 -10.97
N ASP V 682 -7.85 -5.94 -10.68
CA ASP V 682 -7.68 -5.47 -9.30
C ASP V 682 -8.12 -4.02 -9.16
N ASP V 683 -9.15 -3.62 -9.92
CA ASP V 683 -9.79 -2.31 -9.83
C ASP V 683 -8.88 -1.22 -10.37
N SER V 684 -7.63 -1.57 -10.70
CA SER V 684 -6.73 -0.61 -11.32
C SER V 684 -6.66 -0.82 -12.82
N GLY V 685 -6.87 -2.04 -13.28
CA GLY V 685 -6.86 -2.34 -14.70
C GLY V 685 -7.26 -3.77 -14.93
N THR V 686 -7.47 -4.11 -16.21
CA THR V 686 -7.88 -5.44 -16.62
C THR V 686 -6.77 -6.06 -17.45
N GLN V 687 -6.30 -7.23 -17.04
CA GLN V 687 -5.25 -7.96 -17.74
C GLN V 687 -5.80 -9.29 -18.22
N SER V 688 -5.59 -9.60 -19.49
CA SER V 688 -6.09 -10.81 -20.11
C SER V 688 -4.91 -11.61 -20.64
N GLU V 689 -4.82 -12.88 -20.24
CA GLU V 689 -3.74 -13.74 -20.73
C GLU V 689 -3.99 -14.12 -22.17
N ASP V 690 -2.94 -14.01 -23.00
CA ASP V 690 -3.06 -14.21 -24.43
C ASP V 690 -1.90 -15.10 -24.87
N THR V 691 -1.71 -16.21 -24.17
CA THR V 691 -0.64 -17.13 -24.50
C THR V 691 -1.06 -18.55 -24.15
N GLY V 692 -0.76 -19.49 -25.03
CA GLY V 692 -1.03 -20.89 -24.79
C GLY V 692 -2.29 -21.37 -25.48
N ARG V 693 -2.75 -22.54 -25.05
CA ARG V 693 -3.96 -23.15 -25.56
C ARG V 693 -4.86 -23.55 -24.38
N LEU V 694 -6.16 -23.47 -24.58
CA LEU V 694 -7.14 -23.70 -23.52
C LEU V 694 -8.27 -24.57 -24.06
N GLN V 695 -8.58 -25.65 -23.34
CA GLN V 695 -9.67 -26.55 -23.69
C GLN V 695 -10.69 -26.58 -22.55
N LEU V 696 -11.96 -26.38 -22.89
CA LEU V 696 -13.02 -26.29 -21.89
C LEU V 696 -13.65 -27.66 -21.65
N ARG V 697 -14.13 -27.86 -20.41
CA ARG V 697 -14.76 -29.12 -20.07
C ARG V 697 -16.24 -28.99 -19.72
N ARG V 698 -16.57 -28.19 -18.70
CA ARG V 698 -17.93 -28.12 -18.18
C ARG V 698 -18.31 -26.67 -17.91
N ALA V 699 -19.55 -26.48 -17.47
CA ALA V 699 -20.06 -25.16 -17.09
C ALA V 699 -21.29 -25.35 -16.20
N TRP V 700 -21.71 -24.26 -15.56
CA TRP V 700 -22.86 -24.32 -14.67
C TRP V 700 -23.52 -22.95 -14.59
N VAL V 701 -24.80 -22.94 -14.21
CA VAL V 701 -25.61 -21.73 -14.12
C VAL V 701 -26.50 -21.81 -12.89
N ASN V 702 -26.61 -20.70 -12.16
CA ASN V 702 -27.52 -20.59 -11.03
C ASN V 702 -28.77 -19.81 -11.43
N TYR V 703 -29.92 -20.25 -10.93
CA TYR V 703 -31.18 -19.64 -11.32
C TYR V 703 -32.12 -19.56 -10.12
N LYS V 704 -33.14 -18.71 -10.25
CA LYS V 704 -34.14 -18.52 -9.21
C LYS V 704 -35.46 -18.10 -9.87
N ASP V 705 -36.54 -18.77 -9.49
CA ASP V 705 -37.88 -18.46 -9.97
C ASP V 705 -37.95 -18.49 -11.50
N THR V 706 -37.70 -19.67 -12.05
CA THR V 706 -37.63 -19.86 -13.48
C THR V 706 -38.55 -21.01 -13.89
N GLY V 707 -39.18 -20.86 -15.05
CA GLY V 707 -40.10 -21.87 -15.54
C GLY V 707 -39.54 -22.79 -16.61
N ALA V 708 -38.85 -22.20 -17.60
CA ALA V 708 -38.29 -22.98 -18.69
C ALA V 708 -37.20 -22.16 -19.37
N LEU V 709 -36.23 -22.87 -19.95
CA LEU V 709 -35.10 -22.21 -20.59
C LEU V 709 -34.41 -23.20 -21.51
N ARG V 710 -33.62 -22.66 -22.45
CA ARG V 710 -32.84 -23.45 -23.39
C ARG V 710 -31.44 -22.88 -23.52
N LEU V 711 -30.47 -23.75 -23.77
CA LEU V 711 -29.09 -23.36 -23.99
C LEU V 711 -28.58 -24.04 -25.24
N ILE V 712 -27.84 -23.30 -26.07
CA ILE V 712 -27.39 -23.78 -27.37
C ILE V 712 -25.88 -23.63 -27.44
N VAL V 713 -25.19 -24.68 -27.89
CA VAL V 713 -23.74 -24.68 -28.05
C VAL V 713 -23.42 -25.02 -29.51
N ARG V 714 -22.55 -24.22 -30.13
CA ARG V 714 -22.16 -24.42 -31.51
C ARG V 714 -20.64 -24.34 -31.60
N ASN V 715 -19.99 -25.44 -31.96
CA ASN V 715 -18.54 -25.38 -32.04
C ASN V 715 -18.04 -25.11 -33.47
N GLY V 716 -18.14 -26.09 -34.36
CA GLY V 716 -17.77 -25.84 -35.73
C GLY V 716 -18.92 -25.83 -36.72
N GLU V 717 -19.69 -26.92 -36.72
CA GLU V 717 -20.83 -27.09 -37.60
C GLU V 717 -21.92 -27.90 -36.90
N ARG V 718 -21.86 -27.99 -35.58
CA ARG V 718 -22.71 -28.88 -34.81
C ARG V 718 -23.44 -28.09 -33.75
N GLU V 719 -24.68 -28.49 -33.47
CA GLU V 719 -25.53 -27.81 -32.51
C GLU V 719 -26.02 -28.79 -31.46
N PHE V 720 -25.90 -28.41 -30.20
CA PHE V 720 -26.38 -29.19 -29.08
C PHE V 720 -27.36 -28.35 -28.27
N VAL V 721 -28.52 -28.91 -27.98
CA VAL V 721 -29.60 -28.20 -27.29
C VAL V 721 -29.88 -28.88 -25.97
N ASN V 722 -29.89 -28.09 -24.89
CA ASN V 722 -30.18 -28.57 -23.55
C ASN V 722 -31.35 -27.80 -22.97
N THR V 723 -32.22 -28.53 -22.26
CA THR V 723 -33.43 -27.95 -21.70
C THR V 723 -33.61 -28.42 -20.27
N PHE V 724 -34.13 -27.51 -19.43
CA PHE V 724 -34.51 -27.84 -18.06
C PHE V 724 -35.81 -27.12 -17.74
N ASN V 725 -36.55 -27.64 -16.76
CA ASN V 725 -37.91 -27.20 -16.54
C ASN V 725 -38.17 -27.15 -15.02
N GLY V 726 -38.06 -25.95 -14.45
CA GLY V 726 -38.50 -25.73 -13.09
C GLY V 726 -37.79 -26.59 -12.08
N TYR V 727 -38.57 -27.23 -11.21
CA TYR V 727 -38.04 -28.07 -10.15
C TYR V 727 -37.57 -29.41 -10.74
N THR V 728 -37.16 -30.32 -9.86
CA THR V 728 -36.75 -31.66 -10.25
C THR V 728 -37.77 -32.67 -9.72
N LEU V 729 -37.67 -33.90 -10.22
CA LEU V 729 -38.58 -34.95 -9.81
C LEU V 729 -38.47 -35.22 -8.31
N GLY V 730 -39.61 -35.32 -7.65
CA GLY V 730 -39.65 -35.56 -6.22
C GLY V 730 -39.95 -34.35 -5.36
N GLN V 731 -40.22 -33.18 -5.95
CA GLN V 731 -40.53 -31.99 -5.19
C GLN V 731 -41.75 -31.27 -5.75
N GLN V 732 -42.16 -31.62 -6.96
CA GLN V 732 -43.30 -30.96 -7.59
C GLN V 732 -44.60 -31.40 -6.93
N THR V 733 -45.65 -30.59 -7.15
CA THR V 733 -46.99 -30.89 -6.65
C THR V 733 -47.96 -30.89 -7.82
N ILE V 734 -48.87 -31.86 -7.83
CA ILE V 734 -49.82 -31.98 -8.93
C ILE V 734 -50.84 -30.86 -8.84
N GLY V 735 -51.07 -30.16 -9.95
CA GLY V 735 -52.11 -29.16 -10.01
C GLY V 735 -51.66 -27.77 -10.39
N THR V 736 -50.39 -27.47 -10.19
CA THR V 736 -49.88 -26.13 -10.44
C THR V 736 -48.75 -26.14 -11.47
N THR V 737 -48.11 -25.00 -11.68
CA THR V 737 -46.99 -24.87 -12.59
C THR V 737 -45.68 -24.85 -11.80
N ASN V 738 -44.61 -25.32 -12.44
CA ASN V 738 -43.32 -25.47 -11.80
C ASN V 738 -42.57 -24.14 -11.86
N ILE V 739 -42.28 -23.57 -10.69
CA ILE V 739 -41.46 -22.37 -10.56
C ILE V 739 -40.62 -22.54 -9.30
N GLY V 740 -39.31 -22.74 -9.47
CA GLY V 740 -38.46 -23.01 -8.33
C GLY V 740 -37.02 -22.56 -8.49
N ASP V 741 -36.11 -23.18 -7.75
CA ASP V 741 -34.70 -22.82 -7.73
C ASP V 741 -33.85 -24.06 -7.99
N GLY V 742 -32.54 -23.87 -7.94
CA GLY V 742 -31.62 -24.98 -8.08
C GLY V 742 -30.37 -24.55 -8.83
N GLN V 743 -29.70 -25.55 -9.41
CA GLN V 743 -28.49 -25.35 -10.17
C GLN V 743 -28.45 -26.37 -11.31
N TYR V 744 -27.82 -25.97 -12.42
CA TYR V 744 -27.78 -26.80 -13.63
C TYR V 744 -26.36 -26.89 -14.13
N ARG V 745 -25.93 -28.10 -14.49
CA ARG V 745 -24.58 -28.35 -14.98
C ARG V 745 -24.66 -29.11 -16.31
N PHE V 746 -23.90 -28.65 -17.30
CA PHE V 746 -23.86 -29.30 -18.60
C PHE V 746 -22.43 -29.39 -19.12
N ALA V 747 -22.27 -29.78 -20.38
CA ALA V 747 -20.96 -30.09 -20.95
C ALA V 747 -20.64 -29.14 -22.09
N MET V 748 -19.42 -28.60 -22.08
CA MET V 748 -18.93 -27.73 -23.15
C MET V 748 -17.56 -28.24 -23.57
N ASN V 749 -17.45 -28.68 -24.82
CA ASN V 749 -16.21 -29.26 -25.33
C ASN V 749 -15.76 -28.49 -26.57
N GLY V 750 -14.48 -28.20 -26.64
CA GLY V 750 -13.92 -27.57 -27.82
C GLY V 750 -12.88 -26.54 -27.43
N ASN V 751 -12.30 -25.93 -28.47
CA ASN V 751 -11.34 -24.86 -28.27
C ASN V 751 -12.07 -23.60 -27.79
N ALA V 752 -11.31 -22.70 -27.17
CA ALA V 752 -11.87 -21.52 -26.53
C ALA V 752 -11.95 -20.32 -27.47
N LEU V 753 -11.63 -20.49 -28.75
CA LEU V 753 -11.70 -19.42 -29.74
C LEU V 753 -12.70 -19.73 -30.84
N THR V 754 -13.52 -20.76 -30.65
CA THR V 754 -14.50 -21.12 -31.68
C THR V 754 -15.86 -21.40 -31.05
N THR V 755 -15.89 -21.71 -29.76
CA THR V 755 -17.12 -22.07 -29.08
C THR V 755 -17.91 -20.83 -28.69
N SER V 756 -19.23 -20.98 -28.65
CA SER V 756 -20.13 -19.90 -28.27
C SER V 756 -21.33 -20.48 -27.55
N LEU V 757 -22.00 -19.64 -26.76
CA LEU V 757 -23.14 -20.04 -25.94
C LEU V 757 -24.24 -19.00 -26.05
N THR V 758 -25.50 -19.45 -25.97
CA THR V 758 -26.64 -18.58 -26.17
C THR V 758 -27.78 -19.01 -25.26
N LEU V 759 -28.64 -18.06 -24.91
CA LEU V 759 -29.85 -18.32 -24.12
C LEU V 759 -31.07 -17.84 -24.90
N GLU V 760 -32.15 -18.62 -24.85
CA GLU V 760 -33.39 -18.26 -25.52
C GLU V 760 -34.57 -18.65 -24.65
N SER V 761 -35.68 -17.95 -24.85
CA SER V 761 -36.94 -18.26 -24.16
C SER V 761 -38.11 -17.53 -24.81
N ASN V 762 -39.18 -18.24 -25.14
CA ASN V 762 -40.41 -17.63 -25.62
C ASN V 762 -41.62 -18.33 -25.00
N TYR V 763 -41.53 -18.63 -23.71
CA TYR V 763 -42.60 -19.22 -22.94
C TYR V 763 -43.19 -18.20 -21.98
N PRO V 764 -44.45 -18.37 -21.59
CA PRO V 764 -45.09 -17.41 -20.66
C PRO V 764 -44.75 -17.71 -19.19
N THR V 765 -43.46 -17.69 -18.88
CA THR V 765 -42.98 -17.90 -17.52
C THR V 765 -41.84 -16.94 -17.26
N PRO V 766 -41.63 -16.55 -16.00
CA PRO V 766 -40.55 -15.62 -15.68
C PRO V 766 -39.18 -16.30 -15.71
N VAL V 767 -38.14 -15.47 -15.69
CA VAL V 767 -36.76 -15.94 -15.79
C VAL V 767 -35.88 -15.04 -14.92
N SER V 768 -34.88 -15.65 -14.27
CA SER V 768 -33.90 -14.89 -13.48
C SER V 768 -32.63 -15.70 -13.39
N ILE V 769 -31.49 -15.05 -13.65
CA ILE V 769 -30.17 -15.70 -13.64
C ILE V 769 -29.26 -14.90 -12.72
N VAL V 770 -28.39 -15.60 -11.99
CA VAL V 770 -27.52 -14.98 -11.00
C VAL V 770 -26.06 -15.05 -11.39
N GLY V 771 -25.50 -16.25 -11.54
CA GLY V 771 -24.08 -16.38 -11.80
C GLY V 771 -23.78 -17.54 -12.72
N CYS V 772 -22.49 -17.71 -13.01
CA CYS V 772 -22.02 -18.75 -13.91
C CYS V 772 -20.53 -18.98 -13.70
N GLY V 773 -20.01 -20.02 -14.34
CA GLY V 773 -18.60 -20.36 -14.23
C GLY V 773 -18.21 -21.39 -15.26
N TRP V 774 -16.94 -21.79 -15.23
CA TRP V 774 -16.43 -22.78 -16.18
C TRP V 774 -15.17 -23.43 -15.63
N GLU V 775 -14.79 -24.54 -16.25
CA GLU V 775 -13.58 -25.28 -15.92
C GLU V 775 -12.86 -25.64 -17.21
N ALA V 776 -11.54 -25.76 -17.13
CA ALA V 776 -10.73 -25.96 -18.33
C ALA V 776 -9.40 -26.60 -17.94
N SER V 777 -8.60 -26.90 -18.97
CA SER V 777 -7.26 -27.43 -18.82
C SER V 777 -6.29 -26.58 -19.63
N TYR V 778 -5.14 -26.26 -19.03
CA TYR V 778 -4.24 -25.26 -19.57
C TYR V 778 -2.85 -25.87 -19.80
N ALA V 779 -2.12 -25.31 -20.77
CA ALA V 779 -0.80 -25.81 -21.11
C ALA V 779 -0.02 -24.72 -21.84
N LYS V 780 1.17 -24.40 -21.34
CA LYS V 780 2.05 -23.41 -21.95
C LYS V 780 3.34 -24.07 -22.40
N LYS V 781 4.18 -23.29 -23.07
CA LYS V 781 5.48 -23.76 -23.55
C LYS V 781 6.61 -22.81 -23.19
N ALA V 782 6.33 -21.69 -22.52
CA ALA V 782 7.36 -20.72 -22.19
C ALA V 782 6.90 -19.89 -21.00
N ARG V 783 7.78 -19.71 -20.02
CA ARG V 783 7.46 -18.90 -18.86
C ARG V 783 7.27 -17.44 -19.27
N SER V 784 6.34 -16.77 -18.59
CA SER V 784 6.08 -15.37 -18.83
C SER V 784 7.11 -14.52 -18.08
N VAL V 785 6.90 -13.21 -18.05
CA VAL V 785 7.79 -12.28 -17.36
C VAL V 785 9.22 -12.39 -17.90
N PRO W 2 24.61 -16.90 15.57
CA PRO W 2 25.58 -16.08 14.83
C PRO W 2 25.67 -14.66 15.35
N LEU W 3 25.96 -13.71 14.46
CA LEU W 3 26.14 -12.32 14.83
C LEU W 3 25.14 -11.44 14.09
N ILE W 4 24.61 -10.45 14.80
CA ILE W 4 23.72 -9.46 14.21
C ILE W 4 24.36 -8.09 14.39
N THR W 5 23.88 -7.13 13.60
CA THR W 5 24.45 -5.79 13.61
C THR W 5 23.40 -4.77 13.19
N GLN W 6 23.69 -3.51 13.51
CA GLN W 6 22.80 -2.41 13.16
C GLN W 6 23.63 -1.13 13.17
N SER W 7 23.15 -0.13 12.43
CA SER W 7 23.91 1.10 12.25
C SER W 7 22.98 2.30 12.38
N ILE W 8 23.59 3.46 12.64
CA ILE W 8 22.89 4.73 12.78
C ILE W 8 23.43 5.68 11.73
N LYS W 9 22.53 6.34 11.00
CA LYS W 9 22.96 7.17 9.87
C LYS W 9 23.45 8.54 10.34
N ASN W 10 22.60 9.27 11.07
CA ASN W 10 22.95 10.63 11.46
C ASN W 10 22.46 10.91 12.87
N LEU W 11 23.12 11.85 13.55
CA LEU W 11 22.76 12.25 14.91
C LEU W 11 22.23 13.68 14.85
N LYS W 12 20.91 13.83 14.90
CA LYS W 12 20.29 15.15 14.80
C LYS W 12 19.57 15.53 16.09
N GLY W 13 18.69 14.68 16.60
CA GLY W 13 17.94 15.01 17.80
C GLY W 13 18.82 15.22 19.01
N GLY W 14 18.39 16.09 19.92
CA GLY W 14 19.17 16.37 21.11
C GLY W 14 18.93 15.37 22.21
N ILE W 15 18.77 15.86 23.44
CA ILE W 15 18.54 14.98 24.57
C ILE W 15 17.07 14.59 24.65
N SER W 16 16.78 13.60 25.50
CA SER W 16 15.41 13.20 25.78
C SER W 16 15.35 12.67 27.20
N GLN W 17 14.16 12.71 27.79
CA GLN W 17 13.97 12.27 29.17
C GLN W 17 12.87 11.22 29.30
N GLN W 18 12.40 10.65 28.20
CA GLN W 18 11.42 9.58 28.24
C GLN W 18 12.12 8.25 28.54
N PRO W 19 11.38 7.24 28.98
CA PRO W 19 11.99 5.93 29.21
C PRO W 19 12.62 5.37 27.94
N ASP W 20 13.70 4.61 28.13
CA ASP W 20 14.55 4.20 27.01
C ASP W 20 13.83 3.31 26.01
N ILE W 21 12.75 2.63 26.42
CA ILE W 21 12.01 1.77 25.51
C ILE W 21 11.31 2.54 24.40
N LEU W 22 11.00 3.82 24.64
CA LEU W 22 10.18 4.60 23.72
C LEU W 22 10.96 5.62 22.90
N ARG W 23 12.26 5.78 23.14
CA ARG W 23 13.02 6.80 22.43
C ARG W 23 13.22 6.42 20.97
N PHE W 24 13.66 7.40 20.19
CA PHE W 24 14.04 7.18 18.80
C PHE W 24 15.50 6.72 18.77
N SER W 25 16.06 6.59 17.57
CA SER W 25 17.47 6.20 17.43
C SER W 25 18.41 7.38 17.26
N ASP W 26 17.90 8.61 17.32
CA ASP W 26 18.70 9.80 17.10
C ASP W 26 18.86 10.65 18.35
N GLN W 27 18.37 10.19 19.49
CA GLN W 27 18.30 10.99 20.69
C GLN W 27 19.21 10.41 21.76
N GLY W 28 20.03 11.28 22.36
CA GLY W 28 21.01 10.86 23.33
C GLY W 28 20.56 11.03 24.77
N GLU W 29 21.50 11.32 25.66
CA GLU W 29 21.19 11.46 27.08
C GLU W 29 21.64 12.81 27.61
N SER W 30 22.77 13.31 27.13
CA SER W 30 23.26 14.63 27.53
C SER W 30 24.12 15.18 26.42
N GLN W 31 24.17 16.50 26.31
CA GLN W 31 24.91 17.16 25.24
C GLN W 31 25.32 18.55 25.72
N VAL W 32 26.62 18.77 25.88
CA VAL W 32 27.16 20.03 26.37
C VAL W 32 28.19 20.55 25.38
N ASN W 33 28.06 21.82 25.01
CA ASN W 33 28.98 22.50 24.11
C ASN W 33 29.11 21.77 22.78
N CYS W 34 27.98 21.63 22.09
CA CYS W 34 27.95 20.97 20.79
C CYS W 34 27.08 21.79 19.84
N TRP W 35 27.34 21.62 18.54
CA TRP W 35 26.60 22.32 17.50
C TRP W 35 26.14 21.28 16.48
N SER W 36 24.82 21.10 16.38
CA SER W 36 24.24 20.10 15.50
C SER W 36 23.95 20.74 14.15
N SER W 37 24.94 20.74 13.27
CA SER W 37 24.78 21.30 11.94
C SER W 37 23.90 20.38 11.10
N GLU W 38 23.67 20.75 9.85
CA GLU W 38 22.80 19.99 8.97
C GLU W 38 23.53 19.34 7.81
N SER W 39 24.86 19.53 7.68
CA SER W 39 25.59 18.88 6.60
C SER W 39 26.90 18.25 7.07
N ASP W 40 27.33 18.50 8.30
CA ASP W 40 28.60 17.96 8.77
C ASP W 40 28.50 17.16 10.06
N GLY W 41 27.31 16.90 10.58
CA GLY W 41 27.21 16.16 11.82
C GLY W 41 27.61 17.00 13.02
N LEU W 42 27.87 16.31 14.13
CA LEU W 42 28.24 16.98 15.36
C LEU W 42 29.58 17.69 15.21
N GLN W 43 29.70 18.84 15.87
CA GLN W 43 30.92 19.64 15.84
C GLN W 43 31.15 20.23 17.22
N LYS W 44 32.15 21.09 17.32
CA LYS W 44 32.41 21.85 18.53
C LYS W 44 32.04 23.31 18.30
N ARG W 45 31.49 23.95 19.34
CA ARG W 45 31.04 25.32 19.19
C ARG W 45 32.22 26.26 18.96
N PRO W 46 32.01 27.35 18.21
CA PRO W 46 33.12 28.23 17.86
C PRO W 46 33.65 28.97 19.07
N PRO W 47 34.88 29.50 19.00
CA PRO W 47 35.45 30.22 20.15
C PRO W 47 34.90 31.62 20.31
N THR W 48 35.47 32.39 21.23
CA THR W 48 34.97 33.72 21.55
C THR W 48 36.14 34.69 21.63
N VAL W 49 35.96 35.90 21.10
CA VAL W 49 37.03 36.90 21.01
C VAL W 49 36.77 38.02 22.00
N PHE W 50 37.85 38.63 22.50
CA PHE W 50 37.79 39.68 23.49
C PHE W 50 37.82 41.06 22.83
N LYS W 51 37.00 41.98 23.35
CA LYS W 51 36.94 43.32 22.78
C LYS W 51 37.41 44.41 23.74
N ARG W 52 36.78 44.53 24.91
CA ARG W 52 37.13 45.60 25.84
C ARG W 52 36.44 45.34 27.17
N ARG W 53 36.84 46.10 28.19
CA ARG W 53 36.28 46.03 29.53
C ARG W 53 35.56 47.33 29.83
N LEU W 54 34.30 47.24 30.22
CA LEU W 54 33.46 48.42 30.42
C LEU W 54 33.62 48.97 31.84
N ASN W 55 33.11 50.19 32.03
CA ASN W 55 33.19 50.89 33.30
C ASN W 55 31.80 51.28 33.82
N ILE W 56 30.76 50.59 33.36
CA ILE W 56 29.40 50.90 33.79
C ILE W 56 29.18 50.39 35.20
N ASP W 57 28.09 50.81 35.83
CA ASP W 57 27.77 50.45 37.21
C ASP W 57 26.41 49.76 37.24
N VAL W 58 26.41 48.49 37.59
CA VAL W 58 25.19 47.70 37.72
C VAL W 58 25.14 47.09 39.11
N GLU W 59 24.08 47.39 39.86
CA GLU W 59 23.93 46.89 41.22
C GLU W 59 22.95 45.74 41.19
N SER W 60 21.70 45.94 40.79
CA SER W 60 20.71 44.87 40.76
C SER W 60 20.48 44.40 39.34
N ASN W 61 19.46 43.55 39.14
CA ASN W 61 19.09 43.05 37.83
C ASN W 61 18.79 44.19 36.87
N PRO W 62 19.63 44.44 35.86
CA PRO W 62 19.36 45.54 34.94
C PRO W 62 18.52 45.12 33.76
N LYS W 63 18.27 46.04 32.83
CA LYS W 63 17.59 45.73 31.58
C LYS W 63 18.42 46.22 30.41
N PHE W 64 18.60 45.37 29.42
CA PHE W 64 19.36 45.69 28.22
C PHE W 64 18.44 45.67 27.01
N HIS W 65 18.69 46.56 26.05
CA HIS W 65 17.89 46.65 24.85
C HIS W 65 18.81 46.94 23.67
N LEU W 66 18.44 46.41 22.51
CA LEU W 66 19.23 46.55 21.29
C LEU W 66 18.49 47.40 20.27
N ILE W 67 19.22 48.30 19.61
CA ILE W 67 18.67 49.18 18.60
C ILE W 67 19.50 49.03 17.32
N ASN W 68 18.82 48.76 16.21
CA ASN W 68 19.47 48.56 14.91
C ASN W 68 18.83 49.52 13.91
N ARG W 69 19.53 50.61 13.60
CA ARG W 69 19.04 51.57 12.61
C ARG W 69 19.59 51.24 11.22
N ASP W 70 20.90 51.27 11.07
CA ASP W 70 21.54 50.98 9.80
C ASP W 70 22.92 50.39 10.10
N GLU W 71 23.78 50.36 9.08
CA GLU W 71 25.11 49.80 9.21
C GLU W 71 26.03 50.63 10.10
N HIS W 72 25.66 51.87 10.41
CA HIS W 72 26.49 52.75 11.24
C HIS W 72 25.90 53.10 12.59
N GLU W 73 24.72 52.59 12.94
CA GLU W 73 24.04 52.96 14.19
C GLU W 73 23.62 51.70 14.94
N GLN W 74 24.40 51.33 15.96
CA GLN W 74 24.13 50.16 16.78
C GLN W 74 24.66 50.40 18.17
N TYR W 75 23.83 50.13 19.19
CA TYR W 75 24.25 50.35 20.57
C TYR W 75 23.26 49.67 21.51
N TYR W 76 23.61 49.67 22.80
CA TYR W 76 22.75 49.21 23.88
C TYR W 76 22.25 50.37 24.71
N ILE W 77 21.17 50.13 25.45
CA ILE W 77 20.64 51.05 26.44
C ILE W 77 20.51 50.30 27.76
N VAL W 78 20.95 50.93 28.85
CA VAL W 78 21.01 50.30 30.17
C VAL W 78 20.12 51.07 31.13
N PHE W 79 19.26 50.35 31.84
CA PHE W 79 18.38 50.90 32.86
C PHE W 79 18.73 50.23 34.20
N ASN W 80 19.70 50.79 34.91
CA ASN W 80 20.10 50.21 36.19
C ASN W 80 19.01 50.37 37.24
N GLY W 81 18.28 51.48 37.19
CA GLY W 81 17.22 51.72 38.15
C GLY W 81 17.20 53.15 38.65
N SER W 82 18.30 53.87 38.44
CA SER W 82 18.33 55.29 38.83
C SER W 82 19.07 56.17 37.84
N ASN W 83 19.36 55.70 36.62
CA ASN W 83 20.13 56.46 35.66
C ASN W 83 19.98 55.80 34.30
N ILE W 84 20.53 56.45 33.28
CA ILE W 84 20.50 55.93 31.91
C ILE W 84 21.91 56.02 31.34
N GLN W 85 22.40 54.93 30.77
CA GLN W 85 23.72 54.87 30.16
C GLN W 85 23.64 54.17 28.81
N VAL W 86 24.49 54.59 27.88
CA VAL W 86 24.50 54.06 26.53
C VAL W 86 25.91 53.59 26.20
N VAL W 87 26.01 52.37 25.68
CA VAL W 87 27.29 51.76 25.34
C VAL W 87 27.24 51.30 23.89
N ASP W 88 28.28 51.62 23.13
CA ASP W 88 28.40 51.20 21.74
C ASP W 88 28.65 49.69 21.67
N LEU W 89 28.77 49.18 20.44
CA LEU W 89 29.03 47.77 20.22
C LEU W 89 30.51 47.45 20.11
N SER W 90 31.38 48.40 20.45
CA SER W 90 32.81 48.16 20.41
C SER W 90 33.55 48.66 21.64
N GLY W 91 32.84 49.14 22.66
CA GLY W 91 33.44 49.53 23.93
C GLY W 91 33.25 50.99 24.30
N ASN W 92 33.08 51.85 23.30
CA ASN W 92 32.99 53.27 23.56
C ASN W 92 31.71 53.61 24.32
N GLN W 93 31.77 54.69 25.09
CA GLN W 93 30.65 55.14 25.91
C GLN W 93 30.32 56.60 25.60
N TYR W 94 29.05 56.94 25.74
CA TYR W 94 28.54 58.27 25.48
C TYR W 94 27.80 58.79 26.71
N SER W 95 27.43 60.07 26.66
CA SER W 95 26.84 60.77 27.78
C SER W 95 25.39 61.16 27.48
N VAL W 96 24.57 61.16 28.53
CA VAL W 96 23.16 61.52 28.44
C VAL W 96 22.90 62.68 29.38
N SER W 97 22.24 63.72 28.88
CA SER W 97 21.94 64.93 29.64
C SER W 97 20.44 65.13 29.73
N GLY W 98 19.95 65.41 30.92
CA GLY W 98 18.54 65.64 31.14
C GLY W 98 18.19 65.40 32.60
N ALA W 99 16.89 65.29 32.86
CA ALA W 99 16.37 65.04 34.19
C ALA W 99 15.77 63.64 34.25
N VAL W 100 16.05 62.93 35.34
CA VAL W 100 15.65 61.53 35.47
C VAL W 100 14.87 61.29 36.76
N GLU W 101 13.54 61.34 36.67
CA GLU W 101 12.66 60.89 37.73
C GLU W 101 11.54 60.00 37.23
N TYR W 102 11.25 60.03 35.94
CA TYR W 102 10.23 59.17 35.35
C TYR W 102 10.70 57.72 35.25
N VAL W 103 12.00 57.46 35.43
CA VAL W 103 12.56 56.15 35.23
C VAL W 103 13.13 55.59 36.53
N THR W 104 12.52 55.96 37.66
CA THR W 104 12.94 55.48 38.97
C THR W 104 11.99 54.37 39.39
N SER W 105 12.54 53.19 39.67
CA SER W 105 11.73 52.03 40.05
C SER W 105 12.61 51.09 40.86
N SER W 106 12.05 49.92 41.20
CA SER W 106 12.76 48.90 41.95
C SER W 106 13.00 47.62 41.18
N ASN W 107 12.20 47.34 40.15
CA ASN W 107 12.37 46.15 39.30
C ASN W 107 12.37 46.62 37.85
N PRO W 108 13.51 47.09 37.36
CA PRO W 108 13.54 47.69 36.02
C PRO W 108 13.29 46.71 34.89
N ARG W 109 13.02 45.45 35.22
CA ARG W 109 12.81 44.44 34.19
C ARG W 109 11.34 44.23 33.81
N ASP W 110 10.39 44.74 34.59
CA ASP W 110 8.97 44.60 34.27
C ASP W 110 8.20 45.90 34.45
N ASP W 111 8.89 47.04 34.40
CA ASP W 111 8.23 48.33 34.59
C ASP W 111 8.47 49.25 33.41
N ILE W 112 9.48 48.94 32.60
CA ILE W 112 9.95 49.84 31.54
C ILE W 112 9.88 49.11 30.21
N ARG W 113 9.35 49.78 29.20
CA ARG W 113 9.31 49.27 27.83
C ARG W 113 9.91 50.31 26.89
N VAL W 114 10.39 49.83 25.75
CA VAL W 114 10.98 50.69 24.73
C VAL W 114 10.43 50.28 23.38
N VAL W 115 9.86 51.25 22.65
CA VAL W 115 9.30 51.01 21.33
C VAL W 115 9.70 52.18 20.43
N THR W 116 10.11 51.88 19.21
CA THR W 116 10.53 52.89 18.24
C THR W 116 9.55 52.88 17.07
N VAL W 117 8.75 53.94 16.97
CA VAL W 117 7.79 54.11 15.89
C VAL W 117 8.04 55.47 15.24
N ALA W 118 7.78 55.54 13.94
CA ALA W 118 8.04 56.74 13.14
C ALA W 118 9.51 57.11 13.23
N ASP W 119 9.81 58.30 13.77
CA ASP W 119 11.18 58.74 13.95
C ASP W 119 11.46 59.12 15.39
N TYR W 120 10.85 58.41 16.34
CA TYR W 120 11.03 58.67 17.75
C TYR W 120 11.19 57.37 18.50
N THR W 121 11.86 57.45 19.65
CA THR W 121 12.01 56.32 20.57
C THR W 121 11.24 56.63 21.85
N PHE W 122 10.26 55.81 22.17
CA PHE W 122 9.37 56.06 23.30
C PHE W 122 9.79 55.25 24.51
N VAL W 123 9.59 55.83 25.69
CA VAL W 123 9.85 55.17 26.95
C VAL W 123 8.58 55.23 27.79
N VAL W 124 8.14 54.07 28.27
CA VAL W 124 6.87 53.96 29.00
C VAL W 124 7.14 53.30 30.34
N ASN W 125 6.73 53.94 31.43
CA ASN W 125 6.83 53.36 32.76
C ASN W 125 5.42 53.01 33.23
N ARG W 126 5.10 51.72 33.24
CA ARG W 126 3.76 51.27 33.55
C ARG W 126 3.48 51.19 35.04
N LYS W 127 3.78 52.26 35.78
CA LYS W 127 3.42 52.37 37.18
C LYS W 127 2.98 53.78 37.57
N VAL W 128 2.89 54.71 36.62
CA VAL W 128 2.56 56.10 36.90
C VAL W 128 1.14 56.36 36.41
N VAL W 129 0.36 57.05 37.23
CA VAL W 129 -1.04 57.34 36.93
C VAL W 129 -1.11 58.69 36.22
N VAL W 130 -1.80 58.72 35.08
CA VAL W 130 -1.95 59.95 34.32
C VAL W 130 -2.89 60.90 35.08
N LYS W 131 -2.61 62.19 35.00
CA LYS W 131 -3.43 63.20 35.64
C LYS W 131 -3.65 64.36 34.67
N GLY W 132 -4.76 65.07 34.87
CA GLY W 132 -5.10 66.18 34.02
C GLY W 132 -4.30 67.43 34.36
N GLY W 133 -4.47 68.45 33.52
CA GLY W 133 -3.78 69.71 33.69
C GLY W 133 -4.46 70.61 34.69
N SER W 134 -3.95 71.83 34.80
CA SER W 134 -4.48 72.83 35.74
C SER W 134 -4.56 74.20 35.07
N GLU W 135 -5.03 74.23 33.82
CA GLU W 135 -5.19 75.48 33.09
C GLU W 135 -6.62 75.58 32.57
N LYS W 136 -7.18 76.78 32.65
CA LYS W 136 -8.57 76.99 32.27
C LYS W 136 -8.65 77.63 30.88
N SER W 137 -9.88 77.84 30.43
CA SER W 137 -10.18 78.55 29.19
C SER W 137 -10.09 80.06 29.42
N HIS W 138 -10.67 80.85 28.51
CA HIS W 138 -10.58 82.30 28.50
C HIS W 138 -10.66 82.88 29.92
N PRO W 139 -9.60 83.52 30.40
CA PRO W 139 -9.58 84.01 31.79
C PRO W 139 -10.30 85.35 31.89
N GLY W 140 -11.09 85.50 32.94
CA GLY W 140 -11.78 86.75 33.21
C GLY W 140 -12.84 87.10 32.17
N TYR W 141 -13.90 86.30 32.09
CA TYR W 141 -14.98 86.55 31.14
C TYR W 141 -16.28 86.11 31.82
N ASN W 142 -16.98 87.07 32.41
CA ASN W 142 -18.26 86.78 33.04
C ASN W 142 -19.37 86.76 31.99
N ARG W 143 -20.26 85.78 32.10
CA ARG W 143 -21.34 85.60 31.14
C ARG W 143 -22.68 86.13 31.66
N LYS W 144 -22.66 86.89 32.75
CA LYS W 144 -23.88 87.38 33.36
C LYS W 144 -23.74 88.85 33.74
N ALA W 145 -23.12 89.64 32.87
CA ALA W 145 -22.86 91.04 33.18
C ALA W 145 -23.17 92.01 32.05
N ARG W 146 -23.45 91.53 30.84
CA ARG W 146 -23.67 92.41 29.69
C ARG W 146 -24.86 91.94 28.89
N ALA W 147 -25.44 92.87 28.13
CA ALA W 147 -26.60 92.60 27.31
C ALA W 147 -26.55 93.47 26.07
N LEU W 148 -27.31 93.06 25.05
CA LEU W 148 -27.33 93.76 23.76
C LEU W 148 -28.76 93.93 23.28
N ILE W 149 -29.03 95.08 22.65
CA ILE W 149 -30.33 95.39 22.07
C ILE W 149 -30.11 95.80 20.62
N ASN W 150 -30.78 95.13 19.70
CA ASN W 150 -30.63 95.42 18.28
C ASN W 150 -31.45 96.64 17.88
N LEU W 151 -30.94 97.41 16.93
CA LEU W 151 -31.63 98.56 16.37
C LEU W 151 -31.68 98.38 14.85
N ARG W 152 -32.89 98.44 14.30
CA ARG W 152 -33.08 98.19 12.87
C ARG W 152 -34.39 98.80 12.42
N GLY W 153 -34.30 99.83 11.58
CA GLY W 153 -35.48 100.38 10.92
C GLY W 153 -36.34 101.23 11.83
N GLY W 154 -37.48 101.65 11.27
CA GLY W 154 -38.45 102.44 12.00
C GLY W 154 -39.71 102.62 11.20
N GLN W 155 -40.80 102.96 11.89
CA GLN W 155 -42.09 103.18 11.24
C GLN W 155 -42.78 104.41 11.82
N TYR W 156 -44.07 104.58 11.49
CA TYR W 156 -44.86 105.69 11.97
C TYR W 156 -45.97 105.18 12.88
N GLY W 157 -46.26 105.96 13.93
CA GLY W 157 -47.34 105.64 14.83
C GLY W 157 -47.16 104.35 15.61
N ARG W 158 -45.96 104.15 16.17
CA ARG W 158 -45.65 102.96 16.93
C ARG W 158 -45.10 103.37 18.30
N THR W 159 -45.27 102.48 19.27
CA THR W 159 -44.83 102.72 20.64
C THR W 159 -43.84 101.64 21.06
N LEU W 160 -42.83 102.04 21.81
CA LEU W 160 -41.76 101.15 22.24
C LEU W 160 -41.63 101.19 23.75
N LYS W 161 -41.44 100.01 24.37
CA LYS W 161 -41.28 99.90 25.81
C LYS W 161 -40.18 98.92 26.12
N VAL W 162 -39.40 99.22 27.16
CA VAL W 162 -38.25 98.39 27.55
C VAL W 162 -38.27 98.22 29.07
N GLY W 163 -38.00 97.00 29.52
CA GLY W 163 -37.91 96.72 30.94
C GLY W 163 -36.78 95.76 31.22
N ILE W 164 -36.21 95.88 32.42
CA ILE W 164 -35.06 95.08 32.83
C ILE W 164 -35.41 94.38 34.14
N ASN W 165 -35.24 93.06 34.16
CA ASN W 165 -35.43 92.24 35.36
C ASN W 165 -36.80 92.47 35.99
N GLY W 166 -37.80 92.60 35.12
CA GLY W 166 -39.17 92.80 35.56
C GLY W 166 -39.35 94.06 36.39
N GLY W 167 -38.69 95.14 36.00
CA GLY W 167 -38.82 96.40 36.71
C GLY W 167 -39.77 97.35 36.01
N VAL W 168 -39.58 98.66 36.23
CA VAL W 168 -40.42 99.64 35.56
C VAL W 168 -40.07 99.68 34.07
N LYS W 169 -41.03 100.11 33.26
CA LYS W 169 -40.89 100.15 31.82
C LYS W 169 -41.01 101.59 31.33
N VAL W 170 -40.03 102.04 30.56
CA VAL W 170 -40.12 103.35 29.93
C VAL W 170 -40.94 103.26 28.65
N SER W 171 -41.34 104.41 28.14
CA SER W 171 -42.16 104.47 26.93
C SER W 171 -41.64 105.56 26.01
N HIS W 172 -41.88 105.39 24.71
CA HIS W 172 -41.50 106.37 23.71
C HIS W 172 -42.41 106.19 22.50
N LYS W 173 -42.97 107.29 22.01
CA LYS W 173 -43.95 107.27 20.94
C LYS W 173 -43.37 107.92 19.70
N LEU W 174 -43.43 107.19 18.58
CA LEU W 174 -42.96 107.75 17.31
C LEU W 174 -44.00 108.71 16.74
N PRO W 175 -43.55 109.74 16.03
CA PRO W 175 -44.50 110.72 15.47
C PRO W 175 -45.25 110.17 14.26
N ALA W 176 -46.32 110.87 13.92
CA ALA W 176 -47.13 110.54 12.76
C ALA W 176 -46.53 111.17 11.51
N GLY W 177 -47.27 111.15 10.41
CA GLY W 177 -46.76 111.69 9.15
C GLY W 177 -47.47 112.95 8.68
N ASN W 178 -48.15 113.64 9.60
CA ASN W 178 -48.87 114.86 9.21
C ASN W 178 -47.91 115.95 8.75
N ASP W 179 -46.78 116.11 9.43
CA ASP W 179 -45.79 117.11 9.08
C ASP W 179 -44.95 116.59 7.91
N ALA W 180 -44.22 117.48 7.24
CA ALA W 180 -43.40 117.02 6.12
C ALA W 180 -41.97 117.56 6.17
N GLU W 181 -41.49 118.05 7.31
CA GLU W 181 -40.13 118.58 7.38
C GLU W 181 -39.38 117.98 8.57
N ASN W 182 -40.11 117.57 9.61
CA ASN W 182 -39.50 117.03 10.81
C ASN W 182 -39.74 115.54 11.01
N ASP W 183 -40.78 114.99 10.39
CA ASP W 183 -41.08 113.57 10.59
C ASP W 183 -40.01 112.64 10.02
N PRO W 184 -39.54 112.79 8.79
CA PRO W 184 -38.54 111.84 8.26
C PRO W 184 -37.26 111.76 9.09
N PRO W 185 -36.72 112.88 9.60
CA PRO W 185 -35.48 112.76 10.40
C PRO W 185 -35.67 112.08 11.75
N LYS W 186 -36.91 111.82 12.18
CA LYS W 186 -37.15 111.22 13.49
C LYS W 186 -37.42 109.73 13.42
N VAL W 187 -37.16 109.09 12.28
CA VAL W 187 -37.35 107.65 12.12
C VAL W 187 -36.03 106.91 12.07
N ASP W 188 -34.90 107.62 12.03
CA ASP W 188 -33.60 106.97 11.97
C ASP W 188 -33.34 106.20 13.26
N ALA W 189 -32.64 105.07 13.13
CA ALA W 189 -32.40 104.20 14.28
C ALA W 189 -31.52 104.86 15.32
N GLN W 190 -30.54 105.65 14.87
CA GLN W 190 -29.59 106.26 15.80
C GLN W 190 -30.29 107.23 16.74
N ALA W 191 -31.22 108.04 16.21
CA ALA W 191 -31.97 108.96 17.06
C ALA W 191 -32.81 108.20 18.07
N ILE W 192 -33.42 107.10 17.65
CA ILE W 192 -34.21 106.28 18.57
C ILE W 192 -33.33 105.72 19.68
N GLY W 193 -32.13 105.26 19.33
CA GLY W 193 -31.22 104.74 20.33
C GLY W 193 -30.79 105.81 21.31
N ALA W 194 -30.50 107.01 20.81
CA ALA W 194 -30.09 108.10 21.70
C ALA W 194 -31.23 108.48 22.64
N ALA W 195 -32.45 108.56 22.13
CA ALA W 195 -33.60 108.89 22.97
C ALA W 195 -33.82 107.82 24.03
N MET W 196 -33.70 106.55 23.64
CA MET W 196 -33.88 105.46 24.59
C MET W 196 -32.81 105.48 25.67
N ARG W 197 -31.56 105.78 25.29
CA ARG W 197 -30.50 105.90 26.29
C ARG W 197 -30.82 107.03 27.26
N ASP W 198 -31.26 108.17 26.75
CA ASP W 198 -31.57 109.31 27.60
C ASP W 198 -32.69 108.97 28.58
N LEU W 199 -33.73 108.29 28.10
CA LEU W 199 -34.82 107.89 28.99
C LEU W 199 -34.34 106.87 30.02
N LEU W 200 -33.50 105.92 29.61
CA LEU W 200 -33.14 104.82 30.49
C LEU W 200 -32.13 105.26 31.55
N VAL W 201 -31.39 106.34 31.29
CA VAL W 201 -30.39 106.79 32.26
C VAL W 201 -31.06 107.13 33.59
N GLN W 202 -32.17 107.87 33.54
CA GLN W 202 -32.83 108.29 34.77
C GLN W 202 -33.52 107.12 35.46
N ALA W 203 -34.06 106.17 34.68
CA ALA W 203 -34.84 105.08 35.26
C ALA W 203 -33.98 104.20 36.15
N TYR W 204 -32.83 103.76 35.65
CA TYR W 204 -31.92 102.91 36.41
C TYR W 204 -30.61 103.64 36.62
N PRO W 205 -30.35 104.20 37.80
CA PRO W 205 -29.14 105.00 38.00
C PRO W 205 -27.87 104.18 38.26
N ASP W 206 -27.98 102.89 38.52
CA ASP W 206 -26.82 102.06 38.83
C ASP W 206 -26.17 101.46 37.59
N PHE W 207 -26.96 101.07 36.60
CA PHE W 207 -26.42 100.46 35.39
C PHE W 207 -25.69 101.51 34.54
N THR W 208 -24.93 101.01 33.57
CA THR W 208 -24.19 101.86 32.64
C THR W 208 -24.61 101.54 31.22
N PHE W 209 -24.89 102.59 30.45
CA PHE W 209 -25.36 102.45 29.07
C PHE W 209 -24.37 103.11 28.12
N ASP W 210 -24.27 102.54 26.92
CA ASP W 210 -23.38 103.05 25.88
C ASP W 210 -24.02 102.79 24.53
N LEU W 211 -23.76 103.68 23.58
CA LEU W 211 -24.33 103.61 22.24
C LEU W 211 -23.27 103.16 21.26
N GLY W 212 -23.59 102.13 20.47
CA GLY W 212 -22.68 101.65 19.45
C GLY W 212 -23.21 101.89 18.05
N SER W 213 -22.53 101.34 17.04
CA SER W 213 -22.94 101.50 15.65
C SER W 213 -23.91 100.37 15.29
N GLY W 214 -25.16 100.54 15.72
CA GLY W 214 -26.20 99.56 15.48
C GLY W 214 -26.60 98.73 16.68
N PHE W 215 -26.17 99.09 17.88
CA PHE W 215 -26.50 98.32 19.06
C PHE W 215 -26.41 99.21 20.28
N LEU W 216 -27.02 98.76 21.38
CA LEU W 216 -26.99 99.44 22.66
C LEU W 216 -26.48 98.48 23.72
N LEU W 217 -25.51 98.92 24.52
CA LEU W 217 -24.83 98.06 25.48
C LEU W 217 -25.25 98.42 26.91
N ILE W 218 -25.55 97.41 27.71
CA ILE W 218 -25.95 97.58 29.10
C ILE W 218 -24.94 96.85 29.97
N THR W 219 -24.38 97.56 30.95
CA THR W 219 -23.37 97.01 31.84
C THR W 219 -23.93 96.94 33.26
N ALA W 220 -23.89 95.74 33.85
CA ALA W 220 -24.36 95.53 35.20
C ALA W 220 -23.35 96.04 36.22
N PRO W 221 -23.81 96.58 37.35
CA PRO W 221 -22.88 97.07 38.37
C PRO W 221 -22.49 96.03 39.40
N SER W 222 -21.19 95.84 39.60
CA SER W 222 -20.63 94.96 40.62
C SER W 222 -21.31 93.59 40.67
N GLY W 223 -21.82 93.22 41.84
CA GLY W 223 -22.44 91.92 42.02
C GLY W 223 -23.92 91.90 41.70
N THR W 224 -24.26 92.02 40.42
CA THR W 224 -25.64 91.94 39.98
C THR W 224 -25.69 91.19 38.66
N ASP W 225 -26.61 90.24 38.55
CA ASP W 225 -26.71 89.37 37.39
C ASP W 225 -27.98 89.71 36.61
N ILE W 226 -27.82 90.03 35.32
CA ILE W 226 -28.96 90.30 34.47
C ILE W 226 -29.60 88.98 34.07
N ASN W 227 -30.89 88.84 34.31
CA ASN W 227 -31.59 87.58 34.10
C ASN W 227 -32.70 87.66 33.06
N SER W 228 -33.26 88.84 32.79
CA SER W 228 -34.37 88.93 31.87
C SER W 228 -34.48 90.35 31.33
N VAL W 229 -34.81 90.45 30.04
CA VAL W 229 -35.05 91.72 29.37
C VAL W 229 -36.29 91.57 28.51
N GLU W 230 -37.22 92.51 28.62
CA GLU W 230 -38.47 92.49 27.88
C GLU W 230 -38.62 93.76 27.07
N THR W 231 -39.16 93.63 25.85
CA THR W 231 -39.32 94.75 24.94
C THR W 231 -40.70 94.70 24.30
N GLU W 232 -41.15 95.84 23.80
CA GLU W 232 -42.44 95.95 23.14
C GLU W 232 -42.28 96.73 21.85
N ASP W 233 -42.98 96.29 20.80
CA ASP W 233 -42.97 97.00 19.53
C ASP W 233 -44.26 96.68 18.77
N GLY W 234 -44.64 97.59 17.88
CA GLY W 234 -45.87 97.39 17.13
C GLY W 234 -45.79 96.23 16.15
N TYR W 235 -44.64 96.07 15.49
CA TYR W 235 -44.49 95.05 14.48
C TYR W 235 -44.15 93.71 15.10
N ALA W 236 -43.91 92.71 14.25
CA ALA W 236 -43.64 91.33 14.70
C ALA W 236 -42.16 91.19 15.00
N ASN W 237 -41.72 91.90 16.04
CA ASN W 237 -40.35 91.79 16.56
C ASN W 237 -39.31 92.01 15.47
N GLN W 238 -39.54 93.04 14.65
CA GLN W 238 -38.60 93.39 13.60
C GLN W 238 -38.18 94.85 13.68
N LEU W 239 -38.35 95.48 14.84
CA LEU W 239 -37.82 96.83 15.09
C LEU W 239 -36.80 96.81 16.22
N ILE W 240 -37.12 96.24 17.36
CA ILE W 240 -36.21 96.13 18.50
C ILE W 240 -36.30 94.71 19.03
N SER W 241 -35.13 94.05 19.18
CA SER W 241 -35.09 92.69 19.66
C SER W 241 -33.93 92.51 20.63
N PRO W 242 -34.18 91.94 21.81
CA PRO W 242 -33.10 91.74 22.78
C PRO W 242 -32.46 90.36 22.67
N VAL W 243 -31.15 90.29 22.91
CA VAL W 243 -30.41 89.04 22.92
C VAL W 243 -29.44 89.07 24.08
N LEU W 244 -29.31 87.95 24.80
CA LEU W 244 -28.46 87.89 25.97
C LEU W 244 -27.27 86.95 25.76
N ASP W 245 -27.52 85.66 25.53
CA ASP W 245 -26.42 84.73 25.30
C ASP W 245 -26.75 83.61 24.32
N THR W 246 -27.95 83.63 23.76
CA THR W 246 -28.45 82.48 23.02
C THR W 246 -29.29 82.94 21.83
N VAL W 247 -29.12 82.24 20.71
CA VAL W 247 -29.92 82.46 19.51
C VAL W 247 -30.34 81.11 18.95
N GLN W 248 -31.51 81.07 18.33
CA GLN W 248 -32.05 79.81 17.82
C GLN W 248 -31.26 79.33 16.61
N THR W 249 -31.00 80.22 15.65
CA THR W 249 -30.35 79.84 14.41
C THR W 249 -29.33 80.89 14.02
N ILE W 250 -28.63 80.63 12.91
CA ILE W 250 -27.56 81.53 12.46
C ILE W 250 -28.13 82.86 12.00
N SER W 251 -29.30 82.83 11.34
CA SER W 251 -29.85 84.05 10.77
C SER W 251 -30.29 85.06 11.82
N LYS W 252 -30.36 84.65 13.09
CA LYS W 252 -30.76 85.54 14.17
C LYS W 252 -29.59 86.26 14.81
N LEU W 253 -28.38 86.11 14.27
CA LEU W 253 -27.22 86.75 14.85
C LEU W 253 -27.33 88.26 14.73
N PRO W 254 -26.84 89.01 15.71
CA PRO W 254 -26.90 90.47 15.63
C PRO W 254 -26.00 91.02 14.53
N LEU W 255 -26.32 92.23 14.09
CA LEU W 255 -25.55 92.86 13.02
C LEU W 255 -24.12 93.14 13.44
N ALA W 256 -23.94 93.66 14.66
CA ALA W 256 -22.61 94.02 15.14
C ALA W 256 -22.60 93.92 16.65
N ALA W 257 -21.39 93.83 17.21
CA ALA W 257 -21.20 93.65 18.64
C ALA W 257 -19.80 94.11 19.00
N PRO W 258 -19.56 94.44 20.27
CA PRO W 258 -18.18 94.75 20.69
C PRO W 258 -17.28 93.54 20.56
N ASN W 259 -15.99 93.81 20.35
CA ASN W 259 -15.03 92.74 20.10
C ASN W 259 -14.93 91.81 21.29
N GLY W 260 -14.84 90.50 21.02
CA GLY W 260 -14.71 89.50 22.04
C GLY W 260 -16.00 88.91 22.56
N TYR W 261 -17.15 89.31 22.02
CA TYR W 261 -18.41 88.80 22.52
C TYR W 261 -18.59 87.34 22.09
N ILE W 262 -19.24 86.56 22.96
CA ILE W 262 -19.43 85.14 22.74
C ILE W 262 -20.92 84.83 22.79
N ILE W 263 -21.40 84.05 21.83
CA ILE W 263 -22.81 83.70 21.72
C ILE W 263 -22.92 82.20 21.50
N LYS W 264 -23.98 81.62 22.05
CA LYS W 264 -24.24 80.19 21.99
C LYS W 264 -25.40 79.91 21.04
N ILE W 265 -25.20 78.97 20.13
CA ILE W 265 -26.20 78.61 19.13
C ILE W 265 -26.77 77.24 19.49
N GLN W 266 -28.05 77.22 19.87
CA GLN W 266 -28.69 75.96 20.25
C GLN W 266 -28.94 75.07 19.04
N GLY W 267 -29.76 75.53 18.10
CA GLY W 267 -30.07 74.77 16.92
C GLY W 267 -31.56 74.55 16.78
N GLU W 268 -31.95 74.03 15.62
CA GLU W 268 -33.35 73.77 15.34
C GLU W 268 -33.85 72.56 16.12
N THR W 269 -35.15 72.56 16.42
CA THR W 269 -35.72 71.48 17.22
C THR W 269 -35.78 70.17 16.43
N ASN W 270 -36.29 70.24 15.19
CA ASN W 270 -36.47 69.01 14.41
C ASN W 270 -35.13 68.42 13.99
N SER W 271 -34.17 69.27 13.62
CA SER W 271 -32.90 68.78 13.13
C SER W 271 -32.09 68.15 14.26
N SER W 272 -31.16 67.28 13.87
CA SER W 272 -30.24 66.63 14.80
C SER W 272 -28.86 67.21 14.59
N ALA W 273 -28.40 67.99 15.57
CA ALA W 273 -27.06 68.59 15.51
C ALA W 273 -26.50 68.72 16.92
N ASP W 274 -25.46 69.53 17.08
CA ASP W 274 -24.80 69.70 18.36
C ASP W 274 -24.70 71.18 18.67
N GLU W 275 -24.36 71.47 19.93
CA GLU W 275 -24.23 72.85 20.39
C GLU W 275 -22.79 73.30 20.28
N TYR W 276 -22.58 74.50 19.75
CA TYR W 276 -21.24 75.04 19.60
C TYR W 276 -21.26 76.52 19.93
N TYR W 277 -20.06 77.09 20.08
CA TYR W 277 -19.89 78.46 20.51
C TYR W 277 -19.12 79.24 19.44
N VAL W 278 -19.48 80.51 19.28
CA VAL W 278 -18.93 81.36 18.24
C VAL W 278 -18.47 82.68 18.85
N MET W 279 -17.41 83.24 18.27
CA MET W 279 -16.84 84.51 18.72
C MET W 279 -16.80 85.48 17.55
N TYR W 280 -16.65 86.77 17.88
CA TYR W 280 -16.74 87.85 16.92
C TYR W 280 -15.42 88.60 16.82
N ASP W 281 -15.09 89.06 15.61
CA ASP W 281 -13.90 89.84 15.35
C ASP W 281 -14.31 91.20 14.80
N SER W 282 -13.81 92.26 15.42
CA SER W 282 -14.18 93.61 15.00
C SER W 282 -13.43 94.02 13.74
N ASN W 283 -12.16 93.64 13.62
CA ASN W 283 -11.33 94.13 12.52
C ASN W 283 -11.85 93.64 11.16
N THR W 284 -12.24 92.38 11.07
CA THR W 284 -12.68 91.80 9.81
C THR W 284 -14.19 91.63 9.71
N LYS W 285 -14.92 91.81 10.81
CA LYS W 285 -16.38 91.69 10.83
C LYS W 285 -16.82 90.31 10.35
N THR W 286 -16.34 89.28 11.05
CA THR W 286 -16.67 87.90 10.74
C THR W 286 -16.91 87.16 12.04
N TRP W 287 -17.22 85.88 11.94
CA TRP W 287 -17.49 85.04 13.09
C TRP W 287 -16.69 83.74 12.98
N LYS W 288 -16.24 83.22 14.12
CA LYS W 288 -15.41 82.03 14.14
C LYS W 288 -15.73 81.20 15.38
N GLU W 289 -15.55 79.90 15.25
CA GLU W 289 -15.82 78.96 16.34
C GLU W 289 -14.76 79.10 17.44
N THR W 290 -15.18 78.82 18.67
CA THR W 290 -14.30 78.97 19.82
C THR W 290 -14.70 77.93 20.87
N VAL W 291 -14.22 78.12 22.11
CA VAL W 291 -14.40 77.16 23.19
C VAL W 291 -15.12 77.84 24.35
N GLU W 292 -16.00 77.09 25.01
CA GLU W 292 -16.75 77.62 26.13
C GLU W 292 -15.81 78.05 27.25
N PRO W 293 -16.04 79.21 27.85
CA PRO W 293 -15.19 79.65 28.97
C PRO W 293 -15.39 78.78 30.20
N GLY W 294 -14.34 78.67 31.01
CA GLY W 294 -14.40 77.92 32.26
C GLY W 294 -14.24 76.42 32.11
N VAL W 295 -13.31 76.00 31.26
CA VAL W 295 -13.10 74.58 30.98
C VAL W 295 -11.60 74.29 30.97
N ILE W 296 -11.23 73.16 31.56
CA ILE W 296 -9.83 72.75 31.56
C ILE W 296 -9.44 72.22 30.20
N THR W 297 -8.28 72.65 29.70
CA THR W 297 -7.76 72.24 28.40
C THR W 297 -6.29 71.86 28.53
N GLY W 298 -5.99 70.60 28.31
CA GLY W 298 -4.60 70.15 28.26
C GLY W 298 -4.39 68.93 29.12
N PHE W 299 -3.19 68.38 29.02
CA PHE W 299 -2.73 67.27 29.84
C PHE W 299 -1.56 67.72 30.70
N ASP W 300 -1.39 67.07 31.84
CA ASP W 300 -0.15 67.24 32.59
C ASP W 300 1.00 66.66 31.78
N VAL W 301 2.06 67.44 31.63
CA VAL W 301 3.09 67.11 30.64
C VAL W 301 4.16 66.19 31.21
N THR W 302 4.27 66.08 32.53
CA THR W 302 5.32 65.28 33.15
C THR W 302 4.86 63.89 33.54
N THR W 303 3.66 63.48 33.12
CA THR W 303 3.15 62.14 33.39
C THR W 303 2.77 61.42 32.10
N MET W 304 3.51 61.68 31.03
CA MET W 304 3.25 61.09 29.73
C MET W 304 4.57 60.58 29.15
N PRO W 305 4.51 59.62 28.21
CA PRO W 305 5.75 59.02 27.69
C PRO W 305 6.76 60.03 27.17
N HIS W 306 8.02 59.84 27.51
CA HIS W 306 9.09 60.74 27.09
C HIS W 306 9.67 60.26 25.77
N ALA W 307 10.80 60.83 25.36
CA ALA W 307 11.46 60.44 24.13
C ALA W 307 12.95 60.68 24.26
N LEU W 308 13.72 59.97 23.43
CA LEU W 308 15.17 60.05 23.42
C LEU W 308 15.66 60.33 22.01
N ILE W 309 16.48 61.37 21.86
CA ILE W 309 16.94 61.82 20.55
C ILE W 309 18.46 61.95 20.59
N ARG W 310 19.09 61.72 19.44
CA ARG W 310 20.54 61.82 19.29
C ARG W 310 20.88 63.06 18.48
N GLN W 311 21.85 63.83 18.97
CA GLN W 311 22.31 65.03 18.28
C GLN W 311 23.41 64.67 17.29
N SER W 312 24.09 65.66 16.72
CA SER W 312 25.12 65.44 15.73
C SER W 312 26.47 65.07 16.32
N ASP W 313 26.79 65.56 17.52
CA ASP W 313 28.08 65.25 18.13
C ASP W 313 28.11 63.89 18.80
N GLY W 314 26.97 63.19 18.86
CA GLY W 314 26.89 61.88 19.45
C GLY W 314 26.25 61.84 20.82
N SER W 315 26.13 62.99 21.49
CA SER W 315 25.51 63.03 22.80
C SER W 315 24.01 62.80 22.68
N PHE W 316 23.40 62.41 23.80
CA PHE W 316 21.97 62.13 23.87
C PHE W 316 21.29 63.10 24.82
N GLU W 317 19.98 63.27 24.63
CA GLU W 317 19.19 64.16 25.46
C GLU W 317 17.85 63.50 25.76
N PHE W 318 17.29 63.86 26.91
CA PHE W 318 16.03 63.31 27.39
C PHE W 318 15.05 64.47 27.56
N LYS W 319 14.02 64.51 26.72
CA LYS W 319 13.09 65.64 26.68
C LYS W 319 11.67 65.12 26.82
N THR W 320 10.71 66.03 26.64
CA THR W 320 9.29 65.75 26.78
C THR W 320 8.55 66.20 25.52
N LEU W 321 7.46 65.51 25.23
CA LEU W 321 6.68 65.74 24.01
C LEU W 321 5.61 66.79 24.24
N ASP W 322 5.15 67.38 23.13
CA ASP W 322 4.13 68.43 23.15
C ASP W 322 2.86 67.89 22.49
N TRP W 323 1.75 67.98 23.21
CA TRP W 323 0.46 67.51 22.73
C TRP W 323 -0.47 68.70 22.45
N SER W 324 -1.56 68.42 21.75
CA SER W 324 -2.51 69.45 21.36
C SER W 324 -3.48 69.77 22.50
N LYS W 325 -4.39 70.69 22.24
CA LYS W 325 -5.33 71.16 23.25
C LYS W 325 -6.74 71.21 22.66
N ARG W 326 -7.70 71.54 23.52
CA ARG W 326 -9.10 71.54 23.12
C ARG W 326 -9.41 72.71 22.20
N GLY W 327 -10.25 72.44 21.21
CA GLY W 327 -10.69 73.45 20.25
C GLY W 327 -12.17 73.35 19.96
N SER W 328 -12.96 72.99 20.98
CA SER W 328 -14.35 72.59 20.76
C SER W 328 -15.24 73.02 21.92
N GLY W 329 -16.41 72.41 22.04
CA GLY W 329 -17.42 72.82 23.01
C GLY W 329 -17.09 72.41 24.42
N ASN W 330 -18.13 72.01 25.16
CA ASN W 330 -18.04 71.76 26.58
C ASN W 330 -17.73 70.30 26.87
N ASP W 331 -17.74 69.94 28.16
CA ASP W 331 -17.36 68.61 28.58
C ASP W 331 -18.37 67.54 28.16
N ASP W 332 -19.64 67.91 28.03
CA ASP W 332 -20.67 66.93 27.67
C ASP W 332 -20.66 66.56 26.20
N THR W 333 -20.05 67.39 25.35
CA THR W 333 -19.96 67.12 23.93
C THR W 333 -18.58 66.62 23.49
N ASN W 334 -17.52 67.04 24.18
CA ASN W 334 -16.16 66.64 23.87
C ASN W 334 -15.49 66.17 25.17
N PRO W 335 -15.81 64.97 25.62
CA PRO W 335 -15.29 64.51 26.91
C PRO W 335 -13.82 64.14 26.83
N MET W 336 -13.20 64.06 28.00
CA MET W 336 -11.80 63.69 28.09
C MET W 336 -11.61 62.22 27.70
N PRO W 337 -10.44 61.85 27.18
CA PRO W 337 -10.21 60.47 26.77
C PRO W 337 -10.17 59.54 27.98
N SER W 338 -10.19 58.24 27.68
CA SER W 338 -10.31 57.23 28.73
C SER W 338 -9.05 57.14 29.59
N PHE W 339 -7.88 57.37 29.00
CA PHE W 339 -6.62 57.15 29.72
C PHE W 339 -6.29 58.35 30.60
N VAL W 340 -7.24 58.80 31.40
CA VAL W 340 -7.04 59.99 32.22
C VAL W 340 -6.80 59.65 33.69
N ASP W 341 -7.21 58.48 34.16
CA ASP W 341 -7.00 58.07 35.54
C ASP W 341 -6.57 56.60 35.59
N ALA W 342 -5.66 56.23 34.69
CA ALA W 342 -5.19 54.85 34.63
C ALA W 342 -3.73 54.85 34.17
N THR W 343 -3.24 53.69 33.76
CA THR W 343 -1.86 53.53 33.33
C THR W 343 -1.81 52.99 31.91
N ILE W 344 -0.75 53.32 31.19
CA ILE W 344 -0.55 52.88 29.82
C ILE W 344 0.37 51.66 29.82
N ASN W 345 0.14 50.74 28.87
CA ASN W 345 0.89 49.50 28.83
C ASN W 345 1.73 49.31 27.57
N ASP W 346 1.31 49.84 26.43
CA ASP W 346 2.04 49.58 25.19
C ASP W 346 1.71 50.66 24.18
N VAL W 347 2.52 50.72 23.12
CA VAL W 347 2.36 51.65 22.02
C VAL W 347 2.50 50.88 20.72
N PHE W 348 1.64 51.17 19.74
CA PHE W 348 1.69 50.49 18.46
C PHE W 348 1.30 51.46 17.35
N PHE W 349 1.34 50.98 16.11
CA PHE W 349 1.07 51.78 14.93
C PHE W 349 0.22 50.97 13.97
N TYR W 350 -0.79 51.59 13.38
CA TYR W 350 -1.71 50.88 12.51
C TYR W 350 -2.52 51.89 11.71
N ARG W 351 -2.58 51.67 10.39
CA ARG W 351 -3.41 52.46 9.47
C ARG W 351 -3.14 53.95 9.61
N ASN W 352 -1.86 54.31 9.67
CA ASN W 352 -1.44 55.71 9.74
C ASN W 352 -2.03 56.41 10.96
N ARG W 353 -2.12 55.68 12.07
CA ARG W 353 -2.66 56.22 13.31
C ARG W 353 -1.87 55.67 14.48
N LEU W 354 -1.53 56.53 15.43
CA LEU W 354 -0.85 56.11 16.65
C LEU W 354 -1.88 55.67 17.69
N GLY W 355 -1.49 54.73 18.53
CA GLY W 355 -2.42 54.16 19.49
C GLY W 355 -1.76 53.82 20.81
N PHE W 356 -2.58 53.71 21.84
CA PHE W 356 -2.14 53.30 23.17
C PHE W 356 -3.02 52.17 23.68
N LEU W 357 -2.60 51.56 24.78
CA LEU W 357 -3.35 50.51 25.45
C LEU W 357 -3.48 50.84 26.92
N SER W 358 -4.68 50.62 27.47
CA SER W 358 -4.92 50.89 28.88
C SER W 358 -6.21 50.20 29.29
N GLY W 359 -6.19 49.54 30.45
CA GLY W 359 -7.34 48.84 30.97
C GLY W 359 -7.90 47.84 29.97
N GLU W 360 -9.13 48.07 29.53
CA GLU W 360 -9.77 47.26 28.50
C GLU W 360 -10.20 48.12 27.31
N ASN W 361 -9.49 49.22 27.08
CA ASN W 361 -9.86 50.18 26.05
C ASN W 361 -8.73 50.33 25.04
N VAL W 362 -9.11 50.57 23.79
CA VAL W 362 -8.18 50.82 22.71
C VAL W 362 -8.40 52.25 22.21
N ILE W 363 -7.33 53.04 22.18
CA ILE W 363 -7.41 54.46 21.88
C ILE W 363 -6.48 54.77 20.71
N MET W 364 -7.00 55.46 19.71
CA MET W 364 -6.25 55.80 18.52
C MET W 364 -6.41 57.29 18.23
N SER W 365 -5.33 57.88 17.70
CA SER W 365 -5.32 59.32 17.43
C SER W 365 -5.98 59.59 16.07
N ARG W 366 -5.92 60.85 15.64
CA ARG W 366 -6.49 61.23 14.35
C ARG W 366 -5.59 60.76 13.21
N SER W 367 -6.13 60.80 12.00
CA SER W 367 -5.34 60.46 10.83
C SER W 367 -4.30 61.54 10.56
N ALA W 368 -3.27 61.16 9.81
CA ALA W 368 -2.17 62.06 9.45
C ALA W 368 -1.47 62.60 10.68
N SER W 369 -2.11 63.54 11.38
CA SER W 369 -1.52 64.08 12.60
C SER W 369 -1.42 63.00 13.67
N TYR W 370 -0.33 63.03 14.42
CA TYR W 370 -0.04 61.98 15.39
C TYR W 370 -0.21 62.39 16.84
N PHE W 371 -0.11 63.68 17.15
CA PHE W 371 -0.11 64.12 18.54
C PHE W 371 -1.40 64.84 18.89
N ALA W 372 -2.53 64.41 18.32
CA ALA W 372 -3.81 65.05 18.58
C ALA W 372 -4.85 63.98 18.86
N PHE W 373 -5.53 64.11 20.01
CA PHE W 373 -6.59 63.19 20.39
C PHE W 373 -7.94 63.87 20.51
N PHE W 374 -8.10 65.06 19.94
CA PHE W 374 -9.34 65.80 20.03
C PHE W 374 -9.86 66.17 18.65
N PRO W 375 -11.16 66.06 18.41
CA PRO W 375 -11.70 66.42 17.10
C PRO W 375 -11.60 67.91 16.82
N LYS W 376 -11.56 68.24 15.54
CA LYS W 376 -11.40 69.63 15.13
C LYS W 376 -12.61 70.47 15.52
N SER W 377 -13.81 69.98 15.24
CA SER W 377 -15.03 70.74 15.49
C SER W 377 -16.17 69.80 15.86
N VAL W 378 -17.13 70.30 16.62
CA VAL W 378 -18.31 69.53 16.97
C VAL W 378 -19.47 69.76 16.01
N ALA W 379 -19.48 70.89 15.30
CA ALA W 379 -20.61 71.20 14.43
C ALA W 379 -20.74 70.20 13.29
N THR W 380 -19.63 69.77 12.72
CA THR W 380 -19.63 68.86 11.59
C THR W 380 -18.81 67.62 11.93
N LEU W 381 -19.35 66.45 11.56
CA LEU W 381 -18.67 65.18 11.79
C LEU W 381 -17.86 64.80 10.56
N SER W 382 -16.59 64.49 10.77
CA SER W 382 -15.68 64.08 9.70
C SER W 382 -15.36 62.60 9.84
N ASP W 383 -14.60 62.09 8.87
CA ASP W 383 -14.20 60.69 8.87
C ASP W 383 -12.79 60.48 9.40
N ALA W 384 -12.15 61.53 9.90
CA ALA W 384 -10.84 61.42 10.54
C ALA W 384 -10.96 61.96 11.96
N ASP W 385 -11.41 61.11 12.88
CA ASP W 385 -11.63 61.44 14.27
C ASP W 385 -11.00 60.37 15.15
N PRO W 386 -10.62 60.72 16.38
CA PRO W 386 -10.08 59.70 17.29
C PRO W 386 -11.13 58.64 17.60
N ILE W 387 -10.64 57.42 17.82
CA ILE W 387 -11.50 56.27 18.08
C ILE W 387 -11.29 55.82 19.52
N ASP W 388 -12.36 55.29 20.13
CA ASP W 388 -12.29 54.80 21.49
C ASP W 388 -13.38 53.75 21.66
N VAL W 389 -12.98 52.52 21.99
CA VAL W 389 -13.94 51.43 22.19
C VAL W 389 -13.57 50.66 23.46
N ALA W 390 -14.31 49.60 23.74
CA ALA W 390 -14.04 48.78 24.91
C ALA W 390 -14.33 47.33 24.58
N VAL W 391 -13.65 46.43 25.29
CA VAL W 391 -13.81 44.99 25.10
C VAL W 391 -13.83 44.33 26.47
N SER W 392 -14.67 43.31 26.63
CA SER W 392 -14.79 42.62 27.90
C SER W 392 -15.18 41.17 27.65
N HIS W 393 -14.73 40.30 28.56
CA HIS W 393 -15.01 38.88 28.50
C HIS W 393 -15.27 38.40 29.93
N PRO W 394 -16.12 37.38 30.11
CA PRO W 394 -16.39 36.89 31.46
C PRO W 394 -15.16 36.39 32.20
N ARG W 395 -14.15 35.88 31.49
CA ARG W 395 -12.95 35.39 32.15
C ARG W 395 -12.12 36.52 32.75
N ILE W 396 -12.43 37.78 32.42
CA ILE W 396 -11.73 38.97 32.91
C ILE W 396 -10.31 39.00 32.35
N SER W 397 -10.01 40.03 31.56
CA SER W 397 -8.73 40.11 30.89
C SER W 397 -8.27 41.56 30.82
N ILE W 398 -6.95 41.74 30.78
CA ILE W 398 -6.33 43.05 30.61
C ILE W 398 -5.36 42.95 29.45
N LEU W 399 -5.50 43.85 28.47
CA LEU W 399 -4.64 43.81 27.30
C LEU W 399 -3.21 44.19 27.66
N LYS W 400 -2.25 43.41 27.15
CA LYS W 400 -0.85 43.61 27.53
C LYS W 400 0.09 43.71 26.33
N TYR W 401 -0.23 43.02 25.23
CA TYR W 401 0.67 42.99 24.09
C TYR W 401 -0.13 43.12 22.79
N ALA W 402 0.50 43.72 21.78
CA ALA W 402 -0.07 43.86 20.46
C ALA W 402 0.90 43.27 19.44
N VAL W 403 0.42 42.33 18.63
CA VAL W 403 1.27 41.60 17.69
C VAL W 403 0.66 41.62 16.30
N PRO W 404 1.38 42.09 15.27
CA PRO W 404 0.89 41.94 13.89
C PRO W 404 1.34 40.62 13.29
N PHE W 405 0.42 39.98 12.57
CA PHE W 405 0.67 38.64 12.07
C PHE W 405 -0.34 38.29 11.00
N SER W 406 0.14 37.71 9.90
CA SER W 406 -0.67 37.11 8.85
C SER W 406 -1.74 38.07 8.34
N GLU W 407 -1.28 39.27 7.98
CA GLU W 407 -2.13 40.30 7.39
C GLU W 407 -3.29 40.66 8.33
N GLN W 408 -3.01 40.65 9.62
CA GLN W 408 -3.99 41.02 10.63
C GLN W 408 -3.27 41.62 11.82
N LEU W 409 -4.04 42.07 12.80
CA LEU W 409 -3.51 42.58 14.07
C LEU W 409 -4.15 41.81 15.21
N LEU W 410 -3.33 41.37 16.16
CA LEU W 410 -3.79 40.54 17.27
C LEU W 410 -3.46 41.21 18.60
N LEU W 411 -4.42 41.17 19.52
CA LEU W 411 -4.26 41.68 20.86
C LEU W 411 -4.33 40.52 21.84
N TRP W 412 -3.33 40.39 22.69
CA TRP W 412 -3.19 39.25 23.58
C TRP W 412 -3.37 39.64 25.03
N SER W 413 -4.01 38.75 25.79
CA SER W 413 -4.21 38.94 27.22
C SER W 413 -3.65 37.69 27.90
N ASP W 414 -3.88 37.51 29.20
CA ASP W 414 -3.35 36.34 29.88
C ASP W 414 -4.24 35.10 29.78
N GLU W 415 -5.47 35.21 29.28
CA GLU W 415 -6.29 34.04 29.03
C GLU W 415 -6.97 34.04 27.66
N VAL W 416 -7.16 35.17 27.00
CA VAL W 416 -7.92 35.25 25.77
C VAL W 416 -7.12 36.03 24.74
N GLN W 417 -7.36 35.72 23.47
CA GLN W 417 -6.71 36.39 22.34
C GLN W 417 -7.79 36.96 21.42
N PHE W 418 -7.65 38.23 21.06
CA PHE W 418 -8.64 38.94 20.27
C PHE W 418 -8.11 39.23 18.87
N VAL W 419 -9.05 39.46 17.95
CA VAL W 419 -8.75 39.78 16.57
C VAL W 419 -9.47 41.08 16.20
N MET W 420 -8.75 42.00 15.57
CA MET W 420 -9.29 43.29 15.18
C MET W 420 -9.47 43.33 13.66
N THR W 421 -10.66 43.80 13.24
CA THR W 421 -10.96 43.94 11.83
C THR W 421 -11.98 45.07 11.66
N SER W 422 -12.44 45.24 10.43
CA SER W 422 -13.40 46.29 10.12
C SER W 422 -14.14 45.92 8.84
N SER W 423 -15.25 46.63 8.60
CA SER W 423 -16.09 46.43 7.41
C SER W 423 -16.07 47.74 6.61
N GLY W 424 -15.16 47.83 5.66
CA GLY W 424 -15.00 49.03 4.87
C GLY W 424 -13.91 49.93 5.40
N VAL W 425 -14.11 51.23 5.21
CA VAL W 425 -13.16 52.20 5.74
C VAL W 425 -13.25 52.23 7.25
N LEU W 426 -12.09 52.16 7.91
CA LEU W 426 -12.03 52.09 9.36
C LEU W 426 -12.45 53.43 9.96
N THR W 427 -13.64 53.46 10.56
CA THR W 427 -14.15 54.64 11.25
C THR W 427 -14.55 54.24 12.66
N SER W 428 -15.02 55.23 13.42
CA SER W 428 -15.45 54.99 14.79
C SER W 428 -16.74 54.18 14.86
N LYS W 429 -17.43 53.96 13.75
CA LYS W 429 -18.70 53.26 13.74
C LYS W 429 -18.63 51.89 13.09
N SER W 430 -17.47 51.50 12.54
CA SER W 430 -17.36 50.23 11.82
C SER W 430 -16.12 49.46 12.24
N ILE W 431 -15.87 49.35 13.53
CA ILE W 431 -14.74 48.60 14.07
C ILE W 431 -15.26 47.44 14.89
N GLN W 432 -14.64 46.27 14.74
CA GLN W 432 -15.12 45.05 15.37
C GLN W 432 -13.98 44.33 16.08
N LEU W 433 -14.24 43.86 17.30
CA LEU W 433 -13.31 43.02 18.05
C LEU W 433 -14.05 41.74 18.46
N ASP W 434 -13.36 40.61 18.38
CA ASP W 434 -13.97 39.32 18.67
C ASP W 434 -12.91 38.35 19.19
N VAL W 435 -13.39 37.21 19.70
CA VAL W 435 -12.55 36.20 20.34
C VAL W 435 -12.11 35.18 19.30
N GLY W 436 -10.82 34.82 19.36
CA GLY W 436 -10.27 33.86 18.41
C GLY W 436 -9.72 32.58 19.01
N SER W 437 -9.21 32.66 20.24
CA SER W 437 -8.60 31.49 20.88
C SER W 437 -8.58 31.71 22.39
N GLU W 438 -8.37 30.63 23.13
CA GLU W 438 -8.40 30.66 24.58
C GLU W 438 -7.23 29.88 25.19
N PHE W 439 -6.03 30.14 24.70
CA PHE W 439 -4.84 29.51 25.25
C PHE W 439 -4.38 30.27 26.49
N ALA W 440 -3.23 29.89 27.04
CA ALA W 440 -2.68 30.52 28.23
C ALA W 440 -1.20 30.85 28.00
N LEU W 441 -0.74 31.91 28.65
CA LEU W 441 0.63 32.38 28.46
C LEU W 441 1.04 33.23 29.67
N GLY W 442 2.30 33.65 29.66
CA GLY W 442 2.85 34.49 30.71
C GLY W 442 3.20 35.87 30.20
N ASP W 443 3.50 36.75 31.16
CA ASP W 443 3.70 38.16 30.87
C ASP W 443 5.06 38.64 31.36
N THR W 444 6.10 37.87 31.05
CA THR W 444 7.47 38.25 31.40
C THR W 444 8.41 38.31 30.22
N ALA W 445 8.02 37.83 29.04
CA ALA W 445 8.90 37.83 27.88
C ALA W 445 8.09 38.20 26.65
N ARG W 446 8.62 39.11 25.84
CA ARG W 446 7.94 39.54 24.63
C ARG W 446 7.97 38.43 23.59
N PRO W 447 6.86 38.15 22.91
CA PRO W 447 6.86 37.13 21.86
C PRO W 447 7.82 37.50 20.73
N PHE W 448 8.39 36.47 20.11
CA PHE W 448 9.36 36.63 19.03
C PHE W 448 8.81 36.01 17.76
N ALA W 449 9.09 36.64 16.63
CA ALA W 449 8.54 36.23 15.35
C ALA W 449 9.66 35.90 14.37
N VAL W 450 9.59 34.70 13.79
CA VAL W 450 10.55 34.24 12.79
C VAL W 450 9.78 33.50 11.71
N GLY W 451 10.04 33.84 10.45
CA GLY W 451 9.40 33.17 9.35
C GLY W 451 7.89 33.31 9.35
N ARG W 452 7.19 32.22 9.68
CA ARG W 452 5.74 32.20 9.76
C ARG W 452 5.29 31.64 11.11
N SER W 453 6.02 31.95 12.17
CA SER W 453 5.73 31.39 13.48
C SER W 453 6.02 32.41 14.56
N VAL W 454 5.39 32.21 15.71
CA VAL W 454 5.58 33.07 16.88
C VAL W 454 5.84 32.18 18.09
N PHE W 455 6.88 32.50 18.84
CA PHE W 455 7.26 31.72 20.02
C PHE W 455 6.95 32.51 21.28
N PHE W 456 6.36 31.85 22.27
CA PHE W 456 6.06 32.47 23.55
C PHE W 456 6.18 31.45 24.66
N SER W 457 6.35 31.94 25.89
CA SER W 457 6.56 31.09 27.05
C SER W 457 5.24 30.83 27.78
N ALA W 458 5.25 29.82 28.65
CA ALA W 458 4.09 29.45 29.44
C ALA W 458 4.52 28.73 30.71
N PRO W 459 4.53 29.42 31.85
CA PRO W 459 5.05 28.81 33.07
C PRO W 459 4.16 27.68 33.58
N ARG W 460 4.74 26.81 34.39
CA ARG W 460 4.04 25.68 34.98
C ARG W 460 4.47 25.50 36.42
N GLY W 461 4.19 24.33 37.01
CA GLY W 461 4.47 24.06 38.40
C GLY W 461 5.86 24.42 38.88
N SER W 462 6.88 23.76 38.35
CA SER W 462 8.27 24.04 38.73
C SER W 462 9.18 24.20 37.53
N PHE W 463 8.63 24.22 36.31
CA PHE W 463 9.43 24.37 35.10
C PHE W 463 8.64 25.21 34.11
N THR W 464 9.18 25.35 32.90
CA THR W 464 8.62 26.25 31.89
C THR W 464 8.52 25.50 30.57
N SER W 465 7.55 25.91 29.76
CA SER W 465 7.32 25.30 28.45
C SER W 465 7.35 26.38 27.38
N ILE W 466 7.74 25.98 26.17
CA ILE W 466 7.85 26.88 25.02
C ILE W 466 6.91 26.36 23.94
N LYS W 467 6.04 27.23 23.44
CA LYS W 467 5.05 26.86 22.45
C LYS W 467 5.26 27.64 21.15
N ARG W 468 4.63 27.15 20.08
CA ARG W 468 4.77 27.72 18.76
C ARG W 468 3.39 28.01 18.18
N TYR W 469 3.21 29.23 17.66
CA TYR W 469 1.93 29.70 17.16
C TYR W 469 1.99 29.74 15.63
N PHE W 470 1.23 28.88 14.98
CA PHE W 470 1.20 28.81 13.52
C PHE W 470 -0.26 28.82 13.04
N ALA W 471 -0.43 28.62 11.74
CA ALA W 471 -1.75 28.61 11.11
C ALA W 471 -1.94 27.31 10.36
N VAL W 472 -3.08 26.65 10.56
CA VAL W 472 -3.37 25.43 9.83
C VAL W 472 -3.48 25.74 8.35
N ALA W 473 -2.91 24.86 7.53
CA ALA W 473 -2.77 25.14 6.11
C ALA W 473 -4.07 24.99 5.34
N ASP W 474 -4.62 23.77 5.30
CA ASP W 474 -5.77 23.48 4.44
C ASP W 474 -6.97 24.36 4.76
N VAL W 475 -7.09 24.77 6.03
CA VAL W 475 -8.27 25.51 6.44
C VAL W 475 -7.94 27.00 6.54
N SER W 476 -8.98 27.82 6.39
CA SER W 476 -8.84 29.27 6.46
C SER W 476 -9.35 29.79 7.81
N ASP W 477 -8.60 30.75 8.36
CA ASP W 477 -8.95 31.44 9.59
C ASP W 477 -9.07 30.47 10.77
N VAL W 478 -8.02 29.67 10.93
CA VAL W 478 -7.91 28.76 12.08
C VAL W 478 -6.51 28.81 12.66
N LYS W 479 -6.38 29.47 13.81
CA LYS W 479 -5.10 29.52 14.50
C LYS W 479 -5.00 28.37 15.50
N ASP W 480 -3.79 27.81 15.61
CA ASP W 480 -3.55 26.70 16.51
C ASP W 480 -2.21 26.89 17.21
N ALA W 481 -2.04 26.15 18.30
CA ALA W 481 -0.81 26.20 19.09
C ALA W 481 -0.30 24.79 19.32
N ASP W 482 1.02 24.68 19.45
CA ASP W 482 1.67 23.39 19.60
C ASP W 482 2.80 23.54 20.61
N ASP W 483 3.14 22.44 21.27
CA ASP W 483 4.17 22.44 22.32
C ASP W 483 5.45 21.83 21.78
N THR W 484 6.56 22.56 21.93
CA THR W 484 7.85 22.08 21.46
C THR W 484 8.63 21.31 22.50
N THR W 485 8.43 21.59 23.78
CA THR W 485 9.10 20.87 24.86
C THR W 485 8.25 19.69 25.33
N GLY W 486 7.80 18.86 24.39
CA GLY W 486 6.96 17.73 24.73
C GLY W 486 7.72 16.61 25.41
N HIS W 487 8.87 16.23 24.86
CA HIS W 487 9.63 15.12 25.41
C HIS W 487 10.50 15.56 26.59
N VAL W 488 11.18 16.69 26.46
CA VAL W 488 11.98 17.22 27.55
C VAL W 488 11.10 18.09 28.45
N LEU W 489 10.37 17.46 29.36
CA LEU W 489 9.37 18.15 30.17
C LEU W 489 9.95 18.75 31.45
N SER W 490 11.20 18.43 31.80
CA SER W 490 11.83 19.06 32.95
C SER W 490 13.28 19.38 32.55
N TYR W 491 13.47 20.53 31.95
CA TYR W 491 14.80 20.96 31.55
C TYR W 491 15.13 22.39 31.94
N ILE W 492 14.16 23.30 31.89
CA ILE W 492 14.39 24.72 32.04
C ILE W 492 13.78 25.18 33.35
N PRO W 493 14.56 25.71 34.29
CA PRO W 493 14.00 26.23 35.54
C PRO W 493 13.20 27.50 35.29
N ASN W 494 12.35 27.83 36.28
CA ASN W 494 11.47 28.99 36.17
C ASN W 494 12.26 30.29 36.24
N GLY W 495 11.78 31.30 35.53
CA GLY W 495 12.39 32.61 35.56
C GLY W 495 12.91 33.10 34.23
N VAL W 496 12.30 32.65 33.14
CA VAL W 496 12.69 33.08 31.81
C VAL W 496 12.45 34.57 31.65
N PHE W 497 13.43 35.28 31.07
CA PHE W 497 13.26 36.71 30.88
C PHE W 497 13.80 37.22 29.55
N ASP W 498 13.98 36.36 28.55
CA ASP W 498 14.47 36.80 27.25
C ASP W 498 14.32 35.71 26.18
N ILE W 499 14.01 36.12 24.95
CA ILE W 499 13.95 35.23 23.79
C ILE W 499 14.54 35.93 22.58
N GLN W 500 15.65 35.42 22.07
CA GLN W 500 16.30 36.01 20.91
C GLN W 500 16.43 34.98 19.79
N GLY W 501 17.09 35.35 18.71
CA GLY W 501 17.30 34.42 17.62
C GLY W 501 17.56 35.15 16.31
N THR W 502 17.81 34.35 15.28
CA THR W 502 18.06 34.85 13.92
C THR W 502 17.17 34.09 12.95
N GLY W 503 17.24 34.49 11.68
CA GLY W 503 16.48 33.83 10.64
C GLY W 503 17.36 33.31 9.52
N THR W 504 18.66 33.52 9.64
CA THR W 504 19.62 32.99 8.67
C THR W 504 20.29 31.70 9.11
N GLU W 505 20.35 31.46 10.42
CA GLU W 505 20.92 30.22 10.95
C GLU W 505 19.89 29.29 11.58
N ASN W 506 18.65 29.73 11.73
CA ASN W 506 17.56 28.90 12.23
C ASN W 506 17.83 28.37 13.63
N TYR W 507 17.93 29.25 14.62
CA TYR W 507 18.09 28.81 16.00
C TYR W 507 17.50 29.86 16.93
N ILE W 508 17.31 29.47 18.18
CA ILE W 508 16.71 30.32 19.21
C ILE W 508 17.48 30.11 20.51
N CYS W 509 17.82 31.21 21.18
CA CYS W 509 18.52 31.15 22.46
C CYS W 509 17.61 31.69 23.55
N VAL W 510 17.65 31.06 24.72
CA VAL W 510 16.78 31.39 25.84
C VAL W 510 17.63 31.57 27.08
N ASN W 511 17.41 32.68 27.79
CA ASN W 511 18.06 32.93 29.07
C ASN W 511 17.10 32.61 30.21
N SER W 512 17.65 32.57 31.42
CA SER W 512 16.84 32.31 32.61
C SER W 512 17.61 32.79 33.83
N THR W 513 16.93 32.83 34.97
CA THR W 513 17.53 33.25 36.21
C THR W 513 17.79 32.11 37.18
N GLY W 514 17.36 30.90 36.87
CA GLY W 514 17.71 29.76 37.71
C GLY W 514 19.20 29.46 37.69
N ALA W 515 19.80 29.49 36.49
CA ALA W 515 21.24 29.31 36.31
C ALA W 515 21.74 30.47 35.46
N TYR W 516 22.74 31.18 35.97
CA TYR W 516 23.25 32.37 35.31
C TYR W 516 24.44 32.09 34.40
N ASN W 517 24.76 30.82 34.16
CA ASN W 517 25.89 30.47 33.31
C ASN W 517 25.52 29.40 32.29
N ARG W 518 24.31 29.48 31.73
CA ARG W 518 23.87 28.54 30.72
C ARG W 518 23.04 29.28 29.67
N ILE W 519 23.04 28.74 28.46
CA ILE W 519 22.24 29.25 27.36
C ILE W 519 21.62 28.07 26.64
N TYR W 520 20.30 27.95 26.70
CA TYR W 520 19.60 26.85 26.04
C TYR W 520 19.34 27.19 24.59
N ILE W 521 19.49 26.20 23.72
CA ILE W 521 19.45 26.42 22.27
C ILE W 521 18.54 25.41 21.61
N TYR W 522 17.74 25.89 20.65
CA TYR W 522 16.80 25.08 19.89
C TYR W 522 17.11 25.23 18.41
N LYS W 523 17.17 24.11 17.69
CA LYS W 523 17.50 24.11 16.27
C LYS W 523 16.37 23.44 15.48
N PHE W 524 15.99 24.05 14.36
CA PHE W 524 14.88 23.55 13.56
C PHE W 524 15.17 23.76 12.08
N LEU W 525 14.33 23.15 11.25
CA LEU W 525 14.43 23.29 9.79
C LEU W 525 13.13 22.82 9.17
N PHE W 526 12.57 23.63 8.28
CA PHE W 526 11.29 23.35 7.64
C PHE W 526 11.46 23.19 6.13
N LYS W 527 10.59 22.37 5.54
CA LYS W 527 10.58 22.18 4.10
C LYS W 527 9.21 21.66 3.68
N ASP W 528 8.56 22.40 2.78
CA ASP W 528 7.24 22.01 2.25
C ASP W 528 6.22 21.83 3.36
N GLY W 529 6.31 22.67 4.39
CA GLY W 529 5.38 22.58 5.50
C GLY W 529 5.53 21.36 6.36
N VAL W 530 6.69 20.70 6.32
CA VAL W 530 6.96 19.52 7.14
C VAL W 530 8.27 19.74 7.88
N GLN W 531 8.24 19.55 9.20
CA GLN W 531 9.43 19.73 10.01
C GLN W 531 10.37 18.55 9.86
N LEU W 532 11.68 18.83 9.91
CA LEU W 532 12.68 17.80 9.69
C LEU W 532 13.75 17.73 10.78
N GLN W 533 13.70 18.60 11.78
CA GLN W 533 14.74 18.60 12.81
C GLN W 533 14.25 19.37 14.02
N ALA W 534 14.58 18.84 15.21
CA ALA W 534 14.25 19.50 16.46
C ALA W 534 15.18 18.95 17.54
N SER W 535 16.08 19.78 18.06
CA SER W 535 17.07 19.35 19.04
C SER W 535 17.17 20.38 20.16
N TRP W 536 17.34 19.91 21.38
CA TRP W 536 17.49 20.75 22.56
C TRP W 536 18.85 20.46 23.20
N SER W 537 19.62 21.50 23.47
CA SER W 537 20.92 21.37 24.13
C SER W 537 21.25 22.71 24.78
N HIS W 538 22.44 22.79 25.39
CA HIS W 538 22.82 24.01 26.09
C HIS W 538 24.34 24.11 26.18
N TRP W 539 24.83 25.35 26.18
CA TRP W 539 26.23 25.66 26.36
C TRP W 539 26.50 25.93 27.84
N GLU W 540 27.76 26.22 28.17
CA GLU W 540 28.12 26.42 29.57
C GLU W 540 29.41 27.22 29.68
N PHE W 541 29.39 28.23 30.54
CA PHE W 541 30.51 29.11 30.82
C PHE W 541 31.04 28.81 32.22
N PRO W 542 32.14 29.46 32.68
CA PRO W 542 32.66 29.14 34.03
C PRO W 542 31.65 29.29 35.15
N LYS W 543 32.03 28.82 36.34
CA LYS W 543 31.10 28.58 37.44
C LYS W 543 30.39 29.83 37.92
N ASP W 544 31.13 30.78 38.48
CA ASP W 544 30.52 31.97 39.11
C ASP W 544 30.56 33.13 38.12
N ASP W 545 29.73 33.02 37.09
CA ASP W 545 29.62 34.05 36.06
C ASP W 545 28.14 34.28 35.76
N LYS W 546 27.84 35.48 35.29
CA LYS W 546 26.47 35.88 34.97
C LYS W 546 26.40 36.36 33.53
N ILE W 547 25.43 35.85 32.78
CA ILE W 547 25.20 36.26 31.40
C ILE W 547 24.06 37.27 31.41
N LEU W 548 24.41 38.55 31.31
CA LEU W 548 23.41 39.61 31.41
C LEU W 548 22.58 39.74 30.13
N ALA W 549 23.19 39.62 28.96
CA ALA W 549 22.47 39.81 27.72
C ALA W 549 23.19 39.07 26.59
N SER W 550 22.41 38.66 25.59
CA SER W 550 22.98 38.00 24.42
C SER W 550 22.02 38.23 23.25
N ALA W 551 22.42 39.09 22.31
CA ALA W 551 21.61 39.42 21.16
C ALA W 551 22.41 39.17 19.89
N SER W 552 21.70 38.98 18.79
CA SER W 552 22.32 38.56 17.54
C SER W 552 21.85 39.42 16.38
N ILE W 553 22.76 39.72 15.47
CA ILE W 553 22.46 40.50 14.27
C ILE W 553 23.08 39.84 13.05
N GLY W 554 22.26 39.14 12.26
CA GLY W 554 22.77 38.46 11.10
C GLY W 554 23.38 37.11 11.43
N SER W 555 24.70 37.06 11.50
CA SER W 555 25.44 35.85 11.84
C SER W 555 26.53 36.15 12.86
N THR W 556 26.16 36.90 13.89
CA THR W 556 27.09 37.26 14.96
C THR W 556 26.31 37.39 16.25
N MET W 557 26.94 36.99 17.36
CA MET W 557 26.31 37.03 18.67
C MET W 557 27.17 37.87 19.60
N PHE W 558 26.55 38.83 20.29
CA PHE W 558 27.23 39.68 21.25
C PHE W 558 26.87 39.23 22.65
N ILE W 559 27.87 39.02 23.49
CA ILE W 559 27.69 38.47 24.82
C ILE W 559 28.30 39.43 25.85
N VAL W 560 27.57 39.65 26.94
CA VAL W 560 28.04 40.48 28.05
C VAL W 560 28.10 39.60 29.29
N ARG W 561 29.26 39.55 29.93
CA ARG W 561 29.50 38.66 31.04
C ARG W 561 30.10 39.43 32.22
N GLN W 562 29.69 39.05 33.43
CA GLN W 562 30.12 39.72 34.66
C GLN W 562 30.86 38.71 35.54
N HIS W 563 32.19 38.78 35.52
CA HIS W 563 33.01 37.94 36.38
C HIS W 563 33.31 38.69 37.68
N GLN W 564 34.26 38.19 38.46
CA GLN W 564 34.59 38.77 39.76
C GLN W 564 35.42 40.05 39.64
N GLY W 565 35.80 40.44 38.42
CA GLY W 565 36.58 41.65 38.23
C GLY W 565 35.76 42.82 37.70
N GLY W 566 34.82 42.54 36.80
CA GLY W 566 34.02 43.60 36.22
C GLY W 566 33.07 43.11 35.15
N VAL W 567 33.01 43.83 34.02
CA VAL W 567 32.11 43.50 32.92
C VAL W 567 32.91 43.53 31.62
N ASP W 568 32.68 42.53 30.77
CA ASP W 568 33.39 42.40 29.51
C ASP W 568 32.39 42.16 28.38
N ILE W 569 32.79 42.56 27.17
CA ILE W 569 31.98 42.37 25.98
C ILE W 569 32.79 41.58 24.96
N GLU W 570 32.16 40.55 24.37
CA GLU W 570 32.85 39.59 23.54
C GLU W 570 32.02 39.27 22.30
N HIS W 571 32.70 38.77 21.26
CA HIS W 571 32.09 38.46 19.98
C HIS W 571 32.14 36.96 19.72
N LEU W 572 31.24 36.48 18.85
CA LEU W 572 31.18 35.09 18.46
C LEU W 572 30.62 35.01 17.05
N LYS W 573 31.40 34.46 16.12
CA LYS W 573 31.05 34.46 14.71
C LYS W 573 30.89 33.04 14.18
N PHE W 574 30.31 32.95 12.99
CA PHE W 574 30.13 31.70 12.28
C PHE W 574 30.81 31.81 10.91
N ILE W 575 32.11 31.53 10.86
CA ILE W 575 32.85 31.59 9.60
C ILE W 575 33.19 30.18 9.17
N LYS W 576 33.69 30.03 7.93
CA LYS W 576 34.04 28.73 7.40
C LYS W 576 35.19 28.90 6.41
N GLU W 577 36.12 27.95 6.43
CA GLU W 577 37.30 27.95 5.56
C GLU W 577 38.12 29.22 5.71
N ALA W 578 38.15 29.79 6.92
CA ALA W 578 38.91 30.99 7.18
C ALA W 578 39.19 31.09 8.67
N THR W 579 40.16 31.92 9.01
CA THR W 579 40.57 32.13 10.39
C THR W 579 40.12 33.50 10.86
N ASP W 580 40.30 33.76 12.15
CA ASP W 580 39.96 35.06 12.72
C ASP W 580 41.06 36.07 12.45
N PHE W 581 42.27 35.79 12.97
CA PHE W 581 43.40 36.63 12.69
C PHE W 581 44.10 36.17 11.41
N PRO W 582 44.85 37.06 10.75
CA PRO W 582 45.45 36.70 9.46
C PRO W 582 46.55 35.64 9.56
N SER W 583 47.40 35.74 10.57
CA SER W 583 48.57 34.87 10.70
C SER W 583 48.29 33.80 11.74
N GLU W 584 47.64 32.71 11.30
CA GLU W 584 47.39 31.55 12.14
C GLU W 584 47.57 30.29 11.31
N PRO W 585 47.98 29.19 11.93
CA PRO W 585 48.02 27.91 11.19
C PRO W 585 46.63 27.39 10.87
N TYR W 586 45.74 27.41 11.85
CA TYR W 586 44.36 26.98 11.68
C TYR W 586 43.51 27.74 12.69
N ARG W 587 42.23 27.39 12.77
CA ARG W 587 41.32 28.08 13.70
C ARG W 587 41.43 27.43 15.07
N LEU W 588 42.12 28.11 15.98
CA LEU W 588 42.26 27.60 17.34
C LEU W 588 40.92 27.63 18.06
N HIS W 589 40.76 26.74 19.04
CA HIS W 589 39.50 26.64 19.77
C HIS W 589 39.69 26.94 21.25
N ILE W 590 40.43 28.00 21.57
CA ILE W 590 40.57 28.46 22.95
C ILE W 590 39.61 29.62 23.17
N ASP W 591 39.38 29.97 24.42
CA ASP W 591 38.37 30.97 24.77
C ASP W 591 39.03 32.29 25.11
N SER W 592 38.38 33.38 24.71
CA SER W 592 38.86 34.75 24.93
C SER W 592 40.23 34.95 24.29
N LYS W 593 40.30 34.74 22.99
CA LYS W 593 41.56 34.90 22.27
C LYS W 593 41.99 36.35 22.25
N VAL W 594 43.30 36.56 22.15
CA VAL W 594 43.89 37.89 22.02
C VAL W 594 45.30 37.74 21.47
N SER W 595 45.67 38.60 20.53
CA SER W 595 47.00 38.57 19.95
C SER W 595 47.94 39.49 20.73
N MET W 596 49.24 39.31 20.50
CA MET W 596 50.25 40.08 21.21
C MET W 596 51.58 39.91 20.49
N VAL W 597 52.43 40.93 20.62
CA VAL W 597 53.79 40.91 20.08
C VAL W 597 54.75 41.20 21.23
N ILE W 598 55.72 40.31 21.43
CA ILE W 598 56.69 40.48 22.51
C ILE W 598 57.55 41.70 22.23
N PRO W 599 57.77 42.59 23.20
CA PRO W 599 58.52 43.82 22.93
C PRO W 599 60.01 43.58 22.75
N ILE W 600 60.77 44.69 22.62
CA ILE W 600 62.19 44.60 22.29
C ILE W 600 62.97 43.95 23.43
N GLY W 601 62.64 44.31 24.67
CA GLY W 601 63.34 43.79 25.83
C GLY W 601 63.39 42.28 25.88
N SER W 602 64.58 41.71 25.67
CA SER W 602 64.77 40.28 25.51
C SER W 602 65.63 39.74 26.65
N TYR W 603 65.00 38.98 27.55
CA TYR W 603 65.63 38.23 28.63
C TYR W 603 66.79 38.97 29.30
N ASN W 604 67.87 38.24 29.59
CA ASN W 604 69.04 38.81 30.25
C ASN W 604 70.27 37.94 30.00
N ALA W 605 71.36 38.21 30.71
CA ALA W 605 72.61 37.49 30.45
C ALA W 605 72.76 36.28 31.36
N ASP W 606 72.43 36.45 32.63
CA ASP W 606 72.68 35.40 33.63
C ASP W 606 71.90 34.13 33.37
N THR W 607 70.62 34.27 33.03
CA THR W 607 69.72 33.12 32.91
C THR W 607 68.97 33.12 31.59
N TYR W 608 69.06 34.19 30.82
CA TYR W 608 68.47 34.35 29.48
C TYR W 608 67.05 33.79 29.40
N LYS W 609 66.27 34.08 30.43
CA LYS W 609 64.84 33.79 30.44
C LYS W 609 64.09 35.11 30.28
N THR W 610 63.13 35.16 29.35
CA THR W 610 62.44 36.39 29.01
C THR W 610 61.10 36.47 29.72
N THR W 611 60.69 37.69 30.06
CA THR W 611 59.40 37.96 30.66
C THR W 611 58.44 38.53 29.63
N VAL W 612 57.14 38.42 29.93
CA VAL W 612 56.08 38.74 28.98
C VAL W 612 55.25 39.93 29.45
N ASP W 613 54.81 39.90 30.71
CA ASP W 613 53.92 40.92 31.25
C ASP W 613 52.62 40.97 30.44
N ILE W 614 51.82 39.91 30.53
CA ILE W 614 50.63 39.77 29.70
C ILE W 614 49.64 40.90 29.95
N GLY W 615 49.77 41.61 31.06
CA GLY W 615 48.83 42.64 31.44
C GLY W 615 48.56 43.69 30.38
N ALA W 616 49.57 44.01 29.59
CA ALA W 616 49.41 45.01 28.53
C ALA W 616 48.39 44.57 27.49
N ALA W 617 48.41 43.28 27.14
CA ALA W 617 47.52 42.77 26.10
C ALA W 617 46.05 42.94 26.47
N TYR W 618 45.72 42.67 27.74
CA TYR W 618 44.34 42.77 28.17
C TYR W 618 44.00 44.17 28.63
N GLY W 619 44.31 45.17 27.80
CA GLY W 619 43.97 46.55 28.08
C GLY W 619 44.51 47.07 29.39
N GLY W 620 45.72 46.67 29.75
CA GLY W 620 46.30 47.10 31.02
C GLY W 620 45.51 46.67 32.23
N ASN W 621 44.97 45.45 32.19
CA ASN W 621 44.18 44.92 33.30
C ASN W 621 44.47 43.43 33.48
N ALA W 622 44.38 42.97 34.72
CA ALA W 622 44.57 41.56 34.99
C ALA W 622 43.37 40.76 34.49
N PRO W 623 43.60 39.63 33.82
CA PRO W 623 42.47 38.83 33.33
C PRO W 623 41.80 38.06 34.46
N SER W 624 40.67 37.45 34.11
CA SER W 624 39.90 36.69 35.08
C SER W 624 40.65 35.42 35.49
N PRO W 625 40.42 34.92 36.70
CA PRO W 625 41.12 33.72 37.16
C PRO W 625 40.80 32.50 36.31
N GLY W 626 41.78 31.61 36.17
CA GLY W 626 41.60 30.40 35.41
C GLY W 626 42.94 29.88 34.93
N ARG W 627 42.86 28.93 33.99
CA ARG W 627 44.03 28.37 33.34
C ARG W 627 44.24 29.03 31.99
N TYR W 628 45.48 28.99 31.50
CA TYR W 628 45.82 29.69 30.27
C TYR W 628 46.86 28.91 29.51
N TYR W 629 46.82 29.03 28.19
CA TYR W 629 47.77 28.42 27.27
C TYR W 629 48.50 29.50 26.48
N LEU W 630 49.58 29.10 25.80
CA LEU W 630 50.37 30.02 24.98
C LEU W 630 50.77 29.29 23.69
N ILE W 631 49.94 29.46 22.65
CA ILE W 631 50.24 28.88 21.35
C ILE W 631 51.06 29.86 20.53
N ASP W 632 52.14 29.37 19.92
CA ASP W 632 53.00 30.20 19.09
C ASP W 632 52.47 30.19 17.65
N SER W 633 53.26 30.74 16.74
CA SER W 633 52.86 30.85 15.34
C SER W 633 53.08 29.58 14.55
N GLN W 634 53.63 28.54 15.16
CA GLN W 634 53.91 27.28 14.48
C GLN W 634 52.99 26.15 14.90
N GLY W 635 52.59 26.09 16.17
CA GLY W 635 51.69 25.05 16.62
C GLY W 635 52.00 24.52 18.01
N ALA W 636 53.25 24.59 18.43
CA ALA W 636 53.63 24.12 19.76
C ALA W 636 53.11 25.08 20.82
N TYR W 637 52.67 24.51 21.94
CA TYR W 637 52.10 25.31 23.02
C TYR W 637 52.66 24.85 24.36
N VAL W 638 52.70 25.78 25.32
CA VAL W 638 53.13 25.47 26.68
C VAL W 638 51.96 25.66 27.61
N ASP W 639 52.15 25.38 28.90
CA ASP W 639 51.05 25.46 29.86
C ASP W 639 51.47 26.38 31.00
N LEU W 640 50.68 27.43 31.23
CA LEU W 640 50.88 28.30 32.39
C LEU W 640 49.94 27.91 33.51
N GLY W 641 50.35 28.24 34.74
CA GLY W 641 49.55 27.90 35.90
C GLY W 641 48.36 28.80 36.06
N ASP W 642 47.58 28.52 37.10
CA ASP W 642 46.42 29.35 37.42
C ASP W 642 46.84 30.76 37.77
N LEU W 643 46.15 31.73 37.20
CA LEU W 643 46.48 33.13 37.38
C LEU W 643 45.48 33.81 38.31
N THR W 644 45.96 34.81 39.04
CA THR W 644 45.15 35.58 39.96
C THR W 644 45.29 37.07 39.62
N SER W 645 44.60 37.90 40.39
CA SER W 645 44.64 39.34 40.14
C SER W 645 45.96 39.96 40.58
N ILE W 646 46.75 39.24 41.39
CA ILE W 646 47.99 39.77 41.92
C ILE W 646 49.17 39.30 41.10
N SER W 647 48.89 38.56 40.02
CA SER W 647 49.92 38.01 39.15
C SER W 647 49.79 38.60 37.76
N THR W 648 50.89 39.18 37.26
CA THR W 648 50.88 39.74 35.92
C THR W 648 52.17 39.43 35.17
N VAL W 649 53.13 38.76 35.79
CA VAL W 649 54.45 38.54 35.20
C VAL W 649 54.70 37.04 35.09
N ILE W 650 55.11 36.59 33.90
CA ILE W 650 55.46 35.21 33.65
C ILE W 650 56.82 35.18 32.97
N THR W 651 57.46 34.01 33.02
CA THR W 651 58.80 33.82 32.47
C THR W 651 58.79 32.65 31.50
N LEU W 652 59.47 32.82 30.37
CA LEU W 652 59.58 31.78 29.36
C LEU W 652 61.02 31.29 29.28
N ASN W 653 61.18 30.11 28.69
CA ASN W 653 62.49 29.45 28.59
C ASN W 653 63.04 29.64 27.19
N GLY W 654 63.94 30.60 27.03
CA GLY W 654 64.63 30.81 25.78
C GLY W 654 64.71 32.27 25.43
N ASP W 655 64.95 32.54 24.15
CA ASP W 655 65.06 33.91 23.65
C ASP W 655 63.68 34.51 23.41
N TRP W 656 62.91 33.91 22.51
CA TRP W 656 61.62 34.45 22.05
C TRP W 656 61.88 35.85 21.50
N SER W 657 61.10 36.87 21.89
CA SER W 657 61.30 38.26 21.52
C SER W 657 60.99 38.50 20.04
N GLY W 658 60.33 39.62 19.74
CA GLY W 658 60.00 39.97 18.37
C GLY W 658 59.21 38.90 17.65
N ARG W 659 58.22 38.33 18.32
CA ARG W 659 57.44 37.22 17.78
C ARG W 659 55.96 37.46 18.05
N THR W 660 55.14 36.54 17.56
CA THR W 660 53.69 36.60 17.72
C THR W 660 53.22 35.39 18.53
N VAL W 661 52.27 35.62 19.42
CA VAL W 661 51.76 34.61 20.34
C VAL W 661 50.24 34.67 20.35
N PHE W 662 49.63 33.77 21.12
CA PHE W 662 48.18 33.69 21.25
C PHE W 662 47.87 33.17 22.64
N ILE W 663 46.92 33.81 23.33
CA ILE W 663 46.57 33.44 24.70
C ILE W 663 45.07 33.20 24.79
N GLY W 664 44.70 32.26 25.65
CA GLY W 664 43.29 31.95 25.82
C GLY W 664 43.10 30.87 26.87
N ARG W 665 41.87 30.38 26.97
CA ARG W 665 41.53 29.33 27.91
C ARG W 665 40.83 28.18 27.19
N PRO W 666 40.97 26.96 27.69
CA PRO W 666 40.29 25.82 27.04
C PRO W 666 38.93 25.52 27.66
N TYR W 667 38.08 24.82 26.92
CA TYR W 667 36.77 24.42 27.41
C TYR W 667 36.48 23.00 26.97
N LEU W 668 35.48 22.39 27.60
CA LEU W 668 35.25 20.95 27.51
C LEU W 668 34.03 20.63 26.65
N MET W 669 34.12 19.53 25.92
CA MET W 669 33.04 19.00 25.11
C MET W 669 32.64 17.62 25.63
N SER W 670 31.35 17.31 25.53
CA SER W 670 30.85 16.06 26.11
C SER W 670 29.66 15.57 25.32
N TYR W 671 29.43 14.25 25.38
CA TYR W 671 28.29 13.62 24.72
C TYR W 671 28.16 12.20 25.27
N LYS W 672 26.95 11.81 25.65
CA LYS W 672 26.70 10.50 26.22
C LYS W 672 25.63 9.79 25.41
N PHE W 673 25.93 8.57 24.95
CA PHE W 673 25.00 7.79 24.18
C PHE W 673 23.89 7.24 25.07
N SER W 674 22.88 6.66 24.43
CA SER W 674 21.81 5.95 25.11
C SER W 674 22.04 4.45 25.02
N ARG W 675 21.10 3.70 25.58
CA ARG W 675 21.22 2.24 25.59
C ARG W 675 21.06 1.69 24.18
N PHE W 676 21.77 0.61 23.89
CA PHE W 676 21.74 -0.02 22.58
C PHE W 676 20.69 -1.13 22.59
N LEU W 677 19.69 -1.00 21.72
CA LEU W 677 18.61 -1.97 21.61
C LEU W 677 18.24 -2.15 20.15
N ILE W 678 17.54 -3.25 19.87
CA ILE W 678 17.06 -3.51 18.53
C ILE W 678 15.82 -2.64 18.29
N LYS W 679 15.85 -1.84 17.22
CA LYS W 679 14.77 -0.91 16.93
C LYS W 679 14.36 -1.06 15.47
N ILE W 680 13.06 -1.03 15.23
CA ILE W 680 12.50 -1.13 13.88
C ILE W 680 11.67 0.12 13.64
N GLU W 681 11.93 0.79 12.51
CA GLU W 681 11.28 2.06 12.19
C GLU W 681 10.75 2.01 10.77
N ASP W 682 9.46 2.35 10.62
CA ASP W 682 8.82 2.45 9.32
C ASP W 682 8.14 3.81 9.16
N ASP W 683 8.58 4.77 9.97
CA ASP W 683 8.09 6.15 9.97
C ASP W 683 6.65 6.23 10.46
N SER W 684 6.05 5.09 10.78
CA SER W 684 4.71 5.08 11.36
C SER W 684 4.79 5.07 12.89
N GLY W 685 5.82 4.42 13.43
CA GLY W 685 6.00 4.36 14.87
C GLY W 685 7.30 3.66 15.19
N THR W 686 7.60 3.59 16.48
CA THR W 686 8.84 3.03 16.98
C THR W 686 8.55 1.72 17.69
N GLN W 687 9.24 0.65 17.27
CA GLN W 687 9.09 -0.67 17.87
C GLN W 687 10.46 -1.15 18.32
N SER W 688 10.56 -1.54 19.59
CA SER W 688 11.80 -2.00 20.17
C SER W 688 11.56 -3.31 20.92
N GLU W 689 12.52 -4.22 20.84
CA GLU W 689 12.42 -5.50 21.52
C GLU W 689 12.59 -5.33 23.03
N ASP W 690 12.04 -6.27 23.78
CA ASP W 690 12.11 -6.18 25.24
C ASP W 690 12.39 -7.55 25.84
N THR W 691 12.57 -8.60 25.04
CA THR W 691 12.73 -9.96 25.54
C THR W 691 14.05 -10.55 25.05
N GLY W 692 14.71 -11.29 25.93
CA GLY W 692 15.96 -11.95 25.61
C GLY W 692 17.14 -11.34 26.33
N ARG W 693 18.33 -11.76 25.91
CA ARG W 693 19.58 -11.25 26.44
C ARG W 693 20.51 -10.92 25.30
N LEU W 694 21.28 -9.84 25.44
CA LEU W 694 22.12 -9.32 24.36
C LEU W 694 23.51 -9.05 24.91
N GLN W 695 24.53 -9.60 24.26
CA GLN W 695 25.92 -9.39 24.63
C GLN W 695 26.66 -8.68 23.51
N LEU W 696 27.34 -7.58 23.84
CA LEU W 696 28.01 -6.76 22.85
C LEU W 696 29.45 -7.22 22.63
N ARG W 697 29.94 -7.05 21.41
CA ARG W 697 31.29 -7.45 21.07
C ARG W 697 32.19 -6.29 20.66
N ARG W 698 31.79 -5.52 19.64
CA ARG W 698 32.63 -4.47 19.09
C ARG W 698 31.77 -3.27 18.71
N ALA W 699 32.44 -2.21 18.25
CA ALA W 699 31.78 -0.99 17.78
C ALA W 699 32.77 -0.22 16.92
N TRP W 700 32.26 0.78 16.22
CA TRP W 700 33.10 1.59 15.34
C TRP W 700 32.50 2.98 15.21
N VAL W 701 33.35 3.93 14.82
CA VAL W 701 32.97 5.33 14.66
C VAL W 701 33.62 5.88 13.40
N ASN W 702 32.84 6.62 12.60
CA ASN W 702 33.35 7.29 11.41
C ASN W 702 33.58 8.76 11.72
N TYR W 703 34.76 9.26 11.35
CA TYR W 703 35.13 10.64 11.64
C TYR W 703 35.73 11.29 10.40
N LYS W 704 35.66 12.62 10.39
CA LYS W 704 36.22 13.42 9.30
C LYS W 704 36.73 14.73 9.88
N ASP W 705 37.93 15.14 9.46
CA ASP W 705 38.50 16.42 9.87
C ASP W 705 38.59 16.53 11.38
N THR W 706 39.38 15.66 12.01
CA THR W 706 39.45 15.57 13.46
C THR W 706 40.89 15.34 13.88
N GLY W 707 41.28 15.98 14.98
CA GLY W 707 42.64 15.87 15.48
C GLY W 707 42.85 14.90 16.63
N ALA W 708 42.01 14.98 17.67
CA ALA W 708 42.20 14.16 18.85
C ALA W 708 40.86 13.91 19.53
N LEU W 709 40.77 12.79 20.24
CA LEU W 709 39.52 12.40 20.88
C LEU W 709 39.81 11.33 21.93
N ARG W 710 38.83 11.10 22.80
CA ARG W 710 38.91 10.05 23.81
C ARG W 710 37.55 9.38 23.96
N LEU W 711 37.56 8.09 24.24
CA LEU W 711 36.34 7.33 24.50
C LEU W 711 36.50 6.54 25.79
N ILE W 712 35.45 6.53 26.60
CA ILE W 712 35.49 5.92 27.93
C ILE W 712 34.35 4.91 28.03
N VAL W 713 34.67 3.71 28.54
CA VAL W 713 33.70 2.63 28.71
C VAL W 713 33.68 2.23 30.18
N ARG W 714 32.47 2.13 30.73
CA ARG W 714 32.27 1.77 32.13
C ARG W 714 31.24 0.65 32.20
N ASN W 715 31.66 -0.53 32.66
CA ASN W 715 30.69 -1.62 32.70
C ASN W 715 30.02 -1.75 34.07
N GLY W 716 30.75 -2.18 35.08
CA GLY W 716 30.21 -2.12 36.43
C GLY W 716 31.02 -1.27 37.38
N GLU W 717 32.33 -1.44 37.34
CA GLU W 717 33.25 -0.68 38.18
C GLU W 717 34.54 -0.31 37.44
N ARG W 718 34.86 -0.98 36.35
CA ARG W 718 36.13 -0.80 35.67
C ARG W 718 35.99 0.23 34.55
N GLU W 719 37.10 0.89 34.23
CA GLU W 719 37.13 1.92 33.20
C GLU W 719 38.22 1.61 32.18
N PHE W 720 37.91 1.81 30.92
CA PHE W 720 38.86 1.63 29.83
C PHE W 720 38.88 2.89 28.98
N VAL W 721 40.08 3.36 28.63
CA VAL W 721 40.26 4.60 27.92
C VAL W 721 40.98 4.32 26.60
N ASN W 722 40.44 4.87 25.52
CA ASN W 722 41.03 4.73 24.19
C ASN W 722 41.26 6.11 23.58
N THR W 723 42.26 6.19 22.71
CA THR W 723 42.65 7.48 22.13
C THR W 723 43.22 7.25 20.73
N PHE W 724 42.85 8.13 19.81
CA PHE W 724 43.46 8.17 18.48
C PHE W 724 43.81 9.60 18.14
N ASN W 725 44.74 9.77 17.19
CA ASN W 725 45.31 11.08 16.92
C ASN W 725 45.47 11.27 15.41
N GLY W 726 44.45 11.85 14.78
CA GLY W 726 44.56 12.27 13.40
C GLY W 726 44.82 11.11 12.45
N TYR W 727 45.86 11.24 11.64
CA TYR W 727 46.21 10.24 10.64
C TYR W 727 46.94 9.07 11.30
N THR W 728 47.51 8.20 10.47
CA THR W 728 48.29 7.06 10.92
C THR W 728 49.68 7.12 10.29
N LEU W 729 50.55 6.21 10.70
CA LEU W 729 51.89 6.15 10.16
C LEU W 729 51.85 5.92 8.65
N GLY W 730 52.70 6.64 7.92
CA GLY W 730 52.78 6.55 6.49
C GLY W 730 51.99 7.61 5.75
N GLN W 731 51.23 8.45 6.45
CA GLN W 731 50.41 9.48 5.82
C GLN W 731 50.51 10.79 6.57
N GLN W 732 51.66 11.04 7.19
CA GLN W 732 51.89 12.28 7.91
C GLN W 732 53.10 13.00 7.33
N THR W 733 53.12 14.32 7.49
CA THR W 733 54.21 15.15 7.00
C THR W 733 54.81 15.92 8.17
N ILE W 734 56.14 15.88 8.29
CA ILE W 734 56.80 16.58 9.38
C ILE W 734 56.66 18.09 9.18
N GLY W 735 56.30 18.78 10.26
CA GLY W 735 56.22 20.24 10.27
C GLY W 735 54.83 20.77 10.56
N THR W 736 53.80 19.99 10.28
CA THR W 736 52.42 20.42 10.47
C THR W 736 51.73 19.54 11.50
N THR W 737 50.49 19.90 11.82
CA THR W 737 49.67 19.18 12.78
C THR W 737 48.80 18.16 12.07
N ASN W 738 48.53 17.05 12.75
CA ASN W 738 47.79 15.93 12.18
C ASN W 738 46.30 16.27 12.18
N ILE W 739 45.73 16.40 10.98
CA ILE W 739 44.30 16.62 10.79
C ILE W 739 43.89 15.82 9.56
N GLY W 740 43.09 14.77 9.76
CA GLY W 740 42.73 13.90 8.66
C GLY W 740 41.41 13.17 8.81
N ASP W 741 41.26 12.05 8.10
CA ASP W 741 40.03 11.28 8.05
C ASP W 741 40.36 9.81 8.27
N GLY W 742 39.31 9.00 8.44
CA GLY W 742 39.51 7.56 8.58
C GLY W 742 38.36 6.91 9.31
N GLN W 743 38.66 5.77 9.94
CA GLN W 743 37.70 5.01 10.73
C GLN W 743 38.42 4.36 11.90
N TYR W 744 37.68 4.12 12.98
CA TYR W 744 38.25 3.60 14.21
C TYR W 744 37.37 2.49 14.75
N ARG W 745 37.99 1.36 15.12
CA ARG W 745 37.29 0.22 15.70
C ARG W 745 37.90 -0.12 17.04
N PHE W 746 37.06 -0.35 18.04
CA PHE W 746 37.51 -0.70 19.38
C PHE W 746 36.61 -1.80 19.95
N ALA W 747 36.92 -2.23 21.17
CA ALA W 747 36.28 -3.39 21.78
C ALA W 747 35.33 -2.94 22.88
N MET W 748 34.12 -3.51 22.87
CA MET W 748 33.08 -3.18 23.84
C MET W 748 32.44 -4.48 24.32
N ASN W 749 32.69 -4.85 25.56
CA ASN W 749 32.23 -6.12 26.12
C ASN W 749 31.35 -5.87 27.34
N GLY W 750 30.28 -6.62 27.46
CA GLY W 750 29.42 -6.55 28.62
C GLY W 750 27.96 -6.70 28.23
N ASN W 751 27.12 -6.68 29.25
CA ASN W 751 25.68 -6.73 29.04
C ASN W 751 25.18 -5.40 28.49
N ALA W 752 24.03 -5.45 27.82
CA ALA W 752 23.49 -4.28 27.14
C ALA W 752 22.73 -3.33 28.05
N LEU W 753 22.44 -3.74 29.30
CA LEU W 753 21.70 -2.91 30.22
C LEU W 753 22.57 -2.34 31.34
N THR W 754 23.89 -2.42 31.17
CA THR W 754 24.80 -1.92 32.20
C THR W 754 25.95 -1.07 31.68
N THR W 755 26.34 -1.18 30.42
CA THR W 755 27.47 -0.43 29.89
C THR W 755 27.03 0.93 29.36
N SER W 756 28.01 1.79 29.15
CA SER W 756 27.77 3.14 28.63
C SER W 756 29.01 3.64 27.91
N LEU W 757 28.82 4.63 27.06
CA LEU W 757 29.89 5.19 26.25
C LEU W 757 29.84 6.72 26.32
N THR W 758 31.02 7.34 26.22
CA THR W 758 31.13 8.79 26.37
C THR W 758 32.27 9.31 25.50
N LEU W 759 32.14 10.56 25.08
CA LEU W 759 33.17 11.26 24.32
C LEU W 759 33.55 12.55 25.01
N GLU W 760 34.85 12.85 25.07
CA GLU W 760 35.34 14.08 25.65
C GLU W 760 36.47 14.63 24.80
N SER W 761 36.65 15.95 24.85
CA SER W 761 37.72 16.63 24.14
C SER W 761 37.95 18.03 24.69
N ASN W 762 39.15 18.30 25.21
CA ASN W 762 39.52 19.64 25.65
C ASN W 762 40.86 20.06 25.04
N TYR W 763 41.07 19.74 23.78
CA TYR W 763 42.25 20.13 23.02
C TYR W 763 41.90 21.22 22.03
N PRO W 764 42.86 22.07 21.67
CA PRO W 764 42.60 23.12 20.66
C PRO W 764 42.65 22.57 19.23
N THR W 765 41.61 21.82 18.85
CA THR W 765 41.56 21.19 17.55
C THR W 765 40.12 20.84 17.21
N PRO W 766 39.68 21.06 15.98
CA PRO W 766 38.27 20.79 15.64
C PRO W 766 37.94 19.29 15.66
N VAL W 767 36.64 19.01 15.72
CA VAL W 767 36.11 17.66 15.83
C VAL W 767 34.86 17.55 14.97
N SER W 768 34.68 16.40 14.31
CA SER W 768 33.47 16.13 13.55
C SER W 768 33.22 14.63 13.51
N ILE W 769 31.96 14.23 13.70
CA ILE W 769 31.55 12.83 13.74
C ILE W 769 30.38 12.63 12.79
N VAL W 770 30.35 11.48 12.12
CA VAL W 770 29.34 11.18 11.11
C VAL W 770 28.39 10.07 11.55
N GLY W 771 28.92 8.87 11.78
CA GLY W 771 28.08 7.71 12.06
C GLY W 771 28.72 6.77 13.07
N CYS W 772 28.00 5.68 13.35
CA CYS W 772 28.43 4.70 14.33
C CYS W 772 27.64 3.41 14.15
N GLY W 773 28.05 2.37 14.85
CA GLY W 773 27.38 1.08 14.78
C GLY W 773 27.89 0.15 15.84
N TRP W 774 27.34 -1.07 15.85
CA TRP W 774 27.73 -2.07 16.84
C TRP W 774 27.38 -3.46 16.34
N GLU W 775 27.95 -4.46 17.00
CA GLU W 775 27.67 -5.87 16.74
C GLU W 775 27.46 -6.59 18.06
N ALA W 776 26.67 -7.67 18.03
CA ALA W 776 26.29 -8.34 19.26
C ALA W 776 25.86 -9.77 18.94
N SER W 777 25.54 -10.52 19.99
CA SER W 777 25.02 -11.88 19.90
C SER W 777 23.73 -12.00 20.68
N TYR W 778 22.76 -12.71 20.12
CA TYR W 778 21.40 -12.72 20.63
C TYR W 778 20.97 -14.15 20.97
N ALA W 779 20.03 -14.26 21.91
CA ALA W 779 19.53 -15.55 22.35
C ALA W 779 18.12 -15.38 22.91
N LYS W 780 17.21 -16.25 22.51
CA LYS W 780 15.81 -16.18 22.91
C LYS W 780 15.31 -17.56 23.34
N LYS W 781 14.23 -17.56 24.11
CA LYS W 781 13.64 -18.79 24.62
C LYS W 781 12.20 -19.00 24.18
N ALA W 782 11.60 -18.04 23.48
CA ALA W 782 10.19 -18.17 23.11
C ALA W 782 9.93 -17.36 21.86
N ARG W 783 9.24 -17.98 20.90
CA ARG W 783 8.84 -17.29 19.69
C ARG W 783 7.84 -16.19 20.00
N SER W 784 8.01 -15.04 19.34
CA SER W 784 7.11 -13.91 19.55
C SER W 784 5.82 -14.15 18.78
N VAL W 785 4.96 -13.12 18.74
CA VAL W 785 3.67 -13.19 18.07
C VAL W 785 2.82 -14.34 18.61
N PRO X 2 -8.40 -32.03 6.58
CA PRO X 2 -8.49 -31.56 7.96
C PRO X 2 -9.72 -30.70 8.21
N LEU X 3 -9.68 -29.89 9.26
CA LEU X 3 -10.81 -29.07 9.66
C LEU X 3 -10.49 -27.59 9.49
N ILE X 4 -11.46 -26.83 9.00
CA ILE X 4 -11.35 -25.38 8.89
C ILE X 4 -12.43 -24.76 9.78
N THR X 5 -12.25 -23.48 10.08
CA THR X 5 -13.16 -22.80 10.99
C THR X 5 -13.19 -21.31 10.67
N GLN X 6 -14.20 -20.64 11.20
CA GLN X 6 -14.38 -19.20 11.03
C GLN X 6 -15.28 -18.71 12.16
N SER X 7 -15.26 -17.40 12.39
CA SER X 7 -16.00 -16.81 13.49
C SER X 7 -16.59 -15.49 13.05
N ILE X 8 -17.60 -15.04 13.80
CA ILE X 8 -18.28 -13.78 13.56
C ILE X 8 -18.13 -12.92 14.82
N LYS X 9 -17.67 -11.69 14.64
CA LYS X 9 -17.33 -10.86 15.80
C LYS X 9 -18.57 -10.25 16.44
N ASN X 10 -19.45 -9.65 15.64
CA ASN X 10 -20.61 -8.96 16.18
C ASN X 10 -21.78 -9.08 15.22
N LEU X 11 -22.99 -9.04 15.77
CA LEU X 11 -24.23 -9.10 15.00
C LEU X 11 -24.93 -7.76 15.14
N LYS X 12 -24.66 -6.85 14.21
CA LYS X 12 -25.25 -5.51 14.27
C LYS X 12 -26.07 -5.17 13.04
N GLY X 13 -25.84 -5.82 11.91
CA GLY X 13 -26.67 -5.59 10.75
C GLY X 13 -28.06 -6.15 10.91
N GLY X 14 -28.97 -5.68 10.08
CA GLY X 14 -30.35 -6.13 10.08
C GLY X 14 -30.57 -7.26 9.10
N ILE X 15 -31.80 -7.34 8.58
CA ILE X 15 -32.14 -8.35 7.59
C ILE X 15 -31.71 -7.87 6.21
N SER X 16 -31.74 -8.78 5.24
CA SER X 16 -31.42 -8.43 3.86
C SER X 16 -32.20 -9.35 2.93
N GLN X 17 -32.50 -8.86 1.73
CA GLN X 17 -33.28 -9.63 0.75
C GLN X 17 -32.51 -9.85 -0.55
N GLN X 18 -31.21 -9.66 -0.53
CA GLN X 18 -30.35 -9.93 -1.68
C GLN X 18 -29.97 -11.39 -1.72
N PRO X 19 -29.51 -11.89 -2.87
CA PRO X 19 -29.06 -13.29 -2.95
C PRO X 19 -27.91 -13.55 -1.99
N ASP X 20 -27.86 -14.79 -1.48
CA ASP X 20 -26.97 -15.11 -0.37
C ASP X 20 -25.50 -14.96 -0.74
N ILE X 21 -25.15 -15.08 -2.02
CA ILE X 21 -23.76 -14.95 -2.44
C ILE X 21 -23.21 -13.56 -2.19
N LEU X 22 -24.05 -12.53 -2.18
CA LEU X 22 -23.60 -11.16 -2.09
C LEU X 22 -23.72 -10.53 -0.70
N ARG X 23 -24.32 -11.22 0.26
CA ARG X 23 -24.53 -10.63 1.58
C ARG X 23 -23.21 -10.46 2.33
N PHE X 24 -23.26 -9.66 3.38
CA PHE X 24 -22.14 -9.50 4.30
C PHE X 24 -22.21 -10.62 5.34
N SER X 25 -21.34 -10.56 6.34
CA SER X 25 -21.33 -11.54 7.42
C SER X 25 -22.12 -11.10 8.65
N ASP X 26 -22.73 -9.91 8.60
CA ASP X 26 -23.45 -9.36 9.74
C ASP X 26 -24.96 -9.31 9.50
N GLN X 27 -25.43 -9.77 8.35
CA GLN X 27 -26.82 -9.61 7.96
C GLN X 27 -27.52 -10.97 7.97
N GLY X 28 -28.64 -11.04 8.67
CA GLY X 28 -29.38 -12.28 8.80
C GLY X 28 -30.51 -12.42 7.79
N GLU X 29 -31.58 -13.10 8.18
CA GLU X 29 -32.72 -13.32 7.30
C GLU X 29 -34.02 -12.75 7.83
N SER X 30 -34.30 -12.84 9.12
CA SER X 30 -35.47 -12.21 9.71
C SER X 30 -35.14 -11.84 11.14
N GLN X 31 -35.87 -10.86 11.68
CA GLN X 31 -35.58 -10.35 13.02
C GLN X 31 -36.87 -9.72 13.56
N VAL X 32 -37.47 -10.37 14.56
CA VAL X 32 -38.71 -9.92 15.16
C VAL X 32 -38.50 -9.70 16.65
N ASN X 33 -38.91 -8.53 17.13
CA ASN X 33 -38.84 -8.18 18.55
C ASN X 33 -37.41 -8.30 19.07
N CYS X 34 -36.52 -7.51 18.49
CA CYS X 34 -35.12 -7.47 18.89
C CYS X 34 -34.64 -6.04 18.92
N TRP X 35 -33.63 -5.79 19.75
CA TRP X 35 -33.04 -4.47 19.90
C TRP X 35 -31.53 -4.60 19.69
N SER X 36 -31.00 -3.88 18.70
CA SER X 36 -29.58 -3.99 18.34
C SER X 36 -28.82 -2.86 19.00
N SER X 37 -28.44 -3.08 20.26
CA SER X 37 -27.66 -2.09 20.98
C SER X 37 -26.26 -2.01 20.40
N GLU X 38 -25.46 -1.08 20.94
CA GLU X 38 -24.12 -0.83 20.44
C GLU X 38 -23.02 -1.41 21.32
N SER X 39 -23.37 -1.95 22.50
CA SER X 39 -22.32 -2.49 23.37
C SER X 39 -22.72 -3.80 24.04
N ASP X 40 -23.90 -4.35 23.75
CA ASP X 40 -24.34 -5.56 24.43
C ASP X 40 -24.89 -6.60 23.45
N GLY X 41 -24.81 -6.31 22.16
CA GLY X 41 -25.34 -7.24 21.18
C GLY X 41 -26.86 -7.28 21.19
N LEU X 42 -27.39 -8.38 20.65
CA LEU X 42 -28.84 -8.54 20.58
C LEU X 42 -29.44 -8.67 21.98
N GLN X 43 -30.66 -8.15 22.12
CA GLN X 43 -31.40 -8.20 23.37
C GLN X 43 -32.87 -8.42 23.06
N LYS X 44 -33.70 -8.32 24.09
CA LYS X 44 -35.15 -8.36 23.94
C LYS X 44 -35.73 -6.99 24.25
N ARG X 45 -36.76 -6.61 23.50
CA ARG X 45 -37.32 -5.27 23.64
C ARG X 45 -37.99 -5.12 25.00
N PRO X 46 -37.95 -3.92 25.58
CA PRO X 46 -38.52 -3.71 26.92
C PRO X 46 -40.04 -3.85 26.91
N PRO X 47 -40.64 -4.10 28.06
CA PRO X 47 -42.10 -4.28 28.12
C PRO X 47 -42.83 -2.94 28.12
N THR X 48 -44.15 -3.04 28.26
CA THR X 48 -45.05 -1.87 28.27
C THR X 48 -45.88 -1.89 29.54
N VAL X 49 -46.10 -0.72 30.12
CA VAL X 49 -46.87 -0.57 31.35
C VAL X 49 -48.23 0.03 31.02
N PHE X 50 -49.22 -0.29 31.85
CA PHE X 50 -50.59 0.14 31.64
C PHE X 50 -50.89 1.40 32.43
N LYS X 51 -51.63 2.33 31.80
CA LYS X 51 -51.92 3.61 32.44
C LYS X 51 -53.42 3.80 32.71
N ARG X 52 -54.24 3.75 31.67
CA ARG X 52 -55.67 4.00 31.83
C ARG X 52 -56.38 3.65 30.53
N ARG X 53 -57.71 3.62 30.60
CA ARG X 53 -58.58 3.34 29.45
C ARG X 53 -59.36 4.60 29.13
N LEU X 54 -59.31 5.03 27.87
CA LEU X 54 -59.94 6.28 27.46
C LEU X 54 -61.39 6.06 27.06
N ASN X 55 -62.14 7.17 27.01
CA ASN X 55 -63.55 7.16 26.64
C ASN X 55 -63.82 8.00 25.40
N ILE X 56 -62.80 8.30 24.61
CA ILE X 56 -63.00 9.12 23.42
C ILE X 56 -63.76 8.33 22.37
N ASP X 57 -64.25 9.05 21.36
CA ASP X 57 -65.05 8.48 20.28
C ASP X 57 -64.27 8.61 18.98
N VAL X 58 -63.95 7.48 18.37
CA VAL X 58 -63.21 7.42 17.11
C VAL X 58 -63.98 6.55 16.13
N GLU X 59 -64.10 7.01 14.87
CA GLU X 59 -64.90 6.31 13.89
C GLU X 59 -63.98 5.67 12.86
N SER X 60 -63.14 6.44 12.17
CA SER X 60 -62.28 5.90 11.13
C SER X 60 -61.20 6.91 10.78
N ASN X 61 -59.94 6.48 10.84
CA ASN X 61 -58.78 7.25 10.44
C ASN X 61 -58.71 8.62 11.11
N PRO X 62 -58.61 8.70 12.44
CA PRO X 62 -58.43 9.99 13.08
C PRO X 62 -57.00 10.48 12.93
N LYS X 63 -56.76 11.71 13.37
CA LYS X 63 -55.45 12.33 13.33
C LYS X 63 -55.03 12.72 14.74
N PHE X 64 -53.79 12.38 15.10
CA PHE X 64 -53.22 12.70 16.40
C PHE X 64 -52.04 13.64 16.23
N HIS X 65 -51.88 14.56 17.18
CA HIS X 65 -50.79 15.54 17.13
C HIS X 65 -50.28 15.76 18.54
N LEU X 66 -48.95 15.88 18.67
CA LEU X 66 -48.31 16.05 19.96
C LEU X 66 -47.81 17.47 20.14
N ILE X 67 -48.04 18.03 21.32
CA ILE X 67 -47.63 19.39 21.65
C ILE X 67 -46.76 19.32 22.90
N ASN X 68 -45.54 19.83 22.81
CA ASN X 68 -44.59 19.86 23.92
C ASN X 68 -44.21 21.31 24.19
N ARG X 69 -44.82 21.90 25.21
CA ARG X 69 -44.52 23.28 25.57
C ARG X 69 -43.55 23.33 26.75
N ASP X 70 -43.93 22.70 27.86
CA ASP X 70 -43.07 22.63 29.03
C ASP X 70 -43.35 21.32 29.76
N GLU X 71 -42.59 21.02 30.81
CA GLU X 71 -42.74 19.78 31.53
C GLU X 71 -43.98 19.73 32.43
N HIS X 72 -44.87 20.74 32.31
CA HIS X 72 -46.21 20.65 32.85
C HIS X 72 -47.29 20.74 31.78
N GLU X 73 -46.93 20.90 30.52
CA GLU X 73 -47.88 21.11 29.44
C GLU X 73 -47.58 20.13 28.31
N GLN X 74 -48.30 19.00 28.30
CA GLN X 74 -48.13 17.97 27.29
C GLN X 74 -49.46 17.25 27.10
N TYR X 75 -49.88 17.11 25.84
CA TYR X 75 -51.18 16.51 25.55
C TYR X 75 -51.27 16.16 24.07
N TYR X 76 -52.34 15.47 23.71
CA TYR X 76 -52.70 15.17 22.32
C TYR X 76 -53.88 16.00 21.87
N ILE X 77 -54.03 16.12 20.55
CA ILE X 77 -55.19 16.73 19.92
C ILE X 77 -55.76 15.74 18.93
N VAL X 78 -57.08 15.53 18.98
CA VAL X 78 -57.75 14.51 18.19
C VAL X 78 -58.75 15.19 17.24
N PHE X 79 -58.66 14.85 15.96
CA PHE X 79 -59.58 15.35 14.94
C PHE X 79 -60.32 14.16 14.34
N ASN X 80 -61.43 13.76 14.96
CA ASN X 80 -62.18 12.61 14.46
C ASN X 80 -62.88 12.93 13.14
N GLY X 81 -63.21 14.20 12.91
CA GLY X 81 -63.84 14.59 11.66
C GLY X 81 -65.00 15.55 11.83
N SER X 82 -65.60 15.57 13.01
CA SER X 82 -66.72 16.47 13.26
C SER X 82 -66.67 17.06 14.67
N ASN X 83 -65.53 16.99 15.33
CA ASN X 83 -65.40 17.45 16.71
C ASN X 83 -63.92 17.59 17.04
N ILE X 84 -63.64 18.14 18.21
CA ILE X 84 -62.27 18.30 18.72
C ILE X 84 -62.22 17.83 20.16
N GLN X 85 -61.25 16.98 20.48
CA GLN X 85 -61.07 16.46 21.83
C GLN X 85 -59.60 16.50 22.21
N VAL X 86 -59.34 16.71 23.50
CA VAL X 86 -57.98 16.86 24.02
C VAL X 86 -57.79 15.87 25.15
N VAL X 87 -56.70 15.10 25.10
CA VAL X 87 -56.38 14.09 26.10
C VAL X 87 -54.98 14.33 26.62
N ASP X 88 -54.83 14.29 27.94
CA ASP X 88 -53.53 14.41 28.59
C ASP X 88 -52.71 13.13 28.36
N LEU X 89 -51.49 13.12 28.88
CA LEU X 89 -50.62 11.94 28.78
C LEU X 89 -50.72 11.04 30.01
N SER X 90 -51.71 11.26 30.87
CA SER X 90 -51.93 10.39 32.01
C SER X 90 -53.36 9.87 32.09
N GLY X 91 -54.21 10.15 31.10
CA GLY X 91 -55.55 9.61 31.03
C GLY X 91 -56.64 10.66 31.17
N ASN X 92 -56.35 11.77 31.86
CA ASN X 92 -57.36 12.78 32.12
C ASN X 92 -57.79 13.46 30.83
N GLN X 93 -59.05 13.90 30.79
CA GLN X 93 -59.64 14.52 29.62
C GLN X 93 -60.17 15.90 29.98
N TYR X 94 -60.08 16.83 29.03
CA TYR X 94 -60.56 18.20 29.19
C TYR X 94 -61.66 18.48 28.17
N SER X 95 -62.22 19.68 28.24
CA SER X 95 -63.37 20.07 27.43
C SER X 95 -63.04 21.27 26.56
N VAL X 96 -63.66 21.30 25.39
CA VAL X 96 -63.46 22.38 24.42
C VAL X 96 -64.81 23.00 24.11
N SER X 97 -64.86 24.34 24.14
CA SER X 97 -66.10 25.08 23.90
C SER X 97 -65.91 26.03 22.73
N GLY X 98 -66.90 26.09 21.86
CA GLY X 98 -66.83 26.94 20.70
C GLY X 98 -67.72 26.43 19.59
N ALA X 99 -67.49 26.95 18.38
CA ALA X 99 -68.23 26.56 17.20
C ALA X 99 -67.32 25.78 16.26
N VAL X 100 -67.84 24.65 15.75
CA VAL X 100 -67.03 23.77 14.91
C VAL X 100 -67.71 23.51 13.58
N GLU X 101 -67.38 24.34 12.59
CA GLU X 101 -67.75 24.10 11.20
C GLU X 101 -66.57 24.21 10.26
N TYR X 102 -65.45 24.78 10.70
CA TYR X 102 -64.26 24.92 9.88
C TYR X 102 -63.45 23.64 9.81
N VAL X 103 -63.75 22.65 10.65
CA VAL X 103 -62.94 21.44 10.74
C VAL X 103 -63.76 20.21 10.36
N THR X 104 -64.72 20.39 9.46
CA THR X 104 -65.55 19.29 8.99
C THR X 104 -65.01 18.82 7.64
N SER X 105 -64.70 17.52 7.54
CA SER X 105 -64.13 16.97 6.34
C SER X 105 -64.41 15.46 6.30
N SER X 106 -63.88 14.80 5.28
CA SER X 106 -64.04 13.36 5.10
C SER X 106 -62.75 12.59 5.38
N ASN X 107 -61.59 13.17 5.04
CA ASN X 107 -60.30 12.56 5.32
C ASN X 107 -59.51 13.51 6.22
N PRO X 108 -59.62 13.38 7.54
CA PRO X 108 -58.99 14.37 8.43
C PRO X 108 -57.48 14.30 8.45
N ARG X 109 -56.88 13.45 7.61
CA ARG X 109 -55.43 13.32 7.57
C ARG X 109 -54.79 14.11 6.43
N ASP X 110 -55.54 14.46 5.39
CA ASP X 110 -54.99 15.20 4.26
C ASP X 110 -55.53 16.63 4.17
N ASP X 111 -56.25 17.08 5.19
CA ASP X 111 -56.91 18.39 5.13
C ASP X 111 -56.50 19.34 6.24
N ILE X 112 -55.98 18.85 7.37
CA ILE X 112 -55.77 19.67 8.56
C ILE X 112 -54.29 19.67 8.90
N ARG X 113 -53.75 20.87 9.15
CA ARG X 113 -52.39 21.06 9.61
C ARG X 113 -52.39 21.90 10.87
N VAL X 114 -51.37 21.73 11.70
CA VAL X 114 -51.22 22.48 12.94
C VAL X 114 -49.80 23.00 13.03
N VAL X 115 -49.66 24.31 13.26
CA VAL X 115 -48.37 24.96 13.44
C VAL X 115 -48.46 25.91 14.61
N THR X 116 -47.40 25.97 15.43
CA THR X 116 -47.34 26.81 16.62
C THR X 116 -46.22 27.83 16.46
N VAL X 117 -46.56 29.00 15.95
CA VAL X 117 -45.61 30.09 15.80
C VAL X 117 -46.00 31.22 16.77
N ALA X 118 -44.98 31.87 17.33
CA ALA X 118 -45.14 32.93 18.33
C ALA X 118 -45.88 32.32 19.52
N ASP X 119 -46.99 32.90 19.98
CA ASP X 119 -47.73 32.38 21.12
C ASP X 119 -49.15 31.97 20.72
N TYR X 120 -49.30 31.39 19.54
CA TYR X 120 -50.60 30.93 19.06
C TYR X 120 -50.46 29.57 18.41
N THR X 121 -51.58 28.85 18.36
CA THR X 121 -51.66 27.57 17.69
C THR X 121 -52.63 27.71 16.52
N PHE X 122 -52.11 27.62 15.30
CA PHE X 122 -52.89 27.87 14.10
C PHE X 122 -53.43 26.56 13.53
N VAL X 123 -54.69 26.58 13.11
CA VAL X 123 -55.34 25.45 12.47
C VAL X 123 -55.72 25.86 11.06
N VAL X 124 -55.32 25.05 10.08
CA VAL X 124 -55.51 25.37 8.67
C VAL X 124 -56.23 24.20 7.99
N ASN X 125 -57.29 24.51 7.26
CA ASN X 125 -58.04 23.52 6.49
C ASN X 125 -57.87 23.86 5.02
N ARG X 126 -57.08 23.06 4.30
CA ARG X 126 -56.76 23.34 2.90
C ARG X 126 -57.84 22.86 1.94
N LYS X 127 -59.11 23.21 2.19
CA LYS X 127 -60.19 22.92 1.26
C LYS X 127 -61.11 24.13 1.13
N VAL X 128 -61.08 25.02 2.12
CA VAL X 128 -61.92 26.21 2.10
C VAL X 128 -61.31 27.25 1.19
N VAL X 129 -62.15 27.96 0.45
CA VAL X 129 -61.73 29.01 -0.47
C VAL X 129 -61.99 30.36 0.20
N VAL X 130 -60.97 31.21 0.23
CA VAL X 130 -61.09 32.50 0.88
C VAL X 130 -61.98 33.43 0.06
N LYS X 131 -62.73 34.28 0.74
CA LYS X 131 -63.59 35.25 0.10
C LYS X 131 -63.44 36.61 0.78
N GLY X 132 -63.75 37.66 0.03
CA GLY X 132 -63.63 39.01 0.54
C GLY X 132 -64.78 39.39 1.45
N GLY X 133 -64.70 40.62 1.95
CA GLY X 133 -65.70 41.15 2.86
C GLY X 133 -66.90 41.72 2.14
N SER X 134 -67.72 42.44 2.89
CA SER X 134 -68.93 43.05 2.33
C SER X 134 -69.03 44.53 2.69
N GLU X 135 -68.39 44.93 3.78
CA GLU X 135 -68.46 46.31 4.22
C GLU X 135 -67.72 47.24 3.25
N LYS X 136 -68.27 48.43 3.07
CA LYS X 136 -67.70 49.44 2.19
C LYS X 136 -67.03 50.54 2.98
N SER X 137 -66.57 51.57 2.26
CA SER X 137 -65.95 52.75 2.85
C SER X 137 -67.02 53.69 3.38
N HIS X 138 -66.65 54.96 3.64
CA HIS X 138 -67.51 55.99 4.22
C HIS X 138 -68.93 55.87 3.68
N PRO X 139 -69.92 55.62 4.54
CA PRO X 139 -71.28 55.39 4.04
C PRO X 139 -71.99 56.69 3.68
N GLY X 140 -72.07 56.97 2.39
CA GLY X 140 -72.80 58.12 1.89
C GLY X 140 -71.90 59.30 1.61
N TYR X 141 -71.49 59.47 0.36
CA TYR X 141 -70.68 60.61 -0.03
C TYR X 141 -70.78 60.85 -1.52
N ASN X 142 -71.57 61.83 -1.93
CA ASN X 142 -71.74 62.11 -3.36
C ASN X 142 -70.67 63.12 -3.80
N ARG X 143 -69.71 62.67 -4.59
CA ARG X 143 -68.63 63.54 -5.04
C ARG X 143 -69.16 64.68 -5.90
N LYS X 144 -70.08 64.37 -6.82
CA LYS X 144 -70.60 65.35 -7.76
C LYS X 144 -71.81 66.07 -7.19
N ALA X 145 -71.62 66.65 -6.00
CA ALA X 145 -72.73 67.30 -5.31
C ALA X 145 -72.41 68.69 -4.76
N ARG X 146 -71.14 69.04 -4.55
CA ARG X 146 -70.81 70.31 -3.91
C ARG X 146 -69.59 70.93 -4.59
N ALA X 147 -69.45 72.24 -4.41
CA ALA X 147 -68.35 72.99 -5.01
C ALA X 147 -67.94 74.11 -4.06
N LEU X 148 -66.72 74.60 -4.24
CA LEU X 148 -66.17 75.66 -3.41
C LEU X 148 -65.54 76.74 -4.26
N ILE X 149 -65.62 77.98 -3.79
CA ILE X 149 -65.01 79.14 -4.44
C ILE X 149 -64.20 79.88 -3.40
N ASN X 150 -62.91 80.08 -3.68
CA ASN X 150 -62.04 80.75 -2.73
C ASN X 150 -62.20 82.26 -2.81
N LEU X 151 -62.01 82.93 -1.67
CA LEU X 151 -62.07 84.39 -1.59
C LEU X 151 -60.77 84.87 -0.95
N ARG X 152 -60.05 85.75 -1.63
CA ARG X 152 -58.74 86.21 -1.14
C ARG X 152 -58.43 87.56 -1.79
N GLY X 153 -58.47 88.62 -0.98
CA GLY X 153 -58.00 89.92 -1.39
C GLY X 153 -58.94 90.65 -2.34
N GLY X 154 -58.51 91.82 -2.76
CA GLY X 154 -59.27 92.63 -3.70
C GLY X 154 -58.43 93.79 -4.21
N GLN X 155 -58.87 94.33 -5.35
CA GLN X 155 -58.18 95.46 -5.97
C GLN X 155 -59.17 96.55 -6.37
N TYR X 156 -58.70 97.54 -7.12
CA TYR X 156 -59.53 98.63 -7.60
C TYR X 156 -59.69 98.54 -9.11
N GLY X 157 -60.90 98.84 -9.57
CA GLY X 157 -61.17 98.87 -11.00
C GLY X 157 -61.03 97.54 -11.70
N ARG X 158 -61.60 96.48 -11.12
CA ARG X 158 -61.54 95.13 -11.68
C ARG X 158 -62.95 94.60 -11.87
N THR X 159 -63.07 93.64 -12.77
CA THR X 159 -64.35 93.03 -13.10
C THR X 159 -64.23 91.52 -13.00
N LEU X 160 -65.27 90.89 -12.43
CA LEU X 160 -65.28 89.45 -12.19
C LEU X 160 -66.61 88.87 -12.64
N LYS X 161 -66.58 87.63 -13.14
CA LYS X 161 -67.76 86.94 -13.63
C LYS X 161 -67.71 85.48 -13.20
N VAL X 162 -68.89 84.89 -13.01
CA VAL X 162 -69.02 83.51 -12.55
C VAL X 162 -70.10 82.81 -13.36
N GLY X 163 -69.83 81.56 -13.76
CA GLY X 163 -70.79 80.77 -14.49
C GLY X 163 -70.73 79.32 -14.05
N ILE X 164 -71.88 78.64 -14.19
CA ILE X 164 -72.04 77.25 -13.78
C ILE X 164 -72.54 76.44 -14.96
N ASN X 165 -71.82 75.36 -15.27
CA ASN X 165 -72.21 74.41 -16.32
C ASN X 165 -72.46 75.12 -17.65
N GLY X 166 -71.61 76.10 -17.95
CA GLY X 166 -71.76 76.85 -19.19
C GLY X 166 -73.06 77.60 -19.30
N GLY X 167 -73.56 78.13 -18.19
CA GLY X 167 -74.78 78.90 -18.16
C GLY X 167 -74.52 80.38 -18.30
N VAL X 168 -75.47 81.18 -17.81
CA VAL X 168 -75.32 82.62 -17.84
C VAL X 168 -74.28 83.05 -16.81
N LYS X 169 -73.68 84.21 -17.04
CA LYS X 169 -72.62 84.73 -16.19
C LYS X 169 -73.05 86.05 -15.58
N VAL X 170 -72.92 86.18 -14.26
CA VAL X 170 -73.19 87.42 -13.57
C VAL X 170 -71.97 88.31 -13.66
N SER X 171 -72.13 89.60 -13.35
CA SER X 171 -71.03 90.54 -13.42
C SER X 171 -71.09 91.49 -12.24
N HIS X 172 -69.92 91.91 -11.75
CA HIS X 172 -69.82 92.84 -10.64
C HIS X 172 -68.63 93.75 -10.87
N LYS X 173 -68.79 95.02 -10.55
CA LYS X 173 -67.77 96.04 -10.81
C LYS X 173 -67.23 96.58 -9.49
N LEU X 174 -65.90 96.54 -9.34
CA LEU X 174 -65.25 97.13 -8.19
C LEU X 174 -65.14 98.64 -8.35
N PRO X 175 -65.28 99.39 -7.27
CA PRO X 175 -65.22 100.86 -7.36
C PRO X 175 -63.79 101.34 -7.57
N ALA X 176 -63.70 102.59 -8.00
CA ALA X 176 -62.40 103.25 -8.18
C ALA X 176 -61.95 103.85 -6.85
N GLY X 177 -60.91 104.68 -6.89
CA GLY X 177 -60.39 105.30 -5.69
C GLY X 177 -60.66 106.79 -5.60
N ASN X 178 -61.71 107.25 -6.31
CA ASN X 178 -62.01 108.68 -6.34
C ASN X 178 -62.42 109.20 -4.96
N ASP X 179 -63.21 108.43 -4.22
CA ASP X 179 -63.64 108.84 -2.88
C ASP X 179 -62.54 108.56 -1.87
N ALA X 180 -62.81 108.86 -0.60
CA ALA X 180 -61.82 108.62 0.44
C ALA X 180 -62.41 108.03 1.71
N GLU X 181 -63.71 107.74 1.76
CA GLU X 181 -64.29 107.15 2.96
C GLU X 181 -65.32 106.06 2.66
N ASN X 182 -65.54 105.70 1.40
CA ASN X 182 -66.45 104.64 1.02
C ASN X 182 -65.79 103.54 0.21
N ASP X 183 -64.77 103.89 -0.59
CA ASP X 183 -64.10 102.89 -1.41
C ASP X 183 -63.36 101.83 -0.60
N PRO X 184 -62.54 102.17 0.40
CA PRO X 184 -61.80 101.13 1.14
C PRO X 184 -62.70 100.08 1.78
N PRO X 185 -63.85 100.44 2.34
CA PRO X 185 -64.73 99.38 2.89
C PRO X 185 -65.27 98.42 1.86
N LYS X 186 -65.27 98.78 0.58
CA LYS X 186 -65.87 97.94 -0.46
C LYS X 186 -64.90 96.90 -1.02
N VAL X 187 -63.65 96.87 -0.57
CA VAL X 187 -62.67 95.92 -1.07
C VAL X 187 -62.55 94.69 -0.18
N ASP X 188 -63.24 94.67 0.95
CA ASP X 188 -63.17 93.53 1.86
C ASP X 188 -63.78 92.29 1.21
N ALA X 189 -63.20 91.13 1.52
CA ALA X 189 -63.62 89.88 0.89
C ALA X 189 -65.05 89.52 1.26
N GLN X 190 -65.44 89.76 2.52
CA GLN X 190 -66.75 89.33 2.99
C GLN X 190 -67.87 90.05 2.24
N ALA X 191 -67.69 91.35 1.99
CA ALA X 191 -68.69 92.10 1.23
C ALA X 191 -68.80 91.57 -0.19
N ILE X 192 -67.67 91.23 -0.80
CA ILE X 192 -67.67 90.66 -2.15
C ILE X 192 -68.43 89.34 -2.16
N GLY X 193 -68.20 88.50 -1.15
CA GLY X 193 -68.90 87.24 -1.07
C GLY X 193 -70.40 87.42 -0.89
N ALA X 194 -70.80 88.38 -0.06
CA ALA X 194 -72.22 88.65 0.13
C ALA X 194 -72.86 89.14 -1.17
N ALA X 195 -72.17 90.02 -1.89
CA ALA X 195 -72.69 90.50 -3.17
C ALA X 195 -72.81 89.36 -4.17
N MET X 196 -71.81 88.48 -4.20
CA MET X 196 -71.88 87.32 -5.09
C MET X 196 -73.06 86.42 -4.76
N ARG X 197 -73.29 86.17 -3.47
CA ARG X 197 -74.44 85.36 -3.08
C ARG X 197 -75.73 86.00 -3.52
N ASP X 198 -75.87 87.31 -3.29
CA ASP X 198 -77.10 88.01 -3.64
C ASP X 198 -77.34 87.97 -5.14
N LEU X 199 -76.30 88.16 -5.94
CA LEU X 199 -76.44 88.09 -7.39
C LEU X 199 -76.79 86.68 -7.84
N LEU X 200 -76.16 85.66 -7.24
CA LEU X 200 -76.31 84.30 -7.74
C LEU X 200 -77.66 83.70 -7.34
N VAL X 201 -78.26 84.20 -6.25
CA VAL X 201 -79.57 83.68 -5.84
C VAL X 201 -80.60 83.86 -6.94
N GLN X 202 -80.63 85.04 -7.55
CA GLN X 202 -81.64 85.33 -8.56
C GLN X 202 -81.36 84.60 -9.87
N ALA X 203 -80.08 84.42 -10.20
CA ALA X 203 -79.72 83.78 -11.45
C ALA X 203 -80.21 82.34 -11.51
N TYR X 204 -79.70 81.50 -10.62
CA TYR X 204 -80.09 80.09 -10.57
C TYR X 204 -81.03 79.86 -9.40
N PRO X 205 -82.31 79.56 -9.65
CA PRO X 205 -83.29 79.44 -8.57
C PRO X 205 -83.40 78.05 -7.95
N ASP X 206 -82.61 77.08 -8.40
CA ASP X 206 -82.70 75.71 -7.87
C ASP X 206 -81.59 75.37 -6.89
N PHE X 207 -80.39 75.94 -7.06
CA PHE X 207 -79.28 75.61 -6.20
C PHE X 207 -79.44 76.29 -4.84
N THR X 208 -78.54 75.94 -3.92
CA THR X 208 -78.50 76.52 -2.58
C THR X 208 -77.11 77.08 -2.32
N PHE X 209 -77.05 78.34 -1.91
CA PHE X 209 -75.79 79.02 -1.66
C PHE X 209 -75.66 79.37 -0.18
N ASP X 210 -74.44 79.25 0.34
CA ASP X 210 -74.16 79.57 1.72
C ASP X 210 -72.76 80.19 1.80
N LEU X 211 -72.58 81.04 2.81
CA LEU X 211 -71.33 81.75 3.01
C LEU X 211 -70.71 81.34 4.33
N GLY X 212 -69.41 81.10 4.31
CA GLY X 212 -68.69 80.69 5.50
C GLY X 212 -67.62 81.67 5.92
N SER X 213 -66.35 81.25 5.86
CA SER X 213 -65.20 82.09 6.23
C SER X 213 -64.13 81.90 5.16
N GLY X 214 -64.14 82.78 4.16
CA GLY X 214 -63.21 82.71 3.06
C GLY X 214 -63.61 81.78 1.94
N PHE X 215 -64.81 81.20 2.00
CA PHE X 215 -65.27 80.29 0.96
C PHE X 215 -66.78 80.46 0.79
N LEU X 216 -67.26 80.07 -0.38
CA LEU X 216 -68.69 80.09 -0.69
C LEU X 216 -69.10 78.68 -1.11
N LEU X 217 -70.18 78.18 -0.53
CA LEU X 217 -70.62 76.80 -0.74
C LEU X 217 -71.81 76.76 -1.68
N ILE X 218 -71.74 75.85 -2.66
CA ILE X 218 -72.80 75.66 -3.64
C ILE X 218 -73.32 74.24 -3.49
N THR X 219 -74.64 74.09 -3.32
CA THR X 219 -75.27 72.79 -3.14
C THR X 219 -76.15 72.48 -4.34
N ALA X 220 -75.91 71.33 -4.96
CA ALA X 220 -76.72 70.90 -6.09
C ALA X 220 -78.07 70.40 -5.62
N PRO X 221 -79.13 70.63 -6.40
CA PRO X 221 -80.46 70.17 -6.00
C PRO X 221 -80.77 68.75 -6.45
N SER X 222 -81.12 67.89 -5.49
CA SER X 222 -81.52 66.50 -5.75
C SER X 222 -80.62 65.79 -6.74
N GLY X 223 -81.21 65.26 -7.82
CA GLY X 223 -80.47 64.52 -8.81
C GLY X 223 -79.87 65.38 -9.91
N THR X 224 -78.85 66.17 -9.55
CA THR X 224 -78.15 67.00 -10.52
C THR X 224 -76.66 66.99 -10.18
N ASP X 225 -75.82 66.89 -11.20
CA ASP X 225 -74.38 66.77 -11.01
C ASP X 225 -73.69 68.01 -11.57
N ILE X 226 -72.82 68.61 -10.75
CA ILE X 226 -72.04 69.76 -11.17
C ILE X 226 -70.81 69.24 -11.92
N ASN X 227 -70.61 69.73 -13.15
CA ASN X 227 -69.53 69.23 -13.98
C ASN X 227 -68.40 70.22 -14.20
N SER X 228 -68.68 71.52 -14.23
CA SER X 228 -67.64 72.50 -14.49
C SER X 228 -68.08 73.86 -13.99
N VAL X 229 -67.10 74.67 -13.58
CA VAL X 229 -67.33 76.04 -13.12
C VAL X 229 -66.28 76.93 -13.77
N GLU X 230 -66.71 78.08 -14.25
CA GLU X 230 -65.82 79.03 -14.92
C GLU X 230 -65.89 80.39 -14.23
N THR X 231 -64.73 81.02 -14.09
CA THR X 231 -64.62 82.31 -13.41
C THR X 231 -63.72 83.23 -14.21
N GLU X 232 -63.88 84.53 -13.98
CA GLU X 232 -63.09 85.55 -14.67
C GLU X 232 -62.57 86.56 -13.67
N ASP X 233 -61.30 86.93 -13.80
CA ASP X 233 -60.70 87.98 -13.00
C ASP X 233 -59.45 88.49 -13.71
N GLY X 234 -59.22 89.79 -13.61
CA GLY X 234 -58.12 90.40 -14.33
C GLY X 234 -56.85 90.57 -13.49
N TYR X 235 -56.57 89.62 -12.61
CA TYR X 235 -55.39 89.72 -11.77
C TYR X 235 -54.72 88.34 -11.67
N ALA X 236 -54.65 87.64 -12.81
CA ALA X 236 -53.93 86.38 -12.91
C ALA X 236 -54.40 85.36 -11.88
N ASN X 237 -55.71 85.28 -11.69
CA ASN X 237 -56.34 84.29 -10.80
C ASN X 237 -55.76 84.36 -9.39
N GLN X 238 -55.61 85.58 -8.88
CA GLN X 238 -55.18 85.80 -7.50
C GLN X 238 -56.30 86.35 -6.63
N LEU X 239 -57.52 86.43 -7.15
CA LEU X 239 -58.66 86.93 -6.41
C LEU X 239 -59.71 85.86 -6.18
N ILE X 240 -60.19 85.21 -7.24
CA ILE X 240 -61.22 84.19 -7.16
C ILE X 240 -60.78 82.98 -7.98
N SER X 241 -60.76 81.81 -7.35
CA SER X 241 -60.36 80.58 -8.03
C SER X 241 -61.31 79.46 -7.62
N PRO X 242 -61.84 78.71 -8.58
CA PRO X 242 -62.73 77.59 -8.26
C PRO X 242 -61.99 76.27 -8.13
N VAL X 243 -62.54 75.42 -7.26
CA VAL X 243 -62.02 74.08 -7.04
C VAL X 243 -63.21 73.14 -6.83
N LEU X 244 -63.13 71.95 -7.42
CA LEU X 244 -64.25 71.02 -7.29
C LEU X 244 -63.87 69.78 -6.48
N ASP X 245 -62.91 69.00 -6.98
CA ASP X 245 -62.44 67.84 -6.23
C ASP X 245 -60.95 67.55 -6.43
N THR X 246 -60.22 68.38 -7.17
CA THR X 246 -58.86 68.03 -7.57
C THR X 246 -57.99 69.28 -7.58
N VAL X 247 -56.74 69.11 -7.15
CA VAL X 247 -55.73 70.15 -7.20
C VAL X 247 -54.44 69.54 -7.75
N GLN X 248 -53.46 70.39 -8.00
CA GLN X 248 -52.19 69.97 -8.57
C GLN X 248 -51.11 69.74 -7.52
N THR X 249 -50.90 70.71 -6.62
CA THR X 249 -49.86 70.61 -5.60
C THR X 249 -50.44 70.98 -4.25
N ILE X 250 -49.62 70.82 -3.20
CA ILE X 250 -50.07 71.10 -1.85
C ILE X 250 -50.32 72.58 -1.66
N SER X 251 -49.53 73.44 -2.29
CA SER X 251 -49.66 74.88 -2.08
C SER X 251 -50.98 75.43 -2.60
N LYS X 252 -51.73 74.66 -3.39
CA LYS X 252 -52.99 75.11 -3.97
C LYS X 252 -54.19 74.74 -3.11
N LEU X 253 -53.98 74.20 -1.92
CA LEU X 253 -55.10 73.80 -1.08
C LEU X 253 -55.88 75.04 -0.63
N PRO X 254 -57.19 74.91 -0.47
CA PRO X 254 -58.00 76.05 -0.02
C PRO X 254 -57.70 76.41 1.42
N LEU X 255 -58.00 77.67 1.78
CA LEU X 255 -57.73 78.15 3.12
C LEU X 255 -58.58 77.42 4.16
N ALA X 256 -59.86 77.22 3.88
CA ALA X 256 -60.76 76.58 4.81
C ALA X 256 -61.87 75.88 4.05
N ALA X 257 -62.53 74.94 4.72
CA ALA X 257 -63.58 74.14 4.11
C ALA X 257 -64.47 73.59 5.21
N PRO X 258 -65.70 73.20 4.87
CA PRO X 258 -66.54 72.54 5.88
C PRO X 258 -65.96 71.20 6.29
N ASN X 259 -66.29 70.80 7.52
CA ASN X 259 -65.72 69.58 8.09
C ASN X 259 -66.11 68.36 7.26
N GLY X 260 -65.14 67.48 7.01
CA GLY X 260 -65.39 66.26 6.30
C GLY X 260 -65.26 66.34 4.79
N TYR X 261 -64.60 67.37 4.26
CA TYR X 261 -64.47 67.50 2.83
C TYR X 261 -63.25 66.73 2.34
N ILE X 262 -63.32 66.25 1.11
CA ILE X 262 -62.31 65.35 0.56
C ILE X 262 -61.80 65.91 -0.77
N ILE X 263 -60.47 65.93 -0.93
CA ILE X 263 -59.82 66.40 -2.14
C ILE X 263 -58.79 65.38 -2.57
N LYS X 264 -58.47 65.36 -3.87
CA LYS X 264 -57.48 64.46 -4.44
C LYS X 264 -56.29 65.28 -4.93
N ILE X 265 -55.09 64.87 -4.55
CA ILE X 265 -53.86 65.56 -4.95
C ILE X 265 -53.17 64.73 -6.01
N GLN X 266 -53.26 65.17 -7.26
CA GLN X 266 -52.67 64.44 -8.38
C GLN X 266 -51.15 64.41 -8.28
N GLY X 267 -50.50 65.56 -8.36
CA GLY X 267 -49.06 65.62 -8.26
C GLY X 267 -48.45 66.31 -9.45
N GLU X 268 -47.13 66.49 -9.37
CA GLU X 268 -46.40 67.16 -10.43
C GLU X 268 -46.17 66.23 -11.61
N THR X 269 -46.10 66.82 -12.81
CA THR X 269 -45.93 66.04 -14.01
C THR X 269 -44.53 65.44 -14.10
N ASN X 270 -43.50 66.26 -13.88
CA ASN X 270 -42.13 65.79 -14.04
C ASN X 270 -41.75 64.75 -13.00
N SER X 271 -42.15 64.98 -11.75
CA SER X 271 -41.77 64.08 -10.67
C SER X 271 -42.56 62.77 -10.76
N SER X 272 -42.08 61.77 -10.04
CA SER X 272 -42.72 60.46 -9.97
C SER X 272 -43.29 60.27 -8.57
N ALA X 273 -44.61 60.07 -8.50
CA ALA X 273 -45.28 59.87 -7.23
C ALA X 273 -46.60 59.13 -7.44
N ASP X 274 -47.45 59.13 -6.43
CA ASP X 274 -48.74 58.45 -6.51
C ASP X 274 -49.84 59.46 -6.22
N GLU X 275 -51.08 58.98 -6.19
CA GLU X 275 -52.24 59.80 -5.88
C GLU X 275 -52.80 59.37 -4.53
N TYR X 276 -52.95 60.31 -3.62
CA TYR X 276 -53.52 60.07 -2.31
C TYR X 276 -54.65 61.05 -2.03
N TYR X 277 -55.42 60.75 -1.00
CA TYR X 277 -56.61 61.51 -0.66
C TYR X 277 -56.46 62.10 0.73
N VAL X 278 -56.97 63.31 0.92
CA VAL X 278 -56.82 64.05 2.17
C VAL X 278 -58.19 64.51 2.66
N MET X 279 -58.34 64.59 3.98
CA MET X 279 -59.58 65.02 4.61
C MET X 279 -59.28 66.12 5.62
N TYR X 280 -60.19 67.09 5.68
CA TYR X 280 -60.01 68.28 6.50
C TYR X 280 -60.69 68.11 7.86
N ASP X 281 -60.09 68.73 8.88
CA ASP X 281 -60.63 68.73 10.24
C ASP X 281 -60.89 70.17 10.65
N SER X 282 -62.10 70.43 11.15
CA SER X 282 -62.47 71.80 11.53
C SER X 282 -61.97 72.14 12.92
N ASN X 283 -61.96 71.17 13.84
CA ASN X 283 -61.60 71.47 15.22
C ASN X 283 -60.13 71.87 15.34
N THR X 284 -59.25 71.18 14.62
CA THR X 284 -57.82 71.44 14.71
C THR X 284 -57.25 72.22 13.53
N LYS X 285 -58.03 72.40 12.47
CA LYS X 285 -57.61 73.14 11.28
C LYS X 285 -56.33 72.55 10.69
N THR X 286 -56.38 71.25 10.41
CA THR X 286 -55.25 70.55 9.82
C THR X 286 -55.78 69.65 8.71
N TRP X 287 -54.88 68.88 8.10
CA TRP X 287 -55.22 67.92 7.07
C TRP X 287 -54.58 66.57 7.38
N LYS X 288 -55.24 65.50 6.95
CA LYS X 288 -54.77 64.15 7.24
C LYS X 288 -55.18 63.21 6.11
N GLU X 289 -54.36 62.20 5.89
CA GLU X 289 -54.59 61.21 4.85
C GLU X 289 -55.79 60.34 5.18
N THR X 290 -56.45 59.85 4.13
CA THR X 290 -57.67 59.05 4.29
C THR X 290 -57.78 58.08 3.12
N VAL X 291 -58.95 57.48 2.96
CA VAL X 291 -59.18 56.40 2.00
C VAL X 291 -60.26 56.83 1.02
N GLU X 292 -60.08 56.43 -0.24
CA GLU X 292 -61.02 56.78 -1.29
C GLU X 292 -62.39 56.20 -0.98
N PRO X 293 -63.47 56.98 -1.13
CA PRO X 293 -64.82 56.47 -0.80
C PRO X 293 -65.34 55.54 -1.89
N GLY X 294 -65.95 54.44 -1.47
CA GLY X 294 -66.55 53.49 -2.39
C GLY X 294 -65.69 52.27 -2.64
N VAL X 295 -64.95 51.83 -1.62
CA VAL X 295 -64.00 50.74 -1.75
C VAL X 295 -64.23 49.73 -0.63
N ILE X 296 -64.16 48.45 -0.99
CA ILE X 296 -64.32 47.37 -0.01
C ILE X 296 -63.04 47.24 0.81
N THR X 297 -63.21 47.18 2.14
CA THR X 297 -62.09 47.06 3.07
C THR X 297 -62.38 45.97 4.10
N GLY X 298 -61.61 44.90 4.04
CA GLY X 298 -61.70 43.86 5.04
C GLY X 298 -61.62 42.48 4.41
N PHE X 299 -61.66 41.48 5.28
CA PHE X 299 -61.71 40.08 4.91
C PHE X 299 -62.92 39.42 5.55
N ASP X 300 -63.36 38.32 4.95
CA ASP X 300 -64.38 37.49 5.58
C ASP X 300 -63.73 36.66 6.67
N VAL X 301 -64.05 36.97 7.93
CA VAL X 301 -63.29 36.42 9.06
C VAL X 301 -63.45 34.91 9.14
N THR X 302 -64.64 34.40 8.81
CA THR X 302 -64.93 32.99 8.98
C THR X 302 -64.38 32.11 7.87
N THR X 303 -63.45 32.62 7.06
CA THR X 303 -62.77 31.82 6.04
C THR X 303 -61.25 31.95 6.17
N MET X 304 -60.74 32.22 7.36
CA MET X 304 -59.33 32.38 7.62
C MET X 304 -58.91 31.51 8.81
N PRO X 305 -57.63 31.16 8.92
CA PRO X 305 -57.20 30.22 9.98
C PRO X 305 -57.61 30.66 11.38
N HIS X 306 -58.07 29.70 12.19
CA HIS X 306 -58.53 29.97 13.54
C HIS X 306 -57.36 29.79 14.51
N ALA X 307 -57.64 29.78 15.81
CA ALA X 307 -56.60 29.59 16.81
C ALA X 307 -57.20 28.89 18.02
N LEU X 308 -56.33 28.27 18.81
CA LEU X 308 -56.73 27.53 20.00
C LEU X 308 -55.95 28.05 21.19
N ILE X 309 -56.66 28.37 22.28
CA ILE X 309 -56.07 29.02 23.45
C ILE X 309 -56.58 28.34 24.71
N ARG X 310 -55.68 28.17 25.67
CA ARG X 310 -55.98 27.53 26.94
C ARG X 310 -56.15 28.58 28.03
N GLN X 311 -57.21 28.45 28.81
CA GLN X 311 -57.48 29.39 29.91
C GLN X 311 -56.84 28.89 31.20
N SER X 312 -57.15 29.55 32.31
CA SER X 312 -56.52 29.24 33.58
C SER X 312 -57.00 27.92 34.16
N ASP X 313 -58.31 27.69 34.14
CA ASP X 313 -58.85 26.49 34.79
C ASP X 313 -58.44 25.22 34.05
N GLY X 314 -58.12 25.33 32.77
CA GLY X 314 -57.70 24.20 31.96
C GLY X 314 -58.54 23.98 30.72
N SER X 315 -59.72 24.58 30.65
CA SER X 315 -60.58 24.40 29.48
C SER X 315 -60.01 25.13 28.28
N PHE X 316 -60.46 24.74 27.09
CA PHE X 316 -60.02 25.30 25.84
C PHE X 316 -61.18 25.99 25.12
N GLU X 317 -60.84 26.91 24.23
CA GLU X 317 -61.83 27.63 23.45
C GLU X 317 -61.34 27.78 22.02
N PHE X 318 -62.28 27.90 21.09
CA PHE X 318 -62.01 28.02 19.67
C PHE X 318 -62.54 29.37 19.18
N LYS X 319 -61.64 30.23 18.72
CA LYS X 319 -62.00 31.60 18.34
C LYS X 319 -61.40 31.92 16.98
N THR X 320 -61.63 33.15 16.53
CA THR X 320 -61.08 33.69 15.29
C THR X 320 -60.08 34.78 15.60
N LEU X 321 -59.53 35.38 14.54
CA LEU X 321 -58.49 36.39 14.65
C LEU X 321 -58.94 37.69 14.00
N ASP X 322 -58.45 38.80 14.55
CA ASP X 322 -58.79 40.13 14.06
C ASP X 322 -57.66 40.65 13.18
N TRP X 323 -57.91 40.76 11.88
CA TRP X 323 -56.91 41.26 10.94
C TRP X 323 -57.03 42.78 10.81
N SER X 324 -56.22 43.35 9.92
CA SER X 324 -56.17 44.78 9.72
C SER X 324 -57.07 45.20 8.56
N LYS X 325 -57.15 46.51 8.33
CA LYS X 325 -58.00 47.07 7.30
C LYS X 325 -57.24 48.10 6.48
N ARG X 326 -57.84 48.49 5.35
CA ARG X 326 -57.19 49.40 4.42
C ARG X 326 -57.08 50.81 5.00
N GLY X 327 -55.95 51.45 4.72
CA GLY X 327 -55.69 52.80 5.14
C GLY X 327 -55.04 53.64 4.06
N SER X 328 -55.43 53.40 2.81
CA SER X 328 -54.70 53.93 1.67
C SER X 328 -55.63 54.27 0.51
N GLY X 329 -55.09 54.40 -0.70
CA GLY X 329 -55.85 54.88 -1.83
C GLY X 329 -56.78 53.88 -2.45
N ASN X 330 -56.81 53.81 -3.78
CA ASN X 330 -57.81 53.05 -4.51
C ASN X 330 -57.28 51.66 -4.88
N ASP X 331 -58.04 50.95 -5.72
CA ASP X 331 -57.75 49.56 -6.08
C ASP X 331 -56.63 49.44 -7.10
N ASP X 332 -56.11 50.56 -7.63
CA ASP X 332 -55.03 50.51 -8.59
C ASP X 332 -53.67 50.81 -7.99
N THR X 333 -53.61 51.44 -6.82
CA THR X 333 -52.37 51.70 -6.13
C THR X 333 -52.13 50.76 -4.96
N ASN X 334 -53.19 50.26 -4.33
CA ASN X 334 -53.10 49.32 -3.22
C ASN X 334 -54.01 48.13 -3.52
N PRO X 335 -53.59 47.22 -4.40
CA PRO X 335 -54.45 46.11 -4.78
C PRO X 335 -54.54 45.05 -3.68
N MET X 336 -55.56 44.21 -3.80
CA MET X 336 -55.74 43.12 -2.86
C MET X 336 -54.64 42.08 -3.03
N PRO X 337 -54.30 41.35 -1.98
CA PRO X 337 -53.24 40.34 -2.07
C PRO X 337 -53.63 39.21 -3.02
N SER X 338 -52.67 38.31 -3.24
CA SER X 338 -52.86 37.26 -4.24
C SER X 338 -53.78 36.16 -3.74
N PHE X 339 -53.80 35.87 -2.44
CA PHE X 339 -54.52 34.74 -1.91
C PHE X 339 -55.99 35.02 -1.66
N VAL X 340 -56.55 36.07 -2.27
CA VAL X 340 -57.94 36.44 -2.00
C VAL X 340 -58.89 35.32 -2.41
N ASP X 341 -58.68 34.74 -3.59
CA ASP X 341 -59.50 33.62 -4.06
C ASP X 341 -58.59 32.42 -4.35
N ALA X 342 -58.29 31.66 -3.30
CA ALA X 342 -57.41 30.50 -3.40
C ALA X 342 -57.46 29.70 -2.12
N THR X 343 -56.57 28.73 -1.98
CA THR X 343 -56.44 27.94 -0.75
C THR X 343 -55.04 28.12 -0.18
N ILE X 344 -54.95 28.06 1.14
CA ILE X 344 -53.69 28.19 1.86
C ILE X 344 -53.17 26.80 2.20
N ASN X 345 -51.84 26.63 2.17
CA ASN X 345 -51.24 25.33 2.36
C ASN X 345 -50.37 25.20 3.60
N ASP X 346 -49.71 26.27 4.03
CA ASP X 346 -48.77 26.17 5.16
C ASP X 346 -48.56 27.54 5.77
N VAL X 347 -47.95 27.56 6.95
CA VAL X 347 -47.61 28.77 7.68
C VAL X 347 -46.19 28.64 8.20
N PHE X 348 -45.42 29.70 8.12
CA PHE X 348 -44.03 29.67 8.57
C PHE X 348 -43.63 31.04 9.10
N PHE X 349 -42.41 31.10 9.65
CA PHE X 349 -41.87 32.29 10.27
C PHE X 349 -40.45 32.53 9.77
N TYR X 350 -40.12 33.79 9.50
CA TYR X 350 -38.81 34.12 8.97
C TYR X 350 -38.57 35.61 9.07
N ARG X 351 -37.41 35.99 9.61
CA ARG X 351 -36.95 37.37 9.65
C ARG X 351 -37.99 38.30 10.30
N ASN X 352 -38.54 37.84 11.42
CA ASN X 352 -39.52 38.63 12.19
C ASN X 352 -40.72 38.99 11.33
N ARG X 353 -41.14 38.05 10.47
CA ARG X 353 -42.29 38.26 9.60
C ARG X 353 -43.06 36.95 9.49
N LEU X 354 -44.38 37.06 9.49
CA LEU X 354 -45.23 35.90 9.24
C LEU X 354 -45.35 35.66 7.73
N GLY X 355 -45.80 34.46 7.37
CA GLY X 355 -45.88 34.11 5.96
C GLY X 355 -46.92 33.04 5.71
N PHE X 356 -47.42 33.02 4.47
CA PHE X 356 -48.35 32.01 4.01
C PHE X 356 -47.89 31.47 2.66
N LEU X 357 -48.42 30.31 2.29
CA LEU X 357 -48.17 29.70 1.00
C LEU X 357 -49.48 29.44 0.29
N SER X 358 -49.51 29.72 -1.01
CA SER X 358 -50.70 29.50 -1.82
C SER X 358 -50.33 29.55 -3.28
N GLY X 359 -50.80 28.56 -4.04
CA GLY X 359 -50.50 28.48 -5.46
C GLY X 359 -49.00 28.46 -5.72
N GLU X 360 -48.52 29.43 -6.50
CA GLU X 360 -47.09 29.60 -6.75
C GLU X 360 -46.60 30.94 -6.23
N ASN X 361 -47.23 31.44 -5.17
CA ASN X 361 -46.95 32.77 -4.64
C ASN X 361 -46.53 32.67 -3.18
N VAL X 362 -45.59 33.53 -2.79
CA VAL X 362 -45.12 33.64 -1.42
C VAL X 362 -45.55 34.99 -0.89
N ILE X 363 -46.24 35.00 0.26
CA ILE X 363 -46.83 36.20 0.82
C ILE X 363 -46.31 36.36 2.24
N MET X 364 -45.81 37.56 2.54
CA MET X 364 -45.27 37.87 3.86
C MET X 364 -45.82 39.20 4.34
N SER X 365 -45.95 39.34 5.65
CA SER X 365 -46.56 40.51 6.27
C SER X 365 -45.51 41.59 6.49
N ARG X 366 -45.89 42.65 7.21
CA ARG X 366 -44.99 43.75 7.52
C ARG X 366 -44.09 43.37 8.69
N SER X 367 -43.02 44.14 8.86
CA SER X 367 -42.12 43.92 9.98
C SER X 367 -42.81 44.22 11.30
N ALA X 368 -42.36 43.56 12.36
CA ALA X 368 -42.85 43.76 13.72
C ALA X 368 -44.32 43.37 13.84
N SER X 369 -45.20 44.09 13.14
CA SER X 369 -46.63 43.80 13.18
C SER X 369 -46.92 42.55 12.36
N TYR X 370 -47.68 41.61 12.94
CA TYR X 370 -47.91 40.33 12.28
C TYR X 370 -49.24 40.33 11.53
N PHE X 371 -50.31 40.80 12.17
CA PHE X 371 -51.64 40.78 11.56
C PHE X 371 -51.87 42.06 10.76
N ALA X 372 -51.07 42.20 9.71
CA ALA X 372 -51.17 43.38 8.85
C ALA X 372 -50.56 43.05 7.49
N PHE X 373 -51.37 43.11 6.44
CA PHE X 373 -50.90 42.83 5.09
C PHE X 373 -51.11 44.00 4.15
N PHE X 374 -51.27 45.21 4.69
CA PHE X 374 -51.47 46.40 3.89
C PHE X 374 -50.47 47.49 4.27
N PRO X 375 -49.91 48.19 3.29
CA PRO X 375 -48.94 49.25 3.61
C PRO X 375 -49.58 50.40 4.36
N LYS X 376 -48.75 51.10 5.14
CA LYS X 376 -49.24 52.21 5.95
C LYS X 376 -49.71 53.38 5.09
N SER X 377 -48.89 53.80 4.13
CA SER X 377 -49.20 54.95 3.31
C SER X 377 -48.69 54.72 1.90
N VAL X 378 -49.36 55.35 0.92
CA VAL X 378 -48.96 55.26 -0.47
C VAL X 378 -48.04 56.39 -0.89
N ALA X 379 -48.10 57.54 -0.21
CA ALA X 379 -47.34 58.71 -0.64
C ALA X 379 -45.84 58.46 -0.60
N THR X 380 -45.35 57.84 0.48
CA THR X 380 -43.94 57.60 0.68
C THR X 380 -43.66 56.11 0.78
N LEU X 381 -42.65 55.65 0.05
CA LEU X 381 -42.20 54.27 0.15
C LEU X 381 -41.41 54.05 1.43
N SER X 382 -41.39 52.81 1.88
CA SER X 382 -40.68 52.43 3.10
C SER X 382 -40.04 51.06 2.89
N ASP X 383 -39.35 50.59 3.92
CA ASP X 383 -38.69 49.28 3.89
C ASP X 383 -39.34 48.30 4.86
N ALA X 384 -40.58 48.56 5.26
CA ALA X 384 -41.35 47.68 6.13
C ALA X 384 -42.70 47.38 5.52
N ASP X 385 -42.70 47.06 4.24
CA ASP X 385 -43.90 46.81 3.48
C ASP X 385 -44.04 45.33 3.15
N PRO X 386 -45.26 44.83 2.98
CA PRO X 386 -45.45 43.41 2.67
C PRO X 386 -44.82 43.05 1.32
N ILE X 387 -44.40 41.80 1.22
CA ILE X 387 -43.72 41.28 0.03
C ILE X 387 -44.63 40.27 -0.65
N ASP X 388 -44.62 40.28 -1.99
CA ASP X 388 -45.42 39.34 -2.77
C ASP X 388 -44.68 39.06 -4.06
N VAL X 389 -44.30 37.81 -4.29
CA VAL X 389 -43.58 37.41 -5.49
C VAL X 389 -44.21 36.16 -6.08
N ALA X 390 -43.62 35.63 -7.14
CA ALA X 390 -44.13 34.42 -7.77
C ALA X 390 -42.95 33.62 -8.31
N VAL X 391 -43.16 32.32 -8.48
CA VAL X 391 -42.14 31.40 -8.97
C VAL X 391 -42.81 30.40 -9.90
N SER X 392 -42.12 30.06 -10.99
CA SER X 392 -42.66 29.11 -11.96
C SER X 392 -41.53 28.31 -12.59
N HIS X 393 -41.87 27.11 -13.06
CA HIS X 393 -40.94 26.21 -13.71
C HIS X 393 -41.69 25.45 -14.78
N PRO X 394 -41.03 25.07 -15.88
CA PRO X 394 -41.73 24.32 -16.93
C PRO X 394 -42.32 23.00 -16.46
N ARG X 395 -41.71 22.36 -15.45
CA ARG X 395 -42.23 21.08 -14.97
C ARG X 395 -43.57 21.23 -14.26
N ILE X 396 -43.96 22.45 -13.91
CA ILE X 396 -45.22 22.76 -13.22
C ILE X 396 -45.17 22.21 -11.80
N SER X 397 -45.30 23.11 -10.82
CA SER X 397 -45.15 22.72 -9.42
C SER X 397 -46.05 23.59 -8.54
N ILE X 398 -46.39 23.04 -7.38
CA ILE X 398 -47.16 23.75 -6.37
C ILE X 398 -46.45 23.59 -5.04
N LEU X 399 -46.18 24.71 -4.36
CA LEU X 399 -45.47 24.65 -3.09
C LEU X 399 -46.33 23.98 -2.03
N LYS X 400 -45.71 23.10 -1.24
CA LYS X 400 -46.46 22.35 -0.24
C LYS X 400 -45.83 22.37 1.14
N TYR X 401 -44.50 22.45 1.21
CA TYR X 401 -43.80 22.38 2.49
C TYR X 401 -42.67 23.40 2.53
N ALA X 402 -42.42 23.94 3.71
CA ALA X 402 -41.30 24.83 3.98
C ALA X 402 -40.48 24.26 5.12
N VAL X 403 -39.16 24.11 4.89
CA VAL X 403 -38.28 23.46 5.83
C VAL X 403 -37.01 24.30 6.01
N PRO X 404 -36.71 24.76 7.23
CA PRO X 404 -35.43 25.43 7.45
C PRO X 404 -34.32 24.41 7.68
N PHE X 405 -33.14 24.71 7.12
CA PHE X 405 -32.04 23.77 7.18
C PHE X 405 -30.74 24.49 6.82
N SER X 406 -29.72 24.30 7.66
CA SER X 406 -28.38 24.84 7.41
C SER X 406 -28.41 26.34 7.15
N GLU X 407 -28.88 27.10 8.13
CA GLU X 407 -28.94 28.57 8.10
C GLU X 407 -29.46 29.09 6.74
N GLN X 408 -30.49 28.40 6.24
CA GLN X 408 -31.17 28.77 5.02
C GLN X 408 -32.61 28.28 5.12
N LEU X 409 -33.43 28.70 4.17
CA LEU X 409 -34.82 28.28 4.09
C LEU X 409 -35.06 27.62 2.73
N LEU X 410 -35.76 26.49 2.73
CA LEU X 410 -36.00 25.71 1.52
C LEU X 410 -37.50 25.50 1.32
N LEU X 411 -37.94 25.61 0.08
CA LEU X 411 -39.33 25.37 -0.30
C LEU X 411 -39.38 24.16 -1.21
N TRP X 412 -40.22 23.19 -0.86
CA TRP X 412 -40.27 21.91 -1.55
C TRP X 412 -41.59 21.72 -2.28
N SER X 413 -41.52 21.50 -3.58
CA SER X 413 -42.66 21.07 -4.37
C SER X 413 -42.65 19.56 -4.49
N ASP X 414 -43.48 19.00 -5.37
CA ASP X 414 -43.47 17.56 -5.59
C ASP X 414 -42.44 17.10 -6.61
N GLU X 415 -41.81 17.99 -7.38
CA GLU X 415 -40.74 17.59 -8.28
C GLU X 415 -39.53 18.50 -8.26
N VAL X 416 -39.62 19.70 -7.69
CA VAL X 416 -38.52 20.67 -7.71
C VAL X 416 -38.33 21.21 -6.30
N GLN X 417 -37.09 21.60 -5.99
CA GLN X 417 -36.75 22.18 -4.70
C GLN X 417 -36.09 23.53 -4.93
N PHE X 418 -36.58 24.55 -4.21
CA PHE X 418 -36.13 25.92 -4.39
C PHE X 418 -35.33 26.40 -3.18
N VAL X 419 -34.54 27.44 -3.40
CA VAL X 419 -33.72 28.05 -2.36
C VAL X 419 -33.98 29.55 -2.37
N MET X 420 -34.24 30.12 -1.20
CA MET X 420 -34.53 31.54 -1.05
C MET X 420 -33.38 32.26 -0.37
N THR X 421 -33.02 33.42 -0.91
CA THR X 421 -31.92 34.22 -0.38
C THR X 421 -32.21 35.69 -0.67
N SER X 422 -31.21 36.54 -0.41
CA SER X 422 -31.35 37.97 -0.62
C SER X 422 -30.00 38.57 -0.90
N SER X 423 -30.00 39.79 -1.42
CA SER X 423 -28.79 40.51 -1.78
C SER X 423 -28.58 41.75 -0.90
N GLY X 424 -28.83 41.60 0.39
CA GLY X 424 -28.73 42.68 1.34
C GLY X 424 -29.90 42.65 2.30
N VAL X 425 -30.35 43.83 2.71
CA VAL X 425 -31.53 43.92 3.55
C VAL X 425 -32.74 43.43 2.75
N LEU X 426 -33.49 42.49 3.33
CA LEU X 426 -34.58 41.86 2.62
C LEU X 426 -35.72 42.85 2.39
N THR X 427 -35.91 43.24 1.13
CA THR X 427 -37.00 44.12 0.74
C THR X 427 -37.72 43.51 -0.46
N SER X 428 -38.77 44.19 -0.90
CA SER X 428 -39.53 43.71 -2.05
C SER X 428 -38.76 43.82 -3.35
N LYS X 429 -37.62 44.49 -3.37
CA LYS X 429 -36.84 44.68 -4.58
C LYS X 429 -35.57 43.86 -4.62
N SER X 430 -35.24 43.14 -3.55
CA SER X 430 -33.97 42.42 -3.46
C SER X 430 -34.17 41.02 -2.89
N ILE X 431 -35.18 40.31 -3.39
CA ILE X 431 -35.46 38.94 -2.96
C ILE X 431 -35.37 38.02 -4.16
N GLN X 432 -34.72 36.87 -3.97
CA GLN X 432 -34.44 35.94 -5.07
C GLN X 432 -34.92 34.54 -4.72
N LEU X 433 -35.54 33.89 -5.69
CA LEU X 433 -35.89 32.47 -5.60
C LEU X 433 -35.21 31.74 -6.75
N ASP X 434 -34.67 30.56 -6.47
CA ASP X 434 -33.84 29.87 -7.45
C ASP X 434 -33.90 28.37 -7.21
N VAL X 435 -33.55 27.60 -8.24
CA VAL X 435 -33.74 26.15 -8.26
C VAL X 435 -32.49 25.46 -7.73
N GLY X 436 -32.69 24.51 -6.81
CA GLY X 436 -31.58 23.80 -6.20
C GLY X 436 -31.38 22.37 -6.65
N SER X 437 -32.46 21.60 -6.78
CA SER X 437 -32.36 20.18 -7.09
C SER X 437 -33.67 19.69 -7.67
N GLU X 438 -33.65 18.49 -8.25
CA GLU X 438 -34.80 17.94 -8.98
C GLU X 438 -35.04 16.47 -8.60
N PHE X 439 -35.09 16.20 -7.30
CA PHE X 439 -35.46 14.87 -6.83
C PHE X 439 -36.98 14.75 -6.81
N ALA X 440 -37.48 13.63 -6.29
CA ALA X 440 -38.91 13.37 -6.23
C ALA X 440 -39.31 12.91 -4.83
N LEU X 441 -40.55 13.19 -4.45
CA LEU X 441 -41.03 12.88 -3.12
C LEU X 441 -42.55 12.85 -3.13
N GLY X 442 -43.12 12.43 -1.99
CA GLY X 442 -44.55 12.37 -1.80
C GLY X 442 -45.01 13.39 -0.77
N ASP X 443 -46.33 13.55 -0.70
CA ASP X 443 -46.95 14.62 0.08
C ASP X 443 -47.95 14.06 1.09
N THR X 444 -47.55 13.02 1.82
CA THR X 444 -48.39 12.44 2.85
C THR X 444 -47.73 12.36 4.22
N ALA X 445 -46.49 12.84 4.35
CA ALA X 445 -45.79 12.78 5.63
C ALA X 445 -44.81 13.93 5.71
N ARG X 446 -44.90 14.72 6.78
CA ARG X 446 -44.01 15.85 6.94
C ARG X 446 -42.58 15.37 7.16
N PRO X 447 -41.59 15.95 6.49
CA PRO X 447 -40.19 15.53 6.69
C PRO X 447 -39.74 15.75 8.13
N PHE X 448 -38.86 14.86 8.60
CA PHE X 448 -38.33 14.91 9.95
C PHE X 448 -36.86 15.32 9.91
N ALA X 449 -36.42 16.01 10.97
CA ALA X 449 -35.07 16.55 11.03
C ALA X 449 -34.37 16.05 12.28
N VAL X 450 -33.22 15.40 12.09
CA VAL X 450 -32.41 14.89 13.18
C VAL X 450 -30.95 15.18 12.87
N GLY X 451 -30.23 15.73 13.84
CA GLY X 451 -28.82 16.03 13.67
C GLY X 451 -28.56 16.98 12.51
N ARG X 452 -28.00 16.45 11.43
CA ARG X 452 -27.75 17.21 10.21
C ARG X 452 -28.33 16.50 9.00
N SER X 453 -29.51 15.89 9.17
CA SER X 453 -30.11 15.11 8.10
C SER X 453 -31.61 15.30 8.12
N VAL X 454 -32.22 15.06 6.96
CA VAL X 454 -33.67 15.15 6.79
C VAL X 454 -34.15 13.88 6.10
N PHE X 455 -35.17 13.25 6.65
CA PHE X 455 -35.73 12.01 6.11
C PHE X 455 -37.09 12.28 5.49
N PHE X 456 -37.32 11.73 4.30
CA PHE X 456 -38.60 11.87 3.63
C PHE X 456 -38.90 10.60 2.85
N SER X 457 -40.16 10.40 2.52
CA SER X 457 -40.61 9.20 1.83
C SER X 457 -40.73 9.45 0.33
N ALA X 458 -40.80 8.36 -0.43
CA ALA X 458 -40.92 8.40 -1.89
C ALA X 458 -41.59 7.14 -2.39
N PRO X 459 -42.87 7.18 -2.72
CA PRO X 459 -43.59 5.96 -3.09
C PRO X 459 -43.15 5.41 -4.44
N ARG X 460 -43.44 4.14 -4.65
CA ARG X 460 -43.09 3.46 -5.90
C ARG X 460 -44.25 2.54 -6.30
N GLY X 461 -43.99 1.58 -7.19
CA GLY X 461 -45.04 0.75 -7.74
C GLY X 461 -45.90 0.01 -6.74
N SER X 462 -45.27 -0.69 -5.80
CA SER X 462 -46.01 -1.40 -4.76
C SER X 462 -45.39 -1.28 -3.38
N PHE X 463 -44.25 -0.62 -3.25
CA PHE X 463 -43.57 -0.46 -1.97
C PHE X 463 -42.98 0.93 -1.88
N THR X 464 -42.72 1.37 -0.65
CA THR X 464 -42.24 2.71 -0.39
C THR X 464 -40.73 2.68 -0.14
N SER X 465 -40.10 3.85 -0.25
CA SER X 465 -38.67 3.97 -0.03
C SER X 465 -38.41 5.18 0.88
N ILE X 466 -37.31 5.12 1.62
CA ILE X 466 -36.93 6.17 2.55
C ILE X 466 -35.57 6.71 2.14
N LYS X 467 -35.45 8.02 1.97
CA LYS X 467 -34.22 8.65 1.55
C LYS X 467 -33.72 9.62 2.61
N ARG X 468 -32.45 10.01 2.46
CA ARG X 468 -31.77 10.87 3.42
C ARG X 468 -31.19 12.07 2.68
N TYR X 469 -31.38 13.26 3.25
CA TYR X 469 -30.97 14.52 2.62
C TYR X 469 -29.85 15.12 3.46
N PHE X 470 -28.63 15.04 2.96
CA PHE X 470 -27.47 15.58 3.65
C PHE X 470 -26.76 16.59 2.75
N ALA X 471 -25.61 17.09 3.22
CA ALA X 471 -24.81 18.06 2.49
C ALA X 471 -23.42 17.50 2.26
N VAL X 472 -22.93 17.58 1.02
CA VAL X 472 -21.59 17.11 0.72
C VAL X 472 -20.57 17.96 1.48
N ALA X 473 -19.54 17.29 1.99
CA ALA X 473 -18.60 17.95 2.90
C ALA X 473 -17.64 18.88 2.15
N ASP X 474 -16.79 18.31 1.29
CA ASP X 474 -15.71 19.07 0.69
C ASP X 474 -16.23 20.21 -0.18
N VAL X 475 -17.30 19.95 -0.93
CA VAL X 475 -17.79 20.94 -1.88
C VAL X 475 -18.68 21.94 -1.13
N SER X 476 -18.72 23.17 -1.62
CA SER X 476 -19.54 24.21 -1.02
C SER X 476 -20.90 24.28 -1.69
N ASP X 477 -21.95 24.07 -0.89
CA ASP X 477 -23.35 24.25 -1.31
C ASP X 477 -23.71 23.35 -2.50
N VAL X 478 -23.65 22.05 -2.25
CA VAL X 478 -24.24 21.05 -3.16
C VAL X 478 -25.00 20.07 -2.27
N LYS X 479 -26.19 19.69 -2.69
CA LYS X 479 -27.04 18.80 -1.91
C LYS X 479 -27.21 17.46 -2.62
N ASP X 480 -27.27 16.39 -1.84
CA ASP X 480 -27.46 15.04 -2.38
C ASP X 480 -28.54 14.32 -1.58
N ALA X 481 -29.15 13.34 -2.22
CA ALA X 481 -30.15 12.49 -1.58
C ALA X 481 -29.73 11.04 -1.74
N ASP X 482 -29.59 10.34 -0.61
CA ASP X 482 -29.13 8.97 -0.59
C ASP X 482 -30.28 8.05 -0.18
N ASP X 483 -30.27 6.84 -0.71
CA ASP X 483 -31.32 5.86 -0.42
C ASP X 483 -30.85 4.94 0.69
N THR X 484 -31.69 4.78 1.72
CA THR X 484 -31.36 3.94 2.86
C THR X 484 -32.01 2.56 2.79
N THR X 485 -32.80 2.29 1.77
CA THR X 485 -33.43 0.98 1.62
C THR X 485 -32.96 0.30 0.33
N GLY X 486 -31.68 0.42 0.04
CA GLY X 486 -31.13 -0.15 -1.18
C GLY X 486 -31.20 -1.67 -1.22
N HIS X 487 -30.88 -2.32 -0.10
CA HIS X 487 -30.86 -3.78 -0.08
C HIS X 487 -32.25 -4.35 0.20
N VAL X 488 -32.97 -3.78 1.16
CA VAL X 488 -34.33 -4.24 1.46
C VAL X 488 -35.27 -3.42 0.59
N LEU X 489 -35.43 -3.88 -0.65
CA LEU X 489 -36.24 -3.17 -1.63
C LEU X 489 -37.72 -3.51 -1.56
N SER X 490 -38.08 -4.64 -0.94
CA SER X 490 -39.49 -4.97 -0.75
C SER X 490 -39.70 -5.35 0.70
N TYR X 491 -39.85 -4.33 1.55
CA TYR X 491 -40.11 -4.55 2.96
C TYR X 491 -41.37 -3.84 3.43
N ILE X 492 -41.50 -2.56 3.07
CA ILE X 492 -42.54 -1.69 3.62
C ILE X 492 -43.69 -1.56 2.63
N PRO X 493 -44.92 -1.89 3.02
CA PRO X 493 -46.05 -1.71 2.11
C PRO X 493 -46.40 -0.25 1.89
N ASN X 494 -47.45 0.01 1.13
CA ASN X 494 -47.83 1.37 0.74
C ASN X 494 -48.86 1.93 1.73
N GLY X 495 -48.75 3.22 2.02
CA GLY X 495 -49.68 3.87 2.92
C GLY X 495 -49.03 4.49 4.14
N VAL X 496 -47.77 4.90 4.02
CA VAL X 496 -47.07 5.51 5.13
C VAL X 496 -47.72 6.85 5.48
N PHE X 497 -47.91 7.09 6.79
CA PHE X 497 -48.53 8.34 7.21
C PHE X 497 -47.91 8.94 8.46
N ASP X 498 -46.67 8.58 8.81
CA ASP X 498 -46.03 9.14 9.99
C ASP X 498 -44.54 8.83 10.03
N ILE X 499 -43.74 9.76 10.55
CA ILE X 499 -42.31 9.57 10.77
C ILE X 499 -41.92 10.23 12.10
N GLN X 500 -41.45 9.44 13.06
CA GLN X 500 -41.05 9.96 14.35
C GLN X 500 -39.61 9.57 14.65
N GLY X 501 -39.13 9.89 15.85
CA GLY X 501 -37.80 9.51 16.25
C GLY X 501 -37.28 10.41 17.36
N THR X 502 -36.10 10.05 17.86
CA THR X 502 -35.41 10.80 18.91
C THR X 502 -34.02 11.18 18.43
N GLY X 503 -33.29 11.88 19.29
CA GLY X 503 -31.93 12.26 18.98
C GLY X 503 -30.94 11.82 20.05
N THR X 504 -31.47 11.21 21.12
CA THR X 504 -30.63 10.67 22.19
C THR X 504 -30.45 9.17 22.10
N GLU X 505 -31.23 8.48 21.27
CA GLU X 505 -31.11 7.05 21.08
C GLU X 505 -30.85 6.65 19.63
N ASN X 506 -30.95 7.58 18.68
CA ASN X 506 -30.62 7.33 17.29
C ASN X 506 -31.49 6.25 16.66
N TYR X 507 -32.79 6.48 16.58
CA TYR X 507 -33.67 5.54 15.89
C TYR X 507 -34.85 6.31 15.32
N ILE X 508 -35.59 5.63 14.43
CA ILE X 508 -36.71 6.23 13.71
C ILE X 508 -37.84 5.22 13.64
N CYS X 509 -39.07 5.66 13.88
CA CYS X 509 -40.25 4.82 13.78
C CYS X 509 -41.04 5.19 12.53
N VAL X 510 -41.67 4.19 11.92
CA VAL X 510 -42.47 4.38 10.72
C VAL X 510 -43.75 3.58 10.85
N ASN X 511 -44.89 4.23 10.67
CA ASN X 511 -46.19 3.57 10.65
C ASN X 511 -46.70 3.45 9.22
N SER X 512 -47.67 2.56 9.03
CA SER X 512 -48.26 2.35 7.72
C SER X 512 -49.61 1.68 7.90
N THR X 513 -50.39 1.66 6.81
CA THR X 513 -51.71 1.07 6.82
C THR X 513 -51.79 -0.26 6.07
N GLY X 514 -50.71 -0.66 5.38
CA GLY X 514 -50.71 -1.98 4.76
C GLY X 514 -50.60 -3.09 5.77
N ALA X 515 -49.52 -3.10 6.55
CA ALA X 515 -49.39 -3.95 7.72
C ALA X 515 -49.69 -3.08 8.93
N TYR X 516 -50.89 -3.24 9.48
CA TYR X 516 -51.48 -2.20 10.30
C TYR X 516 -51.37 -2.50 11.79
N ASN X 517 -50.52 -3.45 12.16
CA ASN X 517 -50.23 -3.75 13.57
C ASN X 517 -48.73 -3.94 13.79
N ARG X 518 -47.90 -3.24 13.03
CA ARG X 518 -46.45 -3.39 13.12
C ARG X 518 -45.81 -2.01 13.22
N ILE X 519 -44.57 -1.99 13.71
CA ILE X 519 -43.77 -0.78 13.78
C ILE X 519 -42.39 -1.12 13.21
N TYR X 520 -41.93 -0.34 12.23
CA TYR X 520 -40.62 -0.55 11.63
C TYR X 520 -39.60 0.39 12.23
N ILE X 521 -38.39 -0.10 12.46
CA ILE X 521 -37.38 0.63 13.20
C ILE X 521 -36.06 0.61 12.43
N TYR X 522 -35.38 1.75 12.43
CA TYR X 522 -34.09 1.93 11.77
C TYR X 522 -33.10 2.48 12.78
N LYS X 523 -31.92 1.86 12.86
CA LYS X 523 -30.89 2.24 13.83
C LYS X 523 -29.63 2.63 13.11
N PHE X 524 -29.02 3.74 13.52
CA PHE X 524 -27.84 4.27 12.85
C PHE X 524 -26.88 4.86 13.88
N LEU X 525 -25.68 5.20 13.41
CA LEU X 525 -24.66 5.82 14.25
C LEU X 525 -23.61 6.45 13.36
N PHE X 526 -23.20 7.67 13.68
CA PHE X 526 -22.22 8.42 12.91
C PHE X 526 -21.03 8.80 13.79
N LYS X 527 -19.85 8.81 13.18
CA LYS X 527 -18.62 9.21 13.87
C LYS X 527 -17.65 9.72 12.82
N ASP X 528 -17.20 10.96 12.97
CA ASP X 528 -16.24 11.59 12.07
C ASP X 528 -16.72 11.63 10.63
N GLY X 529 -18.04 11.66 10.42
CA GLY X 529 -18.58 11.79 9.09
C GLY X 529 -18.67 10.51 8.29
N VAL X 530 -18.48 9.35 8.91
CA VAL X 530 -18.62 8.07 8.24
C VAL X 530 -19.60 7.21 9.03
N GLN X 531 -20.53 6.57 8.32
CA GLN X 531 -21.54 5.75 8.97
C GLN X 531 -20.93 4.43 9.43
N LEU X 532 -21.44 3.90 10.55
CA LEU X 532 -20.91 2.67 11.13
C LEU X 532 -21.98 1.63 11.41
N GLN X 533 -23.25 1.92 11.14
CA GLN X 533 -24.30 0.96 11.46
C GLN X 533 -25.55 1.29 10.65
N ALA X 534 -26.27 0.25 10.25
CA ALA X 534 -27.53 0.41 9.53
C ALA X 534 -28.33 -0.88 9.72
N SER X 535 -29.44 -0.80 10.45
CA SER X 535 -30.23 -1.98 10.81
C SER X 535 -31.70 -1.73 10.53
N TRP X 536 -32.36 -2.73 9.95
CA TRP X 536 -33.79 -2.68 9.68
C TRP X 536 -34.47 -3.89 10.30
N SER X 537 -35.53 -3.65 11.06
CA SER X 537 -36.31 -4.72 11.69
C SER X 537 -37.66 -4.15 12.10
N HIS X 538 -38.48 -4.98 12.73
CA HIS X 538 -39.81 -4.54 13.12
C HIS X 538 -40.29 -5.30 14.34
N TRP X 539 -41.18 -4.66 15.11
CA TRP X 539 -41.84 -5.24 16.25
C TRP X 539 -43.21 -5.76 15.82
N GLU X 540 -43.95 -6.35 16.76
CA GLU X 540 -45.24 -6.92 16.42
C GLU X 540 -46.11 -7.04 17.67
N PHE X 541 -47.40 -6.76 17.50
CA PHE X 541 -48.41 -6.80 18.56
C PHE X 541 -49.46 -7.85 18.19
N PRO X 542 -50.47 -8.13 19.04
CA PRO X 542 -51.46 -9.16 18.71
C PRO X 542 -52.12 -9.01 17.34
N LYS X 543 -52.79 -10.08 16.91
CA LYS X 543 -53.17 -10.23 15.51
C LYS X 543 -54.18 -9.18 15.08
N ASP X 544 -55.15 -8.86 15.94
CA ASP X 544 -56.16 -7.86 15.63
C ASP X 544 -56.03 -6.69 16.61
N ASP X 545 -55.15 -5.76 16.28
CA ASP X 545 -54.95 -4.54 17.03
C ASP X 545 -54.61 -3.41 16.05
N LYS X 546 -54.80 -2.18 16.50
CA LYS X 546 -54.56 -1.00 15.68
C LYS X 546 -53.65 -0.05 16.43
N ILE X 547 -52.56 0.37 15.80
CA ILE X 547 -51.63 1.31 16.40
C ILE X 547 -51.93 2.68 15.79
N LEU X 548 -52.70 3.49 16.53
CA LEU X 548 -53.15 4.76 15.98
C LEU X 548 -52.02 5.80 15.97
N ALA X 549 -51.21 5.85 17.04
CA ALA X 549 -50.16 6.85 17.11
C ALA X 549 -49.06 6.37 18.05
N SER X 550 -47.85 6.83 17.78
CA SER X 550 -46.70 6.52 18.63
C SER X 550 -45.71 7.67 18.52
N ALA X 551 -45.48 8.37 19.64
CA ALA X 551 -44.60 9.53 19.65
C ALA X 551 -43.67 9.42 20.84
N SER X 552 -42.52 10.08 20.74
CA SER X 552 -41.44 9.92 21.69
C SER X 552 -40.96 11.28 22.19
N ILE X 553 -40.67 11.36 23.49
CA ILE X 553 -40.14 12.58 24.10
C ILE X 553 -38.98 12.24 25.02
N GLY X 554 -37.76 12.45 24.54
CA GLY X 554 -36.59 12.14 25.35
C GLY X 554 -36.18 10.68 25.23
N SER X 555 -36.57 9.87 26.21
CA SER X 555 -36.28 8.45 26.22
C SER X 555 -37.52 7.66 26.64
N THR X 556 -38.67 8.01 26.10
CA THR X 556 -39.93 7.35 26.40
C THR X 556 -40.79 7.33 25.13
N MET X 557 -41.68 6.36 25.05
CA MET X 557 -42.55 6.19 23.89
C MET X 557 -43.98 5.97 24.37
N PHE X 558 -44.89 6.81 23.91
CA PHE X 558 -46.31 6.65 24.24
C PHE X 558 -47.04 5.98 23.09
N ILE X 559 -47.82 4.96 23.41
CA ILE X 559 -48.50 4.14 22.40
C ILE X 559 -49.99 4.14 22.68
N VAL X 560 -50.77 4.32 21.62
CA VAL X 560 -52.23 4.25 21.69
C VAL X 560 -52.68 3.06 20.86
N ARG X 561 -53.42 2.14 21.48
CA ARG X 561 -53.80 0.89 20.84
C ARG X 561 -55.30 0.68 20.95
N GLN X 562 -55.91 0.19 19.87
CA GLN X 562 -57.35 -0.02 19.80
C GLN X 562 -57.61 -1.51 19.61
N HIS X 563 -57.98 -2.19 20.69
CA HIS X 563 -58.36 -3.59 20.63
C HIS X 563 -59.88 -3.69 20.46
N GLN X 564 -60.42 -4.89 20.63
CA GLN X 564 -61.85 -5.14 20.48
C GLN X 564 -62.69 -4.54 21.60
N GLY X 565 -62.06 -4.06 22.67
CA GLY X 565 -62.79 -3.49 23.79
C GLY X 565 -62.86 -1.98 23.77
N GLY X 566 -61.77 -1.32 23.40
CA GLY X 566 -61.73 0.14 23.40
C GLY X 566 -60.38 0.70 23.03
N VAL X 567 -59.92 1.69 23.81
CA VAL X 567 -58.65 2.37 23.55
C VAL X 567 -57.84 2.42 24.84
N ASP X 568 -56.55 2.16 24.72
CA ASP X 568 -55.64 2.14 25.85
C ASP X 568 -54.39 2.95 25.53
N ILE X 569 -53.72 3.42 26.58
CA ILE X 569 -52.49 4.19 26.46
C ILE X 569 -51.43 3.56 27.37
N GLU X 570 -50.22 3.41 26.82
CA GLU X 570 -49.16 2.67 27.49
C GLU X 570 -47.84 3.43 27.42
N HIS X 571 -46.90 3.03 28.26
CA HIS X 571 -45.58 3.63 28.33
C HIS X 571 -44.51 2.58 28.01
N LEU X 572 -43.35 3.04 27.56
CA LEU X 572 -42.24 2.17 27.21
C LEU X 572 -40.94 2.93 27.45
N LYS X 573 -40.21 2.58 28.50
CA LYS X 573 -39.01 3.29 28.90
C LYS X 573 -37.75 2.51 28.56
N PHE X 574 -36.62 3.19 28.65
CA PHE X 574 -35.30 2.60 28.44
C PHE X 574 -34.46 2.82 29.70
N ILE X 575 -34.59 1.91 30.66
CA ILE X 575 -33.84 2.03 31.91
C ILE X 575 -32.75 0.96 31.94
N LYS X 576 -31.83 1.08 32.90
CA LYS X 576 -30.75 0.11 33.03
C LYS X 576 -30.43 -0.06 34.51
N GLU X 577 -30.25 -1.31 34.93
CA GLU X 577 -29.89 -1.65 36.31
C GLU X 577 -30.92 -1.09 37.29
N ALA X 578 -32.19 -1.16 36.91
CA ALA X 578 -33.27 -0.72 37.78
C ALA X 578 -34.56 -1.36 37.31
N THR X 579 -35.53 -1.44 38.23
CA THR X 579 -36.83 -2.00 37.92
C THR X 579 -37.87 -0.89 37.78
N ASP X 580 -39.07 -1.27 37.36
CA ASP X 580 -40.17 -0.32 37.23
C ASP X 580 -40.80 -0.06 38.59
N PHE X 581 -41.35 -1.11 39.19
CA PHE X 581 -41.90 -1.00 40.53
C PHE X 581 -40.79 -1.26 41.56
N PRO X 582 -40.95 -0.77 42.79
CA PRO X 582 -39.86 -0.91 43.77
C PRO X 582 -39.57 -2.35 44.17
N SER X 583 -40.59 -3.12 44.50
CA SER X 583 -40.40 -4.46 45.07
C SER X 583 -40.56 -5.50 43.97
N GLU X 584 -39.45 -5.79 43.28
CA GLU X 584 -39.38 -6.86 42.30
C GLU X 584 -38.04 -7.57 42.43
N PRO X 585 -37.99 -8.86 42.12
CA PRO X 585 -36.68 -9.54 42.09
C PRO X 585 -35.79 -9.03 40.97
N TYR X 586 -36.32 -8.96 39.75
CA TYR X 586 -35.59 -8.44 38.61
C TYR X 586 -36.61 -7.75 37.70
N ARG X 587 -36.21 -7.40 36.49
CA ARG X 587 -37.11 -6.75 35.54
C ARG X 587 -37.84 -7.81 34.74
N LEU X 588 -39.13 -7.99 35.02
CA LEU X 588 -39.92 -8.96 34.29
C LEU X 588 -40.14 -8.49 32.85
N HIS X 589 -40.51 -9.42 31.97
CA HIS X 589 -40.64 -9.11 30.56
C HIS X 589 -42.00 -9.51 30.01
N ILE X 590 -43.07 -9.12 30.70
CA ILE X 590 -44.43 -9.36 30.22
C ILE X 590 -45.06 -8.04 29.86
N ASP X 591 -46.11 -8.07 29.04
CA ASP X 591 -46.78 -6.87 28.56
C ASP X 591 -47.91 -6.47 29.50
N SER X 592 -48.17 -5.17 29.56
CA SER X 592 -49.26 -4.60 30.37
C SER X 592 -49.12 -4.97 31.84
N LYS X 593 -47.94 -4.72 32.41
CA LYS X 593 -47.70 -5.03 33.80
C LYS X 593 -48.56 -4.16 34.70
N VAL X 594 -49.15 -4.77 35.72
CA VAL X 594 -49.91 -4.07 36.75
C VAL X 594 -49.57 -4.68 38.11
N SER X 595 -49.62 -3.86 39.14
CA SER X 595 -49.42 -4.32 40.50
C SER X 595 -50.76 -4.40 41.22
N MET X 596 -50.81 -5.22 42.26
CA MET X 596 -52.06 -5.45 42.97
C MET X 596 -51.75 -6.09 44.32
N VAL X 597 -52.59 -5.79 45.31
CA VAL X 597 -52.49 -6.37 46.64
C VAL X 597 -53.81 -7.07 46.93
N ILE X 598 -53.73 -8.36 47.28
CA ILE X 598 -54.93 -9.13 47.57
C ILE X 598 -55.60 -8.59 48.83
N PRO X 599 -56.91 -8.34 48.82
CA PRO X 599 -57.55 -7.71 49.98
C PRO X 599 -57.62 -8.60 51.21
N ILE X 600 -58.25 -8.09 52.27
CA ILE X 600 -58.31 -8.82 53.53
C ILE X 600 -59.15 -10.08 53.38
N GLY X 601 -60.28 -9.98 52.68
CA GLY X 601 -61.14 -11.13 52.45
C GLY X 601 -60.39 -12.29 51.82
N SER X 602 -60.20 -13.36 52.59
CA SER X 602 -59.29 -14.44 52.22
C SER X 602 -60.03 -15.77 52.22
N TYR X 603 -60.03 -16.44 51.06
CA TYR X 603 -60.55 -17.78 50.83
C TYR X 603 -61.72 -18.19 51.71
N ASN X 604 -61.72 -19.42 52.21
CA ASN X 604 -62.85 -19.95 52.96
C ASN X 604 -62.43 -21.13 53.82
N ALA X 605 -63.40 -21.87 54.35
CA ALA X 605 -63.11 -22.98 55.25
C ALA X 605 -63.18 -24.32 54.52
N ASP X 606 -64.19 -24.48 53.64
CA ASP X 606 -64.44 -25.77 53.00
C ASP X 606 -63.29 -26.24 52.12
N THR X 607 -62.81 -25.38 51.22
CA THR X 607 -61.79 -25.76 50.26
C THR X 607 -60.55 -24.87 50.33
N TYR X 608 -60.51 -23.92 51.26
CA TYR X 608 -59.44 -22.93 51.41
C TYR X 608 -58.88 -22.46 50.07
N LYS X 609 -59.77 -22.14 49.14
CA LYS X 609 -59.41 -21.56 47.85
C LYS X 609 -59.84 -20.09 47.84
N THR X 610 -58.93 -19.22 47.41
CA THR X 610 -59.17 -17.78 47.45
C THR X 610 -59.48 -17.25 46.06
N THR X 611 -60.37 -16.28 46.00
CA THR X 611 -60.69 -15.58 44.76
C THR X 611 -59.91 -14.27 44.67
N VAL X 612 -59.81 -13.75 43.45
CA VAL X 612 -58.96 -12.58 43.21
C VAL X 612 -59.77 -11.44 42.64
N ASP X 613 -60.60 -11.73 41.63
CA ASP X 613 -61.39 -10.70 40.94
C ASP X 613 -60.45 -9.65 40.34
N ILE X 614 -59.67 -10.04 39.34
CA ILE X 614 -58.68 -9.15 38.74
C ILE X 614 -59.27 -7.92 38.06
N GLY X 615 -60.60 -7.82 37.97
CA GLY X 615 -61.19 -6.69 37.28
C GLY X 615 -60.87 -5.36 37.94
N ALA X 616 -60.68 -5.38 39.27
CA ALA X 616 -60.39 -4.14 39.99
C ALA X 616 -59.07 -3.52 39.54
N ALA X 617 -58.06 -4.35 39.29
CA ALA X 617 -56.75 -3.84 38.93
C ALA X 617 -56.80 -3.07 37.61
N TYR X 618 -57.53 -3.59 36.62
CA TYR X 618 -57.60 -2.95 35.31
C TYR X 618 -58.70 -1.90 35.24
N GLY X 619 -58.71 -0.99 36.21
CA GLY X 619 -59.64 0.12 36.22
C GLY X 619 -61.10 -0.28 36.17
N GLY X 620 -61.46 -1.35 36.90
CA GLY X 620 -62.82 -1.83 36.91
C GLY X 620 -63.33 -2.23 35.54
N ASN X 621 -62.48 -2.88 34.75
CA ASN X 621 -62.83 -3.29 33.40
C ASN X 621 -62.17 -4.62 33.08
N ALA X 622 -62.79 -5.35 32.16
CA ALA X 622 -62.23 -6.63 31.74
C ALA X 622 -61.05 -6.40 30.79
N PRO X 623 -59.95 -7.14 30.99
CA PRO X 623 -58.80 -6.99 30.10
C PRO X 623 -59.06 -7.62 28.74
N SER X 624 -58.19 -7.28 27.79
CA SER X 624 -58.31 -7.80 26.44
C SER X 624 -58.05 -9.31 26.44
N PRO X 625 -58.68 -10.04 25.51
CA PRO X 625 -58.50 -11.50 25.48
C PRO X 625 -57.07 -11.89 25.20
N GLY X 626 -56.65 -13.02 25.77
CA GLY X 626 -55.30 -13.52 25.57
C GLY X 626 -54.93 -14.50 26.67
N ARG X 627 -53.62 -14.72 26.80
CA ARG X 627 -53.07 -15.59 27.82
C ARG X 627 -52.35 -14.76 28.88
N TYR X 628 -52.54 -15.11 30.14
CA TYR X 628 -52.04 -14.31 31.25
C TYR X 628 -51.28 -15.19 32.24
N TYR X 629 -50.27 -14.60 32.88
CA TYR X 629 -49.45 -15.23 33.89
C TYR X 629 -49.72 -14.59 35.25
N LEU X 630 -49.04 -15.09 36.28
CA LEU X 630 -49.13 -14.50 37.60
C LEU X 630 -47.85 -14.72 38.40
N ILE X 631 -46.98 -13.72 38.41
CA ILE X 631 -45.70 -13.84 39.12
C ILE X 631 -45.83 -13.21 40.50
N ASP X 632 -45.39 -13.95 41.52
CA ASP X 632 -45.41 -13.45 42.89
C ASP X 632 -44.14 -12.66 43.18
N SER X 633 -43.98 -12.24 44.44
CA SER X 633 -42.84 -11.41 44.81
C SER X 633 -41.53 -12.17 44.83
N GLN X 634 -41.56 -13.50 44.73
CA GLN X 634 -40.34 -14.30 44.82
C GLN X 634 -39.86 -14.81 43.47
N GLY X 635 -40.76 -15.21 42.59
CA GLY X 635 -40.34 -15.68 41.27
C GLY X 635 -41.16 -16.81 40.71
N ALA X 636 -41.85 -17.56 41.57
CA ALA X 636 -42.71 -18.63 41.09
C ALA X 636 -43.92 -18.05 40.37
N TYR X 637 -44.31 -18.69 39.27
CA TYR X 637 -45.39 -18.16 38.44
C TYR X 637 -46.39 -19.27 38.11
N VAL X 638 -47.64 -18.88 37.91
CA VAL X 638 -48.73 -19.81 37.64
C VAL X 638 -49.30 -19.44 36.27
N ASP X 639 -50.01 -20.37 35.64
CA ASP X 639 -50.53 -20.14 34.29
C ASP X 639 -52.05 -20.17 34.26
N LEU X 640 -52.67 -19.00 34.24
CA LEU X 640 -54.11 -18.92 34.06
C LEU X 640 -54.49 -19.17 32.61
N GLY X 641 -55.74 -19.56 32.40
CA GLY X 641 -56.24 -19.86 31.08
C GLY X 641 -56.64 -18.62 30.31
N ASP X 642 -57.21 -18.84 29.13
CA ASP X 642 -57.68 -17.73 28.30
C ASP X 642 -58.79 -16.97 29.01
N LEU X 643 -58.76 -15.64 28.89
CA LEU X 643 -59.72 -14.77 29.53
C LEU X 643 -60.57 -14.07 28.49
N THR X 644 -61.85 -13.90 28.82
CA THR X 644 -62.81 -13.21 27.95
C THR X 644 -63.48 -12.10 28.75
N SER X 645 -64.46 -11.45 28.13
CA SER X 645 -65.16 -10.36 28.78
C SER X 645 -65.93 -10.84 30.01
N ILE X 646 -66.59 -11.99 29.90
CA ILE X 646 -67.37 -12.50 31.03
C ILE X 646 -66.48 -12.93 32.18
N SER X 647 -65.32 -13.51 31.86
CA SER X 647 -64.45 -14.05 32.89
C SER X 647 -63.74 -12.91 33.62
N THR X 648 -63.99 -12.81 34.93
CA THR X 648 -63.36 -11.78 35.75
C THR X 648 -63.00 -12.36 37.11
N VAL X 649 -63.23 -13.66 37.29
CA VAL X 649 -63.04 -14.32 38.57
C VAL X 649 -62.12 -15.52 38.37
N ILE X 650 -61.05 -15.59 39.17
CA ILE X 650 -60.12 -16.70 39.11
C ILE X 650 -59.92 -17.26 40.51
N THR X 651 -59.47 -18.51 40.64
CA THR X 651 -59.21 -19.10 41.97
C THR X 651 -57.81 -19.69 42.15
N LEU X 652 -57.14 -19.34 43.24
CA LEU X 652 -55.78 -19.81 43.46
C LEU X 652 -55.65 -20.62 44.73
N ASN X 653 -54.92 -21.73 44.70
CA ASN X 653 -54.83 -22.62 45.86
C ASN X 653 -54.21 -22.04 47.10
N GLY X 654 -54.79 -22.30 48.26
CA GLY X 654 -54.17 -21.85 49.49
C GLY X 654 -54.57 -20.53 50.04
N ARG X 659 -50.80 -10.04 49.90
CA ARG X 659 -49.55 -10.26 49.21
C ARG X 659 -49.51 -9.54 47.89
N THR X 660 -48.31 -9.19 47.42
CA THR X 660 -48.17 -8.49 46.15
C THR X 660 -47.98 -9.42 44.97
N VAL X 661 -48.66 -9.15 43.87
CA VAL X 661 -48.57 -10.01 42.69
C VAL X 661 -48.25 -9.16 41.46
N PHE X 662 -48.18 -9.82 40.30
CA PHE X 662 -47.90 -9.13 39.04
C PHE X 662 -48.60 -9.89 37.94
N ILE X 663 -49.31 -9.21 37.03
CA ILE X 663 -50.08 -9.88 35.99
C ILE X 663 -49.83 -9.33 34.60
N GLY X 664 -49.55 -10.18 33.63
CA GLY X 664 -49.29 -9.75 32.26
C GLY X 664 -49.34 -10.84 31.21
N ARG X 665 -49.27 -10.50 29.93
CA ARG X 665 -49.27 -11.48 28.85
C ARG X 665 -47.91 -11.65 28.20
N PRO X 666 -47.45 -12.89 27.95
CA PRO X 666 -46.14 -13.17 27.32
C PRO X 666 -45.94 -12.84 25.82
N TYR X 667 -44.74 -12.48 25.37
CA TYR X 667 -44.44 -12.21 23.94
C TYR X 667 -43.34 -13.08 23.37
N LEU X 668 -43.07 -13.06 22.06
CA LEU X 668 -42.12 -14.00 21.47
C LEU X 668 -40.95 -13.27 20.81
N MET X 669 -39.79 -13.91 20.86
CA MET X 669 -38.58 -13.44 20.21
C MET X 669 -38.17 -14.45 19.14
N SER X 670 -37.55 -13.96 18.06
CA SER X 670 -37.18 -14.84 16.97
C SER X 670 -36.00 -14.25 16.21
N TYR X 671 -35.17 -15.13 15.64
CA TYR X 671 -34.02 -14.76 14.84
C TYR X 671 -33.59 -15.96 14.01
N LYS X 672 -33.31 -15.73 12.73
CA LYS X 672 -32.93 -16.80 11.82
C LYS X 672 -31.63 -16.43 11.12
N PHE X 673 -30.64 -17.32 11.20
CA PHE X 673 -29.36 -17.08 10.55
C PHE X 673 -29.46 -17.30 9.05
N SER X 674 -28.46 -16.79 8.33
CA SER X 674 -28.35 -17.04 6.90
C SER X 674 -27.47 -18.26 6.66
N ARG X 675 -27.22 -18.57 5.39
CA ARG X 675 -26.40 -19.73 5.06
C ARG X 675 -24.95 -19.50 5.47
N PHE X 676 -24.27 -20.57 5.84
CA PHE X 676 -22.88 -20.53 6.25
C PHE X 676 -22.00 -20.80 5.05
N LEU X 677 -21.15 -19.83 4.69
CA LEU X 677 -20.25 -19.95 3.56
C LEU X 677 -18.90 -19.36 3.94
N ILE X 678 -17.89 -19.65 3.13
CA ILE X 678 -16.54 -19.11 3.34
C ILE X 678 -16.53 -17.70 2.78
N LYS X 679 -16.52 -16.71 3.65
CA LYS X 679 -16.55 -15.30 3.26
C LYS X 679 -15.21 -14.66 3.60
N ILE X 680 -14.58 -14.04 2.61
CA ILE X 680 -13.33 -13.31 2.78
C ILE X 680 -13.57 -11.88 2.29
N GLU X 681 -13.03 -10.91 3.02
CA GLU X 681 -13.27 -9.51 2.70
C GLU X 681 -12.17 -8.64 3.31
N ASP X 682 -11.75 -7.63 2.57
CA ASP X 682 -10.72 -6.69 3.00
C ASP X 682 -11.31 -5.30 3.26
N ASP X 683 -12.62 -5.23 3.48
CA ASP X 683 -13.38 -4.01 3.74
C ASP X 683 -13.52 -3.18 2.47
N SER X 684 -12.82 -3.59 1.41
CA SER X 684 -13.08 -3.01 0.09
C SER X 684 -14.35 -3.59 -0.53
N GLY X 685 -14.59 -4.88 -0.28
CA GLY X 685 -15.77 -5.56 -0.77
C GLY X 685 -15.82 -6.95 -0.18
N THR X 686 -16.95 -7.62 -0.40
CA THR X 686 -17.18 -8.95 0.11
C THR X 686 -17.14 -9.95 -1.04
N GLN X 687 -16.24 -10.93 -0.95
CA GLN X 687 -16.10 -11.97 -1.95
C GLN X 687 -16.33 -13.32 -1.28
N SER X 688 -17.31 -14.06 -1.78
CA SER X 688 -17.63 -15.38 -1.25
C SER X 688 -16.88 -16.45 -2.04
N GLU X 689 -17.19 -17.72 -1.77
CA GLU X 689 -16.57 -18.84 -2.48
C GLU X 689 -17.65 -19.86 -2.82
N ASP X 690 -17.75 -20.20 -4.11
CA ASP X 690 -18.76 -21.14 -4.59
C ASP X 690 -18.08 -22.21 -5.45
N THR X 691 -17.55 -23.23 -4.77
CA THR X 691 -16.94 -24.37 -5.45
C THR X 691 -16.74 -25.48 -4.43
N GLY X 692 -17.05 -26.70 -4.82
CA GLY X 692 -16.84 -27.86 -3.96
C GLY X 692 -18.04 -28.16 -3.09
N ARG X 693 -17.77 -28.91 -2.03
CA ARG X 693 -18.79 -29.33 -1.08
C ARG X 693 -18.31 -29.05 0.33
N LEU X 694 -19.25 -28.72 1.22
CA LEU X 694 -18.94 -28.33 2.59
C LEU X 694 -19.86 -29.11 3.54
N GLN X 695 -19.26 -29.76 4.53
CA GLN X 695 -20.00 -30.52 5.53
C GLN X 695 -19.73 -29.94 6.91
N LEU X 696 -20.80 -29.63 7.65
CA LEU X 696 -20.67 -28.98 8.95
C LEU X 696 -20.61 -30.02 10.07
N ARG X 697 -19.89 -29.67 11.14
CA ARG X 697 -19.74 -30.58 12.27
C ARG X 697 -20.32 -30.03 13.56
N ARG X 698 -19.88 -28.85 13.99
CA ARG X 698 -20.26 -28.31 15.29
C ARG X 698 -20.45 -26.80 15.20
N ALA X 699 -20.90 -26.21 16.31
CA ALA X 699 -21.07 -24.77 16.42
C ALA X 699 -21.09 -24.40 17.89
N TRP X 700 -20.92 -23.10 18.17
CA TRP X 700 -20.91 -22.61 19.53
C TRP X 700 -21.45 -21.20 19.58
N VAL X 701 -21.92 -20.80 20.77
CA VAL X 701 -22.51 -19.49 21.00
C VAL X 701 -22.01 -18.96 22.35
N ASN X 702 -21.65 -17.68 22.38
CA ASN X 702 -21.25 -17.00 23.60
C ASN X 702 -22.40 -16.13 24.09
N TYR X 703 -22.73 -16.24 25.37
CA TYR X 703 -23.85 -15.53 25.96
C TYR X 703 -23.43 -14.88 27.27
N LYS X 704 -24.19 -13.85 27.66
CA LYS X 704 -23.93 -13.09 28.88
C LYS X 704 -25.25 -12.64 29.47
N ASP X 705 -25.46 -12.92 30.76
CA ASP X 705 -26.65 -12.49 31.48
C ASP X 705 -27.92 -13.01 30.80
N THR X 706 -28.10 -14.33 30.78
CA THR X 706 -29.21 -14.94 30.07
C THR X 706 -29.80 -16.04 30.96
N GLY X 707 -31.12 -16.23 30.85
CA GLY X 707 -31.79 -17.21 31.67
C GLY X 707 -32.24 -18.47 30.98
N ALA X 708 -32.77 -18.35 29.76
CA ALA X 708 -33.27 -19.51 29.04
C ALA X 708 -33.26 -19.23 27.54
N LEU X 709 -33.18 -20.30 26.75
CA LEU X 709 -33.10 -20.18 25.30
C LEU X 709 -33.35 -21.54 24.68
N ARG X 710 -33.62 -21.53 23.37
CA ARG X 710 -33.82 -22.75 22.59
C ARG X 710 -33.22 -22.56 21.20
N LEU X 711 -32.62 -23.62 20.67
CA LEU X 711 -32.04 -23.62 19.34
C LEU X 711 -32.62 -24.80 18.56
N ILE X 712 -33.06 -24.55 17.33
CA ILE X 712 -33.75 -25.54 16.52
C ILE X 712 -32.99 -25.74 15.21
N VAL X 713 -32.80 -27.00 14.82
CA VAL X 713 -32.08 -27.35 13.60
C VAL X 713 -32.98 -28.24 12.75
N ARG X 714 -33.12 -27.89 11.47
CA ARG X 714 -33.90 -28.67 10.52
C ARG X 714 -33.03 -28.96 9.31
N ASN X 715 -32.87 -30.25 8.97
CA ASN X 715 -32.06 -30.53 7.78
C ASN X 715 -32.92 -30.84 6.57
N GLY X 716 -33.61 -31.98 6.55
CA GLY X 716 -34.58 -32.21 5.50
C GLY X 716 -36.00 -32.41 5.97
N GLU X 717 -36.16 -33.22 7.02
CA GLU X 717 -37.46 -33.56 7.56
C GLU X 717 -37.42 -33.72 9.08
N ARG X 718 -36.25 -33.52 9.68
CA ARG X 718 -36.02 -33.86 11.07
C ARG X 718 -35.75 -32.60 11.88
N GLU X 719 -36.20 -32.61 13.13
CA GLU X 719 -36.06 -31.46 14.01
C GLU X 719 -35.37 -31.90 15.30
N PHE X 720 -34.34 -31.15 15.69
CA PHE X 720 -33.64 -31.38 16.95
C PHE X 720 -33.72 -30.09 17.77
N VAL X 721 -34.03 -30.23 19.06
CA VAL X 721 -34.24 -29.11 19.96
C VAL X 721 -33.24 -29.21 21.11
N ASN X 722 -32.56 -28.12 21.40
CA ASN X 722 -31.59 -28.05 22.49
C ASN X 722 -31.96 -26.90 23.42
N THR X 723 -31.65 -27.07 24.70
CA THR X 723 -32.03 -26.10 25.72
C THR X 723 -30.95 -26.02 26.79
N PHE X 724 -30.70 -24.81 27.28
CA PHE X 724 -29.84 -24.58 28.43
C PHE X 724 -30.50 -23.56 29.34
N ASN X 725 -30.06 -23.53 30.59
CA ASN X 725 -30.77 -22.75 31.61
C ASN X 725 -29.74 -22.12 32.55
N GLY X 726 -29.38 -20.86 32.28
CA GLY X 726 -28.56 -20.09 33.20
C GLY X 726 -27.21 -20.72 33.44
N TYR X 727 -26.84 -20.80 34.72
CA TYR X 727 -25.56 -21.36 35.12
C TYR X 727 -25.56 -22.87 34.97
N THR X 728 -24.45 -23.49 35.36
CA THR X 728 -24.29 -24.93 35.35
C THR X 728 -24.32 -25.46 36.78
N LEU X 729 -24.46 -26.78 36.89
CA LEU X 729 -24.49 -27.41 38.20
C LEU X 729 -23.18 -27.19 38.94
N GLY X 730 -23.27 -26.84 40.22
CA GLY X 730 -22.11 -26.57 41.04
C GLY X 730 -21.86 -25.10 41.34
N GLN X 731 -22.61 -24.18 40.72
CA GLN X 731 -22.43 -22.76 40.97
C GLN X 731 -23.70 -22.02 41.35
N GLN X 732 -24.88 -22.62 41.22
CA GLN X 732 -26.11 -21.94 41.56
C GLN X 732 -26.27 -21.84 43.08
N THR X 733 -27.23 -21.02 43.50
CA THR X 733 -27.57 -20.87 44.91
C THR X 733 -29.08 -21.06 45.06
N ILE X 734 -29.46 -21.76 46.13
CA ILE X 734 -30.87 -22.05 46.36
C ILE X 734 -31.59 -20.79 46.80
N GLY X 735 -32.71 -20.50 46.15
CA GLY X 735 -33.55 -19.38 46.56
C GLY X 735 -33.80 -18.34 45.49
N THR X 736 -32.91 -18.23 44.51
CA THR X 736 -33.01 -17.19 43.49
C THR X 736 -33.06 -17.82 42.11
N THR X 737 -33.28 -16.97 41.11
CA THR X 737 -33.31 -17.40 39.72
C THR X 737 -31.90 -17.40 39.13
N ASN X 738 -31.70 -18.22 38.10
CA ASN X 738 -30.39 -18.42 37.49
C ASN X 738 -30.20 -17.44 36.35
N ILE X 739 -29.26 -16.51 36.51
CA ILE X 739 -28.83 -15.61 35.44
C ILE X 739 -27.32 -15.49 35.54
N GLY X 740 -26.62 -15.96 34.50
CA GLY X 740 -25.17 -15.99 34.52
C GLY X 740 -24.58 -15.92 33.13
N ASP X 741 -23.38 -16.47 32.97
CA ASP X 741 -22.62 -16.42 31.73
C ASP X 741 -22.18 -17.82 31.35
N GLY X 742 -21.32 -17.92 30.34
CA GLY X 742 -20.73 -19.18 29.95
C GLY X 742 -20.66 -19.29 28.44
N GLN X 743 -20.59 -20.55 27.97
CA GLN X 743 -20.51 -20.85 26.55
C GLN X 743 -21.20 -22.19 26.31
N TYR X 744 -21.84 -22.32 25.16
CA TYR X 744 -22.63 -23.51 24.83
C TYR X 744 -22.16 -24.08 23.49
N ARG X 745 -21.93 -25.39 23.46
CA ARG X 745 -21.51 -26.08 22.26
C ARG X 745 -22.49 -27.20 21.94
N PHE X 746 -22.93 -27.28 20.68
CA PHE X 746 -23.85 -28.33 20.25
C PHE X 746 -23.40 -28.91 18.92
N ALA X 747 -24.22 -29.79 18.34
CA ALA X 747 -23.84 -30.54 17.15
C ALA X 747 -24.75 -30.17 16.00
N MET X 748 -24.16 -29.85 14.84
CA MET X 748 -24.89 -29.51 13.62
C MET X 748 -24.30 -30.32 12.48
N ASN X 749 -25.09 -31.21 11.91
CA ASN X 749 -24.64 -32.13 10.87
C ASN X 749 -25.48 -31.96 9.62
N GLY X 750 -24.85 -32.01 8.47
CA GLY X 750 -25.57 -31.96 7.20
C GLY X 750 -24.83 -31.12 6.19
N ASN X 751 -25.43 -31.02 5.01
CA ASN X 751 -24.88 -30.17 3.96
C ASN X 751 -25.09 -28.69 4.33
N ALA X 752 -24.30 -27.82 3.70
CA ALA X 752 -24.31 -26.41 4.01
C ALA X 752 -25.31 -25.62 3.20
N LEU X 753 -26.06 -26.27 2.30
CA LEU X 753 -27.06 -25.59 1.48
C LEU X 753 -28.47 -26.06 1.81
N THR X 754 -28.65 -26.79 2.90
CA THR X 754 -29.98 -27.27 3.28
C THR X 754 -30.32 -27.08 4.75
N THR X 755 -29.34 -26.94 5.64
CA THR X 755 -29.61 -26.79 7.06
C THR X 755 -29.88 -25.33 7.41
N SER X 756 -30.53 -25.13 8.55
CA SER X 756 -30.86 -23.79 9.03
C SER X 756 -30.91 -23.81 10.54
N LEU X 757 -30.75 -22.64 11.14
CA LEU X 757 -30.71 -22.48 12.60
C LEU X 757 -31.61 -21.34 13.02
N THR X 758 -32.29 -21.50 14.15
CA THR X 758 -33.26 -20.53 14.62
C THR X 758 -33.13 -20.37 16.14
N LEU X 759 -33.50 -19.18 16.62
CA LEU X 759 -33.51 -18.88 18.06
C LEU X 759 -34.91 -18.43 18.46
N GLU X 760 -35.39 -18.93 19.59
CA GLU X 760 -36.70 -18.56 20.09
C GLU X 760 -36.65 -18.40 21.62
N SER X 761 -37.57 -17.60 22.14
CA SER X 761 -37.71 -17.41 23.58
C SER X 761 -39.01 -16.70 23.91
N ASN X 762 -39.78 -17.28 24.84
CA ASN X 762 -40.99 -16.64 25.34
C ASN X 762 -41.11 -16.79 26.84
N TYR X 763 -40.00 -16.66 27.56
CA TYR X 763 -39.96 -16.72 29.01
C TYR X 763 -39.72 -15.34 29.59
N PRO X 764 -40.18 -15.08 30.81
CA PRO X 764 -39.93 -13.77 31.45
C PRO X 764 -38.52 -13.66 32.02
N THR X 765 -37.53 -13.59 31.14
CA THR X 765 -36.14 -13.53 31.54
C THR X 765 -35.33 -12.89 30.42
N PRO X 766 -34.41 -11.98 30.75
CA PRO X 766 -33.64 -11.29 29.70
C PRO X 766 -32.74 -12.23 28.93
N VAL X 767 -32.27 -11.74 27.78
CA VAL X 767 -31.46 -12.51 26.84
C VAL X 767 -30.41 -11.58 26.23
N SER X 768 -29.21 -12.10 26.03
CA SER X 768 -28.14 -11.34 25.36
C SER X 768 -27.19 -12.31 24.68
N ILE X 769 -26.83 -12.03 23.43
CA ILE X 769 -25.94 -12.87 22.63
C ILE X 769 -24.81 -12.01 22.09
N VAL X 770 -23.61 -12.58 22.04
CA VAL X 770 -22.40 -11.84 21.64
C VAL X 770 -21.82 -12.38 20.34
N GLY X 771 -21.40 -13.64 20.32
CA GLY X 771 -20.71 -14.17 19.15
C GLY X 771 -21.11 -15.58 18.75
N CYS X 772 -20.49 -16.11 17.69
CA CYS X 772 -20.80 -17.44 17.19
C CYS X 772 -19.69 -17.88 16.23
N GLY X 773 -19.75 -19.14 15.83
CA GLY X 773 -18.77 -19.70 14.92
C GLY X 773 -19.18 -21.11 14.51
N TRP X 774 -18.35 -21.71 13.67
CA TRP X 774 -18.61 -23.06 13.18
C TRP X 774 -17.32 -23.71 12.69
N GLU X 775 -17.39 -25.03 12.52
CA GLU X 775 -16.29 -25.83 11.98
C GLU X 775 -16.83 -26.76 10.92
N ALA X 776 -16.01 -27.11 9.95
CA ALA X 776 -16.48 -27.88 8.80
C ALA X 776 -15.30 -28.60 8.15
N SER X 777 -15.62 -29.39 7.12
CA SER X 777 -14.63 -30.09 6.32
C SER X 777 -14.85 -29.77 4.85
N TYR X 778 -13.77 -29.56 4.11
CA TYR X 778 -13.83 -29.02 2.76
C TYR X 778 -13.12 -29.94 1.78
N ALA X 779 -13.54 -29.90 0.53
CA ALA X 779 -12.97 -30.76 -0.51
C ALA X 779 -13.18 -30.12 -1.88
N LYS X 780 -12.10 -30.02 -2.67
CA LYS X 780 -12.14 -29.44 -3.99
C LYS X 780 -11.66 -30.44 -5.02
N LYS X 781 -12.03 -30.19 -6.28
CA LYS X 781 -11.60 -31.02 -7.40
C LYS X 781 -10.75 -30.26 -8.42
N ALA X 782 -10.62 -28.95 -8.28
CA ALA X 782 -9.87 -28.16 -9.25
C ALA X 782 -9.35 -26.89 -8.58
N ARG X 783 -8.12 -26.53 -8.91
CA ARG X 783 -7.52 -25.32 -8.40
C ARG X 783 -8.21 -24.09 -8.96
N SER X 784 -8.25 -23.03 -8.17
CA SER X 784 -8.82 -21.76 -8.60
C SER X 784 -7.77 -20.98 -9.37
N VAL X 785 -8.06 -19.71 -9.68
CA VAL X 785 -7.16 -18.84 -10.42
C VAL X 785 -6.79 -19.44 -11.76
N ALA Y 2 60.49 -10.09 28.18
CA ALA Y 2 59.34 -9.86 29.05
C ALA Y 2 58.61 -11.17 29.35
N GLN Y 3 57.86 -11.17 30.44
CA GLN Y 3 57.05 -12.32 30.81
C GLN Y 3 55.85 -11.79 31.58
N TYR Y 4 55.04 -12.68 32.14
CA TYR Y 4 53.77 -12.31 32.78
C TYR Y 4 53.85 -12.62 34.28
N ILE Y 5 54.07 -11.58 35.08
CA ILE Y 5 53.98 -11.68 36.53
C ILE Y 5 52.59 -11.24 36.97
N PRO Y 6 51.75 -12.13 37.49
CA PRO Y 6 50.41 -11.74 37.90
C PRO Y 6 50.42 -10.90 39.17
N LEU Y 7 49.33 -10.16 39.35
CA LEU Y 7 49.15 -9.29 40.51
C LEU Y 7 48.10 -9.87 41.44
N ASN Y 8 48.51 -10.17 42.68
CA ASN Y 8 47.60 -10.67 43.71
C ASN Y 8 46.82 -11.88 43.24
N ALA Y 9 47.52 -12.98 42.96
CA ALA Y 9 46.93 -14.17 42.38
C ALA Y 9 46.23 -14.99 43.47
N ASN Y 10 45.00 -15.40 43.20
CA ASN Y 10 44.24 -16.25 44.10
C ASN Y 10 43.55 -17.34 43.29
N ASP Y 11 43.54 -18.56 43.83
CA ASP Y 11 43.07 -19.73 43.10
C ASP Y 11 41.55 -19.77 42.92
N ASP Y 12 40.78 -19.09 43.77
CA ASP Y 12 39.33 -19.04 43.59
C ASP Y 12 38.92 -17.95 42.61
N LEU Y 13 39.55 -16.79 42.72
CA LEU Y 13 39.17 -15.64 41.91
C LEU Y 13 39.39 -15.92 40.42
N ASP Y 14 40.53 -16.51 40.07
CA ASP Y 14 40.80 -16.78 38.67
C ASP Y 14 39.85 -17.85 38.13
N ALA Y 15 39.53 -18.86 38.95
CA ALA Y 15 38.58 -19.88 38.52
C ALA Y 15 37.22 -19.27 38.23
N ILE Y 16 36.75 -18.39 39.10
CA ILE Y 16 35.49 -17.70 38.85
C ILE Y 16 35.59 -16.85 37.59
N ASN Y 17 36.75 -16.21 37.39
CA ASN Y 17 36.91 -15.36 36.21
C ASN Y 17 36.83 -16.18 34.92
N ASP Y 18 37.47 -17.33 34.87
CA ASP Y 18 37.35 -18.18 33.69
C ASP Y 18 35.93 -18.70 33.53
N MET Y 19 35.25 -19.02 34.63
CA MET Y 19 33.86 -19.46 34.50
C MET Y 19 32.95 -18.35 34.00
N LEU Y 20 33.29 -17.09 34.25
CA LEU Y 20 32.56 -15.97 33.66
C LEU Y 20 32.96 -15.68 32.23
N ALA Y 21 34.13 -16.15 31.79
CA ALA Y 21 34.60 -15.82 30.44
C ALA Y 21 33.78 -16.56 29.39
N ALA Y 22 33.05 -17.60 29.78
CA ALA Y 22 32.26 -18.37 28.82
C ALA Y 22 31.21 -17.49 28.14
N ILE Y 23 30.53 -16.65 28.93
CA ILE Y 23 29.54 -15.74 28.34
C ILE Y 23 30.23 -14.66 27.53
N GLY Y 24 31.31 -14.08 28.06
CA GLY Y 24 32.00 -13.01 27.37
C GLY Y 24 32.00 -11.71 28.14
N GLU Y 25 32.00 -11.79 29.47
CA GLU Y 25 32.04 -10.63 30.34
C GLU Y 25 33.47 -10.44 30.87
N PRO Y 26 33.84 -9.21 31.24
CA PRO Y 26 35.19 -8.99 31.77
C PRO Y 26 35.36 -9.53 33.18
N ALA Y 27 36.55 -9.35 33.75
CA ALA Y 27 36.89 -9.92 35.04
C ALA Y 27 36.51 -8.96 36.18
N VAL Y 28 36.53 -9.48 37.40
CA VAL Y 28 36.23 -8.71 38.59
C VAL Y 28 37.49 -8.62 39.45
N LEU Y 29 37.41 -7.90 40.57
CA LEU Y 29 38.57 -7.71 41.44
C LEU Y 29 38.42 -8.30 42.82
N GLN Y 30 37.20 -8.58 43.28
CA GLN Y 30 37.01 -9.17 44.60
C GLN Y 30 35.63 -9.78 44.66
N LEU Y 31 35.42 -10.65 45.65
CA LEU Y 31 34.21 -11.44 45.77
C LEU Y 31 33.27 -10.97 46.87
N ASP Y 32 33.61 -9.87 47.58
CA ASP Y 32 32.80 -9.44 48.71
C ASP Y 32 31.41 -8.99 48.27
N GLU Y 33 31.34 -8.20 47.21
CA GLU Y 33 30.07 -7.72 46.67
C GLU Y 33 30.06 -7.90 45.17
N GLY Y 34 28.87 -8.13 44.60
CA GLY Y 34 28.74 -8.34 43.17
C GLY Y 34 27.30 -8.57 42.81
N ASN Y 35 27.08 -8.74 41.51
CA ASN Y 35 25.75 -8.99 40.98
C ASN Y 35 25.38 -10.47 41.18
N ALA Y 36 24.31 -10.91 40.52
CA ALA Y 36 23.79 -12.25 40.78
C ALA Y 36 24.71 -13.33 40.21
N ASP Y 37 25.40 -13.04 39.11
CA ASP Y 37 26.18 -14.06 38.42
C ASP Y 37 27.29 -14.61 39.31
N VAL Y 38 27.98 -13.73 40.03
CA VAL Y 38 29.02 -14.17 40.95
C VAL Y 38 28.44 -15.05 42.05
N SER Y 39 27.20 -14.82 42.45
CA SER Y 39 26.53 -15.67 43.42
C SER Y 39 25.91 -16.90 42.80
N ASN Y 40 25.79 -16.95 41.47
CA ASN Y 40 25.26 -18.14 40.81
C ASN Y 40 26.35 -19.13 40.46
N ALA Y 41 27.57 -18.67 40.20
CA ALA Y 41 28.65 -19.56 39.79
C ALA Y 41 29.14 -20.46 40.93
N GLN Y 42 29.22 -19.92 42.14
CA GLN Y 42 29.81 -20.65 43.26
C GLN Y 42 28.98 -21.89 43.62
N ARG Y 43 27.66 -21.76 43.55
CA ARG Y 43 26.78 -22.88 43.89
C ARG Y 43 27.03 -24.07 42.96
N ILE Y 44 27.23 -23.80 41.68
CA ILE Y 44 27.52 -24.88 40.73
C ILE Y 44 28.92 -25.43 40.97
N LEU Y 45 29.89 -24.54 41.21
CA LEU Y 45 31.27 -24.99 41.37
C LEU Y 45 31.42 -25.94 42.56
N HIS Y 46 30.81 -25.59 43.69
CA HIS Y 46 30.94 -26.43 44.88
C HIS Y 46 30.35 -27.82 44.65
N ARG Y 47 29.17 -27.87 44.03
CA ARG Y 47 28.52 -29.16 43.78
C ARG Y 47 29.33 -30.01 42.82
N VAL Y 48 29.89 -29.40 41.77
CA VAL Y 48 30.68 -30.16 40.82
C VAL Y 48 31.93 -30.72 41.49
N ASN Y 49 32.58 -29.89 42.32
CA ASN Y 49 33.76 -30.37 43.04
C ASN Y 49 33.42 -31.55 43.94
N ARG Y 50 32.32 -31.44 44.69
CA ARG Y 50 31.92 -32.53 45.59
C ARG Y 50 31.62 -33.80 44.81
N GLN Y 51 30.94 -33.68 43.66
CA GLN Y 51 30.60 -34.85 42.88
C GLN Y 51 31.85 -35.53 42.33
N VAL Y 52 32.78 -34.75 41.79
CA VAL Y 52 33.96 -35.34 41.16
C VAL Y 52 34.86 -35.98 42.21
N GLN Y 53 35.03 -35.33 43.36
CA GLN Y 53 35.95 -35.85 44.36
C GLN Y 53 35.53 -37.20 44.93
N ALA Y 54 34.26 -37.59 44.80
CA ALA Y 54 33.74 -38.77 45.47
C ALA Y 54 33.87 -40.05 44.65
N LYS Y 55 34.44 -39.99 43.45
CA LYS Y 55 34.58 -41.20 42.64
C LYS Y 55 35.52 -42.21 43.27
N GLY Y 56 36.61 -41.73 43.89
CA GLY Y 56 37.55 -42.62 44.52
C GLY Y 56 38.79 -42.86 43.68
N TRP Y 57 39.89 -42.22 44.04
CA TRP Y 57 41.16 -42.33 43.31
C TRP Y 57 42.22 -42.95 44.22
N ASN Y 58 43.44 -43.05 43.68
CA ASN Y 58 44.50 -43.74 44.40
C ASN Y 58 45.06 -42.91 45.56
N PHE Y 59 44.96 -41.60 45.50
CA PHE Y 59 45.49 -40.74 46.55
C PHE Y 59 44.44 -40.34 47.59
N ASN Y 60 43.22 -40.84 47.47
CA ASN Y 60 42.16 -40.59 48.43
C ASN Y 60 41.95 -41.76 49.39
N ILE Y 61 41.80 -42.96 48.86
CA ILE Y 61 41.40 -44.13 49.64
C ILE Y 61 42.44 -44.43 50.71
N ASN Y 62 42.01 -44.43 51.97
CA ASN Y 62 42.87 -44.75 53.10
C ASN Y 62 42.43 -46.11 53.65
N GLU Y 63 43.32 -47.10 53.54
CA GLU Y 63 42.95 -48.46 53.92
C GLU Y 63 42.78 -48.59 55.44
N ALA Y 64 43.69 -48.00 56.21
CA ALA Y 64 43.70 -48.14 57.66
C ALA Y 64 43.31 -46.82 58.29
N ALA Y 65 42.30 -46.85 59.17
CA ALA Y 65 41.86 -45.68 59.91
C ALA Y 65 41.14 -46.15 61.16
N VAL Y 66 41.27 -45.40 62.24
CA VAL Y 66 40.74 -45.78 63.54
C VAL Y 66 39.68 -44.77 63.95
N LEU Y 67 38.52 -45.27 64.36
CA LEU Y 67 37.44 -44.45 64.89
C LEU Y 67 37.18 -44.84 66.34
N THR Y 68 37.12 -43.84 67.22
CA THR Y 68 37.02 -44.16 68.64
C THR Y 68 35.77 -43.54 69.26
N PRO Y 69 34.97 -44.35 69.96
CA PRO Y 69 33.81 -43.80 70.66
C PRO Y 69 34.22 -43.06 71.93
N ASP Y 70 33.43 -42.03 72.26
CA ASP Y 70 33.72 -41.24 73.45
C ASP Y 70 33.27 -41.95 74.72
N VAL Y 71 33.75 -41.44 75.86
CA VAL Y 71 33.66 -42.17 77.11
C VAL Y 71 32.22 -42.23 77.61
N GLN Y 72 31.50 -41.10 77.58
CA GLN Y 72 30.20 -41.01 78.25
C GLN Y 72 29.17 -41.97 77.67
N ASP Y 73 28.79 -41.78 76.42
CA ASP Y 73 27.81 -42.63 75.76
C ASP Y 73 28.49 -43.35 74.60
N ASN Y 74 28.46 -44.68 74.63
CA ASN Y 74 29.27 -45.48 73.70
C ASN Y 74 28.65 -45.44 72.31
N ARG Y 75 28.85 -44.30 71.64
CA ARG Y 75 28.35 -44.08 70.30
C ARG Y 75 29.40 -43.30 69.50
N ILE Y 76 29.26 -43.35 68.18
CA ILE Y 76 30.20 -42.72 67.26
C ILE Y 76 29.45 -41.76 66.36
N ARG Y 77 29.97 -40.55 66.21
CA ARG Y 77 29.31 -39.52 65.44
C ARG Y 77 29.54 -39.72 63.94
N PHE Y 78 28.82 -38.94 63.13
CA PHE Y 78 28.87 -39.01 61.67
C PHE Y 78 29.08 -37.59 61.14
N LEU Y 79 30.34 -37.20 60.95
CA LEU Y 79 30.65 -35.87 60.48
C LEU Y 79 30.17 -35.68 59.04
N PRO Y 80 29.86 -34.44 58.64
CA PRO Y 80 29.42 -34.18 57.27
C PRO Y 80 30.53 -34.15 56.24
N SER Y 81 31.78 -34.39 56.62
CA SER Y 81 32.90 -34.41 55.68
C SER Y 81 33.21 -35.81 55.18
N TYR Y 82 32.47 -36.83 55.63
CA TYR Y 82 32.68 -38.19 55.14
C TYR Y 82 31.98 -38.37 53.80
N LEU Y 83 32.55 -39.21 52.96
CA LEU Y 83 31.98 -39.48 51.64
C LEU Y 83 31.68 -40.95 51.38
N ARG Y 84 32.54 -41.87 51.82
CA ARG Y 84 32.32 -43.29 51.59
C ARG Y 84 32.85 -44.05 52.81
N VAL Y 85 32.08 -45.02 53.27
CA VAL Y 85 32.48 -45.89 54.38
C VAL Y 85 32.26 -47.34 53.97
N MET Y 86 33.34 -48.10 53.90
CA MET Y 86 33.28 -49.50 53.47
C MET Y 86 34.28 -50.30 54.31
N THR Y 87 34.51 -51.54 53.88
CA THR Y 87 35.49 -52.43 54.51
C THR Y 87 36.43 -52.94 53.42
N ALA Y 88 37.65 -53.29 53.83
CA ALA Y 88 38.71 -53.65 52.90
C ALA Y 88 38.34 -54.84 52.00
N GLY Y 89 38.14 -56.01 52.59
CA GLY Y 89 37.94 -57.21 51.79
C GLY Y 89 36.75 -58.07 52.17
N ALA Y 90 35.64 -57.43 52.55
CA ALA Y 90 34.44 -58.18 52.92
C ALA Y 90 33.23 -57.29 52.72
N THR Y 91 32.05 -57.89 52.84
CA THR Y 91 30.80 -57.15 52.74
C THR Y 91 30.57 -56.34 54.00
N SER Y 92 29.95 -55.16 53.83
CA SER Y 92 29.74 -54.24 54.94
C SER Y 92 28.34 -53.68 54.89
N TYR Y 93 27.78 -53.38 56.06
CA TYR Y 93 26.47 -52.73 56.19
C TYR Y 93 26.64 -51.55 57.12
N TYR Y 94 26.84 -50.35 56.56
CA TYR Y 94 26.99 -49.14 57.33
C TYR Y 94 26.10 -48.06 56.74
N SER Y 95 25.49 -47.25 57.59
CA SER Y 95 24.59 -46.21 57.15
C SER Y 95 24.45 -45.17 58.26
N ASN Y 96 23.77 -44.06 57.93
CA ASN Y 96 23.56 -42.96 58.85
C ASN Y 96 22.11 -42.97 59.31
N MET Y 97 21.89 -42.90 60.62
CA MET Y 97 20.54 -42.89 61.19
C MET Y 97 20.57 -41.97 62.39
N GLY Y 98 19.93 -40.80 62.26
CA GLY Y 98 19.89 -39.85 63.36
C GLY Y 98 21.21 -39.14 63.62
N GLY Y 99 22.09 -39.09 62.63
CA GLY Y 99 23.37 -38.43 62.78
C GLY Y 99 24.47 -39.30 63.36
N TYR Y 100 24.17 -40.55 63.72
CA TYR Y 100 25.15 -41.46 64.30
C TYR Y 100 25.37 -42.64 63.33
N LEU Y 101 26.31 -43.50 63.70
CA LEU Y 101 26.67 -44.64 62.88
C LEU Y 101 25.79 -45.83 63.22
N TYR Y 102 25.26 -46.48 62.18
CA TYR Y 102 24.33 -47.59 62.33
C TYR Y 102 24.86 -48.81 61.60
N ASP Y 103 24.79 -49.96 62.27
CA ASP Y 103 25.23 -51.23 61.71
C ASP Y 103 23.97 -52.07 61.49
N LEU Y 104 23.68 -52.40 60.23
CA LEU Y 104 22.45 -53.10 59.91
C LEU Y 104 22.47 -54.54 60.40
N SER Y 105 23.65 -55.17 60.44
CA SER Y 105 23.73 -56.58 60.79
C SER Y 105 23.25 -56.82 62.22
N THR Y 106 23.72 -56.00 63.16
CA THR Y 106 23.36 -56.16 64.56
C THR Y 106 22.18 -55.30 64.98
N GLN Y 107 21.75 -54.36 64.13
CA GLN Y 107 20.59 -53.52 64.40
C GLN Y 107 20.74 -52.76 65.71
N SER Y 108 21.84 -52.00 65.81
CA SER Y 108 22.12 -51.23 67.01
C SER Y 108 23.09 -50.11 66.65
N THR Y 109 23.22 -49.14 67.57
CA THR Y 109 24.12 -48.02 67.39
C THR Y 109 25.14 -47.93 68.53
N THR Y 110 25.37 -49.03 69.25
CA THR Y 110 26.29 -49.04 70.37
C THR Y 110 27.58 -49.76 69.97
N PHE Y 111 28.71 -49.14 70.30
CA PHE Y 111 30.02 -49.71 70.05
C PHE Y 111 30.87 -49.63 71.31
N THR Y 112 31.71 -50.64 71.51
CA THR Y 112 32.53 -50.72 72.73
C THR Y 112 34.01 -50.49 72.47
N ASP Y 113 34.53 -50.87 71.32
CA ASP Y 113 35.95 -50.80 71.02
C ASP Y 113 36.17 -50.13 69.67
N PRO Y 114 37.34 -49.55 69.44
CA PRO Y 114 37.59 -48.86 68.17
C PRO Y 114 37.49 -49.80 66.98
N ILE Y 115 37.07 -49.24 65.84
CA ILE Y 115 36.85 -50.00 64.62
C ILE Y 115 37.77 -49.47 63.53
N THR Y 116 38.19 -50.36 62.65
CA THR Y 116 39.06 -50.01 61.53
C THR Y 116 38.32 -50.22 60.22
N VAL Y 117 38.19 -49.15 59.43
CA VAL Y 117 37.50 -49.19 58.14
C VAL Y 117 38.31 -48.40 57.12
N GLU Y 118 37.78 -48.27 55.92
CA GLU Y 118 38.33 -47.39 54.90
C GLU Y 118 37.34 -46.26 54.66
N LEU Y 119 37.83 -45.07 54.40
CA LEU Y 119 36.97 -43.93 54.12
C LEU Y 119 37.69 -42.94 53.22
N VAL Y 120 36.88 -42.06 52.61
CA VAL Y 120 37.38 -41.03 51.71
C VAL Y 120 36.88 -39.69 52.23
N GLU Y 121 37.80 -38.81 52.60
CA GLU Y 121 37.43 -37.49 53.09
C GLU Y 121 37.50 -36.47 51.95
N MET Y 122 37.21 -35.22 52.28
CA MET Y 122 37.18 -34.14 51.32
C MET Y 122 38.31 -33.16 51.60
N LYS Y 123 38.93 -32.67 50.53
CA LYS Y 123 39.95 -31.65 50.61
C LYS Y 123 39.45 -30.38 49.91
N PRO Y 124 39.90 -29.20 50.33
CA PRO Y 124 39.47 -27.97 49.65
C PRO Y 124 40.02 -27.90 48.24
N PHE Y 125 39.43 -27.00 47.45
CA PHE Y 125 39.68 -26.97 46.01
C PHE Y 125 41.13 -26.67 45.68
N SER Y 126 41.79 -25.85 46.50
CA SER Y 126 43.09 -25.29 46.14
C SER Y 126 44.27 -26.22 46.41
N GLU Y 127 44.04 -27.51 46.67
CA GLU Y 127 45.14 -28.45 46.83
C GLU Y 127 45.07 -29.67 45.92
N MET Y 128 44.09 -29.74 45.03
CA MET Y 128 44.08 -30.83 44.06
C MET Y 128 45.13 -30.59 42.98
N PRO Y 129 45.56 -31.64 42.29
CA PRO Y 129 46.49 -31.46 41.17
C PRO Y 129 45.86 -30.67 40.03
N VAL Y 130 46.72 -30.14 39.16
CA VAL Y 130 46.32 -29.12 38.19
C VAL Y 130 45.28 -29.69 37.22
N VAL Y 131 45.52 -30.90 36.73
CA VAL Y 131 44.67 -31.47 35.68
C VAL Y 131 43.24 -31.62 36.18
N PHE Y 132 43.09 -32.09 37.42
CA PHE Y 132 41.76 -32.21 38.00
C PHE Y 132 41.07 -30.86 38.09
N ARG Y 133 41.82 -29.82 38.46
CA ARG Y 133 41.23 -28.50 38.56
C ARG Y 133 40.74 -28.00 37.21
N ASP Y 134 41.53 -28.21 36.16
CA ASP Y 134 41.09 -27.80 34.82
C ASP Y 134 39.85 -28.57 34.39
N TYR Y 135 39.83 -29.87 34.65
CA TYR Y 135 38.68 -30.69 34.27
C TYR Y 135 37.42 -30.21 34.98
N ILE Y 136 37.53 -29.93 36.29
CA ILE Y 136 36.38 -29.46 37.06
C ILE Y 136 35.90 -28.12 36.54
N VAL Y 137 36.83 -27.22 36.22
CA VAL Y 137 36.46 -25.90 35.72
C VAL Y 137 35.70 -26.02 34.40
N THR Y 138 36.18 -26.88 33.50
CA THR Y 138 35.49 -27.07 32.22
C THR Y 138 34.09 -27.63 32.43
N LYS Y 139 33.95 -28.62 33.31
CA LYS Y 139 32.63 -29.19 33.56
C LYS Y 139 31.68 -28.14 34.12
N ALA Y 140 32.15 -27.32 35.06
CA ALA Y 140 31.29 -26.29 35.62
C ALA Y 140 30.89 -25.27 34.56
N SER Y 141 31.84 -24.89 33.70
CA SER Y 141 31.55 -23.88 32.68
C SER Y 141 30.49 -24.37 31.71
N ARG Y 142 30.54 -25.65 31.33
CA ARG Y 142 29.52 -26.17 30.41
C ARG Y 142 28.12 -25.98 30.98
N GLU Y 143 27.91 -26.40 32.23
CA GLU Y 143 26.60 -26.27 32.85
C GLU Y 143 26.19 -24.80 32.98
N PHE Y 144 27.13 -23.95 33.39
CA PHE Y 144 26.82 -22.54 33.58
C PHE Y 144 26.36 -21.90 32.28
N ASN Y 145 27.03 -22.23 31.18
CA ASN Y 145 26.58 -21.74 29.88
C ASN Y 145 25.22 -22.32 29.52
N ALA Y 146 25.00 -23.61 29.80
CA ALA Y 146 23.78 -24.26 29.36
C ALA Y 146 22.55 -23.68 30.03
N LYS Y 147 22.60 -23.43 31.34
CA LYS Y 147 21.38 -23.09 32.06
C LYS Y 147 20.96 -21.63 31.93
N PHE Y 148 21.87 -20.70 31.66
CA PHE Y 148 21.54 -19.29 31.73
C PHE Y 148 21.63 -18.54 30.40
N PHE Y 149 22.44 -18.99 29.45
CA PHE Y 149 22.60 -18.24 28.20
C PHE Y 149 23.00 -19.24 27.11
N GLY Y 150 22.03 -19.62 26.29
CA GLY Y 150 22.27 -20.63 25.27
C GLY Y 150 22.92 -20.08 24.01
N SER Y 151 24.22 -20.32 23.85
CA SER Y 151 24.96 -19.88 22.68
C SER Y 151 25.45 -21.07 21.89
N PRO Y 152 25.21 -21.11 20.57
CA PRO Y 152 25.63 -22.29 19.80
C PRO Y 152 27.12 -22.36 19.51
N GLU Y 153 27.86 -21.27 19.66
CA GLU Y 153 29.29 -21.28 19.39
C GLU Y 153 30.14 -21.54 20.63
N SER Y 154 29.67 -21.15 21.81
CA SER Y 154 30.39 -21.50 23.04
C SER Y 154 30.37 -23.01 23.25
N GLU Y 155 29.29 -23.67 22.85
CA GLU Y 155 29.24 -25.13 22.83
C GLU Y 155 30.04 -25.61 21.63
N LEU Y 156 30.04 -26.93 21.40
CA LEU Y 156 30.67 -27.54 20.23
C LEU Y 156 32.20 -27.41 20.31
N TYR Y 157 32.68 -26.73 21.34
CA TYR Y 157 34.09 -26.59 21.64
C TYR Y 157 34.44 -27.15 23.01
N LEU Y 158 33.57 -26.89 24.00
CA LEU Y 158 33.81 -27.37 25.35
C LEU Y 158 33.79 -28.89 25.41
N ARG Y 159 32.94 -29.53 24.60
CA ARG Y 159 32.93 -30.99 24.56
C ARG Y 159 34.24 -31.54 24.04
N GLU Y 160 34.75 -30.95 22.96
CA GLU Y 160 36.02 -31.39 22.38
C GLU Y 160 37.15 -31.21 23.39
N GLN Y 161 37.15 -30.09 24.13
CA GLN Y 161 38.15 -29.89 25.16
C GLN Y 161 38.00 -30.89 26.29
N GLU Y 162 36.75 -31.18 26.67
CA GLU Y 162 36.49 -32.04 27.82
C GLU Y 162 36.97 -33.47 27.57
N ALA Y 163 36.77 -33.98 26.36
CA ALA Y 163 37.27 -35.32 26.06
C ALA Y 163 38.78 -35.40 26.20
N GLU Y 164 39.49 -34.37 25.69
CA GLU Y 164 40.94 -34.34 25.78
C GLU Y 164 41.41 -34.28 27.23
N LEU Y 165 40.74 -33.49 28.05
CA LEU Y 165 41.08 -33.47 29.48
C LEU Y 165 40.80 -34.81 30.14
N TYR Y 166 39.70 -35.48 29.75
CA TYR Y 166 39.34 -36.76 30.37
C TYR Y 166 40.41 -37.81 30.11
N GLN Y 167 40.88 -37.92 28.86
CA GLN Y 167 41.88 -38.94 28.58
C GLN Y 167 43.18 -38.64 29.33
N GLN Y 168 43.53 -37.36 29.46
CA GLN Y 168 44.72 -37.01 30.23
C GLN Y 168 44.57 -37.37 31.70
N VAL Y 169 43.38 -37.15 32.27
CA VAL Y 169 43.15 -37.53 33.66
C VAL Y 169 43.36 -39.03 33.84
N MET Y 170 42.77 -39.82 32.95
CA MET Y 170 42.92 -41.28 33.07
C MET Y 170 44.38 -41.70 32.92
N GLU Y 171 45.08 -41.11 31.96
CA GLU Y 171 46.47 -41.49 31.71
C GLU Y 171 47.35 -41.12 32.91
N TYR Y 172 47.10 -39.97 33.53
CA TYR Y 172 47.81 -39.60 34.75
C TYR Y 172 47.50 -40.58 35.87
N GLU Y 173 46.24 -40.99 36.01
CA GLU Y 173 45.87 -41.89 37.09
C GLU Y 173 46.57 -43.24 36.94
N MET Y 174 46.70 -43.73 35.71
CA MET Y 174 47.30 -45.06 35.52
C MET Y 174 48.77 -45.09 35.93
N ASP Y 175 49.48 -43.97 35.77
CA ASP Y 175 50.91 -43.95 36.05
C ASP Y 175 51.23 -44.01 37.54
N THR Y 176 50.28 -43.65 38.40
CA THR Y 176 50.56 -43.62 39.83
C THR Y 176 50.83 -45.00 40.39
N GLY Y 177 50.03 -45.99 39.97
CA GLY Y 177 50.18 -47.36 40.43
C GLY Y 177 50.69 -48.26 39.31
N ARG Y 178 51.60 -49.15 39.66
CA ARG Y 178 52.19 -50.04 38.67
C ARG Y 178 51.20 -51.13 38.25
N TYR Y 179 50.55 -51.76 39.22
CA TYR Y 179 49.54 -52.78 38.98
C TYR Y 179 50.08 -53.94 38.14
N ASN Y 180 51.03 -54.70 38.69
CA ASN Y 180 51.62 -55.84 38.01
C ASN Y 180 50.75 -57.07 38.24
N MET Y 181 50.53 -57.85 37.17
CA MET Y 181 49.66 -59.02 37.27
C MET Y 181 50.33 -60.17 37.99
N MET Y 182 51.65 -60.30 37.88
CA MET Y 182 52.35 -61.44 38.47
C MET Y 182 52.14 -61.49 39.98
N SER Y 183 52.40 -60.38 40.67
CA SER Y 183 52.11 -60.24 42.10
C SER Y 183 52.73 -61.37 42.93
N ASP Y 184 54.00 -61.65 42.64
CA ASP Y 184 54.81 -62.59 43.41
C ASP Y 184 54.17 -63.98 43.45
N ILE Y 185 54.10 -64.59 42.27
CA ILE Y 185 53.74 -65.99 42.11
C ILE Y 185 54.93 -66.68 41.44
N GLY Y 186 55.54 -67.63 42.14
CA GLY Y 186 56.73 -68.28 41.64
C GLY Y 186 56.98 -69.60 42.32
N ARG Y 187 57.47 -70.56 41.55
CA ARG Y 187 57.87 -71.87 42.06
C ARG Y 187 58.70 -72.58 40.99
N ASP Y 188 59.47 -73.56 41.42
CA ASP Y 188 60.33 -74.32 40.51
C ASP Y 188 59.50 -75.22 39.60
N MET Z 1 31.62 -21.27 53.20
CA MET Z 1 33.03 -20.95 53.29
C MET Z 1 33.66 -20.91 51.89
N ALA Z 2 34.55 -19.95 51.68
CA ALA Z 2 35.20 -19.77 50.39
C ALA Z 2 36.03 -21.00 50.03
N GLN Z 3 36.61 -21.65 51.03
CA GLN Z 3 37.45 -22.82 50.82
C GLN Z 3 36.75 -24.12 51.19
N TYR Z 4 36.23 -24.21 52.41
CA TYR Z 4 35.74 -25.48 52.94
C TYR Z 4 34.21 -25.46 52.87
N ILE Z 5 33.55 -26.46 53.43
CA ILE Z 5 32.09 -26.55 53.39
C ILE Z 5 31.48 -25.39 54.18
N PRO Z 6 30.41 -24.77 53.67
CA PRO Z 6 29.75 -23.71 54.44
C PRO Z 6 29.18 -24.24 55.75
N LEU Z 7 29.12 -23.36 56.75
CA LEU Z 7 28.74 -23.75 58.09
C LEU Z 7 27.22 -23.83 58.22
N ASN Z 8 26.75 -24.88 58.91
CA ASN Z 8 25.35 -25.06 59.24
C ASN Z 8 24.43 -24.95 58.03
N ALA Z 9 24.60 -25.84 57.06
CA ALA Z 9 23.84 -25.81 55.83
C ALA Z 9 22.49 -26.48 56.01
N ASN Z 10 21.56 -26.17 55.10
CA ASN Z 10 20.23 -26.76 55.07
C ASN Z 10 20.05 -27.46 53.72
N ASP Z 11 19.79 -28.76 53.76
CA ASP Z 11 19.81 -29.55 52.54
C ASP Z 11 18.57 -29.31 51.69
N ASP Z 12 17.39 -29.24 52.31
CA ASP Z 12 16.16 -29.09 51.54
C ASP Z 12 16.11 -27.77 50.80
N LEU Z 13 16.54 -26.68 51.46
CA LEU Z 13 16.56 -25.38 50.80
C LEU Z 13 17.53 -25.38 49.62
N ASP Z 14 18.69 -26.02 49.78
CA ASP Z 14 19.65 -26.11 48.70
C ASP Z 14 19.06 -26.89 47.52
N ALA Z 15 18.38 -27.99 47.82
CA ALA Z 15 17.76 -28.79 46.76
C ALA Z 15 16.72 -27.99 46.01
N ILE Z 16 15.89 -27.25 46.73
CA ILE Z 16 14.87 -26.41 46.08
C ILE Z 16 15.53 -25.35 45.21
N ASN Z 17 16.58 -24.70 45.73
CA ASN Z 17 17.25 -23.65 44.97
C ASN Z 17 17.88 -24.21 43.69
N ASP Z 18 18.46 -25.40 43.77
CA ASP Z 18 19.00 -26.03 42.57
C ASP Z 18 17.89 -26.41 41.60
N MET Z 19 16.73 -26.82 42.12
CA MET Z 19 15.61 -27.15 41.24
C MET Z 19 15.13 -25.91 40.48
N LEU Z 20 15.07 -24.76 41.15
CA LEU Z 20 14.63 -23.55 40.47
C LEU Z 20 15.66 -23.03 39.47
N ALA Z 21 16.91 -23.49 39.57
CA ALA Z 21 17.96 -22.98 38.70
C ALA Z 21 17.72 -23.39 37.25
N ALA Z 22 17.08 -24.55 37.03
CA ALA Z 22 16.85 -25.02 35.67
C ALA Z 22 15.96 -24.05 34.89
N ILE Z 23 15.05 -23.37 35.59
CA ILE Z 23 14.19 -22.40 34.93
C ILE Z 23 14.99 -21.17 34.51
N GLY Z 24 15.86 -20.69 35.39
CA GLY Z 24 16.65 -19.50 35.09
C GLY Z 24 16.36 -18.33 35.99
N GLU Z 25 16.02 -18.59 37.25
CA GLU Z 25 15.65 -17.57 38.22
C GLU Z 25 16.52 -17.67 39.45
N PRO Z 26 16.70 -16.57 40.20
CA PRO Z 26 17.55 -16.60 41.39
C PRO Z 26 16.92 -17.32 42.57
N ALA Z 27 17.60 -17.28 43.71
CA ALA Z 27 17.22 -18.07 44.88
C ALA Z 27 15.92 -17.56 45.49
N VAL Z 28 15.43 -18.27 46.51
CA VAL Z 28 14.17 -17.93 47.18
C VAL Z 28 14.42 -17.43 48.61
N LEU Z 29 15.46 -17.94 49.26
CA LEU Z 29 16.04 -17.35 50.48
C LEU Z 29 15.24 -17.62 51.75
N GLN Z 30 14.04 -18.18 51.67
CA GLN Z 30 13.33 -18.48 52.92
C GLN Z 30 12.71 -19.87 52.96
N LEU Z 31 12.30 -20.40 51.81
CA LEU Z 31 11.47 -21.59 51.75
C LEU Z 31 10.17 -21.35 52.49
N ASP Z 32 9.36 -20.41 52.00
CA ASP Z 32 8.08 -20.10 52.60
C ASP Z 32 6.99 -20.97 51.99
N GLU Z 33 5.74 -20.81 52.42
CA GLU Z 33 4.63 -21.58 51.90
C GLU Z 33 3.66 -20.79 51.04
N GLY Z 34 3.63 -19.46 51.14
CA GLY Z 34 2.74 -18.68 50.30
C GLY Z 34 3.10 -18.75 48.83
N ASN Z 35 4.40 -18.83 48.55
CA ASN Z 35 4.87 -18.83 47.16
C ASN Z 35 4.39 -20.08 46.43
N ALA Z 36 4.11 -19.93 45.14
CA ALA Z 36 3.52 -21.02 44.36
C ALA Z 36 4.55 -22.10 44.03
N ASP Z 37 5.79 -21.69 43.71
CA ASP Z 37 6.78 -22.63 43.21
C ASP Z 37 7.15 -23.67 44.25
N VAL Z 38 7.30 -23.26 45.52
CA VAL Z 38 7.77 -24.17 46.56
C VAL Z 38 6.79 -25.31 46.76
N SER Z 39 5.49 -24.98 46.81
CA SER Z 39 4.47 -26.01 47.03
C SER Z 39 4.47 -27.04 45.92
N ASN Z 40 4.64 -26.58 44.67
CA ASN Z 40 4.66 -27.52 43.55
C ASN Z 40 5.93 -28.38 43.57
N ALA Z 41 7.07 -27.78 43.92
CA ALA Z 41 8.33 -28.52 43.86
C ALA Z 41 8.43 -29.58 44.95
N GLN Z 42 7.90 -29.28 46.14
CA GLN Z 42 8.10 -30.18 47.27
C GLN Z 42 7.42 -31.54 47.04
N ARG Z 43 6.21 -31.54 46.48
CA ARG Z 43 5.51 -32.79 46.24
C ARG Z 43 6.26 -33.66 45.24
N ILE Z 44 6.78 -33.06 44.18
CA ILE Z 44 7.54 -33.81 43.19
C ILE Z 44 8.79 -34.41 43.83
N LEU Z 45 9.49 -33.62 44.64
CA LEU Z 45 10.68 -34.14 45.30
C LEU Z 45 10.34 -35.32 46.20
N HIS Z 46 9.27 -35.20 46.97
CA HIS Z 46 8.87 -36.29 47.86
C HIS Z 46 8.53 -37.55 47.08
N ARG Z 47 7.78 -37.40 45.99
CA ARG Z 47 7.39 -38.57 45.20
C ARG Z 47 8.60 -39.26 44.60
N VAL Z 48 9.54 -38.48 44.06
CA VAL Z 48 10.73 -39.09 43.46
C VAL Z 48 11.56 -39.81 44.51
N ASN Z 49 11.72 -39.20 45.69
CA ASN Z 49 12.46 -39.86 46.76
C ASN Z 49 11.82 -41.19 47.13
N ARG Z 50 10.50 -41.19 47.32
CA ARG Z 50 9.83 -42.42 47.72
C ARG Z 50 9.96 -43.49 46.64
N GLN Z 51 9.82 -43.10 45.38
CA GLN Z 51 9.91 -44.09 44.30
C GLN Z 51 11.31 -44.69 44.22
N VAL Z 52 12.34 -43.86 44.33
CA VAL Z 52 13.71 -44.36 44.18
C VAL Z 52 14.08 -45.25 45.36
N GLN Z 53 13.65 -44.89 46.56
CA GLN Z 53 14.05 -45.66 47.74
C GLN Z 53 13.46 -47.07 47.76
N ALA Z 54 12.46 -47.37 46.93
CA ALA Z 54 11.71 -48.62 47.03
C ALA Z 54 12.10 -49.63 45.96
N LYS Z 55 13.39 -49.70 45.62
CA LYS Z 55 13.88 -50.63 44.62
C LYS Z 55 14.73 -51.74 45.21
N GLY Z 56 15.17 -51.61 46.46
CA GLY Z 56 15.96 -52.64 47.09
C GLY Z 56 17.46 -52.44 46.91
N TRP Z 57 18.17 -52.26 48.02
CA TRP Z 57 19.61 -52.07 48.01
C TRP Z 57 20.23 -52.81 49.17
N ASN Z 58 21.54 -53.03 49.09
CA ASN Z 58 22.22 -53.85 50.09
C ASN Z 58 22.20 -53.21 51.47
N PHE Z 59 22.12 -51.90 51.56
CA PHE Z 59 22.08 -51.21 52.85
C PHE Z 59 20.66 -50.96 53.33
N ASN Z 60 19.65 -51.44 52.59
CA ASN Z 60 18.26 -51.11 52.86
C ASN Z 60 17.39 -52.31 53.21
N ILE Z 61 17.87 -53.54 53.02
CA ILE Z 61 17.05 -54.73 53.20
C ILE Z 61 17.41 -55.36 54.53
N ASN Z 62 16.47 -55.33 55.47
CA ASN Z 62 16.63 -56.00 56.76
C ASN Z 62 16.10 -57.41 56.63
N GLU Z 63 17.00 -58.40 56.71
CA GLU Z 63 16.61 -59.78 56.47
C GLU Z 63 15.76 -60.34 57.61
N ALA Z 64 16.17 -60.09 58.85
CA ALA Z 64 15.51 -60.69 60.02
C ALA Z 64 14.91 -59.58 60.88
N ALA Z 65 13.59 -59.42 60.77
CA ALA Z 65 12.85 -58.47 61.59
C ALA Z 65 11.69 -59.18 62.25
N VAL Z 66 11.31 -58.72 63.44
CA VAL Z 66 10.30 -59.39 64.26
C VAL Z 66 9.08 -58.48 64.37
N LEU Z 67 7.91 -59.03 64.05
CA LEU Z 67 6.65 -58.36 64.24
C LEU Z 67 5.83 -59.11 65.28
N THR Z 68 5.13 -58.37 66.14
CA THR Z 68 4.38 -59.02 67.21
C THR Z 68 2.94 -58.54 67.24
N PRO Z 69 2.00 -59.40 67.59
CA PRO Z 69 0.60 -58.97 67.71
C PRO Z 69 0.31 -58.43 69.09
N ASP Z 70 -0.74 -57.62 69.19
CA ASP Z 70 -1.17 -57.09 70.47
C ASP Z 70 -2.02 -58.13 71.21
N VAL Z 71 -2.68 -57.68 72.28
CA VAL Z 71 -3.28 -58.60 73.24
C VAL Z 71 -4.78 -58.79 72.99
N GLN Z 72 -5.51 -57.68 72.89
CA GLN Z 72 -6.97 -57.72 72.87
C GLN Z 72 -7.51 -58.60 71.76
N ASP Z 73 -7.27 -58.21 70.50
CA ASP Z 73 -7.65 -59.02 69.35
C ASP Z 73 -6.39 -59.35 68.55
N ASN Z 74 -6.26 -60.60 68.16
CA ASN Z 74 -5.01 -61.06 67.54
C ASN Z 74 -4.88 -60.53 66.12
N ARG Z 75 -4.25 -59.37 65.97
CA ARG Z 75 -4.05 -58.74 64.67
C ARG Z 75 -2.72 -58.01 64.67
N ILE Z 76 -2.25 -57.68 63.46
CA ILE Z 76 -1.03 -56.91 63.27
C ILE Z 76 -1.33 -55.76 62.32
N ARG Z 77 -0.91 -54.56 62.70
CA ARG Z 77 -1.22 -53.36 61.94
C ARG Z 77 -0.31 -53.24 60.72
N PHE Z 78 -0.72 -52.37 59.79
CA PHE Z 78 0.01 -52.12 58.55
C PHE Z 78 0.35 -50.63 58.50
N LEU Z 79 1.53 -50.28 59.01
CA LEU Z 79 1.96 -48.89 59.03
C LEU Z 79 2.19 -48.37 57.61
N PRO Z 80 2.02 -47.07 57.39
CA PRO Z 80 2.18 -46.53 56.04
C PRO Z 80 3.63 -46.31 55.65
N SER Z 81 4.56 -46.73 56.51
CA SER Z 81 5.99 -46.62 56.22
C SER Z 81 6.58 -47.90 55.67
N TYR Z 82 5.76 -48.93 55.43
CA TYR Z 82 6.24 -50.18 54.88
C TYR Z 82 6.18 -50.13 53.35
N LEU Z 83 7.24 -50.61 52.70
CA LEU Z 83 7.35 -50.56 51.25
C LEU Z 83 7.26 -51.94 50.59
N ARG Z 84 7.93 -52.94 51.14
CA ARG Z 84 7.88 -54.29 50.60
C ARG Z 84 7.88 -55.28 51.76
N VAL Z 85 7.07 -56.33 51.66
CA VAL Z 85 7.03 -57.38 52.66
C VAL Z 85 7.13 -58.72 51.93
N MET Z 86 8.15 -59.50 52.25
CA MET Z 86 8.39 -60.78 51.59
C MET Z 86 8.95 -61.77 52.61
N THR Z 87 9.12 -63.01 52.16
CA THR Z 87 9.76 -64.06 52.94
C THR Z 87 11.14 -64.34 52.36
N ALA Z 88 12.07 -64.70 53.25
CA ALA Z 88 13.48 -64.83 52.91
C ALA Z 88 13.74 -65.73 51.71
N GLY Z 89 13.40 -67.01 51.82
CA GLY Z 89 13.73 -67.95 50.76
C GLY Z 89 12.60 -68.84 50.30
N ALA Z 90 11.38 -68.32 50.25
CA ALA Z 90 10.24 -69.12 49.83
C ALA Z 90 9.15 -68.19 49.32
N THR Z 91 8.15 -68.77 48.68
CA THR Z 91 7.02 -68.01 48.18
C THR Z 91 6.21 -67.45 49.35
N SER Z 92 5.66 -66.25 49.16
CA SER Z 92 4.94 -65.56 50.21
C SER Z 92 3.64 -64.99 49.67
N TYR Z 93 2.63 -64.91 50.53
CA TYR Z 93 1.33 -64.33 50.21
C TYR Z 93 0.96 -63.34 51.31
N TYR Z 94 1.33 -62.07 51.13
CA TYR Z 94 1.04 -61.03 52.09
C TYR Z 94 0.48 -59.82 51.36
N SER Z 95 -0.46 -59.13 52.01
CA SER Z 95 -1.09 -57.95 51.43
C SER Z 95 -1.81 -57.20 52.55
N ASN Z 96 -2.33 -56.03 52.21
CA ASN Z 96 -3.07 -55.19 53.14
C ASN Z 96 -4.56 -55.30 52.85
N MET Z 97 -5.35 -55.51 53.91
CA MET Z 97 -6.80 -55.65 53.76
C MET Z 97 -7.45 -54.99 54.98
N GLY Z 98 -7.94 -53.77 54.79
CA GLY Z 98 -8.55 -53.02 55.89
C GLY Z 98 -7.57 -52.62 56.97
N GLY Z 99 -6.37 -52.22 56.58
CA GLY Z 99 -5.37 -51.81 57.56
C GLY Z 99 -4.91 -52.92 58.48
N TYR Z 100 -4.69 -54.12 57.92
CA TYR Z 100 -4.25 -55.26 58.71
C TYR Z 100 -3.50 -56.22 57.79
N LEU Z 101 -2.77 -57.15 58.41
CA LEU Z 101 -1.95 -58.10 57.69
C LEU Z 101 -2.81 -59.32 57.32
N TYR Z 102 -2.87 -59.62 56.03
CA TYR Z 102 -3.73 -60.68 55.51
C TYR Z 102 -2.86 -61.75 54.84
N ASP Z 103 -3.13 -63.02 55.18
CA ASP Z 103 -2.42 -64.15 54.62
C ASP Z 103 -3.35 -64.87 53.65
N LEU Z 104 -3.01 -64.84 52.36
CA LEU Z 104 -3.89 -65.41 51.36
C LEU Z 104 -3.96 -66.93 51.44
N SER Z 105 -2.87 -67.57 51.89
CA SER Z 105 -2.83 -69.02 51.93
C SER Z 105 -3.86 -69.59 52.90
N THR Z 106 -3.98 -68.99 54.08
CA THR Z 106 -4.90 -69.48 55.09
C THR Z 106 -6.21 -68.71 55.14
N GLN Z 107 -6.29 -67.56 54.44
CA GLN Z 107 -7.51 -66.77 54.34
C GLN Z 107 -8.02 -66.35 55.73
N SER Z 108 -7.17 -65.61 56.43
CA SER Z 108 -7.51 -65.12 57.76
C SER Z 108 -6.55 -64.01 58.15
N THR Z 109 -6.87 -63.35 59.26
CA THR Z 109 -6.03 -62.31 59.86
C THR Z 109 -5.91 -62.55 61.35
N THR Z 110 -5.58 -63.78 61.74
CA THR Z 110 -5.62 -64.21 63.14
C THR Z 110 -4.27 -64.78 63.55
N PHE Z 111 -3.21 -64.03 63.26
CA PHE Z 111 -1.89 -64.40 63.75
C PHE Z 111 -1.88 -64.44 65.27
N THR Z 112 -1.29 -65.49 65.83
CA THR Z 112 -1.30 -65.72 67.27
C THR Z 112 0.07 -65.59 67.93
N ASP Z 113 1.15 -65.80 67.18
CA ASP Z 113 2.50 -65.77 67.71
C ASP Z 113 3.37 -64.85 66.85
N PRO Z 114 4.43 -64.29 67.43
CA PRO Z 114 5.31 -63.42 66.65
C PRO Z 114 5.95 -64.17 65.48
N ILE Z 115 6.10 -63.46 64.37
CA ILE Z 115 6.63 -64.02 63.14
C ILE Z 115 7.82 -63.17 62.68
N THR Z 116 8.56 -63.70 61.71
CA THR Z 116 9.72 -63.03 61.16
C THR Z 116 9.57 -62.87 59.65
N VAL Z 117 9.90 -61.68 59.15
CA VAL Z 117 9.76 -61.36 57.74
C VAL Z 117 10.95 -60.55 57.27
N GLU Z 118 10.94 -60.15 56.00
CA GLU Z 118 11.94 -59.27 55.42
C GLU Z 118 11.24 -58.08 54.79
N LEU Z 119 11.55 -56.87 55.28
CA LEU Z 119 10.85 -55.69 54.82
C LEU Z 119 11.84 -54.54 54.59
N VAL Z 120 11.34 -53.47 54.01
CA VAL Z 120 12.11 -52.28 53.66
C VAL Z 120 11.34 -51.07 54.17
N GLU Z 121 11.99 -50.21 54.94
CA GLU Z 121 11.36 -49.01 55.49
C GLU Z 121 11.91 -47.76 54.83
N MET Z 122 11.23 -46.64 55.08
CA MET Z 122 11.58 -45.37 54.46
C MET Z 122 12.42 -44.53 55.40
N LYS Z 123 13.29 -43.71 54.81
CA LYS Z 123 14.24 -42.89 55.55
C LYS Z 123 14.12 -41.44 55.10
N PRO Z 124 14.48 -40.50 55.98
CA PRO Z 124 14.45 -39.08 55.60
C PRO Z 124 15.46 -38.79 54.50
N PHE Z 125 15.17 -37.73 53.73
CA PHE Z 125 15.97 -37.41 52.55
C PHE Z 125 17.41 -37.07 52.94
N SER Z 126 17.60 -36.35 54.05
CA SER Z 126 18.93 -35.88 54.41
C SER Z 126 19.81 -36.96 55.01
N GLU Z 127 19.35 -38.21 55.07
CA GLU Z 127 20.15 -39.28 55.65
C GLU Z 127 20.47 -40.34 54.61
N MET Z 128 20.85 -39.93 53.42
CA MET Z 128 21.16 -40.81 52.30
C MET Z 128 22.55 -40.50 51.78
N PRO Z 129 23.19 -41.46 51.11
CA PRO Z 129 24.50 -41.19 50.51
C PRO Z 129 24.42 -40.12 49.42
N VAL Z 130 25.58 -39.57 49.07
CA VAL Z 130 25.64 -38.36 48.26
C VAL Z 130 25.13 -38.63 46.84
N VAL Z 131 25.62 -39.69 46.21
CA VAL Z 131 25.30 -39.95 44.81
C VAL Z 131 23.80 -40.13 44.62
N PHE Z 132 23.15 -40.80 45.58
CA PHE Z 132 21.71 -40.95 45.50
C PHE Z 132 21.02 -39.59 45.56
N ARG Z 133 21.50 -38.69 46.42
CA ARG Z 133 20.91 -37.37 46.52
C ARG Z 133 21.04 -36.62 45.20
N ASP Z 134 22.22 -36.66 44.58
CA ASP Z 134 22.40 -35.97 43.30
C ASP Z 134 21.50 -36.56 42.22
N TYR Z 135 21.41 -37.90 42.17
CA TYR Z 135 20.57 -38.55 41.17
C TYR Z 135 19.11 -38.15 41.34
N ILE Z 136 18.64 -38.14 42.59
CA ILE Z 136 17.25 -37.76 42.88
C ILE Z 136 17.00 -36.32 42.48
N VAL Z 137 17.93 -35.42 42.79
CA VAL Z 137 17.74 -34.02 42.45
C VAL Z 137 17.64 -33.83 40.95
N THR Z 138 18.52 -34.50 40.19
CA THR Z 138 18.46 -34.37 38.73
C THR Z 138 17.14 -34.90 38.18
N LYS Z 139 16.70 -36.07 38.67
CA LYS Z 139 15.44 -36.63 38.18
C LYS Z 139 14.27 -35.71 38.49
N ALA Z 140 14.24 -35.12 39.68
CA ALA Z 140 13.16 -34.19 40.02
C ALA Z 140 13.20 -32.94 39.16
N SER Z 141 14.41 -32.43 38.89
CA SER Z 141 14.53 -31.24 38.05
C SER Z 141 13.98 -31.49 36.65
N ARG Z 142 14.24 -32.69 36.10
CA ARG Z 142 13.71 -33.00 34.78
C ARG Z 142 12.19 -32.90 34.74
N GLU Z 143 11.50 -33.50 35.72
CA GLU Z 143 10.05 -33.44 35.75
C GLU Z 143 9.57 -32.01 35.93
N PHE Z 144 10.20 -31.26 36.83
CA PHE Z 144 9.76 -29.90 37.10
C PHE Z 144 9.86 -29.05 35.84
N ASN Z 145 10.96 -29.20 35.09
CA ASN Z 145 11.08 -28.48 33.83
C ASN Z 145 10.03 -28.95 32.83
N ALA Z 146 9.80 -30.26 32.75
CA ALA Z 146 8.91 -30.80 31.73
C ALA Z 146 7.47 -30.34 31.91
N LYS Z 147 6.99 -30.27 33.15
CA LYS Z 147 5.57 -30.04 33.38
C LYS Z 147 5.17 -28.58 33.45
N PHE Z 148 6.00 -27.70 34.02
CA PHE Z 148 5.56 -26.35 34.35
C PHE Z 148 6.19 -25.28 33.46
N PHE Z 149 7.30 -25.56 32.79
CA PHE Z 149 7.94 -24.56 31.95
C PHE Z 149 8.84 -25.20 30.90
N GLY Z 150 8.42 -25.14 29.64
CA GLY Z 150 9.16 -25.84 28.60
C GLY Z 150 10.30 -25.05 28.00
N SER Z 151 11.53 -25.36 28.43
CA SER Z 151 12.71 -24.74 27.85
C SER Z 151 13.45 -25.73 26.96
N PRO Z 152 13.98 -25.29 25.82
CA PRO Z 152 14.57 -26.22 24.85
C PRO Z 152 16.05 -26.51 25.03
N GLU Z 153 16.79 -25.70 25.80
CA GLU Z 153 18.21 -25.93 26.00
C GLU Z 153 18.56 -26.44 27.39
N SER Z 154 17.69 -26.29 28.38
CA SER Z 154 17.92 -26.92 29.67
C SER Z 154 17.93 -28.43 29.52
N GLU Z 155 17.02 -28.97 28.72
CA GLU Z 155 17.09 -30.37 28.31
C GLU Z 155 18.21 -30.53 27.27
N LEU Z 156 18.51 -31.78 26.92
CA LEU Z 156 19.63 -32.23 26.10
C LEU Z 156 20.93 -32.19 26.87
N TYR Z 157 20.93 -31.76 28.11
CA TYR Z 157 22.07 -31.82 29.01
C TYR Z 157 21.77 -32.61 30.28
N LEU Z 158 20.56 -32.45 30.81
CA LEU Z 158 20.15 -33.21 31.98
C LEU Z 158 20.10 -34.70 31.67
N ARG Z 159 19.85 -35.08 30.42
CA ARG Z 159 19.84 -36.50 30.07
C ARG Z 159 21.22 -37.11 30.21
N GLU Z 160 22.24 -36.44 29.67
CA GLU Z 160 23.61 -36.92 29.83
C GLU Z 160 24.01 -36.94 31.30
N GLN Z 161 23.63 -35.90 32.04
CA GLN Z 161 23.93 -35.87 33.47
C GLN Z 161 23.30 -37.06 34.18
N GLU Z 162 22.05 -37.37 33.85
CA GLU Z 162 21.35 -38.47 34.49
C GLU Z 162 22.03 -39.80 34.18
N ALA Z 163 22.41 -40.02 32.92
CA ALA Z 163 23.07 -41.27 32.56
C ALA Z 163 24.40 -41.41 33.29
N GLU Z 164 25.18 -40.32 33.35
CA GLU Z 164 26.47 -40.37 34.01
C GLU Z 164 26.31 -40.66 35.49
N LEU Z 165 25.30 -40.08 36.13
CA LEU Z 165 25.06 -40.36 37.54
C LEU Z 165 24.59 -41.78 37.76
N TYR Z 166 23.76 -42.30 36.85
CA TYR Z 166 23.26 -43.66 36.97
C TYR Z 166 24.40 -44.66 36.94
N GLN Z 167 25.35 -44.47 36.02
CA GLN Z 167 26.51 -45.35 35.99
C GLN Z 167 27.21 -45.37 37.35
N GLN Z 168 27.51 -44.18 37.88
CA GLN Z 168 28.25 -44.08 39.14
C GLN Z 168 27.50 -44.76 40.28
N VAL Z 169 26.18 -44.59 40.34
CA VAL Z 169 25.38 -45.30 41.34
C VAL Z 169 25.58 -46.80 41.18
N MET Z 170 25.65 -47.27 39.94
CA MET Z 170 25.83 -48.71 39.72
C MET Z 170 27.16 -49.22 40.29
N GLU Z 171 28.29 -48.59 39.94
CA GLU Z 171 29.53 -49.16 40.44
C GLU Z 171 29.69 -48.90 41.93
N TYR Z 172 28.99 -47.90 42.47
CA TYR Z 172 28.94 -47.78 43.93
C TYR Z 172 28.22 -48.97 44.55
N GLU Z 173 27.12 -49.39 43.93
CA GLU Z 173 26.35 -50.51 44.47
C GLU Z 173 27.17 -51.79 44.43
N MET Z 174 27.86 -52.04 43.31
CA MET Z 174 28.61 -53.29 43.21
C MET Z 174 29.81 -53.37 44.15
N ASP Z 175 30.19 -52.26 44.80
CA ASP Z 175 31.39 -52.25 45.62
C ASP Z 175 31.14 -52.62 47.07
N THR Z 176 29.95 -52.35 47.61
CA THR Z 176 29.68 -52.70 49.00
C THR Z 176 29.70 -54.20 49.21
N GLY Z 177 29.13 -54.97 48.28
CA GLY Z 177 29.12 -56.41 48.34
C GLY Z 177 30.21 -56.99 47.46
N ARG Z 178 30.73 -58.15 47.87
CA ARG Z 178 31.80 -58.79 47.11
C ARG Z 178 31.25 -59.80 46.12
N TYR Z 179 30.28 -60.62 46.56
CA TYR Z 179 29.57 -61.55 45.69
C TYR Z 179 30.49 -62.54 45.00
N ASN Z 180 31.14 -63.40 45.78
CA ASN Z 180 32.01 -64.44 45.24
C ASN Z 180 31.18 -65.64 44.81
N MET Z 181 31.39 -66.10 43.58
CA MET Z 181 30.55 -67.17 43.04
C MET Z 181 30.99 -68.53 43.54
N MET Z 182 32.21 -68.65 44.07
CA MET Z 182 32.67 -69.92 44.61
C MET Z 182 31.80 -70.36 45.79
N SER Z 183 31.80 -69.57 46.86
CA SER Z 183 30.86 -69.75 47.97
C SER Z 183 30.90 -71.16 48.57
N ASP Z 184 32.04 -71.53 49.16
CA ASP Z 184 32.17 -72.78 49.89
C ASP Z 184 31.91 -74.00 49.03
N ILE Z 185 32.74 -74.22 48.02
CA ILE Z 185 32.73 -75.48 47.27
C ILE Z 185 34.15 -76.04 47.25
N GLY Z 186 34.39 -77.06 48.07
CA GLY Z 186 35.73 -77.61 48.22
C GLY Z 186 35.70 -79.09 48.56
N ARG Z 187 36.68 -79.81 48.03
CA ARG Z 187 36.84 -81.23 48.25
C ARG Z 187 38.16 -81.66 47.63
N ASP Z 188 38.64 -82.84 48.05
CA ASP Z 188 39.90 -83.37 47.53
C ASP Z 188 39.78 -83.66 46.04
N MET AA 1 -20.20 -45.91 46.39
CA MET AA 1 -19.18 -45.14 47.10
C MET AA 1 -18.07 -44.71 46.15
N ALA AA 2 -17.54 -43.50 46.38
CA ALA AA 2 -16.47 -42.99 45.53
C ALA AA 2 -15.20 -43.84 45.62
N GLN AA 3 -15.05 -44.61 46.69
CA GLN AA 3 -13.85 -45.45 46.84
C GLN AA 3 -14.00 -46.76 46.09
N TYR AA 4 -14.99 -47.58 46.47
CA TYR AA 4 -15.02 -48.96 46.03
C TYR AA 4 -15.63 -49.11 44.64
N ILE AA 5 -16.94 -48.87 44.51
CA ILE AA 5 -17.66 -48.76 43.24
C ILE AA 5 -18.87 -47.86 43.47
N PRO AA 6 -19.21 -46.97 42.54
CA PRO AA 6 -20.47 -46.24 42.65
C PRO AA 6 -21.66 -47.18 42.66
N LEU AA 7 -22.69 -46.79 43.41
CA LEU AA 7 -23.84 -47.65 43.64
C LEU AA 7 -24.84 -47.55 42.49
N ASN AA 8 -25.38 -48.72 42.10
CA ASN AA 8 -26.42 -48.81 41.08
C ASN AA 8 -26.03 -48.12 39.77
N ALA AA 9 -24.98 -48.62 39.13
CA ALA AA 9 -24.47 -48.03 37.90
C ALA AA 9 -25.28 -48.49 36.70
N ASN AA 10 -25.20 -47.71 35.62
CA ASN AA 10 -25.84 -48.03 34.36
C ASN AA 10 -24.75 -48.15 33.30
N ASP AA 11 -24.65 -49.32 32.68
CA ASP AA 11 -23.51 -49.61 31.82
C ASP AA 11 -23.61 -48.88 30.49
N ASP AA 12 -24.80 -48.87 29.88
CA ASP AA 12 -24.95 -48.26 28.57
C ASP AA 12 -24.69 -46.75 28.63
N LEU AA 13 -25.20 -46.09 29.67
CA LEU AA 13 -24.94 -44.67 29.83
C LEU AA 13 -23.46 -44.38 29.99
N ASP AA 14 -22.77 -45.21 30.77
CA ASP AA 14 -21.33 -45.04 30.95
C ASP AA 14 -20.59 -45.21 29.63
N ALA AA 15 -20.99 -46.21 28.84
CA ALA AA 15 -20.34 -46.43 27.55
C ALA AA 15 -20.55 -45.25 26.62
N ILE AA 16 -21.77 -44.71 26.57
CA ILE AA 16 -22.03 -43.57 25.72
C ILE AA 16 -21.21 -42.35 26.17
N ASN AA 17 -21.22 -42.08 27.47
CA ASN AA 17 -20.48 -40.93 27.99
C ASN AA 17 -18.99 -41.07 27.73
N ASP AA 18 -18.48 -42.30 27.78
CA ASP AA 18 -17.08 -42.52 27.46
C ASP AA 18 -16.82 -42.29 25.97
N MET AA 19 -17.77 -42.66 25.12
CA MET AA 19 -17.60 -42.44 23.69
C MET AA 19 -17.57 -40.96 23.34
N LEU AA 20 -18.42 -40.15 23.99
CA LEU AA 20 -18.35 -38.71 23.75
C LEU AA 20 -17.09 -38.08 24.32
N ALA AA 21 -16.38 -38.78 25.21
CA ALA AA 21 -15.17 -38.21 25.78
C ALA AA 21 -14.08 -38.01 24.74
N ALA AA 22 -14.01 -38.91 23.75
CA ALA AA 22 -12.99 -38.81 22.72
C ALA AA 22 -13.11 -37.50 21.93
N ILE AA 23 -14.33 -36.99 21.78
CA ILE AA 23 -14.52 -35.73 21.08
C ILE AA 23 -14.01 -34.57 21.94
N GLY AA 24 -14.30 -34.60 23.23
CA GLY AA 24 -13.85 -33.54 24.12
C GLY AA 24 -14.96 -32.74 24.76
N GLU AA 25 -16.09 -33.38 25.05
CA GLU AA 25 -17.27 -32.73 25.59
C GLU AA 25 -17.73 -33.43 26.85
N PRO AA 26 -18.44 -32.72 27.74
CA PRO AA 26 -18.88 -33.32 29.00
C PRO AA 26 -20.06 -34.27 28.84
N ALA AA 27 -20.58 -34.76 29.96
CA ALA AA 27 -21.56 -35.84 29.97
C ALA AA 27 -22.93 -35.35 29.49
N VAL AA 28 -23.90 -36.26 29.43
CA VAL AA 28 -25.23 -35.98 28.89
C VAL AA 28 -26.29 -36.10 29.97
N LEU AA 29 -26.12 -37.05 30.88
CA LEU AA 29 -26.91 -37.20 32.11
C LEU AA 29 -28.30 -37.80 31.92
N GLN AA 30 -28.74 -38.07 30.70
CA GLN AA 30 -30.05 -38.68 30.55
C GLN AA 30 -30.10 -39.84 29.57
N LEU AA 31 -29.29 -39.83 28.53
CA LEU AA 31 -29.45 -40.77 27.41
C LEU AA 31 -30.84 -40.63 26.82
N ASP AA 32 -31.14 -39.45 26.27
CA ASP AA 32 -32.44 -39.17 25.67
C ASP AA 32 -32.39 -39.52 24.19
N GLU AA 33 -33.51 -39.34 23.48
CA GLU AA 33 -33.57 -39.59 22.05
C GLU AA 33 -33.62 -38.32 21.20
N GLY AA 34 -33.97 -37.17 21.77
CA GLY AA 34 -33.99 -35.95 20.98
C GLY AA 34 -32.61 -35.52 20.52
N ASN AA 35 -31.60 -35.74 21.36
CA ASN AA 35 -30.25 -35.30 21.03
C ASN AA 35 -29.71 -36.06 19.83
N ALA AA 36 -28.87 -35.38 19.05
CA ALA AA 36 -28.38 -35.97 17.80
C ALA AA 36 -27.29 -37.00 18.04
N ASP AA 37 -26.41 -36.77 19.02
CA ASP AA 37 -25.25 -37.62 19.21
C ASP AA 37 -25.66 -39.03 19.64
N VAL AA 38 -26.66 -39.13 20.51
CA VAL AA 38 -27.01 -40.43 21.10
C VAL AA 38 -27.50 -41.39 20.02
N SER AA 39 -28.35 -40.89 19.12
CA SER AA 39 -28.90 -41.75 18.07
C SER AA 39 -27.80 -42.27 17.16
N ASN AA 40 -26.83 -41.42 16.82
CA ASN AA 40 -25.72 -41.86 16.00
C ASN AA 40 -24.84 -42.87 16.72
N ALA AA 41 -24.62 -42.66 18.02
CA ALA AA 41 -23.70 -43.51 18.76
C ALA AA 41 -24.27 -44.92 18.98
N GLN AA 42 -25.57 -44.99 19.26
CA GLN AA 42 -26.16 -46.28 19.66
C GLN AA 42 -26.08 -47.31 18.55
N ARG AA 43 -26.34 -46.90 17.30
CA ARG AA 43 -26.32 -47.84 16.19
C ARG AA 43 -24.91 -48.40 15.99
N ILE AA 44 -23.90 -47.53 16.07
CA ILE AA 44 -22.52 -47.98 15.90
C ILE AA 44 -22.15 -48.97 17.00
N LEU AA 45 -22.54 -48.67 18.25
CA LEU AA 45 -22.23 -49.57 19.34
C LEU AA 45 -22.89 -50.94 19.12
N HIS AA 46 -24.15 -50.95 18.72
CA HIS AA 46 -24.85 -52.20 18.48
C HIS AA 46 -24.19 -53.01 17.37
N ARG AA 47 -23.83 -52.34 16.27
CA ARG AA 47 -23.20 -53.05 15.16
C ARG AA 47 -21.86 -53.66 15.56
N VAL AA 48 -21.04 -52.90 16.31
CA VAL AA 48 -19.75 -53.42 16.72
C VAL AA 48 -19.93 -54.61 17.66
N ASN AA 49 -20.89 -54.52 18.58
CA ASN AA 49 -21.16 -55.66 19.47
C ASN AA 49 -21.53 -56.90 18.67
N ARG AA 50 -22.44 -56.75 17.71
CA ARG AA 50 -22.86 -57.89 16.90
C ARG AA 50 -21.69 -58.48 16.13
N GLN AA 51 -20.85 -57.63 15.55
CA GLN AA 51 -19.73 -58.12 14.76
C GLN AA 51 -18.73 -58.89 15.63
N VAL AA 52 -18.36 -58.31 16.77
CA VAL AA 52 -17.32 -58.94 17.60
C VAL AA 52 -17.82 -60.22 18.23
N GLN AA 53 -19.08 -60.25 18.68
CA GLN AA 53 -19.58 -61.42 19.39
C GLN AA 53 -19.72 -62.65 18.50
N ALA AA 54 -19.70 -62.49 17.18
CA ALA AA 54 -20.01 -63.57 16.25
C ALA AA 54 -18.78 -64.23 15.65
N LYS AA 55 -17.63 -64.14 16.34
CA LYS AA 55 -16.41 -64.76 15.85
C LYS AA 55 -16.20 -66.16 16.38
N GLY AA 56 -16.95 -66.57 17.40
CA GLY AA 56 -16.81 -67.91 17.94
C GLY AA 56 -15.78 -67.99 19.05
N TRP AA 57 -16.24 -68.34 20.26
CA TRP AA 57 -15.37 -68.48 21.42
C TRP AA 57 -15.73 -69.77 22.15
N ASN AA 58 -15.09 -69.99 23.31
CA ASN AA 58 -15.31 -71.20 24.07
C ASN AA 58 -16.55 -71.14 24.95
N PHE AA 59 -17.11 -69.96 25.18
CA PHE AA 59 -18.33 -69.83 25.99
C PHE AA 59 -19.56 -69.51 25.15
N ASN AA 60 -19.44 -69.52 23.82
CA ASN AA 60 -20.58 -69.35 22.93
C ASN AA 60 -20.99 -70.63 22.21
N ILE AA 61 -20.03 -71.46 21.80
CA ILE AA 61 -20.31 -72.61 20.95
C ILE AA 61 -21.03 -73.68 21.77
N ASN AA 62 -22.32 -73.85 21.52
CA ASN AA 62 -23.11 -74.89 22.15
C ASN AA 62 -23.14 -76.09 21.21
N GLU AA 63 -22.32 -77.11 21.52
CA GLU AA 63 -22.17 -78.24 20.61
C GLU AA 63 -23.47 -79.01 20.44
N ALA AA 64 -24.18 -79.25 21.53
CA ALA AA 64 -25.41 -80.04 21.51
C ALA AA 64 -26.61 -79.12 21.70
N ALA AA 65 -27.45 -79.03 20.68
CA ALA AA 65 -28.67 -78.25 20.73
C ALA AA 65 -29.75 -78.97 19.93
N VAL AA 66 -30.99 -78.85 20.38
CA VAL AA 66 -32.10 -79.59 19.81
C VAL AA 66 -33.09 -78.60 19.19
N LEU AA 67 -33.45 -78.85 17.94
CA LEU AA 67 -34.49 -78.10 17.25
C LEU AA 67 -35.63 -79.05 16.87
N THR AA 68 -36.85 -78.54 16.94
CA THR AA 68 -38.01 -79.36 16.64
C THR AA 68 -38.96 -78.64 15.68
N PRO AA 69 -39.63 -79.37 14.80
CA PRO AA 69 -40.59 -78.74 13.89
C PRO AA 69 -41.95 -78.57 14.55
N ASP AA 70 -42.81 -77.81 13.89
CA ASP AA 70 -44.17 -77.60 14.36
C ASP AA 70 -45.06 -78.73 13.88
N VAL AA 71 -46.38 -78.59 14.04
CA VAL AA 71 -47.30 -79.70 13.84
C VAL AA 71 -48.03 -79.59 12.52
N GLN AA 72 -48.66 -78.43 12.25
CA GLN AA 72 -49.50 -78.24 11.08
C GLN AA 72 -48.77 -78.63 9.80
N ASP AA 73 -47.68 -77.93 9.49
CA ASP AA 73 -46.78 -78.34 8.43
C ASP AA 73 -45.48 -78.88 9.04
N ASN AA 74 -44.51 -79.17 8.19
CA ASN AA 74 -43.22 -79.69 8.64
C ASN AA 74 -42.14 -78.72 8.21
N ARG AA 75 -41.91 -77.70 9.03
CA ARG AA 75 -40.88 -76.69 8.78
C ARG AA 75 -40.27 -76.25 10.11
N ILE AA 76 -39.11 -75.62 10.02
CA ILE AA 76 -38.41 -75.05 11.17
C ILE AA 76 -38.07 -73.61 10.85
N ARG AA 77 -38.39 -72.70 11.76
CA ARG AA 77 -38.19 -71.29 11.51
C ARG AA 77 -36.73 -70.91 11.69
N PHE AA 78 -36.36 -69.76 11.12
CA PHE AA 78 -35.02 -69.21 11.20
C PHE AA 78 -35.10 -67.88 11.94
N LEU AA 79 -34.89 -67.93 13.26
CA LEU AA 79 -34.99 -66.74 14.09
C LEU AA 79 -33.86 -65.77 13.75
N PRO AA 80 -34.09 -64.48 13.95
CA PRO AA 80 -33.05 -63.48 13.67
C PRO AA 80 -31.97 -63.38 14.74
N SER AA 81 -31.98 -64.25 15.75
CA SER AA 81 -30.96 -64.27 16.79
C SER AA 81 -29.95 -65.38 16.58
N TYR AA 82 -29.94 -66.00 15.39
CA TYR AA 82 -28.99 -67.05 15.07
C TYR AA 82 -27.83 -66.45 14.29
N LEU AA 83 -26.61 -66.86 14.63
CA LEU AA 83 -25.41 -66.30 14.00
C LEU AA 83 -24.63 -67.30 13.16
N ARG AA 84 -24.53 -68.56 13.60
CA ARG AA 84 -23.80 -69.58 12.87
C ARG AA 84 -24.48 -70.92 13.10
N VAL AA 85 -24.67 -71.69 12.03
CA VAL AA 85 -25.24 -73.03 12.12
C VAL AA 85 -24.34 -73.99 11.36
N MET AA 86 -23.78 -74.96 12.09
CA MET AA 86 -22.91 -75.97 11.49
C MET AA 86 -23.12 -77.29 12.21
N THR AA 87 -22.59 -78.35 11.61
CA THR AA 87 -22.57 -79.68 12.20
C THR AA 87 -21.21 -79.92 12.85
N ALA AA 88 -21.23 -80.67 13.96
CA ALA AA 88 -20.05 -80.84 14.81
C ALA AA 88 -18.83 -81.36 14.06
N GLY AA 89 -18.92 -82.57 13.52
CA GLY AA 89 -17.75 -83.20 12.94
C GLY AA 89 -17.88 -83.67 11.50
N ALA AA 90 -18.59 -82.90 10.68
CA ALA AA 90 -18.76 -83.27 9.27
C ALA AA 90 -19.11 -82.01 8.49
N THR AA 91 -19.30 -82.17 7.19
CA THR AA 91 -19.70 -81.07 6.32
C THR AA 91 -21.20 -80.84 6.44
N SER AA 92 -21.61 -79.58 6.31
CA SER AA 92 -23.00 -79.19 6.49
C SER AA 92 -23.44 -78.28 5.35
N TYR AA 93 -24.72 -78.38 4.97
CA TYR AA 93 -25.33 -77.52 3.97
C TYR AA 93 -26.63 -76.96 4.55
N TYR AA 94 -26.53 -75.82 5.23
CA TYR AA 94 -27.67 -75.17 5.83
C TYR AA 94 -27.69 -73.70 5.45
N SER AA 95 -28.88 -73.16 5.21
CA SER AA 95 -29.05 -71.78 4.82
C SER AA 95 -30.50 -71.37 5.05
N ASN AA 96 -30.79 -70.11 4.74
CA ASN AA 96 -32.11 -69.53 4.96
C ASN AA 96 -32.75 -69.21 3.60
N MET AA 97 -34.02 -69.60 3.45
CA MET AA 97 -34.79 -69.27 2.25
C MET AA 97 -36.22 -69.02 2.68
N GLY AA 98 -36.62 -67.75 2.69
CA GLY AA 98 -37.97 -67.39 3.10
C GLY AA 98 -38.27 -67.65 4.56
N GLY AA 99 -37.30 -67.39 5.44
CA GLY AA 99 -37.51 -67.62 6.86
C GLY AA 99 -37.75 -69.07 7.23
N TYR AA 100 -36.99 -69.98 6.64
CA TYR AA 100 -37.12 -71.40 6.95
C TYR AA 100 -35.78 -72.07 6.73
N LEU AA 101 -35.62 -73.25 7.33
CA LEU AA 101 -34.37 -73.99 7.26
C LEU AA 101 -34.30 -74.80 5.97
N TYR AA 102 -33.20 -74.66 5.24
CA TYR AA 102 -33.02 -75.28 3.95
C TYR AA 102 -31.81 -76.20 3.98
N ASP AA 103 -31.95 -77.37 3.35
CA ASP AA 103 -30.88 -78.36 3.26
C ASP AA 103 -30.53 -78.55 1.79
N LEU AA 104 -29.36 -78.07 1.38
CA LEU AA 104 -28.99 -78.11 -0.02
C LEU AA 104 -28.76 -79.54 -0.50
N SER AA 105 -28.39 -80.44 0.41
CA SER AA 105 -28.10 -81.81 0.02
C SER AA 105 -29.33 -82.52 -0.54
N THR AA 106 -30.48 -82.33 0.12
CA THR AA 106 -31.71 -82.99 -0.30
C THR AA 106 -32.66 -82.09 -1.08
N GLN AA 107 -32.38 -80.79 -1.13
CA GLN AA 107 -33.18 -79.82 -1.88
C GLN AA 107 -34.64 -79.84 -1.42
N SER AA 108 -34.84 -79.51 -0.15
CA SER AA 108 -36.19 -79.48 0.42
C SER AA 108 -36.14 -78.68 1.71
N THR AA 109 -37.33 -78.35 2.22
CA THR AA 109 -37.50 -77.66 3.50
C THR AA 109 -38.51 -78.39 4.35
N THR AA 110 -38.47 -79.72 4.34
CA THR AA 110 -39.47 -80.55 5.03
C THR AA 110 -38.76 -81.54 5.97
N PHE AA 111 -38.50 -81.10 7.20
CA PHE AA 111 -37.98 -81.99 8.23
C PHE AA 111 -39.12 -82.63 9.01
N THR AA 112 -38.93 -83.89 9.37
CA THR AA 112 -39.98 -84.64 10.05
C THR AA 112 -39.63 -85.06 11.48
N ASP AA 113 -38.35 -85.04 11.86
CA ASP AA 113 -37.92 -85.45 13.19
C ASP AA 113 -36.95 -84.41 13.74
N PRO AA 114 -36.87 -84.27 15.05
CA PRO AA 114 -35.93 -83.31 15.64
C PRO AA 114 -34.49 -83.68 15.30
N ILE AA 115 -33.66 -82.64 15.14
CA ILE AA 115 -32.27 -82.80 14.75
C ILE AA 115 -31.39 -82.10 15.79
N THR AA 116 -30.08 -82.34 15.67
CA THR AA 116 -29.10 -81.76 16.58
C THR AA 116 -28.00 -81.08 15.79
N VAL AA 117 -27.75 -79.81 16.10
CA VAL AA 117 -26.68 -79.03 15.48
C VAL AA 117 -26.00 -78.19 16.55
N GLU AA 118 -25.01 -77.40 16.16
CA GLU AA 118 -24.38 -76.42 17.04
C GLU AA 118 -24.66 -75.04 16.49
N LEU AA 119 -24.81 -74.06 17.38
CA LEU AA 119 -25.11 -72.70 16.95
C LEU AA 119 -24.61 -71.71 17.99
N VAL AA 120 -24.56 -70.45 17.57
CA VAL AA 120 -24.09 -69.34 18.40
C VAL AA 120 -25.20 -68.30 18.42
N GLU AA 121 -25.64 -67.92 19.61
CA GLU AA 121 -26.71 -66.94 19.77
C GLU AA 121 -26.17 -65.63 20.31
N MET AA 122 -27.05 -64.64 20.40
CA MET AA 122 -26.70 -63.30 20.84
C MET AA 122 -27.01 -63.12 22.32
N LYS AA 123 -26.23 -62.27 22.97
CA LYS AA 123 -26.41 -61.94 24.37
C LYS AA 123 -26.43 -60.43 24.56
N PRO AA 124 -27.10 -59.95 25.60
CA PRO AA 124 -27.08 -58.51 25.88
C PRO AA 124 -25.69 -58.03 26.21
N PHE AA 125 -25.44 -56.75 25.91
CA PHE AA 125 -24.10 -56.19 26.05
C PHE AA 125 -23.61 -56.21 27.49
N SER AA 126 -24.54 -56.13 28.46
CA SER AA 126 -24.16 -55.94 29.85
C SER AA 126 -23.72 -57.22 30.55
N GLU AA 127 -23.84 -58.39 29.91
CA GLU AA 127 -23.46 -59.65 30.54
C GLU AA 127 -22.21 -60.26 29.93
N MET AA 128 -21.44 -59.51 29.16
CA MET AA 128 -20.16 -60.00 28.67
C MET AA 128 -19.06 -59.73 29.70
N PRO AA 129 -17.96 -60.46 29.62
CA PRO AA 129 -16.83 -60.19 30.53
C PRO AA 129 -16.23 -58.81 30.29
N VAL AA 130 -15.41 -58.37 31.25
CA VAL AA 130 -14.99 -56.97 31.31
C VAL AA 130 -14.09 -56.62 30.12
N VAL AA 131 -13.11 -57.48 29.83
CA VAL AA 131 -12.12 -57.17 28.81
C VAL AA 131 -12.80 -57.01 27.46
N PHE AA 132 -13.79 -57.85 27.18
CA PHE AA 132 -14.55 -57.72 25.93
C PHE AA 132 -15.25 -56.38 25.87
N ARG AA 133 -15.83 -55.95 27.00
CA ARG AA 133 -16.53 -54.67 27.02
C ARG AA 133 -15.57 -53.52 26.72
N ASP AA 134 -14.39 -53.53 27.34
CA ASP AA 134 -13.42 -52.47 27.07
C ASP AA 134 -12.97 -52.47 25.62
N TYR AA 135 -12.70 -53.66 25.07
CA TYR AA 135 -12.27 -53.78 23.69
C TYR AA 135 -13.33 -53.22 22.74
N ILE AA 136 -14.59 -53.58 22.98
CA ILE AA 136 -15.69 -53.12 22.15
C ILE AA 136 -15.83 -51.60 22.24
N VAL AA 137 -15.72 -51.05 23.45
CA VAL AA 137 -15.87 -49.61 23.62
C VAL AA 137 -14.78 -48.86 22.87
N THR AA 138 -13.53 -49.32 22.98
CA THR AA 138 -12.45 -48.65 22.27
C THR AA 138 -12.65 -48.72 20.76
N LYS AA 139 -13.00 -49.90 20.24
CA LYS AA 139 -13.26 -50.02 18.81
C LYS AA 139 -14.34 -49.05 18.38
N ALA AA 140 -15.49 -49.06 19.05
CA ALA AA 140 -16.60 -48.20 18.64
C ALA AA 140 -16.21 -46.73 18.69
N SER AA 141 -15.43 -46.34 19.70
CA SER AA 141 -14.94 -44.97 19.76
C SER AA 141 -14.13 -44.62 18.53
N ARG AA 142 -13.37 -45.59 18.01
CA ARG AA 142 -12.57 -45.29 16.82
C ARG AA 142 -13.45 -44.90 15.63
N GLU AA 143 -14.49 -45.69 15.32
CA GLU AA 143 -15.39 -45.29 14.24
C GLU AA 143 -16.06 -43.96 14.53
N PHE AA 144 -16.54 -43.77 15.76
CA PHE AA 144 -17.28 -42.54 16.06
C PHE AA 144 -16.41 -41.32 15.83
N ASN AA 145 -15.14 -41.39 16.24
CA ASN AA 145 -14.23 -40.27 15.98
C ASN AA 145 -13.94 -40.15 14.49
N ALA AA 146 -13.77 -41.27 13.78
CA ALA AA 146 -13.31 -41.19 12.40
C ALA AA 146 -14.39 -40.64 11.46
N LYS AA 147 -15.66 -40.94 11.74
CA LYS AA 147 -16.72 -40.62 10.78
C LYS AA 147 -17.41 -39.28 11.01
N PHE AA 148 -17.39 -38.75 12.23
CA PHE AA 148 -18.18 -37.55 12.54
C PHE AA 148 -17.34 -36.35 12.97
N PHE AA 149 -16.12 -36.57 13.46
CA PHE AA 149 -15.30 -35.44 13.90
C PHE AA 149 -13.82 -35.79 13.84
N GLY AA 150 -13.13 -35.33 12.81
CA GLY AA 150 -11.73 -35.68 12.63
C GLY AA 150 -10.78 -34.93 13.55
N SER AA 151 -10.24 -35.64 14.54
CA SER AA 151 -9.25 -35.07 15.44
C SER AA 151 -7.90 -35.76 15.24
N PRO AA 152 -6.81 -35.01 15.15
CA PRO AA 152 -5.53 -35.61 14.77
C PRO AA 152 -4.75 -36.19 15.94
N GLU AA 153 -5.06 -35.76 17.16
CA GLU AA 153 -4.31 -36.20 18.33
C GLU AA 153 -5.06 -37.18 19.21
N SER AA 154 -6.39 -37.21 19.15
CA SER AA 154 -7.13 -38.27 19.82
C SER AA 154 -6.81 -39.61 19.20
N GLU AA 155 -6.54 -39.62 17.90
CA GLU AA 155 -6.01 -40.79 17.22
C GLU AA 155 -4.55 -41.00 17.66
N LEU AA 156 -3.93 -42.05 17.13
CA LEU AA 156 -2.51 -42.35 17.35
C LEU AA 156 -2.27 -42.81 18.78
N TYR AA 157 -3.33 -42.83 19.59
CA TYR AA 157 -3.32 -43.40 20.93
C TYR AA 157 -4.28 -44.56 21.07
N LEU AA 158 -5.46 -44.44 20.45
CA LEU AA 158 -6.43 -45.52 20.47
C LEU AA 158 -5.89 -46.76 19.78
N ARG AA 159 -4.95 -46.58 18.85
CA ARG AA 159 -4.34 -47.73 18.19
C ARG AA 159 -3.54 -48.58 19.17
N GLU AA 160 -2.67 -47.92 19.94
CA GLU AA 160 -1.92 -48.64 20.97
C GLU AA 160 -2.86 -49.26 22.00
N GLN AA 161 -3.89 -48.51 22.39
CA GLN AA 161 -4.86 -49.04 23.34
C GLN AA 161 -5.52 -50.31 22.80
N GLU AA 162 -5.91 -50.29 21.52
CA GLU AA 162 -6.58 -51.43 20.90
C GLU AA 162 -5.66 -52.64 20.86
N ALA AA 163 -4.39 -52.43 20.47
CA ALA AA 163 -3.46 -53.54 20.40
C ALA AA 163 -3.23 -54.15 21.79
N GLU AA 164 -3.05 -53.30 22.80
CA GLU AA 164 -2.82 -53.79 24.15
C GLU AA 164 -4.03 -54.57 24.66
N LEU AA 165 -5.25 -54.11 24.36
CA LEU AA 165 -6.42 -54.84 24.80
C LEU AA 165 -6.59 -56.15 24.04
N TYR AA 166 -6.28 -56.16 22.74
CA TYR AA 166 -6.39 -57.38 21.95
C TYR AA 166 -5.48 -58.47 22.49
N GLN AA 167 -4.24 -58.10 22.85
CA GLN AA 167 -3.35 -59.09 23.45
C GLN AA 167 -3.98 -59.72 24.69
N GLN AA 168 -4.53 -58.89 25.58
CA GLN AA 168 -5.07 -59.39 26.84
C GLN AA 168 -6.27 -60.28 26.59
N VAL AA 169 -7.11 -59.94 25.62
CA VAL AA 169 -8.21 -60.83 25.22
C VAL AA 169 -7.65 -62.18 24.77
N MET AA 170 -6.54 -62.16 24.03
CA MET AA 170 -5.97 -63.43 23.57
C MET AA 170 -5.55 -64.32 24.73
N GLU AA 171 -4.74 -63.81 25.66
CA GLU AA 171 -4.31 -64.73 26.73
C GLU AA 171 -5.45 -65.02 27.70
N TYR AA 172 -6.50 -64.19 27.72
CA TYR AA 172 -7.70 -64.60 28.45
C TYR AA 172 -8.35 -65.82 27.79
N GLU AA 173 -8.42 -65.81 26.46
CA GLU AA 173 -8.99 -66.94 25.74
C GLU AA 173 -8.18 -68.20 25.95
N MET AA 174 -6.86 -68.09 25.94
CA MET AA 174 -6.02 -69.28 26.04
C MET AA 174 -6.03 -69.93 27.42
N ASP AA 175 -6.64 -69.30 28.43
CA ASP AA 175 -6.64 -69.85 29.78
C ASP AA 175 -7.87 -70.68 30.12
N THR AA 176 -9.01 -70.41 29.49
CA THR AA 176 -10.22 -71.16 29.81
C THR AA 176 -10.08 -72.63 29.44
N GLY AA 177 -9.51 -72.90 28.27
CA GLY AA 177 -9.29 -74.26 27.81
C GLY AA 177 -7.82 -74.63 27.90
N ARG AA 178 -7.55 -75.75 28.58
CA ARG AA 178 -6.17 -76.19 28.74
C ARG AA 178 -5.58 -76.64 27.40
N TYR AA 179 -6.37 -77.35 26.59
CA TYR AA 179 -5.97 -77.77 25.26
C TYR AA 179 -4.71 -78.63 25.26
N ASN AA 180 -4.78 -79.79 25.90
CA ASN AA 180 -3.68 -80.73 25.91
C ASN AA 180 -3.59 -81.45 24.58
N MET AA 181 -2.36 -81.73 24.14
CA MET AA 181 -2.13 -82.35 22.84
C MET AA 181 -1.70 -83.81 22.92
N MET AA 182 -1.23 -84.27 24.07
CA MET AA 182 -0.77 -85.66 24.23
C MET AA 182 -1.85 -86.57 24.80
N SER AA 183 -3.12 -86.19 24.68
CA SER AA 183 -4.22 -87.03 25.12
C SER AA 183 -4.48 -88.13 24.11
N ASP AA 184 -5.25 -89.13 24.54
CA ASP AA 184 -5.64 -90.26 23.70
C ASP AA 184 -4.43 -91.06 23.20
N ILE AA 185 -3.36 -91.09 23.99
CA ILE AA 185 -2.15 -91.83 23.63
C ILE AA 185 -1.73 -92.66 24.83
N GLY AA 186 -1.60 -93.98 24.63
CA GLY AA 186 -1.11 -94.84 25.68
C GLY AA 186 -0.98 -96.30 25.27
N ARG AA 187 0.18 -96.90 25.58
CA ARG AA 187 0.47 -98.30 25.33
C ARG AA 187 1.84 -98.61 25.89
N ASP AA 188 2.11 -99.90 26.07
CA ASP AA 188 3.40 -100.36 26.60
C ASP AA 188 4.54 -99.97 25.67
N ALA BA 2 -30.99 -53.38 -27.44
CA ALA BA 2 -30.76 -52.04 -27.98
C ALA BA 2 -29.30 -51.85 -28.38
N GLN BA 3 -28.83 -52.70 -29.28
CA GLN BA 3 -27.44 -52.60 -29.73
C GLN BA 3 -27.21 -51.32 -30.51
N TYR BA 4 -25.99 -50.81 -30.41
CA TYR BA 4 -25.62 -49.55 -31.06
C TYR BA 4 -25.37 -49.80 -32.53
N ILE BA 5 -26.38 -49.52 -33.36
CA ILE BA 5 -26.26 -49.63 -34.80
C ILE BA 5 -25.75 -48.31 -35.36
N PRO BA 6 -24.55 -48.27 -35.93
CA PRO BA 6 -24.00 -47.00 -36.41
C PRO BA 6 -24.64 -46.56 -37.72
N LEU BA 7 -24.50 -45.26 -37.99
CA LEU BA 7 -25.01 -44.65 -39.21
C LEU BA 7 -23.85 -44.27 -40.10
N ASN BA 8 -23.81 -44.84 -41.31
CA ASN BA 8 -22.81 -44.49 -42.31
C ASN BA 8 -21.39 -44.67 -41.77
N ALA BA 9 -21.02 -45.91 -41.47
CA ALA BA 9 -19.74 -46.22 -40.85
C ALA BA 9 -18.64 -46.30 -41.91
N ASN BA 10 -17.51 -45.68 -41.60
CA ASN BA 10 -16.34 -45.73 -42.48
C ASN BA 10 -15.10 -45.80 -41.59
N ASP BA 11 -14.13 -46.63 -42.00
CA ASP BA 11 -12.99 -46.91 -41.13
C ASP BA 11 -12.07 -45.71 -40.97
N ASP BA 12 -11.75 -45.03 -42.08
CA ASP BA 12 -10.81 -43.92 -42.03
C ASP BA 12 -11.37 -42.77 -41.17
N LEU BA 13 -12.65 -42.45 -41.36
CA LEU BA 13 -13.27 -41.39 -40.58
C LEU BA 13 -13.27 -41.75 -39.11
N ASP BA 14 -13.56 -43.01 -38.79
CA ASP BA 14 -13.52 -43.44 -37.40
C ASP BA 14 -12.11 -43.30 -36.81
N ALA BA 15 -11.10 -43.69 -37.57
CA ALA BA 15 -9.73 -43.59 -37.07
C ALA BA 15 -9.36 -42.14 -36.79
N ILE BA 16 -9.70 -41.24 -37.70
CA ILE BA 16 -9.42 -39.82 -37.47
C ILE BA 16 -10.18 -39.31 -36.26
N ASN BA 17 -11.43 -39.75 -36.09
CA ASN BA 17 -12.23 -39.30 -34.96
C ASN BA 17 -11.61 -39.76 -33.64
N ASP BA 18 -11.16 -41.01 -33.56
CA ASP BA 18 -10.51 -41.47 -32.33
C ASP BA 18 -9.21 -40.71 -32.10
N MET BA 19 -8.45 -40.43 -33.15
CA MET BA 19 -7.22 -39.67 -32.97
C MET BA 19 -7.50 -38.26 -32.48
N LEU BA 20 -8.64 -37.68 -32.86
CA LEU BA 20 -8.99 -36.34 -32.39
C LEU BA 20 -9.45 -36.36 -30.94
N ALA BA 21 -9.98 -37.49 -30.48
CA ALA BA 21 -10.57 -37.53 -29.14
C ALA BA 21 -9.51 -37.42 -28.05
N ALA BA 22 -8.24 -37.65 -28.40
CA ALA BA 22 -7.17 -37.57 -27.41
C ALA BA 22 -7.07 -36.18 -26.80
N ILE BA 23 -7.18 -35.14 -27.64
CA ILE BA 23 -7.15 -33.78 -27.13
C ILE BA 23 -8.42 -33.47 -26.34
N GLY BA 24 -9.56 -33.89 -26.87
CA GLY BA 24 -10.83 -33.64 -26.21
C GLY BA 24 -11.80 -32.83 -27.04
N GLU BA 25 -11.71 -32.95 -28.36
CA GLU BA 25 -12.58 -32.26 -29.29
C GLU BA 25 -13.67 -33.20 -29.80
N PRO BA 26 -14.82 -32.66 -30.22
CA PRO BA 26 -15.90 -33.53 -30.71
C PRO BA 26 -15.62 -34.12 -32.08
N ALA BA 27 -16.54 -34.92 -32.59
CA ALA BA 27 -16.35 -35.63 -33.84
C ALA BA 27 -16.72 -34.75 -35.02
N VAL BA 28 -16.54 -35.30 -36.22
CA VAL BA 28 -16.88 -34.61 -37.47
C VAL BA 28 -17.72 -35.55 -38.33
N LEU BA 29 -18.24 -35.00 -39.43
CA LEU BA 29 -19.11 -35.75 -40.31
C LEU BA 29 -18.54 -35.97 -41.71
N GLN BA 30 -17.45 -35.30 -42.06
CA GLN BA 30 -16.89 -35.39 -43.40
C GLN BA 30 -15.44 -34.91 -43.36
N LEU BA 31 -14.71 -35.23 -44.43
CA LEU BA 31 -13.28 -34.93 -44.51
C LEU BA 31 -12.92 -34.03 -45.69
N ASP BA 32 -13.87 -33.66 -46.53
CA ASP BA 32 -13.55 -32.86 -47.71
C ASP BA 32 -13.04 -31.48 -47.33
N GLU BA 33 -13.65 -30.86 -46.34
CA GLU BA 33 -13.21 -29.56 -45.83
C GLU BA 33 -13.13 -29.62 -44.32
N GLY BA 34 -12.15 -28.91 -43.75
CA GLY BA 34 -11.94 -28.91 -42.32
C GLY BA 34 -10.86 -27.93 -41.94
N ASN BA 35 -10.56 -27.90 -40.65
CA ASN BA 35 -9.55 -27.01 -40.10
C ASN BA 35 -8.18 -27.68 -40.18
N ALA BA 36 -7.19 -27.10 -39.50
CA ALA BA 36 -5.81 -27.58 -39.67
C ALA BA 36 -5.59 -28.94 -39.03
N ASP BA 37 -6.31 -29.25 -37.94
CA ASP BA 37 -6.05 -30.48 -37.21
C ASP BA 37 -6.33 -31.71 -38.08
N VAL BA 38 -7.42 -31.68 -38.83
CA VAL BA 38 -7.73 -32.78 -39.74
C VAL BA 38 -6.65 -32.92 -40.81
N SER BA 39 -6.01 -31.82 -41.20
CA SER BA 39 -4.91 -31.87 -42.15
C SER BA 39 -3.57 -32.18 -41.50
N ASN BA 40 -3.51 -32.24 -40.18
CA ASN BA 40 -2.29 -32.62 -39.47
C ASN BA 40 -2.31 -34.07 -39.01
N ALA BA 41 -3.48 -34.66 -38.82
CA ALA BA 41 -3.54 -36.05 -38.36
C ALA BA 41 -3.22 -37.06 -39.46
N GLN BA 42 -3.61 -36.77 -40.70
CA GLN BA 42 -3.48 -37.74 -41.78
C GLN BA 42 -2.02 -38.05 -42.09
N ARG BA 43 -1.15 -37.04 -42.06
CA ARG BA 43 0.26 -37.26 -42.33
C ARG BA 43 0.86 -38.24 -41.34
N ILE BA 44 0.60 -38.02 -40.05
CA ILE BA 44 1.12 -38.89 -39.00
C ILE BA 44 0.57 -40.30 -39.16
N LEU BA 45 -0.74 -40.41 -39.43
CA LEU BA 45 -1.32 -41.74 -39.59
C LEU BA 45 -0.67 -42.50 -40.73
N HIS BA 46 -0.49 -41.84 -41.89
CA HIS BA 46 0.11 -42.51 -43.04
C HIS BA 46 1.55 -42.93 -42.74
N ARG BA 47 2.33 -42.05 -42.12
CA ARG BA 47 3.72 -42.38 -41.82
C ARG BA 47 3.81 -43.57 -40.87
N VAL BA 48 2.99 -43.57 -39.82
CA VAL BA 48 3.03 -44.67 -38.85
C VAL BA 48 2.62 -45.98 -39.51
N ASN BA 49 1.58 -45.94 -40.34
CA ASN BA 49 1.15 -47.15 -41.04
C ASN BA 49 2.28 -47.71 -41.89
N ARG BA 50 2.91 -46.86 -42.70
CA ARG BA 50 3.99 -47.34 -43.56
C ARG BA 50 5.15 -47.89 -42.75
N GLN BA 51 5.49 -47.24 -41.64
CA GLN BA 51 6.59 -47.73 -40.82
C GLN BA 51 6.28 -49.08 -40.22
N VAL BA 52 5.06 -49.26 -39.70
CA VAL BA 52 4.72 -50.50 -39.00
C VAL BA 52 4.65 -51.67 -39.97
N GLN BA 53 4.05 -51.44 -41.15
CA GLN BA 53 3.86 -52.56 -42.08
C GLN BA 53 5.18 -53.14 -42.59
N ALA BA 54 6.28 -52.41 -42.47
CA ALA BA 54 7.54 -52.81 -43.09
C ALA BA 54 8.40 -53.73 -42.23
N LYS BA 55 7.97 -54.07 -41.02
CA LYS BA 55 8.79 -54.94 -40.18
C LYS BA 55 8.87 -56.36 -40.74
N GLY BA 56 7.82 -56.81 -41.42
CA GLY BA 56 7.81 -58.15 -41.98
C GLY BA 56 7.14 -59.15 -41.08
N TRP BA 57 5.98 -59.66 -41.51
CA TRP BA 57 5.20 -60.62 -40.73
C TRP BA 57 4.93 -61.85 -41.59
N ASN BA 58 4.27 -62.83 -40.98
CA ASN BA 58 4.09 -64.12 -41.64
C ASN BA 58 3.12 -64.02 -42.82
N PHE BA 59 2.19 -63.08 -42.79
CA PHE BA 59 1.20 -62.94 -43.84
C PHE BA 59 1.60 -61.92 -44.91
N ASN BA 60 2.81 -61.34 -44.81
CA ASN BA 60 3.32 -60.43 -45.81
C ASN BA 60 4.37 -61.08 -46.70
N ILE BA 61 5.36 -61.75 -46.11
CA ILE BA 61 6.51 -62.27 -46.83
C ILE BA 61 6.08 -63.28 -47.89
N ASN BA 62 6.43 -63.00 -49.15
CA ASN BA 62 6.16 -63.88 -50.26
C ASN BA 62 7.48 -64.42 -50.77
N GLU BA 63 7.70 -65.73 -50.61
CA GLU BA 63 8.98 -66.31 -50.96
C GLU BA 63 9.17 -66.39 -52.47
N ALA BA 64 8.15 -66.83 -53.20
CA ALA BA 64 8.24 -67.04 -54.63
C ALA BA 64 7.45 -65.94 -55.35
N ALA BA 65 8.17 -65.11 -56.11
CA ALA BA 65 7.57 -64.06 -56.91
C ALA BA 65 8.45 -63.82 -58.12
N VAL BA 66 7.82 -63.54 -59.26
CA VAL BA 66 8.52 -63.47 -60.54
C VAL BA 66 8.48 -62.02 -61.02
N LEU BA 67 9.65 -61.47 -61.31
CA LEU BA 67 9.77 -60.17 -61.96
C LEU BA 67 10.26 -60.38 -63.38
N THR BA 68 9.58 -59.76 -64.35
CA THR BA 68 9.90 -59.97 -65.74
C THR BA 68 10.28 -58.66 -66.42
N PRO BA 69 11.31 -58.66 -67.27
CA PRO BA 69 11.67 -57.44 -68.00
C PRO BA 69 10.73 -57.21 -69.17
N ASP BA 70 10.79 -55.99 -69.71
CA ASP BA 70 10.03 -55.66 -70.90
C ASP BA 70 10.77 -56.20 -72.13
N VAL BA 71 10.32 -55.80 -73.32
CA VAL BA 71 10.86 -56.33 -74.56
C VAL BA 71 11.51 -55.23 -75.39
N GLN BA 72 11.79 -54.08 -74.79
CA GLN BA 72 12.36 -52.97 -75.53
C GLN BA 72 13.81 -52.69 -75.12
N ASP BA 73 14.04 -52.45 -73.82
CA ASP BA 73 15.36 -52.04 -73.34
C ASP BA 73 15.93 -52.97 -72.29
N ASN BA 74 15.25 -54.06 -71.96
CA ASN BA 74 15.76 -55.08 -71.03
C ASN BA 74 16.10 -54.47 -69.67
N ARG BA 75 15.09 -53.89 -69.05
CA ARG BA 75 15.24 -53.28 -67.73
C ARG BA 75 13.99 -53.55 -66.91
N ILE BA 76 14.14 -53.47 -65.59
CA ILE BA 76 13.06 -53.71 -64.64
C ILE BA 76 12.87 -52.46 -63.81
N ARG BA 77 11.63 -51.99 -63.73
CA ARG BA 77 11.32 -50.76 -63.02
C ARG BA 77 11.23 -51.02 -61.52
N PHE BA 78 11.23 -49.93 -60.76
CA PHE BA 78 11.22 -49.98 -59.29
C PHE BA 78 10.05 -49.13 -58.81
N LEU BA 79 8.90 -49.78 -58.62
CA LEU BA 79 7.69 -49.08 -58.21
C LEU BA 79 7.84 -48.56 -56.78
N PRO BA 80 7.12 -47.50 -56.43
CA PRO BA 80 7.17 -46.97 -55.06
C PRO BA 80 6.36 -47.74 -54.04
N SER BA 81 5.76 -48.87 -54.41
CA SER BA 81 5.03 -49.70 -53.47
C SER BA 81 5.87 -50.85 -52.92
N TYR BA 82 7.14 -50.94 -53.32
CA TYR BA 82 8.03 -51.98 -52.81
C TYR BA 82 8.61 -51.53 -51.47
N LEU BA 83 8.80 -52.47 -50.56
CA LEU BA 83 9.34 -52.19 -49.24
C LEU BA 83 10.66 -52.90 -48.95
N ARG BA 84 10.78 -54.18 -49.32
CA ARG BA 84 12.00 -54.94 -49.10
C ARG BA 84 12.21 -55.87 -50.28
N VAL BA 85 13.47 -56.03 -50.69
CA VAL BA 85 13.84 -56.97 -51.74
C VAL BA 85 15.03 -57.78 -51.24
N MET BA 86 14.85 -59.10 -51.18
CA MET BA 86 15.89 -59.99 -50.66
C MET BA 86 15.83 -61.31 -51.42
N THR BA 87 16.87 -62.12 -51.25
CA THR BA 87 16.89 -63.48 -51.73
C THR BA 87 16.61 -64.43 -50.56
N ALA BA 88 15.98 -65.57 -50.85
CA ALA BA 88 15.50 -66.46 -49.80
C ALA BA 88 16.64 -67.00 -48.94
N GLY BA 89 17.57 -67.73 -49.54
CA GLY BA 89 18.58 -68.43 -48.77
C GLY BA 89 20.02 -68.12 -49.13
N ALA BA 90 20.33 -66.87 -49.44
CA ALA BA 90 21.69 -66.48 -49.79
C ALA BA 90 21.83 -64.98 -49.57
N THR BA 91 23.03 -64.47 -49.86
CA THR BA 91 23.27 -63.04 -49.78
C THR BA 91 22.77 -62.35 -51.05
N SER BA 92 22.38 -61.09 -50.91
CA SER BA 92 21.80 -60.33 -52.01
C SER BA 92 22.40 -58.94 -52.06
N TYR BA 93 22.49 -58.39 -53.27
CA TYR BA 93 22.96 -57.02 -53.51
C TYR BA 93 21.98 -56.36 -54.49
N TYR BA 94 20.93 -55.75 -53.94
CA TYR BA 94 19.92 -55.08 -54.74
C TYR BA 94 19.68 -53.68 -54.20
N SER BA 95 19.53 -52.73 -55.11
CA SER BA 95 19.31 -51.33 -54.72
C SER BA 95 18.68 -50.58 -55.89
N ASN BA 96 18.29 -49.35 -55.61
CA ASN BA 96 17.61 -48.49 -56.57
C ASN BA 96 18.58 -47.43 -57.09
N MET BA 97 18.67 -47.32 -58.42
CA MET BA 97 19.50 -46.31 -59.07
C MET BA 97 18.75 -45.76 -60.28
N GLY BA 98 18.27 -44.52 -60.16
CA GLY BA 98 17.54 -43.89 -61.24
C GLY BA 98 16.25 -44.59 -61.61
N GLY BA 99 15.51 -45.04 -60.60
CA GLY BA 99 14.26 -45.73 -60.83
C GLY BA 99 14.40 -47.02 -61.62
N TYR BA 100 15.39 -47.82 -61.27
CA TYR BA 100 15.64 -49.08 -61.94
C TYR BA 100 16.33 -50.02 -60.95
N LEU BA 101 16.29 -51.31 -61.26
CA LEU BA 101 16.91 -52.31 -60.42
C LEU BA 101 18.40 -52.42 -60.74
N TYR BA 102 19.23 -52.34 -59.70
CA TYR BA 102 20.68 -52.32 -59.84
C TYR BA 102 21.28 -53.44 -59.01
N ASP BA 103 22.14 -54.23 -59.63
CA ASP BA 103 22.84 -55.34 -58.96
C ASP BA 103 24.29 -54.95 -58.76
N LEU BA 104 24.72 -54.89 -57.50
CA LEU BA 104 26.08 -54.44 -57.21
C LEU BA 104 27.13 -55.45 -57.61
N SER BA 105 26.78 -56.74 -57.57
CA SER BA 105 27.76 -57.78 -57.86
C SER BA 105 28.28 -57.68 -59.29
N THR BA 106 27.39 -57.42 -60.25
CA THR BA 106 27.78 -57.33 -61.65
C THR BA 106 27.88 -55.91 -62.16
N GLN BA 107 27.39 -54.93 -61.40
CA GLN BA 107 27.49 -53.52 -61.74
C GLN BA 107 26.87 -53.23 -63.11
N SER BA 108 25.59 -53.57 -63.24
CA SER BA 108 24.86 -53.36 -64.48
C SER BA 108 23.36 -53.40 -64.19
N THR BA 109 22.58 -52.97 -65.18
CA THR BA 109 21.12 -52.98 -65.11
C THR BA 109 20.57 -53.57 -66.41
N THR BA 110 21.11 -54.72 -66.83
CA THR BA 110 20.84 -55.28 -68.14
C THR BA 110 20.36 -56.73 -67.96
N PHE BA 111 19.37 -56.91 -67.09
CA PHE BA 111 18.75 -58.22 -66.94
C PHE BA 111 18.09 -58.66 -68.25
N THR BA 112 18.19 -59.95 -68.54
CA THR BA 112 17.68 -60.51 -69.78
C THR BA 112 16.66 -61.62 -69.60
N ASP BA 113 16.52 -62.17 -68.41
CA ASP BA 113 15.59 -63.25 -68.12
C ASP BA 113 14.87 -62.98 -66.82
N PRO BA 114 13.68 -63.54 -66.63
CA PRO BA 114 12.92 -63.30 -65.41
C PRO BA 114 13.67 -63.80 -64.17
N ILE BA 115 13.45 -63.10 -63.06
CA ILE BA 115 14.14 -63.38 -61.81
C ILE BA 115 13.10 -63.69 -60.73
N THR BA 116 13.48 -64.55 -59.79
CA THR BA 116 12.64 -64.89 -58.65
C THR BA 116 13.28 -64.35 -57.38
N VAL BA 117 12.54 -63.53 -56.65
CA VAL BA 117 13.06 -62.88 -55.45
C VAL BA 117 12.04 -62.97 -54.32
N GLU BA 118 12.36 -62.36 -53.19
CA GLU BA 118 11.50 -62.28 -52.02
C GLU BA 118 11.24 -60.81 -51.71
N LEU BA 119 9.97 -60.40 -51.72
CA LEU BA 119 9.61 -59.01 -51.50
C LEU BA 119 8.36 -58.90 -50.65
N VAL BA 120 8.14 -57.71 -50.12
CA VAL BA 120 7.00 -57.39 -49.27
C VAL BA 120 6.32 -56.16 -49.85
N GLU BA 121 5.03 -56.26 -50.13
CA GLU BA 121 4.28 -55.15 -50.71
C GLU BA 121 3.43 -54.46 -49.64
N MET BA 122 2.80 -53.37 -50.02
CA MET BA 122 2.01 -52.56 -49.11
C MET BA 122 0.52 -52.72 -49.41
N LYS BA 123 -0.29 -52.66 -48.36
CA LYS BA 123 -1.73 -52.83 -48.43
C LYS BA 123 -2.45 -51.64 -47.83
N PRO BA 124 -3.68 -51.37 -48.26
CA PRO BA 124 -4.44 -50.26 -47.67
C PRO BA 124 -4.78 -50.52 -46.21
N PHE BA 125 -5.07 -49.43 -45.50
CA PHE BA 125 -5.27 -49.50 -44.05
C PHE BA 125 -6.48 -50.35 -43.69
N SER BA 126 -7.55 -50.27 -44.47
CA SER BA 126 -8.84 -50.80 -44.04
C SER BA 126 -9.01 -52.29 -44.32
N GLU BA 127 -7.92 -53.03 -44.51
CA GLU BA 127 -8.02 -54.47 -44.65
C GLU BA 127 -6.97 -55.22 -43.83
N MET BA 128 -6.36 -54.58 -42.86
CA MET BA 128 -5.46 -55.24 -41.92
C MET BA 128 -6.25 -55.83 -40.77
N PRO BA 129 -5.68 -56.81 -40.06
CA PRO BA 129 -6.36 -57.36 -38.88
C PRO BA 129 -6.54 -56.31 -37.79
N VAL BA 130 -7.48 -56.60 -36.89
CA VAL BA 130 -8.02 -55.57 -35.99
C VAL BA 130 -6.93 -55.07 -35.02
N VAL BA 131 -6.20 -56.00 -34.40
CA VAL BA 131 -5.25 -55.63 -33.37
C VAL BA 131 -4.18 -54.71 -33.93
N PHE BA 132 -3.75 -54.96 -35.17
CA PHE BA 132 -2.78 -54.08 -35.80
C PHE BA 132 -3.34 -52.67 -35.95
N ARG BA 133 -4.61 -52.55 -36.34
CA ARG BA 133 -5.23 -51.25 -36.49
C ARG BA 133 -5.28 -50.51 -35.16
N ASP BA 134 -5.65 -51.21 -34.09
CA ASP BA 134 -5.69 -50.57 -32.78
C ASP BA 134 -4.31 -50.12 -32.34
N TYR BA 135 -3.30 -50.95 -32.56
CA TYR BA 135 -1.93 -50.60 -32.19
C TYR BA 135 -1.47 -49.35 -32.94
N ILE BA 136 -1.74 -49.30 -34.25
CA ILE BA 136 -1.36 -48.15 -35.05
C ILE BA 136 -2.07 -46.89 -34.58
N VAL BA 137 -3.36 -46.99 -34.27
CA VAL BA 137 -4.11 -45.82 -33.83
C VAL BA 137 -3.54 -45.29 -32.53
N THR BA 138 -3.23 -46.18 -31.59
CA THR BA 138 -2.67 -45.73 -30.32
C THR BA 138 -1.31 -45.06 -30.52
N LYS BA 139 -0.46 -45.65 -31.35
CA LYS BA 139 0.86 -45.06 -31.60
C LYS BA 139 0.72 -43.68 -32.21
N ALA BA 140 -0.19 -43.52 -33.17
CA ALA BA 140 -0.39 -42.21 -33.80
C ALA BA 140 -0.91 -41.19 -32.80
N SER BA 141 -1.84 -41.61 -31.93
CA SER BA 141 -2.41 -40.70 -30.94
C SER BA 141 -1.34 -40.18 -30.00
N ARG BA 142 -0.38 -41.05 -29.63
CA ARG BA 142 0.69 -40.59 -28.74
C ARG BA 142 1.46 -39.42 -29.35
N GLU BA 143 1.88 -39.55 -30.61
CA GLU BA 143 2.61 -38.47 -31.26
C GLU BA 143 1.75 -37.22 -31.39
N PHE BA 144 0.48 -37.40 -31.77
CA PHE BA 144 -0.39 -36.25 -31.96
C PHE BA 144 -0.55 -35.46 -30.67
N ASN BA 145 -0.71 -36.16 -29.55
CA ASN BA 145 -0.75 -35.47 -28.26
C ASN BA 145 0.58 -34.81 -27.94
N ALA BA 146 1.70 -35.50 -28.22
CA ALA BA 146 3.00 -34.99 -27.81
C ALA BA 146 3.39 -33.72 -28.53
N LYS BA 147 3.15 -33.64 -29.84
CA LYS BA 147 3.73 -32.55 -30.64
C LYS BA 147 2.85 -31.32 -30.73
N PHE BA 148 1.62 -31.34 -30.23
CA PHE BA 148 0.74 -30.19 -30.39
C PHE BA 148 0.04 -29.73 -29.12
N PHE BA 149 -0.12 -30.58 -28.10
CA PHE BA 149 -0.80 -30.19 -26.88
C PHE BA 149 -0.31 -31.02 -25.72
N GLY BA 150 0.58 -30.48 -24.90
CA GLY BA 150 1.21 -31.27 -23.86
C GLY BA 150 0.41 -31.36 -22.59
N SER BA 151 -0.30 -32.47 -22.41
CA SER BA 151 -1.09 -32.69 -21.21
C SER BA 151 -0.46 -33.80 -20.37
N PRO BA 152 -0.40 -33.64 -19.05
CA PRO BA 152 0.22 -34.66 -18.19
C PRO BA 152 -0.69 -35.78 -17.76
N GLU BA 153 -1.99 -35.71 -18.04
CA GLU BA 153 -2.93 -36.75 -17.65
C GLU BA 153 -3.43 -37.59 -18.81
N SER BA 154 -3.48 -37.03 -20.02
CA SER BA 154 -3.80 -37.85 -21.18
C SER BA 154 -2.66 -38.81 -21.49
N GLU BA 155 -1.45 -38.45 -21.08
CA GLU BA 155 -0.29 -39.34 -21.16
C GLU BA 155 -0.39 -40.31 -19.98
N LEU BA 156 0.62 -41.14 -19.78
CA LEU BA 156 0.74 -42.02 -18.61
C LEU BA 156 -0.32 -43.12 -18.65
N TYR BA 157 -1.19 -43.09 -19.66
CA TYR BA 157 -2.20 -44.11 -19.90
C TYR BA 157 -2.00 -44.81 -21.23
N LEU BA 158 -1.75 -44.02 -22.28
CA LEU BA 158 -1.47 -44.57 -23.59
C LEU BA 158 -0.25 -45.49 -23.55
N ARG BA 159 0.68 -45.24 -22.62
CA ARG BA 159 1.86 -46.07 -22.51
C ARG BA 159 1.50 -47.51 -22.13
N GLU BA 160 0.73 -47.68 -21.06
CA GLU BA 160 0.35 -49.02 -20.64
C GLU BA 160 -0.59 -49.67 -21.64
N GLN BA 161 -1.48 -48.87 -22.27
CA GLN BA 161 -2.34 -49.44 -23.29
C GLN BA 161 -1.50 -49.96 -24.47
N GLU BA 162 -0.48 -49.22 -24.87
CA GLU BA 162 0.40 -49.63 -25.95
C GLU BA 162 1.16 -50.90 -25.58
N ALA BA 163 1.62 -51.00 -24.34
CA ALA BA 163 2.33 -52.20 -23.92
C ALA BA 163 1.42 -53.44 -23.99
N GLU BA 164 0.18 -53.29 -23.51
CA GLU BA 164 -0.76 -54.41 -23.57
C GLU BA 164 -1.06 -54.81 -25.02
N LEU BA 165 -1.28 -53.82 -25.88
CA LEU BA 165 -1.53 -54.13 -27.28
C LEU BA 165 -0.31 -54.80 -27.93
N TYR BA 166 0.89 -54.40 -27.53
CA TYR BA 166 2.11 -55.00 -28.06
C TYR BA 166 2.18 -56.48 -27.72
N GLN BA 167 1.96 -56.82 -26.45
CA GLN BA 167 2.02 -58.23 -26.09
C GLN BA 167 0.92 -59.02 -26.76
N GLN BA 168 -0.26 -58.41 -26.93
CA GLN BA 168 -1.34 -59.10 -27.64
C GLN BA 168 -0.95 -59.37 -29.10
N VAL BA 169 -0.30 -58.41 -29.74
CA VAL BA 169 0.11 -58.59 -31.13
C VAL BA 169 1.11 -59.72 -31.26
N MET BA 170 2.10 -59.75 -30.36
CA MET BA 170 3.06 -60.86 -30.40
C MET BA 170 2.38 -62.20 -30.18
N GLU BA 171 1.47 -62.27 -29.21
CA GLU BA 171 0.77 -63.53 -28.95
C GLU BA 171 -0.01 -63.97 -30.17
N TYR BA 172 -0.72 -63.04 -30.82
CA TYR BA 172 -1.46 -63.38 -32.03
C TYR BA 172 -0.51 -63.89 -33.13
N GLU BA 173 0.64 -63.25 -33.28
CA GLU BA 173 1.57 -63.64 -34.33
C GLU BA 173 2.11 -65.04 -34.09
N MET BA 174 2.28 -65.43 -32.81
CA MET BA 174 2.89 -66.71 -32.53
C MET BA 174 2.01 -67.91 -32.88
N ASP BA 175 0.69 -67.75 -32.98
CA ASP BA 175 -0.17 -68.88 -33.30
C ASP BA 175 -0.36 -69.10 -34.80
N THR BA 176 -0.02 -68.12 -35.63
CA THR BA 176 -0.18 -68.29 -37.07
C THR BA 176 0.71 -69.41 -37.58
N GLY BA 177 1.95 -69.45 -37.13
CA GLY BA 177 2.85 -70.54 -37.45
C GLY BA 177 3.04 -71.49 -36.28
N ARG BA 178 3.44 -72.73 -36.56
CA ARG BA 178 3.64 -73.70 -35.49
C ARG BA 178 5.10 -73.73 -35.04
N TYR BA 179 6.04 -73.71 -35.99
CA TYR BA 179 7.46 -73.60 -35.70
C TYR BA 179 7.95 -74.73 -34.81
N ASN BA 180 7.89 -75.97 -35.32
CA ASN BA 180 8.33 -77.15 -34.57
C ASN BA 180 9.80 -77.40 -34.89
N MET BA 181 10.65 -77.38 -33.87
CA MET BA 181 12.08 -77.54 -34.08
C MET BA 181 12.48 -78.99 -34.31
N MET BA 182 11.62 -79.95 -34.00
CA MET BA 182 11.95 -81.36 -34.11
C MET BA 182 11.63 -81.94 -35.48
N SER BA 183 11.38 -81.09 -36.47
CA SER BA 183 11.07 -81.56 -37.82
C SER BA 183 12.35 -81.93 -38.56
N ASP BA 184 12.18 -82.73 -39.62
CA ASP BA 184 13.27 -83.17 -40.48
C ASP BA 184 14.33 -83.91 -39.66
N ILE BA 185 13.87 -84.74 -38.74
CA ILE BA 185 14.76 -85.58 -37.94
C ILE BA 185 14.12 -86.96 -37.80
N GLY BA 186 14.79 -87.99 -38.31
CA GLY BA 186 14.30 -89.34 -38.15
C GLY BA 186 15.24 -90.43 -38.60
N ARG BA 187 15.48 -91.40 -37.74
CA ARG BA 187 16.27 -92.59 -38.04
C ARG BA 187 16.17 -93.54 -36.86
N ASP BA 188 16.59 -94.79 -37.09
CA ASP BA 188 16.56 -95.80 -36.05
C ASP BA 188 17.86 -95.82 -35.26
N MET CA 1 -36.21 -55.02 -7.64
CA MET CA 1 -36.66 -53.98 -6.72
C MET CA 1 -35.76 -53.90 -5.49
N ALA CA 2 -36.30 -53.34 -4.40
CA ALA CA 2 -35.52 -53.21 -3.17
C ALA CA 2 -35.09 -54.57 -2.63
N GLN CA 3 -35.83 -55.62 -2.96
CA GLN CA 3 -35.53 -56.96 -2.48
C GLN CA 3 -34.91 -57.87 -3.52
N TYR CA 4 -35.19 -57.67 -4.80
CA TYR CA 4 -34.78 -58.64 -5.81
C TYR CA 4 -34.49 -57.87 -7.10
N ILE CA 5 -34.25 -58.56 -8.20
CA ILE CA 5 -33.85 -57.93 -9.46
C ILE CA 5 -35.00 -57.05 -9.95
N PRO CA 6 -34.73 -55.81 -10.37
CA PRO CA 6 -35.79 -54.97 -10.92
C PRO CA 6 -36.36 -55.53 -12.20
N LEU CA 7 -37.63 -55.23 -12.46
CA LEU CA 7 -38.34 -55.78 -13.61
C LEU CA 7 -37.96 -55.04 -14.89
N ASN CA 8 -37.80 -55.82 -15.96
CA ASN CA 8 -37.57 -55.30 -17.31
C ASN CA 8 -36.45 -54.27 -17.35
N ALA CA 9 -35.22 -54.69 -17.04
CA ALA CA 9 -34.08 -53.80 -17.00
C ALA CA 9 -33.45 -53.68 -18.37
N ASN CA 10 -32.84 -52.51 -18.63
CA ASN CA 10 -32.12 -52.25 -19.87
C ASN CA 10 -30.64 -52.13 -19.55
N ASP CA 11 -29.82 -52.98 -20.18
CA ASP CA 11 -28.42 -53.08 -19.80
C ASP CA 11 -27.61 -51.90 -20.28
N ASP CA 12 -27.83 -51.46 -21.53
CA ASP CA 12 -27.00 -50.39 -22.08
C ASP CA 12 -27.20 -49.07 -21.34
N LEU CA 13 -28.44 -48.76 -20.98
CA LEU CA 13 -28.70 -47.55 -20.21
C LEU CA 13 -28.01 -47.60 -18.85
N ASP CA 14 -28.04 -48.76 -18.20
CA ASP CA 14 -27.35 -48.91 -16.92
C ASP CA 14 -25.85 -48.73 -17.08
N ALA CA 15 -25.28 -49.28 -18.15
CA ALA CA 15 -23.85 -49.13 -18.39
C ALA CA 15 -23.48 -47.67 -18.60
N ILE CA 16 -24.28 -46.94 -19.38
CA ILE CA 16 -24.02 -45.52 -19.60
C ILE CA 16 -24.12 -44.75 -18.28
N ASN CA 17 -25.14 -45.06 -17.48
CA ASN CA 17 -25.30 -44.37 -16.20
C ASN CA 17 -24.12 -44.65 -15.27
N ASP CA 18 -23.62 -45.88 -15.27
CA ASP CA 18 -22.42 -46.20 -14.49
C ASP CA 18 -21.22 -45.43 -14.99
N MET CA 19 -21.08 -45.31 -16.31
CA MET CA 19 -19.96 -44.56 -16.87
C MET CA 19 -20.01 -43.09 -16.48
N LEU CA 20 -21.21 -42.50 -16.46
CA LEU CA 20 -21.34 -41.10 -16.08
C LEU CA 20 -21.10 -40.89 -14.58
N ALA CA 21 -21.22 -41.94 -13.79
CA ALA CA 21 -21.06 -41.79 -12.34
C ALA CA 21 -19.63 -41.42 -11.97
N ALA CA 22 -18.65 -41.86 -12.77
CA ALA CA 22 -17.25 -41.57 -12.46
C ALA CA 22 -16.99 -40.07 -12.46
N ILE CA 23 -17.71 -39.32 -13.29
CA ILE CA 23 -17.56 -37.87 -13.29
C ILE CA 23 -18.14 -37.28 -12.01
N GLY CA 24 -19.31 -37.76 -11.59
CA GLY CA 24 -19.93 -37.28 -10.38
C GLY CA 24 -21.27 -36.58 -10.60
N GLU CA 25 -22.03 -37.03 -11.59
CA GLU CA 25 -23.29 -36.42 -11.98
C GLU CA 25 -24.39 -37.46 -12.04
N PRO CA 26 -25.66 -37.04 -11.88
CA PRO CA 26 -26.76 -38.01 -11.87
C PRO CA 26 -27.08 -38.58 -13.24
N ALA CA 27 -28.15 -39.38 -13.30
CA ALA CA 27 -28.49 -40.16 -14.48
C ALA CA 27 -28.88 -39.25 -15.66
N VAL CA 28 -29.11 -39.87 -16.83
CA VAL CA 28 -29.45 -39.16 -18.05
C VAL CA 28 -30.91 -39.38 -18.43
N LEU CA 29 -31.48 -40.52 -18.01
CA LEU CA 29 -32.91 -40.82 -17.93
C LEU CA 29 -33.57 -41.14 -19.27
N GLN CA 30 -32.91 -40.97 -20.41
CA GLN CA 30 -33.54 -41.36 -21.67
C GLN CA 30 -32.60 -42.08 -22.64
N LEU CA 31 -31.31 -41.77 -22.57
CA LEU CA 31 -30.35 -42.23 -23.57
C LEU CA 31 -30.76 -41.73 -24.95
N ASP CA 32 -30.71 -40.41 -25.16
CA ASP CA 32 -31.00 -39.79 -26.43
C ASP CA 32 -29.71 -39.38 -27.13
N GLU CA 33 -29.80 -39.16 -28.43
CA GLU CA 33 -28.66 -38.76 -29.24
C GLU CA 33 -28.41 -37.25 -29.22
N GLY CA 34 -29.34 -36.46 -28.68
CA GLY CA 34 -29.13 -35.03 -28.63
C GLY CA 34 -28.00 -34.64 -27.70
N ASN CA 35 -27.89 -35.33 -26.56
CA ASN CA 35 -26.88 -34.99 -25.57
C ASN CA 35 -25.49 -35.32 -26.09
N ALA CA 36 -24.50 -34.56 -25.62
CA ALA CA 36 -23.13 -34.73 -26.11
C ALA CA 36 -22.46 -35.95 -25.49
N ASP CA 37 -22.73 -36.21 -24.20
CA ASP CA 37 -22.00 -37.24 -23.48
C ASP CA 37 -22.29 -38.64 -24.02
N VAL CA 38 -23.55 -38.89 -24.38
CA VAL CA 38 -23.96 -40.23 -24.78
C VAL CA 38 -23.22 -40.68 -26.03
N SER CA 39 -23.11 -39.78 -27.01
CA SER CA 39 -22.43 -40.12 -28.26
C SER CA 39 -20.96 -40.43 -28.01
N ASN CA 40 -20.32 -39.64 -27.14
CA ASN CA 40 -18.92 -39.91 -26.82
C ASN CA 40 -18.75 -41.24 -26.10
N ALA CA 41 -19.66 -41.57 -25.18
CA ALA CA 41 -19.50 -42.78 -24.39
C ALA CA 41 -19.74 -44.04 -25.23
N GLN CA 42 -20.71 -44.00 -26.14
CA GLN CA 42 -21.09 -45.21 -26.87
C GLN CA 42 -19.95 -45.73 -27.72
N ARG CA 43 -19.21 -44.84 -28.39
CA ARG CA 43 -18.10 -45.27 -29.23
C ARG CA 43 -17.03 -45.97 -28.42
N ILE CA 44 -16.67 -45.40 -27.27
CA ILE CA 44 -15.66 -46.01 -26.41
C ILE CA 44 -16.12 -47.39 -25.94
N LEU CA 45 -17.39 -47.50 -25.54
CA LEU CA 45 -17.90 -48.79 -25.09
C LEU CA 45 -17.81 -49.83 -26.20
N HIS CA 46 -18.22 -49.45 -27.42
CA HIS CA 46 -18.17 -50.37 -28.55
C HIS CA 46 -16.75 -50.83 -28.84
N ARG CA 47 -15.81 -49.89 -28.85
CA ARG CA 47 -14.41 -50.24 -29.15
C ARG CA 47 -13.86 -51.18 -28.09
N VAL CA 48 -14.12 -50.91 -26.81
CA VAL CA 48 -13.59 -51.76 -25.75
C VAL CA 48 -14.19 -53.16 -25.86
N ASN CA 49 -15.49 -53.25 -26.12
CA ASN CA 49 -16.11 -54.57 -26.28
C ASN CA 49 -15.47 -55.36 -27.41
N ARG CA 50 -15.30 -54.72 -28.56
CA ARG CA 50 -14.71 -55.41 -29.70
C ARG CA 50 -13.28 -55.86 -29.39
N GLN CA 51 -12.50 -55.01 -28.73
CA GLN CA 51 -11.12 -55.37 -28.42
C GLN CA 51 -11.05 -56.54 -27.46
N VAL CA 52 -11.88 -56.53 -26.42
CA VAL CA 52 -11.81 -57.58 -25.40
C VAL CA 52 -12.28 -58.91 -25.97
N GLN CA 53 -13.31 -58.89 -26.82
CA GLN CA 53 -13.82 -60.15 -27.36
C GLN CA 53 -12.84 -60.89 -28.25
N ALA CA 54 -11.77 -60.22 -28.71
CA ALA CA 54 -10.90 -60.79 -29.74
C ALA CA 54 -9.74 -61.60 -29.20
N LYS CA 55 -9.57 -61.70 -27.87
CA LYS CA 55 -8.45 -62.45 -27.33
C LYS CA 55 -8.58 -63.94 -27.61
N GLY CA 56 -9.79 -64.47 -27.60
CA GLY CA 56 -9.99 -65.89 -27.84
C GLY CA 56 -10.13 -66.68 -26.55
N TRP CA 57 -11.33 -67.18 -26.28
CA TRP CA 57 -11.62 -67.93 -25.07
C TRP CA 57 -12.19 -69.28 -25.45
N ASN CA 58 -12.62 -70.04 -24.45
CA ASN CA 58 -13.10 -71.40 -24.67
C ASN CA 58 -14.53 -71.46 -25.17
N PHE CA 59 -15.30 -70.38 -25.05
CA PHE CA 59 -16.66 -70.34 -25.55
C PHE CA 59 -16.80 -69.55 -26.84
N ASN CA 60 -15.70 -69.07 -27.41
CA ASN CA 60 -15.70 -68.37 -28.68
C ASN CA 60 -15.19 -69.23 -29.82
N ILE CA 61 -14.13 -70.01 -29.58
CA ILE CA 61 -13.46 -70.72 -30.66
C ILE CA 61 -14.34 -71.84 -31.16
N ASN CA 62 -14.74 -71.75 -32.43
CA ASN CA 62 -15.46 -72.81 -33.13
C ASN CA 62 -14.47 -73.52 -34.03
N GLU CA 63 -14.09 -74.74 -33.65
CA GLU CA 63 -13.03 -75.43 -34.38
C GLU CA 63 -13.48 -75.84 -35.78
N ALA CA 64 -14.67 -76.43 -35.89
CA ALA CA 64 -15.15 -77.00 -37.14
C ALA CA 64 -16.27 -76.14 -37.70
N ALA CA 65 -15.94 -75.30 -38.68
CA ALA CA 65 -16.92 -74.48 -39.38
C ALA CA 65 -16.70 -74.61 -40.88
N VAL CA 66 -17.78 -74.52 -41.64
CA VAL CA 66 -17.77 -74.78 -43.07
C VAL CA 66 -18.08 -73.47 -43.81
N LEU CA 67 -17.24 -73.14 -44.79
CA LEU CA 67 -17.48 -72.03 -45.69
C LEU CA 67 -17.69 -72.56 -47.10
N THR CA 68 -18.64 -71.96 -47.83
CA THR CA 68 -18.96 -72.44 -49.16
C THR CA 68 -18.74 -71.34 -50.20
N PRO CA 69 -18.25 -71.70 -51.39
CA PRO CA 69 -17.99 -70.69 -52.41
C PRO CA 69 -19.25 -70.26 -53.14
N ASP CA 70 -19.10 -69.24 -53.98
CA ASP CA 70 -20.20 -68.72 -54.78
C ASP CA 70 -20.31 -69.63 -56.01
N VAL CA 71 -21.31 -69.41 -56.87
CA VAL CA 71 -21.59 -70.28 -58.00
C VAL CA 71 -21.12 -69.66 -59.31
N GLN CA 72 -21.55 -68.43 -59.61
CA GLN CA 72 -21.22 -67.81 -60.89
C GLN CA 72 -19.72 -67.61 -61.05
N ASP CA 73 -19.10 -66.97 -60.07
CA ASP CA 73 -17.64 -66.76 -60.04
C ASP CA 73 -17.14 -67.28 -58.69
N ASN CA 74 -16.28 -68.29 -58.75
CA ASN CA 74 -15.82 -68.97 -57.55
C ASN CA 74 -15.04 -68.04 -56.63
N ARG CA 75 -15.67 -67.67 -55.51
CA ARG CA 75 -15.06 -66.76 -54.55
C ARG CA 75 -15.75 -66.95 -53.20
N ILE CA 76 -15.12 -66.41 -52.16
CA ILE CA 76 -15.68 -66.42 -50.82
C ILE CA 76 -15.53 -65.02 -50.23
N ARG CA 77 -16.62 -64.48 -49.69
CA ARG CA 77 -16.63 -63.13 -49.17
C ARG CA 77 -16.00 -63.07 -47.78
N PHE CA 78 -15.65 -61.85 -47.36
CA PHE CA 78 -15.01 -61.59 -46.07
C PHE CA 78 -15.91 -60.63 -45.30
N LEU CA 79 -16.84 -61.20 -44.53
CA LEU CA 79 -17.76 -60.39 -43.75
C LEU CA 79 -17.02 -59.60 -42.68
N PRO CA 80 -17.50 -58.41 -42.33
CA PRO CA 80 -16.82 -57.59 -41.32
C PRO CA 80 -17.03 -58.04 -39.88
N SER CA 81 -17.72 -59.15 -39.65
CA SER CA 81 -17.91 -59.69 -38.32
C SER CA 81 -16.88 -60.77 -37.97
N TYR CA 82 -15.93 -61.04 -38.85
CA TYR CA 82 -14.89 -62.01 -38.59
C TYR CA 82 -13.76 -61.34 -37.81
N LEU CA 83 -13.19 -62.07 -36.84
CA LEU CA 83 -12.11 -61.53 -36.01
C LEU CA 83 -10.80 -62.27 -36.16
N ARG CA 84 -10.82 -63.58 -36.39
CA ARG CA 84 -9.60 -64.36 -36.54
C ARG CA 84 -9.89 -65.55 -37.44
N VAL CA 85 -8.99 -65.86 -38.36
CA VAL CA 85 -9.12 -67.01 -39.24
C VAL CA 85 -7.81 -67.79 -39.18
N MET CA 86 -7.90 -69.06 -38.80
CA MET CA 86 -6.73 -69.91 -38.66
C MET CA 86 -7.10 -71.34 -39.03
N THR CA 87 -6.10 -72.22 -39.03
CA THR CA 87 -6.28 -73.64 -39.25
C THR CA 87 -6.00 -74.37 -37.94
N ALA CA 88 -6.65 -75.53 -37.78
CA ALA CA 88 -6.64 -76.27 -36.51
C ALA CA 88 -5.24 -76.59 -36.02
N GLY CA 89 -4.49 -77.40 -36.77
CA GLY CA 89 -3.20 -77.87 -36.30
C GLY CA 89 -2.05 -77.73 -37.28
N ALA CA 90 -2.02 -76.66 -38.05
CA ALA CA 90 -0.97 -76.46 -39.04
C ALA CA 90 -0.85 -74.97 -39.32
N THR CA 91 0.23 -74.62 -40.03
CA THR CA 91 0.44 -73.22 -40.42
C THR CA 91 -0.61 -72.80 -41.44
N SER CA 92 -0.98 -71.53 -41.38
CA SER CA 92 -2.03 -70.99 -42.25
C SER CA 92 -1.58 -69.67 -42.85
N TYR CA 93 -2.04 -69.40 -44.08
CA TYR CA 93 -1.79 -68.15 -44.77
C TYR CA 93 -3.13 -67.63 -45.32
N TYR CA 94 -3.83 -66.84 -44.51
CA TYR CA 94 -5.12 -66.28 -44.89
C TYR CA 94 -5.14 -64.79 -44.60
N SER CA 95 -5.74 -64.03 -45.51
CA SER CA 95 -5.81 -62.59 -45.37
C SER CA 95 -6.93 -62.07 -46.26
N ASN CA 96 -7.23 -60.78 -46.08
CA ASN CA 96 -8.27 -60.09 -46.84
C ASN CA 96 -7.62 -59.21 -47.90
N MET CA 97 -8.11 -59.32 -49.13
CA MET CA 97 -7.60 -58.52 -50.25
C MET CA 97 -8.75 -58.27 -51.22
N GLY CA 98 -9.24 -57.03 -51.24
CA GLY CA 98 -10.33 -56.68 -52.12
C GLY CA 98 -11.69 -57.17 -51.69
N GLY CA 99 -11.83 -57.59 -50.44
CA GLY CA 99 -13.10 -58.09 -49.95
C GLY CA 99 -13.35 -59.56 -50.18
N TYR CA 100 -12.31 -60.34 -50.47
CA TYR CA 100 -12.44 -61.77 -50.68
C TYR CA 100 -11.32 -62.49 -49.93
N LEU CA 101 -11.40 -63.81 -49.88
CA LEU CA 101 -10.44 -64.62 -49.15
C LEU CA 101 -9.23 -64.93 -50.02
N TYR CA 102 -8.05 -64.64 -49.49
CA TYR CA 102 -6.80 -64.78 -50.22
C TYR CA 102 -5.94 -65.87 -49.59
N ASP CA 103 -5.25 -66.62 -50.43
CA ASP CA 103 -4.34 -67.69 -49.99
C ASP CA 103 -2.94 -67.36 -50.49
N LEU CA 104 -2.04 -67.00 -49.56
CA LEU CA 104 -0.71 -66.55 -49.95
C LEU CA 104 0.12 -67.68 -50.55
N SER CA 105 -0.07 -68.91 -50.08
CA SER CA 105 0.73 -70.02 -50.57
C SER CA 105 0.48 -70.29 -52.06
N THR CA 106 -0.77 -70.20 -52.48
CA THR CA 106 -1.14 -70.47 -53.87
C THR CA 106 -1.14 -69.22 -54.73
N GLN CA 107 -1.27 -68.04 -54.14
CA GLN CA 107 -1.32 -66.77 -54.87
C GLN CA 107 -2.50 -66.77 -55.85
N SER CA 108 -3.69 -66.95 -55.30
CA SER CA 108 -4.91 -66.99 -56.10
C SER CA 108 -6.09 -66.71 -55.20
N THR CA 109 -7.25 -66.47 -55.82
CA THR CA 109 -8.49 -66.19 -55.12
C THR CA 109 -9.63 -66.96 -55.78
N THR CA 110 -9.38 -68.25 -56.06
CA THR CA 110 -10.36 -69.11 -56.72
C THR CA 110 -10.47 -70.43 -55.96
N PHE CA 111 -11.40 -70.47 -55.00
CA PHE CA 111 -11.71 -71.71 -54.32
C PHE CA 111 -12.84 -72.44 -55.04
N THR CA 112 -12.70 -73.75 -55.18
CA THR CA 112 -13.66 -74.54 -55.93
C THR CA 112 -14.53 -75.46 -55.08
N ASP CA 113 -14.09 -75.79 -53.87
CA ASP CA 113 -14.81 -76.69 -52.99
C ASP CA 113 -14.90 -76.10 -51.60
N PRO CA 114 -15.93 -76.47 -50.83
CA PRO CA 114 -16.04 -75.96 -49.46
C PRO CA 114 -14.87 -76.41 -48.60
N ILE CA 115 -14.46 -75.53 -47.68
CA ILE CA 115 -13.32 -75.77 -46.82
C ILE CA 115 -13.77 -75.67 -45.37
N THR CA 116 -12.89 -76.09 -44.46
CA THR CA 116 -13.14 -76.04 -43.03
C THR CA 116 -12.01 -75.26 -42.36
N VAL CA 117 -12.39 -74.28 -41.53
CA VAL CA 117 -11.40 -73.41 -40.88
C VAL CA 117 -11.78 -73.18 -39.42
N GLU CA 118 -10.98 -72.38 -38.74
CA GLU CA 118 -11.21 -72.00 -37.35
C GLU CA 118 -11.37 -70.48 -37.27
N LEU CA 119 -12.46 -70.02 -36.67
CA LEU CA 119 -12.74 -68.59 -36.64
C LEU CA 119 -13.48 -68.22 -35.37
N VAL CA 120 -13.51 -66.91 -35.11
CA VAL CA 120 -14.15 -66.33 -33.93
C VAL CA 120 -15.04 -65.19 -34.43
N GLU CA 121 -16.31 -65.21 -34.01
CA GLU CA 121 -17.26 -64.20 -34.44
C GLU CA 121 -17.66 -63.29 -33.27
N MET CA 122 -18.33 -62.20 -33.61
CA MET CA 122 -18.70 -61.18 -32.64
C MET CA 122 -20.11 -61.41 -32.11
N LYS CA 123 -20.32 -61.03 -30.86
CA LYS CA 123 -21.61 -61.15 -30.19
C LYS CA 123 -22.00 -59.81 -29.60
N PRO CA 124 -23.31 -59.54 -29.46
CA PRO CA 124 -23.73 -58.29 -28.83
C PRO CA 124 -23.37 -58.25 -27.35
N PHE CA 125 -23.31 -57.02 -26.82
CA PHE CA 125 -22.81 -56.82 -25.46
C PHE CA 125 -23.67 -57.51 -24.42
N SER CA 126 -24.98 -57.56 -24.65
CA SER CA 126 -25.91 -58.00 -23.61
C SER CA 126 -25.89 -59.52 -23.40
N GLU CA 127 -25.23 -60.30 -24.24
CA GLU CA 127 -25.24 -61.75 -24.08
C GLU CA 127 -23.91 -62.31 -23.61
N MET CA 128 -23.08 -61.50 -22.98
CA MET CA 128 -21.84 -61.97 -22.39
C MET CA 128 -22.04 -62.33 -20.93
N PRO CA 129 -21.17 -63.16 -20.36
CA PRO CA 129 -21.26 -63.46 -18.92
C PRO CA 129 -21.00 -62.23 -18.07
N VAL CA 130 -21.41 -62.31 -16.81
CA VAL CA 130 -21.51 -61.13 -15.95
C VAL CA 130 -20.14 -60.52 -15.69
N VAL CA 131 -19.16 -61.36 -15.34
CA VAL CA 131 -17.85 -60.86 -14.94
C VAL CA 131 -17.20 -60.10 -16.11
N PHE CA 132 -17.39 -60.60 -17.33
CA PHE CA 132 -16.87 -59.89 -18.49
C PHE CA 132 -17.51 -58.53 -18.63
N ARG CA 133 -18.82 -58.45 -18.39
CA ARG CA 133 -19.51 -57.17 -18.49
C ARG CA 133 -18.96 -56.17 -17.48
N ASP CA 134 -18.76 -56.62 -16.23
CA ASP CA 134 -18.22 -55.72 -15.22
C ASP CA 134 -16.81 -55.26 -15.58
N TYR CA 135 -15.97 -56.19 -16.06
CA TYR CA 135 -14.62 -55.84 -16.45
C TYR CA 135 -14.61 -54.81 -17.57
N ILE CA 136 -15.47 -55.01 -18.58
CA ILE CA 136 -15.54 -54.08 -19.70
C ILE CA 136 -16.00 -52.71 -19.23
N VAL CA 137 -17.01 -52.67 -18.36
CA VAL CA 137 -17.53 -51.39 -17.89
C VAL CA 137 -16.46 -50.62 -17.14
N THR CA 138 -15.73 -51.29 -16.24
CA THR CA 138 -14.67 -50.61 -15.49
C THR CA 138 -13.59 -50.08 -16.43
N LYS CA 139 -13.14 -50.92 -17.36
CA LYS CA 139 -12.12 -50.48 -18.30
C LYS CA 139 -12.58 -49.24 -19.05
N ALA CA 140 -13.77 -49.30 -19.65
CA ALA CA 140 -14.25 -48.18 -20.45
C ALA CA 140 -14.39 -46.90 -19.62
N SER CA 141 -14.85 -47.05 -18.38
CA SER CA 141 -14.92 -45.89 -17.49
C SER CA 141 -13.54 -45.26 -17.32
N ARG CA 142 -12.49 -46.09 -17.30
CA ARG CA 142 -11.15 -45.53 -17.14
C ARG CA 142 -10.80 -44.58 -18.30
N GLU CA 143 -10.98 -45.00 -19.55
CA GLU CA 143 -10.68 -44.09 -20.66
C GLU CA 143 -11.60 -42.87 -20.63
N PHE CA 144 -12.88 -43.07 -20.33
CA PHE CA 144 -13.80 -41.94 -20.35
C PHE CA 144 -13.36 -40.87 -19.35
N ASN CA 145 -12.95 -41.29 -18.16
CA ASN CA 145 -12.43 -40.33 -17.19
C ASN CA 145 -11.12 -39.71 -17.68
N ALA CA 146 -10.23 -40.53 -18.24
CA ALA CA 146 -8.90 -40.04 -18.58
C ALA CA 146 -8.94 -38.98 -19.68
N LYS CA 147 -9.79 -39.16 -20.69
CA LYS CA 147 -9.70 -38.34 -21.89
C LYS CA 147 -10.54 -37.07 -21.84
N PHE CA 148 -11.68 -37.08 -21.15
CA PHE CA 148 -12.62 -35.98 -21.23
C PHE CA 148 -12.72 -35.14 -19.96
N PHE CA 149 -12.35 -35.69 -18.80
CA PHE CA 149 -12.44 -34.95 -17.55
C PHE CA 149 -11.47 -35.50 -16.51
N GLY CA 150 -10.39 -34.78 -16.25
CA GLY CA 150 -9.36 -35.30 -15.38
C GLY CA 150 -9.62 -35.10 -13.90
N SER CA 151 -10.06 -36.16 -13.22
CA SER CA 151 -10.27 -36.12 -11.78
C SER CA 151 -9.18 -36.93 -11.07
N PRO CA 152 -8.62 -36.41 -9.98
CA PRO CA 152 -7.48 -37.07 -9.34
C PRO CA 152 -7.82 -38.12 -8.29
N GLU CA 153 -9.09 -38.26 -7.92
CA GLU CA 153 -9.48 -39.22 -6.89
C GLU CA 153 -10.38 -40.33 -7.40
N SER CA 154 -11.08 -40.13 -8.52
CA SER CA 154 -11.74 -41.26 -9.18
C SER CA 154 -10.72 -42.28 -9.63
N GLU CA 155 -9.59 -41.81 -10.17
CA GLU CA 155 -8.44 -42.65 -10.39
C GLU CA 155 -7.87 -43.11 -9.04
N LEU CA 156 -6.91 -44.03 -9.10
CA LEU CA 156 -6.21 -44.65 -7.97
C LEU CA 156 -7.10 -45.66 -7.26
N TYR CA 157 -8.37 -45.76 -7.62
CA TYR CA 157 -9.28 -46.78 -7.13
C TYR CA 157 -9.73 -47.73 -8.23
N LEU CA 158 -9.96 -47.19 -9.43
CA LEU CA 158 -10.36 -48.02 -10.56
C LEU CA 158 -9.25 -48.99 -10.95
N ARG CA 159 -7.99 -48.64 -10.70
CA ARG CA 159 -6.90 -49.55 -10.99
C ARG CA 159 -6.98 -50.81 -10.12
N GLU CA 160 -7.17 -50.61 -8.81
CA GLU CA 160 -7.32 -51.74 -7.91
C GLU CA 160 -8.56 -52.57 -8.28
N GLN CA 161 -9.65 -51.89 -8.60
CA GLN CA 161 -10.87 -52.60 -9.01
C GLN CA 161 -10.61 -53.44 -10.26
N GLU CA 162 -9.89 -52.88 -11.24
CA GLU CA 162 -9.61 -53.60 -12.47
C GLU CA 162 -8.75 -54.82 -12.22
N ALA CA 163 -7.72 -54.70 -11.37
CA ALA CA 163 -6.89 -55.86 -11.07
C ALA CA 163 -7.70 -56.95 -10.37
N GLU CA 164 -8.56 -56.55 -9.42
CA GLU CA 164 -9.37 -57.52 -8.71
C GLU CA 164 -10.31 -58.25 -9.67
N LEU CA 165 -10.89 -57.52 -10.63
CA LEU CA 165 -11.79 -58.16 -11.59
C LEU CA 165 -11.03 -59.07 -12.55
N TYR CA 166 -9.81 -58.66 -12.94
CA TYR CA 166 -9.00 -59.48 -13.83
C TYR CA 166 -8.68 -60.84 -13.21
N GLN CA 167 -8.34 -60.83 -11.92
CA GLN CA 167 -8.05 -62.09 -11.25
C GLN CA 167 -9.26 -63.03 -11.29
N GLN CA 168 -10.45 -62.48 -11.03
CA GLN CA 168 -11.66 -63.30 -11.04
C GLN CA 168 -11.97 -63.82 -12.43
N VAL CA 169 -11.73 -63.01 -13.47
CA VAL CA 169 -11.95 -63.48 -14.84
C VAL CA 169 -11.02 -64.66 -15.14
N MET CA 170 -9.76 -64.56 -14.70
CA MET CA 170 -8.84 -65.68 -14.93
C MET CA 170 -9.31 -66.93 -14.21
N GLU CA 171 -9.75 -66.82 -12.95
CA GLU CA 171 -10.21 -68.01 -12.25
C GLU CA 171 -11.43 -68.62 -12.94
N TYR CA 172 -12.34 -67.78 -13.43
CA TYR CA 172 -13.50 -68.31 -14.15
C TYR CA 172 -13.06 -69.04 -15.41
N GLU CA 173 -12.07 -68.49 -16.11
CA GLU CA 173 -11.57 -69.14 -17.32
C GLU CA 173 -10.98 -70.51 -17.03
N MET CA 174 -10.22 -70.64 -15.94
CA MET CA 174 -9.57 -71.92 -15.67
C MET CA 174 -10.54 -73.01 -15.24
N ASP CA 175 -11.81 -72.70 -14.98
CA ASP CA 175 -12.75 -73.69 -14.48
C ASP CA 175 -13.57 -74.37 -15.57
N THR CA 176 -13.79 -73.70 -16.70
CA THR CA 176 -14.61 -74.30 -17.77
C THR CA 176 -13.92 -75.53 -18.34
N GLY CA 177 -12.62 -75.45 -18.58
CA GLY CA 177 -11.83 -76.55 -19.11
C GLY CA 177 -10.99 -77.18 -18.02
N ARG CA 178 -11.05 -78.51 -17.93
CA ARG CA 178 -10.29 -79.22 -16.90
C ARG CA 178 -8.81 -79.25 -17.24
N TYR CA 179 -8.48 -79.47 -18.52
CA TYR CA 179 -7.11 -79.44 -19.01
C TYR CA 179 -6.20 -80.43 -18.28
N ASN CA 180 -6.49 -81.72 -18.42
CA ASN CA 180 -5.70 -82.79 -17.83
C ASN CA 180 -4.48 -83.06 -18.69
N MET CA 181 -3.32 -83.23 -18.04
CA MET CA 181 -2.08 -83.48 -18.76
C MET CA 181 -1.68 -84.95 -18.75
N MET CA 182 -2.08 -85.72 -17.74
CA MET CA 182 -1.72 -87.12 -17.66
C MET CA 182 -2.55 -88.01 -18.56
N SER CA 183 -3.46 -87.45 -19.35
CA SER CA 183 -4.26 -88.24 -20.27
C SER CA 183 -3.41 -88.68 -21.46
N ASP CA 184 -4.01 -89.56 -22.28
CA ASP CA 184 -3.37 -90.11 -23.47
C ASP CA 184 -2.06 -90.83 -23.13
N ILE CA 185 -2.04 -91.52 -21.99
CA ILE CA 185 -0.90 -92.34 -21.58
C ILE CA 185 -1.43 -93.65 -21.02
N GLY CA 186 -0.92 -94.77 -21.52
CA GLY CA 186 -1.31 -96.06 -21.00
C GLY CA 186 -0.48 -97.22 -21.50
N ARG CA 187 0.03 -98.04 -20.57
CA ARG CA 187 0.85 -99.19 -20.89
C ARG CA 187 1.12 -100.03 -19.64
N ASP CA 188 1.54 -101.27 -19.82
CA ASP CA 188 1.87 -102.13 -18.69
C ASP CA 188 3.14 -101.66 -18.00
N MET DA 1 46.14 -17.43 -42.02
CA MET DA 1 45.78 -17.67 -43.41
C MET DA 1 44.48 -18.47 -43.48
N ALA DA 2 43.71 -18.26 -44.55
CA ALA DA 2 42.41 -18.91 -44.68
C ALA DA 2 42.54 -20.42 -44.72
N GLN DA 3 43.51 -20.94 -45.48
CA GLN DA 3 43.71 -22.38 -45.61
C GLN DA 3 44.85 -22.88 -44.74
N TYR DA 4 46.05 -22.38 -44.96
CA TYR DA 4 47.25 -22.88 -44.30
C TYR DA 4 47.53 -21.98 -43.08
N ILE DA 5 48.68 -22.06 -42.43
CA ILE DA 5 48.94 -21.26 -41.22
C ILE DA 5 49.22 -19.82 -41.62
N PRO DA 6 49.01 -18.86 -40.72
CA PRO DA 6 49.29 -17.45 -41.06
C PRO DA 6 50.78 -17.18 -41.18
N LEU DA 7 51.10 -15.97 -41.62
CA LEU DA 7 52.47 -15.57 -41.91
C LEU DA 7 53.02 -14.69 -40.81
N ASN DA 8 54.22 -15.03 -40.34
CA ASN DA 8 54.94 -14.23 -39.33
C ASN DA 8 54.09 -14.00 -38.08
N ALA DA 9 53.74 -15.08 -37.38
CA ALA DA 9 52.89 -15.01 -36.20
C ALA DA 9 53.73 -14.75 -34.96
N ASN DA 10 53.12 -14.06 -33.99
CA ASN DA 10 53.76 -13.79 -32.71
C ASN DA 10 53.07 -14.64 -31.65
N ASP DA 11 53.84 -15.50 -30.97
CA ASP DA 11 53.25 -16.50 -30.09
C ASP DA 11 52.76 -15.86 -28.79
N ASP DA 12 53.53 -14.94 -28.22
CA ASP DA 12 53.14 -14.35 -26.94
C ASP DA 12 51.84 -13.58 -27.04
N LEU DA 13 51.68 -12.81 -28.12
CA LEU DA 13 50.44 -12.08 -28.33
C LEU DA 13 49.26 -13.03 -28.47
N ASP DA 14 49.44 -14.14 -29.19
CA ASP DA 14 48.38 -15.13 -29.33
C ASP DA 14 48.00 -15.72 -27.97
N ALA DA 15 49.00 -16.08 -27.17
CA ALA DA 15 48.72 -16.67 -25.87
C ALA DA 15 47.97 -15.68 -24.98
N ILE DA 16 48.37 -14.40 -25.02
CA ILE DA 16 47.66 -13.38 -24.26
C ILE DA 16 46.22 -13.28 -24.73
N ASN DA 17 46.00 -13.32 -26.05
CA ASN DA 17 44.65 -13.22 -26.58
C ASN DA 17 43.76 -14.38 -26.14
N ASP DA 18 44.30 -15.61 -26.16
CA ASP DA 18 43.53 -16.74 -25.65
C ASP DA 18 43.27 -16.61 -24.16
N MET DA 19 44.24 -16.06 -23.41
CA MET DA 19 44.00 -15.84 -21.98
C MET DA 19 42.84 -14.87 -21.75
N LEU DA 20 42.78 -13.81 -22.56
CA LEU DA 20 41.66 -12.86 -22.43
C LEU DA 20 40.35 -13.45 -22.93
N ALA DA 21 40.43 -14.48 -23.78
CA ALA DA 21 39.21 -15.02 -24.37
C ALA DA 21 38.29 -15.64 -23.32
N ALA DA 22 38.86 -16.27 -22.30
CA ALA DA 22 38.06 -16.89 -21.25
C ALA DA 22 37.21 -15.85 -20.53
N ILE DA 23 37.65 -14.60 -20.52
CA ILE DA 23 36.87 -13.54 -19.89
C ILE DA 23 35.62 -13.25 -20.69
N GLY DA 24 35.76 -13.14 -22.01
CA GLY DA 24 34.64 -12.82 -22.87
C GLY DA 24 34.78 -11.50 -23.59
N GLU DA 25 36.01 -11.11 -23.89
CA GLU DA 25 36.32 -9.83 -24.52
C GLU DA 25 37.20 -10.05 -25.74
N PRO DA 26 37.16 -9.11 -26.70
CA PRO DA 26 37.95 -9.27 -27.92
C PRO DA 26 39.44 -9.01 -27.71
N ALA DA 27 40.21 -9.03 -28.81
CA ALA DA 27 41.66 -8.99 -28.76
C ALA DA 27 42.16 -7.62 -28.28
N VAL DA 28 43.49 -7.46 -28.18
CA VAL DA 28 44.11 -6.27 -27.64
C VAL DA 28 44.95 -5.54 -28.67
N LEU DA 29 45.43 -6.26 -29.70
CA LEU DA 29 45.95 -5.70 -30.94
C LEU DA 29 47.34 -5.06 -30.84
N GLN DA 30 47.90 -4.91 -29.63
CA GLN DA 30 49.25 -4.35 -29.54
C GLN DA 30 50.17 -5.05 -28.56
N LEU DA 31 49.65 -5.63 -27.48
CA LEU DA 31 50.47 -6.07 -26.35
C LEU DA 31 51.25 -4.88 -25.80
N ASP DA 32 50.54 -3.90 -25.26
CA ASP DA 32 51.15 -2.71 -24.71
C ASP DA 32 51.40 -2.92 -23.22
N GLU DA 33 51.98 -1.92 -22.53
CA GLU DA 33 52.22 -1.99 -21.10
C GLU DA 33 51.31 -1.10 -20.28
N GLY DA 34 50.70 -0.08 -20.88
CA GLY DA 34 49.79 0.78 -20.13
C GLY DA 34 48.55 0.05 -19.67
N ASN DA 35 48.07 -0.91 -20.47
CA ASN DA 35 46.84 -1.62 -20.13
C ASN DA 35 47.06 -2.47 -18.88
N ALA DA 36 46.00 -2.60 -18.08
CA ALA DA 36 46.11 -3.30 -16.81
C ALA DA 36 46.19 -4.81 -16.98
N ASP DA 37 45.40 -5.36 -17.91
CA ASP DA 37 45.27 -6.80 -18.01
C ASP DA 37 46.57 -7.46 -18.41
N VAL DA 38 47.31 -6.85 -19.34
CA VAL DA 38 48.53 -7.45 -19.87
C VAL DA 38 49.55 -7.63 -18.75
N SER DA 39 49.71 -6.61 -17.92
CA SER DA 39 50.69 -6.66 -16.84
C SER DA 39 50.38 -7.78 -15.86
N ASN DA 40 49.10 -8.00 -15.58
CA ASN DA 40 48.72 -9.08 -14.67
C ASN DA 40 48.90 -10.44 -15.33
N ALA DA 41 48.61 -10.56 -16.62
CA ALA DA 41 48.64 -11.86 -17.26
C ALA DA 41 50.06 -12.35 -17.49
N GLN DA 42 50.98 -11.45 -17.82
CA GLN DA 42 52.34 -11.88 -18.18
C GLN DA 42 53.04 -12.55 -16.99
N ARG DA 43 52.86 -12.01 -15.79
CA ARG DA 43 53.50 -12.60 -14.62
C ARG DA 43 53.01 -14.02 -14.36
N ILE DA 44 51.70 -14.23 -14.47
CA ILE DA 44 51.15 -15.56 -14.26
C ILE DA 44 51.67 -16.52 -15.31
N LEU DA 45 51.73 -16.09 -16.57
CA LEU DA 45 52.25 -16.96 -17.61
C LEU DA 45 53.70 -17.35 -17.33
N HIS DA 46 54.53 -16.38 -16.93
CA HIS DA 46 55.94 -16.67 -16.64
C HIS DA 46 56.07 -17.67 -15.49
N ARG DA 47 55.29 -17.46 -14.42
CA ARG DA 47 55.39 -18.35 -13.26
C ARG DA 47 54.96 -19.77 -13.63
N VAL DA 48 53.87 -19.91 -14.38
CA VAL DA 48 53.40 -21.24 -14.76
C VAL DA 48 54.42 -21.93 -15.64
N ASN DA 49 55.02 -21.20 -16.59
CA ASN DA 49 56.04 -21.79 -17.45
C ASN DA 49 57.21 -22.31 -16.61
N ARG DA 50 57.71 -21.48 -15.69
CA ARG DA 50 58.84 -21.90 -14.87
C ARG DA 50 58.49 -23.12 -14.02
N GLN DA 51 57.27 -23.15 -13.47
CA GLN DA 51 56.86 -24.29 -12.65
C GLN DA 51 56.82 -25.57 -13.47
N VAL DA 52 56.13 -25.53 -14.62
CA VAL DA 52 55.91 -26.76 -15.39
C VAL DA 52 57.22 -27.27 -15.98
N GLN DA 53 58.09 -26.37 -16.44
CA GLN DA 53 59.30 -26.81 -17.12
C GLN DA 53 60.29 -27.49 -16.19
N ALA DA 54 60.12 -27.37 -14.87
CA ALA DA 54 61.13 -27.83 -13.92
C ALA DA 54 60.90 -29.24 -13.40
N LYS DA 55 59.88 -29.96 -13.89
CA LYS DA 55 59.63 -31.30 -13.40
C LYS DA 55 60.69 -32.31 -13.81
N GLY DA 56 61.39 -32.07 -14.92
CA GLY DA 56 62.39 -33.00 -15.38
C GLY DA 56 61.86 -33.94 -16.44
N TRP DA 57 62.32 -33.79 -17.68
CA TRP DA 57 61.87 -34.64 -18.78
C TRP DA 57 63.07 -35.25 -19.48
N ASN DA 58 62.83 -35.90 -20.62
CA ASN DA 58 63.89 -36.60 -21.33
C ASN DA 58 64.70 -35.70 -22.25
N PHE DA 59 64.18 -34.54 -22.63
CA PHE DA 59 64.89 -33.60 -23.48
C PHE DA 59 65.46 -32.42 -22.69
N ASN DA 60 65.38 -32.46 -21.36
CA ASN DA 60 65.94 -31.42 -20.51
C ASN DA 60 67.19 -31.87 -19.78
N ILE DA 61 67.21 -33.10 -19.29
CA ILE DA 61 68.28 -33.55 -18.42
C ILE DA 61 69.56 -33.73 -19.22
N ASN DA 62 70.58 -32.97 -18.87
CA ASN DA 62 71.92 -33.11 -19.44
C ASN DA 62 72.76 -33.88 -18.43
N GLU DA 63 73.02 -35.15 -18.74
CA GLU DA 63 73.70 -36.03 -17.79
C GLU DA 63 75.13 -35.56 -17.54
N ALA DA 64 75.84 -35.17 -18.59
CA ALA DA 64 77.27 -34.83 -18.49
C ALA DA 64 77.45 -33.37 -18.85
N ALA DA 65 77.73 -32.55 -17.84
CA ALA DA 65 78.05 -31.14 -18.03
C ALA DA 65 79.26 -30.79 -17.19
N VAL DA 66 80.02 -29.80 -17.63
CA VAL DA 66 81.30 -29.45 -17.01
C VAL DA 66 81.20 -28.02 -16.47
N LEU DA 67 81.57 -27.85 -15.21
CA LEU DA 67 81.67 -26.53 -14.58
C LEU DA 67 83.12 -26.27 -14.22
N THR DA 68 83.56 -25.02 -14.38
CA THR DA 68 84.95 -24.69 -14.14
C THR DA 68 85.08 -23.59 -13.10
N PRO DA 69 86.09 -23.66 -12.24
CA PRO DA 69 86.25 -22.63 -11.19
C PRO DA 69 86.93 -21.37 -11.74
N ASP DA 70 86.95 -20.36 -10.90
CA ASP DA 70 87.59 -19.09 -11.23
C ASP DA 70 89.09 -19.20 -11.03
N VAL DA 71 89.83 -18.17 -11.47
CA VAL DA 71 91.28 -18.19 -11.43
C VAL DA 71 91.79 -17.44 -10.19
N GLN DA 72 91.37 -16.19 -10.03
CA GLN DA 72 91.82 -15.36 -8.92
C GLN DA 72 91.50 -16.01 -7.58
N ASP DA 73 90.24 -16.40 -7.40
CA ASP DA 73 89.82 -17.18 -6.25
C ASP DA 73 89.20 -18.49 -6.73
N ASN DA 74 88.98 -19.41 -5.80
CA ASN DA 74 88.48 -20.74 -6.13
C ASN DA 74 87.02 -20.83 -5.72
N ARG DA 75 86.14 -20.40 -6.62
CA ARG DA 75 84.71 -20.46 -6.39
C ARG DA 75 84.01 -20.74 -7.70
N ILE DA 76 82.73 -21.12 -7.61
CA ILE DA 76 81.88 -21.36 -8.76
C ILE DA 76 80.58 -20.61 -8.55
N ARG DA 77 80.17 -19.83 -9.55
CA ARG DA 77 78.98 -19.01 -9.43
C ARG DA 77 77.72 -19.86 -9.53
N PHE DA 78 76.61 -19.30 -9.06
CA PHE DA 78 75.31 -19.95 -9.08
C PHE DA 78 74.35 -19.05 -9.87
N LEU DA 79 74.28 -19.27 -11.18
CA LEU DA 79 73.44 -18.46 -12.03
C LEU DA 79 71.97 -18.70 -11.70
N PRO DA 80 71.11 -17.70 -11.92
CA PRO DA 80 69.70 -17.85 -11.55
C PRO DA 80 68.88 -18.62 -12.58
N SER DA 81 69.55 -19.19 -13.58
CA SER DA 81 68.89 -20.00 -14.59
C SER DA 81 68.98 -21.49 -14.30
N TYR DA 82 69.61 -21.89 -13.19
CA TYR DA 82 69.69 -23.30 -12.82
C TYR DA 82 68.42 -23.70 -12.08
N LEU DA 83 67.97 -24.93 -12.32
CA LEU DA 83 66.76 -25.43 -11.68
C LEU DA 83 66.99 -26.61 -10.75
N ARG DA 84 67.82 -27.57 -11.15
CA ARG DA 84 68.14 -28.72 -10.31
C ARG DA 84 69.61 -29.07 -10.50
N VAL DA 85 70.28 -29.44 -9.42
CA VAL DA 85 71.67 -29.88 -9.45
C VAL DA 85 71.77 -31.19 -8.69
N MET DA 86 72.21 -32.24 -9.37
CA MET DA 86 72.30 -33.57 -8.77
C MET DA 86 73.46 -34.33 -9.39
N THR DA 87 73.88 -35.38 -8.70
CA THR DA 87 74.88 -36.29 -9.23
C THR DA 87 74.19 -37.49 -9.89
N ALA DA 88 74.82 -38.01 -10.94
CA ALA DA 88 74.22 -39.03 -11.79
C ALA DA 88 73.77 -40.27 -11.03
N GLY DA 89 74.72 -40.99 -10.43
CA GLY DA 89 74.38 -42.26 -9.81
C GLY DA 89 74.77 -42.42 -8.35
N ALA DA 90 74.64 -41.36 -7.57
CA ALA DA 90 75.00 -41.42 -6.15
C ALA DA 90 74.30 -40.29 -5.42
N THR DA 91 74.39 -40.31 -4.09
CA THR DA 91 73.83 -39.24 -3.28
C THR DA 91 74.64 -37.97 -3.45
N SER DA 92 73.97 -36.83 -3.34
CA SER DA 92 74.58 -35.53 -3.57
C SER DA 92 74.17 -34.56 -2.48
N TYR DA 93 75.06 -33.63 -2.15
CA TYR DA 93 74.80 -32.55 -1.19
C TYR DA 93 75.27 -31.25 -1.83
N TYR DA 94 74.36 -30.57 -2.52
CA TYR DA 94 74.67 -29.30 -3.17
C TYR DA 94 73.59 -28.29 -2.86
N SER DA 95 74.00 -27.04 -2.67
CA SER DA 95 73.06 -25.97 -2.34
C SER DA 95 73.74 -24.63 -2.59
N ASN DA 96 72.96 -23.56 -2.43
CA ASN DA 96 73.43 -22.20 -2.65
C ASN DA 96 73.59 -21.49 -1.32
N MET DA 97 74.72 -20.82 -1.14
CA MET DA 97 74.99 -20.02 0.06
C MET DA 97 75.77 -18.78 -0.37
N GLY DA 98 75.07 -17.65 -0.45
CA GLY DA 98 75.70 -16.41 -0.83
C GLY DA 98 76.16 -16.34 -2.27
N GLY DA 99 75.39 -16.91 -3.20
CA GLY DA 99 75.75 -16.85 -4.59
C GLY DA 99 76.92 -17.70 -4.99
N TYR DA 100 77.19 -18.79 -4.26
CA TYR DA 100 78.30 -19.68 -4.59
C TYR DA 100 77.90 -21.11 -4.27
N LEU DA 101 78.59 -22.05 -4.90
CA LEU DA 101 78.27 -23.46 -4.74
C LEU DA 101 78.82 -23.98 -3.42
N TYR DA 102 77.98 -24.68 -2.66
CA TYR DA 102 78.32 -25.19 -1.34
C TYR DA 102 78.17 -26.71 -1.32
N ASP DA 103 79.16 -27.37 -0.74
CA ASP DA 103 79.17 -28.83 -0.60
C ASP DA 103 79.07 -29.16 0.89
N LEU DA 104 77.95 -29.76 1.30
CA LEU DA 104 77.70 -29.98 2.72
C LEU DA 104 78.64 -31.01 3.31
N SER DA 105 79.08 -31.97 2.50
CA SER DA 105 79.92 -33.05 3.02
C SER DA 105 81.25 -32.51 3.56
N THR DA 106 81.87 -31.58 2.83
CA THR DA 106 83.15 -31.03 3.23
C THR DA 106 83.01 -29.72 4.01
N GLN DA 107 81.87 -29.05 3.91
CA GLN DA 107 81.61 -27.78 4.59
C GLN DA 107 82.62 -26.72 4.14
N SER DA 108 82.62 -26.46 2.83
CA SER DA 108 83.53 -25.49 2.24
C SER DA 108 83.02 -25.12 0.86
N THR DA 109 83.62 -24.07 0.30
CA THR DA 109 83.31 -23.59 -1.04
C THR DA 109 84.60 -23.34 -1.80
N THR DA 110 85.52 -24.30 -1.77
CA THR DA 110 86.88 -24.12 -2.27
C THR DA 110 87.18 -25.23 -3.29
N PHE DA 111 86.29 -25.37 -4.27
CA PHE DA 111 86.55 -26.27 -5.39
C PHE DA 111 87.82 -25.84 -6.12
N THR DA 112 88.65 -26.81 -6.47
CA THR DA 112 89.94 -26.53 -7.09
C THR DA 112 90.05 -27.03 -8.52
N ASP DA 113 89.25 -28.01 -8.92
CA ASP DA 113 89.31 -28.61 -10.24
C ASP DA 113 87.91 -28.73 -10.83
N PRO DA 114 87.79 -28.75 -12.16
CA PRO DA 114 86.47 -28.88 -12.78
C PRO DA 114 85.79 -30.18 -12.41
N ILE DA 115 84.46 -30.12 -12.28
CA ILE DA 115 83.66 -31.26 -11.87
C ILE DA 115 82.58 -31.49 -12.93
N THR DA 116 81.91 -32.64 -12.82
CA THR DA 116 80.83 -33.00 -13.73
C THR DA 116 79.56 -33.27 -12.93
N VAL DA 117 78.45 -32.67 -13.35
CA VAL DA 117 77.20 -32.78 -12.61
C VAL DA 117 76.03 -32.98 -13.57
N GLU DA 118 74.82 -33.04 -13.01
CA GLU DA 118 73.59 -33.23 -13.76
C GLU DA 118 72.64 -32.11 -13.43
N LEU DA 119 72.27 -31.30 -14.42
CA LEU DA 119 71.47 -30.12 -14.17
C LEU DA 119 70.43 -29.92 -15.27
N VAL DA 120 69.54 -28.97 -15.04
CA VAL DA 120 68.42 -28.66 -15.93
C VAL DA 120 68.38 -27.14 -16.07
N GLU DA 121 68.42 -26.65 -17.31
CA GLU DA 121 68.37 -25.21 -17.56
C GLU DA 121 67.03 -24.80 -18.14
N MET DA 122 66.79 -23.50 -18.17
CA MET DA 122 65.53 -22.93 -18.63
C MET DA 122 65.62 -22.56 -20.11
N LYS DA 123 64.47 -22.55 -20.77
CA LYS DA 123 64.35 -22.26 -22.18
C LYS DA 123 63.22 -21.27 -22.42
N PRO DA 124 63.30 -20.47 -23.48
CA PRO DA 124 62.20 -19.53 -23.77
C PRO DA 124 60.91 -20.25 -24.15
N PHE DA 125 59.80 -19.56 -23.93
CA PHE DA 125 58.49 -20.17 -24.15
C PHE DA 125 58.28 -20.55 -25.62
N SER DA 126 58.91 -19.84 -26.54
CA SER DA 126 58.63 -20.04 -27.95
C SER DA 126 59.36 -21.23 -28.55
N GLU DA 127 60.21 -21.92 -27.79
CA GLU DA 127 61.02 -23.02 -28.30
C GLU DA 127 60.72 -24.31 -27.54
N MET DA 128 59.45 -24.60 -27.31
CA MET DA 128 59.00 -25.81 -26.66
C MET DA 128 58.15 -26.65 -27.60
N PRO DA 129 58.03 -27.96 -27.34
CA PRO DA 129 57.13 -28.79 -28.16
C PRO DA 129 55.69 -28.31 -28.09
N VAL DA 130 54.91 -28.71 -29.09
CA VAL DA 130 53.61 -28.09 -29.35
C VAL DA 130 52.64 -28.33 -28.20
N VAL DA 131 52.54 -29.58 -27.74
CA VAL DA 131 51.51 -29.95 -26.77
C VAL DA 131 51.70 -29.21 -25.46
N PHE DA 132 52.96 -29.03 -25.06
CA PHE DA 132 53.25 -28.35 -23.79
C PHE DA 132 52.72 -26.93 -23.80
N ARG DA 133 52.78 -26.26 -24.94
CA ARG DA 133 52.30 -24.88 -25.01
C ARG DA 133 50.80 -24.80 -24.73
N ASP DA 134 50.02 -25.69 -25.34
CA ASP DA 134 48.58 -25.71 -25.08
C ASP DA 134 48.29 -26.05 -23.62
N TYR DA 135 49.02 -27.03 -23.07
CA TYR DA 135 48.83 -27.40 -21.68
C TYR DA 135 49.08 -26.21 -20.76
N ILE DA 136 50.17 -25.50 -20.99
CA ILE DA 136 50.53 -24.36 -20.15
C ILE DA 136 49.49 -23.24 -20.29
N VAL DA 137 49.04 -22.99 -21.51
CA VAL DA 137 48.07 -21.91 -21.72
C VAL DA 137 46.76 -22.22 -20.99
N THR DA 138 46.28 -23.46 -21.10
CA THR DA 138 45.05 -23.81 -20.39
C THR DA 138 45.22 -23.67 -18.88
N LYS DA 139 46.32 -24.18 -18.35
CA LYS DA 139 46.57 -24.05 -16.92
C LYS DA 139 46.53 -22.59 -16.50
N ALA DA 140 47.30 -21.74 -17.18
CA ALA DA 140 47.39 -20.33 -16.79
C ALA DA 140 46.04 -19.64 -16.90
N SER DA 141 45.26 -19.96 -17.93
CA SER DA 141 43.92 -19.40 -18.05
C SER DA 141 43.07 -19.75 -16.83
N ARG DA 142 43.28 -20.94 -16.27
CA ARG DA 142 42.51 -21.31 -15.07
C ARG DA 142 42.76 -20.33 -13.92
N GLU DA 143 44.03 -20.05 -13.59
CA GLU DA 143 44.28 -19.10 -12.51
C GLU DA 143 43.78 -17.71 -12.87
N PHE DA 144 43.98 -17.29 -14.13
CA PHE DA 144 43.55 -15.95 -14.50
C PHE DA 144 42.06 -15.77 -14.29
N ASN DA 145 41.27 -16.77 -14.68
CA ASN DA 145 39.84 -16.71 -14.42
C ASN DA 145 39.55 -16.74 -12.92
N ALA DA 146 40.26 -17.60 -12.19
CA ALA DA 146 39.92 -17.81 -10.78
C ALA DA 146 40.18 -16.57 -9.93
N LYS DA 147 41.28 -15.85 -10.18
CA LYS DA 147 41.71 -14.80 -9.27
C LYS DA 147 41.11 -13.43 -9.54
N PHE DA 148 40.67 -13.15 -10.77
CA PHE DA 148 40.26 -11.79 -11.13
C PHE DA 148 38.81 -11.67 -11.56
N PHE DA 149 38.17 -12.76 -11.98
CA PHE DA 149 36.79 -12.68 -12.45
C PHE DA 149 36.08 -14.02 -12.35
N GLY DA 150 35.19 -14.16 -11.38
CA GLY DA 150 34.53 -15.44 -11.16
C GLY DA 150 33.37 -15.70 -12.10
N SER DA 151 33.59 -16.56 -13.09
CA SER DA 151 32.55 -16.97 -14.02
C SER DA 151 32.21 -18.45 -13.84
N PRO DA 152 30.93 -18.80 -13.78
CA PRO DA 152 30.57 -20.19 -13.46
C PRO DA 152 30.58 -21.12 -14.65
N GLU DA 153 30.34 -20.60 -15.86
CA GLU DA 153 30.29 -21.43 -17.05
C GLU DA 153 31.65 -21.63 -17.72
N SER DA 154 32.56 -20.68 -17.59
CA SER DA 154 33.91 -20.87 -18.14
C SER DA 154 34.62 -22.01 -17.43
N GLU DA 155 34.29 -22.25 -16.17
CA GLU DA 155 34.80 -23.39 -15.43
C GLU DA 155 33.98 -24.62 -15.83
N LEU DA 156 34.20 -25.75 -15.14
CA LEU DA 156 33.49 -27.00 -15.38
C LEU DA 156 33.81 -27.57 -16.75
N TYR DA 157 34.66 -26.87 -17.51
CA TYR DA 157 35.08 -27.30 -18.84
C TYR DA 157 36.59 -27.28 -19.00
N LEU DA 158 37.26 -26.30 -18.40
CA LEU DA 158 38.70 -26.25 -18.45
C LEU DA 158 39.32 -27.43 -17.71
N ARG DA 159 38.62 -27.99 -16.73
CA ARG DA 159 39.11 -29.19 -16.05
C ARG DA 159 39.17 -30.37 -17.01
N GLU DA 160 38.09 -30.57 -17.77
CA GLU DA 160 38.07 -31.63 -18.78
C GLU DA 160 39.16 -31.41 -19.82
N GLN DA 161 39.31 -30.17 -20.28
CA GLN DA 161 40.34 -29.87 -21.27
C GLN DA 161 41.73 -30.17 -20.71
N GLU DA 162 41.97 -29.82 -19.44
CA GLU DA 162 43.26 -30.05 -18.82
C GLU DA 162 43.57 -31.53 -18.72
N ALA DA 163 42.58 -32.34 -18.31
CA ALA DA 163 42.81 -33.79 -18.24
C ALA DA 163 43.10 -34.37 -19.62
N GLU DA 164 42.35 -33.93 -20.63
CA GLU DA 164 42.58 -34.43 -21.98
C GLU DA 164 43.98 -34.10 -22.46
N LEU DA 165 44.45 -32.89 -22.16
CA LEU DA 165 45.81 -32.52 -22.56
C LEU DA 165 46.86 -33.30 -21.77
N TYR DA 166 46.58 -33.56 -20.49
CA TYR DA 166 47.53 -34.29 -19.66
C TYR DA 166 47.77 -35.69 -20.21
N GLN DA 167 46.70 -36.37 -20.64
CA GLN DA 167 46.90 -37.68 -21.27
C GLN DA 167 47.89 -37.59 -22.42
N GLN DA 168 47.65 -36.67 -23.36
CA GLN DA 168 48.47 -36.58 -24.56
C GLN DA 168 49.91 -36.26 -24.21
N VAL DA 169 50.13 -35.39 -23.22
CA VAL DA 169 51.49 -35.15 -22.74
C VAL DA 169 52.13 -36.44 -22.28
N MET DA 170 51.37 -37.27 -21.54
CA MET DA 170 51.93 -38.51 -21.02
C MET DA 170 52.37 -39.45 -22.15
N GLU DA 171 51.49 -39.74 -23.10
CA GLU DA 171 51.90 -40.69 -24.14
C GLU DA 171 52.91 -40.07 -25.10
N TYR DA 172 53.00 -38.74 -25.18
CA TYR DA 172 54.11 -38.14 -25.90
C TYR DA 172 55.42 -38.42 -25.18
N GLU DA 173 55.41 -38.32 -23.85
CA GLU DA 173 56.62 -38.59 -23.08
C GLU DA 173 57.06 -40.04 -23.22
N MET DA 174 56.11 -40.97 -23.17
CA MET DA 174 56.49 -42.38 -23.20
C MET DA 174 57.00 -42.86 -24.55
N ASP DA 175 56.91 -42.07 -25.61
CA ASP DA 175 57.32 -42.50 -26.93
C ASP DA 175 58.76 -42.15 -27.27
N THR DA 176 59.32 -41.09 -26.68
CA THR DA 176 60.69 -40.70 -27.00
C THR DA 176 61.67 -41.78 -26.54
N GLY DA 177 61.47 -42.33 -25.35
CA GLY DA 177 62.31 -43.38 -24.81
C GLY DA 177 61.60 -44.72 -24.88
N ARG DA 178 62.32 -45.73 -25.36
CA ARG DA 178 61.74 -47.06 -25.46
C ARG DA 178 61.63 -47.73 -24.09
N TYR DA 179 62.67 -47.57 -23.26
CA TYR DA 179 62.69 -48.09 -21.90
C TYR DA 179 62.49 -49.60 -21.86
N ASN DA 180 63.44 -50.34 -22.42
CA ASN DA 180 63.43 -51.80 -22.43
C ASN DA 180 63.94 -52.32 -21.09
N MET DA 181 63.29 -53.38 -20.59
CA MET DA 181 63.69 -54.00 -19.34
C MET DA 181 64.46 -55.31 -19.53
N MET DA 182 64.25 -56.01 -20.64
CA MET DA 182 64.91 -57.29 -20.87
C MET DA 182 66.36 -57.14 -21.29
N SER DA 183 66.86 -55.92 -21.43
CA SER DA 183 68.26 -55.72 -21.79
C SER DA 183 69.17 -56.14 -20.63
N ASP DA 184 70.48 -56.16 -20.91
CA ASP DA 184 71.53 -56.47 -19.94
C ASP DA 184 71.44 -57.89 -19.40
N ILE DA 185 70.86 -58.83 -20.15
CA ILE DA 185 70.69 -60.21 -19.72
C ILE DA 185 71.13 -61.12 -20.85
N GLY DA 186 71.91 -62.16 -20.50
CA GLY DA 186 72.29 -63.15 -21.48
C GLY DA 186 73.18 -64.25 -20.95
N ARG DA 187 72.83 -65.50 -21.27
CA ARG DA 187 73.60 -66.68 -20.88
C ARG DA 187 73.02 -67.91 -21.57
N ASP DA 188 73.81 -68.97 -21.66
CA ASP DA 188 73.35 -70.22 -22.28
C ASP DA 188 72.25 -70.86 -21.44
N MET EA 1 -3.32 -40.48 -50.65
CA MET EA 1 -4.66 -40.94 -51.02
C MET EA 1 -5.37 -41.50 -49.80
N ALA EA 2 -6.70 -41.38 -49.79
CA ALA EA 2 -7.51 -41.81 -48.65
C ALA EA 2 -7.35 -43.31 -48.40
N GLN EA 3 -7.10 -44.08 -49.45
CA GLN EA 3 -6.99 -45.54 -49.34
C GLN EA 3 -5.63 -46.06 -49.81
N TYR EA 4 -4.73 -45.18 -50.24
CA TYR EA 4 -3.49 -45.66 -50.82
C TYR EA 4 -2.44 -44.55 -50.82
N ILE EA 5 -1.31 -44.78 -51.50
CA ILE EA 5 -0.25 -43.77 -51.60
C ILE EA 5 -0.74 -42.60 -52.44
N PRO EA 6 -0.49 -41.36 -52.00
CA PRO EA 6 -0.88 -40.21 -52.82
C PRO EA 6 -0.13 -40.17 -54.14
N LEU EA 7 -0.78 -39.61 -55.16
CA LEU EA 7 -0.23 -39.62 -56.51
C LEU EA 7 0.84 -38.54 -56.66
N ASN EA 8 1.93 -38.91 -57.33
CA ASN EA 8 3.01 -37.98 -57.68
C ASN EA 8 3.53 -37.20 -56.47
N ALA EA 9 4.07 -37.90 -55.48
CA ALA EA 9 4.53 -37.28 -54.26
C ALA EA 9 5.96 -36.76 -54.42
N ASN EA 10 6.30 -35.78 -53.58
CA ASN EA 10 7.63 -35.19 -53.53
C ASN EA 10 8.23 -35.46 -52.15
N ASP EA 11 9.43 -36.02 -52.12
CA ASP EA 11 9.98 -36.52 -50.86
C ASP EA 11 10.61 -35.39 -50.03
N ASP EA 12 11.36 -34.50 -50.67
CA ASP EA 12 12.03 -33.43 -49.95
C ASP EA 12 11.03 -32.50 -49.27
N LEU EA 13 9.94 -32.16 -49.97
CA LEU EA 13 8.92 -31.32 -49.39
C LEU EA 13 8.28 -31.98 -48.18
N ASP EA 14 8.01 -33.29 -48.27
CA ASP EA 14 7.45 -34.01 -47.14
C ASP EA 14 8.41 -34.02 -45.96
N ALA EA 15 9.70 -34.21 -46.23
CA ALA EA 15 10.69 -34.21 -45.15
C ALA EA 15 10.75 -32.86 -44.46
N ILE EA 16 10.75 -31.77 -45.23
CA ILE EA 16 10.78 -30.45 -44.62
C ILE EA 16 9.52 -30.18 -43.81
N ASN EA 17 8.36 -30.57 -44.36
CA ASN EA 17 7.11 -30.35 -43.64
C ASN EA 17 7.08 -31.14 -42.34
N ASP EA 18 7.61 -32.37 -42.35
CA ASP EA 18 7.66 -33.17 -41.13
C ASP EA 18 8.63 -32.57 -40.13
N MET EA 19 9.73 -31.98 -40.62
CA MET EA 19 10.67 -31.32 -39.73
C MET EA 19 10.03 -30.11 -39.06
N LEU EA 20 9.22 -29.35 -39.81
CA LEU EA 20 8.55 -28.18 -39.24
C LEU EA 20 7.53 -28.57 -38.17
N ALA EA 21 7.01 -29.80 -38.23
CA ALA EA 21 5.95 -30.20 -37.32
C ALA EA 21 6.43 -30.24 -35.88
N ALA EA 22 7.71 -30.56 -35.67
CA ALA EA 22 8.24 -30.65 -34.31
C ALA EA 22 8.11 -29.31 -33.57
N ILE EA 23 8.21 -28.20 -34.31
CA ILE EA 23 8.03 -26.89 -33.69
C ILE EA 23 6.57 -26.68 -33.32
N GLY EA 24 5.65 -27.08 -34.21
CA GLY EA 24 4.24 -26.94 -33.93
C GLY EA 24 3.50 -26.00 -34.86
N GLU EA 25 3.92 -25.94 -36.12
CA GLU EA 25 3.36 -25.05 -37.11
C GLU EA 25 2.98 -25.80 -38.38
N PRO EA 26 2.03 -25.27 -39.16
CA PRO EA 26 1.57 -25.98 -40.36
C PRO EA 26 2.57 -25.95 -41.51
N ALA EA 27 2.14 -26.46 -42.67
CA ALA EA 27 3.02 -26.69 -43.80
C ALA EA 27 3.49 -25.37 -44.41
N VAL EA 28 4.31 -25.46 -45.47
CA VAL EA 28 4.94 -24.31 -46.10
C VAL EA 28 4.50 -24.16 -47.55
N LEU EA 29 4.08 -25.26 -48.18
CA LEU EA 29 3.32 -25.27 -49.42
C LEU EA 29 4.12 -24.95 -50.69
N GLN EA 30 5.37 -24.50 -50.56
CA GLN EA 30 6.15 -24.27 -51.78
C GLN EA 30 7.58 -24.80 -51.73
N LEU EA 31 8.19 -24.78 -50.55
CA LEU EA 31 9.63 -24.99 -50.43
C LEU EA 31 10.36 -23.93 -51.25
N ASP EA 32 10.27 -22.67 -50.84
CA ASP EA 32 10.93 -21.58 -51.50
C ASP EA 32 12.13 -21.12 -50.68
N GLU EA 33 13.10 -20.51 -51.35
CA GLU EA 33 14.32 -20.03 -50.71
C GLU EA 33 14.16 -18.70 -50.01
N GLY EA 34 13.04 -17.98 -50.25
CA GLY EA 34 12.84 -16.71 -49.58
C GLY EA 34 12.63 -16.88 -48.08
N ASN EA 35 11.91 -17.93 -47.69
CA ASN EA 35 11.64 -18.14 -46.27
C ASN EA 35 12.93 -18.51 -45.54
N ALA EA 36 12.99 -18.12 -44.26
CA ALA EA 36 14.22 -18.33 -43.49
C ALA EA 36 14.36 -19.79 -43.04
N ASP EA 37 13.26 -20.44 -42.71
CA ASP EA 37 13.34 -21.76 -42.11
C ASP EA 37 13.87 -22.81 -43.08
N VAL EA 38 13.49 -22.71 -44.35
CA VAL EA 38 13.84 -23.72 -45.33
C VAL EA 38 15.36 -23.78 -45.50
N SER EA 39 15.99 -22.61 -45.61
CA SER EA 39 17.43 -22.56 -45.80
C SER EA 39 18.17 -23.16 -44.61
N ASN EA 40 17.67 -22.90 -43.40
CA ASN EA 40 18.28 -23.48 -42.21
C ASN EA 40 18.11 -24.99 -42.16
N ALA EA 41 16.94 -25.49 -42.57
CA ALA EA 41 16.67 -26.92 -42.44
C ALA EA 41 17.43 -27.73 -43.47
N GLN EA 42 17.57 -27.20 -44.69
CA GLN EA 42 18.16 -28.00 -45.77
C GLN EA 42 19.61 -28.36 -45.50
N ARG EA 43 20.38 -27.42 -44.95
CA ARG EA 43 21.79 -27.69 -44.65
C ARG EA 43 21.93 -28.80 -43.63
N ILE EA 44 21.12 -28.75 -42.57
CA ILE EA 44 21.18 -29.78 -41.54
C ILE EA 44 20.81 -31.13 -42.12
N LEU EA 45 19.77 -31.18 -42.95
CA LEU EA 45 19.37 -32.44 -43.56
C LEU EA 45 20.50 -33.01 -44.42
N HIS EA 46 21.14 -32.16 -45.23
CA HIS EA 46 22.23 -32.61 -46.09
C HIS EA 46 23.38 -33.17 -45.26
N ARG EA 47 23.77 -32.45 -44.20
CA ARG EA 47 24.88 -32.90 -43.37
C ARG EA 47 24.58 -34.24 -42.71
N VAL EA 48 23.37 -34.38 -42.17
CA VAL EA 48 23.01 -35.64 -41.51
C VAL EA 48 23.01 -36.79 -42.51
N ASN EA 49 22.48 -36.56 -43.70
CA ASN EA 49 22.49 -37.60 -44.72
C ASN EA 49 23.90 -38.04 -45.04
N ARG EA 50 24.80 -37.07 -45.27
CA ARG EA 50 26.17 -37.42 -45.64
C ARG EA 50 26.86 -38.18 -44.50
N GLN EA 51 26.63 -37.75 -43.26
CA GLN EA 51 27.29 -38.41 -42.13
C GLN EA 51 26.80 -39.84 -41.98
N VAL EA 52 25.48 -40.05 -42.02
CA VAL EA 52 24.94 -41.39 -41.76
C VAL EA 52 25.30 -42.34 -42.89
N GLN EA 53 25.30 -41.85 -44.13
CA GLN EA 53 25.55 -42.74 -45.27
C GLN EA 53 26.98 -43.25 -45.32
N ALA EA 54 27.90 -42.68 -44.55
CA ALA EA 54 29.33 -42.97 -44.69
C ALA EA 54 29.84 -44.05 -43.74
N LYS EA 55 28.98 -44.66 -42.93
CA LYS EA 55 29.46 -45.70 -42.02
C LYS EA 55 29.84 -46.98 -42.73
N GLY EA 56 29.33 -47.22 -43.94
CA GLY EA 56 29.64 -48.43 -44.66
C GLY EA 56 28.65 -49.55 -44.38
N TRP EA 57 27.94 -49.99 -45.41
CA TRP EA 57 26.95 -51.05 -45.30
C TRP EA 57 27.17 -52.05 -46.41
N ASN EA 58 26.30 -53.06 -46.48
CA ASN EA 58 26.47 -54.13 -47.45
C ASN EA 58 26.09 -53.74 -48.87
N PHE EA 59 25.35 -52.65 -49.05
CA PHE EA 59 24.96 -52.19 -50.37
C PHE EA 59 25.73 -50.98 -50.84
N ASN EA 60 26.76 -50.55 -50.10
CA ASN EA 60 27.63 -49.48 -50.52
C ASN EA 60 29.03 -49.92 -50.92
N ILE EA 61 29.57 -50.96 -50.26
CA ILE EA 61 30.96 -51.32 -50.43
C ILE EA 61 31.14 -52.05 -51.75
N ASN EA 62 31.87 -51.44 -52.68
CA ASN EA 62 32.26 -52.06 -53.93
C ASN EA 62 33.74 -52.39 -53.87
N GLU EA 63 34.08 -53.65 -54.14
CA GLU EA 63 35.44 -54.14 -53.97
C GLU EA 63 36.06 -54.55 -55.31
N ALA EA 64 35.55 -53.99 -56.41
CA ALA EA 64 36.13 -54.31 -57.72
C ALA EA 64 36.24 -53.08 -58.62
N ALA EA 65 36.20 -51.87 -58.08
CA ALA EA 65 36.24 -50.68 -58.92
C ALA EA 65 37.62 -50.50 -59.53
N VAL EA 66 37.66 -49.86 -60.70
CA VAL EA 66 38.89 -49.65 -61.45
C VAL EA 66 39.05 -48.15 -61.68
N LEU EA 67 40.22 -47.63 -61.35
CA LEU EA 67 40.58 -46.24 -61.64
C LEU EA 67 41.69 -46.20 -62.69
N THR EA 68 41.64 -45.19 -63.55
CA THR EA 68 42.59 -45.11 -64.64
C THR EA 68 43.22 -43.72 -64.70
N PRO EA 69 44.51 -43.64 -65.05
CA PRO EA 69 45.16 -42.33 -65.18
C PRO EA 69 44.82 -41.68 -66.52
N ASP EA 70 45.09 -40.38 -66.59
CA ASP EA 70 44.97 -39.64 -67.84
C ASP EA 70 46.21 -39.86 -68.69
N VAL EA 71 46.39 -39.06 -69.73
CA VAL EA 71 47.43 -39.28 -70.73
C VAL EA 71 48.59 -38.31 -70.57
N GLN EA 72 48.30 -37.01 -70.47
CA GLN EA 72 49.35 -36.00 -70.54
C GLN EA 72 50.35 -36.16 -69.40
N ASP EA 73 49.90 -35.94 -68.17
CA ASP EA 73 50.75 -36.08 -66.98
C ASP EA 73 50.10 -37.14 -66.08
N ASN EA 74 50.82 -38.24 -65.84
CA ASN EA 74 50.24 -39.39 -65.18
C ASN EA 74 49.79 -39.04 -63.77
N ARG EA 75 48.47 -38.96 -63.56
CA ARG EA 75 47.89 -38.58 -62.29
C ARG EA 75 46.47 -39.11 -62.23
N ILE EA 76 45.90 -39.09 -61.02
CA ILE EA 76 44.52 -39.49 -60.79
C ILE EA 76 43.87 -38.45 -59.90
N ARG EA 77 42.65 -38.05 -60.26
CA ARG EA 77 41.96 -36.99 -59.54
C ARG EA 77 41.19 -37.56 -58.34
N PHE EA 78 40.85 -36.67 -57.42
CA PHE EA 78 40.13 -37.02 -56.18
C PHE EA 78 38.80 -36.27 -56.19
N LEU EA 79 37.78 -36.90 -56.75
CA LEU EA 79 36.47 -36.27 -56.83
C LEU EA 79 35.89 -36.06 -55.43
N PRO EA 80 35.08 -35.01 -55.24
CA PRO EA 80 34.53 -34.73 -53.91
C PRO EA 80 33.42 -35.69 -53.48
N SER EA 81 33.02 -36.63 -54.33
CA SER EA 81 31.99 -37.58 -53.97
C SER EA 81 32.53 -38.84 -53.30
N TYR EA 82 33.84 -38.98 -53.20
CA TYR EA 82 34.44 -40.13 -52.54
C TYR EA 82 34.34 -39.97 -51.02
N LEU EA 83 34.13 -41.09 -50.34
CA LEU EA 83 33.98 -41.09 -48.89
C LEU EA 83 35.00 -41.95 -48.15
N ARG EA 84 35.45 -43.05 -48.76
CA ARG EA 84 36.40 -43.95 -48.12
C ARG EA 84 37.18 -44.67 -49.21
N VAL EA 85 38.50 -44.74 -49.06
CA VAL EA 85 39.35 -45.46 -50.00
C VAL EA 85 40.28 -46.38 -49.22
N MET EA 86 40.16 -47.68 -49.45
CA MET EA 86 41.00 -48.67 -48.78
C MET EA 86 41.28 -49.81 -49.74
N THR EA 87 42.28 -50.60 -49.39
CA THR EA 87 42.58 -51.85 -50.10
C THR EA 87 41.85 -53.01 -49.43
N ALA EA 88 41.43 -53.97 -50.25
CA ALA EA 88 40.56 -55.06 -49.81
C ALA EA 88 41.11 -55.83 -48.62
N GLY EA 89 42.24 -56.50 -48.79
CA GLY EA 89 42.74 -57.39 -47.76
C GLY EA 89 44.15 -57.14 -47.27
N ALA EA 90 44.54 -55.88 -47.14
CA ALA EA 90 45.89 -55.54 -46.68
C ALA EA 90 45.86 -54.10 -46.17
N THR EA 91 46.97 -53.69 -45.57
CA THR EA 91 47.12 -52.31 -45.12
C THR EA 91 47.28 -51.38 -46.31
N SER EA 92 46.77 -50.16 -46.17
CA SER EA 92 46.76 -49.19 -47.26
C SER EA 92 47.22 -47.83 -46.76
N TYR EA 93 47.84 -47.07 -47.66
CA TYR EA 93 48.28 -45.69 -47.38
C TYR EA 93 47.79 -44.82 -48.54
N TYR EA 94 46.59 -44.26 -48.40
CA TYR EA 94 46.02 -43.39 -49.41
C TYR EA 94 45.49 -42.14 -48.73
N SER EA 95 45.60 -41.01 -49.43
CA SER EA 95 45.14 -39.73 -48.92
C SER EA 95 45.05 -38.75 -50.08
N ASN EA 96 44.53 -37.56 -49.78
CA ASN EA 96 44.34 -36.50 -50.76
C ASN EA 96 45.32 -35.37 -50.48
N MET EA 97 46.01 -34.91 -51.53
CA MET EA 97 46.92 -33.76 -51.41
C MET EA 97 46.89 -33.01 -52.74
N GLY EA 98 46.41 -31.78 -52.71
CA GLY EA 98 46.30 -30.98 -53.91
C GLY EA 98 45.34 -31.54 -54.94
N GLY EA 99 44.26 -32.17 -54.50
CA GLY EA 99 43.30 -32.75 -55.43
C GLY EA 99 43.87 -33.86 -56.28
N TYR EA 100 44.70 -34.72 -55.70
CA TYR EA 100 45.28 -35.84 -56.42
C TYR EA 100 45.53 -36.98 -55.46
N LEU EA 101 45.68 -38.18 -56.00
CA LEU EA 101 45.88 -39.37 -55.18
C LEU EA 101 47.33 -39.47 -54.74
N TYR EA 102 47.53 -39.77 -53.46
CA TYR EA 102 48.86 -39.86 -52.87
C TYR EA 102 49.07 -41.25 -52.27
N ASP EA 103 50.28 -41.78 -52.42
CA ASP EA 103 50.66 -43.05 -51.83
C ASP EA 103 51.83 -42.81 -50.89
N LEU EA 104 51.58 -42.91 -49.58
CA LEU EA 104 52.60 -42.59 -48.59
C LEU EA 104 53.75 -43.59 -48.62
N SER EA 105 53.50 -44.81 -49.11
CA SER EA 105 54.55 -45.82 -49.12
C SER EA 105 55.70 -45.43 -50.04
N THR EA 106 55.40 -44.88 -51.22
CA THR EA 106 56.43 -44.55 -52.19
C THR EA 106 56.71 -43.05 -52.28
N GLN EA 107 55.88 -42.21 -51.65
CA GLN EA 107 56.08 -40.77 -51.59
C GLN EA 107 56.12 -40.16 -52.99
N SER EA 108 55.03 -40.36 -53.72
CA SER EA 108 54.89 -39.82 -55.07
C SER EA 108 53.42 -39.83 -55.46
N THR EA 109 53.10 -39.13 -56.54
CA THR EA 109 51.77 -39.07 -57.10
C THR EA 109 51.78 -39.38 -58.57
N THR EA 110 52.57 -40.37 -58.98
CA THR EA 110 52.73 -40.73 -60.39
C THR EA 110 52.38 -42.20 -60.57
N PHE EA 111 51.11 -42.47 -60.84
CA PHE EA 111 50.67 -43.82 -61.19
C PHE EA 111 50.74 -44.01 -62.70
N THR EA 112 51.24 -45.18 -63.12
CA THR EA 112 51.46 -45.46 -64.53
C THR EA 112 50.43 -46.42 -65.11
N ASP EA 113 49.88 -47.33 -64.32
CA ASP EA 113 48.93 -48.32 -64.77
C ASP EA 113 47.65 -48.26 -63.94
N PRO EA 114 46.52 -48.68 -64.52
CA PRO EA 114 45.27 -48.69 -63.74
C PRO EA 114 45.35 -49.63 -62.56
N ILE EA 115 44.68 -49.24 -61.47
CA ILE EA 115 44.71 -50.00 -60.23
C ILE EA 115 43.28 -50.36 -59.84
N THR EA 116 43.16 -51.17 -58.78
CA THR EA 116 41.87 -51.57 -58.25
C THR EA 116 41.81 -51.32 -56.75
N VAL EA 117 40.73 -50.69 -56.31
CA VAL EA 117 40.60 -50.27 -54.91
C VAL EA 117 39.20 -50.60 -54.40
N GLU EA 118 38.93 -50.19 -53.16
CA GLU EA 118 37.65 -50.39 -52.49
C GLU EA 118 37.17 -49.04 -51.98
N LEU EA 119 35.99 -48.60 -52.43
CA LEU EA 119 35.51 -47.27 -52.08
C LEU EA 119 34.00 -47.27 -51.90
N VAL EA 120 33.50 -46.13 -51.41
CA VAL EA 120 32.08 -45.91 -51.13
C VAL EA 120 31.67 -44.57 -51.71
N GLU EA 121 30.65 -44.57 -52.57
CA GLU EA 121 30.20 -43.34 -53.21
C GLU EA 121 28.90 -42.84 -52.57
N MET EA 122 28.55 -41.60 -52.90
CA MET EA 122 27.36 -40.95 -52.34
C MET EA 122 26.18 -41.09 -53.29
N LYS EA 123 25.00 -41.19 -52.72
CA LYS EA 123 23.75 -41.37 -53.45
C LYS EA 123 22.75 -40.29 -53.05
N PRO EA 124 21.81 -39.96 -53.94
CA PRO EA 124 20.78 -38.98 -53.59
C PRO EA 124 19.86 -39.50 -52.49
N PHE EA 125 19.23 -38.56 -51.79
CA PHE EA 125 18.45 -38.90 -50.61
C PHE EA 125 17.26 -39.80 -50.94
N SER EA 126 16.60 -39.53 -52.07
CA SER EA 126 15.36 -40.22 -52.37
C SER EA 126 15.58 -41.70 -52.68
N GLU EA 127 16.79 -42.06 -53.12
CA GLU EA 127 17.08 -43.43 -53.53
C GLU EA 127 17.75 -44.20 -52.39
N MET EA 128 17.00 -44.36 -51.31
CA MET EA 128 17.46 -45.08 -50.14
C MET EA 128 16.31 -45.93 -49.60
N PRO EA 129 16.60 -46.98 -48.84
CA PRO EA 129 15.54 -47.75 -48.20
C PRO EA 129 14.77 -46.90 -47.19
N VAL EA 130 13.54 -47.34 -46.88
CA VAL EA 130 12.60 -46.51 -46.14
C VAL EA 130 13.09 -46.26 -44.72
N VAL EA 131 13.54 -47.32 -44.05
CA VAL EA 131 13.90 -47.23 -42.63
C VAL EA 131 15.04 -46.22 -42.45
N PHE EA 132 15.99 -46.21 -43.38
CA PHE EA 132 17.07 -45.23 -43.31
C PHE EA 132 16.52 -43.82 -43.43
N ARG EA 133 15.54 -43.62 -44.31
CA ARG EA 133 14.96 -42.29 -44.46
C ARG EA 133 14.28 -41.84 -43.19
N ASP EA 134 13.52 -42.72 -42.54
CA ASP EA 134 12.87 -42.35 -41.28
C ASP EA 134 13.90 -42.02 -40.20
N TYR EA 135 14.95 -42.84 -40.11
CA TYR EA 135 15.99 -42.61 -39.11
C TYR EA 135 16.65 -41.25 -39.33
N ILE EA 136 16.97 -40.93 -40.58
CA ILE EA 136 17.60 -39.66 -40.90
C ILE EA 136 16.67 -38.50 -40.56
N VAL EA 137 15.38 -38.64 -40.88
CA VAL EA 137 14.44 -37.55 -40.60
C VAL EA 137 14.36 -37.29 -39.09
N THR EA 138 14.29 -38.35 -38.29
CA THR EA 138 14.22 -38.17 -36.84
C THR EA 138 15.49 -37.51 -36.30
N LYS EA 139 16.65 -37.95 -36.79
CA LYS EA 139 17.92 -37.37 -36.33
C LYS EA 139 17.99 -35.89 -36.69
N ALA EA 140 17.54 -35.53 -37.90
CA ALA EA 140 17.56 -34.12 -38.30
C ALA EA 140 16.57 -33.30 -37.47
N SER EA 141 15.41 -33.88 -37.15
CA SER EA 141 14.43 -33.16 -36.34
C SER EA 141 14.98 -32.84 -34.97
N ARG EA 142 15.69 -33.78 -34.36
CA ARG EA 142 16.30 -33.50 -33.05
C ARG EA 142 17.26 -32.32 -33.14
N GLU EA 143 18.13 -32.30 -34.16
CA GLU EA 143 19.04 -31.18 -34.37
C GLU EA 143 18.28 -29.87 -34.47
N PHE EA 144 17.28 -29.82 -35.36
CA PHE EA 144 16.57 -28.57 -35.63
C PHE EA 144 15.87 -28.06 -34.37
N ASN EA 145 15.25 -28.96 -33.61
CA ASN EA 145 14.60 -28.55 -32.37
C ASN EA 145 15.62 -28.04 -31.36
N ALA EA 146 16.75 -28.73 -31.23
CA ALA EA 146 17.72 -28.36 -30.21
C ALA EA 146 18.35 -27.00 -30.50
N LYS EA 147 18.65 -26.72 -31.77
CA LYS EA 147 19.47 -25.54 -32.07
C LYS EA 147 18.68 -24.24 -32.21
N PHE EA 148 17.40 -24.29 -32.58
CA PHE EA 148 16.67 -23.07 -32.93
C PHE EA 148 15.45 -22.80 -32.07
N PHE EA 149 14.90 -23.80 -31.39
CA PHE EA 149 13.69 -23.59 -30.59
C PHE EA 149 13.57 -24.61 -29.48
N GLY EA 150 13.92 -24.23 -28.25
CA GLY EA 150 13.90 -25.16 -27.15
C GLY EA 150 12.48 -25.45 -26.69
N SER EA 151 12.06 -26.71 -26.79
CA SER EA 151 10.75 -27.13 -26.32
C SER EA 151 10.87 -28.39 -25.48
N PRO EA 152 10.35 -28.40 -24.26
CA PRO EA 152 10.58 -29.54 -23.36
C PRO EA 152 9.71 -30.75 -23.64
N GLU EA 153 8.45 -30.55 -24.04
CA GLU EA 153 7.56 -31.68 -24.27
C GLU EA 153 7.86 -32.42 -25.56
N SER EA 154 8.34 -31.73 -26.59
CA SER EA 154 8.69 -32.39 -27.85
C SER EA 154 9.82 -33.38 -27.63
N GLU EA 155 10.78 -33.02 -26.78
CA GLU EA 155 11.83 -33.94 -26.41
C GLU EA 155 11.26 -35.03 -25.50
N LEU EA 156 12.14 -35.94 -25.06
CA LEU EA 156 11.76 -37.08 -24.21
C LEU EA 156 10.87 -38.06 -24.95
N TYR EA 157 10.63 -37.81 -26.24
CA TYR EA 157 9.94 -38.74 -27.12
C TYR EA 157 10.76 -39.10 -28.34
N LEU EA 158 11.49 -38.13 -28.89
CA LEU EA 158 12.34 -38.40 -30.04
C LEU EA 158 13.45 -39.37 -29.69
N ARG EA 159 13.90 -39.39 -28.43
CA ARG EA 159 14.91 -40.36 -28.02
C ARG EA 159 14.38 -41.79 -28.11
N GLU EA 160 13.17 -42.00 -27.58
CA GLU EA 160 12.54 -43.31 -27.68
C GLU EA 160 12.33 -43.71 -29.14
N GLN EA 161 11.86 -42.76 -29.95
CA GLN EA 161 11.66 -43.04 -31.37
C GLN EA 161 12.98 -43.43 -32.05
N GLU EA 162 14.06 -42.70 -31.73
CA GLU EA 162 15.35 -42.98 -32.33
C GLU EA 162 15.86 -44.37 -31.96
N ALA EA 163 15.72 -44.75 -30.70
CA ALA EA 163 16.15 -46.09 -30.29
C ALA EA 163 15.33 -47.16 -30.99
N GLU EA 164 14.01 -46.96 -31.08
CA GLU EA 164 13.14 -47.94 -31.73
C GLU EA 164 13.51 -48.11 -33.20
N LEU EA 165 13.81 -47.01 -33.89
CA LEU EA 165 14.23 -47.11 -35.29
C LEU EA 165 15.61 -47.76 -35.41
N TYR EA 166 16.51 -47.48 -34.45
CA TYR EA 166 17.85 -48.04 -34.50
C TYR EA 166 17.82 -49.57 -34.44
N GLN EA 167 16.97 -50.10 -33.55
CA GLN EA 167 16.82 -51.55 -33.47
C GLN EA 167 16.42 -52.14 -34.82
N GLN EA 168 15.45 -51.53 -35.48
CA GLN EA 168 14.96 -52.05 -36.76
C GLN EA 168 16.01 -51.92 -37.84
N VAL EA 169 16.82 -50.86 -37.80
CA VAL EA 169 17.89 -50.71 -38.78
C VAL EA 169 18.90 -51.84 -38.67
N MET EA 170 19.35 -52.14 -37.44
CA MET EA 170 20.25 -53.27 -37.27
C MET EA 170 19.60 -54.59 -37.68
N GLU EA 171 18.33 -54.78 -37.33
CA GLU EA 171 17.67 -56.04 -37.68
C GLU EA 171 17.59 -56.21 -39.20
N TYR EA 172 17.31 -55.12 -39.92
CA TYR EA 172 17.34 -55.16 -41.38
C TYR EA 172 18.74 -55.47 -41.88
N GLU EA 173 19.76 -54.87 -41.27
CA GLU EA 173 21.13 -55.10 -41.72
C GLU EA 173 21.54 -56.55 -41.61
N MET EA 174 21.14 -57.22 -40.53
CA MET EA 174 21.56 -58.61 -40.34
C MET EA 174 20.86 -59.58 -41.28
N ASP EA 175 19.88 -59.13 -42.07
CA ASP EA 175 19.12 -60.03 -42.93
C ASP EA 175 19.65 -60.10 -44.36
N THR EA 176 20.28 -59.03 -44.86
CA THR EA 176 20.77 -59.04 -46.23
C THR EA 176 21.86 -60.09 -46.41
N GLY EA 177 22.78 -60.18 -45.45
CA GLY EA 177 23.82 -61.18 -45.48
C GLY EA 177 23.53 -62.32 -44.53
N ARG EA 178 24.07 -63.51 -44.81
CA ARG EA 178 23.87 -64.64 -43.93
C ARG EA 178 25.01 -64.82 -42.94
N TYR EA 179 26.25 -64.61 -43.40
CA TYR EA 179 27.43 -64.65 -42.56
C TYR EA 179 27.58 -65.97 -41.82
N ASN EA 180 27.76 -67.06 -42.57
CA ASN EA 180 27.97 -68.37 -42.00
C ASN EA 180 29.42 -68.53 -41.58
N MET EA 181 29.63 -69.18 -40.43
CA MET EA 181 30.97 -69.44 -39.90
C MET EA 181 31.43 -70.87 -40.10
N MET EA 182 30.49 -71.81 -40.29
CA MET EA 182 30.87 -73.21 -40.48
C MET EA 182 31.44 -73.45 -41.87
N SER EA 183 31.33 -72.47 -42.76
CA SER EA 183 31.78 -72.65 -44.13
C SER EA 183 33.30 -72.73 -44.19
N ASP EA 184 33.81 -73.22 -45.32
CA ASP EA 184 35.24 -73.35 -45.58
C ASP EA 184 35.86 -74.31 -44.56
N ILE EA 185 35.11 -75.33 -44.16
CA ILE EA 185 35.60 -76.38 -43.27
C ILE EA 185 35.10 -77.73 -43.79
N GLY EA 186 36.01 -78.69 -43.87
CA GLY EA 186 35.61 -80.04 -44.22
C GLY EA 186 36.76 -81.01 -44.47
N ARG EA 187 36.64 -82.21 -43.92
CA ARG EA 187 37.57 -83.33 -44.12
C ARG EA 187 37.02 -84.53 -43.39
N ASP EA 188 37.50 -85.71 -43.76
CA ASP EA 188 37.06 -86.95 -43.14
C ASP EA 188 37.41 -86.98 -41.65
N ALA FA 2 58.82 -12.45 -29.44
CA ALA FA 2 59.28 -11.59 -28.36
C ALA FA 2 59.61 -12.40 -27.11
N GLN FA 3 59.73 -11.71 -25.98
CA GLN FA 3 60.06 -12.35 -24.72
C GLN FA 3 59.72 -11.41 -23.57
N TYR FA 4 59.79 -11.90 -22.33
CA TYR FA 4 59.50 -11.08 -21.15
C TYR FA 4 60.79 -10.86 -20.38
N ILE FA 5 61.32 -9.64 -20.47
CA ILE FA 5 62.49 -9.23 -19.70
C ILE FA 5 62.02 -8.34 -18.56
N PRO FA 6 62.06 -8.81 -17.31
CA PRO FA 6 61.53 -8.01 -16.21
C PRO FA 6 62.43 -6.82 -15.88
N LEU FA 7 61.82 -5.83 -15.23
CA LEU FA 7 62.49 -4.59 -14.85
C LEU FA 7 62.73 -4.60 -13.34
N ASN FA 8 63.99 -4.66 -12.93
CA ASN FA 8 64.38 -4.56 -11.53
C ASN FA 8 63.69 -5.62 -10.67
N ALA FA 9 63.98 -6.90 -10.93
CA ALA FA 9 63.31 -8.01 -10.28
C ALA FA 9 63.95 -8.30 -8.93
N ASN FA 10 63.12 -8.55 -7.93
CA ASN FA 10 63.56 -8.96 -6.60
C ASN FA 10 62.72 -10.15 -6.16
N ASP FA 11 63.32 -11.04 -5.37
CA ASP FA 11 62.67 -12.28 -4.97
C ASP FA 11 61.72 -12.10 -3.78
N ASP FA 12 61.66 -10.93 -3.17
CA ASP FA 12 60.73 -10.67 -2.08
C ASP FA 12 59.54 -9.83 -2.53
N LEU FA 13 59.80 -8.79 -3.32
CA LEU FA 13 58.73 -7.94 -3.82
C LEU FA 13 57.77 -8.74 -4.70
N ASP FA 14 58.31 -9.61 -5.56
CA ASP FA 14 57.45 -10.44 -6.39
C ASP FA 14 56.60 -11.39 -5.56
N ALA FA 15 57.19 -11.97 -4.50
CA ALA FA 15 56.43 -12.86 -3.64
C ALA FA 15 55.28 -12.12 -2.95
N ILE FA 16 55.56 -10.92 -2.46
CA ILE FA 16 54.51 -10.12 -1.84
C ILE FA 16 53.43 -9.78 -2.86
N ASN FA 17 53.84 -9.46 -4.10
CA ASN FA 17 52.87 -9.15 -5.14
C ASN FA 17 51.98 -10.35 -5.45
N ASP FA 18 52.57 -11.54 -5.53
CA ASP FA 18 51.76 -12.74 -5.76
C ASP FA 18 50.80 -12.99 -4.61
N MET FA 19 51.26 -12.77 -3.38
CA MET FA 19 50.36 -12.95 -2.23
C MET FA 19 49.25 -11.92 -2.25
N LEU FA 20 49.48 -10.73 -2.81
CA LEU FA 20 48.43 -9.73 -2.92
C LEU FA 20 47.42 -10.08 -4.00
N ALA FA 21 47.86 -10.82 -5.03
CA ALA FA 21 46.99 -11.09 -6.17
C ALA FA 21 45.82 -11.98 -5.80
N ALA FA 22 45.93 -12.71 -4.69
CA ALA FA 22 44.85 -13.59 -4.28
C ALA FA 22 43.58 -12.81 -3.98
N ILE FA 23 43.72 -11.65 -3.33
CA ILE FA 23 42.56 -10.81 -3.05
C ILE FA 23 42.02 -10.20 -4.34
N GLY FA 24 42.91 -9.71 -5.20
CA GLY FA 24 42.49 -9.08 -6.43
C GLY FA 24 42.88 -7.63 -6.53
N GLU FA 25 44.02 -7.26 -5.94
CA GLU FA 25 44.53 -5.91 -5.92
C GLU FA 25 45.81 -5.84 -6.76
N PRO FA 26 46.05 -4.72 -7.46
CA PRO FA 26 47.24 -4.63 -8.32
C PRO FA 26 48.55 -4.60 -7.55
N ALA FA 27 49.66 -4.59 -8.28
CA ALA FA 27 50.98 -4.72 -7.69
C ALA FA 27 51.46 -3.37 -7.16
N VAL FA 28 52.67 -3.37 -6.59
CA VAL FA 28 53.31 -2.18 -6.05
C VAL FA 28 54.71 -2.07 -6.63
N LEU FA 29 55.40 -0.99 -6.27
CA LEU FA 29 56.73 -0.72 -6.79
C LEU FA 29 57.81 -0.64 -5.72
N GLN FA 30 57.44 -0.56 -4.44
CA GLN FA 30 58.41 -0.42 -3.37
C GLN FA 30 57.78 -0.87 -2.07
N LEU FA 31 58.62 -1.09 -1.06
CA LEU FA 31 58.19 -1.62 0.22
C LEU FA 31 58.45 -0.69 1.41
N ASP FA 32 59.13 0.44 1.20
CA ASP FA 32 59.48 1.30 2.32
C ASP FA 32 58.25 1.89 2.99
N GLU FA 33 57.26 2.32 2.19
CA GLU FA 33 56.01 2.83 2.71
C GLU FA 33 54.85 2.17 1.99
N GLY FA 34 53.76 1.93 2.72
CA GLY FA 34 52.61 1.28 2.14
C GLY FA 34 51.48 1.23 3.15
N ASN FA 35 50.35 0.69 2.71
CA ASN FA 35 49.17 0.56 3.54
C ASN FA 35 49.31 -0.66 4.46
N ALA FA 36 48.22 -1.05 5.11
CA ALA FA 36 48.28 -2.08 6.14
C ALA FA 36 48.55 -3.47 5.55
N ASP FA 37 48.02 -3.74 4.36
CA ASP FA 37 48.11 -5.09 3.79
C ASP FA 37 49.56 -5.52 3.59
N VAL FA 38 50.38 -4.61 3.05
CA VAL FA 38 51.80 -4.89 2.90
C VAL FA 38 52.47 -5.14 4.23
N SER FA 39 51.98 -4.51 5.31
CA SER FA 39 52.49 -4.78 6.64
C SER FA 39 51.84 -5.98 7.31
N ASN FA 40 50.79 -6.54 6.72
CA ASN FA 40 50.15 -7.74 7.25
C ASN FA 40 50.63 -9.02 6.59
N ALA FA 41 51.13 -8.95 5.37
CA ALA FA 41 51.59 -10.15 4.66
C ALA FA 41 52.95 -10.64 5.13
N GLN FA 42 53.84 -9.73 5.52
CA GLN FA 42 55.21 -10.11 5.84
C GLN FA 42 55.29 -11.00 7.06
N ARG FA 43 54.48 -10.72 8.09
CA ARG FA 43 54.48 -11.55 9.29
C ARG FA 43 54.12 -12.99 8.97
N ILE FA 44 53.04 -13.18 8.20
CA ILE FA 44 52.61 -14.53 7.83
C ILE FA 44 53.68 -15.22 7.00
N LEU FA 45 54.26 -14.49 6.04
CA LEU FA 45 55.29 -15.12 5.20
C LEU FA 45 56.47 -15.58 6.03
N HIS FA 46 56.95 -14.74 6.94
CA HIS FA 46 58.09 -15.11 7.77
C HIS FA 46 57.77 -16.32 8.66
N ARG FA 47 56.59 -16.31 9.28
CA ARG FA 47 56.23 -17.42 10.15
C ARG FA 47 56.14 -18.73 9.38
N VAL FA 48 55.51 -18.71 8.20
CA VAL FA 48 55.37 -19.93 7.41
C VAL FA 48 56.74 -20.43 6.95
N ASN FA 49 57.62 -19.52 6.53
CA ASN FA 49 58.97 -19.92 6.14
C ASN FA 49 59.68 -20.62 7.29
N ARG FA 50 59.66 -20.01 8.48
CA ARG FA 50 60.34 -20.61 9.61
C ARG FA 50 59.76 -21.96 9.97
N GLN FA 51 58.43 -22.10 9.88
CA GLN FA 51 57.80 -23.37 10.21
C GLN FA 51 58.21 -24.46 9.21
N VAL FA 52 58.16 -24.17 7.92
CA VAL FA 52 58.43 -25.19 6.91
C VAL FA 52 59.90 -25.59 6.93
N GLN FA 53 60.80 -24.64 7.14
CA GLN FA 53 62.22 -24.96 7.08
C GLN FA 53 62.68 -25.90 8.19
N ALA FA 54 61.87 -26.10 9.23
CA ALA FA 54 62.33 -26.81 10.42
C ALA FA 54 61.99 -28.30 10.41
N LYS FA 55 61.36 -28.82 9.36
CA LYS FA 55 61.04 -30.24 9.32
C LYS FA 55 62.30 -31.10 9.27
N GLY FA 56 63.29 -30.67 8.47
CA GLY FA 56 64.53 -31.43 8.36
C GLY FA 56 64.62 -32.22 7.08
N TRP FA 57 65.39 -31.72 6.12
CA TRP FA 57 65.56 -32.36 4.83
C TRP FA 57 67.01 -32.78 4.65
N ASN FA 58 67.28 -33.45 3.53
CA ASN FA 58 68.61 -34.01 3.30
C ASN FA 58 69.68 -32.95 3.12
N PHE FA 59 69.32 -31.75 2.69
CA PHE FA 59 70.29 -30.69 2.45
C PHE FA 59 70.39 -29.70 3.62
N ASN FA 60 69.75 -30.00 4.75
CA ASN FA 60 69.87 -29.18 5.95
C ASN FA 60 70.68 -29.88 7.03
N ILE FA 61 70.38 -31.14 7.32
CA ILE FA 61 70.93 -31.84 8.48
C ILE FA 61 72.44 -31.99 8.33
N ASN FA 62 73.18 -31.48 9.31
CA ASN FA 62 74.63 -31.60 9.36
C ASN FA 62 74.98 -32.54 10.51
N GLU FA 63 75.70 -33.62 10.18
CA GLU FA 63 75.98 -34.67 11.16
C GLU FA 63 77.26 -34.43 11.95
N ALA FA 64 78.02 -33.39 11.63
CA ALA FA 64 79.28 -33.13 12.32
C ALA FA 64 79.47 -31.62 12.42
N ALA FA 65 79.42 -31.09 13.65
CA ALA FA 65 79.65 -29.68 13.90
C ALA FA 65 80.28 -29.53 15.28
N VAL FA 66 81.33 -28.74 15.36
CA VAL FA 66 82.12 -28.62 16.58
C VAL FA 66 81.74 -27.31 17.26
N LEU FA 67 80.95 -27.41 18.32
CA LEU FA 67 80.69 -26.26 19.18
C LEU FA 67 81.81 -26.14 20.21
N THR FA 68 82.28 -24.92 20.43
CA THR FA 68 83.41 -24.69 21.31
C THR FA 68 83.02 -23.77 22.46
N PRO FA 69 83.59 -23.97 23.65
CA PRO FA 69 83.26 -23.10 24.78
C PRO FA 69 84.04 -21.80 24.73
N ASP FA 70 83.71 -20.93 25.68
CA ASP FA 70 84.41 -19.65 25.82
C ASP FA 70 85.70 -19.90 26.59
N VAL FA 71 86.43 -18.82 26.94
CA VAL FA 71 87.70 -18.95 27.65
C VAL FA 71 87.64 -18.37 29.05
N GLN FA 72 86.83 -17.35 29.30
CA GLN FA 72 86.75 -16.75 30.62
C GLN FA 72 85.89 -17.58 31.54
N ASP FA 73 84.61 -17.75 31.19
CA ASP FA 73 83.69 -18.62 31.91
C ASP FA 73 83.25 -19.71 30.94
N ASN FA 74 83.48 -20.97 31.34
CA ASN FA 74 83.18 -22.09 30.46
C ASN FA 74 81.68 -22.26 30.28
N ARG FA 75 81.18 -21.85 29.12
CA ARG FA 75 79.76 -21.94 28.80
C ARG FA 75 79.60 -21.87 27.29
N ILE FA 76 78.39 -22.18 26.83
CA ILE FA 76 78.06 -22.17 25.41
C ILE FA 76 76.75 -21.43 25.23
N ARG FA 77 76.74 -20.46 24.32
CA ARG FA 77 75.57 -19.64 24.10
C ARG FA 77 74.56 -20.36 23.20
N PHE FA 78 73.36 -19.81 23.13
CA PHE FA 78 72.24 -20.38 22.39
C PHE FA 78 71.68 -19.31 21.45
N LEU FA 79 72.23 -19.23 20.25
CA LEU FA 79 71.81 -18.23 19.29
C LEU FA 79 70.37 -18.48 18.84
N PRO FA 80 69.66 -17.44 18.43
CA PRO FA 80 68.28 -17.61 17.96
C PRO FA 80 68.13 -18.15 16.55
N SER FA 81 69.22 -18.57 15.91
CA SER FA 81 69.16 -19.18 14.59
C SER FA 81 69.23 -20.70 14.64
N TYR FA 82 69.18 -21.29 15.83
CA TYR FA 82 69.18 -22.73 15.99
C TYR FA 82 67.75 -23.24 15.96
N LEU FA 83 67.55 -24.40 15.34
CA LEU FA 83 66.23 -25.01 15.23
C LEU FA 83 66.12 -26.36 15.90
N ARG FA 84 67.12 -27.23 15.75
CA ARG FA 84 67.09 -28.56 16.36
C ARG FA 84 68.48 -28.89 16.86
N VAL FA 85 68.57 -29.48 18.04
CA VAL FA 85 69.84 -29.94 18.60
C VAL FA 85 69.67 -31.38 19.06
N MET FA 86 70.41 -32.30 18.45
CA MET FA 86 70.29 -33.72 18.74
C MET FA 86 71.64 -34.38 18.53
N THR FA 87 71.79 -35.58 19.11
CA THR FA 87 72.94 -36.42 18.83
C THR FA 87 72.53 -37.53 17.87
N ALA FA 88 73.44 -37.89 16.96
CA ALA FA 88 73.08 -38.77 15.86
C ALA FA 88 72.69 -40.18 16.29
N GLY FA 89 73.65 -40.95 16.80
CA GLY FA 89 73.39 -42.34 17.14
C GLY FA 89 73.10 -42.67 18.58
N ALA FA 90 72.26 -41.88 19.24
CA ALA FA 90 71.98 -42.10 20.67
C ALA FA 90 70.81 -41.22 21.08
N THR FA 91 70.53 -41.22 22.39
CA THR FA 91 69.54 -40.33 22.98
C THR FA 91 70.22 -39.11 23.56
N SER FA 92 69.52 -37.99 23.56
CA SER FA 92 70.08 -36.72 23.98
C SER FA 92 69.12 -35.99 24.91
N TYR FA 93 69.70 -35.16 25.79
CA TYR FA 93 68.95 -34.30 26.71
C TYR FA 93 69.56 -32.90 26.63
N TYR FA 94 69.06 -32.09 25.72
CA TYR FA 94 69.54 -30.73 25.54
C TYR FA 94 68.36 -29.76 25.55
N SER FA 95 68.56 -28.62 26.21
CA SER FA 95 67.50 -27.62 26.33
C SER FA 95 68.14 -26.27 26.65
N ASN FA 96 67.31 -25.23 26.62
CA ASN FA 96 67.73 -23.86 26.82
C ASN FA 96 67.29 -23.38 28.19
N MET FA 97 68.20 -22.78 28.94
CA MET FA 97 67.89 -22.20 30.25
C MET FA 97 68.69 -20.91 30.39
N GLY FA 98 68.01 -19.78 30.25
CA GLY FA 98 68.65 -18.48 30.36
C GLY FA 98 69.67 -18.21 29.28
N GLY FA 99 69.34 -18.56 28.05
CA GLY FA 99 70.23 -18.31 26.93
C GLY FA 99 71.55 -19.06 27.02
N TYR FA 100 71.49 -20.33 27.42
CA TYR FA 100 72.69 -21.15 27.52
C TYR FA 100 72.29 -22.61 27.29
N LEU FA 101 73.28 -23.43 27.01
CA LEU FA 101 73.06 -24.85 26.76
C LEU FA 101 73.01 -25.60 28.09
N TYR FA 102 71.97 -26.40 28.27
CA TYR FA 102 71.74 -27.12 29.51
C TYR FA 102 71.60 -28.61 29.23
N ASP FA 103 72.30 -29.42 30.02
CA ASP FA 103 72.30 -30.87 29.88
C ASP FA 103 71.53 -31.44 31.06
N LEU FA 104 70.39 -32.06 30.78
CA LEU FA 104 69.54 -32.55 31.86
C LEU FA 104 70.16 -33.75 32.58
N SER FA 105 70.95 -34.55 31.87
CA SER FA 105 71.52 -35.76 32.46
C SER FA 105 72.45 -35.42 33.62
N THR FA 106 73.28 -34.39 33.46
CA THR FA 106 74.24 -34.00 34.49
C THR FA 106 73.77 -32.80 35.29
N GLN FA 107 72.73 -32.10 34.86
CA GLN FA 107 72.15 -30.98 35.58
C GLN FA 107 73.19 -29.89 35.83
N SER FA 108 73.79 -29.40 34.75
CA SER FA 108 74.81 -28.37 34.85
C SER FA 108 74.98 -27.70 33.49
N THR FA 109 75.67 -26.57 33.50
CA THR FA 109 75.99 -25.81 32.28
C THR FA 109 77.48 -25.46 32.30
N THR FA 110 78.31 -26.45 32.57
CA THR FA 110 79.73 -26.21 32.80
C THR FA 110 80.56 -27.11 31.87
N PHE FA 111 80.23 -27.06 30.58
CA PHE FA 111 81.01 -27.77 29.58
C PHE FA 111 82.45 -27.28 29.58
N THR FA 112 83.39 -28.20 29.38
CA THR FA 112 84.81 -27.88 29.44
C THR FA 112 85.55 -28.10 28.13
N ASP FA 113 85.06 -28.99 27.28
CA ASP FA 113 85.73 -29.34 26.03
C ASP FA 113 84.73 -29.28 24.87
N PRO FA 114 85.23 -29.10 23.64
CA PRO FA 114 84.31 -28.99 22.50
C PRO FA 114 83.46 -30.23 22.31
N ILE FA 115 82.24 -30.01 21.81
CA ILE FA 115 81.24 -31.06 21.68
C ILE FA 115 80.80 -31.12 20.22
N THR FA 116 80.49 -32.33 19.75
CA THR FA 116 79.99 -32.56 18.41
C THR FA 116 78.53 -32.98 18.48
N VAL FA 117 77.67 -32.27 17.75
CA VAL FA 117 76.24 -32.52 17.78
C VAL FA 117 75.68 -32.52 16.36
N GLU FA 118 74.37 -32.64 16.24
CA GLU FA 118 73.67 -32.57 14.96
C GLU FA 118 72.63 -31.47 15.05
N LEU FA 119 72.76 -30.44 14.21
CA LEU FA 119 71.87 -29.29 14.27
C LEU FA 119 71.44 -28.87 12.88
N VAL FA 120 70.40 -28.04 12.84
CA VAL FA 120 69.81 -27.52 11.62
C VAL FA 120 69.72 -26.02 11.77
N GLU FA 121 70.38 -25.27 10.90
CA GLU FA 121 70.35 -23.82 10.94
C GLU FA 121 69.36 -23.26 9.92
N MET FA 122 69.15 -21.95 9.99
CA MET FA 122 68.20 -21.27 9.12
C MET FA 122 68.93 -20.57 7.98
N LYS FA 123 68.22 -20.41 6.86
CA LYS FA 123 68.74 -19.74 5.69
C LYS FA 123 67.76 -18.68 5.21
N PRO FA 124 68.26 -17.62 4.57
CA PRO FA 124 67.34 -16.61 4.02
C PRO FA 124 66.48 -17.18 2.91
N PHE FA 125 65.31 -16.56 2.73
CA PHE FA 125 64.29 -17.10 1.85
C PHE FA 125 64.75 -17.21 0.40
N SER FA 126 65.69 -16.36 -0.02
CA SER FA 126 66.04 -16.22 -1.42
C SER FA 126 67.14 -17.17 -1.88
N GLU FA 127 67.41 -18.26 -1.14
CA GLU FA 127 68.34 -19.26 -1.64
C GLU FA 127 67.80 -20.68 -1.56
N MET FA 128 66.52 -20.85 -1.32
CA MET FA 128 65.94 -22.18 -1.35
C MET FA 128 65.62 -22.59 -2.78
N PRO FA 129 65.50 -23.89 -3.05
CA PRO FA 129 65.11 -24.32 -4.39
C PRO FA 129 63.71 -23.85 -4.75
N VAL FA 130 63.44 -23.83 -6.06
CA VAL FA 130 62.25 -23.13 -6.57
C VAL FA 130 60.96 -23.76 -6.05
N VAL FA 131 60.90 -25.09 -6.03
CA VAL FA 131 59.67 -25.79 -5.68
C VAL FA 131 59.26 -25.44 -4.24
N PHE FA 132 60.25 -25.39 -3.34
CA PHE FA 132 59.96 -25.01 -1.96
C PHE FA 132 59.39 -23.60 -1.90
N ARG FA 133 59.94 -22.67 -2.69
CA ARG FA 133 59.44 -21.31 -2.66
C ARG FA 133 58.00 -21.23 -3.14
N ASP FA 134 57.67 -21.96 -4.21
CA ASP FA 134 56.29 -21.97 -4.69
C ASP FA 134 55.35 -22.56 -3.65
N TYR FA 135 55.76 -23.65 -3.01
CA TYR FA 135 54.93 -24.29 -1.99
C TYR FA 135 54.67 -23.34 -0.83
N ILE FA 136 55.72 -22.64 -0.38
CA ILE FA 136 55.58 -21.70 0.73
C ILE FA 136 54.65 -20.56 0.35
N VAL FA 137 54.80 -20.04 -0.87
CA VAL FA 137 53.96 -18.92 -1.30
C VAL FA 137 52.48 -19.33 -1.32
N THR FA 138 52.19 -20.52 -1.87
CA THR FA 138 50.81 -20.97 -1.90
C THR FA 138 50.25 -21.16 -0.49
N LYS FA 139 51.06 -21.76 0.40
CA LYS FA 139 50.61 -21.98 1.76
C LYS FA 139 50.29 -20.67 2.46
N ALA FA 140 51.14 -19.67 2.27
CA ALA FA 140 50.89 -18.36 2.89
C ALA FA 140 49.65 -17.71 2.30
N SER FA 141 49.47 -17.82 0.98
CA SER FA 141 48.32 -17.18 0.33
C SER FA 141 47.01 -17.74 0.83
N ARG FA 142 46.95 -19.05 1.07
CA ARG FA 142 45.72 -19.64 1.61
C ARG FA 142 45.30 -18.97 2.91
N GLU FA 143 46.23 -18.87 3.86
CA GLU FA 143 45.92 -18.27 5.16
C GLU FA 143 45.57 -16.80 5.01
N PHE FA 144 46.31 -16.08 4.16
CA PHE FA 144 46.04 -14.65 3.98
C PHE FA 144 44.63 -14.43 3.46
N ASN FA 145 44.20 -15.23 2.50
CA ASN FA 145 42.82 -15.13 2.03
C ASN FA 145 41.83 -15.50 3.13
N ALA FA 146 42.14 -16.55 3.90
CA ALA FA 146 41.20 -17.05 4.88
C ALA FA 146 40.93 -16.04 5.99
N LYS FA 147 41.97 -15.39 6.49
CA LYS FA 147 41.84 -14.61 7.72
C LYS FA 147 41.42 -13.15 7.51
N PHE FA 148 41.32 -12.68 6.27
CA PHE FA 148 41.00 -11.28 6.02
C PHE FA 148 39.90 -11.04 4.99
N PHE FA 149 39.65 -11.97 4.08
CA PHE FA 149 38.63 -11.75 3.05
C PHE FA 149 38.08 -13.07 2.55
N GLY FA 150 36.92 -13.47 3.03
CA GLY FA 150 36.36 -14.76 2.68
C GLY FA 150 35.73 -14.81 1.30
N SER FA 151 36.39 -15.48 0.35
CA SER FA 151 35.89 -15.62 -0.99
C SER FA 151 35.85 -17.09 -1.37
N PRO FA 152 34.69 -17.61 -1.82
CA PRO FA 152 34.65 -19.05 -2.15
C PRO FA 152 35.33 -19.39 -3.46
N GLU FA 153 35.21 -18.53 -4.48
CA GLU FA 153 35.82 -18.84 -5.77
C GLU FA 153 37.34 -18.88 -5.69
N SER FA 154 37.94 -17.94 -4.96
CA SER FA 154 39.39 -17.95 -4.80
C SER FA 154 39.84 -19.18 -4.01
N GLU FA 155 38.99 -19.67 -3.13
CA GLU FA 155 39.24 -20.91 -2.41
C GLU FA 155 38.92 -22.07 -3.38
N LEU FA 156 39.06 -23.31 -2.91
CA LEU FA 156 38.67 -24.50 -3.67
C LEU FA 156 39.59 -24.72 -4.87
N TYR FA 157 40.54 -23.80 -5.08
CA TYR FA 157 41.56 -23.92 -6.11
C TYR FA 157 42.96 -24.02 -5.52
N LEU FA 158 43.20 -23.24 -4.47
CA LEU FA 158 44.51 -23.26 -3.81
C LEU FA 158 44.77 -24.63 -3.19
N ARG FA 159 43.73 -25.29 -2.69
CA ARG FA 159 43.89 -26.63 -2.15
C ARG FA 159 44.37 -27.61 -3.23
N GLU FA 160 43.72 -27.55 -4.40
CA GLU FA 160 44.09 -28.43 -5.49
C GLU FA 160 45.53 -28.18 -5.93
N GLN FA 161 45.91 -26.90 -6.01
CA GLN FA 161 47.30 -26.59 -6.37
C GLN FA 161 48.28 -27.08 -5.30
N GLU FA 162 47.91 -26.92 -4.02
CA GLU FA 162 48.80 -27.28 -2.93
C GLU FA 162 49.06 -28.78 -2.88
N ALA FA 163 48.04 -29.59 -3.18
CA ALA FA 163 48.25 -31.04 -3.19
C ALA FA 163 49.31 -31.44 -4.21
N GLU FA 164 49.21 -30.89 -5.43
CA GLU FA 164 50.18 -31.19 -6.46
C GLU FA 164 51.58 -30.70 -6.09
N LEU FA 165 51.66 -29.50 -5.50
CA LEU FA 165 52.96 -29.00 -5.08
C LEU FA 165 53.60 -29.89 -4.01
N TYR FA 166 52.78 -30.38 -3.07
CA TYR FA 166 53.26 -31.29 -2.03
C TYR FA 166 53.82 -32.56 -2.65
N GLN FA 167 53.08 -33.13 -3.60
CA GLN FA 167 53.55 -34.34 -4.27
C GLN FA 167 54.88 -34.08 -4.99
N GLN FA 168 55.00 -32.93 -5.65
CA GLN FA 168 56.24 -32.61 -6.35
C GLN FA 168 57.40 -32.45 -5.37
N VAL FA 169 57.14 -31.85 -4.20
CA VAL FA 169 58.18 -31.70 -3.20
C VAL FA 169 58.71 -33.06 -2.76
N MET FA 170 57.79 -33.98 -2.46
CA MET FA 170 58.23 -35.31 -2.03
C MET FA 170 59.00 -36.03 -3.13
N GLU FA 171 58.50 -35.98 -4.37
CA GLU FA 171 59.18 -36.72 -5.43
C GLU FA 171 60.54 -36.12 -5.74
N TYR FA 172 60.70 -34.80 -5.58
CA TYR FA 172 62.03 -34.21 -5.67
C TYR FA 172 62.92 -34.69 -4.54
N GLU FA 173 62.38 -34.78 -3.33
CA GLU FA 173 63.20 -35.15 -2.18
C GLU FA 173 63.73 -36.57 -2.32
N MET FA 174 62.92 -37.47 -2.87
CA MET FA 174 63.35 -38.87 -2.94
C MET FA 174 64.53 -39.10 -3.88
N ASP FA 175 64.72 -38.25 -4.89
CA ASP FA 175 65.82 -38.46 -5.83
C ASP FA 175 67.16 -37.96 -5.32
N THR FA 176 67.19 -37.15 -4.26
CA THR FA 176 68.46 -36.63 -3.76
C THR FA 176 69.30 -37.75 -3.14
N GLY FA 177 68.68 -38.62 -2.36
CA GLY FA 177 69.35 -39.75 -1.75
C GLY FA 177 68.87 -41.05 -2.37
N ARG FA 178 69.81 -41.94 -2.65
CA ARG FA 178 69.47 -43.20 -3.30
C ARG FA 178 68.76 -44.15 -2.34
N TYR FA 179 69.28 -44.27 -1.11
CA TYR FA 179 68.67 -45.09 -0.07
C TYR FA 179 68.50 -46.54 -0.49
N ASN FA 180 69.60 -47.25 -0.71
CA ASN FA 180 69.60 -48.66 -1.07
C ASN FA 180 69.59 -49.49 0.21
N MET FA 181 68.61 -50.38 0.35
CA MET FA 181 68.48 -51.16 1.56
C MET FA 181 69.51 -52.29 1.62
N MET FA 182 69.87 -52.85 0.47
CA MET FA 182 70.81 -53.96 0.43
C MET FA 182 72.27 -53.50 0.49
N SER FA 183 72.64 -52.74 1.50
CA SER FA 183 74.00 -52.26 1.66
C SER FA 183 74.65 -52.92 2.87
N ASP FA 184 75.96 -53.13 2.76
CA ASP FA 184 76.75 -53.82 3.79
C ASP FA 184 76.17 -55.21 4.03
N ILE FA 185 76.09 -55.99 2.97
CA ILE FA 185 75.62 -57.38 3.01
C ILE FA 185 76.45 -58.16 1.99
N GLY FA 186 77.33 -59.03 2.48
CA GLY FA 186 78.12 -59.84 1.57
C GLY FA 186 78.85 -61.01 2.20
N ARG FA 187 78.68 -62.19 1.61
CA ARG FA 187 79.39 -63.39 2.00
C ARG FA 187 79.05 -64.50 1.00
N ASP FA 188 79.95 -65.48 0.89
CA ASP FA 188 79.76 -66.59 -0.02
C ASP FA 188 78.64 -67.51 0.46
N MET GA 1 63.77 -8.47 9.52
CA MET GA 1 64.71 -8.10 8.46
C MET GA 1 64.21 -8.61 7.11
N ALA GA 2 64.49 -7.84 6.06
CA ALA GA 2 64.03 -8.23 4.72
C ALA GA 2 64.62 -9.55 4.29
N GLN GA 3 65.86 -9.83 4.69
CA GLN GA 3 66.57 -11.04 4.25
C GLN GA 3 66.87 -11.99 5.40
N TYR GA 4 66.47 -11.67 6.62
CA TYR GA 4 66.87 -12.51 7.74
C TYR GA 4 65.93 -12.24 8.92
N ILE GA 5 66.22 -12.80 10.09
CA ILE GA 5 65.42 -12.58 11.28
C ILE GA 5 65.55 -11.12 11.73
N PRO GA 6 64.44 -10.47 12.11
CA PRO GA 6 64.55 -9.09 12.62
C PRO GA 6 65.34 -9.02 13.92
N LEU GA 7 65.93 -7.86 14.15
CA LEU GA 7 66.83 -7.67 15.28
C LEU GA 7 66.04 -7.40 16.56
N ASN GA 8 66.39 -8.12 17.62
CA ASN GA 8 65.82 -7.90 18.95
C ASN GA 8 64.30 -8.01 18.95
N ALA GA 9 63.78 -9.18 18.62
CA ALA GA 9 62.34 -9.40 18.53
C ALA GA 9 61.77 -9.80 19.89
N ASN GA 10 60.52 -9.42 20.13
CA ASN GA 10 59.81 -9.73 21.36
C ASN GA 10 58.80 -10.82 21.08
N ASP GA 11 58.92 -11.95 21.81
CA ASP GA 11 58.10 -13.12 21.51
C ASP GA 11 56.67 -12.91 21.99
N ASP GA 12 56.48 -12.38 23.19
CA ASP GA 12 55.13 -12.21 23.73
C ASP GA 12 54.31 -11.23 22.91
N LEU GA 13 54.93 -10.13 22.48
CA LEU GA 13 54.23 -9.17 21.64
C LEU GA 13 53.82 -9.80 20.32
N ASP GA 14 54.71 -10.61 19.72
CA ASP GA 14 54.38 -11.29 18.48
C ASP GA 14 53.21 -12.26 18.68
N ALA GA 15 53.21 -12.98 19.81
CA ALA GA 15 52.13 -13.91 20.09
C ALA GA 15 50.80 -13.18 20.22
N ILE GA 16 50.80 -12.05 20.93
CA ILE GA 16 49.56 -11.28 21.08
C ILE GA 16 49.10 -10.75 19.74
N ASN GA 17 50.02 -10.25 18.92
CA ASN GA 17 49.65 -9.74 17.61
C ASN GA 17 49.07 -10.84 16.72
N ASP GA 18 49.66 -12.03 16.79
CA ASP GA 18 49.12 -13.16 16.03
C ASP GA 18 47.73 -13.54 16.51
N MET GA 19 47.50 -13.50 17.82
CA MET GA 19 46.16 -13.80 18.34
C MET GA 19 45.15 -12.77 17.86
N LEU GA 20 45.54 -11.49 17.83
CA LEU GA 20 44.63 -10.46 17.35
C LEU GA 20 44.33 -10.59 15.86
N ALA GA 21 45.21 -11.27 15.11
CA ALA GA 21 45.04 -11.36 13.67
C ALA GA 21 43.80 -12.17 13.31
N ALA GA 22 43.49 -13.19 14.10
CA ALA GA 22 42.34 -14.05 13.78
C ALA GA 22 41.04 -13.25 13.77
N ILE GA 23 40.95 -12.20 14.60
CA ILE GA 23 39.76 -11.36 14.60
C ILE GA 23 39.71 -10.52 13.33
N GLY GA 24 40.85 -9.96 12.91
CA GLY GA 24 40.90 -9.15 11.72
C GLY GA 24 41.28 -7.70 11.95
N GLU GA 25 42.13 -7.46 12.95
CA GLU GA 25 42.53 -6.11 13.35
C GLU GA 25 44.05 -5.99 13.32
N PRO GA 26 44.57 -4.77 13.14
CA PRO GA 26 46.03 -4.59 13.11
C PRO GA 26 46.68 -4.66 14.49
N ALA GA 27 47.98 -4.38 14.54
CA ALA GA 27 48.79 -4.58 15.73
C ALA GA 27 48.39 -3.61 16.84
N VAL GA 28 49.05 -3.70 18.00
CA VAL GA 28 48.69 -2.93 19.18
C VAL GA 28 49.86 -2.04 19.61
N LEU GA 29 51.06 -2.41 19.17
CA LEU GA 29 52.23 -1.51 19.15
C LEU GA 29 52.86 -1.25 20.52
N GLN GA 30 52.21 -1.62 21.62
CA GLN GA 30 52.80 -1.37 22.94
C GLN GA 30 52.77 -2.58 23.86
N LEU GA 31 51.72 -3.38 23.83
CA LEU GA 31 51.44 -4.37 24.88
C LEU GA 31 51.28 -3.67 26.22
N ASP GA 32 50.24 -2.87 26.35
CA ASP GA 32 49.93 -2.14 27.58
C ASP GA 32 48.71 -2.77 28.25
N GLU GA 33 48.58 -2.49 29.55
CA GLU GA 33 47.47 -3.02 30.35
C GLU GA 33 46.20 -2.20 30.23
N GLY GA 34 46.27 -1.00 29.64
CA GLY GA 34 45.07 -0.18 29.52
C GLY GA 34 44.04 -0.80 28.59
N ASN GA 35 44.49 -1.39 27.50
CA ASN GA 35 43.58 -1.96 26.51
C ASN GA 35 42.88 -3.19 27.08
N ALA GA 36 41.66 -3.44 26.59
CA ALA GA 36 40.86 -4.54 27.12
C ALA GA 36 41.33 -5.89 26.58
N ASP GA 37 41.73 -5.92 25.31
CA ASP GA 37 42.03 -7.20 24.66
C ASP GA 37 43.24 -7.88 25.27
N VAL GA 38 44.26 -7.09 25.61
CA VAL GA 38 45.53 -7.66 26.08
C VAL GA 38 45.33 -8.46 27.37
N SER GA 39 44.57 -7.87 28.31
CA SER GA 39 44.35 -8.53 29.59
C SER GA 39 43.60 -9.85 29.40
N ASN GA 40 42.61 -9.87 28.51
CA ASN GA 40 41.88 -11.10 28.24
C ASN GA 40 42.77 -12.14 27.58
N ALA GA 41 43.62 -11.73 26.65
CA ALA GA 41 44.42 -12.68 25.90
C ALA GA 41 45.52 -13.31 26.75
N GLN GA 42 46.12 -12.52 27.64
CA GLN GA 42 47.29 -13.01 28.37
C GLN GA 42 46.95 -14.17 29.29
N ARG GA 43 45.79 -14.11 29.95
CA ARG GA 43 45.38 -15.19 30.85
C ARG GA 43 45.20 -16.50 30.09
N ILE GA 44 44.55 -16.43 28.93
CA ILE GA 44 44.33 -17.63 28.13
C ILE GA 44 45.66 -18.20 27.67
N LEU GA 45 46.58 -17.35 27.23
CA LEU GA 45 47.88 -17.85 26.80
C LEU GA 45 48.61 -18.55 27.94
N HIS GA 46 48.61 -17.94 29.13
CA HIS GA 46 49.29 -18.53 30.27
C HIS GA 46 48.68 -19.88 30.64
N ARG GA 47 47.35 -19.96 30.66
CA ARG GA 47 46.68 -21.20 31.01
C ARG GA 47 47.01 -22.31 30.02
N VAL GA 48 46.98 -21.98 28.72
CA VAL GA 48 47.27 -23.01 27.71
C VAL GA 48 48.71 -23.47 27.83
N ASN GA 49 49.64 -22.56 28.06
CA ASN GA 49 51.03 -22.94 28.24
C ASN GA 49 51.18 -23.91 29.41
N ARG GA 50 50.58 -23.57 30.55
CA ARG GA 50 50.70 -24.45 31.72
C ARG GA 50 50.09 -25.81 31.46
N GLN GA 51 48.93 -25.85 30.79
CA GLN GA 51 48.29 -27.13 30.52
C GLN GA 51 49.13 -28.00 29.61
N VAL GA 52 49.69 -27.42 28.55
CA VAL GA 52 50.45 -28.22 27.58
C VAL GA 52 51.75 -28.70 28.19
N GLN GA 53 52.41 -27.87 29.00
CA GLN GA 53 53.70 -28.27 29.55
C GLN GA 53 53.61 -29.43 30.53
N ALA GA 54 52.43 -29.76 31.04
CA ALA GA 54 52.29 -30.74 32.10
C ALA GA 54 52.08 -32.16 31.59
N LYS GA 55 52.04 -32.39 30.28
CA LYS GA 55 51.79 -33.72 29.75
C LYS GA 55 52.96 -34.67 30.01
N GLY GA 56 54.19 -34.16 30.06
CA GLY GA 56 55.34 -34.99 30.29
C GLY GA 56 56.08 -35.35 29.01
N TRP GA 57 57.25 -34.76 28.81
CA TRP GA 57 58.08 -34.99 27.64
C TRP GA 57 59.49 -35.38 28.07
N ASN GA 58 60.28 -35.88 27.13
CA ASN GA 58 61.57 -36.46 27.43
C ASN GA 58 62.58 -35.45 28.00
N PHE GA 59 62.35 -34.16 27.84
CA PHE GA 59 63.24 -33.14 28.38
C PHE GA 59 62.70 -32.48 29.64
N ASN GA 60 61.64 -33.04 30.23
CA ASN GA 60 61.09 -32.52 31.48
C ASN GA 60 61.38 -33.42 32.67
N ILE GA 61 61.08 -34.71 32.58
CA ILE GA 61 61.21 -35.60 33.73
C ILE GA 61 62.67 -35.68 34.16
N ASN GA 62 62.91 -35.36 35.42
CA ASN GA 62 64.23 -35.46 36.04
C ASN GA 62 64.19 -36.67 36.98
N GLU GA 63 64.87 -37.74 36.58
CA GLU GA 63 64.79 -38.99 37.33
C GLU GA 63 65.36 -38.84 38.73
N ALA GA 64 66.49 -38.15 38.87
CA ALA GA 64 67.18 -38.02 40.15
C ALA GA 64 67.08 -36.57 40.62
N ALA GA 65 66.25 -36.34 41.62
CA ALA GA 65 66.11 -35.03 42.25
C ALA GA 65 66.15 -35.19 43.75
N VAL GA 66 66.73 -34.21 44.44
CA VAL GA 66 66.95 -34.28 45.87
C VAL GA 66 66.17 -33.18 46.56
N LEU GA 67 65.40 -33.55 47.58
CA LEU GA 67 64.70 -32.59 48.43
C LEU GA 67 65.21 -32.73 49.86
N THR GA 68 65.27 -31.61 50.57
CA THR GA 68 65.84 -31.63 51.91
C THR GA 68 64.86 -31.09 52.94
N PRO GA 69 64.84 -31.65 54.14
CA PRO GA 69 63.91 -31.16 55.17
C PRO GA 69 64.44 -29.91 55.85
N ASP GA 70 63.54 -29.21 56.53
CA ASP GA 70 63.91 -28.04 57.30
C ASP GA 70 64.56 -28.46 58.62
N VAL GA 71 65.24 -27.50 59.25
CA VAL GA 71 66.02 -27.78 60.45
C VAL GA 71 65.14 -27.67 61.70
N GLN GA 72 64.50 -26.52 61.89
CA GLN GA 72 63.72 -26.26 63.09
C GLN GA 72 62.58 -27.26 63.25
N ASP GA 73 61.78 -27.42 62.21
CA ASP GA 73 60.75 -28.45 62.18
C ASP GA 73 60.95 -29.33 60.96
N ASN GA 74 60.65 -30.62 61.11
CA ASN GA 74 60.93 -31.62 60.09
C ASN GA 74 59.77 -31.65 59.10
N ARG GA 75 59.80 -30.70 58.17
CA ARG GA 75 58.79 -30.61 57.11
C ARG GA 75 59.45 -30.24 55.80
N ILE GA 76 58.72 -30.43 54.72
CA ILE GA 76 59.15 -30.04 53.38
C ILE GA 76 58.01 -29.27 52.71
N ARG GA 77 58.34 -28.13 52.13
CA ARG GA 77 57.33 -27.26 51.54
C ARG GA 77 56.91 -27.77 50.17
N PHE GA 78 55.74 -27.31 49.73
CA PHE GA 78 55.17 -27.67 48.42
C PHE GA 78 55.07 -26.39 47.60
N LEU GA 79 56.11 -26.12 46.82
CA LEU GA 79 56.17 -24.91 46.03
C LEU GA 79 55.11 -24.95 44.93
N PRO GA 80 54.59 -23.79 44.51
CA PRO GA 80 53.54 -23.76 43.49
C PRO GA 80 54.04 -23.95 42.07
N SER GA 81 55.32 -24.27 41.87
CA SER GA 81 55.85 -24.54 40.54
C SER GA 81 55.97 -26.03 40.23
N TYR GA 82 55.59 -26.90 41.17
CA TYR GA 82 55.63 -28.34 40.94
C TYR GA 82 54.38 -28.77 40.18
N LEU GA 83 54.55 -29.72 39.25
CA LEU GA 83 53.45 -30.19 38.43
C LEU GA 83 53.10 -31.66 38.66
N ARG GA 84 54.09 -32.53 38.79
CA ARG GA 84 53.86 -33.95 39.00
C ARG GA 84 54.96 -34.49 39.91
N VAL GA 85 54.59 -35.27 40.92
CA VAL GA 85 55.54 -35.88 41.83
C VAL GA 85 55.26 -37.38 41.89
N MET GA 86 56.28 -38.18 41.54
CA MET GA 86 56.14 -39.62 41.52
C MET GA 86 57.48 -40.26 41.86
N THR GA 87 57.43 -41.54 42.22
CA THR GA 87 58.63 -42.33 42.40
C THR GA 87 59.04 -42.94 41.05
N ALA GA 88 60.28 -43.42 40.99
CA ALA GA 88 60.84 -43.88 39.73
C ALA GA 88 60.17 -45.15 39.22
N GLY GA 89 60.27 -46.24 39.97
CA GLY GA 89 59.77 -47.51 39.49
C GLY GA 89 58.89 -48.27 40.44
N ALA GA 90 58.06 -47.57 41.21
CA ALA GA 90 57.19 -48.22 42.18
C ALA GA 90 55.99 -47.31 42.43
N THR GA 91 55.01 -47.83 43.18
CA THR GA 91 53.82 -47.07 43.52
C THR GA 91 54.15 -45.97 44.51
N SER GA 92 53.46 -44.85 44.40
CA SER GA 92 53.73 -43.68 45.22
C SER GA 92 52.42 -43.13 45.79
N TYR GA 93 52.50 -42.57 46.99
CA TYR GA 93 51.38 -41.91 47.66
C TYR GA 93 51.86 -40.56 48.16
N TYR GA 94 51.73 -39.53 47.32
CA TYR GA 94 52.14 -38.19 47.66
C TYR GA 94 51.03 -37.22 47.32
N SER GA 95 50.88 -36.19 48.15
CA SER GA 95 49.84 -35.18 47.95
C SER GA 95 50.20 -33.95 48.76
N ASN GA 96 49.39 -32.90 48.60
CA ASN GA 96 49.59 -31.63 49.28
C ASN GA 96 48.52 -31.47 50.36
N MET GA 97 48.95 -31.12 51.57
CA MET GA 97 48.05 -30.91 52.70
C MET GA 97 48.56 -29.73 53.50
N GLY GA 98 47.92 -28.57 53.33
CA GLY GA 98 48.34 -27.37 54.02
C GLY GA 98 49.70 -26.86 53.63
N GLY GA 99 50.03 -26.91 52.34
CA GLY GA 99 51.33 -26.45 51.88
C GLY GA 99 52.49 -27.27 52.41
N TYR GA 100 52.33 -28.59 52.45
CA TYR GA 100 53.39 -29.46 52.94
C TYR GA 100 53.23 -30.82 52.26
N LEU GA 101 54.31 -31.60 52.29
CA LEU GA 101 54.34 -32.91 51.65
C LEU GA 101 53.74 -33.94 52.59
N TYR GA 102 52.80 -34.73 52.07
CA TYR GA 102 52.06 -35.72 52.84
C TYR GA 102 52.24 -37.11 52.25
N ASP GA 103 52.44 -38.09 53.12
CA ASP GA 103 52.61 -39.49 52.72
C ASP GA 103 51.43 -40.28 53.26
N LEU GA 104 50.58 -40.77 52.34
CA LEU GA 104 49.38 -41.47 52.76
C LEU GA 104 49.69 -42.81 53.41
N SER GA 105 50.79 -43.44 53.01
CA SER GA 105 51.14 -44.75 53.58
C SER GA 105 51.45 -44.63 55.07
N THR GA 106 52.17 -43.59 55.47
CA THR GA 106 52.57 -43.39 56.86
C THR GA 106 51.59 -42.52 57.63
N GLN GA 107 50.80 -41.70 56.95
CA GLN GA 107 49.84 -40.79 57.58
C GLN GA 107 50.55 -39.81 58.50
N SER GA 108 51.50 -39.08 57.93
CA SER GA 108 52.25 -38.07 58.67
C SER GA 108 52.91 -37.12 57.67
N THR GA 109 53.38 -35.99 58.18
CA THR GA 109 54.07 -34.99 57.36
C THR GA 109 55.49 -34.74 57.86
N THR GA 110 56.09 -35.69 58.56
CA THR GA 110 57.42 -35.51 59.15
C THR GA 110 58.43 -36.37 58.39
N PHE GA 111 59.44 -35.72 57.82
CA PHE GA 111 60.56 -36.39 57.18
C PHE GA 111 61.84 -36.04 57.92
N THR GA 112 62.70 -37.04 58.11
CA THR GA 112 63.90 -36.89 58.91
C THR GA 112 65.20 -36.96 58.12
N ASP GA 113 65.19 -37.52 56.91
CA ASP GA 113 66.32 -37.51 56.02
C ASP GA 113 65.89 -37.14 54.60
N PRO GA 114 66.78 -36.58 53.79
CA PRO GA 114 66.42 -36.23 52.41
C PRO GA 114 66.01 -37.45 51.60
N ILE GA 115 65.08 -37.23 50.67
CA ILE GA 115 64.55 -38.28 49.82
C ILE GA 115 64.79 -37.91 48.36
N THR GA 116 64.58 -38.89 47.48
CA THR GA 116 64.80 -38.71 46.05
C THR GA 116 63.56 -39.13 45.28
N VAL GA 117 63.04 -38.23 44.46
CA VAL GA 117 61.85 -38.49 43.64
C VAL GA 117 62.07 -37.90 42.26
N GLU GA 118 61.07 -38.02 41.39
CA GLU GA 118 61.06 -37.37 40.08
C GLU GA 118 59.96 -36.33 40.06
N LEU GA 119 60.19 -35.23 39.34
CA LEU GA 119 59.19 -34.18 39.24
C LEU GA 119 59.37 -33.42 37.94
N VAL GA 120 58.38 -32.57 37.65
CA VAL GA 120 58.35 -31.76 36.44
C VAL GA 120 58.13 -30.32 36.86
N GLU GA 121 59.05 -29.43 36.48
CA GLU GA 121 58.94 -28.02 36.83
C GLU GA 121 58.48 -27.20 35.63
N MET GA 122 58.09 -25.96 35.91
CA MET GA 122 57.61 -25.06 34.87
C MET GA 122 58.75 -24.22 34.31
N LYS GA 123 58.61 -23.83 33.05
CA LYS GA 123 59.60 -23.05 32.34
C LYS GA 123 58.96 -21.84 31.69
N PRO GA 124 59.71 -20.75 31.53
CA PRO GA 124 59.15 -19.57 30.84
C PRO GA 124 58.83 -19.87 29.39
N PHE GA 125 57.87 -19.12 28.85
CA PHE GA 125 57.34 -19.41 27.52
C PHE GA 125 58.42 -19.30 26.45
N SER GA 126 59.27 -18.29 26.54
CA SER GA 126 60.25 -18.01 25.49
C SER GA 126 61.46 -18.93 25.52
N GLU GA 127 61.40 -20.04 26.26
CA GLU GA 127 62.50 -20.99 26.37
C GLU GA 127 62.04 -22.39 26.01
N MET GA 128 61.30 -22.51 24.91
CA MET GA 128 60.75 -23.76 24.44
C MET GA 128 61.08 -23.97 22.97
N PRO GA 129 61.08 -25.21 22.48
CA PRO GA 129 61.31 -25.44 21.05
C PRO GA 129 60.22 -24.81 20.20
N VAL GA 130 60.56 -24.56 18.93
CA VAL GA 130 59.73 -23.70 18.07
C VAL GA 130 58.37 -24.33 17.83
N VAL GA 131 58.36 -25.63 17.51
CA VAL GA 131 57.10 -26.29 17.14
C VAL GA 131 56.10 -26.23 18.29
N PHE GA 132 56.59 -26.37 19.52
CA PHE GA 132 55.72 -26.25 20.68
C PHE GA 132 55.11 -24.86 20.76
N ARG GA 133 55.92 -23.83 20.49
CA ARG GA 133 55.42 -22.47 20.53
C ARG GA 133 54.32 -22.25 19.50
N ASP GA 134 54.54 -22.73 18.27
CA ASP GA 134 53.51 -22.58 17.24
C ASP GA 134 52.24 -23.32 17.62
N TYR GA 135 52.37 -24.54 18.14
CA TYR GA 135 51.20 -25.33 18.53
C TYR GA 135 50.42 -24.61 19.62
N ILE GA 136 51.12 -24.07 20.62
CA ILE GA 136 50.47 -23.36 21.71
C ILE GA 136 49.75 -22.13 21.19
N VAL GA 137 50.41 -21.37 20.30
CA VAL GA 137 49.79 -20.16 19.78
C VAL GA 137 48.51 -20.49 19.02
N THR GA 138 48.54 -21.54 18.20
CA THR GA 138 47.33 -21.92 17.44
C THR GA 138 46.21 -22.32 18.38
N LYS GA 139 46.53 -23.14 19.39
CA LYS GA 139 45.49 -23.57 20.33
C LYS GA 139 44.89 -22.38 21.07
N ALA GA 140 45.73 -21.43 21.49
CA ALA GA 140 45.21 -20.24 22.18
C ALA GA 140 44.34 -19.41 21.25
N SER GA 141 44.73 -19.27 19.99
CA SER GA 141 43.95 -18.46 19.04
C SER GA 141 42.58 -19.06 18.83
N ARG GA 142 42.49 -20.39 18.73
CA ARG GA 142 41.18 -21.02 18.56
C ARG GA 142 40.23 -20.66 19.70
N GLU GA 143 40.70 -20.79 20.94
CA GLU GA 143 39.85 -20.49 22.09
C GLU GA 143 39.48 -19.02 22.14
N PHE GA 144 40.45 -18.14 21.86
CA PHE GA 144 40.16 -16.71 21.90
C PHE GA 144 39.09 -16.34 20.88
N ASN GA 145 39.18 -16.90 19.67
CA ASN GA 145 38.14 -16.66 18.67
C ASN GA 145 36.80 -17.22 19.12
N ALA GA 146 36.80 -18.42 19.71
CA ALA GA 146 35.54 -19.06 20.06
C ALA GA 146 34.82 -18.34 21.19
N LYS GA 147 35.56 -17.73 22.12
CA LYS GA 147 34.94 -17.21 23.33
C LYS GA 147 34.54 -15.74 23.27
N PHE GA 148 35.08 -14.95 22.33
CA PHE GA 148 34.85 -13.52 22.35
C PHE GA 148 34.32 -12.96 21.04
N PHE GA 149 34.49 -13.66 19.92
CA PHE GA 149 34.05 -13.15 18.64
C PHE GA 149 33.81 -14.28 17.65
N GLY GA 150 32.56 -14.59 17.36
CA GLY GA 150 32.25 -15.70 16.50
C GLY GA 150 32.38 -15.41 15.02
N SER GA 151 33.43 -15.94 14.39
CA SER GA 151 33.65 -15.78 12.96
C SER GA 151 33.61 -17.15 12.28
N PRO GA 152 32.78 -17.31 11.25
CA PRO GA 152 32.60 -18.64 10.64
C PRO GA 152 33.66 -19.01 9.62
N GLU GA 153 34.37 -18.05 9.05
CA GLU GA 153 35.39 -18.33 8.04
C GLU GA 153 36.78 -18.50 8.61
N SER GA 154 37.11 -17.82 9.71
CA SER GA 154 38.40 -18.03 10.37
C SER GA 154 38.51 -19.45 10.89
N GLU GA 155 37.37 -20.08 11.19
CA GLU GA 155 37.34 -21.47 11.56
C GLU GA 155 37.56 -22.33 10.30
N LEU GA 156 37.50 -23.66 10.48
CA LEU GA 156 37.61 -24.62 9.39
C LEU GA 156 39.00 -24.59 8.75
N TYR GA 157 39.90 -23.77 9.30
CA TYR GA 157 41.29 -23.72 8.87
C TYR GA 157 42.24 -23.97 10.03
N LEU GA 158 41.93 -23.38 11.19
CA LEU GA 158 42.73 -23.61 12.38
C LEU GA 158 42.68 -25.08 12.80
N ARG GA 159 41.61 -25.79 12.46
CA ARG GA 159 41.54 -27.22 12.78
C ARG GA 159 42.60 -28.00 12.01
N GLU GA 160 42.70 -27.78 10.71
CA GLU GA 160 43.73 -28.44 9.90
C GLU GA 160 45.12 -28.03 10.35
N GLN GA 161 45.30 -26.74 10.65
CA GLN GA 161 46.59 -26.27 11.14
C GLN GA 161 46.98 -26.98 12.43
N GLU GA 162 46.04 -27.11 13.36
CA GLU GA 162 46.30 -27.78 14.62
C GLU GA 162 46.65 -29.25 14.42
N ALA GA 163 45.93 -29.92 13.51
CA ALA GA 163 46.25 -31.32 13.24
C ALA GA 163 47.66 -31.48 12.69
N GLU GA 164 48.04 -30.62 11.74
CA GLU GA 164 49.39 -30.70 11.17
C GLU GA 164 50.45 -30.45 12.23
N LEU GA 165 50.25 -29.43 13.07
CA LEU GA 165 51.23 -29.15 14.11
C LEU GA 165 51.32 -30.29 15.12
N TYR GA 166 50.19 -30.89 15.48
CA TYR GA 166 50.21 -32.04 16.38
C TYR GA 166 51.03 -33.18 15.78
N GLN GA 167 50.81 -33.48 14.51
CA GLN GA 167 51.61 -34.51 13.85
C GLN GA 167 53.09 -34.19 13.96
N GLN GA 168 53.48 -32.97 13.56
CA GLN GA 168 54.89 -32.60 13.56
C GLN GA 168 55.50 -32.71 14.95
N VAL GA 169 54.76 -32.31 15.98
CA VAL GA 169 55.23 -32.47 17.36
C VAL GA 169 55.47 -33.96 17.64
N MET GA 170 54.60 -34.82 17.13
CA MET GA 170 54.80 -36.25 17.35
C MET GA 170 56.10 -36.76 16.73
N GLU GA 171 56.36 -36.40 15.47
CA GLU GA 171 57.64 -36.85 14.89
C GLU GA 171 58.83 -36.27 15.65
N TYR GA 172 58.72 -35.02 16.11
CA TYR GA 172 59.82 -34.46 16.89
C TYR GA 172 60.05 -35.27 18.16
N GLU GA 173 58.97 -35.65 18.84
CA GLU GA 173 59.10 -36.41 20.08
C GLU GA 173 59.73 -37.78 19.84
N MET GA 174 59.31 -38.46 18.77
CA MET GA 174 59.83 -39.80 18.55
C MET GA 174 61.28 -39.82 18.06
N ASP GA 175 61.91 -38.66 17.89
CA ASP GA 175 63.26 -38.59 17.34
C ASP GA 175 64.34 -38.42 18.41
N THR GA 176 64.04 -37.74 19.51
CA THR GA 176 65.05 -37.52 20.55
C THR GA 176 65.48 -38.84 21.17
N GLY GA 177 64.54 -39.73 21.42
CA GLY GA 177 64.81 -41.03 22.01
C GLY GA 177 64.83 -42.10 20.93
N ARG GA 178 65.71 -43.08 21.09
CA ARG GA 178 65.82 -44.16 20.12
C ARG GA 178 64.88 -45.32 20.46
N TYR GA 179 64.82 -45.68 21.74
CA TYR GA 179 63.87 -46.68 22.23
C TYR GA 179 64.03 -48.02 21.54
N ASN GA 180 65.17 -48.67 21.73
CA ASN GA 180 65.43 -49.98 21.15
C ASN GA 180 64.85 -51.05 22.08
N MET GA 181 63.91 -51.85 21.55
CA MET GA 181 63.23 -52.83 22.37
C MET GA 181 64.10 -54.05 22.64
N MET GA 182 65.12 -54.27 21.81
CA MET GA 182 65.91 -55.49 21.89
C MET GA 182 67.17 -55.33 22.75
N SER GA 183 67.13 -54.40 23.71
CA SER GA 183 68.23 -54.23 24.63
C SER GA 183 68.17 -55.28 25.74
N ASP GA 184 69.30 -55.47 26.41
CA ASP GA 184 69.44 -56.36 27.56
C ASP GA 184 69.31 -57.83 27.18
N ILE GA 185 69.15 -58.12 25.89
CA ILE GA 185 69.05 -59.50 25.45
C ILE GA 185 70.35 -59.96 24.83
N GLY GA 186 70.87 -61.08 25.34
CA GLY GA 186 72.05 -61.68 24.74
C GLY GA 186 72.57 -62.91 25.45
N ARG GA 187 72.85 -63.96 24.68
CA ARG GA 187 73.46 -65.20 25.14
C ARG GA 187 73.67 -66.10 23.93
N ASP GA 188 74.50 -67.12 24.10
CA ASP GA 188 74.79 -68.06 23.02
C ASP GA 188 73.56 -68.84 22.62
N ALA HA 2 15.26 -29.99 57.91
CA ALA HA 2 13.80 -29.95 57.97
C ALA HA 2 13.18 -31.20 57.38
N GLN HA 3 11.91 -31.10 57.02
CA GLN HA 3 11.19 -32.23 56.43
C GLN HA 3 9.91 -31.71 55.77
N TYR HA 4 9.04 -32.61 55.32
CA TYR HA 4 7.82 -32.22 54.64
C TYR HA 4 6.63 -32.94 55.27
N ILE HA 5 6.50 -32.83 56.59
CA ILE HA 5 5.33 -33.33 57.30
C ILE HA 5 4.09 -32.69 56.69
N PRO HA 6 3.25 -33.44 55.99
CA PRO HA 6 2.13 -32.83 55.27
C PRO HA 6 0.91 -32.63 56.15
N LEU HA 7 -0.06 -31.89 55.61
CA LEU HA 7 -1.29 -31.57 56.30
C LEU HA 7 -2.46 -32.28 55.62
N ASN HA 8 -3.18 -33.10 56.39
CA ASN HA 8 -4.42 -33.72 55.92
C ASN HA 8 -4.21 -34.52 54.65
N ALA HA 9 -3.40 -35.58 54.73
CA ALA HA 9 -3.02 -36.36 53.57
C ALA HA 9 -4.05 -37.44 53.27
N ASN HA 10 -4.43 -37.56 52.01
CA ASN HA 10 -5.32 -38.62 51.54
C ASN HA 10 -4.73 -39.22 50.27
N ASP HA 11 -5.06 -40.49 50.03
CA ASP HA 11 -4.49 -41.23 48.91
C ASP HA 11 -5.30 -41.08 47.62
N ASP HA 12 -6.36 -40.30 47.62
CA ASP HA 12 -7.15 -40.03 46.42
C ASP HA 12 -7.00 -38.60 45.94
N LEU HA 13 -7.05 -37.64 46.87
CA LEU HA 13 -6.89 -36.24 46.50
C LEU HA 13 -5.50 -35.99 45.92
N ASP HA 14 -4.48 -36.65 46.48
CA ASP HA 14 -3.12 -36.50 45.95
C ASP HA 14 -3.02 -37.06 44.53
N ALA HA 15 -3.66 -38.20 44.27
CA ALA HA 15 -3.66 -38.77 42.93
C ALA HA 15 -4.35 -37.84 41.95
N ILE HA 16 -5.49 -37.27 42.34
CA ILE HA 16 -6.19 -36.33 41.47
C ILE HA 16 -5.32 -35.11 41.20
N ASN HA 17 -4.64 -34.61 42.23
CA ASN HA 17 -3.77 -33.45 42.05
C ASN HA 17 -2.62 -33.78 41.10
N ASP HA 18 -2.04 -34.98 41.23
CA ASP HA 18 -0.97 -35.38 40.32
C ASP HA 18 -1.48 -35.46 38.88
N MET HA 19 -2.70 -35.98 38.70
CA MET HA 19 -3.29 -36.01 37.37
C MET HA 19 -3.51 -34.61 36.83
N LEU HA 20 -3.87 -33.66 37.69
CA LEU HA 20 -4.09 -32.28 37.25
C LEU HA 20 -2.78 -31.59 36.91
N ALA HA 21 -1.68 -32.00 37.54
CA ALA HA 21 -0.41 -31.31 37.37
C ALA HA 21 0.13 -31.49 35.95
N ALA HA 22 -0.38 -32.48 35.22
CA ALA HA 22 0.09 -32.73 33.86
C ALA HA 22 -0.17 -31.53 32.95
N ILE HA 23 -1.35 -30.93 33.06
CA ILE HA 23 -1.66 -29.74 32.27
C ILE HA 23 -0.85 -28.55 32.78
N GLY HA 24 -0.77 -28.40 34.10
CA GLY HA 24 -0.07 -27.28 34.68
C GLY HA 24 -0.95 -26.36 35.51
N GLU HA 25 -1.95 -26.93 36.16
CA GLU HA 25 -2.87 -26.21 37.03
C GLU HA 25 -2.53 -26.49 38.49
N PRO HA 26 -2.86 -25.56 39.40
CA PRO HA 26 -2.54 -25.78 40.82
C PRO HA 26 -3.43 -26.82 41.46
N ALA HA 27 -3.27 -27.03 42.76
CA ALA HA 27 -3.94 -28.10 43.48
C ALA HA 27 -5.20 -27.57 44.17
N VAL HA 28 -6.14 -28.47 44.37
CA VAL HA 28 -7.39 -28.15 45.05
C VAL HA 28 -7.33 -28.66 46.48
N LEU HA 29 -8.29 -28.23 47.30
CA LEU HA 29 -8.31 -28.59 48.71
C LEU HA 29 -9.34 -29.66 49.05
N GLN HA 30 -10.38 -29.84 48.24
CA GLN HA 30 -11.38 -30.87 48.49
C GLN HA 30 -12.11 -31.18 47.19
N LEU HA 31 -12.76 -32.34 47.17
CA LEU HA 31 -13.40 -32.83 45.96
C LEU HA 31 -14.91 -32.65 45.97
N ASP HA 32 -15.48 -32.06 47.02
CA ASP HA 32 -16.93 -31.89 47.08
C ASP HA 32 -17.44 -30.96 45.99
N GLU HA 33 -16.72 -29.86 45.74
CA GLU HA 33 -17.07 -28.90 44.71
C GLU HA 33 -15.89 -28.71 43.77
N GLY HA 34 -16.19 -28.47 42.50
CA GLY HA 34 -15.15 -28.26 41.51
C GLY HA 34 -15.74 -28.13 40.14
N ASN HA 35 -14.88 -27.75 39.19
CA ASN HA 35 -15.28 -27.61 37.80
C ASN HA 35 -15.29 -28.96 37.09
N ALA HA 36 -15.39 -28.94 35.76
CA ALA HA 36 -15.56 -30.17 35.00
C ALA HA 36 -14.34 -31.08 35.10
N ASP HA 37 -13.15 -30.51 35.25
CA ASP HA 37 -11.92 -31.30 35.20
C ASP HA 37 -11.87 -32.32 36.33
N VAL HA 38 -12.22 -31.90 37.54
CA VAL HA 38 -12.20 -32.76 38.71
C VAL HA 38 -13.21 -33.88 38.50
N SER HA 39 -14.32 -33.57 37.83
CA SER HA 39 -15.31 -34.56 37.48
C SER HA 39 -15.00 -35.30 36.19
N ASN HA 40 -13.94 -34.92 35.47
CA ASN HA 40 -13.53 -35.63 34.26
C ASN HA 40 -12.40 -36.62 34.52
N ALA HA 41 -11.58 -36.40 35.54
CA ALA HA 41 -10.46 -37.29 35.82
C ALA HA 41 -10.85 -38.58 36.53
N GLN HA 42 -11.90 -38.52 37.36
CA GLN HA 42 -12.24 -39.67 38.20
C GLN HA 42 -12.69 -40.87 37.36
N ARG HA 43 -13.46 -40.61 36.30
CA ARG HA 43 -13.93 -41.69 35.44
C ARG HA 43 -12.76 -42.45 34.83
N ILE HA 44 -11.79 -41.72 34.27
CA ILE HA 44 -10.62 -42.35 33.67
C ILE HA 44 -9.82 -43.12 34.71
N LEU HA 45 -9.65 -42.52 35.89
CA LEU HA 45 -8.88 -43.20 36.94
C LEU HA 45 -9.54 -44.52 37.33
N HIS HA 46 -10.85 -44.51 37.54
CA HIS HA 46 -11.55 -45.72 37.92
C HIS HA 46 -11.47 -46.79 36.84
N ARG HA 47 -11.65 -46.39 35.58
CA ARG HA 47 -11.60 -47.36 34.50
C ARG HA 47 -10.23 -47.99 34.40
N VAL HA 48 -9.16 -47.18 34.49
CA VAL HA 48 -7.81 -47.72 34.40
C VAL HA 48 -7.53 -48.66 35.56
N ASN HA 49 -7.95 -48.28 36.77
CA ASN HA 49 -7.75 -49.16 37.92
C ASN HA 49 -8.41 -50.51 37.70
N ARG HA 50 -9.67 -50.52 37.26
CA ARG HA 50 -10.37 -51.78 37.05
C ARG HA 50 -9.69 -52.60 35.97
N GLN HA 51 -9.28 -51.95 34.89
CA GLN HA 51 -8.65 -52.68 33.78
C GLN HA 51 -7.34 -53.32 34.22
N VAL HA 52 -6.52 -52.60 34.97
CA VAL HA 52 -5.22 -53.12 35.37
C VAL HA 52 -5.38 -54.24 36.39
N GLN HA 53 -6.30 -54.08 37.35
CA GLN HA 53 -6.42 -55.08 38.41
C GLN HA 53 -6.84 -56.45 37.91
N ALA HA 54 -7.40 -56.55 36.71
CA ALA HA 54 -8.01 -57.78 36.22
C ALA HA 54 -7.08 -58.56 35.30
N LYS HA 55 -5.78 -58.54 35.56
CA LYS HA 55 -4.82 -59.27 34.74
C LYS HA 55 -4.28 -60.52 35.43
N GLY HA 56 -4.44 -60.63 36.75
CA GLY HA 56 -3.98 -61.80 37.47
C GLY HA 56 -2.57 -61.66 38.00
N TRP HA 57 -2.42 -61.70 39.31
CA TRP HA 57 -1.11 -61.59 39.95
C TRP HA 57 -1.03 -62.61 41.07
N ASN HA 58 0.19 -62.77 41.61
CA ASN HA 58 0.41 -63.79 42.63
C ASN HA 58 -0.31 -63.49 43.94
N PHE HA 59 -0.67 -62.24 44.20
CA PHE HA 59 -1.38 -61.87 45.42
C PHE HA 59 -2.88 -61.69 45.20
N ASN HA 60 -3.37 -61.98 44.00
CA ASN HA 60 -4.79 -61.89 43.69
C ASN HA 60 -5.46 -63.25 43.58
N ILE HA 61 -4.89 -64.15 42.78
CA ILE HA 61 -5.51 -65.42 42.44
C ILE HA 61 -5.71 -66.28 43.67
N ASN HA 62 -6.95 -66.66 43.94
CA ASN HA 62 -7.28 -67.54 45.06
C ASN HA 62 -7.73 -68.88 44.48
N GLU HA 63 -6.96 -69.93 44.74
CA GLU HA 63 -7.24 -71.22 44.13
C GLU HA 63 -8.46 -71.89 44.76
N ALA HA 64 -8.56 -71.86 46.09
CA ALA HA 64 -9.66 -72.51 46.80
C ALA HA 64 -10.64 -71.47 47.31
N ALA HA 65 -11.91 -71.64 46.96
CA ALA HA 65 -12.96 -70.73 47.41
C ALA HA 65 -14.30 -71.46 47.28
N VAL HA 66 -15.14 -71.33 48.28
CA VAL HA 66 -16.40 -72.07 48.36
C VAL HA 66 -17.55 -71.12 48.10
N LEU HA 67 -18.41 -71.47 47.15
CA LEU HA 67 -19.64 -70.74 46.87
C LEU HA 67 -20.82 -71.58 47.32
N THR HA 68 -21.73 -70.96 48.08
CA THR HA 68 -22.83 -71.69 48.69
C THR HA 68 -24.15 -71.28 48.06
N PRO HA 69 -24.98 -72.24 47.65
CA PRO HA 69 -26.27 -71.88 47.06
C PRO HA 69 -27.25 -71.39 48.13
N ASP HA 70 -28.37 -70.87 47.64
CA ASP HA 70 -29.43 -70.38 48.51
C ASP HA 70 -30.16 -71.57 49.13
N VAL HA 71 -31.15 -71.30 49.99
CA VAL HA 71 -31.92 -72.34 50.65
C VAL HA 71 -33.34 -72.44 50.11
N GLN HA 72 -33.92 -71.34 49.63
CA GLN HA 72 -35.29 -71.37 49.15
C GLN HA 72 -35.36 -71.84 47.71
N ASP HA 73 -34.70 -71.13 46.80
CA ASP HA 73 -34.60 -71.53 45.41
C ASP HA 73 -33.12 -71.72 45.08
N ASN HA 74 -32.78 -72.94 44.69
CA ASN HA 74 -31.38 -73.31 44.52
C ASN HA 74 -30.76 -72.60 43.33
N ARG HA 75 -30.01 -71.52 43.59
CA ARG HA 75 -29.31 -70.76 42.56
C ARG HA 75 -28.18 -69.99 43.24
N ILE HA 76 -27.32 -69.41 42.41
CA ILE HA 76 -26.16 -68.65 42.88
C ILE HA 76 -26.13 -67.32 42.15
N ARG HA 77 -25.93 -66.25 42.91
CA ARG HA 77 -25.95 -64.91 42.34
C ARG HA 77 -24.60 -64.56 41.71
N PHE HA 78 -24.59 -63.46 40.95
CA PHE HA 78 -23.40 -62.99 40.24
C PHE HA 78 -23.16 -61.54 40.65
N LEU HA 79 -22.36 -61.35 41.69
CA LEU HA 79 -22.07 -60.01 42.19
C LEU HA 79 -21.24 -59.24 41.16
N PRO HA 80 -21.35 -57.92 41.14
CA PRO HA 80 -20.59 -57.10 40.20
C PRO HA 80 -19.13 -56.89 40.56
N SER HA 81 -18.65 -57.42 41.68
CA SER HA 81 -17.25 -57.30 42.05
C SER HA 81 -16.40 -58.44 41.51
N TYR HA 82 -17.02 -59.49 40.97
CA TYR HA 82 -16.26 -60.59 40.38
C TYR HA 82 -15.59 -60.13 39.09
N LEU HA 83 -14.41 -60.67 38.84
CA LEU HA 83 -13.65 -60.33 37.64
C LEU HA 83 -13.32 -61.51 36.74
N ARG HA 84 -12.94 -62.65 37.31
CA ARG HA 84 -12.62 -63.83 36.52
C ARG HA 84 -13.09 -65.06 37.26
N VAL HA 85 -13.71 -65.99 36.54
CA VAL HA 85 -14.13 -67.27 37.10
C VAL HA 85 -13.58 -68.37 36.21
N MET HA 86 -12.85 -69.31 36.83
CA MET HA 86 -12.17 -70.36 36.08
C MET HA 86 -12.12 -71.61 36.97
N THR HA 87 -11.31 -72.58 36.57
CA THR HA 87 -11.07 -73.79 37.35
C THR HA 87 -9.59 -74.07 37.38
N ALA HA 88 -9.15 -74.77 38.43
CA ALA HA 88 -7.72 -74.95 38.69
C ALA HA 88 -7.00 -75.67 37.56
N GLY HA 89 -7.35 -76.92 37.30
CA GLY HA 89 -6.58 -77.71 36.35
C GLY HA 89 -7.39 -78.43 35.28
N ALA HA 90 -8.46 -77.80 34.79
CA ALA HA 90 -9.29 -78.40 33.76
C ALA HA 90 -9.97 -77.28 32.98
N THR HA 91 -10.78 -77.67 32.00
CA THR HA 91 -11.56 -76.73 31.22
C THR HA 91 -12.84 -76.38 31.93
N SER HA 92 -13.32 -75.15 31.74
CA SER HA 92 -14.49 -74.65 32.43
C SER HA 92 -15.43 -73.96 31.44
N TYR HA 93 -16.73 -73.99 31.76
CA TYR HA 93 -17.76 -73.33 30.98
C TYR HA 93 -18.65 -72.57 31.96
N TYR HA 94 -18.31 -71.32 32.24
CA TYR HA 94 -19.09 -70.49 33.14
C TYR HA 94 -19.34 -69.14 32.49
N SER HA 95 -20.53 -68.58 32.75
CA SER HA 95 -20.92 -67.31 32.17
C SER HA 95 -22.08 -66.75 32.98
N ASN HA 96 -22.49 -65.53 32.63
CA ASN HA 96 -23.56 -64.82 33.32
C ASN HA 96 -24.78 -64.76 32.42
N MET HA 97 -25.94 -65.11 32.98
CA MET HA 97 -27.20 -65.04 32.25
C MET HA 97 -28.28 -64.55 33.21
N GLY HA 98 -28.66 -63.27 33.07
CA GLY HA 98 -29.69 -62.69 33.90
C GLY HA 98 -29.30 -62.59 35.37
N GLY HA 99 -28.05 -62.25 35.64
CA GLY HA 99 -27.57 -62.12 37.00
C GLY HA 99 -27.53 -63.42 37.78
N TYR HA 100 -27.18 -64.51 37.11
CA TYR HA 100 -27.01 -65.79 37.78
C TYR HA 100 -25.88 -66.55 37.09
N LEU HA 101 -25.41 -67.60 37.76
CA LEU HA 101 -24.30 -68.41 37.26
C LEU HA 101 -24.84 -69.48 36.33
N TYR HA 102 -24.30 -69.51 35.11
CA TYR HA 102 -24.74 -70.42 34.07
C TYR HA 102 -23.64 -71.39 33.69
N ASP HA 103 -23.98 -72.67 33.61
CA ASP HA 103 -23.05 -73.72 33.22
C ASP HA 103 -23.46 -74.23 31.84
N LEU HA 104 -22.63 -73.92 30.84
CA LEU HA 104 -22.99 -74.25 29.46
C LEU HA 104 -22.98 -75.74 29.21
N SER HA 105 -22.17 -76.50 29.96
CA SER HA 105 -22.04 -77.93 29.71
C SER HA 105 -23.37 -78.64 29.94
N THR HA 106 -24.06 -78.32 31.03
CA THR HA 106 -25.32 -78.96 31.36
C THR HA 106 -26.53 -78.14 30.93
N GLN HA 107 -26.33 -76.91 30.46
CA GLN HA 107 -27.40 -76.04 30.01
C GLN HA 107 -28.49 -75.90 31.08
N SER HA 108 -28.07 -75.43 32.26
CA SER HA 108 -28.98 -75.32 33.39
C SER HA 108 -28.45 -74.26 34.34
N THR HA 109 -29.32 -73.86 35.28
CA THR HA 109 -28.99 -72.89 36.30
C THR HA 109 -29.53 -73.36 37.64
N THR HA 110 -29.29 -74.64 37.96
CA THR HA 110 -29.80 -75.27 39.17
C THR HA 110 -28.69 -76.07 39.84
N PHE HA 111 -27.96 -75.42 40.73
CA PHE HA 111 -26.96 -76.11 41.53
C PHE HA 111 -27.58 -76.62 42.83
N THR HA 112 -26.97 -77.65 43.41
CA THR HA 112 -27.48 -78.28 44.61
C THR HA 112 -26.50 -78.33 45.77
N ASP HA 113 -25.20 -78.36 45.50
CA ASP HA 113 -24.17 -78.46 46.51
C ASP HA 113 -23.11 -77.40 46.29
N PRO HA 114 -22.39 -77.00 47.34
CA PRO HA 114 -21.37 -75.96 47.19
C PRO HA 114 -20.28 -76.36 46.21
N ILE HA 115 -19.75 -75.37 45.51
CA ILE HA 115 -18.77 -75.59 44.46
C ILE HA 115 -17.47 -74.87 44.83
N THR HA 116 -16.35 -75.41 44.37
CA THR HA 116 -15.04 -74.80 44.59
C THR HA 116 -14.45 -74.38 43.25
N VAL HA 117 -14.11 -73.10 43.13
CA VAL HA 117 -13.53 -72.55 41.90
C VAL HA 117 -12.41 -71.61 42.27
N GLU HA 118 -11.78 -71.01 41.25
CA GLU HA 118 -10.78 -69.97 41.44
C GLU HA 118 -11.33 -68.67 40.87
N LEU HA 119 -11.20 -67.58 41.63
CA LEU HA 119 -11.73 -66.30 41.21
C LEU HA 119 -10.82 -65.17 41.69
N VAL HA 120 -11.02 -64.01 41.09
CA VAL HA 120 -10.25 -62.81 41.39
C VAL HA 120 -11.23 -61.70 41.74
N GLU HA 121 -11.09 -61.12 42.92
CA GLU HA 121 -11.96 -60.04 43.36
C GLU HA 121 -11.28 -58.69 43.21
N MET HA 122 -11.96 -57.63 43.61
CA MET HA 122 -11.49 -56.27 43.44
C MET HA 122 -11.25 -55.62 44.80
N LYS HA 123 -10.28 -54.73 44.85
CA LYS HA 123 -9.87 -54.05 46.07
C LYS HA 123 -9.91 -52.53 45.87
N PRO HA 124 -10.07 -51.77 46.94
CA PRO HA 124 -10.00 -50.30 46.82
C PRO HA 124 -8.61 -49.85 46.39
N PHE HA 125 -8.57 -48.64 45.83
CA PHE HA 125 -7.32 -48.13 45.25
C PHE HA 125 -6.25 -47.95 46.31
N SER HA 126 -6.64 -47.59 47.53
CA SER HA 126 -5.69 -47.17 48.55
C SER HA 126 -5.06 -48.32 49.33
N GLU HA 127 -5.14 -49.56 48.83
CA GLU HA 127 -4.47 -50.68 49.49
C GLU HA 127 -3.58 -51.49 48.57
N MET HA 128 -3.38 -51.07 47.33
CA MET HA 128 -2.45 -51.75 46.45
C MET HA 128 -1.02 -51.33 46.76
N PRO HA 129 -0.04 -52.13 46.38
CA PRO HA 129 1.36 -51.74 46.61
C PRO HA 129 1.73 -50.48 45.83
N VAL HA 130 2.82 -49.85 46.27
CA VAL HA 130 3.15 -48.50 45.82
C VAL HA 130 3.43 -48.46 44.33
N VAL HA 131 4.21 -49.42 43.83
CA VAL HA 131 4.63 -49.42 42.43
C VAL HA 131 3.42 -49.47 41.51
N PHE HA 132 2.45 -50.31 41.87
CA PHE HA 132 1.22 -50.39 41.07
C PHE HA 132 0.50 -49.06 41.03
N ARG HA 133 0.44 -48.38 42.18
CA ARG HA 133 -0.25 -47.09 42.23
C ARG HA 133 0.44 -46.08 41.32
N ASP HA 134 1.77 -46.03 41.36
CA ASP HA 134 2.49 -45.10 40.49
C ASP HA 134 2.26 -45.42 39.02
N TYR HA 135 2.30 -46.71 38.67
CA TYR HA 135 2.09 -47.12 37.29
C TYR HA 135 0.70 -46.72 36.82
N ILE HA 136 -0.32 -46.95 37.65
CA ILE HA 136 -1.68 -46.59 37.29
C ILE HA 136 -1.81 -45.08 37.11
N VAL HA 137 -1.20 -44.31 38.01
CA VAL HA 137 -1.30 -42.86 37.91
C VAL HA 137 -0.68 -42.35 36.61
N THR HA 138 0.50 -42.87 36.26
CA THR HA 138 1.13 -42.45 35.01
C THR HA 138 0.28 -42.83 33.80
N LYS HA 139 -0.27 -44.05 33.80
CA LYS HA 139 -1.09 -44.50 32.69
C LYS HA 139 -2.32 -43.61 32.52
N ALA HA 140 -2.97 -43.26 33.62
CA ALA HA 140 -4.13 -42.39 33.55
C ALA HA 140 -3.75 -41.00 33.07
N SER HA 141 -2.62 -40.48 33.54
CA SER HA 141 -2.20 -39.13 33.18
C SER HA 141 -1.94 -39.02 31.68
N ARG HA 142 -1.34 -40.06 31.08
CA ARG HA 142 -1.11 -40.03 29.64
C ARG HA 142 -2.42 -39.82 28.87
N GLU HA 143 -3.44 -40.61 29.18
CA GLU HA 143 -4.73 -40.50 28.50
C GLU HA 143 -5.36 -39.14 28.76
N PHE HA 144 -5.29 -38.66 30.00
CA PHE HA 144 -5.91 -37.38 30.33
C PHE HA 144 -5.28 -36.25 29.53
N ASN HA 145 -3.95 -36.25 29.41
CA ASN HA 145 -3.30 -35.25 28.58
C ASN HA 145 -3.69 -35.41 27.11
N ALA HA 146 -3.74 -36.65 26.62
CA ALA HA 146 -3.98 -36.86 25.19
C ALA HA 146 -5.37 -36.43 24.77
N LYS HA 147 -6.38 -36.66 25.59
CA LYS HA 147 -7.76 -36.49 25.13
C LYS HA 147 -8.28 -35.06 25.23
N PHE HA 148 -7.72 -34.22 26.11
CA PHE HA 148 -8.28 -32.90 26.35
C PHE HA 148 -7.36 -31.74 26.03
N PHE HA 149 -6.04 -31.93 26.03
CA PHE HA 149 -5.11 -30.83 25.81
C PHE HA 149 -3.81 -31.35 25.21
N GLY HA 150 -3.64 -31.19 23.90
CA GLY HA 150 -2.49 -31.77 23.23
C GLY HA 150 -1.23 -30.92 23.30
N SER HA 151 -0.30 -31.33 24.16
CA SER HA 151 0.97 -30.64 24.29
C SER HA 151 2.11 -31.56 23.88
N PRO HA 152 3.03 -31.09 23.04
CA PRO HA 152 4.12 -31.95 22.57
C PRO HA 152 5.27 -32.10 23.54
N GLU HA 153 5.36 -31.27 24.58
CA GLU HA 153 6.41 -31.40 25.59
C GLU HA 153 5.99 -32.23 26.79
N SER HA 154 4.72 -32.18 27.19
CA SER HA 154 4.27 -33.04 28.28
C SER HA 154 4.30 -34.50 27.87
N GLU HA 155 4.17 -34.79 26.58
CA GLU HA 155 4.36 -36.13 26.05
C GLU HA 155 5.86 -36.35 25.87
N LEU HA 156 6.26 -37.50 25.34
CA LEU HA 156 7.64 -37.82 25.00
C LEU HA 156 8.47 -38.00 26.27
N TYR HA 157 7.87 -37.72 27.43
CA TYR HA 157 8.49 -37.98 28.71
C TYR HA 157 7.70 -39.03 29.50
N LEU HA 158 6.37 -38.98 29.40
CA LEU HA 158 5.54 -39.94 30.11
C LEU HA 158 5.76 -41.35 29.58
N ARG HA 159 6.02 -41.50 28.28
CA ARG HA 159 6.31 -42.82 27.73
C ARG HA 159 7.61 -43.37 28.32
N GLU HA 160 8.64 -42.53 28.41
CA GLU HA 160 9.92 -42.96 28.97
C GLU HA 160 9.75 -43.37 30.42
N GLN HA 161 8.97 -42.61 31.18
CA GLN HA 161 8.73 -42.98 32.58
C GLN HA 161 7.93 -44.28 32.67
N GLU HA 162 6.94 -44.45 31.78
CA GLU HA 162 6.07 -45.62 31.84
C GLU HA 162 6.84 -46.90 31.56
N ALA HA 163 7.80 -46.86 30.63
CA ALA HA 163 8.60 -48.05 30.35
C ALA HA 163 9.35 -48.50 31.60
N GLU HA 164 9.97 -47.56 32.32
CA GLU HA 164 10.71 -47.90 33.53
C GLU HA 164 9.78 -48.44 34.60
N LEU HA 165 8.60 -47.83 34.76
CA LEU HA 165 7.65 -48.32 35.76
C LEU HA 165 7.20 -49.74 35.42
N TYR HA 166 6.95 -50.02 34.14
CA TYR HA 166 6.56 -51.36 33.70
C TYR HA 166 7.64 -52.36 34.06
N GLN HA 167 8.89 -52.03 33.76
CA GLN HA 167 10.00 -52.90 34.12
C GLN HA 167 10.01 -53.18 35.63
N GLN HA 168 9.91 -52.12 36.43
CA GLN HA 168 9.96 -52.28 37.88
C GLN HA 168 8.85 -53.19 38.39
N VAL HA 169 7.65 -53.03 37.83
CA VAL HA 169 6.55 -53.94 38.18
C VAL HA 169 6.93 -55.37 37.87
N MET HA 170 7.62 -55.57 36.74
CA MET HA 170 8.05 -56.93 36.39
C MET HA 170 8.97 -57.53 37.45
N GLU HA 171 10.05 -56.83 37.82
CA GLU HA 171 10.96 -57.51 38.75
C GLU HA 171 10.33 -57.61 40.14
N TYR HA 172 9.42 -56.71 40.49
CA TYR HA 172 8.70 -56.88 41.75
C TYR HA 172 7.87 -58.15 41.72
N GLU HA 173 7.17 -58.39 40.61
CA GLU HA 173 6.31 -59.58 40.52
C GLU HA 173 7.16 -60.84 40.54
N MET HA 174 8.31 -60.83 39.88
CA MET HA 174 9.11 -62.05 39.77
C MET HA 174 9.73 -62.50 41.08
N ASP HA 175 9.76 -61.64 42.10
CA ASP HA 175 10.42 -61.97 43.36
C ASP HA 175 9.50 -62.56 44.41
N THR HA 176 8.19 -62.36 44.28
CA THR HA 176 7.25 -62.92 45.26
C THR HA 176 7.27 -64.44 45.21
N GLY HA 177 7.31 -65.01 44.01
CA GLY HA 177 7.39 -66.45 43.83
C GLY HA 177 8.81 -66.87 43.47
N ARG HA 178 9.08 -68.16 43.64
CA ARG HA 178 10.42 -68.68 43.35
C ARG HA 178 10.44 -69.43 42.01
N TYR HA 179 9.46 -70.32 41.79
CA TYR HA 179 9.31 -71.02 40.53
C TYR HA 179 10.55 -71.83 40.15
N ASN HA 180 10.88 -72.85 40.94
CA ASN HA 180 12.03 -73.70 40.68
C ASN HA 180 11.57 -74.89 39.85
N MET HA 181 12.18 -75.05 38.67
CA MET HA 181 11.75 -76.11 37.75
C MET HA 181 12.25 -77.49 38.20
N MET HA 182 13.37 -77.53 38.93
CA MET HA 182 13.96 -78.81 39.31
C MET HA 182 13.15 -79.55 40.34
N SER HA 183 12.12 -78.93 40.91
CA SER HA 183 11.34 -79.57 41.96
C SER HA 183 10.59 -80.78 41.41
N ASP HA 184 10.10 -81.62 42.33
CA ASP HA 184 9.31 -82.80 42.01
C ASP HA 184 10.09 -83.83 41.21
N ILE HA 185 11.41 -83.85 41.39
CA ILE HA 185 12.28 -84.83 40.74
C ILE HA 185 13.21 -85.43 41.78
N GLY HA 186 13.26 -86.76 41.83
CA GLY HA 186 14.17 -87.45 42.72
C GLY HA 186 14.28 -88.93 42.46
N ARG HA 187 15.51 -89.42 42.33
CA ARG HA 187 15.78 -90.82 42.03
C ARG HA 187 17.28 -91.10 42.11
N ASP HA 188 17.65 -92.35 42.36
CA ASP HA 188 19.06 -92.73 42.41
C ASP HA 188 19.69 -92.70 41.02
N ALA IA 2 -30.96 -51.69 30.45
CA ALA IA 2 -31.15 -50.62 29.49
C ALA IA 2 -30.77 -51.05 28.09
N GLN IA 3 -31.20 -52.25 27.71
CA GLN IA 3 -30.91 -52.77 26.39
C GLN IA 3 -31.61 -51.93 25.33
N TYR IA 4 -30.96 -51.77 24.18
CA TYR IA 4 -31.45 -50.93 23.10
C TYR IA 4 -32.32 -51.76 22.16
N ILE IA 5 -33.63 -51.51 22.19
CA ILE IA 5 -34.56 -52.16 21.27
C ILE IA 5 -34.94 -51.15 20.18
N PRO IA 6 -34.65 -51.43 18.91
CA PRO IA 6 -34.96 -50.46 17.85
C PRO IA 6 -36.44 -50.46 17.51
N LEU IA 7 -36.83 -49.40 16.81
CA LEU IA 7 -38.22 -49.19 16.38
C LEU IA 7 -38.32 -49.41 14.88
N ASN IA 8 -39.14 -50.37 14.46
CA ASN IA 8 -39.46 -50.59 13.06
C ASN IA 8 -38.20 -50.80 12.22
N ALA IA 9 -37.49 -51.90 12.48
CA ALA IA 9 -36.21 -52.16 11.85
C ALA IA 9 -36.39 -52.98 10.58
N ASN IA 10 -35.71 -52.58 9.51
CA ASN IA 10 -35.65 -53.32 8.26
C ASN IA 10 -34.19 -53.52 7.86
N ASP IA 11 -33.89 -54.67 7.27
CA ASP IA 11 -32.51 -55.04 6.97
C ASP IA 11 -31.97 -54.39 5.70
N ASP IA 12 -32.67 -53.40 5.15
CA ASP IA 12 -32.20 -52.67 3.98
C ASP IA 12 -32.04 -51.19 4.29
N LEU IA 13 -33.01 -50.60 4.99
CA LEU IA 13 -32.92 -49.20 5.36
C LEU IA 13 -31.72 -48.95 6.25
N ASP IA 14 -31.40 -49.90 7.14
CA ASP IA 14 -30.22 -49.75 7.99
C ASP IA 14 -28.95 -49.74 7.16
N ALA IA 15 -28.87 -50.60 6.14
CA ALA IA 15 -27.71 -50.63 5.26
C ALA IA 15 -27.56 -49.29 4.53
N ILE IA 16 -28.68 -48.76 4.03
CA ILE IA 16 -28.63 -47.47 3.35
C ILE IA 16 -28.16 -46.38 4.31
N ASN IA 17 -28.69 -46.38 5.53
CA ASN IA 17 -28.30 -45.37 6.51
C ASN IA 17 -26.82 -45.48 6.85
N ASP IA 18 -26.31 -46.71 7.00
CA ASP IA 18 -24.89 -46.91 7.28
C ASP IA 18 -24.05 -46.40 6.12
N MET IA 19 -24.48 -46.65 4.89
CA MET IA 19 -23.74 -46.15 3.73
C MET IA 19 -23.78 -44.63 3.65
N LEU IA 20 -24.83 -43.99 4.15
CA LEU IA 20 -24.85 -42.53 4.22
C LEU IA 20 -23.98 -41.99 5.36
N ALA IA 21 -23.73 -42.80 6.39
CA ALA IA 21 -23.00 -42.30 7.55
C ALA IA 21 -21.56 -41.97 7.20
N ALA IA 22 -21.01 -42.60 6.17
CA ALA IA 22 -19.61 -42.37 5.79
C ALA IA 22 -19.38 -40.91 5.41
N ILE IA 23 -20.31 -40.32 4.67
CA ILE IA 23 -20.18 -38.91 4.30
C ILE IA 23 -20.32 -38.03 5.54
N GLY IA 24 -21.29 -38.34 6.39
CA GLY IA 24 -21.52 -37.54 7.59
C GLY IA 24 -22.86 -36.88 7.64
N GLU IA 25 -23.88 -37.50 7.06
CA GLU IA 25 -25.24 -37.00 7.05
C GLU IA 25 -26.11 -37.81 8.00
N PRO IA 26 -27.19 -37.24 8.52
CA PRO IA 26 -28.06 -37.99 9.43
C PRO IA 26 -28.88 -39.05 8.72
N ALA IA 27 -29.68 -39.79 9.47
CA ALA IA 27 -30.44 -40.91 8.93
C ALA IA 27 -31.75 -40.42 8.32
N VAL IA 28 -32.51 -41.36 7.76
CA VAL IA 28 -33.81 -41.08 7.17
C VAL IA 28 -34.82 -42.06 7.77
N LEU IA 29 -36.08 -41.90 7.36
CA LEU IA 29 -37.16 -42.72 7.89
C LEU IA 29 -37.91 -43.53 6.84
N GLN IA 30 -37.68 -43.27 5.55
CA GLN IA 30 -38.38 -43.99 4.50
C GLN IA 30 -37.62 -43.81 3.20
N LEU IA 31 -37.91 -44.68 2.23
CA LEU IA 31 -37.19 -44.74 0.97
C LEU IA 31 -38.06 -44.33 -0.22
N ASP IA 32 -39.21 -43.72 0.01
CA ASP IA 32 -40.11 -43.35 -1.07
C ASP IA 32 -39.84 -41.94 -1.61
N GLU IA 33 -39.61 -40.98 -0.72
CA GLU IA 33 -39.26 -39.62 -1.11
C GLU IA 33 -37.86 -39.32 -0.59
N GLY IA 34 -36.97 -38.87 -1.47
CA GLY IA 34 -35.61 -38.58 -1.06
C GLY IA 34 -34.88 -37.81 -2.14
N ASN IA 35 -33.72 -37.29 -1.75
CA ASN IA 35 -32.87 -36.54 -2.67
C ASN IA 35 -32.05 -37.51 -3.52
N ALA IA 36 -31.03 -36.98 -4.22
CA ALA IA 36 -30.30 -37.78 -5.19
C ALA IA 36 -29.46 -38.85 -4.52
N ASP IA 37 -28.97 -38.61 -3.31
CA ASP IA 37 -28.04 -39.53 -2.66
C ASP IA 37 -28.68 -40.90 -2.44
N VAL IA 38 -29.93 -40.91 -1.99
CA VAL IA 38 -30.64 -42.17 -1.81
C VAL IA 38 -30.79 -42.89 -3.14
N SER IA 39 -30.96 -42.15 -4.24
CA SER IA 39 -31.03 -42.74 -5.56
C SER IA 39 -29.66 -43.07 -6.14
N ASN IA 40 -28.58 -42.64 -5.50
CA ASN IA 40 -27.24 -42.97 -5.95
C ASN IA 40 -26.62 -44.14 -5.20
N ALA IA 41 -27.07 -44.41 -3.98
CA ALA IA 41 -26.51 -45.51 -3.19
C ALA IA 41 -27.04 -46.88 -3.61
N GLN IA 42 -28.30 -46.97 -4.01
CA GLN IA 42 -28.92 -48.26 -4.29
C GLN IA 42 -28.28 -48.95 -5.49
N ARG IA 43 -27.94 -48.19 -6.52
CA ARG IA 43 -27.31 -48.77 -7.71
C ARG IA 43 -25.99 -49.45 -7.34
N ILE IA 44 -25.14 -48.75 -6.59
CA ILE IA 44 -23.85 -49.31 -6.18
C ILE IA 44 -24.06 -50.53 -5.30
N LEU IA 45 -25.01 -50.45 -4.36
CA LEU IA 45 -25.24 -51.59 -3.48
C LEU IA 45 -25.66 -52.82 -4.27
N HIS IA 46 -26.58 -52.66 -5.22
CA HIS IA 46 -27.03 -53.80 -6.01
C HIS IA 46 -25.90 -54.38 -6.85
N ARG IA 47 -25.09 -53.52 -7.47
CA ARG IA 47 -24.00 -54.01 -8.30
C ARG IA 47 -22.99 -54.80 -7.47
N VAL IA 48 -22.63 -54.26 -6.30
CA VAL IA 48 -21.65 -54.95 -5.45
C VAL IA 48 -22.20 -56.29 -4.97
N ASN IA 49 -23.47 -56.31 -4.57
CA ASN IA 49 -24.08 -57.57 -4.14
C ASN IA 49 -24.00 -58.62 -5.25
N ARG IA 50 -24.40 -58.24 -6.47
CA ARG IA 50 -24.38 -59.19 -7.58
C ARG IA 50 -22.97 -59.68 -7.87
N GLN IA 51 -21.99 -58.77 -7.84
CA GLN IA 51 -20.62 -59.16 -8.14
C GLN IA 51 -20.08 -60.14 -7.10
N VAL IA 52 -20.32 -59.85 -5.82
CA VAL IA 52 -19.77 -60.69 -4.76
C VAL IA 52 -20.43 -62.07 -4.76
N GLN IA 53 -21.75 -62.12 -4.96
CA GLN IA 53 -22.43 -63.40 -4.88
C GLN IA 53 -21.99 -64.38 -5.97
N ALA IA 54 -21.42 -63.90 -7.06
CA ALA IA 54 -21.12 -64.75 -8.21
C ALA IA 54 -19.77 -65.45 -8.12
N LYS IA 55 -19.01 -65.23 -7.05
CA LYS IA 55 -17.70 -65.87 -6.93
C LYS IA 55 -17.80 -67.37 -6.75
N GLY IA 56 -18.85 -67.86 -6.09
CA GLY IA 56 -19.02 -69.28 -5.89
C GLY IA 56 -18.51 -69.76 -4.53
N TRP IA 57 -19.43 -70.16 -3.66
CA TRP IA 57 -19.10 -70.61 -2.31
C TRP IA 57 -19.69 -71.99 -2.09
N ASN IA 58 -19.53 -72.49 -0.86
CA ASN IA 58 -19.97 -73.84 -0.53
C ASN IA 58 -21.47 -73.98 -0.37
N PHE IA 59 -22.19 -72.89 -0.09
CA PHE IA 59 -23.63 -72.94 0.08
C PHE IA 59 -24.39 -72.44 -1.13
N ASN IA 60 -23.70 -72.18 -2.24
CA ASN IA 60 -24.36 -71.80 -3.48
C ASN IA 60 -24.32 -72.96 -4.48
N ILE IA 61 -23.15 -73.56 -4.65
CA ILE IA 61 -22.90 -74.59 -5.65
C ILE IA 61 -23.87 -75.75 -5.48
N ASN IA 62 -24.64 -76.03 -6.53
CA ASN IA 62 -25.59 -77.14 -6.55
C ASN IA 62 -25.17 -78.10 -7.66
N GLU IA 63 -24.60 -79.24 -7.26
CA GLU IA 63 -24.07 -80.17 -8.26
C GLU IA 63 -25.18 -80.79 -9.10
N ALA IA 64 -26.30 -81.15 -8.48
CA ALA IA 64 -27.39 -81.82 -9.16
C ALA IA 64 -28.54 -80.86 -9.39
N ALA IA 65 -28.98 -80.76 -10.64
CA ALA IA 65 -30.09 -79.88 -11.01
C ALA IA 65 -30.60 -80.32 -12.37
N VAL IA 66 -31.92 -80.37 -12.52
CA VAL IA 66 -32.55 -80.91 -13.72
C VAL IA 66 -33.21 -79.76 -14.47
N LEU IA 67 -32.74 -79.50 -15.69
CA LEU IA 67 -33.42 -78.57 -16.58
C LEU IA 67 -34.28 -79.34 -17.58
N THR IA 68 -35.48 -78.86 -17.81
CA THR IA 68 -36.39 -79.61 -18.68
C THR IA 68 -36.90 -78.74 -19.82
N PRO IA 69 -37.12 -79.31 -21.00
CA PRO IA 69 -37.65 -78.54 -22.12
C PRO IA 69 -39.18 -78.47 -22.06
N ASP IA 70 -39.73 -77.56 -22.86
CA ASP IA 70 -41.17 -77.43 -23.00
C ASP IA 70 -41.69 -78.50 -23.97
N VAL IA 71 -42.93 -78.33 -24.44
CA VAL IA 71 -43.59 -79.35 -25.24
C VAL IA 71 -43.81 -78.91 -26.68
N GLN IA 72 -43.91 -77.61 -26.96
CA GLN IA 72 -44.24 -77.16 -28.30
C GLN IA 72 -43.02 -77.11 -29.21
N ASP IA 73 -42.03 -76.29 -28.85
CA ASP IA 73 -40.80 -76.16 -29.62
C ASP IA 73 -39.63 -76.47 -28.69
N ASN IA 74 -38.95 -77.57 -28.95
CA ASN IA 74 -37.96 -78.09 -28.02
C ASN IA 74 -36.82 -77.09 -27.82
N ARG IA 75 -36.79 -76.45 -26.66
CA ARG IA 75 -35.79 -75.44 -26.34
C ARG IA 75 -35.79 -75.22 -24.83
N ILE IA 76 -34.78 -74.51 -24.36
CA ILE IA 76 -34.63 -74.19 -22.94
C ILE IA 76 -34.35 -72.71 -22.81
N ARG IA 77 -35.11 -72.02 -21.97
CA ARG IA 77 -34.95 -70.59 -21.81
C ARG IA 77 -33.79 -70.27 -20.88
N PHE IA 78 -33.33 -69.02 -20.94
CA PHE IA 78 -32.17 -68.54 -20.18
C PHE IA 78 -32.64 -67.37 -19.32
N LEU IA 79 -33.05 -67.67 -18.09
CA LEU IA 79 -33.55 -66.65 -17.19
C LEU IA 79 -32.42 -65.70 -16.78
N PRO IA 80 -32.75 -64.47 -16.41
CA PRO IA 80 -31.72 -63.51 -15.98
C PRO IA 80 -31.22 -63.68 -14.56
N SER IA 81 -31.69 -64.69 -13.83
CA SER IA 81 -31.20 -64.95 -12.48
C SER IA 81 -30.07 -65.97 -12.45
N TYR IA 82 -29.71 -66.56 -13.58
CA TYR IA 82 -28.60 -67.49 -13.63
C TYR IA 82 -27.28 -66.74 -13.57
N LEU IA 83 -26.27 -67.36 -12.97
CA LEU IA 83 -24.96 -66.75 -12.85
C LEU IA 83 -23.83 -67.59 -13.47
N ARG IA 84 -23.87 -68.91 -13.30
CA ARG IA 84 -22.83 -69.78 -13.85
C ARG IA 84 -23.47 -71.08 -14.30
N VAL IA 85 -22.99 -71.60 -15.43
CA VAL IA 85 -23.44 -72.90 -15.94
C VAL IA 85 -22.21 -73.71 -16.30
N MET IA 86 -22.04 -74.87 -15.66
CA MET IA 86 -20.88 -75.72 -15.89
C MET IA 86 -21.28 -77.17 -15.68
N THR IA 87 -20.45 -78.07 -16.19
CA THR IA 87 -20.59 -79.50 -15.96
C THR IA 87 -19.69 -79.90 -14.80
N ALA IA 88 -20.11 -80.92 -14.05
CA ALA IA 88 -19.44 -81.30 -12.81
C ALA IA 88 -18.00 -81.75 -13.02
N GLY IA 89 -17.78 -82.81 -13.78
CA GLY IA 89 -16.45 -83.39 -13.88
C GLY IA 89 -15.90 -83.52 -15.29
N ALA IA 90 -16.16 -82.55 -16.15
CA ALA IA 90 -15.67 -82.60 -17.53
C ALA IA 90 -15.62 -81.17 -18.06
N THR IA 91 -15.44 -81.03 -19.37
CA THR IA 91 -15.44 -79.73 -20.01
C THR IA 91 -16.81 -79.43 -20.58
N SER IA 92 -17.18 -78.14 -20.58
CA SER IA 92 -18.51 -77.72 -20.99
C SER IA 92 -18.40 -76.57 -21.98
N TYR IA 93 -19.36 -76.52 -22.91
CA TYR IA 93 -19.47 -75.44 -23.90
C TYR IA 93 -20.91 -74.95 -23.90
N TYR IA 94 -21.20 -73.99 -23.01
CA TYR IA 94 -22.54 -73.43 -22.89
C TYR IA 94 -22.48 -71.91 -22.96
N SER IA 95 -23.47 -71.32 -23.62
CA SER IA 95 -23.55 -69.88 -23.76
C SER IA 95 -24.98 -69.49 -24.09
N ASN IA 96 -25.25 -68.18 -24.05
CA ASN IA 96 -26.57 -67.63 -24.28
C ASN IA 96 -26.61 -66.97 -25.65
N MET IA 97 -27.58 -67.35 -26.47
CA MET IA 97 -27.74 -66.79 -27.81
C MET IA 97 -29.23 -66.53 -28.05
N GLY IA 98 -29.62 -65.26 -28.06
CA GLY IA 98 -31.01 -64.89 -28.28
C GLY IA 98 -31.94 -65.40 -27.21
N GLY IA 99 -31.52 -65.32 -25.95
CA GLY IA 99 -32.33 -65.77 -24.84
C GLY IA 99 -32.63 -67.25 -24.87
N TYR IA 100 -31.63 -68.06 -25.20
CA TYR IA 100 -31.79 -69.50 -25.27
C TYR IA 100 -30.45 -70.15 -24.99
N LEU IA 101 -30.49 -71.45 -24.67
CA LEU IA 101 -29.29 -72.21 -24.32
C LEU IA 101 -28.64 -72.73 -25.60
N TYR IA 102 -27.35 -72.45 -25.75
CA TYR IA 102 -26.61 -72.81 -26.95
C TYR IA 102 -25.45 -73.72 -26.60
N ASP IA 103 -25.31 -74.81 -27.35
CA ASP IA 103 -24.23 -75.78 -27.17
C ASP IA 103 -23.27 -75.65 -28.35
N LEU IA 104 -22.01 -75.32 -28.06
CA LEU IA 104 -21.05 -75.08 -29.12
C LEU IA 104 -20.62 -76.37 -29.80
N SER IA 105 -20.67 -77.49 -29.08
CA SER IA 105 -20.21 -78.75 -29.66
C SER IA 105 -21.07 -79.17 -30.84
N THR IA 106 -22.39 -79.18 -30.66
CA THR IA 106 -23.31 -79.60 -31.71
C THR IA 106 -23.83 -78.44 -32.54
N GLN IA 107 -23.58 -77.21 -32.13
CA GLN IA 107 -23.99 -76.01 -32.87
C GLN IA 107 -25.48 -76.03 -33.16
N SER IA 108 -26.27 -76.12 -32.10
CA SER IA 108 -27.72 -76.16 -32.23
C SER IA 108 -28.35 -75.81 -30.89
N THR IA 109 -29.66 -75.60 -30.92
CA THR IA 109 -30.46 -75.30 -29.73
C THR IA 109 -31.70 -76.17 -29.72
N THR IA 110 -31.53 -77.48 -29.93
CA THR IA 110 -32.64 -78.40 -30.13
C THR IA 110 -32.53 -79.56 -29.13
N PHE IA 111 -32.35 -79.21 -27.86
CA PHE IA 111 -32.37 -80.23 -26.81
C PHE IA 111 -33.72 -80.93 -26.79
N THR IA 112 -33.70 -82.25 -26.59
CA THR IA 112 -34.91 -83.05 -26.60
C THR IA 112 -35.18 -83.79 -25.30
N ASP IA 113 -34.19 -83.96 -24.44
CA ASP IA 113 -34.35 -84.68 -23.18
C ASP IA 113 -33.81 -83.82 -22.04
N PRO IA 114 -34.32 -84.01 -20.83
CA PRO IA 114 -33.83 -83.21 -19.69
C PRO IA 114 -32.35 -83.41 -19.45
N ILE IA 115 -31.68 -82.34 -19.04
CA ILE IA 115 -30.25 -82.35 -18.85
C ILE IA 115 -29.95 -82.07 -17.37
N THR IA 116 -28.82 -82.60 -16.89
CA THR IA 116 -28.36 -82.36 -15.53
C THR IA 116 -27.08 -81.55 -15.59
N VAL IA 117 -27.09 -80.38 -14.94
CA VAL IA 117 -25.96 -79.47 -14.98
C VAL IA 117 -25.62 -78.97 -13.58
N GLU IA 118 -24.68 -78.03 -13.50
CA GLU IA 118 -24.23 -77.45 -12.25
C GLU IA 118 -24.28 -75.94 -12.38
N LEU IA 119 -25.17 -75.30 -11.62
CA LEU IA 119 -25.38 -73.86 -11.74
C LEU IA 119 -25.44 -73.21 -10.36
N VAL IA 120 -25.45 -71.88 -10.37
CA VAL IA 120 -25.51 -71.06 -9.16
C VAL IA 120 -26.57 -69.99 -9.39
N GLU IA 121 -27.50 -69.87 -8.44
CA GLU IA 121 -28.58 -68.88 -8.55
C GLU IA 121 -28.31 -67.72 -7.59
N MET IA 122 -29.22 -66.76 -7.59
CA MET IA 122 -29.08 -65.53 -6.82
C MET IA 122 -30.14 -65.46 -5.73
N LYS IA 123 -29.76 -64.88 -4.59
CA LYS IA 123 -30.64 -64.76 -3.43
C LYS IA 123 -30.78 -63.29 -3.03
N PRO IA 124 -31.87 -62.93 -2.38
CA PRO IA 124 -32.04 -61.54 -1.92
C PRO IA 124 -31.05 -61.19 -0.83
N PHE IA 125 -30.86 -59.88 -0.63
CA PHE IA 125 -29.82 -59.39 0.26
C PHE IA 125 -30.05 -59.83 1.71
N SER IA 126 -31.31 -59.86 2.14
CA SER IA 126 -31.61 -60.05 3.56
C SER IA 126 -31.69 -61.52 3.94
N GLU IA 127 -31.06 -62.40 3.15
CA GLU IA 127 -31.02 -63.81 3.50
C GLU IA 127 -29.61 -64.39 3.42
N MET IA 128 -28.59 -63.61 3.77
CA MET IA 128 -27.21 -64.04 3.76
C MET IA 128 -26.62 -64.02 5.17
N PRO IA 129 -25.54 -64.76 5.41
CA PRO IA 129 -24.88 -64.69 6.71
C PRO IA 129 -24.33 -63.30 6.99
N VAL IA 130 -24.15 -63.01 8.29
CA VAL IA 130 -23.92 -61.64 8.74
C VAL IA 130 -22.61 -61.08 8.19
N VAL IA 131 -21.55 -61.88 8.24
CA VAL IA 131 -20.22 -61.40 7.85
C VAL IA 131 -20.21 -60.97 6.39
N PHE IA 132 -20.92 -61.71 5.54
CA PHE IA 132 -21.02 -61.34 4.13
C PHE IA 132 -21.69 -59.98 3.98
N ARG IA 133 -22.76 -59.74 4.72
CA ARG IA 133 -23.45 -58.47 4.65
C ARG IA 133 -22.54 -57.32 5.09
N ASP IA 134 -21.80 -57.52 6.18
CA ASP IA 134 -20.89 -56.47 6.64
C ASP IA 134 -19.80 -56.18 5.61
N TYR IA 135 -19.24 -57.24 5.02
CA TYR IA 135 -18.22 -57.07 4.00
C TYR IA 135 -18.76 -56.29 2.80
N ILE IA 136 -19.97 -56.63 2.36
CA ILE IA 136 -20.57 -55.96 1.22
C ILE IA 136 -20.80 -54.49 1.54
N VAL IA 137 -21.30 -54.20 2.75
CA VAL IA 137 -21.58 -52.81 3.11
C VAL IA 137 -20.29 -52.00 3.12
N THR IA 138 -19.22 -52.55 3.70
CA THR IA 138 -17.95 -51.82 3.72
C THR IA 138 -17.43 -51.57 2.31
N LYS IA 139 -17.51 -52.59 1.44
CA LYS IA 139 -17.04 -52.42 0.07
C LYS IA 139 -17.83 -51.34 -0.65
N ALA IA 140 -19.15 -51.31 -0.46
CA ALA IA 140 -19.95 -50.27 -1.11
C ALA IA 140 -19.62 -48.89 -0.56
N SER IA 141 -19.41 -48.79 0.76
CA SER IA 141 -19.13 -47.50 1.37
C SER IA 141 -17.83 -46.91 0.84
N ARG IA 142 -16.81 -47.75 0.64
CA ARG IA 142 -15.55 -47.23 0.10
C ARG IA 142 -15.76 -46.54 -1.24
N GLU IA 143 -16.44 -47.20 -2.17
CA GLU IA 143 -16.67 -46.63 -3.49
C GLU IA 143 -17.54 -45.38 -3.41
N PHE IA 144 -18.58 -45.41 -2.55
CA PHE IA 144 -19.45 -44.26 -2.43
C PHE IA 144 -18.68 -43.03 -1.95
N ASN IA 145 -17.81 -43.22 -0.96
CA ASN IA 145 -16.98 -42.11 -0.51
C ASN IA 145 -16.03 -41.64 -1.60
N ALA IA 146 -15.43 -42.58 -2.33
CA ALA IA 146 -14.43 -42.21 -3.31
C ALA IA 146 -15.02 -41.41 -4.47
N LYS IA 147 -16.21 -41.77 -4.94
CA LYS IA 147 -16.74 -41.21 -6.18
C LYS IA 147 -17.39 -39.84 -6.02
N PHE IA 148 -17.74 -39.42 -4.80
CA PHE IA 148 -18.54 -38.20 -4.66
C PHE IA 148 -17.94 -37.17 -3.72
N PHE IA 149 -17.30 -37.62 -2.64
CA PHE IA 149 -16.78 -36.71 -1.63
C PHE IA 149 -15.44 -37.25 -1.15
N GLY IA 150 -14.36 -36.76 -1.75
CA GLY IA 150 -13.04 -37.30 -1.48
C GLY IA 150 -12.42 -36.86 -0.17
N SER IA 151 -12.98 -37.30 0.94
CA SER IA 151 -12.38 -36.98 2.22
C SER IA 151 -11.11 -37.81 2.42
N PRO IA 152 -10.05 -37.23 2.99
CA PRO IA 152 -8.81 -37.98 3.21
C PRO IA 152 -8.73 -38.69 4.55
N GLU IA 153 -9.69 -38.49 5.45
CA GLU IA 153 -9.68 -39.16 6.75
C GLU IA 153 -10.74 -40.23 6.87
N SER IA 154 -11.83 -40.16 6.11
CA SER IA 154 -12.80 -41.26 6.10
C SER IA 154 -12.18 -42.51 5.47
N GLU IA 155 -11.23 -42.32 4.55
CA GLU IA 155 -10.44 -43.43 4.04
C GLU IA 155 -9.38 -43.79 5.06
N LEU IA 156 -8.43 -44.65 4.66
CA LEU IA 156 -7.29 -45.03 5.50
C LEU IA 156 -7.77 -45.84 6.69
N TYR IA 157 -9.08 -46.02 6.82
CA TYR IA 157 -9.67 -46.79 7.89
C TYR IA 157 -10.58 -47.88 7.35
N LEU IA 158 -11.32 -47.57 6.28
CA LEU IA 158 -12.17 -48.56 5.65
C LEU IA 158 -11.34 -49.70 5.06
N ARG IA 159 -10.14 -49.40 4.57
CA ARG IA 159 -9.24 -50.44 4.09
C ARG IA 159 -8.85 -51.39 5.22
N GLU IA 160 -8.53 -50.82 6.39
CA GLU IA 160 -8.15 -51.62 7.54
C GLU IA 160 -9.30 -52.52 7.97
N GLN IA 161 -10.52 -52.00 7.96
CA GLN IA 161 -11.67 -52.84 8.28
C GLN IA 161 -11.88 -53.91 7.22
N GLU IA 162 -11.70 -53.56 5.95
CA GLU IA 162 -11.97 -54.48 4.86
C GLU IA 162 -11.06 -55.70 4.91
N ALA IA 163 -9.78 -55.47 5.21
CA ALA IA 163 -8.85 -56.61 5.30
C ALA IA 163 -9.28 -57.58 6.41
N GLU IA 164 -9.64 -57.04 7.57
CA GLU IA 164 -10.06 -57.87 8.69
C GLU IA 164 -11.33 -58.65 8.35
N LEU IA 165 -12.29 -58.01 7.69
CA LEU IA 165 -13.50 -58.70 7.30
C LEU IA 165 -13.23 -59.80 6.28
N TYR IA 166 -12.34 -59.54 5.33
CA TYR IA 166 -11.96 -60.55 4.35
C TYR IA 166 -11.38 -61.78 5.03
N GLN IA 167 -10.48 -61.56 5.99
CA GLN IA 167 -9.94 -62.70 6.74
C GLN IA 167 -11.07 -63.52 7.37
N GLN IA 168 -11.96 -62.84 8.12
CA GLN IA 168 -13.02 -63.55 8.82
C GLN IA 168 -13.89 -64.35 7.87
N VAL IA 169 -14.20 -63.79 6.70
CA VAL IA 169 -14.94 -64.54 5.69
C VAL IA 169 -14.19 -65.81 5.32
N MET IA 170 -12.86 -65.70 5.20
CA MET IA 170 -12.08 -66.90 4.86
C MET IA 170 -12.20 -67.99 5.92
N GLU IA 171 -11.95 -67.67 7.20
CA GLU IA 171 -12.01 -68.78 8.16
C GLU IA 171 -13.44 -69.22 8.41
N TYR IA 172 -14.43 -68.38 8.07
CA TYR IA 172 -15.81 -68.87 8.08
C TYR IA 172 -16.01 -69.93 6.99
N GLU IA 173 -15.48 -69.68 5.79
CA GLU IA 173 -15.62 -70.66 4.72
C GLU IA 173 -14.91 -71.96 5.07
N MET IA 174 -13.71 -71.87 5.65
CA MET IA 174 -12.91 -73.07 5.87
C MET IA 174 -13.51 -74.02 6.89
N ASP IA 175 -14.52 -73.60 7.66
CA ASP IA 175 -15.09 -74.43 8.71
C ASP IA 175 -16.32 -75.22 8.27
N THR IA 176 -17.07 -74.72 7.28
CA THR IA 176 -18.26 -75.44 6.83
C THR IA 176 -17.89 -76.78 6.19
N GLY IA 177 -16.82 -76.80 5.40
CA GLY IA 177 -16.32 -78.01 4.80
C GLY IA 177 -15.08 -78.50 5.54
N ARG IA 178 -14.89 -79.82 5.54
CA ARG IA 178 -13.76 -80.41 6.26
C ARG IA 178 -12.55 -80.58 5.35
N TYR IA 179 -12.76 -81.14 4.15
CA TYR IA 179 -11.72 -81.31 3.16
C TYR IA 179 -10.54 -82.12 3.68
N ASN IA 180 -10.75 -83.39 3.99
CA ASN IA 180 -9.70 -84.28 4.47
C ASN IA 180 -9.01 -84.91 3.27
N MET IA 181 -7.72 -84.66 3.12
CA MET IA 181 -6.98 -85.15 1.97
C MET IA 181 -6.83 -86.67 2.02
N MET IA 182 -6.63 -87.23 3.20
CA MET IA 182 -6.44 -88.67 3.36
C MET IA 182 -7.75 -89.45 3.32
N SER IA 183 -8.52 -89.30 2.25
CA SER IA 183 -9.78 -90.00 2.09
C SER IA 183 -9.72 -90.89 0.85
N ASP IA 184 -10.56 -91.94 0.85
CA ASP IA 184 -10.57 -92.94 -0.21
C ASP IA 184 -9.19 -93.57 -0.40
N ILE IA 185 -8.51 -93.85 0.72
CA ILE IA 185 -7.21 -94.52 0.70
C ILE IA 185 -7.23 -95.58 1.79
N GLY IA 186 -6.94 -96.82 1.42
CA GLY IA 186 -6.86 -97.87 2.41
C GLY IA 186 -6.48 -99.24 1.89
N ARG IA 187 -5.50 -99.86 2.53
CA ARG IA 187 -5.07 -101.23 2.24
C ARG IA 187 -4.04 -101.68 3.26
N ASP IA 188 -3.68 -102.96 3.25
CA ASP IA 188 -2.71 -103.48 4.20
C ASP IA 188 -1.46 -103.99 3.49
N ALA JA 2 13.18 -33.59 -56.79
CA ALA JA 2 14.03 -32.46 -56.39
C ALA JA 2 15.29 -32.95 -55.70
N GLN JA 3 16.33 -32.12 -55.74
CA GLN JA 3 17.60 -32.45 -55.11
C GLN JA 3 18.39 -31.19 -54.80
N TYR JA 4 18.75 -30.99 -53.52
CA TYR JA 4 19.48 -29.80 -53.12
C TYR JA 4 20.82 -29.69 -53.84
N ILE JA 5 20.97 -28.63 -54.65
CA ILE JA 5 22.21 -28.36 -55.35
C ILE JA 5 22.87 -27.15 -54.69
N PRO JA 6 23.99 -27.31 -54.00
CA PRO JA 6 24.62 -26.15 -53.34
C PRO JA 6 25.05 -25.10 -54.34
N LEU JA 7 25.03 -23.85 -53.91
CA LEU JA 7 25.31 -22.71 -54.76
C LEU JA 7 26.57 -22.01 -54.27
N ASN JA 8 27.69 -22.20 -54.97
CA ASN JA 8 28.96 -21.57 -54.65
C ASN JA 8 29.40 -21.88 -53.22
N ALA JA 9 29.70 -23.14 -52.95
CA ALA JA 9 29.99 -23.60 -51.59
C ALA JA 9 31.50 -23.77 -51.40
N ASN JA 10 31.97 -23.37 -50.23
CA ASN JA 10 33.35 -23.57 -49.81
C ASN JA 10 33.36 -24.17 -48.41
N ASP JA 11 34.33 -25.06 -48.16
CA ASP JA 11 34.33 -25.81 -46.91
C ASP JA 11 34.53 -24.90 -45.70
N ASP JA 12 35.43 -23.93 -45.81
CA ASP JA 12 35.69 -23.04 -44.69
C ASP JA 12 34.45 -22.21 -44.33
N LEU JA 13 33.77 -21.69 -45.34
CA LEU JA 13 32.56 -20.93 -45.10
C LEU JA 13 31.49 -21.80 -44.46
N ASP JA 14 31.35 -23.04 -44.92
CA ASP JA 14 30.38 -23.95 -44.31
C ASP JA 14 30.72 -24.24 -42.86
N ALA JA 15 32.00 -24.44 -42.55
CA ALA JA 15 32.42 -24.70 -41.18
C ALA JA 15 32.09 -23.50 -40.28
N ILE JA 16 32.40 -22.29 -40.75
CA ILE JA 16 32.09 -21.11 -39.96
C ILE JA 16 30.59 -20.98 -39.75
N ASN JA 17 29.81 -21.22 -40.79
CA ASN JA 17 28.36 -21.13 -40.66
C ASN JA 17 27.82 -22.14 -39.67
N ASP JA 18 28.36 -23.36 -39.69
CA ASP JA 18 27.93 -24.38 -38.73
C ASP JA 18 28.29 -23.98 -37.31
N MET JA 19 29.47 -23.39 -37.12
CA MET JA 19 29.82 -22.90 -35.79
C MET JA 19 28.90 -21.78 -35.35
N LEU JA 20 28.45 -20.93 -36.27
CA LEU JA 20 27.54 -19.85 -35.91
C LEU JA 20 26.15 -20.35 -35.55
N ALA JA 21 25.74 -21.49 -36.11
CA ALA JA 21 24.37 -21.96 -35.91
C ALA JA 21 24.13 -22.41 -34.49
N ALA JA 22 25.19 -22.72 -33.74
CA ALA JA 22 25.03 -23.17 -32.36
C ALA JA 22 24.38 -22.08 -31.51
N ILE JA 23 24.78 -20.83 -31.72
CA ILE JA 23 24.19 -19.72 -30.97
C ILE JA 23 22.76 -19.48 -31.42
N GLY JA 24 22.51 -19.55 -32.73
CA GLY JA 24 21.18 -19.31 -33.25
C GLY JA 24 21.09 -18.11 -34.17
N GLU JA 25 22.17 -17.81 -34.88
CA GLU JA 25 22.25 -16.71 -35.82
C GLU JA 25 22.21 -17.23 -37.25
N PRO JA 26 21.75 -16.42 -38.20
CA PRO JA 26 21.71 -16.86 -39.60
C PRO JA 26 23.09 -16.93 -40.23
N ALA JA 27 23.15 -17.30 -41.51
CA ALA JA 27 24.41 -17.50 -42.20
C ALA JA 27 24.92 -16.19 -42.79
N VAL JA 28 26.09 -16.26 -43.41
CA VAL JA 28 26.72 -15.11 -44.06
C VAL JA 28 27.09 -15.52 -45.49
N LEU JA 29 27.59 -14.55 -46.24
CA LEU JA 29 27.92 -14.76 -47.64
C LEU JA 29 29.39 -14.55 -47.97
N GLN JA 30 30.15 -13.92 -47.08
CA GLN JA 30 31.56 -13.63 -47.34
C GLN JA 30 32.26 -13.36 -46.02
N LEU JA 31 33.58 -13.43 -46.04
CA LEU JA 31 34.40 -13.35 -44.83
C LEU JA 31 35.27 -12.10 -44.75
N ASP JA 32 35.37 -11.33 -45.83
CA ASP JA 32 36.23 -10.15 -45.80
C ASP JA 32 35.70 -9.09 -44.84
N GLU JA 33 34.39 -8.88 -44.83
CA GLU JA 33 33.76 -7.93 -43.91
C GLU JA 33 32.86 -8.70 -42.95
N GLY JA 34 33.04 -8.45 -41.65
CA GLY JA 34 32.23 -9.14 -40.66
C GLY JA 34 32.42 -8.51 -39.29
N ASN JA 35 31.50 -8.88 -38.40
CA ASN JA 35 31.55 -8.42 -37.02
C ASN JA 35 32.52 -9.24 -36.18
N ALA JA 36 32.46 -9.11 -34.87
CA ALA JA 36 33.43 -9.72 -33.98
C ALA JA 36 33.35 -11.24 -33.94
N ASP JA 37 32.16 -11.81 -34.06
CA ASP JA 37 32.00 -13.26 -33.90
C ASP JA 37 32.77 -14.03 -34.97
N VAL JA 38 32.68 -13.56 -36.22
CA VAL JA 38 33.36 -14.19 -37.33
C VAL JA 38 34.87 -14.10 -37.10
N SER JA 39 35.29 -13.07 -36.37
CA SER JA 39 36.68 -12.91 -36.00
C SER JA 39 37.07 -13.67 -34.74
N ASN JA 40 36.11 -14.23 -34.01
CA ASN JA 40 36.41 -15.03 -32.83
C ASN JA 40 36.35 -16.53 -33.09
N ALA JA 41 35.62 -16.97 -34.12
CA ALA JA 41 35.52 -18.39 -34.42
C ALA JA 41 36.79 -18.96 -35.07
N GLN JA 42 37.46 -18.17 -35.92
CA GLN JA 42 38.58 -18.68 -36.68
C GLN JA 42 39.74 -19.10 -35.80
N ARG JA 43 40.03 -18.32 -34.75
CA ARG JA 43 41.12 -18.66 -33.84
C ARG JA 43 40.89 -20.02 -33.20
N ILE JA 44 39.69 -20.26 -32.68
CA ILE JA 44 39.36 -21.53 -32.05
C ILE JA 44 39.45 -22.66 -33.06
N LEU JA 45 38.92 -22.44 -34.27
CA LEU JA 45 38.97 -23.50 -35.27
C LEU JA 45 40.41 -23.89 -35.59
N HIS JA 46 41.28 -22.90 -35.79
CA HIS JA 46 42.67 -23.19 -36.13
C HIS JA 46 43.36 -23.93 -34.99
N ARG JA 47 43.15 -23.47 -33.75
CA ARG JA 47 43.80 -24.12 -32.61
C ARG JA 47 43.35 -25.57 -32.47
N VAL JA 48 42.05 -25.83 -32.60
CA VAL JA 48 41.55 -27.19 -32.46
C VAL JA 48 42.07 -28.08 -33.57
N ASN JA 49 42.14 -27.55 -34.79
CA ASN JA 49 42.70 -28.33 -35.90
C ASN JA 49 44.14 -28.73 -35.61
N ARG JA 50 44.96 -27.77 -35.20
CA ARG JA 50 46.36 -28.08 -34.91
C ARG JA 50 46.49 -29.08 -33.77
N GLN JA 51 45.61 -28.97 -32.77
CA GLN JA 51 45.61 -29.93 -31.67
C GLN JA 51 45.32 -31.34 -32.16
N VAL JA 52 44.24 -31.50 -32.94
CA VAL JA 52 43.79 -32.84 -33.32
C VAL JA 52 44.80 -33.50 -34.26
N GLN JA 53 45.35 -32.73 -35.21
CA GLN JA 53 46.25 -33.35 -36.18
C GLN JA 53 47.54 -33.87 -35.54
N ALA JA 54 47.87 -33.43 -34.34
CA ALA JA 54 49.17 -33.75 -33.74
C ALA JA 54 49.22 -35.08 -33.02
N LYS JA 55 48.07 -35.76 -32.87
CA LYS JA 55 48.07 -37.03 -32.14
C LYS JA 55 48.86 -38.10 -32.87
N GLY JA 56 48.80 -38.14 -34.19
CA GLY JA 56 49.53 -39.14 -34.95
C GLY JA 56 48.67 -40.31 -35.34
N TRP JA 57 48.39 -40.45 -36.64
CA TRP JA 57 47.52 -41.50 -37.15
C TRP JA 57 48.28 -42.30 -38.21
N ASN JA 58 47.62 -43.34 -38.72
CA ASN JA 58 48.28 -44.24 -39.66
C ASN JA 58 48.59 -43.57 -41.00
N PHE JA 59 47.87 -42.52 -41.37
CA PHE JA 59 48.07 -41.86 -42.64
C PHE JA 59 48.89 -40.58 -42.55
N ASN JA 60 49.50 -40.32 -41.40
CA ASN JA 60 50.39 -39.17 -41.23
C ASN JA 60 51.83 -39.59 -41.04
N ILE JA 61 52.10 -40.57 -40.17
CA ILE JA 61 53.46 -40.92 -39.77
C ILE JA 61 54.26 -41.42 -40.96
N ASN JA 62 55.30 -40.68 -41.31
CA ASN JA 62 56.24 -41.07 -42.35
C ASN JA 62 57.47 -41.71 -41.70
N GLU JA 63 58.05 -42.68 -42.41
CA GLU JA 63 59.11 -43.49 -41.82
C GLU JA 63 60.46 -43.39 -42.52
N ALA JA 64 60.55 -42.69 -43.66
CA ALA JA 64 61.80 -42.68 -44.41
C ALA JA 64 62.15 -41.29 -44.91
N ALA JA 65 61.78 -40.25 -44.18
CA ALA JA 65 62.09 -38.90 -44.60
C ALA JA 65 63.58 -38.63 -44.49
N VAL JA 66 64.07 -37.68 -45.28
CA VAL JA 66 65.48 -37.33 -45.34
C VAL JA 66 65.62 -35.83 -45.16
N LEU JA 67 66.54 -35.41 -44.30
CA LEU JA 67 66.86 -34.00 -44.09
C LEU JA 67 68.31 -33.76 -44.47
N THR JA 68 68.57 -32.62 -45.14
CA THR JA 68 69.92 -32.35 -45.60
C THR JA 68 70.37 -30.95 -45.20
N PRO JA 69 71.65 -30.76 -44.91
CA PRO JA 69 72.15 -29.42 -44.57
C PRO JA 69 72.59 -28.66 -45.81
N ASP JA 70 72.61 -27.34 -45.68
CA ASP JA 70 73.03 -26.50 -46.79
C ASP JA 70 74.55 -26.43 -46.86
N VAL JA 71 75.06 -25.93 -48.00
CA VAL JA 71 76.48 -26.00 -48.29
C VAL JA 71 77.27 -25.04 -47.40
N GLN JA 72 76.79 -23.81 -47.26
CA GLN JA 72 77.57 -22.76 -46.59
C GLN JA 72 77.88 -23.08 -45.14
N ASP JA 73 76.84 -23.14 -44.30
CA ASP JA 73 77.05 -23.47 -42.90
C ASP JA 73 76.34 -24.78 -42.56
N ASN JA 74 77.08 -25.71 -41.97
CA ASN JA 74 76.58 -27.07 -41.76
C ASN JA 74 75.57 -27.05 -40.61
N ARG JA 75 74.35 -26.63 -40.96
CA ARG JA 75 73.25 -26.59 -40.00
C ARG JA 75 71.96 -26.97 -40.72
N ILE JA 76 70.97 -27.40 -39.94
CA ILE JA 76 69.67 -27.79 -40.45
C ILE JA 76 68.62 -26.90 -39.82
N ARG JA 77 67.77 -26.30 -40.65
CA ARG JA 77 66.77 -25.36 -40.17
C ARG JA 77 65.55 -26.08 -39.62
N PHE JA 78 64.80 -25.38 -38.78
CA PHE JA 78 63.63 -25.93 -38.09
C PHE JA 78 62.40 -25.14 -38.53
N LEU JA 79 61.69 -25.67 -39.53
CA LEU JA 79 60.52 -24.99 -40.06
C LEU JA 79 59.40 -25.00 -39.02
N PRO JA 80 58.47 -24.04 -39.10
CA PRO JA 80 57.35 -24.00 -38.16
C PRO JA 80 56.18 -24.91 -38.50
N SER JA 81 56.31 -25.77 -39.51
CA SER JA 81 55.27 -26.73 -39.85
C SER JA 81 55.55 -28.12 -39.31
N TYR JA 82 56.64 -28.30 -38.56
CA TYR JA 82 56.95 -29.59 -37.97
C TYR JA 82 56.17 -29.77 -36.68
N LEU JA 83 55.74 -31.01 -36.42
CA LEU JA 83 54.96 -31.31 -35.24
C LEU JA 83 55.60 -32.34 -34.31
N ARG JA 84 56.40 -33.27 -34.83
CA ARG JA 84 57.00 -34.30 -34.01
C ARG JA 84 58.25 -34.80 -34.72
N VAL JA 85 59.35 -34.96 -33.99
CA VAL JA 85 60.59 -35.52 -34.53
C VAL JA 85 61.08 -36.60 -33.60
N MET JA 86 61.17 -37.83 -34.10
CA MET JA 86 61.62 -38.97 -33.32
C MET JA 86 62.40 -39.91 -34.22
N THR JA 87 63.10 -40.86 -33.59
CA THR JA 87 63.78 -41.93 -34.30
C THR JA 87 62.85 -43.15 -34.36
N ALA JA 88 63.03 -43.98 -35.38
CA ALA JA 88 62.10 -45.09 -35.63
C ALA JA 88 62.09 -46.11 -34.49
N GLY JA 89 63.23 -46.76 -34.25
CA GLY JA 89 63.26 -47.84 -33.29
C GLY JA 89 64.29 -47.72 -32.19
N ALA JA 90 64.50 -46.52 -31.67
CA ALA JA 90 65.48 -46.30 -30.60
C ALA JA 90 65.13 -45.01 -29.88
N THR JA 91 65.89 -44.71 -28.84
CA THR JA 91 65.71 -43.47 -28.10
C THR JA 91 66.36 -42.32 -28.86
N SER JA 92 65.71 -41.15 -28.81
CA SER JA 92 66.16 -39.99 -29.56
C SER JA 92 66.12 -38.75 -28.67
N TYR JA 93 67.03 -37.81 -28.93
CA TYR JA 93 67.07 -36.52 -28.24
C TYR JA 93 67.17 -35.43 -29.31
N TYR JA 94 66.05 -34.77 -29.59
CA TYR JA 94 66.02 -33.68 -30.56
C TYR JA 94 65.17 -32.55 -30.00
N SER JA 95 65.61 -31.32 -30.25
CA SER JA 95 64.90 -30.15 -29.74
C SER JA 95 65.29 -28.94 -30.57
N ASN JA 96 64.56 -27.84 -30.34
CA ASN JA 96 64.76 -26.60 -31.07
C ASN JA 96 65.50 -25.61 -30.18
N MET JA 97 66.59 -25.05 -30.69
CA MET JA 97 67.37 -24.04 -29.97
C MET JA 97 67.81 -22.98 -30.97
N GLY JA 98 67.20 -21.81 -30.90
CA GLY JA 98 67.58 -20.72 -31.78
C GLY JA 98 67.13 -20.87 -33.22
N GLY JA 99 66.11 -21.70 -33.48
CA GLY JA 99 65.61 -21.92 -34.81
C GLY JA 99 66.28 -23.04 -35.57
N TYR JA 100 67.30 -23.66 -35.01
CA TYR JA 100 68.01 -24.75 -35.64
C TYR JA 100 67.76 -26.05 -34.88
N LEU JA 101 68.41 -27.12 -35.33
CA LEU JA 101 68.26 -28.44 -34.73
C LEU JA 101 69.37 -28.69 -33.74
N TYR JA 102 69.00 -29.24 -32.58
CA TYR JA 102 69.93 -29.47 -31.48
C TYR JA 102 69.87 -30.92 -31.05
N ASP JA 103 71.03 -31.53 -30.84
CA ASP JA 103 71.14 -32.92 -30.43
C ASP JA 103 71.74 -32.91 -29.02
N LEU JA 104 70.93 -33.34 -28.04
CA LEU JA 104 71.37 -33.28 -26.64
C LEU JA 104 72.49 -34.29 -26.35
N SER JA 105 72.54 -35.39 -27.09
CA SER JA 105 73.53 -36.42 -26.82
C SER JA 105 74.94 -35.90 -27.03
N THR JA 106 75.17 -35.14 -28.10
CA THR JA 106 76.49 -34.62 -28.42
C THR JA 106 76.66 -33.15 -28.06
N GLN JA 107 75.59 -32.47 -27.67
CA GLN JA 107 75.64 -31.07 -27.25
C GLN JA 107 76.28 -30.19 -28.33
N SER JA 108 75.70 -30.25 -29.52
CA SER JA 108 76.19 -29.47 -30.65
C SER JA 108 75.06 -29.31 -31.66
N THR JA 109 75.29 -28.42 -32.62
CA THR JA 109 74.29 -28.12 -33.65
C THR JA 109 74.95 -28.06 -35.02
N THR JA 110 75.92 -28.95 -35.26
CA THR JA 110 76.67 -28.98 -36.52
C THR JA 110 76.59 -30.39 -37.12
N PHE JA 111 75.64 -30.58 -38.02
CA PHE JA 111 75.52 -31.85 -38.74
C PHE JA 111 76.30 -31.79 -40.04
N THR JA 112 76.86 -32.94 -40.43
CA THR JA 112 77.71 -33.04 -41.61
C THR JA 112 77.08 -33.81 -42.76
N ASP JA 113 76.27 -34.83 -42.46
CA ASP JA 113 75.68 -35.70 -43.46
C ASP JA 113 74.18 -35.81 -43.27
N PRO JA 114 73.43 -36.15 -44.32
CA PRO JA 114 71.97 -36.21 -44.19
C PRO JA 114 71.51 -37.24 -43.16
N ILE JA 115 70.37 -36.96 -42.55
CA ILE JA 115 69.81 -37.75 -41.46
C ILE JA 115 68.42 -38.25 -41.86
N THR JA 116 68.10 -39.46 -41.42
CA THR JA 116 66.80 -40.06 -41.68
C THR JA 116 66.04 -40.22 -40.36
N VAL JA 117 64.88 -39.58 -40.27
CA VAL JA 117 64.05 -39.64 -39.07
C VAL JA 117 62.59 -39.83 -39.47
N GLU JA 118 61.69 -39.80 -38.48
CA GLU JA 118 60.27 -39.81 -38.73
C GLU JA 118 59.70 -38.48 -38.25
N LEU JA 119 58.66 -37.99 -38.94
CA LEU JA 119 58.02 -36.75 -38.54
C LEU JA 119 56.59 -36.71 -39.06
N VAL JA 120 55.83 -35.76 -38.53
CA VAL JA 120 54.43 -35.56 -38.87
C VAL JA 120 54.27 -34.10 -39.30
N GLU JA 121 53.74 -33.88 -40.50
CA GLU JA 121 53.59 -32.53 -41.03
C GLU JA 121 52.13 -32.10 -41.02
N MET JA 122 51.93 -30.79 -41.02
CA MET JA 122 50.60 -30.22 -40.99
C MET JA 122 49.98 -30.22 -42.39
N LYS JA 123 48.66 -30.37 -42.44
CA LYS JA 123 47.93 -30.45 -43.69
C LYS JA 123 46.77 -29.47 -43.68
N PRO JA 124 46.43 -28.89 -44.83
CA PRO JA 124 45.30 -27.95 -44.89
C PRO JA 124 44.00 -28.61 -44.47
N PHE JA 125 43.11 -27.79 -43.91
CA PHE JA 125 41.87 -28.33 -43.32
C PHE JA 125 40.99 -29.01 -44.36
N SER JA 126 41.00 -28.52 -45.60
CA SER JA 126 40.06 -29.00 -46.60
C SER JA 126 40.60 -30.22 -47.35
N GLU JA 127 41.50 -30.98 -46.73
CA GLU JA 127 42.04 -32.18 -47.35
C GLU JA 127 42.04 -33.38 -46.42
N MET JA 128 41.28 -33.34 -45.34
CA MET JA 128 41.16 -34.44 -44.40
C MET JA 128 39.91 -35.25 -44.69
N PRO JA 129 39.84 -36.49 -44.22
CA PRO JA 129 38.61 -37.27 -44.37
C PRO JA 129 37.45 -36.65 -43.60
N VAL JA 130 36.24 -37.09 -43.95
CA VAL JA 130 35.02 -36.37 -43.54
C VAL JA 130 34.82 -36.46 -42.04
N VAL JA 131 34.97 -37.66 -41.47
CA VAL JA 131 34.65 -37.87 -40.06
C VAL JA 131 35.53 -37.00 -39.17
N PHE JA 132 36.80 -36.84 -39.55
CA PHE JA 132 37.70 -35.96 -38.79
C PHE JA 132 37.17 -34.53 -38.82
N ARG JA 133 36.72 -34.07 -39.98
CA ARG JA 133 36.21 -32.71 -40.09
C ARG JA 133 34.99 -32.52 -39.21
N ASP JA 134 34.06 -33.49 -39.21
CA ASP JA 134 32.87 -33.37 -38.36
C ASP JA 134 33.25 -33.34 -36.89
N TYR JA 135 34.18 -34.21 -36.47
CA TYR JA 135 34.60 -34.25 -35.08
C TYR JA 135 35.22 -32.92 -34.67
N ILE JA 136 36.07 -32.36 -35.53
CA ILE JA 136 36.71 -31.07 -35.24
C ILE JA 136 35.67 -29.97 -35.12
N VAL JA 137 34.68 -29.97 -36.03
CA VAL JA 137 33.66 -28.92 -36.00
C VAL JA 137 32.85 -29.00 -34.71
N THR JA 138 32.48 -30.21 -34.28
CA THR JA 138 31.74 -30.34 -33.04
C THR JA 138 32.56 -29.86 -31.84
N LYS JA 139 33.84 -30.24 -31.81
CA LYS JA 139 34.69 -29.81 -30.71
C LYS JA 139 34.81 -28.28 -30.66
N ALA JA 140 34.94 -27.65 -31.82
CA ALA JA 140 35.03 -26.20 -31.86
C ALA JA 140 33.71 -25.55 -31.44
N SER JA 141 32.59 -26.15 -31.82
CA SER JA 141 31.29 -25.61 -31.44
C SER JA 141 31.10 -25.61 -29.93
N ARG JA 142 31.56 -26.69 -29.27
CA ARG JA 142 31.47 -26.70 -27.81
C ARG JA 142 32.27 -25.56 -27.19
N GLU JA 143 33.49 -25.33 -27.68
CA GLU JA 143 34.29 -24.19 -27.24
C GLU JA 143 33.51 -22.88 -27.39
N PHE JA 144 32.99 -22.65 -28.59
CA PHE JA 144 32.33 -21.37 -28.89
C PHE JA 144 31.12 -21.16 -27.99
N ASN JA 145 30.31 -22.21 -27.80
CA ASN JA 145 29.15 -22.08 -26.93
C ASN JA 145 29.56 -21.81 -25.48
N ALA JA 146 30.58 -22.52 -25.00
CA ALA JA 146 30.96 -22.40 -23.59
C ALA JA 146 31.52 -21.02 -23.27
N LYS JA 147 32.34 -20.48 -24.17
CA LYS JA 147 33.09 -19.27 -23.82
C LYS JA 147 32.20 -18.03 -23.73
N PHE JA 148 31.31 -17.83 -24.72
CA PHE JA 148 30.63 -16.55 -24.87
C PHE JA 148 29.17 -16.57 -24.43
N PHE JA 149 28.36 -17.47 -24.98
CA PHE JA 149 26.92 -17.48 -24.71
C PHE JA 149 26.57 -18.82 -24.08
N GLY JA 150 26.40 -18.83 -22.76
CA GLY JA 150 26.14 -20.07 -22.05
C GLY JA 150 24.68 -20.48 -22.01
N SER JA 151 24.32 -21.45 -22.84
CA SER JA 151 22.95 -21.94 -22.87
C SER JA 151 22.87 -23.36 -22.36
N PRO JA 152 21.82 -23.73 -21.62
CA PRO JA 152 21.72 -25.09 -21.07
C PRO JA 152 21.09 -26.11 -21.99
N GLU JA 153 20.33 -25.70 -23.02
CA GLU JA 153 19.75 -26.64 -23.95
C GLU JA 153 20.62 -26.93 -25.17
N SER JA 154 21.45 -25.98 -25.59
CA SER JA 154 22.35 -26.24 -26.71
C SER JA 154 23.40 -27.27 -26.34
N GLU JA 155 23.83 -27.28 -25.08
CA GLU JA 155 24.72 -28.32 -24.58
C GLU JA 155 23.86 -29.52 -24.20
N LEU JA 156 24.44 -30.53 -23.53
CA LEU JA 156 23.73 -31.73 -23.11
C LEU JA 156 23.34 -32.57 -24.32
N TYR JA 157 23.65 -32.07 -25.52
CA TYR JA 157 23.43 -32.77 -26.77
C TYR JA 157 24.72 -32.90 -27.58
N LEU JA 158 25.53 -31.84 -27.55
CA LEU JA 158 26.83 -31.88 -28.19
C LEU JA 158 27.72 -32.95 -27.57
N ARG JA 159 27.52 -33.25 -26.29
CA ARG JA 159 28.28 -34.32 -25.64
C ARG JA 159 27.97 -35.67 -26.28
N GLU JA 160 26.68 -35.96 -26.46
CA GLU JA 160 26.29 -37.21 -27.11
C GLU JA 160 26.83 -37.28 -28.52
N GLN JA 161 26.70 -36.18 -29.27
CA GLN JA 161 27.19 -36.18 -30.65
C GLN JA 161 28.70 -36.39 -30.70
N GLU JA 162 29.44 -35.77 -29.76
CA GLU JA 162 30.88 -35.92 -29.71
C GLU JA 162 31.27 -37.36 -29.42
N ALA JA 163 30.61 -38.00 -28.45
CA ALA JA 163 30.92 -39.40 -28.16
C ALA JA 163 30.62 -40.30 -29.37
N GLU JA 164 29.49 -40.05 -30.03
CA GLU JA 164 29.12 -40.85 -31.19
C GLU JA 164 30.13 -40.70 -32.31
N LEU JA 165 30.63 -39.48 -32.53
CA LEU JA 165 31.65 -39.28 -33.56
C LEU JA 165 32.99 -39.91 -33.17
N TYR JA 166 33.33 -39.85 -31.87
CA TYR JA 166 34.59 -40.41 -31.40
C TYR JA 166 34.63 -41.92 -31.64
N GLN JA 167 33.52 -42.60 -31.36
CA GLN JA 167 33.44 -44.03 -31.61
C GLN JA 167 33.70 -44.35 -33.09
N GLN JA 168 33.07 -43.59 -33.98
CA GLN JA 168 33.22 -43.84 -35.41
C GLN JA 168 34.64 -43.54 -35.87
N VAL JA 169 35.29 -42.53 -35.28
CA VAL JA 169 36.67 -42.24 -35.63
C VAL JA 169 37.58 -43.40 -35.28
N MET JA 170 37.43 -43.95 -34.07
CA MET JA 170 38.22 -45.12 -33.72
C MET JA 170 37.92 -46.30 -34.64
N GLU JA 171 36.64 -46.53 -34.95
CA GLU JA 171 36.29 -47.68 -35.78
C GLU JA 171 36.91 -47.53 -37.17
N TYR JA 172 36.91 -46.32 -37.72
CA TYR JA 172 37.60 -46.07 -38.98
C TYR JA 172 39.10 -46.33 -38.86
N GLU JA 173 39.71 -45.86 -37.77
CA GLU JA 173 41.16 -45.99 -37.62
C GLU JA 173 41.57 -47.45 -37.58
N MET JA 174 40.84 -48.28 -36.83
CA MET JA 174 41.24 -49.67 -36.68
C MET JA 174 41.09 -50.48 -37.96
N ASP JA 175 40.44 -49.94 -38.99
CA ASP JA 175 40.21 -50.66 -40.23
C ASP JA 175 41.30 -50.43 -41.26
N THR JA 176 41.95 -49.26 -41.24
CA THR JA 176 42.98 -48.95 -42.23
C THR JA 176 44.13 -49.94 -42.15
N GLY JA 177 44.56 -50.28 -40.93
CA GLY JA 177 45.62 -51.26 -40.71
C GLY JA 177 45.03 -52.58 -40.28
N ARG JA 178 45.75 -53.67 -40.57
CA ARG JA 178 45.27 -55.00 -40.21
C ARG JA 178 45.80 -55.42 -38.84
N TYR JA 179 47.11 -55.24 -38.62
CA TYR JA 179 47.75 -55.53 -37.33
C TYR JA 179 47.54 -56.99 -36.92
N ASN JA 180 48.10 -57.92 -37.67
CA ASN JA 180 48.02 -59.34 -37.37
C ASN JA 180 49.16 -59.71 -36.45
N MET JA 181 48.84 -60.20 -35.25
CA MET JA 181 49.86 -60.50 -34.26
C MET JA 181 50.57 -61.83 -34.54
N MET JA 182 50.05 -62.66 -35.43
CA MET JA 182 50.60 -63.97 -35.70
C MET JA 182 51.70 -63.94 -36.76
N SER JA 183 52.05 -62.77 -37.26
CA SER JA 183 53.06 -62.66 -38.30
C SER JA 183 54.45 -62.95 -37.73
N ASP JA 184 55.38 -63.26 -38.63
CA ASP JA 184 56.77 -63.54 -38.29
C ASP JA 184 56.89 -64.71 -37.32
N ILE JA 185 56.10 -65.76 -37.54
CA ILE JA 185 56.17 -66.99 -36.74
C ILE JA 185 55.96 -68.16 -37.69
N GLY JA 186 56.94 -69.05 -37.75
CA GLY JA 186 56.80 -70.25 -38.57
C GLY JA 186 57.90 -71.26 -38.41
N ARG JA 187 57.52 -72.51 -38.17
CA ARG JA 187 58.43 -73.66 -38.11
C ARG JA 187 57.58 -74.91 -37.91
N ASP JA 188 58.19 -76.06 -38.20
CA ASP JA 188 57.49 -77.34 -38.08
C ASP JA 188 57.21 -77.67 -36.62
#